data_7WBW
#
_entry.id   7WBW
#
_cell.length_a   1.00
_cell.length_b   1.00
_cell.length_c   1.00
_cell.angle_alpha   90.00
_cell.angle_beta   90.00
_cell.angle_gamma   90.00
#
_symmetry.space_group_name_H-M   'P 1'
#
loop_
_entity.id
_entity.type
_entity.pdbx_description
1 polymer 'DNA-directed RNA polymerase subunit'
2 polymer 'DNA-directed RNA polymerase subunit beta'
3 polymer 'RNA polymerase II third largest subunit B44, part of central core'
4 polymer 'RNA polymerase II subunit B32'
5 polymer 'DNA-directed RNA polymerases I, II, and III subunit RPABC1'
6 polymer 'RNA polymerase subunit ABC23, common to RNA polymerases I, II, and III'
7 polymer 'RNA polymerase II subunit'
8 polymer 'DNA-directed RNA polymerases I, II, and III subunit RPABC3'
9 polymer 'DNA-directed RNA polymerase subunit'
10 polymer 'RNA polymerase subunit ABC10-beta, common to RNA polymerases I, II, and III'
11 polymer 'RNA polymerase II subunit B12.5'
12 polymer 'RNA polymerase subunit ABC10-alpha'
13 polymer 'Transcription elongation factor 1 homolog'
14 polymer 'DNA (198-MER)'
15 polymer "RNA (5'-R(P*GP*UP*UP*UP*UP*CP*GP*UP*UP*GP*UP*UP*UP*UP*UP*U)-3')"
16 polymer 'DNA (198-MER)'
17 polymer 'Transcription elongation factor SPT4'
18 polymer 'Transcription elongation factor SPT5'
19 polymer 'Histone H3.3'
20 polymer 'Histone H4'
21 polymer 'Histone H2A type 1-B/E'
22 polymer 'Histone H2B type 1-J'
23 non-polymer 'ZINC ION'
24 non-polymer 'MAGNESIUM ION'
#
loop_
_entity_poly.entity_id
_entity_poly.type
_entity_poly.pdbx_seq_one_letter_code
_entity_poly.pdbx_strand_id
1 'polypeptide(L)'
;MSQFPYSSAPLRSVKEVQFGLLSPEEIRAISVVKIEYPEIMDESRQRPREGGLNDPKLGSIDRNFKCQTCGEGMAECPGH
FGHMELAKPVFHIGFIPKIKKVCECICMNCGKLLLDETNPTMAQAIRIRDPKKRFNAVWQLCKTKMVCEADAPVDEYSEQ
KVVSRGGCGNTQPVVRKDGMKLWGTWKKSGFSDRDAQPERKLLTPGEILNVFKHISPEDCFRLGFNEDYARPEWMIITVL
PVPPPQVRPSIAMDETTQGQDDLTHKLSDILKANINVQKLEMDGSPQHIINEVEQLLQFHVATYMDNDIAGQPQALQKSG
RPVKAIRARLKGKEGRLRGNLMGKRVDFSARTVISGDPNLELDQVGVPISIAKTLSYPETVTQYNIHRLTEYVRNGPNEH
PGAKYVIRDNGDRIDLRYHKRAGDIVLQYGWKVERHLMDDDPVLFNRQPSLHKMSMMAHRVKVMPYSTFRLNLSVTSPYN
ADFDGDEMNLHVPQSEETRAELSQLCAVPLQIVSPQSNKPVMGIVQDTLCGVRKMTLRDTFIEYEQVMNMLFWVPSWDGV
VPQPAILKPKPLWTGKQLLSIAIPSGIHLQRTDGGNSLLSPKDNGMLIVDGKVMFGVVDKKTVGSGGGGLIHTVMREKGP
KICAELFGNIQKVVNYWLLHNGFSIGIGDAIADASTMKEITHAISSAKEQVQEIIYKAQHNELELKPGMTLRESFEGEVS
RTLNDARDSAGRSAEMNLKDLNNVKQMVSAGSKGSFINIAQMSACVGQQMVEGKRIAFGFADRSLPHFTKDDFSPESKGF
VENSYLRGLTPQEFFFHAMAGREGLIDTAVKTAETGYIQRRLVKALEDIMVHYDGTTRNSLGDIIQFLYGEDGLDGTQVE
RQTIDTIPGSDKAFHKRYYVDLMDEKNSIKPDVIEYAADILGDVELQKELNSEYEQLVSDRKFLREIVFVNGDHNWPLPV
NLRRIIQNAQQIFHLDRAKASDLTIPEIIHGVRDLCKKLFVLRGENELIKEAQQNATSLFQCLVRARLATRRILEEFRLN
RDAFEWVLGTIEAQFQRSLVHPGEMVGVIAAQSIGEPATQMTLNTFHYAGVSSKNVTLGVPRLKEILNVAKNIKTPALTV
YLDREIALDIEKAKVIQSSIEYTTLKNVTSATEIYYDPDPTSTVIEEDFDTVEAYFSIPDEKVEETIDKQSPWLLRLELD
RARMLDKQLTMNQVADKISEVFSDDLFVMWSEDNADKLIIRCRVIRDPKAMDEELEAEEDQMLKRIEAHMLDLIALRGIP
GISKVYMVKHKVSVPDESGEYKNEELWALETDGINLAEVMAVPGVDSSRTYSNSFVEILSVLGIEATRSSLYKEILNVIA
FDGSYVNYRHMALLVDVMTSRGYLMAITRHGINRADTGALMRCSFEETVEILFEAGAAAELDDCRGVSENVMLGQLAPMG
TGAFDVMIDEKLLTSLPADYAPTMPLFKGKATQGSATPYDNNAQYDDEFNHDDVADVMFSPMAETGSGDDRSGGLTEYAG
IQSPYQPTSPGLSATSPGFAPTSPGFAPTSPRYSPTSPGYSPTSPSYSPTSPSYSPTSPSYSPTSPSYSPTSPSYSPTSP
SYSPTSPSYSPTSPSYSPTSPSYSPTSPQYSPTSPQYSPTSPQYSPTSPQYSPTSPQYSPTSPQYSPTSPQYSPTSPQYS
PTSPQYSPTSPQYSPTSPQYSPTSPQYSPTSPQYSPTSPQYSPASPQYSPSRHSPNGESKEGE
;
A
2 'polypeptide(L)'
;MSYDPYSIDDTITTEDCWTVISAFFEEKGLVSQQLDSFDEFMETSIQDLVWEEPRLILDQPAQHTNEKDNINKRYEIRFG
KIYLSRPTMTEADGTTHAMFPQEARLRNLTYSSPVYLDMEKSMFTSIDDEGNPNATLDWQQVHEPIKDGVEEGNKVHIGK
VPIMLRSKFCSLRTLDEVDLYKMKECPYDMGGYFVINGSEKVLIAQERSAANIVQVFKKAAPSPISHVAEIRSALEKGSR
LISTMQIKLYGREDKGTGRTIKATLPYVKQDIPIVIVFRALGVVPDGEILQHICYDENDWQMLEMLKPCIEEGFVIQDKE
VALDFIGRRGSAALGIRREKRIQYAKDILQKELLPHITQEEGFETRKTFFLGYMVNRLLLCALERKDQDDRDHFGKKRLD
LAGPLLANLFRILFRKLTREIYRYMQRCIETDRDFNLNLAVKSTTITSGLKYSLATGNWGEQKKAMSSRAGVSQVLNRYT
YSSTLSHLRRTNTPIGRDGKLAKPRQLHNTHWGLVCPAETPEGQACGLVKNLSLLSGISIGSPSEPIINFLEEWGMEPLE
DYDPAQHTKSTRIFVNGVWTGIHRDPSMLVSTMRDLRRSGAISPEVSIIRDIREREFKIFTDVGRVYRPLFIVEDDESKD
NKGELRITKEHIRKIQQGYDDDAMNDDSEEQEQDVYGWSSLVTSGVIEYVDGEEEETIMIAMTPEDLQTRSLEQKEIDLN
DTAKRIKPEMSTSSHHTFTHCEIHPSMILGVAASIIPFPDHNQSPRNTYQSAMGKQAMGVFLTNYNVRMDTMANILYYPQ
KPLAKTQAMEYLKFRELPAGQNAIVAIACYSGYNQEDSMIMNQSSIDRGLFRSLFFRSYMDQEKRFGISIVEEFEKPTRA
TTLRLKHGTYEKLDEDGLIAPGVRVSGDDIIIGKTTPIPPDTEELGQRTKYHTKRDASTPLRSTENGIVDQVLLTTNQEG
LKFVKVRMRTTKVPQIGDKFASRHGQKGTIGVTYRHEDMPFSAEGIVPDLIINPHAIPSRMTVAHLIECLLSKVGSIRGY
EGDATPFTDLTVDAVSNLLRDNGYQSRGFEVMYNGHTGKKLMAQVFFGPTYYQRLRHMVDDKIHARARGPVQVLTRQPVE
GRSRDGGLRFGEMERDCMIAHGAAGFLKERLMEASDAFRVHVCGICGLMSVIANLKKNQFECRSCKNKTNIYQLHIPYAA
KLLFQELMAMNIAPRLYTERSGVSMRS
;
B
3 'polypeptide(L)'
;MSKEPKVNIINAQDDEVELMLSDVNLSLANSLRRTMLAEVPTLAIDLVEIKMNTSVLADEFISHRLGLIPLVSEDVEEMK
YSRDCTCEDYCDECSVVLELSARHEGEEGTTDVYSSSLIKVSGPGNLNVGEPVRRDDYDQGILLCKLRNHQELNIRCIAK
KGIAKEHAKWSPCSAIAFEYDPHNKLKHTDFWFEVDAKKEWPDSKYATWEEPPKPGEVFDYKAKPNRFYMTVETTGSLKA
NQVFSRGIKTLQEKLANVLFELENSRPANTTAYGGATAYGGQTVYGRETSYGGNTNYGDYNAPY
;
C
4 'polypeptide(L)'
;MNVSTSTVGARRRRAKQQVDDEENATLLRLGPEFALKQYDHDGNEHDLIALSLSESRLLIREALKARSRARNGGVDIESS
NGEIDDDELAKVTSGAVANGVVKKTLDYLNTFARFKDEETCTAVDQLLHNSSDCSVLHPFEIAQLSSLGCEDVDEAITLI
PSLAAKKEVNLQRILDELNRLEDPYK
;
D
5 'polypeptide(L)'
;MEDNNRIISRLWRSFRTVKEMAADRGYFISQEEMDQSLEEFRSKICDSMGNPQRKLMSFLANPTPEALEKYSDLGTLWVE
FCDEPSVGIKTMRNFCLRIQEKNFSTGIFIYQNNITPSANKMIPTVSPAIIETFQESDLVVNITHHELVPKHIRLSDGEK
SQLLQRYKLKESQLPRIQREDPVARYLGLKRGQVVKIIRRSETSGRYASYRICL
;
E
6 'polypeptide(L)'
;MSEDEAFNEQTENFENFEDEHFSDDNFEDRSTQPEDYAVGVTADGRQIINGDGIQEVNGTIKAHRKRSNKELAILKEERT
TTPYLTKYERARILGTRALQISMNAPVLVDIEGETDPLQIAMKELSQRKIPLVIRRYLPDGSYEDWGCDELIVDN
;
F
7 'polypeptide(L)'
;MFFLKDLSLILTLHPSYFGPQMNQYLREKLLTDVEGTCTGQFGYIVTVLDGMNIDVGKGRIIPGSGSAEFEVKYRAVVWK
PFKGEVVDAIVSNVSPIGFFADVGPLNVFVSTRLIPDNLVYNPSNSPPAYMSNDELITKGSKVRLKVVGTRTDVNEIYAI
GSIKEDFLGAI
;
G
8 'polypeptide(L)'
;MSSALFDDIFTVQTVDNGRYNKVSRIIGISTTNSAIKLTLDINNEMFPVSQDDSLTVTLANSLSLDGEDESANFSKSWRP
PKPTDKSLADDYDYVMFGTVYKFEEGDEDKIKVYVSFGGLLMCLEGGYKSLASLKQDNLYILIRR
;
H
9 'polypeptide(L)'
;MASFRFCLECNNMLYPKEDKENQRLLYSCRNCDYTELAEDPKVYRHELITNIGETAGIVDDIGQDPTLPRSDKECPECHS
RDCVFFQSQQRRKDTNMTLFYVCLNCKKTFRDESE
;
I
10 'polypeptide(L)' MIIPVRCFSCGKVVGDKWDAYLRLLEEGKQEGDALDELKLKRYCCRRMVLTHVDLIEKFLRYNPLEKKDFDS J
11 'polypeptide(L)'
;MNAPDRFELFILPDDVPKLKITPDSRVPNCIIIKFEREDHTLANLLREELALYPDVTFVAYKVEHPLFANFVMRLQTEEG
TRPKQALERACASIINKLKTLDHKFNEEWNIKNFSLND
;
K
12 'polypeptide(L)' MSREGFVAPSGTDLAAAASGVAPNKHYGVKYTCGACAHNFSLNKSDPVRCKECGHRVIYKARTKRMIQFDAR L
13 'polypeptide(L)'
;GPGMGKRKSSARKPAPKIKQKLETQFTCLFCNHDNSVVCTLDKKNSIGLLECKKCNLSFQAPINSLSQPIDIYSDWIDAC
EAVAEENADVNGDNFIENDGADREQDDDYDDEF
;
M
14 'polydeoxyribonucleotide'
;(DG)(DC)(DT)(DT)(DA)(DC)(DG)(DT)(DC)(DA)(DG)(DT)(DC)(DT)(DG)(DG)(DC)(DC)(DA)(DT)
(DC)(DT)(DT)(DT)(DG)(DT)(DG)(DT)(DT)(DT)(DG)(DG)(DT)(DG)(DT)(DG)(DT)(DT)(DT)(DG)
(DG)(DG)(DT)(DG)(DG)(DT)(DG)(DG)(DC)(DC)(DG)(DT)(DT)(DT)(DT)(DC)(DG)(DT)(DT)(DG)
(DT)(DT)(DT)(DT)(DT)(DT)(DT)(DC)(DT)(DG)(DT)(DC)(DT)(DC)(DG)(DT)(DG)(DC)(DC)(DT)
(DG)(DG)(DT)(DG)(DT)(DC)(DT)(DT)(DG)(DG)(DG)(DT)(DG)(DT)(DA)(DA)(DT)(DC)(DC)(DC)
(DC)(DT)(DT)(DG)(DG)(DC)(DG)(DG)(DT)(DT)(DA)(DA)(DA)(DA)(DC)(DG)(DC)(DG)(DG)(DG)
(DG)(DG)(DA)(DC)(DA)(DG)(DC)(DG)(DC)(DG)(DT)(DA)(DC)(DG)(DT)(DG)(DC)(DG)(DT)(DT)
(DT)(DA)(DA)(DG)(DC)(DG)(DG)(DT)(DG)(DC)(DT)(DA)(DG)(DA)(DG)(DC)(DT)(DG)(DT)(DC)
(DT)(DA)(DC)(DG)(DA)(DC)(DC)(DA)(DA)(DT)(DT)(DG)(DA)(DG)(DC)(DG)(DG)(DC)(DC)(DT)
(DC)(DG)(DG)(DC)(DA)(DC)(DC)(DG)(DG)(DG)(DA)(DT)(DT)(DC)(DT)(DG)(DA)(DT)
;
N
15 'polyribonucleotide' GUUUUCGUUGUUUUUU P
16 'polydeoxyribonucleotide'
;(DA)(DT)(DC)(DA)(DG)(DA)(DA)(DT)(DC)(DC)(DC)(DG)(DG)(DT)(DG)(DC)(DC)(DG)(DA)(DG)
(DG)(DC)(DC)(DG)(DC)(DT)(DC)(DA)(DA)(DT)(DT)(DG)(DG)(DT)(DC)(DG)(DT)(DA)(DG)(DA)
(DC)(DA)(DG)(DC)(DT)(DC)(DT)(DA)(DG)(DC)(DA)(DC)(DC)(DG)(DC)(DT)(DT)(DA)(DA)(DA)
(DC)(DG)(DC)(DA)(DC)(DG)(DT)(DA)(DC)(DG)(DC)(DG)(DC)(DT)(DG)(DT)(DC)(DC)(DC)(DC)
(DC)(DG)(DC)(DG)(DT)(DT)(DT)(DT)(DA)(DA)(DC)(DC)(DG)(DC)(DC)(DA)(DA)(DG)(DG)(DG)
(DG)(DA)(DT)(DT)(DA)(DC)(DA)(DC)(DC)(DC)(DA)(DA)(DG)(DA)(DC)(DA)(DC)(DC)(DA)(DG)
(DG)(DC)(DA)(DC)(DG)(DA)(DG)(DA)(DC)(DA)(DG)(DC)(DA)(DA)(DA)(DA)(DA)(DA)(DC)(DA)
(DA)(DC)(DG)(DA)(DA)(DA)(DA)(DC)(DG)(DG)(DC)(DC)(DA)(DC)(DC)(DA)(DC)(DC)(DC)(DA)
(DA)(DA)(DC)(DA)(DC)(DA)(DC)(DC)(DA)(DA)(DA)(DC)(DA)(DC)(DA)(DA)(DG)(DA)(DG)(DC)
(DT)(DA)(DA)(DT)(DT)(DG)(DA)(DC)(DT)(DG)(DA)(DC)(DG)(DT)(DA)(DA)(DG)(DC)
;
T
17 'polypeptide(L)'
;MRERACMLCGIVLPGRVFMQNGCPNCDSVLNLRDSDQATVNECTSSSFEGLVAVGDNEHSWVAKWLRVDRFQPGLYAVRV
DGRLPSDIVAALEQYGVYYRPRDGSVID
;
V
18 'polypeptide(L)'
;GPGMSETHKNQLDKVSTVSPDGPSEAVKEHSLQSKDLSKNDGQFIVPLDRNVIEQEEHKQVKSSAQAHNTTGDAADNEIE
DGVPSEDVEFDKFKEDDYDEDDEVEEEGDIRSRKRRRHNQFLDVEAEVDDEEDDDDDDDDVELKHDFIQDDHIQHETQNE
GFIAGHVDDDRLHRKLDQSREKIADQDAQELADEFKQRYGRSASSKYMGSASTTAPQRLLIPTVDDPGIWGVKVRLGKEK
DVVRQILKKKLAREGTKNPLEIYSAFQRDSFKGHVYIEARKAEAINDALKGNVNVFSNNSKFLVGIVEYKDLLRPVKSSD
VKLTRGSYVRVKNGKFKGDLAQVDEVLENGLEARLKLVPRLDYGKDLSHLSTSSSVDSTKNRRKFYTSKFRPAQRLFSEA
EARVHEPTIRRDRDGFVTYGGEEYYEGFLYKTFRLQNLIVNSINPTLNELSLFQSNEESTTIDLSTIADSLKETAKNLVS
FQPGDNVEIINGELNHLTGTVSSVNQSTIVSVRLHSDDDTINSETVEIPTSDLRKIFNVGDHVRVIHGKHTDDTGLIVEV
NGDKVEFISNQTKRTVIVFSNYLIKSTDSTVSINESGRFELHDLVQVNSDLVGIVIRAQKDSFDVLCSDGKLLSLPPVSI
YSKLNLNPNQQIAIDSNGVEVKVGDTVREFTGERRQGTILHVYRNFLFLRSREIVENQGVFVTSSNRVKTITSKSNGTGG
QISGPDLSRMNPSRVIPPPSIPVANQRMTGRDPTLNKTVKIRQGGYKGKIGIVKEANGDRFRVELHNPNKTIPIPCSFLL
IESTHGWVPYEDFVASDRRGGNIPRHEISGHVQQPQHGRAPAWGSGGKTPAWGSGGKTPAWGSGGSGGKTPAWGSGGKTP
TWGSGAKTPAWGSGSKTPAWSGLDEEDRRDF
;
W
19 'polypeptide(L)'
;GSHMARTKQTARKSTGGKAPRKQLATKAARKSAPSTGGVKKPHRYRPGTVALREIRRYQKSTELLIRKLPFQRLVREIAQ
DFKTDLRFQSAAIGALQEASEAYLVGLFEDTNLCAIHAKRVTIMPKDIQLARRIRGERA
;
a,e
20 'polypeptide(L)'
;GSHMSGRGKGGKGLGKGGAKRHRKVLRDNIQGITKPAIRRLARRGGVKRISGLIYEETRGVLKVFLENVIRDAVTYTEHA
KRKTVTAMDVVYALKRQGRTLYGFGG
;
b,f
21 'polypeptide(L)'
;GSHMSGRGKQGGKARAKAKTRSSRAGLQFPVGRVHRLLRKGNYSERVGAGAPVYLAAVLEYLTAEILELAGNAARDNKKT
RIIPRHLQLAIRNDEELNKLLGRVTIAQGGVLPNIQAVLLPKKTESHHKAKGK
;
c,g
22 'polypeptide(L)'
;GSHMPEPAKSAPAPKKGSKKAVTKAQKKDGKKRKRSRKESYSIYVYKVLKQVHPDTGISSKAMGIMNSFVNDIFERIAGE
ASRLAHYNKRSTITSREIQTAVRLLLPGELAKHAVSEGTKAVTKYTSAK
;
d,h
#
loop_
_chem_comp.id
_chem_comp.type
_chem_comp.name
_chem_comp.formula
C RNA linking CYTIDINE-5'-MONOPHOSPHATE 'C9 H14 N3 O8 P'
DA DNA linking 2'-DEOXYADENOSINE-5'-MONOPHOSPHATE 'C10 H14 N5 O6 P'
DC DNA linking 2'-DEOXYCYTIDINE-5'-MONOPHOSPHATE 'C9 H14 N3 O7 P'
DG DNA linking 2'-DEOXYGUANOSINE-5'-MONOPHOSPHATE 'C10 H14 N5 O7 P'
DT DNA linking THYMIDINE-5'-MONOPHOSPHATE 'C10 H15 N2 O8 P'
G RNA linking GUANOSINE-5'-MONOPHOSPHATE 'C10 H14 N5 O8 P'
MG non-polymer 'MAGNESIUM ION' 'Mg 2'
U RNA linking URIDINE-5'-MONOPHOSPHATE 'C9 H13 N2 O9 P'
ZN non-polymer 'ZINC ION' 'Zn 2'
#
# COMPACT_ATOMS: atom_id res chain seq x y z
N SER A 2 18.97 17.96 -32.34
CA SER A 2 19.79 17.41 -33.46
C SER A 2 18.91 16.88 -34.58
N GLN A 3 18.40 15.66 -34.39
CA GLN A 3 17.56 15.06 -35.42
C GLN A 3 16.31 15.87 -35.66
N PHE A 4 15.68 16.36 -34.60
CA PHE A 4 14.64 17.35 -34.81
C PHE A 4 15.25 18.58 -35.49
N PRO A 5 14.62 19.09 -36.54
CA PRO A 5 15.21 20.21 -37.28
C PRO A 5 15.34 21.44 -36.40
N TYR A 6 16.26 22.32 -36.79
CA TYR A 6 16.52 23.52 -36.01
C TYR A 6 15.25 24.33 -35.80
N SER A 7 15.02 24.73 -34.55
CA SER A 7 13.91 25.62 -34.20
C SER A 7 14.49 26.90 -33.62
N SER A 8 14.02 28.04 -34.11
CA SER A 8 14.51 29.32 -33.60
C SER A 8 14.11 29.51 -32.14
N ALA A 9 13.02 28.91 -31.71
CA ALA A 9 12.63 29.00 -30.30
C ALA A 9 13.71 28.36 -29.43
N PRO A 10 14.04 28.95 -28.29
CA PRO A 10 15.12 28.41 -27.47
C PRO A 10 14.68 27.17 -26.71
N LEU A 11 15.68 26.41 -26.24
CA LEU A 11 15.44 25.18 -25.51
C LEU A 11 15.70 25.40 -24.02
N ARG A 12 14.82 24.85 -23.19
CA ARG A 12 15.01 24.87 -21.75
C ARG A 12 14.32 23.62 -21.19
N SER A 13 14.14 23.57 -19.88
CA SER A 13 13.52 22.44 -19.22
C SER A 13 12.39 22.91 -18.32
N VAL A 14 11.24 22.24 -18.41
CA VAL A 14 10.13 22.56 -17.54
C VAL A 14 10.57 22.43 -16.09
N LYS A 15 10.39 23.51 -15.33
CA LYS A 15 10.69 23.52 -13.91
C LYS A 15 9.45 23.66 -13.04
N GLU A 16 8.29 23.85 -13.63
CA GLU A 16 7.03 23.95 -12.91
C GLU A 16 5.91 23.52 -13.83
N VAL A 17 4.96 22.76 -13.29
CA VAL A 17 3.75 22.38 -14.00
C VAL A 17 2.56 22.77 -13.14
N GLN A 18 1.68 23.60 -13.70
CA GLN A 18 0.55 24.16 -12.97
C GLN A 18 -0.72 23.46 -13.45
N PHE A 19 -1.28 22.61 -12.59
CA PHE A 19 -2.48 21.87 -12.95
C PHE A 19 -3.68 22.81 -12.94
N GLY A 20 -4.83 22.28 -13.35
CA GLY A 20 -6.05 23.05 -13.33
C GLY A 20 -7.03 22.52 -14.37
N LEU A 21 -8.14 23.23 -14.48
CA LEU A 21 -9.15 22.95 -15.48
C LEU A 21 -8.88 23.77 -16.74
N LEU A 22 -9.69 23.53 -17.76
CA LEU A 22 -9.60 24.27 -19.01
C LEU A 22 -10.86 25.11 -19.15
N SER A 23 -10.72 26.42 -19.00
CA SER A 23 -11.87 27.30 -19.07
C SER A 23 -12.49 27.25 -20.47
N PRO A 24 -13.82 27.17 -20.57
CA PRO A 24 -14.43 27.08 -21.91
C PRO A 24 -13.99 28.20 -22.83
N GLU A 25 -13.89 29.44 -22.32
CA GLU A 25 -13.33 30.50 -23.13
C GLU A 25 -11.90 30.19 -23.54
N GLU A 26 -11.12 29.56 -22.66
CA GLU A 26 -9.82 29.05 -23.08
C GLU A 26 -9.97 28.06 -24.21
N ILE A 27 -10.94 27.15 -24.10
CA ILE A 27 -11.13 26.12 -25.13
C ILE A 27 -11.38 26.78 -26.48
N ARG A 28 -12.19 27.82 -26.51
CA ARG A 28 -12.36 28.56 -27.76
C ARG A 28 -11.06 29.24 -28.19
N ALA A 29 -10.39 29.91 -27.25
CA ALA A 29 -9.21 30.68 -27.60
C ALA A 29 -8.11 29.78 -28.16
N ILE A 30 -8.16 28.49 -27.86
CA ILE A 30 -7.05 27.60 -28.22
C ILE A 30 -7.31 26.81 -29.49
N SER A 31 -8.56 26.51 -29.81
CA SER A 31 -8.86 25.62 -30.92
C SER A 31 -8.55 26.28 -32.27
N VAL A 32 -8.15 25.45 -33.23
CA VAL A 32 -7.94 25.89 -34.60
C VAL A 32 -9.18 25.76 -35.46
N VAL A 33 -10.22 25.10 -34.97
CA VAL A 33 -11.44 24.90 -35.75
C VAL A 33 -12.55 24.48 -34.79
N LYS A 34 -13.79 24.69 -35.21
CA LYS A 34 -14.96 24.17 -34.53
C LYS A 34 -15.41 22.90 -35.24
N ILE A 35 -16.01 21.98 -34.50
CA ILE A 35 -16.47 20.70 -35.04
C ILE A 35 -17.98 20.64 -34.87
N GLU A 36 -18.69 20.50 -35.99
CA GLU A 36 -20.14 20.36 -35.97
C GLU A 36 -20.67 19.20 -36.80
N TYR A 37 -19.94 18.77 -37.84
CA TYR A 37 -20.42 17.74 -38.73
C TYR A 37 -20.06 16.37 -38.17
N PRO A 38 -21.03 15.54 -37.77
CA PRO A 38 -20.70 14.20 -37.29
C PRO A 38 -20.05 13.33 -38.36
N GLU A 39 -20.26 13.64 -39.64
CA GLU A 39 -19.75 12.79 -40.71
C GLU A 39 -18.23 12.89 -40.76
N ILE A 40 -17.56 11.74 -40.66
CA ILE A 40 -16.10 11.73 -40.69
C ILE A 40 -15.59 11.87 -42.12
N MET A 41 -16.17 11.12 -43.05
CA MET A 41 -15.71 11.06 -44.43
C MET A 41 -16.67 11.85 -45.30
N ASP A 42 -16.13 12.78 -46.08
CA ASP A 42 -16.98 13.70 -46.85
C ASP A 42 -17.95 12.93 -47.74
N GLU A 43 -17.43 12.28 -48.79
CA GLU A 43 -18.26 11.50 -49.69
C GLU A 43 -17.59 10.18 -50.06
N SER A 44 -16.55 9.78 -49.32
CA SER A 44 -15.81 8.55 -49.60
C SER A 44 -15.04 8.65 -50.92
N ARG A 45 -14.76 9.88 -51.36
CA ARG A 45 -14.01 10.17 -52.57
C ARG A 45 -12.84 11.08 -52.27
N GLN A 46 -12.07 10.73 -51.23
CA GLN A 46 -10.93 11.52 -50.79
C GLN A 46 -11.41 12.80 -50.14
N ARG A 47 -10.47 13.60 -49.63
CA ARG A 47 -10.83 14.87 -49.01
C ARG A 47 -11.81 14.65 -47.86
N PRO A 48 -11.35 14.11 -46.74
CA PRO A 48 -12.26 13.86 -45.62
C PRO A 48 -13.08 15.10 -45.28
N ARG A 49 -14.28 14.89 -44.74
CA ARG A 49 -15.22 15.98 -44.54
C ARG A 49 -14.58 17.10 -43.74
N GLU A 50 -14.40 18.26 -44.38
CA GLU A 50 -13.84 19.41 -43.71
C GLU A 50 -14.80 19.92 -42.64
N GLY A 51 -14.27 20.20 -41.45
CA GLY A 51 -15.10 20.52 -40.31
C GLY A 51 -15.63 19.31 -39.58
N GLY A 52 -15.68 18.15 -40.24
CA GLY A 52 -16.01 16.91 -39.58
C GLY A 52 -14.85 16.41 -38.74
N LEU A 53 -15.03 15.20 -38.20
CA LEU A 53 -14.03 14.65 -37.30
C LEU A 53 -12.67 14.49 -38.00
N ASN A 54 -12.67 14.45 -39.34
CA ASN A 54 -11.47 14.17 -40.11
C ASN A 54 -10.95 15.41 -40.85
N ASP A 55 -11.05 16.58 -40.25
CA ASP A 55 -10.53 17.77 -40.90
C ASP A 55 -9.01 17.70 -41.01
N PRO A 56 -8.43 17.97 -42.18
CA PRO A 56 -6.97 17.93 -42.28
C PRO A 56 -6.26 18.93 -41.38
N LYS A 57 -6.88 20.06 -41.07
CA LYS A 57 -6.22 21.07 -40.24
C LYS A 57 -5.90 20.53 -38.84
N LEU A 58 -6.66 19.55 -38.35
CA LEU A 58 -6.42 19.04 -37.01
C LEU A 58 -5.06 18.36 -36.91
N GLY A 59 -4.43 18.09 -38.05
CA GLY A 59 -3.14 17.45 -38.08
C GLY A 59 -3.07 16.39 -39.16
N SER A 60 -1.88 16.14 -39.69
CA SER A 60 -1.69 15.17 -40.76
C SER A 60 -1.40 13.80 -40.15
N ILE A 61 -2.18 12.81 -40.56
CA ILE A 61 -1.89 11.41 -40.28
C ILE A 61 -1.30 10.71 -41.49
N ASP A 62 -1.05 11.42 -42.58
CA ASP A 62 -0.54 10.84 -43.81
C ASP A 62 0.81 11.44 -44.17
N ARG A 63 1.61 10.66 -44.92
CA ARG A 63 2.95 11.10 -45.29
C ARG A 63 2.91 12.24 -46.29
N ASN A 64 2.12 12.10 -47.37
CA ASN A 64 2.20 13.03 -48.48
C ASN A 64 1.82 14.45 -48.08
N PHE A 65 0.74 14.61 -47.33
CA PHE A 65 0.21 15.92 -47.00
C PHE A 65 0.81 16.43 -45.71
N LYS A 66 1.05 17.73 -45.65
CA LYS A 66 1.53 18.38 -44.44
C LYS A 66 0.38 19.11 -43.75
N CYS A 67 0.41 19.08 -42.42
CA CYS A 67 -0.62 19.76 -41.64
C CYS A 67 -0.80 21.18 -42.13
N GLN A 68 -2.00 21.48 -42.61
CA GLN A 68 -2.31 22.83 -43.04
C GLN A 68 -2.29 23.83 -41.88
N THR A 69 -2.39 23.36 -40.64
CA THR A 69 -2.35 24.23 -39.47
C THR A 69 -0.92 24.59 -39.09
N CYS A 70 -0.11 23.59 -38.73
CA CYS A 70 1.29 23.88 -38.41
C CYS A 70 2.15 23.98 -39.67
N GLY A 71 1.60 23.60 -40.81
CA GLY A 71 2.34 23.62 -42.06
C GLY A 71 3.29 22.46 -42.23
N GLU A 72 3.29 21.49 -41.31
CA GLU A 72 4.23 20.40 -41.32
C GLU A 72 3.50 19.07 -41.13
N GLY A 73 4.11 18.01 -41.64
CA GLY A 73 3.51 16.69 -41.57
C GLY A 73 4.01 15.86 -40.41
N MET A 74 4.42 14.62 -40.70
CA MET A 74 4.92 13.72 -39.66
C MET A 74 6.07 14.32 -38.88
N ALA A 75 6.89 15.17 -39.52
CA ALA A 75 8.15 15.59 -38.91
C ALA A 75 7.92 16.24 -37.55
N GLU A 76 7.04 17.21 -37.47
CA GLU A 76 6.87 17.97 -36.23
C GLU A 76 5.42 18.06 -35.78
N CYS A 77 4.46 17.85 -36.67
CA CYS A 77 3.07 18.05 -36.31
C CYS A 77 2.67 17.07 -35.20
N PRO A 78 2.22 17.56 -34.05
CA PRO A 78 1.65 16.67 -33.02
C PRO A 78 0.14 16.52 -33.09
N GLY A 79 -0.53 17.20 -34.02
CA GLY A 79 -1.97 17.18 -34.10
C GLY A 79 -2.60 18.31 -33.34
N HIS A 80 -3.54 19.02 -33.98
CA HIS A 80 -4.19 20.18 -33.41
C HIS A 80 -5.59 19.83 -32.92
N PHE A 81 -6.01 20.48 -31.85
CA PHE A 81 -7.31 20.22 -31.25
C PHE A 81 -8.41 20.95 -32.02
N GLY A 82 -9.64 20.54 -31.74
CA GLY A 82 -10.82 21.25 -32.19
C GLY A 82 -11.78 21.41 -31.03
N HIS A 83 -12.59 22.47 -31.08
CA HIS A 83 -13.58 22.72 -30.05
C HIS A 83 -14.97 22.39 -30.57
N MET A 84 -15.71 21.60 -29.80
CA MET A 84 -17.10 21.31 -30.08
C MET A 84 -17.93 21.97 -28.98
N GLU A 85 -18.65 23.01 -29.34
CA GLU A 85 -19.48 23.70 -28.38
C GLU A 85 -20.73 22.88 -28.11
N LEU A 86 -20.85 22.37 -26.89
CA LEU A 86 -22.03 21.66 -26.45
C LEU A 86 -23.13 22.68 -26.22
N ALA A 87 -24.22 22.54 -26.97
CA ALA A 87 -25.31 23.51 -26.86
C ALA A 87 -25.77 23.65 -25.42
N LYS A 88 -25.97 22.53 -24.73
CA LYS A 88 -26.41 22.54 -23.35
C LYS A 88 -25.24 22.14 -22.46
N PRO A 89 -24.60 23.05 -21.74
CA PRO A 89 -23.50 22.62 -20.87
C PRO A 89 -23.97 21.59 -19.85
N VAL A 90 -23.11 20.60 -19.60
CA VAL A 90 -23.48 19.46 -18.77
C VAL A 90 -22.42 19.26 -17.70
N PHE A 91 -22.72 18.35 -16.78
CA PHE A 91 -21.83 18.06 -15.66
C PHE A 91 -20.46 17.62 -16.16
N HIS A 92 -19.51 17.54 -15.23
CA HIS A 92 -18.24 16.85 -15.45
C HIS A 92 -18.22 15.65 -14.53
N ILE A 93 -18.19 14.45 -15.13
CA ILE A 93 -18.34 13.21 -14.36
C ILE A 93 -17.26 13.06 -13.31
N GLY A 94 -16.03 13.48 -13.60
CA GLY A 94 -14.97 13.36 -12.64
C GLY A 94 -15.11 14.20 -11.39
N PHE A 95 -16.24 14.91 -11.21
CA PHE A 95 -16.39 15.77 -10.04
C PHE A 95 -17.79 15.71 -9.44
N ILE A 96 -18.51 14.59 -9.58
CA ILE A 96 -19.87 14.48 -9.08
C ILE A 96 -19.89 14.77 -7.58
N PRO A 97 -19.21 13.99 -6.75
CA PRO A 97 -19.20 14.32 -5.32
C PRO A 97 -18.65 15.70 -5.05
N LYS A 98 -17.62 16.12 -5.79
CA LYS A 98 -17.10 17.47 -5.64
C LYS A 98 -18.13 18.52 -6.01
N ILE A 99 -18.88 18.29 -7.09
CA ILE A 99 -19.95 19.20 -7.48
C ILE A 99 -20.97 19.31 -6.35
N LYS A 100 -21.39 18.17 -5.81
CA LYS A 100 -22.37 18.16 -4.74
C LYS A 100 -21.87 18.91 -3.52
N LYS A 101 -20.61 18.66 -3.15
CA LYS A 101 -20.05 19.29 -1.96
C LYS A 101 -19.92 20.80 -2.14
N VAL A 102 -19.47 21.25 -3.32
CA VAL A 102 -19.34 22.68 -3.54
C VAL A 102 -20.70 23.34 -3.57
N CYS A 103 -21.72 22.65 -4.10
CA CYS A 103 -23.07 23.19 -4.02
C CYS A 103 -23.54 23.32 -2.59
N GLU A 104 -23.29 22.29 -1.77
CA GLU A 104 -23.72 22.34 -0.37
C GLU A 104 -23.01 23.44 0.40
N CYS A 105 -21.72 23.66 0.12
CA CYS A 105 -20.98 24.69 0.83
C CYS A 105 -21.53 26.09 0.57
N ILE A 106 -22.30 26.27 -0.50
CA ILE A 106 -22.78 27.56 -0.92
C ILE A 106 -24.31 27.54 -0.96
N CYS A 107 -24.88 28.65 -1.42
CA CYS A 107 -26.31 28.81 -1.53
C CYS A 107 -26.80 28.30 -2.88
N MET A 108 -28.08 27.92 -2.93
CA MET A 108 -28.71 27.53 -4.18
C MET A 108 -29.05 28.71 -5.07
N ASN A 109 -29.34 29.87 -4.48
CA ASN A 109 -29.74 31.06 -5.22
C ASN A 109 -28.73 32.18 -5.11
N CYS A 110 -28.41 32.64 -3.90
CA CYS A 110 -27.46 33.73 -3.75
C CYS A 110 -26.05 33.30 -4.13
N GLY A 111 -25.79 31.99 -4.16
CA GLY A 111 -24.50 31.49 -4.61
C GLY A 111 -23.32 32.00 -3.80
N LYS A 112 -23.40 31.95 -2.48
CA LYS A 112 -22.30 32.37 -1.63
C LYS A 112 -22.12 31.39 -0.48
N LEU A 113 -21.02 31.53 0.24
CA LEU A 113 -20.79 30.72 1.43
C LEU A 113 -21.86 30.99 2.46
N LEU A 114 -22.12 30.00 3.30
CA LEU A 114 -23.23 30.10 4.26
C LEU A 114 -22.83 30.82 5.54
N LEU A 115 -21.55 30.83 5.88
CA LEU A 115 -21.04 31.62 7.00
C LEU A 115 -20.04 32.67 6.52
N ASP A 116 -19.60 33.49 7.47
CA ASP A 116 -18.59 34.51 7.25
C ASP A 116 -17.50 34.37 8.31
N GLU A 117 -16.56 35.30 8.29
CA GLU A 117 -15.33 35.20 9.08
C GLU A 117 -15.60 35.20 10.59
N THR A 118 -16.79 35.61 11.00
CA THR A 118 -17.05 35.80 12.42
C THR A 118 -16.93 34.49 13.20
N ASN A 119 -17.47 33.40 12.67
CA ASN A 119 -17.50 32.15 13.43
C ASN A 119 -16.08 31.68 13.69
N PRO A 120 -15.69 31.48 14.96
CA PRO A 120 -14.30 31.05 15.23
C PRO A 120 -13.92 29.74 14.56
N THR A 121 -14.85 28.80 14.43
CA THR A 121 -14.53 27.51 13.81
C THR A 121 -13.99 27.72 12.40
N MET A 122 -14.82 28.25 11.51
CA MET A 122 -14.36 28.49 10.15
C MET A 122 -13.25 29.53 10.11
N ALA A 123 -13.27 30.49 11.05
CA ALA A 123 -12.20 31.48 11.09
C ALA A 123 -10.84 30.80 11.22
N GLN A 124 -10.71 29.87 12.17
CA GLN A 124 -9.46 29.14 12.32
C GLN A 124 -9.23 28.19 11.15
N ALA A 125 -10.30 27.55 10.65
CA ALA A 125 -10.15 26.59 9.56
C ALA A 125 -9.55 27.25 8.32
N ILE A 126 -10.06 28.43 7.96
CA ILE A 126 -9.57 29.12 6.78
C ILE A 126 -8.10 29.47 6.92
N ARG A 127 -7.61 29.59 8.15
CA ARG A 127 -6.19 29.82 8.36
C ARG A 127 -5.35 28.70 7.78
N ILE A 128 -5.93 27.51 7.61
CA ILE A 128 -5.20 26.38 7.04
C ILE A 128 -4.88 26.67 5.59
N ARG A 129 -3.62 26.48 5.21
CA ARG A 129 -3.17 26.79 3.86
C ARG A 129 -3.62 25.76 2.84
N ASP A 130 -3.72 24.49 3.22
CA ASP A 130 -4.06 23.45 2.26
C ASP A 130 -5.44 23.72 1.66
N PRO A 131 -5.56 23.81 0.33
CA PRO A 131 -6.91 23.99 -0.24
C PRO A 131 -7.87 22.88 0.11
N LYS A 132 -7.38 21.63 0.13
CA LYS A 132 -8.30 20.51 0.33
C LYS A 132 -8.79 20.45 1.76
N LYS A 133 -7.90 20.62 2.74
CA LYS A 133 -8.32 20.54 4.13
C LYS A 133 -9.23 21.71 4.50
N ARG A 134 -8.90 22.92 4.02
CA ARG A 134 -9.79 24.05 4.28
C ARG A 134 -11.15 23.83 3.64
N PHE A 135 -11.17 23.28 2.42
CA PHE A 135 -12.44 22.96 1.78
C PHE A 135 -13.23 21.96 2.60
N ASN A 136 -12.55 20.91 3.09
CA ASN A 136 -13.25 19.90 3.88
C ASN A 136 -13.81 20.48 5.15
N ALA A 137 -13.03 21.32 5.84
CA ALA A 137 -13.52 21.94 7.08
C ALA A 137 -14.72 22.83 6.81
N VAL A 138 -14.64 23.64 5.75
CA VAL A 138 -15.76 24.51 5.42
C VAL A 138 -17.01 23.69 5.12
N TRP A 139 -16.85 22.60 4.37
CA TRP A 139 -17.98 21.73 4.09
C TRP A 139 -18.51 21.10 5.37
N GLN A 140 -17.61 20.73 6.28
CA GLN A 140 -18.03 20.19 7.56
C GLN A 140 -18.91 21.18 8.32
N LEU A 141 -18.52 22.45 8.32
CA LEU A 141 -19.34 23.46 8.99
C LEU A 141 -20.58 23.78 8.18
N CYS A 142 -20.47 23.75 6.85
CA CYS A 142 -21.55 24.17 5.96
C CYS A 142 -22.55 23.05 5.65
N LYS A 143 -22.36 21.85 6.19
CA LYS A 143 -23.31 20.76 5.95
C LYS A 143 -24.36 20.63 7.03
N THR A 144 -24.07 21.03 8.27
CA THR A 144 -25.04 21.03 9.35
C THR A 144 -25.99 22.22 9.27
N LYS A 145 -25.82 23.08 8.26
CA LYS A 145 -26.65 24.27 8.08
C LYS A 145 -27.90 23.87 7.30
N MET A 146 -29.05 23.85 7.98
CA MET A 146 -30.29 23.56 7.30
C MET A 146 -30.76 24.71 6.43
N VAL A 147 -30.29 25.93 6.68
CA VAL A 147 -30.73 27.11 5.94
C VAL A 147 -29.52 27.96 5.59
N CYS A 148 -29.50 28.43 4.35
CA CYS A 148 -28.58 29.48 3.93
C CYS A 148 -29.15 30.82 4.38
N GLU A 149 -28.60 31.38 5.43
CA GLU A 149 -29.15 32.60 6.02
C GLU A 149 -29.01 33.76 5.04
N ALA A 150 -30.09 34.52 4.87
CA ALA A 150 -30.01 35.80 4.19
C ALA A 150 -29.39 36.88 5.07
N ASP A 151 -29.35 36.65 6.38
CA ASP A 151 -28.80 37.55 7.36
C ASP A 151 -27.92 36.78 8.33
N ALA A 152 -27.54 37.42 9.43
CA ALA A 152 -26.66 36.79 10.39
C ALA A 152 -27.31 35.54 10.95
N PRO A 153 -26.60 34.39 11.01
CA PRO A 153 -27.18 33.18 11.60
C PRO A 153 -27.62 33.39 13.05
N VAL A 163 -28.36 42.88 10.29
CA VAL A 163 -27.15 42.61 9.54
C VAL A 163 -27.45 41.60 8.43
N SER A 164 -27.58 42.09 7.20
CA SER A 164 -27.87 41.25 6.05
C SER A 164 -26.55 40.86 5.39
N ARG A 165 -26.37 39.55 5.20
CA ARG A 165 -25.19 39.01 4.56
C ARG A 165 -25.34 38.86 3.05
N GLY A 166 -26.44 39.34 2.48
CA GLY A 166 -26.67 39.20 1.05
C GLY A 166 -27.19 37.86 0.62
N GLY A 167 -27.41 36.94 1.55
CA GLY A 167 -27.87 35.62 1.18
C GLY A 167 -29.33 35.59 0.79
N CYS A 168 -29.71 34.50 0.13
CA CYS A 168 -31.09 34.33 -0.34
C CYS A 168 -32.05 33.94 0.77
N GLY A 169 -31.56 33.42 1.89
CA GLY A 169 -32.42 32.98 2.96
C GLY A 169 -33.11 31.65 2.75
N ASN A 170 -33.15 31.17 1.50
CA ASN A 170 -33.80 29.91 1.20
C ASN A 170 -33.12 28.77 1.96
N THR A 171 -33.92 27.88 2.52
CA THR A 171 -33.39 26.74 3.25
C THR A 171 -32.54 25.88 2.32
N GLN A 172 -31.36 25.48 2.79
CA GLN A 172 -30.47 24.70 1.96
C GLN A 172 -30.99 23.28 1.82
N PRO A 173 -31.27 22.80 0.61
CA PRO A 173 -31.83 21.45 0.46
C PRO A 173 -30.82 20.38 0.86
N VAL A 174 -31.37 19.26 1.31
CA VAL A 174 -30.56 18.08 1.60
C VAL A 174 -30.32 17.38 0.26
N VAL A 175 -29.16 17.64 -0.32
CA VAL A 175 -28.85 17.12 -1.64
C VAL A 175 -28.26 15.73 -1.52
N ARG A 176 -28.43 14.93 -2.56
CA ARG A 176 -27.94 13.56 -2.59
C ARG A 176 -27.75 13.15 -4.04
N LYS A 177 -26.96 12.10 -4.25
CA LYS A 177 -26.61 11.64 -5.58
C LYS A 177 -27.59 10.57 -6.04
N ASP A 178 -28.15 10.76 -7.22
CA ASP A 178 -29.04 9.78 -7.87
C ASP A 178 -28.47 9.51 -9.25
N GLY A 179 -27.56 8.56 -9.33
CA GLY A 179 -26.93 8.25 -10.61
C GLY A 179 -26.19 9.46 -11.15
N MET A 180 -26.32 9.71 -12.45
CA MET A 180 -25.63 10.80 -13.12
C MET A 180 -26.38 12.12 -13.02
N LYS A 181 -27.36 12.23 -12.10
CA LYS A 181 -28.07 13.47 -11.86
C LYS A 181 -28.14 13.71 -10.36
N LEU A 182 -28.53 14.94 -9.99
CA LEU A 182 -28.54 15.37 -8.59
C LEU A 182 -29.94 15.79 -8.19
N TRP A 183 -30.35 15.37 -6.99
CA TRP A 183 -31.62 15.76 -6.38
C TRP A 183 -31.34 16.59 -5.13
N GLY A 184 -31.98 17.75 -5.04
CA GLY A 184 -31.94 18.55 -3.83
C GLY A 184 -33.29 18.56 -3.16
N THR A 185 -33.35 18.20 -1.89
CA THR A 185 -34.62 18.06 -1.17
C THR A 185 -34.80 19.26 -0.25
N TRP A 186 -35.60 20.21 -0.70
CA TRP A 186 -35.95 21.36 0.13
C TRP A 186 -37.00 20.95 1.17
N LYS A 187 -36.87 21.54 2.36
CA LYS A 187 -37.87 21.42 3.41
C LYS A 187 -38.46 22.81 3.61
N LYS A 188 -39.57 23.10 2.93
CA LYS A 188 -40.10 24.45 2.87
C LYS A 188 -40.73 24.80 4.22
N SER A 189 -41.35 25.98 4.29
CA SER A 189 -41.97 26.46 5.52
C SER A 189 -42.75 25.37 6.25
N ARG A 194 -43.15 23.67 10.63
CA ARG A 194 -42.29 22.53 10.93
C ARG A 194 -41.77 21.89 9.65
N ASP A 195 -42.63 21.14 8.96
CA ASP A 195 -42.29 20.54 7.69
C ASP A 195 -43.36 20.86 6.67
N ALA A 196 -42.92 21.36 5.51
CA ALA A 196 -43.79 21.60 4.38
C ALA A 196 -43.53 20.54 3.32
N GLN A 197 -44.31 20.61 2.24
CA GLN A 197 -44.18 19.63 1.16
C GLN A 197 -42.75 19.65 0.63
N PRO A 198 -41.94 18.61 0.88
CA PRO A 198 -40.58 18.62 0.33
C PRO A 198 -40.58 18.36 -1.16
N GLU A 199 -40.35 19.40 -1.95
CA GLU A 199 -40.41 19.31 -3.41
C GLU A 199 -38.98 19.25 -3.96
N ARG A 200 -38.37 18.07 -3.82
CA ARG A 200 -37.06 17.87 -4.39
C ARG A 200 -37.14 17.86 -5.92
N LYS A 201 -36.09 18.35 -6.56
CA LYS A 201 -36.07 18.48 -8.01
C LYS A 201 -34.66 18.23 -8.51
N LEU A 202 -34.57 17.93 -9.80
CA LEU A 202 -33.28 17.74 -10.43
C LEU A 202 -32.44 19.01 -10.29
N LEU A 203 -31.19 18.84 -9.90
CA LEU A 203 -30.25 19.95 -9.87
C LEU A 203 -29.61 20.07 -11.25
N THR A 204 -30.20 20.89 -12.11
CA THR A 204 -29.83 20.88 -13.52
C THR A 204 -28.43 21.46 -13.72
N PRO A 205 -27.76 21.10 -14.82
CA PRO A 205 -26.42 21.68 -15.06
C PRO A 205 -26.41 23.19 -15.13
N GLY A 206 -27.24 23.79 -15.99
CA GLY A 206 -27.21 25.23 -16.14
C GLY A 206 -27.56 25.96 -14.86
N GLU A 207 -28.49 25.40 -14.08
CA GLU A 207 -28.85 26.01 -12.80
C GLU A 207 -27.61 26.20 -11.93
N ILE A 208 -26.85 25.12 -11.72
CA ILE A 208 -25.66 25.20 -10.89
C ILE A 208 -24.61 26.09 -11.55
N LEU A 209 -24.44 25.96 -12.86
CA LEU A 209 -23.48 26.79 -13.58
C LEU A 209 -23.73 28.26 -13.28
N ASN A 210 -24.96 28.72 -13.43
CA ASN A 210 -25.29 30.10 -13.10
C ASN A 210 -25.07 30.38 -11.63
N VAL A 211 -25.46 29.44 -10.76
CA VAL A 211 -25.22 29.61 -9.34
C VAL A 211 -23.72 29.71 -9.08
N PHE A 212 -22.93 28.87 -9.74
CA PHE A 212 -21.48 28.93 -9.57
C PHE A 212 -20.90 30.21 -10.14
N LYS A 213 -21.51 30.77 -11.19
CA LYS A 213 -21.07 32.06 -11.70
C LYS A 213 -21.26 33.18 -10.69
N HIS A 214 -22.06 32.98 -9.66
CA HIS A 214 -22.34 33.99 -8.66
C HIS A 214 -21.57 33.79 -7.36
N ILE A 215 -20.59 32.88 -7.35
CA ILE A 215 -19.79 32.68 -6.15
C ILE A 215 -18.73 33.77 -6.06
N SER A 216 -18.60 34.36 -4.89
CA SER A 216 -17.62 35.43 -4.72
C SER A 216 -16.21 34.88 -4.88
N PRO A 217 -15.28 35.63 -5.47
CA PRO A 217 -13.88 35.18 -5.48
C PRO A 217 -13.35 34.92 -4.09
N GLU A 218 -13.80 35.68 -3.09
CA GLU A 218 -13.45 35.35 -1.72
C GLU A 218 -14.01 33.99 -1.34
N ASP A 219 -15.27 33.72 -1.72
CA ASP A 219 -15.79 32.36 -1.56
C ASP A 219 -14.95 31.36 -2.33
N CYS A 220 -14.61 31.70 -3.58
CA CYS A 220 -13.82 30.81 -4.42
C CYS A 220 -12.56 30.35 -3.70
N PHE A 221 -11.65 31.28 -3.40
CA PHE A 221 -10.39 30.90 -2.79
C PHE A 221 -10.61 30.35 -1.38
N ARG A 222 -11.46 31.02 -0.60
CA ARG A 222 -11.82 30.50 0.71
C ARG A 222 -12.34 29.08 0.64
N LEU A 223 -13.04 28.73 -0.44
CA LEU A 223 -13.39 27.34 -0.72
C LEU A 223 -12.21 26.53 -1.24
N GLY A 224 -11.01 27.09 -1.23
CA GLY A 224 -9.83 26.43 -1.74
C GLY A 224 -9.66 26.52 -3.24
N PHE A 225 -10.49 27.28 -3.93
CA PHE A 225 -10.45 27.33 -5.38
C PHE A 225 -9.44 28.40 -5.83
N ASN A 226 -9.34 28.61 -7.13
CA ASN A 226 -8.40 29.57 -7.69
C ASN A 226 -9.03 30.19 -8.93
N GLU A 227 -9.29 31.50 -8.86
CA GLU A 227 -9.97 32.18 -9.96
C GLU A 227 -9.27 31.92 -11.29
N ASP A 228 -7.96 32.15 -11.34
CA ASP A 228 -7.23 31.97 -12.58
C ASP A 228 -7.27 30.54 -13.08
N TYR A 229 -7.17 29.56 -12.18
CA TYR A 229 -7.01 28.17 -12.58
C TYR A 229 -8.19 27.30 -12.15
N ALA A 230 -8.57 27.34 -10.86
CA ALA A 230 -9.61 26.48 -10.32
C ALA A 230 -10.89 27.29 -10.18
N ARG A 231 -11.70 27.29 -11.24
CA ARG A 231 -12.96 28.02 -11.26
C ARG A 231 -14.12 27.03 -11.26
N PRO A 232 -15.01 27.09 -10.27
CA PRO A 232 -16.02 26.03 -10.13
C PRO A 232 -16.92 25.84 -11.34
N GLU A 233 -17.34 26.92 -12.01
CA GLU A 233 -18.36 26.76 -13.05
C GLU A 233 -17.80 26.18 -14.34
N TRP A 234 -16.47 26.18 -14.53
CA TRP A 234 -15.93 25.41 -15.64
C TRP A 234 -16.05 23.92 -15.40
N MET A 235 -16.23 23.51 -14.14
CA MET A 235 -16.35 22.11 -13.75
C MET A 235 -17.68 21.49 -14.17
N ILE A 236 -18.56 22.26 -14.80
CA ILE A 236 -19.71 21.74 -15.52
C ILE A 236 -19.42 21.88 -17.01
N ILE A 237 -19.35 20.75 -17.72
CA ILE A 237 -18.85 20.76 -19.08
C ILE A 237 -19.73 21.64 -19.94
N THR A 238 -19.09 22.49 -20.75
CA THR A 238 -19.80 23.40 -21.65
C THR A 238 -19.34 23.27 -23.09
N VAL A 239 -18.04 23.09 -23.32
CA VAL A 239 -17.48 22.95 -24.66
C VAL A 239 -16.45 21.84 -24.63
N LEU A 240 -16.46 20.99 -25.65
CA LEU A 240 -15.57 19.84 -25.70
C LEU A 240 -14.37 20.13 -26.57
N PRO A 241 -13.14 20.03 -26.05
CA PRO A 241 -11.98 20.01 -26.92
C PRO A 241 -11.92 18.70 -27.70
N VAL A 242 -11.36 18.77 -28.90
CA VAL A 242 -11.32 17.62 -29.80
C VAL A 242 -9.86 17.20 -29.96
N PRO A 243 -9.52 15.92 -29.76
CA PRO A 243 -8.16 15.48 -30.08
C PRO A 243 -7.95 15.45 -31.58
N PRO A 244 -6.71 15.55 -32.03
CA PRO A 244 -6.42 15.46 -33.46
C PRO A 244 -6.54 14.03 -33.94
N PRO A 245 -6.47 13.80 -35.25
CA PRO A 245 -6.42 12.42 -35.75
C PRO A 245 -5.24 11.64 -35.23
N GLN A 246 -4.14 12.31 -34.89
CA GLN A 246 -2.99 11.62 -34.32
C GLN A 246 -3.41 10.79 -33.10
N VAL A 247 -4.28 11.35 -32.26
CA VAL A 247 -4.72 10.61 -31.08
C VAL A 247 -5.63 9.46 -31.47
N ARG A 248 -6.50 9.65 -32.46
CA ARG A 248 -7.52 8.68 -32.83
C ARG A 248 -7.43 8.41 -34.33
N PRO A 249 -6.31 7.88 -34.79
CA PRO A 249 -6.14 7.58 -36.22
C PRO A 249 -6.91 6.34 -36.63
N SER A 250 -6.70 5.95 -37.88
CA SER A 250 -7.38 4.80 -38.47
C SER A 250 -6.55 3.54 -38.26
N ILE A 251 -7.21 2.49 -37.81
CA ILE A 251 -6.59 1.18 -37.64
C ILE A 251 -7.09 0.27 -38.77
N ALA A 252 -6.16 -0.41 -39.43
CA ALA A 252 -6.47 -1.21 -40.61
C ALA A 252 -6.61 -2.67 -40.22
N MET A 253 -7.84 -3.09 -39.91
CA MET A 253 -8.04 -4.47 -39.45
C MET A 253 -7.44 -5.47 -40.41
N ASP A 254 -7.53 -5.20 -41.71
CA ASP A 254 -7.00 -6.08 -42.75
C ASP A 254 -6.49 -5.21 -43.90
N GLU A 255 -5.19 -4.91 -43.88
CA GLU A 255 -4.55 -4.14 -44.95
C GLU A 255 -5.30 -2.83 -45.19
N THR A 256 -6.20 -2.81 -46.18
CA THR A 256 -6.93 -1.59 -46.50
C THR A 256 -8.13 -1.38 -45.58
N THR A 257 -8.84 -2.46 -45.24
CA THR A 257 -10.02 -2.34 -44.41
C THR A 257 -9.66 -1.69 -43.08
N GLN A 258 -10.14 -0.47 -42.87
CA GLN A 258 -9.84 0.28 -41.66
C GLN A 258 -11.11 0.52 -40.86
N GLY A 259 -11.09 0.07 -39.61
CA GLY A 259 -12.15 0.36 -38.66
C GLY A 259 -11.79 1.60 -37.86
N GLN A 260 -12.67 2.59 -37.93
CA GLN A 260 -12.41 3.86 -37.26
C GLN A 260 -12.21 3.64 -35.77
N ASP A 261 -11.24 4.35 -35.20
CA ASP A 261 -10.95 4.21 -33.79
C ASP A 261 -12.20 4.52 -32.97
N ASP A 262 -12.43 3.69 -31.95
CA ASP A 262 -13.65 3.82 -31.15
C ASP A 262 -13.78 5.21 -30.55
N LEU A 263 -12.67 5.90 -30.31
CA LEU A 263 -12.74 7.28 -29.84
C LEU A 263 -13.46 8.15 -30.87
N THR A 264 -13.08 8.00 -32.14
CA THR A 264 -13.80 8.71 -33.20
C THR A 264 -15.26 8.31 -33.21
N HIS A 265 -15.53 7.02 -32.99
CA HIS A 265 -16.92 6.56 -32.96
C HIS A 265 -17.72 7.31 -31.91
N LYS A 266 -17.23 7.35 -30.67
CA LYS A 266 -18.00 7.96 -29.60
C LYS A 266 -18.02 9.48 -29.75
N LEU A 267 -16.98 10.07 -30.32
CA LEU A 267 -17.03 11.50 -30.63
C LEU A 267 -18.14 11.80 -31.61
N SER A 268 -18.25 11.00 -32.67
CA SER A 268 -19.36 11.18 -33.60
C SER A 268 -20.69 10.96 -32.91
N ASP A 269 -20.75 9.96 -32.02
CA ASP A 269 -21.99 9.69 -31.30
C ASP A 269 -22.41 10.89 -30.45
N ILE A 270 -21.48 11.50 -29.74
CA ILE A 270 -21.80 12.65 -28.90
C ILE A 270 -22.18 13.85 -29.76
N LEU A 271 -21.49 14.03 -30.89
CA LEU A 271 -21.88 15.10 -31.79
C LEU A 271 -23.30 14.89 -32.31
N LYS A 272 -23.64 13.65 -32.63
CA LYS A 272 -25.01 13.34 -33.06
C LYS A 272 -26.01 13.64 -31.95
N ALA A 273 -25.70 13.25 -30.72
CA ALA A 273 -26.60 13.54 -29.61
C ALA A 273 -26.76 15.04 -29.42
N ASN A 274 -25.66 15.77 -29.53
CA ASN A 274 -25.71 17.23 -29.44
C ASN A 274 -26.62 17.80 -30.51
N ILE A 275 -26.47 17.34 -31.75
CA ILE A 275 -27.29 17.86 -32.85
C ILE A 275 -28.75 17.48 -32.65
N ASN A 276 -29.00 16.28 -32.13
CA ASN A 276 -30.38 15.87 -31.85
C ASN A 276 -31.02 16.77 -30.81
N VAL A 277 -30.28 17.10 -29.75
CA VAL A 277 -30.77 18.11 -28.82
C VAL A 277 -31.00 19.43 -29.54
N GLN A 278 -30.09 19.80 -30.45
CA GLN A 278 -30.25 20.99 -31.25
C GLN A 278 -31.48 20.93 -32.15
N LYS A 279 -31.83 19.74 -32.63
CA LYS A 279 -32.95 19.56 -33.54
C LYS A 279 -34.29 19.45 -32.81
N LEU A 280 -34.27 19.50 -31.48
CA LEU A 280 -35.47 19.25 -30.69
C LEU A 280 -36.41 20.45 -30.62
N GLU A 281 -35.88 21.63 -30.29
CA GLU A 281 -36.71 22.72 -29.80
C GLU A 281 -37.48 23.45 -30.90
N MET A 282 -36.90 23.66 -32.08
CA MET A 282 -37.64 24.34 -33.13
C MET A 282 -38.86 23.57 -33.59
N ASP A 283 -38.96 22.30 -33.26
CA ASP A 283 -40.13 21.48 -33.59
C ASP A 283 -40.67 20.92 -32.28
N GLY A 284 -41.62 19.98 -32.38
CA GLY A 284 -42.23 19.41 -31.20
C GLY A 284 -41.23 18.88 -30.21
N SER A 285 -41.09 19.57 -29.07
CA SER A 285 -40.12 19.22 -28.04
C SER A 285 -40.85 19.21 -26.70
N PRO A 286 -41.77 18.27 -26.50
CA PRO A 286 -42.65 18.28 -25.33
C PRO A 286 -41.95 17.93 -24.01
N GLN A 287 -40.90 18.68 -23.69
CA GLN A 287 -40.29 18.60 -22.36
C GLN A 287 -39.72 17.22 -22.11
N HIS A 288 -40.61 16.24 -21.90
CA HIS A 288 -40.14 14.88 -21.64
C HIS A 288 -39.20 14.40 -22.74
N ILE A 289 -39.48 14.75 -23.99
CA ILE A 289 -38.58 14.39 -25.08
C ILE A 289 -37.25 15.10 -24.92
N ILE A 290 -37.28 16.39 -24.59
CA ILE A 290 -36.03 17.11 -24.38
C ILE A 290 -35.26 16.49 -23.23
N ASN A 291 -35.96 16.18 -22.13
CA ASN A 291 -35.30 15.59 -20.98
C ASN A 291 -34.64 14.27 -21.35
N GLU A 292 -35.36 13.42 -22.07
CA GLU A 292 -34.81 12.12 -22.45
C GLU A 292 -33.61 12.27 -23.38
N VAL A 293 -33.71 13.15 -24.38
CA VAL A 293 -32.62 13.30 -25.33
C VAL A 293 -31.38 13.86 -24.64
N GLU A 294 -31.57 14.85 -23.77
CA GLU A 294 -30.43 15.40 -23.05
C GLU A 294 -29.85 14.37 -22.08
N GLN A 295 -30.71 13.55 -21.47
CA GLN A 295 -30.24 12.49 -20.60
C GLN A 295 -29.37 11.50 -21.37
N LEU A 296 -29.81 11.14 -22.58
CA LEU A 296 -29.00 10.25 -23.42
C LEU A 296 -27.69 10.92 -23.82
N LEU A 297 -27.73 12.22 -24.13
CA LEU A 297 -26.50 12.93 -24.46
C LEU A 297 -25.54 12.91 -23.28
N GLN A 298 -26.05 13.14 -22.07
CA GLN A 298 -25.21 13.08 -20.88
C GLN A 298 -24.63 11.67 -20.68
N PHE A 299 -25.46 10.65 -20.90
CA PHE A 299 -24.96 9.28 -20.84
C PHE A 299 -23.82 9.07 -21.83
N HIS A 300 -24.00 9.54 -23.06
CA HIS A 300 -22.96 9.39 -24.08
C HIS A 300 -21.68 10.08 -23.65
N VAL A 301 -21.80 11.31 -23.14
CA VAL A 301 -20.61 12.05 -22.72
C VAL A 301 -19.90 11.34 -21.59
N ALA A 302 -20.66 10.88 -20.58
CA ALA A 302 -20.05 10.19 -19.45
C ALA A 302 -19.36 8.91 -19.90
N THR A 303 -20.02 8.14 -20.77
CA THR A 303 -19.40 6.91 -21.28
C THR A 303 -18.12 7.23 -22.03
N TYR A 304 -18.14 8.27 -22.87
CA TYR A 304 -16.96 8.66 -23.62
C TYR A 304 -15.84 9.12 -22.70
N MET A 305 -16.18 9.70 -21.56
CA MET A 305 -15.23 9.91 -20.47
C MET A 305 -14.84 8.61 -19.80
N ASP A 306 -15.80 7.87 -19.23
CA ASP A 306 -15.51 6.66 -18.49
C ASP A 306 -16.67 5.69 -18.69
N ASN A 307 -16.32 4.41 -18.82
CA ASN A 307 -17.30 3.33 -18.86
C ASN A 307 -17.32 2.50 -17.59
N ASP A 308 -16.44 2.80 -16.64
CA ASP A 308 -16.37 2.10 -15.36
C ASP A 308 -17.25 2.79 -14.31
N ILE A 309 -18.33 3.42 -14.78
CA ILE A 309 -19.20 4.16 -13.86
C ILE A 309 -20.00 3.15 -13.06
N ALA A 310 -19.75 3.11 -11.75
CA ALA A 310 -20.38 2.12 -10.89
C ALA A 310 -21.88 2.32 -10.84
N GLY A 311 -22.61 1.21 -10.70
CA GLY A 311 -24.06 1.24 -10.58
C GLY A 311 -24.80 1.39 -11.89
N GLN A 312 -24.10 1.52 -13.00
CA GLN A 312 -24.70 1.67 -14.31
C GLN A 312 -23.90 0.86 -15.32
N PRO A 313 -24.56 0.20 -16.26
CA PRO A 313 -23.84 -0.70 -17.18
C PRO A 313 -23.03 0.07 -18.20
N GLN A 314 -22.11 -0.65 -18.85
CA GLN A 314 -21.14 -0.03 -19.73
C GLN A 314 -21.74 0.29 -21.09
N ALA A 315 -21.03 1.11 -21.85
CA ALA A 315 -21.35 1.40 -23.24
C ALA A 315 -20.52 0.51 -24.14
N LEU A 316 -21.03 0.24 -25.34
CA LEU A 316 -20.46 -0.76 -26.22
C LEU A 316 -20.55 -0.34 -27.67
N GLN A 317 -20.04 -1.21 -28.53
CA GLN A 317 -20.22 -1.11 -29.97
C GLN A 317 -21.10 -2.26 -30.44
N LYS A 318 -21.40 -2.30 -31.74
CA LYS A 318 -22.27 -3.35 -32.27
C LYS A 318 -21.70 -4.74 -32.02
N SER A 319 -20.38 -4.82 -31.89
CA SER A 319 -19.72 -6.12 -31.68
C SER A 319 -20.06 -6.75 -30.34
N GLY A 320 -20.68 -6.01 -29.43
CA GLY A 320 -20.83 -6.45 -28.06
C GLY A 320 -19.66 -6.08 -27.17
N ARG A 321 -18.60 -5.50 -27.74
CA ARG A 321 -17.47 -5.10 -26.94
C ARG A 321 -17.75 -3.77 -26.26
N PRO A 322 -17.59 -3.67 -24.94
CA PRO A 322 -17.78 -2.37 -24.28
C PRO A 322 -16.79 -1.35 -24.81
N VAL A 323 -17.25 -0.10 -24.89
CA VAL A 323 -16.41 0.97 -25.40
C VAL A 323 -15.19 1.13 -24.49
N LYS A 324 -14.06 1.50 -25.08
CA LYS A 324 -12.85 1.80 -24.33
C LYS A 324 -12.85 3.29 -24.05
N ALA A 325 -13.26 3.66 -22.84
CA ALA A 325 -13.30 5.07 -22.47
C ALA A 325 -11.89 5.60 -22.30
N ILE A 326 -11.79 6.93 -22.31
CA ILE A 326 -10.47 7.57 -22.21
C ILE A 326 -9.79 7.19 -20.90
N ARG A 327 -10.52 7.22 -19.80
CA ARG A 327 -9.95 6.74 -18.54
C ARG A 327 -9.35 5.35 -18.71
N ALA A 328 -10.10 4.45 -19.35
CA ALA A 328 -9.58 3.10 -19.57
C ALA A 328 -8.27 3.14 -20.33
N ARG A 329 -8.19 3.96 -21.39
CA ARG A 329 -6.92 4.14 -22.08
C ARG A 329 -5.83 4.58 -21.12
N LEU A 330 -6.18 5.42 -20.16
CA LEU A 330 -5.16 6.09 -19.36
C LEU A 330 -4.66 5.22 -18.21
N LYS A 331 -5.57 4.67 -17.41
CA LYS A 331 -5.17 3.93 -16.24
C LYS A 331 -4.76 2.50 -16.62
N GLY A 332 -4.58 1.66 -15.60
CA GLY A 332 -4.27 0.26 -15.81
C GLY A 332 -2.79 -0.03 -15.82
N LYS A 333 -2.46 -1.28 -15.55
CA LYS A 333 -1.07 -1.71 -15.59
C LYS A 333 -0.46 -1.45 -16.96
N GLU A 334 -1.27 -1.42 -18.01
CA GLU A 334 -0.81 -1.08 -19.35
C GLU A 334 -1.11 0.37 -19.70
N GLY A 335 -1.67 1.14 -18.78
CA GLY A 335 -1.99 2.52 -19.03
C GLY A 335 -0.80 3.30 -19.55
N ARG A 336 -1.07 4.52 -20.00
CA ARG A 336 0.00 5.38 -20.50
C ARG A 336 1.13 5.44 -19.49
N LEU A 337 0.80 5.74 -18.24
CA LEU A 337 1.82 5.81 -17.20
C LEU A 337 2.58 4.49 -17.08
N ARG A 338 1.90 3.46 -16.59
CA ARG A 338 2.55 2.17 -16.37
C ARG A 338 2.97 1.50 -17.66
N GLY A 339 2.20 1.63 -18.73
CA GLY A 339 2.48 0.93 -19.95
C GLY A 339 3.59 1.55 -20.77
N ASN A 340 3.53 2.87 -20.98
CA ASN A 340 4.40 3.53 -21.93
C ASN A 340 5.42 4.46 -21.28
N LEU A 341 5.22 4.89 -20.04
CA LEU A 341 6.00 6.01 -19.52
C LEU A 341 7.13 5.56 -18.62
N MET A 342 6.88 4.70 -17.63
CA MET A 342 8.00 4.08 -16.93
C MET A 342 8.63 2.98 -17.78
N GLY A 343 7.87 1.94 -18.10
CA GLY A 343 8.33 0.86 -18.93
C GLY A 343 8.01 1.12 -20.38
N LYS A 344 8.82 0.53 -21.27
CA LYS A 344 8.69 0.77 -22.69
C LYS A 344 9.69 -0.12 -23.42
N ARG A 345 9.42 -0.35 -24.70
CA ARG A 345 10.28 -1.13 -25.56
C ARG A 345 11.40 -0.23 -26.05
N VAL A 346 12.64 -0.70 -25.94
CA VAL A 346 13.80 0.13 -26.20
C VAL A 346 14.68 -0.55 -27.24
N ASP A 347 15.19 0.27 -28.17
CA ASP A 347 16.06 -0.22 -29.24
C ASP A 347 17.45 -0.55 -28.67
N PHE A 348 18.32 -1.02 -29.56
CA PHE A 348 19.70 -1.32 -29.20
C PHE A 348 19.75 -2.24 -27.97
N SER A 349 18.86 -3.23 -28.04
CA SER A 349 18.64 -4.16 -26.94
C SER A 349 18.39 -5.53 -27.53
N ALA A 350 18.98 -6.55 -26.89
CA ALA A 350 18.96 -7.90 -27.43
C ALA A 350 18.67 -8.88 -26.31
N ARG A 351 18.24 -10.08 -26.69
CA ARG A 351 17.79 -11.09 -25.74
C ARG A 351 18.09 -12.47 -26.31
N THR A 352 18.64 -13.35 -25.47
CA THR A 352 18.86 -14.74 -25.85
C THR A 352 19.22 -15.53 -24.59
N VAL A 353 19.65 -16.77 -24.78
CA VAL A 353 19.95 -17.68 -23.69
C VAL A 353 21.33 -17.38 -23.15
N ILE A 354 21.55 -17.75 -21.89
CA ILE A 354 22.81 -17.55 -21.22
C ILE A 354 23.70 -18.76 -21.45
N SER A 355 24.99 -18.57 -21.24
CA SER A 355 25.96 -19.66 -21.37
C SER A 355 27.07 -19.45 -20.35
N GLY A 356 27.67 -20.56 -19.92
CA GLY A 356 28.71 -20.50 -18.92
C GLY A 356 30.07 -20.84 -19.48
N ASP A 357 31.08 -20.11 -19.02
CA ASP A 357 32.41 -20.32 -19.54
C ASP A 357 33.47 -20.06 -18.47
N PRO A 358 34.21 -21.09 -18.05
CA PRO A 358 35.40 -20.82 -17.23
C PRO A 358 36.43 -19.94 -17.92
N ASN A 359 36.53 -20.02 -19.24
CA ASN A 359 37.54 -19.29 -20.00
C ASN A 359 37.17 -17.82 -20.24
N LEU A 360 36.22 -17.28 -19.48
CA LEU A 360 35.77 -15.90 -19.67
C LEU A 360 36.00 -15.11 -18.39
N GLU A 361 36.32 -13.83 -18.56
CA GLU A 361 36.59 -12.98 -17.42
C GLU A 361 35.28 -12.57 -16.75
N LEU A 362 35.40 -12.22 -15.47
CA LEU A 362 34.20 -11.93 -14.67
C LEU A 362 33.40 -10.79 -15.30
N ASP A 363 34.07 -9.69 -15.64
CA ASP A 363 33.42 -8.56 -16.29
C ASP A 363 33.15 -8.84 -17.76
N GLN A 364 33.81 -9.83 -18.34
CA GLN A 364 33.66 -10.17 -19.75
C GLN A 364 32.29 -10.76 -20.01
N VAL A 365 31.99 -10.96 -21.29
CA VAL A 365 30.76 -11.60 -21.71
C VAL A 365 30.93 -12.08 -23.15
N GLY A 366 30.39 -13.25 -23.44
CA GLY A 366 30.46 -13.80 -24.78
C GLY A 366 29.28 -13.34 -25.62
N VAL A 367 29.59 -12.62 -26.69
CA VAL A 367 28.58 -12.02 -27.55
C VAL A 367 28.56 -12.76 -28.89
N PRO A 368 27.42 -13.29 -29.32
CA PRO A 368 27.34 -13.81 -30.69
C PRO A 368 27.71 -12.74 -31.71
N ILE A 369 28.48 -13.16 -32.71
CA ILE A 369 29.02 -12.20 -33.69
C ILE A 369 27.91 -11.54 -34.47
N SER A 370 26.90 -12.30 -34.91
CA SER A 370 25.82 -11.72 -35.70
C SER A 370 25.16 -10.57 -34.95
N ILE A 371 25.03 -10.71 -33.62
CA ILE A 371 24.45 -9.63 -32.84
C ILE A 371 25.30 -8.38 -32.93
N ALA A 372 26.61 -8.52 -32.76
CA ALA A 372 27.50 -7.36 -32.85
C ALA A 372 27.41 -6.71 -34.23
N LYS A 373 27.40 -7.52 -35.30
CA LYS A 373 27.23 -6.96 -36.63
C LYS A 373 25.90 -6.23 -36.76
N THR A 374 24.84 -6.83 -36.24
CA THR A 374 23.53 -6.18 -36.26
C THR A 374 23.57 -4.89 -35.46
N LEU A 375 24.08 -4.94 -34.24
CA LEU A 375 24.17 -3.76 -33.41
C LEU A 375 25.33 -2.86 -33.87
N SER A 376 25.27 -1.60 -33.48
CA SER A 376 26.29 -0.64 -33.84
C SER A 376 26.34 0.47 -32.79
N TYR A 377 27.47 1.15 -32.73
CA TYR A 377 27.66 2.26 -31.81
C TYR A 377 27.98 3.52 -32.59
N PRO A 378 27.14 4.55 -32.59
CA PRO A 378 27.53 5.81 -33.22
C PRO A 378 28.79 6.35 -32.56
N GLU A 379 29.70 6.87 -33.37
CA GLU A 379 31.02 7.24 -32.88
C GLU A 379 31.58 8.34 -33.75
N THR A 380 32.07 9.39 -33.10
CA THR A 380 32.59 10.56 -33.82
C THR A 380 33.79 10.18 -34.66
N VAL A 381 33.93 10.85 -35.80
CA VAL A 381 35.10 10.72 -36.64
C VAL A 381 36.18 11.64 -36.08
N THR A 382 37.16 11.06 -35.41
CA THR A 382 38.24 11.80 -34.78
C THR A 382 39.54 11.50 -35.51
N GLN A 383 40.57 12.28 -35.17
CA GLN A 383 41.88 12.09 -35.78
C GLN A 383 42.56 10.82 -35.31
N TYR A 384 42.31 10.40 -34.06
CA TYR A 384 42.96 9.20 -33.54
C TYR A 384 42.43 7.92 -34.18
N ASN A 385 41.34 8.01 -34.95
CA ASN A 385 40.77 6.83 -35.59
C ASN A 385 40.39 7.10 -37.04
N ILE A 386 40.72 8.26 -37.60
CA ILE A 386 40.25 8.62 -38.93
C ILE A 386 40.63 7.55 -39.94
N HIS A 387 41.91 7.15 -39.96
CA HIS A 387 42.30 6.07 -40.85
C HIS A 387 41.61 4.77 -40.47
N ARG A 388 41.54 4.48 -39.17
CA ARG A 388 40.88 3.27 -38.71
C ARG A 388 39.40 3.27 -39.10
N LEU A 389 38.74 4.41 -38.94
CA LEU A 389 37.34 4.51 -39.35
C LEU A 389 37.19 4.33 -40.85
N THR A 390 38.11 4.91 -41.64
CA THR A 390 38.06 4.71 -43.08
C THR A 390 38.21 3.23 -43.43
N GLU A 391 39.09 2.53 -42.72
CA GLU A 391 39.27 1.10 -42.98
C GLU A 391 38.01 0.32 -42.62
N TYR A 392 37.34 0.69 -41.52
CA TYR A 392 36.09 0.03 -41.18
C TYR A 392 35.00 0.36 -42.19
N VAL A 393 35.02 1.56 -42.75
CA VAL A 393 34.07 1.92 -43.79
C VAL A 393 34.30 1.05 -45.03
N ARG A 394 35.56 0.92 -45.44
CA ARG A 394 35.90 0.02 -46.54
C ARG A 394 35.51 -1.40 -46.21
N ASN A 395 35.53 -1.77 -44.92
CA ASN A 395 35.17 -3.11 -44.51
C ASN A 395 33.71 -3.43 -44.80
N GLY A 396 32.81 -2.48 -44.54
CA GLY A 396 31.40 -2.68 -44.78
C GLY A 396 30.69 -3.25 -43.57
N PRO A 397 29.37 -3.08 -43.52
CA PRO A 397 28.60 -3.61 -42.39
C PRO A 397 28.50 -5.12 -42.36
N ASN A 398 28.64 -5.78 -43.50
CA ASN A 398 28.65 -7.24 -43.55
C ASN A 398 29.89 -7.83 -42.90
N GLU A 399 31.04 -7.19 -43.07
CA GLU A 399 32.30 -7.67 -42.52
C GLU A 399 32.51 -7.03 -41.16
N HIS A 400 32.52 -7.85 -40.12
CA HIS A 400 33.09 -7.41 -38.86
C HIS A 400 34.60 -7.62 -38.89
N PRO A 401 35.41 -6.61 -38.57
CA PRO A 401 35.02 -5.27 -38.13
C PRO A 401 34.47 -4.42 -39.26
N GLY A 402 33.51 -3.56 -38.95
CA GLY A 402 32.90 -2.72 -39.98
C GLY A 402 31.97 -1.72 -39.35
N ALA A 403 31.32 -0.94 -40.20
CA ALA A 403 30.33 0.04 -39.80
C ALA A 403 29.11 -0.10 -40.69
N LYS A 404 28.03 0.58 -40.30
CA LYS A 404 26.76 0.48 -41.01
C LYS A 404 26.30 1.83 -41.57
N TYR A 405 26.25 2.87 -40.75
CA TYR A 405 25.81 4.19 -41.20
C TYR A 405 26.94 5.20 -41.07
N VAL A 406 26.92 6.19 -41.97
CA VAL A 406 27.80 7.33 -41.92
C VAL A 406 26.94 8.58 -41.82
N ILE A 407 27.17 9.37 -40.79
CA ILE A 407 26.36 10.55 -40.49
C ILE A 407 27.22 11.78 -40.70
N ARG A 408 26.73 12.72 -41.50
CA ARG A 408 27.46 13.93 -41.79
C ARG A 408 27.39 14.90 -40.60
N ASP A 409 28.11 16.02 -40.72
CA ASP A 409 27.95 17.10 -39.77
C ASP A 409 26.52 17.63 -39.78
N ASN A 410 25.95 17.79 -40.98
CA ASN A 410 24.57 18.22 -41.13
C ASN A 410 23.58 17.10 -40.87
N GLY A 411 24.04 15.96 -40.35
CA GLY A 411 23.18 14.85 -40.04
C GLY A 411 22.88 13.90 -41.19
N ASP A 412 23.35 14.21 -42.40
CA ASP A 412 23.08 13.36 -43.54
C ASP A 412 23.63 11.96 -43.31
N ARG A 413 22.73 10.99 -43.20
CA ARG A 413 23.09 9.59 -43.09
C ARG A 413 23.56 9.08 -44.44
N ILE A 414 24.33 8.01 -44.43
CA ILE A 414 24.69 7.26 -45.63
C ILE A 414 24.64 5.78 -45.30
N ASP A 415 23.60 5.10 -45.75
CA ASP A 415 23.51 3.66 -45.63
C ASP A 415 24.59 3.05 -46.53
N LEU A 416 25.38 2.14 -45.97
CA LEU A 416 26.45 1.51 -46.73
C LEU A 416 25.93 0.36 -47.60
N ARG A 417 24.66 0.02 -47.47
CA ARG A 417 24.11 -1.09 -48.26
C ARG A 417 23.80 -0.67 -49.68
N TYR A 418 22.91 0.31 -49.84
CA TYR A 418 22.41 0.71 -51.16
C TYR A 418 23.27 1.80 -51.78
N HIS A 419 24.54 1.85 -51.40
CA HIS A 419 25.46 2.87 -51.90
C HIS A 419 26.57 2.17 -52.68
N LYS A 420 26.54 2.33 -54.00
CA LYS A 420 27.56 1.74 -54.87
C LYS A 420 28.90 2.47 -54.78
N ARG A 421 28.94 3.62 -54.13
CA ARG A 421 30.14 4.44 -54.02
C ARG A 421 30.76 4.30 -52.62
N ALA A 422 30.70 3.09 -52.07
CA ALA A 422 31.16 2.88 -50.70
C ALA A 422 32.61 3.32 -50.53
N GLY A 423 33.48 2.93 -51.46
CA GLY A 423 34.87 3.36 -51.41
C GLY A 423 35.05 4.83 -51.75
N ASP A 424 34.00 5.48 -52.26
CA ASP A 424 34.06 6.87 -52.67
C ASP A 424 33.48 7.82 -51.63
N ILE A 425 33.65 7.51 -50.35
CA ILE A 425 33.21 8.35 -49.24
C ILE A 425 34.41 8.70 -48.40
N VAL A 426 34.56 9.98 -48.06
CA VAL A 426 35.66 10.47 -47.26
C VAL A 426 35.11 10.96 -45.94
N LEU A 427 35.60 10.40 -44.84
CA LEU A 427 35.18 10.82 -43.52
C LEU A 427 35.71 12.20 -43.21
N GLN A 428 34.93 12.96 -42.44
CA GLN A 428 35.32 14.28 -41.97
C GLN A 428 35.33 14.28 -40.45
N TYR A 429 36.31 14.95 -39.87
CA TYR A 429 36.39 15.02 -38.42
C TYR A 429 35.09 15.56 -37.86
N GLY A 430 34.57 14.88 -36.85
CA GLY A 430 33.28 15.19 -36.28
C GLY A 430 32.13 14.38 -36.83
N TRP A 431 32.30 13.72 -37.97
CA TRP A 431 31.26 12.86 -38.50
C TRP A 431 31.09 11.66 -37.57
N LYS A 432 29.87 11.13 -37.51
CA LYS A 432 29.54 10.05 -36.59
C LYS A 432 29.56 8.72 -37.32
N VAL A 433 30.05 7.69 -36.64
CA VAL A 433 30.21 6.36 -37.20
C VAL A 433 29.42 5.37 -36.35
N GLU A 434 28.45 4.71 -36.98
CA GLU A 434 27.74 3.60 -36.35
C GLU A 434 28.57 2.33 -36.59
N ARG A 435 29.76 2.32 -36.01
CA ARG A 435 30.66 1.20 -36.16
C ARG A 435 29.98 -0.10 -35.72
N HIS A 436 30.56 -1.22 -36.14
CA HIS A 436 30.17 -2.49 -35.55
C HIS A 436 30.47 -2.47 -34.06
N LEU A 437 29.66 -3.22 -33.31
CA LEU A 437 29.89 -3.35 -31.87
C LEU A 437 31.18 -4.11 -31.64
N MET A 438 32.23 -3.41 -31.21
CA MET A 438 33.55 -3.99 -31.14
C MET A 438 33.78 -4.63 -29.76
N ASP A 439 34.80 -5.49 -29.70
CA ASP A 439 35.05 -6.23 -28.48
C ASP A 439 35.49 -5.30 -27.35
N ASP A 440 35.29 -5.76 -26.12
CA ASP A 440 35.67 -5.09 -24.89
C ASP A 440 34.84 -3.84 -24.62
N ASP A 441 33.94 -3.47 -25.51
CA ASP A 441 33.14 -2.28 -25.31
C ASP A 441 32.22 -2.47 -24.11
N PRO A 442 32.10 -1.48 -23.22
CA PRO A 442 31.16 -1.62 -22.11
C PRO A 442 29.73 -1.68 -22.62
N VAL A 443 28.91 -2.52 -21.99
CA VAL A 443 27.51 -2.68 -22.35
C VAL A 443 26.73 -3.07 -21.11
N LEU A 444 25.41 -2.86 -21.18
CA LEU A 444 24.54 -3.12 -20.05
C LEU A 444 24.22 -4.61 -19.99
N PHE A 445 23.66 -5.04 -18.86
CA PHE A 445 23.40 -6.45 -18.63
C PHE A 445 22.27 -6.56 -17.63
N ASN A 446 21.15 -7.12 -18.08
CA ASN A 446 19.92 -7.07 -17.29
C ASN A 446 19.16 -8.39 -17.39
N ARG A 447 18.80 -8.90 -16.23
CA ARG A 447 18.08 -10.17 -16.10
C ARG A 447 16.88 -9.96 -15.19
N GLN A 448 15.90 -10.84 -15.32
CA GLN A 448 14.65 -10.68 -14.59
C GLN A 448 14.34 -11.91 -13.75
N PRO A 449 13.56 -11.76 -12.67
CA PRO A 449 13.09 -10.46 -12.18
C PRO A 449 14.21 -9.67 -11.51
N SER A 450 14.14 -8.34 -11.59
CA SER A 450 15.21 -7.47 -11.10
C SER A 450 14.90 -7.07 -9.66
N LEU A 451 15.02 -8.04 -8.76
CA LEU A 451 14.66 -7.83 -7.37
C LEU A 451 15.51 -6.75 -6.72
N HIS A 452 16.81 -6.75 -7.00
CA HIS A 452 17.75 -5.83 -6.39
C HIS A 452 18.83 -5.45 -7.38
N LYS A 453 19.56 -4.39 -7.04
CA LYS A 453 20.47 -3.74 -7.99
C LYS A 453 21.48 -4.74 -8.54
N MET A 454 21.84 -5.75 -7.75
CA MET A 454 22.76 -6.76 -8.24
C MET A 454 22.14 -7.61 -9.33
N SER A 455 20.82 -7.53 -9.52
CA SER A 455 20.17 -8.26 -10.59
C SER A 455 20.63 -7.83 -11.97
N MET A 456 21.24 -6.66 -12.09
CA MET A 456 21.74 -6.15 -13.36
C MET A 456 23.15 -5.63 -13.16
N MET A 457 23.91 -5.55 -14.25
CA MET A 457 25.29 -5.07 -14.29
C MET A 457 25.61 -4.62 -15.71
N ALA A 458 26.85 -4.16 -15.90
CA ALA A 458 27.40 -3.83 -17.22
C ALA A 458 28.70 -4.61 -17.41
N HIS A 459 28.97 -5.00 -18.66
CA HIS A 459 30.08 -5.88 -18.97
C HIS A 459 30.87 -5.38 -20.18
N ARG A 460 32.08 -5.92 -20.32
CA ARG A 460 32.96 -5.67 -21.46
C ARG A 460 32.70 -6.72 -22.53
N VAL A 461 32.54 -6.26 -23.76
CA VAL A 461 32.18 -7.14 -24.86
C VAL A 461 33.33 -8.12 -25.12
N LYS A 462 32.99 -9.37 -25.36
CA LYS A 462 33.90 -10.34 -25.93
C LYS A 462 33.13 -11.18 -26.93
N VAL A 463 33.13 -10.75 -28.18
CA VAL A 463 32.34 -11.39 -29.23
C VAL A 463 32.96 -12.74 -29.56
N MET A 464 32.11 -13.76 -29.64
CA MET A 464 32.47 -15.06 -30.17
C MET A 464 31.36 -15.54 -31.09
N PRO A 465 31.62 -16.56 -31.90
CA PRO A 465 30.54 -17.15 -32.70
C PRO A 465 29.53 -17.86 -31.81
N TYR A 466 28.57 -18.54 -32.42
CA TYR A 466 27.47 -19.19 -31.72
C TYR A 466 26.54 -18.14 -31.10
N SER A 467 25.29 -18.52 -30.84
CA SER A 467 24.21 -17.59 -30.61
C SER A 467 23.70 -17.64 -29.17
N THR A 468 24.61 -17.66 -28.20
CA THR A 468 24.24 -17.63 -26.79
C THR A 468 25.13 -16.66 -26.06
N PHE A 469 24.65 -16.18 -24.92
CA PHE A 469 25.45 -15.28 -24.10
C PHE A 469 26.23 -16.08 -23.08
N ARG A 470 27.54 -15.89 -23.09
CA ARG A 470 28.48 -16.67 -22.28
C ARG A 470 28.86 -15.85 -21.07
N LEU A 471 28.79 -16.47 -19.90
CA LEU A 471 28.95 -15.77 -18.63
C LEU A 471 29.97 -16.49 -17.77
N ASN A 472 30.84 -15.71 -17.13
CA ASN A 472 31.71 -16.31 -16.13
C ASN A 472 30.87 -16.89 -15.01
N LEU A 473 31.16 -18.13 -14.65
CA LEU A 473 30.23 -18.91 -13.85
C LEU A 473 29.96 -18.29 -12.49
N SER A 474 30.80 -17.37 -12.02
CA SER A 474 30.58 -16.75 -10.73
C SER A 474 29.42 -15.74 -10.78
N VAL A 475 29.22 -15.11 -11.94
CA VAL A 475 28.23 -14.05 -12.07
C VAL A 475 26.85 -14.59 -11.75
N THR A 476 26.68 -15.90 -11.85
CA THR A 476 25.37 -16.51 -11.70
C THR A 476 24.77 -16.22 -10.33
N SER A 477 25.59 -16.31 -9.28
CA SER A 477 25.06 -16.16 -7.92
C SER A 477 24.11 -14.97 -7.78
N PRO A 478 24.55 -13.73 -8.02
CA PRO A 478 23.58 -12.63 -7.97
C PRO A 478 22.46 -12.80 -8.97
N TYR A 479 22.75 -13.40 -10.13
CA TYR A 479 21.70 -13.70 -11.09
C TYR A 479 20.92 -14.94 -10.71
N ASN A 480 21.41 -15.73 -9.76
CA ASN A 480 20.64 -16.84 -9.19
C ASN A 480 19.99 -17.67 -10.28
N ALA A 481 20.77 -17.98 -11.32
CA ALA A 481 20.26 -18.65 -12.51
C ALA A 481 21.12 -19.85 -12.85
N ASP A 482 20.57 -20.76 -13.64
CA ASP A 482 21.31 -21.88 -14.20
C ASP A 482 21.03 -21.97 -15.69
N PHE A 483 21.64 -22.95 -16.34
CA PHE A 483 21.50 -23.13 -17.77
C PHE A 483 20.38 -24.10 -18.13
N ASP A 484 19.34 -24.15 -17.30
CA ASP A 484 18.15 -24.96 -17.54
C ASP A 484 17.19 -24.32 -18.54
N GLY A 485 17.62 -23.31 -19.29
CA GLY A 485 16.74 -22.66 -20.25
C GLY A 485 16.49 -21.19 -19.93
N ASP A 486 17.50 -20.52 -19.40
CA ASP A 486 17.33 -19.13 -18.98
C ASP A 486 17.83 -18.17 -20.07
N GLU A 487 17.01 -17.16 -20.34
CA GLU A 487 17.33 -16.14 -21.32
C GLU A 487 18.11 -15.03 -20.65
N MET A 488 18.26 -13.92 -21.38
CA MET A 488 19.00 -12.77 -20.88
C MET A 488 18.64 -11.54 -21.71
N ASN A 489 18.92 -10.37 -21.16
CA ASN A 489 18.70 -9.11 -21.84
C ASN A 489 19.92 -8.21 -21.70
N LEU A 490 20.10 -7.34 -22.68
CA LEU A 490 21.26 -6.45 -22.75
C LEU A 490 20.86 -5.15 -23.41
N HIS A 491 21.64 -4.10 -23.13
CA HIS A 491 21.49 -2.81 -23.79
C HIS A 491 22.87 -2.24 -24.06
N VAL A 492 23.00 -1.58 -25.20
CA VAL A 492 24.28 -1.10 -25.71
C VAL A 492 24.29 0.42 -25.62
N PRO A 493 25.36 1.03 -25.12
CA PRO A 493 25.43 2.50 -25.14
C PRO A 493 25.63 3.04 -26.54
N GLN A 494 25.21 4.28 -26.74
CA GLN A 494 25.32 4.97 -28.02
C GLN A 494 26.00 6.32 -27.84
N SER A 495 26.66 6.51 -26.71
CA SER A 495 27.37 7.76 -26.42
C SER A 495 28.55 7.43 -25.52
N GLU A 496 29.48 8.37 -25.40
CA GLU A 496 30.67 8.19 -24.57
C GLU A 496 30.41 8.48 -23.10
N GLU A 497 29.77 9.61 -22.78
CA GLU A 497 29.41 9.88 -21.40
C GLU A 497 28.65 8.70 -20.81
N THR A 498 27.72 8.12 -21.57
CA THR A 498 27.06 6.90 -21.13
C THR A 498 28.08 5.77 -20.98
N ARG A 499 29.00 5.64 -21.94
CA ARG A 499 29.98 4.56 -21.90
C ARG A 499 30.90 4.72 -20.70
N ALA A 500 31.40 5.94 -20.48
CA ALA A 500 32.22 6.18 -19.30
C ALA A 500 31.44 5.91 -18.02
N GLU A 501 30.20 6.38 -17.95
CA GLU A 501 29.39 6.20 -16.76
C GLU A 501 29.20 4.73 -16.45
N LEU A 502 28.85 3.94 -17.46
CA LEU A 502 28.74 2.49 -17.25
C LEU A 502 30.07 1.92 -16.77
N SER A 503 31.14 2.21 -17.50
CA SER A 503 32.44 1.64 -17.15
C SER A 503 32.81 1.95 -15.71
N GLN A 504 32.45 3.13 -15.24
CA GLN A 504 32.88 3.61 -13.93
C GLN A 504 31.89 3.27 -12.82
N LEU A 505 30.64 2.96 -13.15
CA LEU A 505 29.61 2.73 -12.15
C LEU A 505 29.12 1.29 -12.13
N CYS A 506 28.70 0.77 -13.28
CA CYS A 506 28.14 -0.57 -13.36
C CYS A 506 29.22 -1.64 -13.55
N ALA A 507 30.49 -1.27 -13.47
CA ALA A 507 31.54 -2.26 -13.54
C ALA A 507 31.28 -3.35 -12.51
N VAL A 508 31.16 -4.58 -12.99
CA VAL A 508 30.80 -5.70 -12.12
C VAL A 508 31.70 -5.75 -10.89
N PRO A 509 33.02 -5.62 -11.00
CA PRO A 509 33.86 -5.68 -9.80
C PRO A 509 33.47 -4.67 -8.74
N LEU A 510 33.08 -3.46 -9.14
CA LEU A 510 32.63 -2.48 -8.17
C LEU A 510 31.55 -3.02 -7.24
N GLN A 511 30.73 -3.94 -7.73
CA GLN A 511 29.57 -4.44 -6.98
C GLN A 511 29.83 -5.81 -6.37
N ILE A 512 31.08 -6.23 -6.24
CA ILE A 512 31.37 -7.54 -5.69
C ILE A 512 30.73 -7.69 -4.31
N VAL A 513 30.95 -6.71 -3.43
CA VAL A 513 30.39 -6.75 -2.09
C VAL A 513 28.94 -6.32 -2.16
N SER A 514 28.14 -6.85 -1.26
CA SER A 514 26.71 -6.57 -1.24
C SER A 514 26.34 -5.79 0.01
N PRO A 515 25.87 -4.54 -0.12
CA PRO A 515 25.40 -3.82 1.07
C PRO A 515 24.19 -4.50 1.69
N GLN A 516 23.59 -5.43 0.94
CA GLN A 516 22.41 -6.14 1.43
C GLN A 516 22.61 -6.55 2.88
N SER A 517 23.64 -7.36 3.14
CA SER A 517 24.15 -7.61 4.47
C SER A 517 25.63 -7.25 4.53
N ASN A 518 26.03 -6.22 3.77
CA ASN A 518 27.39 -5.72 3.76
C ASN A 518 28.42 -6.84 3.60
N LYS A 519 28.13 -7.80 2.72
CA LYS A 519 29.01 -8.94 2.51
C LYS A 519 29.12 -9.24 1.02
N PRO A 520 30.11 -10.04 0.63
CA PRO A 520 30.18 -10.47 -0.77
C PRO A 520 28.93 -11.24 -1.17
N VAL A 521 28.50 -11.04 -2.42
CA VAL A 521 27.35 -11.77 -2.92
C VAL A 521 27.76 -13.02 -3.72
N MET A 522 28.79 -12.94 -4.56
CA MET A 522 29.21 -14.09 -5.34
C MET A 522 30.06 -15.01 -4.47
N GLY A 523 30.65 -16.02 -5.11
CA GLY A 523 31.55 -16.94 -4.44
C GLY A 523 31.93 -18.04 -5.40
N ILE A 524 32.97 -18.77 -5.02
CA ILE A 524 33.39 -19.92 -5.81
C ILE A 524 32.34 -21.01 -5.67
N VAL A 525 31.90 -21.57 -6.79
CA VAL A 525 30.70 -22.38 -6.82
C VAL A 525 30.90 -23.66 -7.62
N GLN A 526 30.06 -24.63 -7.31
CA GLN A 526 29.81 -25.81 -8.14
C GLN A 526 31.13 -26.51 -8.44
N ASP A 527 31.40 -26.88 -9.70
CA ASP A 527 32.58 -27.69 -9.99
C ASP A 527 33.83 -27.06 -9.39
N THR A 528 33.99 -25.74 -9.55
CA THR A 528 35.14 -25.09 -8.98
C THR A 528 35.15 -25.24 -7.47
N LEU A 529 34.00 -25.05 -6.83
CA LEU A 529 33.94 -25.09 -5.38
C LEU A 529 34.28 -26.48 -4.84
N CYS A 530 33.58 -27.50 -5.33
CA CYS A 530 33.87 -28.85 -4.87
C CYS A 530 35.28 -29.27 -5.23
N GLY A 531 35.78 -28.83 -6.39
CA GLY A 531 37.12 -29.15 -6.81
C GLY A 531 38.15 -28.56 -5.86
N VAL A 532 38.02 -27.27 -5.55
CA VAL A 532 38.96 -26.65 -4.63
C VAL A 532 38.87 -27.30 -3.25
N ARG A 533 37.66 -27.72 -2.85
CA ARG A 533 37.54 -28.48 -1.62
C ARG A 533 38.52 -29.66 -1.62
N LYS A 534 38.66 -30.34 -2.76
CA LYS A 534 39.52 -31.51 -2.82
C LYS A 534 40.98 -31.14 -3.08
N MET A 535 41.24 -30.01 -3.74
CA MET A 535 42.62 -29.57 -3.89
C MET A 535 43.30 -29.46 -2.54
N THR A 536 42.59 -28.88 -1.56
CA THR A 536 43.15 -28.55 -0.28
C THR A 536 43.22 -29.75 0.65
N LEU A 537 43.04 -30.96 0.13
CA LEU A 537 43.19 -32.14 0.94
C LEU A 537 44.66 -32.37 1.27
N ARG A 538 44.93 -32.66 2.54
CA ARG A 538 46.30 -32.67 3.02
C ARG A 538 47.22 -33.54 2.17
N ASP A 539 46.83 -34.77 1.87
CA ASP A 539 47.64 -35.69 1.08
C ASP A 539 47.46 -35.43 -0.41
N THR A 540 47.65 -34.18 -0.83
CA THR A 540 47.48 -33.78 -2.22
C THR A 540 48.87 -33.51 -2.78
N PHE A 541 49.22 -34.20 -3.85
CA PHE A 541 50.54 -34.11 -4.45
C PHE A 541 50.41 -33.94 -5.96
N ILE A 542 51.28 -33.12 -6.53
CA ILE A 542 51.19 -32.76 -7.94
C ILE A 542 52.56 -32.97 -8.57
N GLU A 543 52.57 -33.46 -9.81
CA GLU A 543 53.80 -33.77 -10.52
C GLU A 543 54.43 -32.51 -11.07
N TYR A 544 55.71 -32.60 -11.45
CA TYR A 544 56.42 -31.42 -11.92
C TYR A 544 55.72 -30.80 -13.13
N GLU A 545 55.68 -31.53 -14.25
CA GLU A 545 55.13 -30.97 -15.47
C GLU A 545 53.68 -30.53 -15.30
N GLN A 546 52.92 -31.29 -14.51
CA GLN A 546 51.55 -30.89 -14.23
C GLN A 546 51.52 -29.53 -13.55
N VAL A 547 52.39 -29.35 -12.53
CA VAL A 547 52.51 -28.06 -11.87
C VAL A 547 52.89 -27.00 -12.88
N MET A 548 53.78 -27.34 -13.81
CA MET A 548 54.21 -26.40 -14.83
C MET A 548 52.99 -25.92 -15.62
N ASN A 549 52.13 -26.85 -15.99
CA ASN A 549 50.95 -26.51 -16.79
C ASN A 549 50.00 -25.62 -16.00
N MET A 550 49.69 -26.00 -14.75
CA MET A 550 48.80 -25.12 -13.97
C MET A 550 49.41 -23.73 -13.80
N LEU A 551 50.68 -23.66 -13.44
CA LEU A 551 51.34 -22.37 -13.27
C LEU A 551 51.21 -21.54 -14.54
N PHE A 552 51.33 -22.19 -15.71
CA PHE A 552 51.08 -21.50 -16.96
C PHE A 552 49.61 -21.12 -17.14
N TRP A 553 48.70 -21.82 -16.45
CA TRP A 553 47.28 -21.53 -16.62
C TRP A 553 46.89 -20.22 -15.96
N VAL A 554 47.73 -19.70 -15.07
CA VAL A 554 47.49 -18.41 -14.45
C VAL A 554 48.10 -17.32 -15.31
N PRO A 555 47.31 -16.43 -15.92
CA PRO A 555 47.91 -15.27 -16.60
C PRO A 555 48.44 -14.24 -15.63
N SER A 556 48.11 -14.37 -14.35
CA SER A 556 48.60 -13.48 -13.30
C SER A 556 49.77 -14.10 -12.54
N TRP A 557 50.40 -15.13 -13.08
CA TRP A 557 51.52 -15.77 -12.41
C TRP A 557 52.77 -14.89 -12.52
N ASP A 558 53.60 -14.95 -11.47
CA ASP A 558 54.80 -14.12 -11.38
C ASP A 558 55.86 -14.49 -12.41
N GLY A 559 55.70 -15.62 -13.10
CA GLY A 559 56.78 -16.13 -13.92
C GLY A 559 57.84 -16.85 -13.12
N VAL A 560 57.62 -17.02 -11.82
CA VAL A 560 58.58 -17.63 -10.91
C VAL A 560 57.92 -18.86 -10.33
N VAL A 561 58.45 -20.03 -10.65
CA VAL A 561 57.82 -21.28 -10.21
C VAL A 561 58.15 -21.51 -8.74
N PRO A 562 57.18 -21.89 -7.91
CA PRO A 562 57.50 -22.20 -6.52
C PRO A 562 58.31 -23.48 -6.40
N GLN A 563 59.08 -23.55 -5.33
CA GLN A 563 59.75 -24.80 -4.99
C GLN A 563 58.70 -25.83 -4.56
N PRO A 564 58.97 -27.12 -4.76
CA PRO A 564 58.05 -28.15 -4.27
C PRO A 564 58.08 -28.25 -2.76
N ALA A 565 56.95 -28.70 -2.20
CA ALA A 565 56.91 -28.99 -0.77
C ALA A 565 57.89 -30.09 -0.40
N ILE A 566 57.93 -31.18 -1.17
CA ILE A 566 58.91 -32.24 -1.01
C ILE A 566 59.96 -32.05 -2.08
N LEU A 567 61.23 -32.12 -1.69
CA LEU A 567 62.33 -32.09 -2.65
C LEU A 567 63.03 -33.44 -2.78
N LYS A 568 62.98 -34.28 -1.75
CA LYS A 568 63.54 -35.61 -1.81
C LYS A 568 62.49 -36.58 -1.29
N PRO A 569 62.36 -37.77 -1.89
CA PRO A 569 63.11 -38.23 -3.06
C PRO A 569 62.59 -37.64 -4.36
N LYS A 570 61.27 -37.50 -4.46
CA LYS A 570 60.63 -37.00 -5.66
C LYS A 570 60.09 -35.59 -5.41
N PRO A 571 60.52 -34.58 -6.17
CA PRO A 571 59.96 -33.25 -6.00
C PRO A 571 58.47 -33.23 -6.33
N LEU A 572 57.66 -32.76 -5.38
CA LEU A 572 56.21 -32.76 -5.51
C LEU A 572 55.64 -31.47 -4.97
N TRP A 573 54.47 -31.09 -5.46
CA TRP A 573 53.77 -29.89 -5.03
C TRP A 573 52.39 -30.25 -4.52
N THR A 574 51.92 -29.48 -3.54
CA THR A 574 50.58 -29.64 -3.02
C THR A 574 49.66 -28.61 -3.67
N GLY A 575 48.38 -28.99 -3.83
CA GLY A 575 47.42 -28.06 -4.40
C GLY A 575 47.36 -26.75 -3.65
N LYS A 576 47.62 -26.80 -2.34
CA LYS A 576 47.70 -25.57 -1.57
C LYS A 576 48.75 -24.63 -2.15
N GLN A 577 49.87 -25.18 -2.61
CA GLN A 577 50.91 -24.34 -3.20
C GLN A 577 50.38 -23.60 -4.42
N LEU A 578 49.78 -24.31 -5.36
CA LEU A 578 49.27 -23.67 -6.57
C LEU A 578 48.20 -22.65 -6.22
N LEU A 579 47.30 -23.02 -5.31
CA LEU A 579 46.28 -22.08 -4.88
C LEU A 579 46.90 -20.80 -4.35
N SER A 580 47.94 -20.94 -3.51
CA SER A 580 48.64 -19.75 -3.03
C SER A 580 49.24 -18.96 -4.17
N ILE A 581 49.81 -19.65 -5.16
CA ILE A 581 50.35 -18.96 -6.33
C ILE A 581 49.27 -18.09 -6.96
N ALA A 582 48.06 -18.62 -7.09
CA ALA A 582 46.96 -17.82 -7.62
C ALA A 582 46.70 -16.59 -6.76
N ILE A 583 46.71 -16.76 -5.44
CA ILE A 583 46.35 -15.66 -4.54
C ILE A 583 47.39 -14.55 -4.67
N PRO A 584 47.00 -13.29 -4.56
CA PRO A 584 47.99 -12.20 -4.52
C PRO A 584 48.77 -12.21 -3.22
N SER A 585 49.80 -11.37 -3.18
CA SER A 585 50.68 -11.35 -2.01
C SER A 585 50.14 -10.41 -0.94
N GLY A 586 50.83 -10.40 0.20
CA GLY A 586 50.48 -9.52 1.28
C GLY A 586 49.12 -9.80 1.89
N ILE A 587 48.54 -10.95 1.57
CA ILE A 587 47.21 -11.32 2.05
C ILE A 587 47.37 -12.18 3.28
N HIS A 588 46.42 -12.08 4.19
CA HIS A 588 46.44 -12.85 5.44
C HIS A 588 45.04 -13.33 5.77
N LEU A 589 44.98 -14.47 6.44
CA LEU A 589 43.71 -14.98 6.92
C LEU A 589 43.97 -16.03 8.00
N GLN A 590 43.03 -16.12 8.94
CA GLN A 590 42.99 -17.21 9.90
C GLN A 590 41.52 -17.54 10.14
N ARG A 591 41.26 -18.80 10.47
CA ARG A 591 39.94 -19.12 11.01
C ARG A 591 40.06 -20.39 11.83
N THR A 592 39.70 -20.27 13.11
CA THR A 592 39.75 -21.37 14.07
C THR A 592 38.41 -22.10 13.97
N ASP A 593 38.44 -23.26 13.32
CA ASP A 593 37.22 -24.04 13.09
C ASP A 593 36.95 -24.88 14.33
N GLY A 594 35.95 -24.47 15.10
CA GLY A 594 35.50 -25.26 16.25
C GLY A 594 36.52 -25.40 17.36
N GLY A 595 37.26 -24.35 17.68
CA GLY A 595 38.24 -24.42 18.75
C GLY A 595 39.36 -25.40 18.48
N ASN A 596 39.92 -25.38 17.28
CA ASN A 596 40.98 -26.30 16.91
C ASN A 596 42.35 -25.75 17.33
N SER A 597 43.38 -26.54 17.08
CA SER A 597 44.76 -26.14 17.35
C SER A 597 45.45 -25.70 16.08
N LEU A 598 46.58 -25.02 16.24
CA LEU A 598 47.39 -24.64 15.10
C LEU A 598 47.83 -25.84 14.28
N LEU A 599 48.06 -26.98 14.92
CA LEU A 599 48.47 -28.18 14.21
C LEU A 599 47.35 -28.73 13.34
N SER A 600 46.10 -28.31 13.58
CA SER A 600 44.96 -28.73 12.77
C SER A 600 44.92 -30.25 12.66
N PRO A 601 44.68 -30.96 13.76
CA PRO A 601 44.63 -32.43 13.67
C PRO A 601 43.60 -32.93 12.68
N LYS A 602 42.47 -32.22 12.54
CA LYS A 602 41.42 -32.61 11.62
C LYS A 602 41.65 -32.09 10.21
N ASP A 603 42.73 -31.33 9.97
CA ASP A 603 42.93 -30.61 8.73
C ASP A 603 41.94 -29.47 8.55
N ASN A 604 41.13 -29.22 9.57
CA ASN A 604 40.16 -28.12 9.53
C ASN A 604 40.91 -26.83 9.87
N GLY A 605 40.20 -25.74 10.09
CA GLY A 605 40.83 -24.47 10.32
C GLY A 605 41.60 -24.03 9.09
N MET A 606 41.90 -22.74 9.05
CA MET A 606 42.51 -22.15 7.86
C MET A 606 43.42 -21.02 8.27
N LEU A 607 44.49 -20.83 7.50
CA LEU A 607 45.41 -19.74 7.74
C LEU A 607 46.09 -19.38 6.44
N ILE A 608 46.09 -18.10 6.12
CA ILE A 608 46.79 -17.58 4.95
C ILE A 608 47.68 -16.44 5.42
N VAL A 609 48.87 -16.36 4.85
CA VAL A 609 49.84 -15.31 5.15
C VAL A 609 50.46 -14.89 3.83
N ASP A 610 50.46 -13.58 3.56
CA ASP A 610 51.01 -13.07 2.30
C ASP A 610 50.31 -13.74 1.12
N GLY A 611 49.08 -14.18 1.34
CA GLY A 611 48.38 -14.94 0.32
C GLY A 611 48.84 -16.37 0.21
N LYS A 612 49.63 -16.86 1.17
CA LYS A 612 50.17 -18.21 1.12
C LYS A 612 49.35 -19.10 2.05
N VAL A 613 48.74 -20.13 1.47
CA VAL A 613 47.89 -21.02 2.25
C VAL A 613 48.76 -21.72 3.28
N MET A 614 48.52 -21.41 4.55
CA MET A 614 49.30 -22.03 5.61
C MET A 614 48.75 -23.39 6.00
N PHE A 615 47.43 -23.54 6.04
CA PHE A 615 46.81 -24.83 6.31
C PHE A 615 45.31 -24.70 6.09
N GLY A 616 44.64 -25.85 6.11
CA GLY A 616 43.18 -25.88 6.04
C GLY A 616 42.60 -26.35 4.73
N VAL A 617 41.37 -26.85 4.79
CA VAL A 617 40.63 -27.23 3.59
C VAL A 617 39.64 -26.12 3.27
N VAL A 618 39.76 -25.56 2.07
CA VAL A 618 38.93 -24.43 1.66
C VAL A 618 37.50 -24.92 1.45
N ASP A 619 36.53 -24.10 1.83
CA ASP A 619 35.13 -24.50 1.79
C ASP A 619 34.27 -23.26 1.54
N LYS A 620 32.97 -23.46 1.38
CA LYS A 620 32.05 -22.34 1.26
C LYS A 620 32.25 -21.37 2.41
N LYS A 621 32.34 -21.88 3.64
CA LYS A 621 32.58 -21.03 4.79
C LYS A 621 33.84 -20.19 4.61
N THR A 622 34.70 -20.56 3.66
CA THR A 622 35.89 -19.80 3.32
C THR A 622 35.73 -18.98 2.05
N VAL A 623 35.30 -19.62 0.96
CA VAL A 623 35.31 -19.00 -0.35
C VAL A 623 33.89 -18.83 -0.91
N GLY A 624 32.87 -19.00 -0.07
CA GLY A 624 31.50 -18.73 -0.47
C GLY A 624 31.26 -17.24 -0.56
N SER A 625 29.99 -16.87 -0.49
CA SER A 625 29.59 -15.47 -0.43
C SER A 625 29.51 -14.95 1.00
N GLY A 626 29.83 -15.78 1.99
CA GLY A 626 29.77 -15.33 3.37
C GLY A 626 30.59 -14.07 3.59
N GLY A 627 30.31 -13.42 4.72
CA GLY A 627 31.00 -12.18 5.04
C GLY A 627 32.44 -12.45 5.46
N GLY A 628 33.26 -11.41 5.34
CA GLY A 628 34.67 -11.49 5.71
C GLY A 628 35.49 -12.43 4.87
N GLY A 629 34.89 -13.15 3.94
CA GLY A 629 35.57 -14.21 3.22
C GLY A 629 36.84 -13.74 2.55
N LEU A 630 37.69 -14.72 2.25
CA LEU A 630 38.88 -14.47 1.44
C LEU A 630 38.59 -13.50 0.32
N ILE A 631 37.54 -13.79 -0.47
CA ILE A 631 37.14 -12.89 -1.53
C ILE A 631 36.86 -11.50 -0.97
N HIS A 632 36.16 -11.44 0.17
CA HIS A 632 35.84 -10.15 0.76
C HIS A 632 37.11 -9.36 1.05
N THR A 633 38.06 -10.00 1.74
CA THR A 633 39.28 -9.30 2.12
C THR A 633 40.08 -8.89 0.88
N VAL A 634 40.09 -9.75 -0.15
CA VAL A 634 40.79 -9.40 -1.38
C VAL A 634 40.17 -8.14 -1.97
N MET A 635 38.84 -8.08 -2.04
CA MET A 635 38.18 -6.85 -2.45
C MET A 635 38.69 -5.68 -1.62
N ARG A 636 38.51 -5.77 -0.30
CA ARG A 636 38.87 -4.66 0.57
C ARG A 636 40.28 -4.15 0.30
N GLU A 637 41.25 -5.05 0.25
CA GLU A 637 42.65 -4.63 0.18
C GLU A 637 43.05 -4.29 -1.25
N LYS A 638 42.99 -5.27 -2.15
CA LYS A 638 43.49 -5.14 -3.50
C LYS A 638 42.44 -4.61 -4.47
N GLY A 639 41.40 -3.96 -3.98
CA GLY A 639 40.45 -3.31 -4.83
C GLY A 639 39.71 -4.30 -5.72
N PRO A 640 38.98 -3.78 -6.69
CA PRO A 640 38.10 -4.62 -7.51
C PRO A 640 38.82 -5.54 -8.50
N LYS A 641 39.74 -4.94 -9.26
CA LYS A 641 40.36 -5.67 -10.37
C LYS A 641 41.09 -6.90 -9.88
N ILE A 642 41.84 -6.75 -8.78
CA ILE A 642 42.59 -7.88 -8.26
C ILE A 642 41.66 -8.99 -7.82
N CYS A 643 40.57 -8.65 -7.13
CA CYS A 643 39.65 -9.67 -6.66
C CYS A 643 38.94 -10.37 -7.81
N ALA A 644 38.66 -9.65 -8.90
CA ALA A 644 38.03 -10.29 -10.05
C ALA A 644 39.00 -11.24 -10.75
N GLU A 645 40.23 -10.78 -10.98
CA GLU A 645 41.23 -11.67 -11.55
C GLU A 645 41.47 -12.87 -10.64
N LEU A 646 41.29 -12.69 -9.34
CA LEU A 646 41.37 -13.82 -8.42
C LEU A 646 40.36 -14.90 -8.81
N PHE A 647 39.10 -14.50 -8.99
CA PHE A 647 38.09 -15.46 -9.42
C PHE A 647 38.48 -16.10 -10.73
N GLY A 648 38.95 -15.29 -11.68
CA GLY A 648 39.30 -15.84 -12.99
C GLY A 648 40.36 -16.91 -12.90
N ASN A 649 41.45 -16.63 -12.18
CA ASN A 649 42.53 -17.59 -12.06
C ASN A 649 42.09 -18.81 -11.27
N ILE A 650 41.28 -18.59 -10.24
CA ILE A 650 40.77 -19.71 -9.45
C ILE A 650 40.01 -20.67 -10.35
N GLN A 651 39.07 -20.15 -11.13
CA GLN A 651 38.37 -20.99 -12.09
C GLN A 651 39.35 -21.72 -12.99
N LYS A 652 40.25 -20.96 -13.61
CA LYS A 652 41.21 -21.56 -14.53
C LYS A 652 41.87 -22.79 -13.92
N VAL A 653 42.59 -22.59 -12.81
CA VAL A 653 43.44 -23.65 -12.28
C VAL A 653 42.59 -24.77 -11.68
N VAL A 654 41.57 -24.41 -10.90
CA VAL A 654 40.73 -25.43 -10.29
C VAL A 654 40.14 -26.34 -11.35
N ASN A 655 39.55 -25.76 -12.39
CA ASN A 655 38.92 -26.57 -13.42
C ASN A 655 39.95 -27.38 -14.20
N TYR A 656 41.14 -26.80 -14.44
CA TYR A 656 42.16 -27.56 -15.16
C TYR A 656 42.60 -28.78 -14.37
N TRP A 657 42.92 -28.60 -13.09
CA TRP A 657 43.27 -29.74 -12.26
C TRP A 657 42.15 -30.76 -12.24
N LEU A 658 40.92 -30.33 -11.97
CA LEU A 658 39.80 -31.27 -11.98
C LEU A 658 39.78 -32.05 -13.28
N LEU A 659 39.72 -31.35 -14.41
CA LEU A 659 39.81 -32.00 -15.72
C LEU A 659 40.85 -33.11 -15.71
N HIS A 660 42.06 -32.79 -15.29
CA HIS A 660 43.11 -33.81 -15.26
C HIS A 660 42.97 -34.77 -14.09
N ASN A 661 41.91 -34.66 -13.31
CA ASN A 661 41.48 -35.69 -12.37
C ASN A 661 40.12 -36.25 -12.69
N GLY A 662 39.19 -35.38 -13.11
CA GLY A 662 37.82 -35.78 -13.33
C GLY A 662 37.10 -36.06 -12.04
N PHE A 663 35.78 -35.86 -12.03
CA PHE A 663 34.97 -36.24 -10.88
C PHE A 663 33.59 -36.66 -11.36
N SER A 664 33.06 -37.73 -10.78
CA SER A 664 31.76 -38.25 -11.18
C SER A 664 31.00 -38.67 -9.92
N ILE A 665 29.90 -39.37 -10.14
CA ILE A 665 29.05 -39.86 -9.07
C ILE A 665 28.33 -41.11 -9.57
N GLY A 666 28.03 -42.02 -8.65
CA GLY A 666 27.34 -43.26 -9.00
C GLY A 666 26.24 -43.55 -7.99
N ILE A 667 25.35 -44.47 -8.40
CA ILE A 667 24.22 -44.83 -7.57
C ILE A 667 24.68 -45.40 -6.25
N GLY A 668 25.78 -46.15 -6.25
CA GLY A 668 26.27 -46.76 -5.02
C GLY A 668 26.55 -45.76 -3.93
N ASP A 669 26.81 -44.50 -4.29
CA ASP A 669 27.09 -43.48 -3.28
C ASP A 669 25.94 -43.28 -2.31
N ALA A 670 24.71 -43.65 -2.70
CA ALA A 670 23.52 -43.36 -1.91
C ALA A 670 23.02 -44.58 -1.14
N ILE A 671 23.82 -45.64 -1.04
CA ILE A 671 23.41 -46.88 -0.40
C ILE A 671 24.43 -47.24 0.67
N ALA A 672 23.94 -47.75 1.79
CA ALA A 672 24.76 -48.06 2.96
C ALA A 672 24.87 -49.57 3.15
N ASP A 673 25.67 -49.96 4.15
CA ASP A 673 25.88 -51.36 4.46
C ASP A 673 24.69 -51.93 5.24
N ALA A 674 24.62 -53.27 5.30
CA ALA A 674 23.48 -53.92 5.91
C ALA A 674 23.32 -53.55 7.38
N SER A 675 24.42 -53.56 8.14
CA SER A 675 24.33 -53.25 9.57
C SER A 675 23.75 -51.87 9.79
N THR A 676 24.07 -50.92 8.92
CA THR A 676 23.51 -49.59 9.08
C THR A 676 22.00 -49.62 8.97
N MET A 677 21.47 -50.28 7.95
CA MET A 677 20.01 -50.39 7.83
C MET A 677 19.42 -51.16 9.01
N LYS A 678 20.16 -52.13 9.53
CA LYS A 678 19.71 -52.82 10.74
C LYS A 678 19.51 -51.83 11.87
N GLU A 679 20.51 -50.99 12.13
CA GLU A 679 20.40 -50.00 13.19
C GLU A 679 19.26 -49.03 12.91
N ILE A 680 19.14 -48.60 11.65
CA ILE A 680 18.06 -47.70 11.28
C ILE A 680 16.71 -48.32 11.59
N THR A 681 16.56 -49.60 11.27
CA THR A 681 15.30 -50.29 11.49
C THR A 681 15.01 -50.44 12.98
N HIS A 682 16.04 -50.72 13.78
CA HIS A 682 15.83 -50.79 15.21
C HIS A 682 15.39 -49.44 15.76
N ALA A 683 16.01 -48.37 15.28
CA ALA A 683 15.61 -47.03 15.70
C ALA A 683 14.16 -46.74 15.30
N ILE A 684 13.78 -47.13 14.08
CA ILE A 684 12.42 -46.92 13.63
C ILE A 684 11.43 -47.71 14.48
N SER A 685 11.78 -48.95 14.81
CA SER A 685 10.93 -49.75 15.67
C SER A 685 10.77 -49.11 17.03
N SER A 686 11.88 -48.62 17.60
CA SER A 686 11.80 -47.96 18.90
C SER A 686 10.92 -46.72 18.83
N ALA A 687 11.07 -45.91 17.78
CA ALA A 687 10.28 -44.70 17.66
C ALA A 687 8.80 -45.02 17.50
N LYS A 688 8.48 -46.03 16.68
CA LYS A 688 7.09 -46.41 16.51
C LYS A 688 6.51 -46.96 17.80
N GLU A 689 7.35 -47.66 18.58
CA GLU A 689 6.92 -48.10 19.90
C GLU A 689 6.63 -46.91 20.81
N GLN A 690 7.51 -45.90 20.79
CA GLN A 690 7.24 -44.68 21.53
C GLN A 690 5.89 -44.10 21.15
N VAL A 691 5.62 -44.01 19.85
CA VAL A 691 4.36 -43.44 19.39
C VAL A 691 3.18 -44.29 19.85
N GLN A 692 3.31 -45.62 19.76
CA GLN A 692 2.23 -46.49 20.20
C GLN A 692 1.98 -46.35 21.70
N GLU A 693 3.04 -46.17 22.48
CA GLU A 693 2.86 -45.95 23.91
C GLU A 693 2.20 -44.60 24.18
N ILE A 694 2.56 -43.59 23.39
CA ILE A 694 1.89 -42.30 23.49
C ILE A 694 0.40 -42.46 23.18
N ILE A 695 0.09 -43.32 22.22
CA ILE A 695 -1.31 -43.56 21.85
C ILE A 695 -2.04 -44.24 23.01
N TYR A 696 -1.46 -45.30 23.55
CA TYR A 696 -2.07 -45.97 24.70
C TYR A 696 -2.22 -45.00 25.86
N LYS A 697 -1.27 -44.06 25.98
CA LYS A 697 -1.33 -43.04 27.01
C LYS A 697 -2.54 -42.13 26.82
N ALA A 698 -2.64 -41.50 25.66
CA ALA A 698 -3.71 -40.55 25.39
C ALA A 698 -5.09 -41.19 25.35
N GLN A 699 -5.20 -42.42 24.85
CA GLN A 699 -6.51 -43.03 24.66
C GLN A 699 -7.16 -43.40 26.00
N HIS A 700 -6.34 -43.78 26.98
CA HIS A 700 -6.83 -44.07 28.32
C HIS A 700 -7.04 -42.81 29.15
N ASN A 701 -7.04 -41.64 28.52
CA ASN A 701 -7.18 -40.37 29.22
C ASN A 701 -6.08 -40.21 30.27
N GLU A 702 -4.83 -40.35 29.82
CA GLU A 702 -3.68 -40.27 30.70
C GLU A 702 -2.60 -39.34 30.19
N LEU A 703 -2.68 -38.87 28.94
CA LEU A 703 -1.63 -38.01 28.39
C LEU A 703 -1.82 -36.59 28.88
N GLU A 704 -0.76 -36.02 29.45
CA GLU A 704 -0.80 -34.69 30.01
C GLU A 704 -1.06 -33.65 28.92
N LEU A 705 -1.69 -32.55 29.33
CA LEU A 705 -2.06 -31.49 28.40
C LEU A 705 -0.94 -30.47 28.28
N LYS A 706 -0.66 -30.04 27.05
CA LYS A 706 0.35 -29.02 26.81
C LYS A 706 -0.23 -27.63 27.06
N PRO A 707 0.63 -26.65 27.36
CA PRO A 707 0.11 -25.30 27.65
C PRO A 707 -0.55 -24.69 26.43
N GLY A 708 -1.81 -24.34 26.59
CA GLY A 708 -2.55 -23.70 25.52
C GLY A 708 -2.68 -24.54 24.27
N MET A 709 -2.56 -25.85 24.37
CA MET A 709 -2.53 -26.71 23.20
C MET A 709 -3.24 -28.01 23.57
N THR A 710 -4.30 -28.33 22.82
CA THR A 710 -5.28 -29.31 23.27
C THR A 710 -4.67 -30.71 23.36
N LEU A 711 -5.46 -31.64 23.92
CA LEU A 711 -5.03 -33.03 23.99
C LEU A 711 -4.81 -33.60 22.59
N ARG A 712 -5.73 -33.31 21.67
CA ARG A 712 -5.49 -33.67 20.29
C ARG A 712 -4.24 -32.96 19.75
N GLU A 713 -4.11 -31.67 20.03
CA GLU A 713 -2.96 -30.90 19.52
C GLU A 713 -1.68 -31.30 20.25
N SER A 714 -1.75 -31.56 21.54
CA SER A 714 -0.58 -32.07 22.26
C SER A 714 -0.16 -33.43 21.69
N PHE A 715 -1.14 -34.31 21.47
CA PHE A 715 -0.88 -35.60 20.86
C PHE A 715 -0.16 -35.43 19.53
N GLU A 716 -0.70 -34.57 18.67
CA GLU A 716 -0.09 -34.33 17.37
C GLU A 716 1.35 -33.83 17.52
N GLY A 717 1.56 -32.89 18.43
CA GLY A 717 2.91 -32.37 18.63
C GLY A 717 3.88 -33.43 19.11
N GLU A 718 3.46 -34.25 20.07
CA GLU A 718 4.32 -35.32 20.56
C GLU A 718 4.65 -36.30 19.46
N VAL A 719 3.64 -36.68 18.68
CA VAL A 719 3.88 -37.61 17.58
C VAL A 719 4.86 -37.02 16.59
N SER A 720 4.67 -35.75 16.23
CA SER A 720 5.55 -35.12 15.27
C SER A 720 6.97 -35.05 15.79
N ARG A 721 7.13 -34.70 17.07
CA ARG A 721 8.46 -34.66 17.66
C ARG A 721 9.11 -36.03 17.65
N THR A 722 8.33 -37.08 17.94
CA THR A 722 8.87 -38.43 17.91
C THR A 722 9.34 -38.79 16.51
N LEU A 723 8.55 -38.46 15.50
CA LEU A 723 8.94 -38.79 14.13
C LEU A 723 10.17 -38.01 13.69
N ASN A 724 10.23 -36.72 14.07
CA ASN A 724 11.42 -35.93 13.76
C ASN A 724 12.65 -36.56 14.41
N ASP A 725 12.54 -36.92 15.69
CA ASP A 725 13.64 -37.59 16.36
C ASP A 725 14.03 -38.87 15.64
N ALA A 726 13.05 -39.66 15.23
CA ALA A 726 13.34 -40.91 14.55
C ALA A 726 14.16 -40.65 13.29
N ARG A 727 13.67 -39.75 12.43
CA ARG A 727 14.38 -39.51 11.17
C ARG A 727 15.74 -38.89 11.42
N ASP A 728 15.85 -38.03 12.43
CA ASP A 728 17.13 -37.39 12.72
C ASP A 728 18.15 -38.43 13.16
N SER A 729 17.78 -39.28 14.11
CA SER A 729 18.69 -40.33 14.55
C SER A 729 19.06 -41.26 13.40
N ALA A 730 18.08 -41.62 12.58
CA ALA A 730 18.36 -42.53 11.47
C ALA A 730 19.36 -41.91 10.49
N GLY A 731 19.08 -40.70 10.03
CA GLY A 731 19.98 -40.04 9.11
C GLY A 731 21.35 -39.82 9.71
N ARG A 732 21.40 -39.52 11.01
CA ARG A 732 22.67 -39.36 11.69
C ARG A 732 23.48 -40.65 11.65
N SER A 733 22.86 -41.77 12.01
CA SER A 733 23.56 -43.05 11.96
C SER A 733 24.05 -43.33 10.55
N ALA A 734 23.18 -43.12 9.55
CA ALA A 734 23.59 -43.34 8.16
C ALA A 734 24.81 -42.50 7.81
N GLU A 735 24.69 -41.18 7.94
CA GLU A 735 25.82 -40.30 7.68
C GLU A 735 27.08 -40.80 8.37
N MET A 736 26.99 -41.13 9.65
CA MET A 736 28.14 -41.69 10.35
C MET A 736 28.71 -42.90 9.62
N ASN A 737 27.84 -43.74 9.06
CA ASN A 737 28.34 -44.89 8.31
C ASN A 737 29.08 -44.48 7.05
N LEU A 738 28.78 -43.31 6.50
CA LEU A 738 29.32 -42.94 5.19
C LEU A 738 30.84 -42.90 5.21
N LYS A 739 31.44 -43.32 4.10
CA LYS A 739 32.87 -43.21 3.92
C LYS A 739 33.22 -41.88 3.26
N ASP A 740 34.36 -41.33 3.67
CA ASP A 740 34.75 -40.00 3.18
C ASP A 740 34.81 -39.98 1.66
N LEU A 741 35.18 -41.10 1.04
CA LEU A 741 35.28 -41.14 -0.42
C LEU A 741 33.93 -40.92 -1.10
N ASN A 742 32.83 -41.16 -0.38
CA ASN A 742 31.51 -41.05 -0.99
C ASN A 742 31.35 -39.70 -1.67
N ASN A 743 31.12 -39.74 -2.98
CA ASN A 743 30.90 -38.50 -3.73
C ASN A 743 29.79 -37.67 -3.10
N VAL A 744 28.77 -38.33 -2.53
CA VAL A 744 27.75 -37.61 -1.81
C VAL A 744 28.33 -36.96 -0.56
N LYS A 745 29.15 -37.71 0.19
CA LYS A 745 29.76 -37.16 1.38
C LYS A 745 30.76 -36.07 1.01
N GLN A 746 31.60 -36.34 0.01
CA GLN A 746 32.49 -35.30 -0.51
C GLN A 746 31.70 -34.06 -0.88
N MET A 747 30.51 -34.26 -1.44
CA MET A 747 29.75 -33.16 -1.99
C MET A 747 29.13 -32.31 -0.88
N VAL A 748 28.54 -32.98 0.11
CA VAL A 748 27.98 -32.28 1.26
C VAL A 748 29.07 -31.55 2.02
N SER A 749 30.23 -32.20 2.21
CA SER A 749 31.34 -31.52 2.84
C SER A 749 31.76 -30.29 2.04
N ALA A 750 31.92 -30.44 0.73
CA ALA A 750 32.13 -29.28 -0.13
C ALA A 750 30.94 -28.34 -0.11
N GLY A 751 29.73 -28.87 0.05
CA GLY A 751 28.55 -28.05 0.17
C GLY A 751 28.19 -27.22 -1.04
N SER A 752 28.98 -27.27 -2.12
CA SER A 752 28.63 -26.50 -3.30
C SER A 752 27.26 -26.91 -3.82
N LYS A 753 26.81 -28.10 -3.45
CA LYS A 753 25.43 -28.51 -3.63
C LYS A 753 25.13 -29.60 -2.59
N GLY A 754 23.85 -29.77 -2.26
CA GLY A 754 23.42 -30.83 -1.39
C GLY A 754 23.40 -30.43 0.08
N SER A 755 22.78 -31.30 0.89
CA SER A 755 22.66 -31.05 2.33
C SER A 755 22.47 -32.39 3.04
N PHE A 756 22.65 -32.36 4.36
CA PHE A 756 22.54 -33.57 5.17
C PHE A 756 21.19 -34.26 4.99
N ILE A 757 20.10 -33.52 5.18
CA ILE A 757 18.79 -34.16 5.14
C ILE A 757 18.53 -34.72 3.75
N ASN A 758 19.18 -34.17 2.73
CA ASN A 758 19.14 -34.82 1.42
C ASN A 758 19.60 -36.26 1.52
N ILE A 759 20.75 -36.49 2.17
CA ILE A 759 21.23 -37.85 2.38
C ILE A 759 20.22 -38.64 3.21
N ALA A 760 19.74 -38.03 4.29
CA ALA A 760 18.80 -38.73 5.17
C ALA A 760 17.63 -39.29 4.37
N GLN A 761 17.01 -38.46 3.55
CA GLN A 761 15.83 -38.93 2.81
C GLN A 761 16.22 -39.83 1.66
N MET A 762 17.32 -39.53 0.96
CA MET A 762 17.74 -40.40 -0.15
C MET A 762 17.94 -41.82 0.32
N SER A 763 18.74 -42.01 1.37
CA SER A 763 19.15 -43.34 1.78
C SER A 763 18.33 -43.89 2.93
N ALA A 764 18.26 -43.18 4.06
CA ALA A 764 17.68 -43.72 5.28
C ALA A 764 16.16 -43.69 5.25
N CYS A 765 15.55 -42.51 5.18
CA CYS A 765 14.11 -42.42 5.30
C CYS A 765 13.65 -41.02 4.93
N VAL A 766 12.62 -40.95 4.08
CA VAL A 766 12.00 -39.66 3.77
C VAL A 766 11.42 -39.06 5.04
N GLY A 767 10.72 -39.85 5.82
CA GLY A 767 10.24 -39.44 7.13
C GLY A 767 8.76 -39.06 7.12
N GLN A 768 8.41 -38.24 8.10
CA GLN A 768 7.02 -37.87 8.29
C GLN A 768 6.58 -36.83 7.28
N GLN A 769 5.34 -36.95 6.81
CA GLN A 769 4.75 -36.01 5.88
C GLN A 769 4.07 -34.89 6.64
N MET A 770 4.21 -33.66 6.15
CA MET A 770 3.62 -32.49 6.78
C MET A 770 2.83 -31.74 5.73
N VAL A 771 1.65 -31.26 6.12
CA VAL A 771 0.76 -30.51 5.24
C VAL A 771 0.20 -29.34 6.02
N GLU A 772 0.34 -28.13 5.46
CA GLU A 772 -0.15 -26.91 6.10
C GLU A 772 0.22 -26.88 7.59
N GLY A 773 1.39 -27.43 7.92
CA GLY A 773 1.78 -27.53 9.31
C GLY A 773 1.13 -28.65 10.07
N LYS A 774 0.56 -29.65 9.39
CA LYS A 774 -0.09 -30.78 10.03
C LYS A 774 0.12 -32.04 9.21
N ARG A 775 -0.30 -33.15 9.79
CA ARG A 775 -0.16 -34.45 9.14
C ARG A 775 -1.20 -34.61 8.03
N ILE A 776 -1.21 -35.79 7.41
CA ILE A 776 -2.19 -36.08 6.36
C ILE A 776 -3.56 -36.23 7.01
N ALA A 777 -4.55 -35.54 6.46
CA ALA A 777 -5.88 -35.51 7.07
C ALA A 777 -6.77 -36.61 6.49
N PHE A 778 -7.99 -36.67 7.00
CA PHE A 778 -8.95 -37.70 6.62
C PHE A 778 -9.78 -37.17 5.45
N GLY A 779 -9.18 -37.12 4.27
CA GLY A 779 -9.90 -36.65 3.10
C GLY A 779 -11.11 -37.52 2.81
N PHE A 780 -11.03 -38.80 3.14
CA PHE A 780 -12.20 -39.67 3.21
C PHE A 780 -12.77 -39.60 4.62
N ALA A 781 -14.00 -40.09 4.76
CA ALA A 781 -14.70 -40.01 6.04
C ALA A 781 -13.93 -40.83 7.07
N ASP A 782 -13.51 -40.18 8.15
CA ASP A 782 -12.84 -40.81 9.28
C ASP A 782 -11.59 -41.56 8.87
N ARG A 783 -11.04 -41.30 7.69
CA ARG A 783 -9.78 -41.90 7.28
C ARG A 783 -9.28 -41.19 6.04
N SER A 784 -7.95 -41.17 5.88
CA SER A 784 -7.34 -40.48 4.74
C SER A 784 -7.46 -41.29 3.47
N LEU A 785 -7.53 -42.61 3.58
CA LEU A 785 -7.58 -43.48 2.42
C LEU A 785 -8.54 -44.64 2.66
N PRO A 786 -9.18 -45.15 1.60
CA PRO A 786 -10.01 -46.34 1.75
C PRO A 786 -9.23 -47.60 2.11
N HIS A 787 -7.93 -47.65 1.83
CA HIS A 787 -7.11 -48.82 2.08
C HIS A 787 -6.73 -48.97 3.54
N PHE A 788 -7.10 -48.01 4.39
CA PHE A 788 -6.89 -48.10 5.81
C PHE A 788 -8.23 -48.16 6.52
N THR A 789 -8.24 -48.83 7.66
CA THR A 789 -9.43 -48.88 8.48
C THR A 789 -9.77 -47.48 8.98
N LYS A 790 -10.96 -47.35 9.56
CA LYS A 790 -11.37 -46.10 10.18
C LYS A 790 -10.76 -45.96 11.57
N ASP A 791 -10.36 -44.74 11.91
CA ASP A 791 -9.88 -44.41 13.26
C ASP A 791 -8.57 -45.14 13.58
N ASP A 792 -7.59 -44.98 12.70
CA ASP A 792 -6.22 -45.41 12.97
C ASP A 792 -5.35 -44.17 13.13
N PHE A 793 -4.28 -44.30 13.91
CA PHE A 793 -3.43 -43.15 14.23
C PHE A 793 -1.94 -43.47 14.19
N SER A 794 -1.55 -44.66 13.76
CA SER A 794 -0.14 -45.00 13.71
C SER A 794 0.59 -44.02 12.80
N PRO A 795 1.88 -43.79 13.02
CA PRO A 795 2.60 -42.79 12.19
C PRO A 795 2.30 -42.94 10.71
N GLU A 796 2.58 -44.12 10.15
CA GLU A 796 2.24 -44.39 8.77
C GLU A 796 0.75 -44.18 8.50
N SER A 797 -0.11 -44.45 9.46
CA SER A 797 -1.55 -44.32 9.27
C SER A 797 -2.00 -42.88 9.07
N LYS A 798 -1.12 -41.90 9.35
CA LYS A 798 -1.46 -40.51 9.10
C LYS A 798 -0.32 -39.75 8.41
N GLY A 799 0.50 -40.45 7.62
CA GLY A 799 1.45 -39.77 6.76
C GLY A 799 2.90 -39.80 7.21
N PHE A 800 3.36 -40.93 7.71
CA PHE A 800 4.78 -41.14 7.99
C PHE A 800 5.37 -41.99 6.88
N VAL A 801 6.48 -41.53 6.32
CA VAL A 801 7.24 -42.31 5.35
C VAL A 801 8.40 -42.94 6.10
N GLU A 802 8.53 -44.26 5.98
CA GLU A 802 9.66 -44.96 6.58
C GLU A 802 10.71 -45.28 5.53
N ASN A 803 10.28 -45.55 4.30
CA ASN A 803 11.19 -45.87 3.22
C ASN A 803 11.96 -44.64 2.76
N SER A 804 12.86 -44.87 1.81
CA SER A 804 13.55 -43.81 1.10
C SER A 804 13.40 -44.04 -0.41
N TYR A 805 13.85 -43.07 -1.20
CA TYR A 805 13.74 -43.19 -2.65
C TYR A 805 14.40 -44.45 -3.16
N LEU A 806 15.59 -44.78 -2.65
CA LEU A 806 16.24 -46.03 -3.01
C LEU A 806 15.36 -47.23 -2.68
N ARG A 807 14.76 -47.24 -1.50
CA ARG A 807 13.81 -48.29 -1.15
C ARG A 807 12.53 -48.20 -1.95
N GLY A 808 12.31 -47.11 -2.67
CA GLY A 808 11.02 -46.90 -3.30
C GLY A 808 9.95 -46.56 -2.29
N LEU A 809 8.82 -46.08 -2.81
CA LEU A 809 7.71 -45.63 -1.98
C LEU A 809 6.47 -46.46 -2.28
N THR A 810 5.83 -46.97 -1.24
CA THR A 810 4.53 -47.59 -1.41
C THR A 810 3.51 -46.53 -1.81
N PRO A 811 2.42 -46.95 -2.44
CA PRO A 811 1.49 -45.95 -3.02
C PRO A 811 0.99 -44.92 -2.03
N GLN A 812 0.70 -45.30 -0.80
CA GLN A 812 0.14 -44.36 0.17
C GLN A 812 1.13 -43.26 0.49
N GLU A 813 2.39 -43.64 0.75
CA GLU A 813 3.42 -42.66 1.07
C GLU A 813 3.79 -41.86 -0.17
N PHE A 814 3.80 -42.52 -1.34
CA PHE A 814 3.93 -41.77 -2.58
C PHE A 814 2.90 -40.66 -2.66
N PHE A 815 1.63 -40.98 -2.39
CA PHE A 815 0.58 -40.00 -2.52
C PHE A 815 0.72 -38.89 -1.49
N PHE A 816 1.13 -39.24 -0.27
CA PHE A 816 1.33 -38.21 0.74
C PHE A 816 2.46 -37.26 0.33
N HIS A 817 3.55 -37.82 -0.20
CA HIS A 817 4.63 -36.99 -0.72
C HIS A 817 4.15 -36.12 -1.86
N ALA A 818 3.32 -36.68 -2.75
CA ALA A 818 2.79 -35.90 -3.86
C ALA A 818 1.92 -34.77 -3.37
N MET A 819 1.10 -35.03 -2.36
CA MET A 819 0.29 -33.96 -1.76
C MET A 819 1.17 -32.86 -1.20
N ALA A 820 2.23 -33.24 -0.49
CA ALA A 820 3.15 -32.25 0.06
C ALA A 820 3.80 -31.43 -1.05
N GLY A 821 4.22 -32.10 -2.12
CA GLY A 821 4.87 -31.39 -3.21
C GLY A 821 3.94 -30.43 -3.92
N ARG A 822 2.71 -30.87 -4.19
CA ARG A 822 1.72 -29.99 -4.77
C ARG A 822 1.49 -28.78 -3.87
N GLU A 823 1.36 -29.02 -2.56
CA GLU A 823 1.18 -27.92 -1.62
C GLU A 823 2.34 -26.95 -1.69
N GLY A 824 3.57 -27.46 -1.70
CA GLY A 824 4.72 -26.59 -1.70
C GLY A 824 4.83 -25.78 -2.98
N LEU A 825 4.58 -26.42 -4.12
CA LEU A 825 4.61 -25.70 -5.38
C LEU A 825 3.56 -24.61 -5.42
N ILE A 826 2.35 -24.94 -4.93
CA ILE A 826 1.29 -23.93 -4.85
C ILE A 826 1.73 -22.76 -4.00
N ASP A 827 2.33 -23.06 -2.85
CA ASP A 827 2.75 -22.01 -1.94
C ASP A 827 3.82 -21.14 -2.59
N THR A 828 4.75 -21.75 -3.31
CA THR A 828 5.77 -20.98 -4.00
C THR A 828 5.14 -20.07 -5.04
N ALA A 829 4.20 -20.59 -5.82
CA ALA A 829 3.56 -19.78 -6.86
C ALA A 829 2.81 -18.60 -6.24
N VAL A 830 2.15 -18.82 -5.11
CA VAL A 830 1.45 -17.73 -4.44
C VAL A 830 2.44 -16.72 -3.88
N LYS A 831 3.47 -17.21 -3.20
CA LYS A 831 4.40 -16.33 -2.51
C LYS A 831 5.16 -15.44 -3.48
N THR A 832 5.61 -15.99 -4.61
CA THR A 832 6.35 -15.16 -5.54
C THR A 832 5.54 -13.94 -5.97
N ALA A 833 4.28 -14.16 -6.35
CA ALA A 833 3.45 -13.06 -6.81
C ALA A 833 3.15 -12.08 -5.69
N GLU A 834 2.79 -12.58 -4.50
CA GLU A 834 2.43 -11.68 -3.41
C GLU A 834 3.64 -10.86 -2.98
N THR A 835 4.80 -11.49 -2.91
CA THR A 835 6.03 -10.78 -2.57
C THR A 835 6.37 -9.76 -3.63
N GLY A 836 6.16 -10.08 -4.91
CA GLY A 836 6.38 -9.10 -5.95
C GLY A 836 5.48 -7.89 -5.77
N TYR A 837 4.21 -8.11 -5.44
CA TYR A 837 3.31 -7.01 -5.14
C TYR A 837 3.84 -6.17 -3.99
N ILE A 838 4.27 -6.82 -2.91
CA ILE A 838 4.77 -6.09 -1.76
C ILE A 838 5.99 -5.26 -2.14
N GLN A 839 6.90 -5.85 -2.91
CA GLN A 839 8.09 -5.14 -3.33
C GLN A 839 7.74 -3.93 -4.18
N ARG A 840 6.80 -4.09 -5.10
CA ARG A 840 6.36 -2.96 -5.93
C ARG A 840 5.81 -1.85 -5.05
N ARG A 841 4.93 -2.20 -4.11
CA ARG A 841 4.35 -1.18 -3.25
C ARG A 841 5.44 -0.48 -2.44
N LEU A 842 6.38 -1.23 -1.89
CA LEU A 842 7.44 -0.65 -1.09
C LEU A 842 8.30 0.30 -1.91
N VAL A 843 8.74 -0.16 -3.09
CA VAL A 843 9.59 0.70 -3.90
C VAL A 843 8.86 1.98 -4.26
N LYS A 844 7.58 1.90 -4.60
CA LYS A 844 6.80 3.12 -4.75
C LYS A 844 6.80 3.94 -3.47
N ALA A 845 6.84 3.29 -2.30
CA ALA A 845 6.78 4.02 -1.05
C ALA A 845 7.99 4.94 -0.88
N LEU A 846 9.18 4.47 -1.23
CA LEU A 846 10.42 5.17 -0.93
C LEU A 846 11.25 5.50 -2.16
N GLU A 847 10.60 5.88 -3.26
CA GLU A 847 11.30 5.97 -4.53
C GLU A 847 12.15 7.23 -4.68
N ASP A 848 11.96 8.25 -3.83
CA ASP A 848 12.61 9.55 -4.04
C ASP A 848 13.66 9.89 -2.99
N ILE A 849 13.73 9.17 -1.89
CA ILE A 849 14.54 9.58 -0.75
C ILE A 849 16.02 9.59 -1.13
N MET A 850 16.76 10.55 -0.57
CA MET A 850 18.17 10.73 -0.88
C MET A 850 18.95 11.16 0.35
N VAL A 851 20.25 10.86 0.34
CA VAL A 851 21.20 11.51 1.23
C VAL A 851 21.76 12.72 0.51
N HIS A 852 22.16 13.74 1.26
CA HIS A 852 22.49 15.02 0.67
C HIS A 852 23.86 15.51 1.13
N TYR A 853 24.32 16.59 0.51
CA TYR A 853 25.63 17.16 0.86
C TYR A 853 25.74 17.40 2.36
N ASP A 854 24.63 17.79 2.99
CA ASP A 854 24.59 17.92 4.44
C ASP A 854 24.71 16.59 5.16
N GLY A 855 24.56 15.48 4.44
CA GLY A 855 24.52 14.17 5.06
C GLY A 855 23.16 13.76 5.58
N THR A 856 22.19 14.66 5.55
CA THR A 856 20.83 14.34 5.99
C THR A 856 20.15 13.45 4.95
N THR A 857 19.05 12.84 5.38
CA THR A 857 18.20 12.04 4.52
C THR A 857 16.87 12.79 4.37
N ARG A 858 16.62 13.33 3.19
CA ARG A 858 15.42 14.11 2.92
C ARG A 858 14.71 13.55 1.70
N ASN A 859 13.41 13.83 1.60
CA ASN A 859 12.61 13.38 0.47
C ASN A 859 12.66 14.39 -0.66
N SER A 860 11.94 14.14 -1.74
CA SER A 860 11.84 15.10 -2.82
C SER A 860 11.35 16.46 -2.30
N LEU A 861 10.45 16.43 -1.32
CA LEU A 861 9.99 17.67 -0.70
C LEU A 861 11.05 18.29 0.19
N GLY A 862 12.09 17.56 0.56
CA GLY A 862 13.12 18.06 1.44
C GLY A 862 12.91 17.78 2.91
N ASP A 863 11.80 17.15 3.30
CA ASP A 863 11.62 16.78 4.69
C ASP A 863 12.64 15.74 5.09
N ILE A 864 13.45 16.06 6.08
CA ILE A 864 14.51 15.17 6.54
C ILE A 864 13.85 13.93 7.13
N ILE A 865 14.38 12.76 6.81
CA ILE A 865 13.91 11.50 7.37
C ILE A 865 14.79 11.17 8.56
N GLN A 866 16.08 10.94 8.32
CA GLN A 866 17.06 10.72 9.36
C GLN A 866 17.92 11.96 9.53
N PHE A 867 18.22 12.31 10.77
CA PHE A 867 19.24 13.33 11.03
C PHE A 867 20.61 12.91 10.52
N LEU A 868 20.86 11.61 10.39
CA LEU A 868 22.08 11.14 9.77
C LEU A 868 21.84 9.73 9.23
N TYR A 869 22.27 9.50 7.99
CA TYR A 869 22.13 8.19 7.34
C TYR A 869 22.68 7.09 8.24
N GLY A 870 21.81 6.18 8.65
CA GLY A 870 22.21 5.14 9.58
C GLY A 870 22.81 5.68 10.85
N GLU A 871 22.55 6.95 11.17
CA GLU A 871 23.16 7.61 12.30
C GLU A 871 24.68 7.66 12.17
N ASP A 872 25.20 7.24 11.02
CA ASP A 872 26.64 7.16 10.83
C ASP A 872 27.14 7.69 9.49
N GLY A 873 26.27 7.92 8.51
CA GLY A 873 26.71 8.48 7.24
C GLY A 873 27.77 7.65 6.54
N LEU A 874 27.64 6.33 6.58
CA LEU A 874 28.64 5.44 6.00
C LEU A 874 28.06 4.68 4.82
N ASP A 875 28.93 4.23 3.94
CA ASP A 875 28.53 3.31 2.89
C ASP A 875 28.20 1.95 3.48
N GLY A 876 27.05 1.41 3.08
CA GLY A 876 26.50 0.21 3.67
C GLY A 876 27.25 -1.07 3.39
N THR A 877 28.39 -0.99 2.70
CA THR A 877 29.25 -2.14 2.44
C THR A 877 30.51 -2.14 3.28
N GLN A 878 30.97 -0.96 3.73
CA GLN A 878 32.27 -0.81 4.34
C GLN A 878 32.26 -1.02 5.85
N VAL A 879 31.29 -1.77 6.38
CA VAL A 879 31.22 -2.07 7.81
C VAL A 879 31.38 -3.56 7.99
N GLU A 880 32.14 -3.95 9.02
CA GLU A 880 32.58 -5.33 9.18
C GLU A 880 32.39 -5.74 10.63
N ARG A 881 31.95 -6.99 10.81
CA ARG A 881 31.59 -7.50 12.12
C ARG A 881 32.85 -7.61 12.98
N GLN A 882 32.99 -6.70 13.94
CA GLN A 882 34.15 -6.62 14.81
C GLN A 882 33.71 -6.67 16.26
N THR A 883 34.65 -7.04 17.13
CA THR A 883 34.41 -7.20 18.55
C THR A 883 35.04 -6.04 19.32
N ILE A 884 34.56 -5.83 20.54
CA ILE A 884 35.10 -4.84 21.47
C ILE A 884 35.64 -5.58 22.69
N ASP A 885 36.92 -5.36 22.97
CA ASP A 885 37.55 -5.95 24.15
C ASP A 885 36.94 -5.45 25.44
N THR A 886 36.62 -4.16 25.52
CA THR A 886 36.25 -3.56 26.79
C THR A 886 34.98 -4.18 27.37
N ILE A 887 33.98 -4.41 26.53
CA ILE A 887 32.62 -4.70 27.00
C ILE A 887 32.61 -5.95 27.87
N PRO A 888 32.92 -7.14 27.35
CA PRO A 888 32.79 -8.35 28.15
C PRO A 888 33.94 -8.48 29.13
N GLY A 889 33.94 -9.58 29.88
CA GLY A 889 35.05 -9.91 30.75
C GLY A 889 34.93 -9.30 32.13
N SER A 890 35.61 -9.93 33.08
CA SER A 890 35.59 -9.45 34.45
C SER A 890 36.44 -8.20 34.61
N ASP A 891 35.98 -7.30 35.48
CA ASP A 891 36.78 -6.15 35.88
C ASP A 891 38.24 -6.53 36.10
N LYS A 892 38.49 -7.66 36.75
CA LYS A 892 39.87 -8.08 36.98
C LYS A 892 40.60 -8.31 35.65
N ALA A 893 39.96 -9.01 34.72
CA ALA A 893 40.61 -9.30 33.44
C ALA A 893 40.88 -8.02 32.66
N PHE A 894 39.89 -7.14 32.56
CA PHE A 894 40.08 -5.86 31.88
C PHE A 894 41.19 -5.08 32.56
N HIS A 895 41.18 -5.05 33.89
CA HIS A 895 42.21 -4.35 34.64
C HIS A 895 43.60 -4.85 34.26
N LYS A 896 43.79 -6.17 34.31
CA LYS A 896 45.10 -6.72 33.99
C LYS A 896 45.48 -6.44 32.54
N ARG A 897 44.55 -6.59 31.61
CA ARG A 897 44.81 -6.35 30.20
C ARG A 897 45.20 -4.89 29.94
N TYR A 898 44.52 -3.96 30.59
CA TYR A 898 44.60 -2.54 30.29
C TYR A 898 45.29 -1.73 31.36
N TYR A 899 44.93 -1.93 32.63
CA TYR A 899 45.44 -1.05 33.68
C TYR A 899 46.95 -1.16 33.78
N VAL A 900 47.58 -0.06 34.17
CA VAL A 900 49.02 0.02 34.29
C VAL A 900 49.37 0.56 35.67
N ASP A 901 50.59 0.24 36.11
CA ASP A 901 51.07 0.70 37.40
C ASP A 901 52.58 0.86 37.31
N LEU A 902 53.03 2.09 37.11
CA LEU A 902 54.46 2.37 37.07
C LEU A 902 55.11 2.22 38.43
N MET A 903 54.32 2.26 39.51
CA MET A 903 54.87 2.01 40.84
C MET A 903 55.16 0.53 41.03
N ASP A 904 54.25 -0.34 40.58
CA ASP A 904 54.39 -1.77 40.76
C ASP A 904 55.03 -2.38 39.52
N GLU A 905 56.27 -2.87 39.67
CA GLU A 905 56.93 -3.55 38.57
C GLU A 905 56.18 -4.81 38.16
N LYS A 906 55.72 -5.59 39.14
CA LYS A 906 54.99 -6.82 38.83
C LYS A 906 53.80 -6.55 37.92
N ASN A 907 53.18 -5.37 38.05
CA ASN A 907 52.03 -5.01 37.23
C ASN A 907 52.39 -3.84 36.33
N SER A 908 53.60 -3.84 35.80
CA SER A 908 54.10 -2.77 34.94
C SER A 908 54.49 -3.35 33.57
N ILE A 909 54.86 -2.45 32.66
CA ILE A 909 55.31 -2.87 31.35
C ILE A 909 56.50 -3.80 31.49
N LYS A 910 56.56 -4.79 30.61
CA LYS A 910 57.76 -5.62 30.55
C LYS A 910 58.91 -4.79 30.00
N PRO A 911 60.02 -4.66 30.74
CA PRO A 911 61.07 -3.73 30.30
C PRO A 911 61.66 -4.10 28.95
N ASP A 912 61.79 -5.40 28.65
CA ASP A 912 62.36 -5.81 27.38
C ASP A 912 61.58 -5.27 26.19
N VAL A 913 60.26 -5.36 26.20
CA VAL A 913 59.45 -4.93 25.06
C VAL A 913 59.59 -3.44 24.78
N ILE A 914 60.11 -2.66 25.72
CA ILE A 914 60.33 -1.24 25.52
C ILE A 914 61.81 -0.93 25.69
N GLU A 915 62.22 0.21 25.14
CA GLU A 915 63.59 0.67 25.23
C GLU A 915 63.79 1.76 26.27
N TYR A 916 62.79 2.00 27.12
CA TYR A 916 62.78 3.12 28.05
C TYR A 916 62.22 2.69 29.39
N ALA A 917 62.34 1.39 29.70
CA ALA A 917 61.68 0.83 30.88
C ALA A 917 62.14 1.51 32.16
N ALA A 918 63.45 1.64 32.37
CA ALA A 918 63.93 2.33 33.56
C ALA A 918 63.35 3.74 33.62
N ASP A 919 63.28 4.41 32.47
CA ASP A 919 62.63 5.72 32.38
C ASP A 919 61.15 5.67 32.72
N ILE A 920 60.53 4.50 32.62
CA ILE A 920 59.12 4.33 32.96
C ILE A 920 58.93 4.14 34.46
N LEU A 921 59.74 3.28 35.07
CA LEU A 921 59.59 3.01 36.49
C LEU A 921 59.84 4.28 37.29
N GLY A 922 58.99 4.51 38.28
CA GLY A 922 59.10 5.68 39.13
C GLY A 922 58.51 6.94 38.53
N ASP A 923 57.95 6.87 37.33
CA ASP A 923 57.36 8.03 36.67
C ASP A 923 55.93 8.24 37.11
N VAL A 924 55.59 9.50 37.38
CA VAL A 924 54.21 9.86 37.72
C VAL A 924 53.52 10.66 36.63
N GLU A 925 54.23 11.44 35.82
CA GLU A 925 53.60 12.09 34.68
C GLU A 925 52.95 11.06 33.77
N LEU A 926 53.71 10.02 33.41
CA LEU A 926 53.11 8.92 32.66
C LEU A 926 52.08 8.19 33.50
N GLN A 927 52.30 8.05 34.81
CA GLN A 927 51.29 7.42 35.65
C GLN A 927 49.94 8.11 35.47
N LYS A 928 49.94 9.44 35.54
CA LYS A 928 48.68 10.18 35.40
C LYS A 928 48.16 10.15 33.97
N GLU A 929 49.05 10.25 32.98
CA GLU A 929 48.61 10.15 31.58
C GLU A 929 47.88 8.83 31.35
N LEU A 930 48.48 7.73 31.78
CA LEU A 930 47.89 6.42 31.55
C LEU A 930 46.66 6.20 32.40
N ASN A 931 46.61 6.77 33.61
CA ASN A 931 45.39 6.69 34.40
C ASN A 931 44.25 7.44 33.72
N SER A 932 44.53 8.61 33.16
CA SER A 932 43.49 9.35 32.46
C SER A 932 42.99 8.58 31.26
N GLU A 933 43.90 8.06 30.44
CA GLU A 933 43.48 7.25 29.30
C GLU A 933 42.73 5.99 29.76
N TYR A 934 43.20 5.36 30.83
CA TYR A 934 42.57 4.16 31.35
C TYR A 934 41.15 4.44 31.81
N GLU A 935 40.93 5.57 32.49
CA GLU A 935 39.59 5.86 32.98
C GLU A 935 38.70 6.36 31.84
N GLN A 936 39.30 6.97 30.81
CA GLN A 936 38.57 7.18 29.57
C GLN A 936 37.99 5.86 29.07
N LEU A 937 38.84 4.84 28.97
CA LEU A 937 38.37 3.53 28.53
C LEU A 937 37.35 2.94 29.51
N VAL A 938 37.56 3.13 30.81
CA VAL A 938 36.65 2.59 31.81
C VAL A 938 35.26 3.19 31.64
N SER A 939 35.20 4.52 31.51
CA SER A 939 33.92 5.19 31.31
C SER A 939 33.29 4.78 29.99
N ASP A 940 34.12 4.62 28.95
CA ASP A 940 33.60 4.17 27.67
C ASP A 940 32.94 2.80 27.81
N ARG A 941 33.63 1.88 28.48
CA ARG A 941 33.07 0.55 28.70
C ARG A 941 31.79 0.65 29.52
N LYS A 942 31.80 1.45 30.57
CA LYS A 942 30.62 1.58 31.42
C LYS A 942 29.43 2.05 30.58
N PHE A 943 29.61 3.12 29.81
CA PHE A 943 28.54 3.63 28.98
C PHE A 943 28.04 2.59 27.99
N LEU A 944 28.95 2.00 27.21
CA LEU A 944 28.52 1.05 26.21
C LEU A 944 27.78 -0.12 26.84
N ARG A 945 28.39 -0.72 27.86
CA ARG A 945 27.82 -1.89 28.53
C ARG A 945 26.44 -1.58 29.12
N GLU A 946 26.28 -0.42 29.76
CA GLU A 946 25.09 -0.14 30.52
C GLU A 946 24.04 0.65 29.73
N ILE A 947 24.34 1.04 28.50
CA ILE A 947 23.39 1.82 27.71
C ILE A 947 23.14 1.12 26.38
N VAL A 948 24.21 0.87 25.63
CA VAL A 948 24.07 0.49 24.22
C VAL A 948 23.59 -0.94 24.13
N PHE A 949 24.36 -1.88 24.66
CA PHE A 949 24.06 -3.30 24.60
C PHE A 949 24.15 -3.85 26.03
N VAL A 950 23.02 -3.82 26.73
CA VAL A 950 23.01 -4.18 28.14
C VAL A 950 23.28 -5.67 28.31
N ASN A 951 22.78 -6.50 27.39
CA ASN A 951 22.95 -7.93 27.49
C ASN A 951 24.42 -8.35 27.55
N GLY A 952 25.28 -7.74 26.75
CA GLY A 952 26.68 -8.10 26.70
C GLY A 952 27.16 -8.60 25.35
N ASP A 953 26.56 -8.14 24.25
CA ASP A 953 26.99 -8.54 22.92
C ASP A 953 28.00 -7.53 22.39
N HIS A 954 29.25 -7.95 22.25
CA HIS A 954 30.35 -7.04 21.98
C HIS A 954 30.83 -7.09 20.53
N ASN A 955 30.22 -7.93 19.69
CA ASN A 955 30.64 -8.07 18.30
C ASN A 955 29.62 -7.36 17.42
N TRP A 956 30.09 -6.49 16.53
CA TRP A 956 29.17 -5.64 15.76
C TRP A 956 29.83 -5.24 14.46
N PRO A 957 29.04 -4.87 13.45
CA PRO A 957 29.61 -4.47 12.15
C PRO A 957 30.13 -3.04 12.20
N LEU A 958 31.44 -2.88 12.01
CA LEU A 958 32.08 -1.59 12.06
C LEU A 958 32.95 -1.38 10.83
N PRO A 959 33.17 -0.14 10.42
CA PRO A 959 34.03 0.11 9.25
C PRO A 959 35.49 0.21 9.63
N VAL A 960 36.33 0.08 8.61
CA VAL A 960 37.77 0.22 8.79
C VAL A 960 38.25 -0.82 9.80
N ASN A 961 38.35 -2.08 9.37
CA ASN A 961 38.82 -3.13 10.25
C ASN A 961 40.23 -2.83 10.72
N LEU A 962 40.45 -2.95 12.02
CA LEU A 962 41.78 -2.68 12.56
C LEU A 962 42.69 -3.89 12.48
N ARG A 963 42.22 -5.07 12.88
CA ARG A 963 43.08 -6.24 12.92
C ARG A 963 43.77 -6.45 11.58
N ARG A 964 43.05 -6.24 10.48
CA ARG A 964 43.66 -6.37 9.16
C ARG A 964 44.83 -5.41 8.99
N ILE A 965 44.62 -4.14 9.37
CA ILE A 965 45.68 -3.14 9.22
C ILE A 965 46.85 -3.49 10.12
N ILE A 966 46.57 -4.05 11.30
CA ILE A 966 47.63 -4.48 12.19
C ILE A 966 48.46 -5.57 11.53
N GLN A 967 47.80 -6.56 10.93
CA GLN A 967 48.52 -7.59 10.19
C GLN A 967 49.35 -6.96 9.09
N ASN A 968 48.77 -6.02 8.35
CA ASN A 968 49.48 -5.40 7.24
C ASN A 968 50.75 -4.71 7.72
N ALA A 969 50.62 -3.91 8.78
CA ALA A 969 51.79 -3.24 9.33
C ALA A 969 52.84 -4.23 9.81
N GLN A 970 52.40 -5.22 10.59
CA GLN A 970 53.35 -6.18 11.14
C GLN A 970 54.11 -6.89 10.03
N GLN A 971 53.42 -7.25 8.95
CA GLN A 971 54.08 -7.85 7.80
C GLN A 971 55.05 -6.86 7.17
N ILE A 972 54.54 -5.71 6.71
CA ILE A 972 55.36 -4.78 5.93
C ILE A 972 56.66 -4.45 6.64
N PHE A 973 56.65 -4.44 7.97
CA PHE A 973 57.81 -4.02 8.75
C PHE A 973 58.30 -5.10 9.69
N HIS A 974 57.72 -6.30 9.61
CA HIS A 974 58.23 -7.47 10.34
C HIS A 974 58.44 -7.14 11.82
N LEU A 975 57.31 -6.97 12.50
CA LEU A 975 57.31 -6.64 13.93
C LEU A 975 57.45 -7.88 14.80
N ASP A 976 57.95 -8.98 14.24
CA ASP A 976 58.15 -10.20 14.99
C ASP A 976 59.36 -10.01 15.92
N ARG A 977 59.83 -11.10 16.52
CA ARG A 977 60.93 -11.05 17.48
C ARG A 977 60.50 -10.27 18.72
N ALA A 978 61.37 -10.21 19.73
CA ALA A 978 61.10 -9.50 20.98
C ALA A 978 61.85 -8.17 21.02
N LYS A 979 61.98 -7.52 19.86
CA LYS A 979 62.71 -6.27 19.79
C LYS A 979 62.06 -5.22 20.69
N ALA A 980 62.88 -4.53 21.47
CA ALA A 980 62.38 -3.51 22.37
C ALA A 980 61.71 -2.39 21.57
N SER A 981 60.60 -1.88 22.10
CA SER A 981 59.80 -0.89 21.38
C SER A 981 60.45 0.48 21.44
N ASP A 982 60.37 1.19 20.32
CA ASP A 982 60.94 2.52 20.16
C ASP A 982 59.86 3.59 20.25
N LEU A 983 58.65 3.19 20.65
CA LEU A 983 57.50 4.08 20.67
C LEU A 983 57.16 4.46 22.09
N THR A 984 57.02 5.76 22.34
CA THR A 984 56.77 6.25 23.69
C THR A 984 55.28 6.18 24.02
N ILE A 985 54.99 5.81 25.27
CA ILE A 985 53.60 5.74 25.71
C ILE A 985 52.87 7.07 25.53
N PRO A 986 53.41 8.22 25.94
CA PRO A 986 52.67 9.46 25.74
C PRO A 986 52.35 9.72 24.28
N GLU A 987 53.25 9.32 23.38
CA GLU A 987 52.92 9.38 21.96
C GLU A 987 51.72 8.49 21.64
N ILE A 988 51.66 7.31 22.25
CA ILE A 988 50.51 6.44 22.03
C ILE A 988 49.23 7.14 22.45
N ILE A 989 49.21 7.69 23.66
CA ILE A 989 48.02 8.33 24.18
C ILE A 989 47.62 9.50 23.28
N HIS A 990 48.58 10.36 22.96
CA HIS A 990 48.26 11.58 22.22
C HIS A 990 47.84 11.25 20.79
N GLY A 991 48.48 10.26 20.17
CA GLY A 991 48.10 9.87 18.83
C GLY A 991 46.72 9.23 18.78
N VAL A 992 46.40 8.39 19.77
CA VAL A 992 45.05 7.84 19.84
C VAL A 992 44.04 8.95 20.02
N ARG A 993 44.37 9.93 20.87
CA ARG A 993 43.49 11.07 21.08
C ARG A 993 43.28 11.87 19.79
N ASP A 994 44.38 12.11 19.06
CA ASP A 994 44.28 12.84 17.80
C ASP A 994 43.43 12.08 16.79
N LEU A 995 43.73 10.79 16.61
CA LEU A 995 42.91 9.96 15.72
C LEU A 995 41.44 10.06 16.11
N CYS A 996 41.16 9.99 17.41
CA CYS A 996 39.78 10.12 17.87
C CYS A 996 39.18 11.46 17.47
N LYS A 997 39.95 12.53 17.53
CA LYS A 997 39.45 13.87 17.26
C LYS A 997 39.50 14.24 15.79
N LYS A 998 40.14 13.40 14.96
CA LYS A 998 40.22 13.65 13.53
C LYS A 998 39.22 12.85 12.71
N LEU A 999 38.35 12.08 13.34
CA LEU A 999 37.40 11.27 12.59
C LEU A 999 36.34 12.17 11.99
N PHE A 1000 36.69 12.84 10.90
CA PHE A 1000 35.84 13.87 10.34
C PHE A 1000 34.60 13.24 9.73
N VAL A 1001 33.47 13.43 10.40
CA VAL A 1001 32.17 13.06 9.87
C VAL A 1001 31.41 14.28 9.37
N LEU A 1002 31.50 15.38 10.12
CA LEU A 1002 30.90 16.64 9.74
C LEU A 1002 31.98 17.70 9.72
N ARG A 1003 32.17 18.36 8.59
CA ARG A 1003 33.19 19.36 8.41
C ARG A 1003 32.54 20.74 8.50
N GLY A 1004 32.51 21.30 9.70
CA GLY A 1004 31.91 22.61 9.90
C GLY A 1004 32.18 23.18 11.27
N GLU A 1005 32.10 24.50 11.38
CA GLU A 1005 32.48 25.19 12.61
C GLU A 1005 31.39 25.21 13.66
N ASN A 1006 30.17 24.83 13.31
CA ASN A 1006 29.05 24.96 14.23
C ASN A 1006 29.21 24.04 15.43
N GLU A 1007 28.68 24.49 16.57
CA GLU A 1007 28.59 23.61 17.72
C GLU A 1007 27.84 22.33 17.38
N LEU A 1008 26.68 22.46 16.73
CA LEU A 1008 25.91 21.27 16.37
C LEU A 1008 26.69 20.38 15.42
N ILE A 1009 27.38 20.98 14.45
CA ILE A 1009 28.17 20.19 13.50
C ILE A 1009 29.19 19.34 14.24
N LYS A 1010 29.97 19.98 15.12
CA LYS A 1010 31.00 19.25 15.85
C LYS A 1010 30.38 18.24 16.82
N GLU A 1011 29.24 18.58 17.41
CA GLU A 1011 28.62 17.70 18.39
C GLU A 1011 28.07 16.45 17.72
N ALA A 1012 27.47 16.59 16.54
CA ALA A 1012 27.03 15.42 15.79
C ALA A 1012 28.23 14.63 15.30
N GLN A 1013 29.28 15.32 14.85
CA GLN A 1013 30.54 14.63 14.55
C GLN A 1013 30.96 13.75 15.72
N GLN A 1014 30.90 14.29 16.94
CA GLN A 1014 31.29 13.53 18.11
C GLN A 1014 30.36 12.36 18.36
N ASN A 1015 29.06 12.64 18.52
CA ASN A 1015 28.11 11.59 18.85
C ASN A 1015 28.13 10.49 17.81
N ALA A 1016 28.46 10.83 16.56
CA ALA A 1016 28.60 9.81 15.52
C ALA A 1016 29.69 8.81 15.90
N THR A 1017 30.92 9.30 16.06
CA THR A 1017 32.08 8.45 16.29
C THR A 1017 32.22 7.99 17.74
N SER A 1018 31.19 8.24 18.57
CA SER A 1018 31.27 7.81 19.96
C SER A 1018 31.60 6.31 20.04
N LEU A 1019 30.83 5.49 19.33
CA LEU A 1019 31.07 4.06 19.35
C LEU A 1019 32.34 3.70 18.57
N PHE A 1020 32.58 4.39 17.47
CA PHE A 1020 33.82 4.18 16.73
C PHE A 1020 35.03 4.52 17.60
N GLN A 1021 34.96 5.64 18.31
CA GLN A 1021 36.04 6.01 19.22
C GLN A 1021 36.18 4.99 20.34
N CYS A 1022 35.06 4.49 20.85
CA CYS A 1022 35.11 3.48 21.90
C CYS A 1022 35.83 2.24 21.41
N LEU A 1023 35.50 1.78 20.20
CA LEU A 1023 36.18 0.63 19.64
C LEU A 1023 37.68 0.91 19.45
N VAL A 1024 38.01 2.10 18.94
CA VAL A 1024 39.41 2.44 18.75
C VAL A 1024 40.16 2.36 20.07
N ARG A 1025 39.59 2.94 21.13
CA ARG A 1025 40.25 2.91 22.44
C ARG A 1025 40.34 1.49 22.97
N ALA A 1026 39.30 0.69 22.77
CA ALA A 1026 39.35 -0.70 23.20
C ALA A 1026 40.47 -1.45 22.50
N ARG A 1027 40.68 -1.17 21.21
CA ARG A 1027 41.74 -1.82 20.45
C ARG A 1027 43.08 -1.17 20.70
N LEU A 1028 43.20 0.12 20.38
CA LEU A 1028 44.47 0.85 20.49
C LEU A 1028 44.72 1.25 21.94
N ALA A 1029 45.44 0.37 22.65
CA ALA A 1029 45.86 0.64 24.02
C ALA A 1029 47.39 0.55 24.10
N THR A 1030 47.98 1.35 24.99
CA THR A 1030 49.43 1.31 25.17
C THR A 1030 49.88 -0.07 25.63
N ARG A 1031 49.22 -0.62 26.65
CA ARG A 1031 49.51 -1.99 27.06
C ARG A 1031 49.42 -2.93 25.87
N ARG A 1032 48.29 -2.91 25.16
CA ARG A 1032 48.10 -3.84 24.06
C ARG A 1032 49.04 -3.52 22.92
N ILE A 1033 49.10 -2.26 22.50
CA ILE A 1033 49.93 -1.92 21.34
C ILE A 1033 51.38 -2.24 21.61
N LEU A 1034 51.87 -1.95 22.80
CA LEU A 1034 53.29 -2.15 23.10
C LEU A 1034 53.62 -3.61 23.40
N GLU A 1035 52.65 -4.39 23.87
CA GLU A 1035 52.90 -5.77 24.27
C GLU A 1035 52.50 -6.77 23.19
N GLU A 1036 51.22 -6.78 22.80
CA GLU A 1036 50.75 -7.69 21.76
C GLU A 1036 51.25 -7.26 20.39
N PHE A 1037 51.21 -5.96 20.10
CA PHE A 1037 51.61 -5.45 18.80
C PHE A 1037 53.02 -4.89 18.81
N ARG A 1038 53.45 -4.27 19.91
CA ARG A 1038 54.82 -3.79 20.04
C ARG A 1038 55.17 -2.83 18.91
N LEU A 1039 54.16 -2.10 18.44
CA LEU A 1039 54.32 -1.35 17.21
C LEU A 1039 55.45 -0.33 17.35
N ASN A 1040 56.35 -0.36 16.37
CA ASN A 1040 57.41 0.62 16.28
C ASN A 1040 56.78 1.96 15.88
N ARG A 1041 57.51 3.04 16.09
CA ARG A 1041 56.98 4.37 15.76
C ARG A 1041 56.48 4.41 14.32
N ASP A 1042 57.30 3.94 13.39
CA ASP A 1042 56.85 3.89 12.00
C ASP A 1042 55.61 3.03 11.86
N ALA A 1043 55.52 1.94 12.62
CA ALA A 1043 54.36 1.08 12.54
C ALA A 1043 53.10 1.83 12.96
N PHE A 1044 53.17 2.56 14.07
CA PHE A 1044 52.01 3.32 14.53
C PHE A 1044 51.66 4.44 13.56
N GLU A 1045 52.67 5.09 12.99
CA GLU A 1045 52.39 6.14 12.01
C GLU A 1045 51.66 5.58 10.80
N TRP A 1046 52.14 4.45 10.27
CA TRP A 1046 51.47 3.83 9.13
C TRP A 1046 50.07 3.39 9.52
N VAL A 1047 49.91 2.84 10.72
CA VAL A 1047 48.58 2.41 11.17
C VAL A 1047 47.62 3.58 11.15
N LEU A 1048 48.02 4.71 11.75
CA LEU A 1048 47.12 5.86 11.83
C LEU A 1048 46.85 6.44 10.45
N GLY A 1049 47.87 6.54 9.60
CA GLY A 1049 47.65 7.06 8.27
C GLY A 1049 46.69 6.21 7.46
N THR A 1050 46.87 4.88 7.52
CA THR A 1050 45.96 3.98 6.82
C THR A 1050 44.56 4.06 7.39
N ILE A 1051 44.44 4.13 8.72
CA ILE A 1051 43.11 4.27 9.34
C ILE A 1051 42.43 5.53 8.83
N GLU A 1052 43.18 6.64 8.76
CA GLU A 1052 42.60 7.89 8.30
C GLU A 1052 42.15 7.77 6.86
N ALA A 1053 43.02 7.26 5.98
CA ALA A 1053 42.64 7.12 4.59
C ALA A 1053 41.40 6.25 4.43
N GLN A 1054 41.38 5.10 5.12
CA GLN A 1054 40.23 4.22 5.06
C GLN A 1054 38.96 4.93 5.51
N PHE A 1055 38.93 5.38 6.76
CA PHE A 1055 37.69 5.93 7.31
C PHE A 1055 37.22 7.14 6.53
N GLN A 1056 38.15 8.00 6.10
CA GLN A 1056 37.79 9.06 5.17
C GLN A 1056 37.12 8.49 3.94
N ARG A 1057 37.68 7.40 3.40
CA ARG A 1057 37.10 6.78 2.23
C ARG A 1057 35.85 5.97 2.59
N SER A 1058 35.62 5.76 3.89
CA SER A 1058 34.57 4.86 4.35
C SER A 1058 33.21 5.54 4.53
N LEU A 1059 33.07 6.82 4.19
CA LEU A 1059 31.85 7.53 4.46
C LEU A 1059 30.83 7.33 3.34
N VAL A 1060 29.55 7.48 3.70
CA VAL A 1060 28.50 7.38 2.69
C VAL A 1060 28.72 8.46 1.63
N HIS A 1061 28.81 8.03 0.39
CA HIS A 1061 28.92 9.09 -0.61
C HIS A 1061 27.56 9.75 -0.82
N PRO A 1062 27.50 11.08 -0.92
CA PRO A 1062 26.23 11.72 -1.25
C PRO A 1062 25.78 11.38 -2.65
N GLY A 1063 24.51 11.66 -2.94
CA GLY A 1063 23.92 11.41 -4.24
C GLY A 1063 23.41 10.00 -4.44
N GLU A 1064 23.53 9.14 -3.43
CA GLU A 1064 23.09 7.76 -3.56
C GLU A 1064 21.60 7.65 -3.30
N MET A 1065 20.92 6.82 -4.09
CA MET A 1065 19.53 6.46 -3.82
C MET A 1065 19.51 5.40 -2.73
N VAL A 1066 19.84 5.84 -1.51
CA VAL A 1066 19.77 4.96 -0.36
C VAL A 1066 18.38 4.36 -0.20
N GLY A 1067 17.34 5.10 -0.57
CA GLY A 1067 15.98 4.61 -0.36
C GLY A 1067 15.69 3.36 -1.15
N VAL A 1068 15.96 3.38 -2.46
CA VAL A 1068 15.69 2.21 -3.30
C VAL A 1068 16.58 1.04 -2.89
N ILE A 1069 17.85 1.32 -2.63
CA ILE A 1069 18.75 0.25 -2.20
C ILE A 1069 18.20 -0.42 -0.95
N ALA A 1070 17.79 0.39 0.03
CA ALA A 1070 17.25 -0.16 1.28
C ALA A 1070 15.96 -0.93 1.02
N ALA A 1071 15.08 -0.39 0.17
CA ALA A 1071 13.83 -1.07 -0.11
C ALA A 1071 14.07 -2.42 -0.75
N GLN A 1072 14.99 -2.48 -1.71
CA GLN A 1072 15.33 -3.75 -2.32
C GLN A 1072 15.94 -4.70 -1.30
N SER A 1073 16.84 -4.20 -0.47
CA SER A 1073 17.43 -5.06 0.56
C SER A 1073 16.40 -5.56 1.56
N ILE A 1074 15.34 -4.81 1.77
CA ILE A 1074 14.32 -5.20 2.75
C ILE A 1074 13.31 -6.16 2.14
N GLY A 1075 13.01 -5.98 0.85
CA GLY A 1075 12.02 -6.84 0.22
C GLY A 1075 12.60 -8.13 -0.32
N GLU A 1076 13.75 -8.05 -0.99
CA GLU A 1076 14.33 -9.23 -1.64
C GLU A 1076 14.46 -10.40 -0.68
N PRO A 1077 14.90 -10.22 0.58
CA PRO A 1077 14.92 -11.36 1.49
C PRO A 1077 13.56 -12.01 1.67
N ALA A 1078 12.48 -11.22 1.64
CA ALA A 1078 11.15 -11.80 1.66
C ALA A 1078 10.95 -12.81 0.55
N THR A 1079 11.66 -12.65 -0.57
CA THR A 1079 11.61 -13.66 -1.63
C THR A 1079 12.05 -15.01 -1.10
N GLN A 1080 12.84 -15.03 -0.04
CA GLN A 1080 13.44 -16.24 0.48
C GLN A 1080 12.64 -16.89 1.59
N MET A 1081 11.49 -16.33 1.95
CA MET A 1081 10.57 -17.01 2.87
C MET A 1081 9.18 -17.07 2.25
N ASN A 1095 3.02 -21.07 18.12
CA ASN A 1095 1.64 -20.79 17.77
C ASN A 1095 1.50 -19.38 17.19
N VAL A 1096 2.59 -18.61 17.23
CA VAL A 1096 2.54 -17.24 16.74
C VAL A 1096 2.59 -17.22 15.21
N THR A 1097 1.88 -16.25 14.64
CA THR A 1097 1.92 -15.99 13.21
C THR A 1097 3.28 -15.42 12.84
N LEU A 1098 3.82 -15.89 11.72
CA LEU A 1098 5.12 -15.44 11.24
C LEU A 1098 5.06 -15.26 9.74
N GLY A 1099 6.19 -14.89 9.17
CA GLY A 1099 6.34 -14.89 7.72
C GLY A 1099 5.50 -13.85 7.02
N VAL A 1100 5.29 -14.11 5.72
CA VAL A 1100 4.64 -13.12 4.86
C VAL A 1100 3.31 -12.67 5.43
N PRO A 1101 2.44 -13.53 5.95
CA PRO A 1101 1.19 -13.02 6.54
C PRO A 1101 1.44 -12.01 7.65
N ARG A 1102 2.36 -12.32 8.54
CA ARG A 1102 2.68 -11.38 9.61
C ARG A 1102 3.28 -10.10 9.04
N LEU A 1103 4.15 -10.23 8.05
CA LEU A 1103 4.76 -9.07 7.43
C LEU A 1103 3.69 -8.17 6.80
N LYS A 1104 2.68 -8.76 6.17
CA LYS A 1104 1.60 -7.97 5.62
C LYS A 1104 0.82 -7.28 6.73
N GLU A 1105 0.51 -8.03 7.80
CA GLU A 1105 -0.07 -7.42 9.00
C GLU A 1105 0.70 -6.15 9.36
N ILE A 1106 2.03 -6.23 9.34
CA ILE A 1106 2.84 -5.05 9.63
C ILE A 1106 2.61 -3.97 8.58
N LEU A 1107 2.87 -4.31 7.32
CA LEU A 1107 2.93 -3.30 6.26
C LEU A 1107 1.63 -2.52 6.16
N ASN A 1108 0.50 -3.21 6.05
CA ASN A 1108 -0.77 -2.49 6.08
C ASN A 1108 -1.11 -2.02 7.48
N VAL A 1109 -0.30 -2.37 8.47
CA VAL A 1109 -0.54 -1.95 9.84
C VAL A 1109 -1.92 -2.42 10.25
N ALA A 1110 -2.12 -3.74 10.20
CA ALA A 1110 -3.41 -4.31 10.54
C ALA A 1110 -3.80 -3.91 11.97
N LYS A 1111 -4.99 -3.32 12.09
CA LYS A 1111 -5.48 -2.95 13.41
C LYS A 1111 -5.67 -4.17 14.30
N ASN A 1112 -5.97 -5.31 13.68
CA ASN A 1112 -6.22 -6.56 14.40
C ASN A 1112 -5.32 -7.63 13.80
N ILE A 1113 -4.32 -8.05 14.57
CA ILE A 1113 -3.33 -9.02 14.11
C ILE A 1113 -3.80 -10.43 14.43
N LYS A 1114 -3.17 -11.42 13.80
CA LYS A 1114 -3.56 -12.81 14.01
C LYS A 1114 -3.37 -13.21 15.46
N THR A 1115 -2.25 -12.81 16.07
CA THR A 1115 -1.87 -13.27 17.40
C THR A 1115 -1.54 -12.08 18.29
N PRO A 1116 -2.55 -11.34 18.74
CA PRO A 1116 -2.29 -10.30 19.76
C PRO A 1116 -1.85 -10.92 21.07
N ALA A 1117 -0.79 -10.37 21.65
CA ALA A 1117 -0.24 -10.91 22.88
C ALA A 1117 0.65 -9.86 23.53
N LEU A 1118 1.00 -10.09 24.80
CA LEU A 1118 1.83 -9.18 25.55
C LEU A 1118 2.98 -9.95 26.19
N THR A 1119 4.19 -9.41 26.01
CA THR A 1119 5.37 -9.90 26.72
C THR A 1119 5.44 -9.13 28.02
N VAL A 1120 5.15 -9.80 29.13
CA VAL A 1120 5.02 -9.16 30.43
C VAL A 1120 6.17 -9.60 31.32
N TYR A 1121 6.83 -8.63 31.95
CA TYR A 1121 7.90 -8.89 32.88
C TYR A 1121 7.41 -8.61 34.30
N LEU A 1122 7.48 -9.62 35.15
CA LEU A 1122 7.05 -9.46 36.53
C LEU A 1122 8.13 -8.73 37.31
N ASP A 1123 7.97 -8.64 38.62
CA ASP A 1123 8.95 -7.96 39.44
C ASP A 1123 10.10 -8.90 39.79
N ARG A 1124 11.24 -8.30 40.13
CA ARG A 1124 12.47 -9.07 40.28
C ARG A 1124 12.27 -10.28 41.20
N GLU A 1125 11.73 -10.05 42.39
CA GLU A 1125 11.48 -11.17 43.28
C GLU A 1125 10.52 -12.17 42.65
N ILE A 1126 9.48 -11.70 41.97
CA ILE A 1126 8.54 -12.59 41.31
C ILE A 1126 9.19 -13.28 40.12
N ALA A 1127 10.04 -12.57 39.37
CA ALA A 1127 10.66 -13.16 38.18
C ALA A 1127 11.40 -14.45 38.50
N LEU A 1128 11.96 -14.57 39.69
CA LEU A 1128 12.61 -15.79 40.13
C LEU A 1128 11.70 -16.67 40.98
N ASP A 1129 10.50 -16.19 41.29
CA ASP A 1129 9.54 -16.93 42.11
C ASP A 1129 8.45 -17.51 41.22
N ILE A 1130 7.90 -18.65 41.64
CA ILE A 1130 6.91 -19.36 40.86
C ILE A 1130 5.51 -19.23 41.45
N GLU A 1131 5.35 -19.49 42.75
CA GLU A 1131 4.03 -19.36 43.36
C GLU A 1131 3.54 -17.93 43.31
N LYS A 1132 4.41 -16.95 43.57
CA LYS A 1132 4.01 -15.56 43.39
C LYS A 1132 3.66 -15.29 41.93
N ALA A 1133 4.43 -15.85 41.00
CA ALA A 1133 4.14 -15.67 39.59
C ALA A 1133 2.76 -16.24 39.24
N LYS A 1134 2.45 -17.43 39.78
CA LYS A 1134 1.14 -18.02 39.53
C LYS A 1134 0.02 -17.17 40.13
N VAL A 1135 0.23 -16.64 41.33
CA VAL A 1135 -0.77 -15.76 41.94
C VAL A 1135 -1.01 -14.55 41.06
N ILE A 1136 0.08 -13.94 40.57
CA ILE A 1136 -0.05 -12.75 39.73
C ILE A 1136 -0.76 -13.10 38.43
N GLN A 1137 -0.43 -14.25 37.84
CA GLN A 1137 -1.09 -14.68 36.62
C GLN A 1137 -2.59 -14.86 36.86
N SER A 1138 -2.95 -15.59 37.91
CA SER A 1138 -4.35 -15.84 38.19
C SER A 1138 -5.10 -14.54 38.42
N SER A 1139 -4.51 -13.62 39.17
CA SER A 1139 -5.12 -12.30 39.35
C SER A 1139 -5.26 -11.57 38.04
N ILE A 1140 -4.30 -11.75 37.13
CA ILE A 1140 -4.31 -11.03 35.86
C ILE A 1140 -5.20 -11.72 34.84
N GLU A 1141 -5.07 -13.04 34.72
CA GLU A 1141 -5.82 -13.77 33.71
C GLU A 1141 -7.31 -13.48 33.87
N TYR A 1142 -7.95 -13.12 32.77
CA TYR A 1142 -9.32 -12.63 32.82
C TYR A 1142 -10.26 -13.79 33.15
N THR A 1143 -11.20 -13.54 34.06
CA THR A 1143 -12.12 -14.55 34.57
C THR A 1143 -13.54 -14.01 34.54
N THR A 1144 -14.50 -14.90 34.32
CA THR A 1144 -15.91 -14.56 34.32
C THR A 1144 -16.70 -15.72 34.90
N LEU A 1145 -17.95 -15.42 35.30
CA LEU A 1145 -18.82 -16.46 35.81
C LEU A 1145 -18.96 -17.60 34.82
N LYS A 1146 -18.97 -17.28 33.53
CA LYS A 1146 -19.10 -18.31 32.50
C LYS A 1146 -18.03 -19.37 32.67
N ASN A 1147 -16.80 -18.96 33.01
CA ASN A 1147 -15.75 -19.92 33.29
C ASN A 1147 -16.18 -20.89 34.39
N VAL A 1148 -16.46 -20.36 35.57
CA VAL A 1148 -16.80 -21.21 36.71
C VAL A 1148 -18.24 -21.69 36.65
N THR A 1149 -19.09 -21.06 35.84
CA THR A 1149 -20.45 -21.52 35.67
C THR A 1149 -20.45 -22.86 34.96
N SER A 1150 -21.32 -23.76 35.39
CA SER A 1150 -21.39 -25.11 34.85
C SER A 1150 -22.74 -25.41 34.17
N ALA A 1151 -23.85 -25.15 34.86
CA ALA A 1151 -25.16 -25.41 34.29
C ALA A 1151 -26.16 -24.44 34.87
N THR A 1152 -27.15 -24.07 34.07
CA THR A 1152 -28.17 -23.11 34.47
C THR A 1152 -29.55 -23.74 34.30
N GLU A 1153 -30.45 -23.42 35.21
CA GLU A 1153 -31.79 -24.00 35.23
C GLU A 1153 -32.77 -22.97 35.75
N ILE A 1154 -33.62 -22.46 34.87
CA ILE A 1154 -34.62 -21.45 35.24
C ILE A 1154 -35.83 -22.18 35.81
N TYR A 1155 -36.18 -21.83 37.05
CA TYR A 1155 -37.30 -22.44 37.74
C TYR A 1155 -38.33 -21.38 38.10
N TYR A 1156 -39.60 -21.74 37.97
CA TYR A 1156 -40.67 -20.98 38.60
C TYR A 1156 -40.82 -21.52 40.01
N ASP A 1157 -40.05 -20.97 40.93
CA ASP A 1157 -40.14 -21.39 42.32
C ASP A 1157 -41.19 -20.53 43.02
N PRO A 1158 -42.43 -21.02 43.16
CA PRO A 1158 -43.51 -20.13 43.60
C PRO A 1158 -43.26 -19.50 44.96
N ASP A 1159 -42.44 -20.12 45.81
CA ASP A 1159 -42.32 -19.69 47.20
C ASP A 1159 -41.12 -18.78 47.37
N PRO A 1160 -41.29 -17.49 47.66
CA PRO A 1160 -40.14 -16.65 48.01
C PRO A 1160 -39.39 -17.13 49.24
N THR A 1161 -40.07 -17.81 50.16
CA THR A 1161 -39.48 -18.20 51.44
C THR A 1161 -38.82 -19.56 51.43
N SER A 1162 -38.92 -20.32 50.35
CA SER A 1162 -38.39 -21.68 50.28
C SER A 1162 -38.29 -22.07 48.81
N THR A 1163 -38.05 -23.36 48.56
CA THR A 1163 -38.00 -23.87 47.20
C THR A 1163 -38.59 -25.27 47.18
N VAL A 1164 -39.11 -25.65 46.01
CA VAL A 1164 -39.68 -26.98 45.81
C VAL A 1164 -38.76 -27.87 44.98
N ILE A 1165 -37.47 -27.58 44.97
CA ILE A 1165 -36.46 -28.40 44.31
C ILE A 1165 -35.46 -28.85 45.36
N GLU A 1166 -35.20 -30.16 45.41
CA GLU A 1166 -34.39 -30.74 46.48
C GLU A 1166 -32.90 -30.56 46.28
N GLU A 1167 -32.45 -30.15 45.09
CA GLU A 1167 -31.03 -29.91 44.90
C GLU A 1167 -30.52 -28.81 45.81
N ASP A 1168 -31.42 -27.97 46.33
CA ASP A 1168 -31.07 -26.93 47.29
C ASP A 1168 -32.06 -26.81 48.44
N PHE A 1169 -32.98 -27.76 48.59
CA PHE A 1169 -34.02 -27.63 49.59
C PHE A 1169 -33.44 -27.50 50.99
N ASP A 1170 -32.55 -28.42 51.37
CA ASP A 1170 -31.92 -28.34 52.68
C ASP A 1170 -30.98 -27.14 52.75
N THR A 1171 -30.30 -26.84 51.64
CA THR A 1171 -29.40 -25.69 51.64
C THR A 1171 -30.17 -24.39 51.86
N VAL A 1172 -31.34 -24.23 51.22
CA VAL A 1172 -32.13 -23.03 51.45
C VAL A 1172 -32.73 -23.05 52.86
N GLU A 1173 -33.12 -24.23 53.34
CA GLU A 1173 -33.68 -24.32 54.69
C GLU A 1173 -32.67 -23.84 55.72
N ALA A 1174 -31.41 -24.29 55.62
CA ALA A 1174 -30.39 -23.84 56.54
C ALA A 1174 -29.89 -22.44 56.21
N TYR A 1175 -30.14 -21.97 54.99
CA TYR A 1175 -29.71 -20.65 54.56
C TYR A 1175 -30.76 -19.59 54.83
N PHE A 1176 -32.03 -19.88 54.54
CA PHE A 1176 -33.12 -18.97 54.87
C PHE A 1176 -33.39 -18.90 56.37
N SER A 1177 -32.79 -19.79 57.15
CA SER A 1177 -32.94 -19.78 58.61
C SER A 1177 -31.57 -19.91 59.28
N GLN A 1190 -42.57 -10.34 46.29
CA GLN A 1190 -41.68 -10.17 45.14
C GLN A 1190 -42.02 -11.16 44.05
N SER A 1191 -41.23 -11.17 42.98
CA SER A 1191 -41.46 -12.10 41.89
C SER A 1191 -41.12 -13.52 42.33
N PRO A 1192 -42.05 -14.47 42.26
CA PRO A 1192 -41.75 -15.83 42.72
C PRO A 1192 -40.82 -16.59 41.78
N TRP A 1193 -40.78 -16.23 40.50
CA TRP A 1193 -39.93 -16.95 39.55
C TRP A 1193 -38.50 -17.02 40.04
N LEU A 1194 -37.89 -18.19 39.90
CA LEU A 1194 -36.54 -18.45 40.38
C LEU A 1194 -35.56 -18.43 39.22
N LEU A 1195 -34.44 -17.74 39.42
CA LEU A 1195 -33.30 -17.78 38.51
C LEU A 1195 -32.19 -18.58 39.21
N ARG A 1196 -32.16 -19.89 38.94
CA ARG A 1196 -31.25 -20.80 39.60
C ARG A 1196 -30.23 -21.31 38.60
N LEU A 1197 -28.99 -21.46 39.08
CA LEU A 1197 -27.90 -21.86 38.21
C LEU A 1197 -26.90 -22.70 39.00
N GLU A 1198 -26.00 -23.33 38.27
CA GLU A 1198 -24.94 -24.15 38.86
C GLU A 1198 -23.58 -23.63 38.40
N LEU A 1199 -22.58 -23.77 39.27
CA LEU A 1199 -21.21 -23.40 38.97
C LEU A 1199 -20.33 -24.64 38.96
N ASP A 1200 -19.07 -24.44 38.61
CA ASP A 1200 -18.13 -25.53 38.39
C ASP A 1200 -17.05 -25.46 39.47
N ARG A 1201 -17.12 -26.39 40.43
CA ARG A 1201 -16.19 -26.35 41.55
C ARG A 1201 -14.75 -26.51 41.08
N ALA A 1202 -14.51 -27.47 40.18
CA ALA A 1202 -13.15 -27.68 39.68
C ALA A 1202 -12.62 -26.42 39.00
N ARG A 1203 -13.43 -25.84 38.11
CA ARG A 1203 -13.02 -24.60 37.46
C ARG A 1203 -13.01 -23.44 38.45
N MET A 1204 -13.94 -23.47 39.42
CA MET A 1204 -13.97 -22.39 40.39
C MET A 1204 -12.67 -22.31 41.17
N LEU A 1205 -12.17 -23.45 41.64
CA LEU A 1205 -10.89 -23.47 42.33
C LEU A 1205 -9.72 -23.32 41.37
N ASP A 1206 -9.91 -23.66 40.09
CA ASP A 1206 -8.89 -23.36 39.10
C ASP A 1206 -8.62 -21.86 39.02
N LYS A 1207 -9.59 -21.05 39.40
CA LYS A 1207 -9.48 -19.60 39.34
C LYS A 1207 -9.08 -18.98 40.68
N GLN A 1208 -8.62 -19.79 41.63
CA GLN A 1208 -8.22 -19.34 42.95
C GLN A 1208 -9.32 -18.57 43.67
N LEU A 1209 -10.58 -19.00 43.50
CA LEU A 1209 -11.72 -18.32 44.09
C LEU A 1209 -12.72 -19.35 44.59
N THR A 1210 -13.62 -18.90 45.45
CA THR A 1210 -14.69 -19.75 45.96
C THR A 1210 -16.03 -19.09 45.63
N MET A 1211 -17.09 -19.89 45.64
CA MET A 1211 -18.35 -19.44 45.06
C MET A 1211 -19.01 -18.34 45.90
N ASN A 1212 -18.76 -18.33 47.21
CA ASN A 1212 -19.28 -17.25 48.04
C ASN A 1212 -18.91 -15.90 47.47
N GLN A 1213 -17.66 -15.76 47.02
CA GLN A 1213 -17.23 -14.52 46.38
C GLN A 1213 -17.99 -14.28 45.07
N VAL A 1214 -18.40 -15.33 44.37
CA VAL A 1214 -19.18 -15.15 43.15
C VAL A 1214 -20.55 -14.57 43.50
N ALA A 1215 -21.20 -15.13 44.51
CA ALA A 1215 -22.47 -14.56 44.96
C ALA A 1215 -22.29 -13.13 45.41
N ASP A 1216 -21.18 -12.84 46.09
CA ASP A 1216 -20.89 -11.46 46.48
C ASP A 1216 -20.75 -10.55 45.27
N LYS A 1217 -20.03 -11.02 44.25
CA LYS A 1217 -19.82 -10.22 43.04
C LYS A 1217 -21.14 -9.95 42.34
N ILE A 1218 -22.01 -10.96 42.28
CA ILE A 1218 -23.34 -10.76 41.72
C ILE A 1218 -24.10 -9.74 42.53
N SER A 1219 -23.99 -9.80 43.86
CA SER A 1219 -24.62 -8.80 44.71
C SER A 1219 -24.15 -7.39 44.32
N GLU A 1220 -22.84 -7.18 44.26
CA GLU A 1220 -22.34 -5.84 43.97
C GLU A 1220 -22.74 -5.38 42.58
N VAL A 1221 -22.62 -6.26 41.58
CA VAL A 1221 -22.89 -5.84 40.21
C VAL A 1221 -24.37 -5.55 40.01
N PHE A 1222 -25.27 -6.19 40.75
CA PHE A 1222 -26.69 -5.99 40.51
C PHE A 1222 -27.48 -5.56 41.71
N SER A 1223 -26.81 -5.00 42.72
CA SER A 1223 -27.48 -4.53 43.94
C SER A 1223 -28.37 -5.68 44.54
N ASP A 1224 -29.55 -5.43 45.06
CA ASP A 1224 -30.36 -6.53 45.53
C ASP A 1224 -31.49 -6.74 44.53
N ASP A 1225 -31.29 -6.33 43.28
CA ASP A 1225 -32.37 -6.50 42.31
C ASP A 1225 -32.74 -7.97 42.15
N LEU A 1226 -31.80 -8.87 42.40
CA LEU A 1226 -32.07 -10.30 42.47
C LEU A 1226 -31.45 -10.82 43.75
N PHE A 1227 -32.29 -11.27 44.69
CA PHE A 1227 -31.78 -11.85 45.92
C PHE A 1227 -30.89 -13.03 45.60
N VAL A 1228 -29.59 -12.90 45.91
CA VAL A 1228 -28.59 -13.92 45.59
C VAL A 1228 -28.41 -14.81 46.80
N MET A 1229 -28.66 -16.10 46.63
CA MET A 1229 -28.34 -17.11 47.63
C MET A 1229 -27.06 -17.79 47.18
N TRP A 1230 -26.30 -18.32 48.14
CA TRP A 1230 -25.09 -19.08 47.82
C TRP A 1230 -25.11 -20.38 48.60
N SER A 1231 -25.16 -21.49 47.87
CA SER A 1231 -25.11 -22.81 48.48
C SER A 1231 -23.72 -23.01 49.07
N GLU A 1232 -23.48 -24.17 49.65
CA GLU A 1232 -22.21 -24.48 50.29
C GLU A 1232 -21.32 -25.23 49.31
N ASP A 1233 -20.03 -24.87 49.29
CA ASP A 1233 -19.10 -25.54 48.39
C ASP A 1233 -19.11 -27.05 48.60
N ASN A 1234 -19.39 -27.50 49.82
CA ASN A 1234 -19.60 -28.93 50.05
C ASN A 1234 -20.80 -29.46 49.28
N ALA A 1235 -21.89 -28.72 49.22
CA ALA A 1235 -23.02 -29.11 48.39
C ALA A 1235 -22.53 -29.35 46.97
N ASP A 1236 -22.76 -30.57 46.48
CA ASP A 1236 -22.17 -30.97 45.20
C ASP A 1236 -22.50 -29.98 44.09
N LYS A 1237 -23.73 -29.47 44.07
CA LYS A 1237 -24.18 -28.54 43.04
C LYS A 1237 -24.03 -27.12 43.57
N LEU A 1238 -23.04 -26.40 43.07
CA LEU A 1238 -22.79 -25.03 43.49
C LEU A 1238 -23.87 -24.13 42.90
N ILE A 1239 -24.85 -23.75 43.72
CA ILE A 1239 -26.05 -23.07 43.25
C ILE A 1239 -26.06 -21.65 43.80
N ILE A 1240 -26.28 -20.68 42.90
CA ILE A 1240 -26.57 -19.31 43.27
C ILE A 1240 -27.97 -19.02 42.74
N ARG A 1241 -28.91 -18.72 43.64
CA ARG A 1241 -30.27 -18.45 43.24
C ARG A 1241 -30.52 -16.95 43.22
N CYS A 1242 -30.96 -16.43 42.08
CA CYS A 1242 -31.20 -15.01 41.88
C CYS A 1242 -32.71 -14.80 41.77
N ARG A 1243 -33.33 -14.52 42.91
CA ARG A 1243 -34.78 -14.37 42.98
C ARG A 1243 -35.17 -13.02 42.40
N VAL A 1244 -36.03 -13.02 41.37
CA VAL A 1244 -36.47 -11.78 40.76
C VAL A 1244 -37.20 -10.94 41.80
N ILE A 1245 -36.88 -9.65 41.83
CA ILE A 1245 -37.47 -8.75 42.80
C ILE A 1245 -38.11 -7.58 42.07
N GLU A 1258 -46.08 -10.46 32.85
CA GLU A 1258 -45.01 -11.26 32.25
C GLU A 1258 -43.79 -11.30 33.15
N GLU A 1259 -43.38 -12.51 33.52
CA GLU A 1259 -42.14 -12.71 34.27
C GLU A 1259 -41.38 -13.92 33.74
N ASP A 1260 -41.66 -14.34 32.50
CA ASP A 1260 -41.03 -15.51 31.90
C ASP A 1260 -39.89 -15.14 30.95
N GLN A 1261 -40.19 -14.37 29.90
CA GLN A 1261 -39.14 -13.95 28.98
C GLN A 1261 -38.13 -13.04 29.67
N MET A 1262 -38.60 -12.18 30.57
CA MET A 1262 -37.66 -11.32 31.31
C MET A 1262 -36.66 -12.16 32.10
N LEU A 1263 -37.11 -13.28 32.66
CA LEU A 1263 -36.21 -14.11 33.45
C LEU A 1263 -35.11 -14.70 32.60
N LYS A 1264 -35.46 -15.25 31.44
CA LYS A 1264 -34.44 -15.80 30.55
C LYS A 1264 -33.54 -14.69 30.00
N ARG A 1265 -34.09 -13.52 29.73
CA ARG A 1265 -33.26 -12.40 29.29
C ARG A 1265 -32.24 -12.05 30.36
N ILE A 1266 -32.67 -12.01 31.62
CA ILE A 1266 -31.75 -11.74 32.73
C ILE A 1266 -30.70 -12.83 32.82
N GLU A 1267 -31.13 -14.09 32.66
CA GLU A 1267 -30.20 -15.21 32.72
C GLU A 1267 -29.10 -15.05 31.68
N ALA A 1268 -29.48 -14.85 30.42
CA ALA A 1268 -28.49 -14.69 29.37
C ALA A 1268 -27.63 -13.46 29.58
N HIS A 1269 -28.24 -12.36 30.05
CA HIS A 1269 -27.47 -11.14 30.28
C HIS A 1269 -26.40 -11.34 31.33
N MET A 1270 -26.75 -12.00 32.45
CA MET A 1270 -25.75 -12.21 33.49
C MET A 1270 -24.71 -13.25 33.09
N LEU A 1271 -25.09 -14.23 32.27
CA LEU A 1271 -24.17 -15.28 31.88
C LEU A 1271 -22.82 -14.76 31.40
N ASP A 1272 -22.76 -13.54 30.87
CA ASP A 1272 -21.55 -13.03 30.24
C ASP A 1272 -20.98 -11.81 30.94
N LEU A 1273 -21.84 -10.96 31.53
CA LEU A 1273 -21.45 -9.64 31.99
C LEU A 1273 -20.90 -9.64 33.41
N ILE A 1274 -20.40 -10.77 33.90
CA ILE A 1274 -19.83 -10.85 35.24
C ILE A 1274 -18.41 -11.39 35.11
N ALA A 1275 -17.43 -10.50 35.25
CA ALA A 1275 -16.02 -10.87 35.22
C ALA A 1275 -15.51 -11.01 36.64
N LEU A 1276 -15.09 -12.22 37.01
CA LEU A 1276 -14.69 -12.47 38.39
C LEU A 1276 -13.37 -11.77 38.72
N ARG A 1277 -12.43 -11.80 37.78
CA ARG A 1277 -11.12 -11.21 38.03
C ARG A 1277 -10.33 -11.17 36.72
N GLY A 1278 -9.20 -10.48 36.78
CA GLY A 1278 -8.28 -10.38 35.66
C GLY A 1278 -8.54 -9.14 34.83
N ILE A 1279 -7.50 -8.72 34.11
CA ILE A 1279 -7.57 -7.57 33.23
C ILE A 1279 -8.44 -7.95 32.02
N PRO A 1280 -9.46 -7.16 31.67
CA PRO A 1280 -10.25 -7.50 30.49
C PRO A 1280 -9.43 -7.44 29.22
N GLY A 1281 -9.88 -8.17 28.21
CA GLY A 1281 -9.14 -8.29 26.97
C GLY A 1281 -8.00 -9.27 27.02
N ILE A 1282 -7.81 -9.96 28.13
CA ILE A 1282 -6.74 -10.93 28.28
C ILE A 1282 -7.38 -12.30 28.45
N SER A 1283 -7.53 -13.01 27.33
CA SER A 1283 -8.15 -14.33 27.38
C SER A 1283 -7.34 -15.28 28.26
N LYS A 1284 -6.02 -15.28 28.12
CA LYS A 1284 -5.17 -16.16 28.89
C LYS A 1284 -3.82 -15.48 29.10
N VAL A 1285 -3.14 -15.90 30.16
CA VAL A 1285 -1.78 -15.48 30.44
C VAL A 1285 -0.93 -16.73 30.63
N TYR A 1286 0.34 -16.64 30.25
CA TYR A 1286 1.26 -17.77 30.33
C TYR A 1286 2.35 -17.51 31.36
N MET A 1287 2.75 -18.57 32.04
CA MET A 1287 3.84 -18.53 33.03
C MET A 1287 5.11 -18.96 32.30
N VAL A 1288 5.90 -17.98 31.87
CA VAL A 1288 7.05 -18.19 30.99
C VAL A 1288 8.32 -17.89 31.75
N LYS A 1289 9.35 -18.71 31.51
CA LYS A 1289 10.68 -18.48 32.06
C LYS A 1289 11.55 -17.85 30.98
N HIS A 1290 12.55 -17.08 31.41
CA HIS A 1290 13.35 -16.26 30.51
C HIS A 1290 14.81 -16.25 30.94
N LYS A 1291 15.69 -16.55 29.98
CA LYS A 1291 17.12 -16.41 30.15
C LYS A 1291 17.52 -15.00 29.70
N VAL A 1292 18.38 -14.35 30.48
CA VAL A 1292 18.80 -12.99 30.17
C VAL A 1292 20.25 -12.82 30.58
N SER A 1293 21.06 -12.36 29.62
CA SER A 1293 22.45 -12.02 29.92
C SER A 1293 22.49 -10.91 30.97
N VAL A 1294 23.23 -11.16 32.05
CA VAL A 1294 23.30 -10.21 33.16
C VAL A 1294 24.77 -9.96 33.47
N PRO A 1295 25.25 -8.71 33.44
CA PRO A 1295 26.63 -8.45 33.85
C PRO A 1295 26.84 -8.93 35.29
N ASP A 1296 28.01 -9.52 35.52
CA ASP A 1296 28.36 -10.11 36.80
C ASP A 1296 29.22 -9.14 37.59
N GLU A 1297 29.29 -9.37 38.91
CA GLU A 1297 29.97 -8.42 39.78
C GLU A 1297 31.42 -8.25 39.38
N SER A 1298 32.12 -9.35 39.11
CA SER A 1298 33.51 -9.25 38.70
C SER A 1298 33.67 -8.57 37.34
N GLY A 1299 32.57 -8.43 36.59
CA GLY A 1299 32.56 -7.69 35.35
C GLY A 1299 32.07 -8.46 34.15
N GLU A 1300 32.16 -9.78 34.16
CA GLU A 1300 31.71 -10.56 33.02
C GLU A 1300 30.18 -10.59 33.00
N TYR A 1301 29.63 -11.39 32.09
CA TYR A 1301 28.19 -11.49 31.91
C TYR A 1301 27.72 -12.89 32.29
N LYS A 1302 26.60 -12.97 32.98
CA LYS A 1302 25.98 -14.23 33.36
C LYS A 1302 24.54 -14.23 32.88
N ASN A 1303 24.16 -15.27 32.15
CA ASN A 1303 22.76 -15.44 31.79
C ASN A 1303 21.95 -15.76 33.04
N GLU A 1304 20.64 -15.63 32.92
CA GLU A 1304 19.79 -15.75 34.09
C GLU A 1304 18.39 -16.20 33.69
N GLU A 1305 18.10 -17.47 33.91
CA GLU A 1305 16.74 -17.99 33.79
C GLU A 1305 15.84 -17.24 34.75
N LEU A 1306 14.69 -16.78 34.25
CA LEU A 1306 13.78 -15.99 35.08
C LEU A 1306 12.36 -16.12 34.54
N TRP A 1307 11.42 -16.21 35.46
CA TRP A 1307 10.01 -16.31 35.11
C TRP A 1307 9.54 -15.02 34.43
N ALA A 1308 8.45 -15.14 33.69
CA ALA A 1308 7.88 -14.02 32.94
C ALA A 1308 6.53 -14.44 32.43
N LEU A 1309 5.69 -13.45 32.12
CA LEU A 1309 4.31 -13.70 31.72
C LEU A 1309 4.11 -13.29 30.27
N GLU A 1310 3.48 -14.18 29.50
CA GLU A 1310 3.06 -13.92 28.14
C GLU A 1310 1.54 -14.07 28.08
N THR A 1311 0.86 -13.04 27.56
CA THR A 1311 -0.59 -12.98 27.63
C THR A 1311 -1.18 -13.07 26.24
N ASP A 1312 -2.39 -13.61 26.18
CA ASP A 1312 -3.19 -13.67 24.97
C ASP A 1312 -4.19 -12.53 24.99
N GLY A 1313 -4.25 -11.77 23.91
CA GLY A 1313 -4.97 -10.53 23.92
C GLY A 1313 -4.10 -9.44 24.49
N ILE A 1314 -4.38 -8.18 24.15
CA ILE A 1314 -3.53 -7.06 24.54
C ILE A 1314 -4.41 -5.97 25.14
N ASN A 1315 -4.08 -5.57 26.36
CA ASN A 1315 -4.73 -4.45 27.05
C ASN A 1315 -3.62 -3.66 27.75
N LEU A 1316 -2.99 -2.75 27.00
CA LEU A 1316 -1.72 -2.17 27.43
C LEU A 1316 -1.85 -1.43 28.75
N ALA A 1317 -2.62 -0.35 28.76
CA ALA A 1317 -2.63 0.52 29.94
C ALA A 1317 -3.07 -0.25 31.19
N GLU A 1318 -4.07 -1.11 31.05
CA GLU A 1318 -4.60 -1.80 32.22
C GLU A 1318 -3.55 -2.67 32.89
N VAL A 1319 -2.78 -3.44 32.12
CA VAL A 1319 -1.87 -4.40 32.70
C VAL A 1319 -0.65 -3.71 33.30
N MET A 1320 -0.15 -2.66 32.64
CA MET A 1320 1.11 -2.06 33.04
C MET A 1320 1.13 -1.71 34.53
N ALA A 1321 0.05 -1.15 35.06
CA ALA A 1321 -0.02 -0.75 36.46
C ALA A 1321 -0.35 -1.91 37.39
N VAL A 1322 -0.55 -3.10 36.87
CA VAL A 1322 -0.93 -4.24 37.71
C VAL A 1322 0.16 -4.47 38.76
N PRO A 1323 -0.19 -4.77 40.01
CA PRO A 1323 0.84 -5.10 40.99
C PRO A 1323 1.57 -6.38 40.60
N GLY A 1324 2.84 -6.46 41.01
CA GLY A 1324 3.66 -7.60 40.67
C GLY A 1324 4.19 -7.58 39.26
N VAL A 1325 3.97 -6.49 38.51
CA VAL A 1325 4.32 -6.41 37.10
C VAL A 1325 5.33 -5.30 36.93
N ASP A 1326 6.35 -5.55 36.11
CA ASP A 1326 7.29 -4.51 35.74
C ASP A 1326 6.61 -3.58 34.75
N SER A 1327 6.03 -2.50 35.27
CA SER A 1327 5.37 -1.54 34.38
C SER A 1327 6.37 -0.84 33.47
N SER A 1328 7.62 -0.72 33.90
CA SER A 1328 8.64 -0.02 33.12
C SER A 1328 9.17 -0.83 31.96
N ARG A 1329 8.98 -2.15 31.94
CA ARG A 1329 9.44 -2.99 30.85
C ARG A 1329 8.31 -3.77 30.20
N THR A 1330 7.06 -3.52 30.58
CA THR A 1330 5.96 -4.23 29.95
C THR A 1330 5.98 -3.98 28.44
N TYR A 1331 5.83 -5.06 27.67
CA TYR A 1331 5.90 -4.99 26.23
C TYR A 1331 4.64 -5.58 25.60
N SER A 1332 4.21 -4.94 24.52
CA SER A 1332 3.12 -5.42 23.69
C SER A 1332 3.66 -5.71 22.29
N ASN A 1333 3.22 -6.82 21.72
CA ASN A 1333 3.55 -7.16 20.35
C ASN A 1333 2.87 -6.24 19.35
N SER A 1334 1.93 -5.42 19.80
CA SER A 1334 1.16 -4.51 18.96
C SER A 1334 1.68 -3.09 19.18
N PHE A 1335 2.42 -2.57 18.19
CA PHE A 1335 2.94 -1.22 18.26
C PHE A 1335 1.83 -0.16 18.34
N VAL A 1336 0.61 -0.50 17.91
CA VAL A 1336 -0.49 0.46 17.98
C VAL A 1336 -0.72 0.89 19.42
N GLU A 1337 -0.73 -0.08 20.34
CA GLU A 1337 -0.87 0.26 21.75
C GLU A 1337 0.35 1.03 22.24
N ILE A 1338 1.53 0.77 21.67
CA ILE A 1338 2.72 1.52 22.06
C ILE A 1338 2.52 2.99 21.74
N LEU A 1339 2.01 3.29 20.55
CA LEU A 1339 1.69 4.67 20.23
C LEU A 1339 0.60 5.21 21.16
N SER A 1340 -0.41 4.38 21.45
CA SER A 1340 -1.49 4.83 22.31
C SER A 1340 -0.97 5.27 23.66
N VAL A 1341 -0.05 4.51 24.25
CA VAL A 1341 0.44 4.74 25.60
C VAL A 1341 1.85 5.33 25.57
N LEU A 1342 2.76 4.71 24.82
CA LEU A 1342 4.16 5.11 24.81
C LEU A 1342 4.53 6.00 23.64
N GLY A 1343 3.60 6.80 23.14
CA GLY A 1343 3.90 7.79 22.14
C GLY A 1343 4.59 7.25 20.90
N ILE A 1344 5.27 8.14 20.18
CA ILE A 1344 5.74 7.87 18.83
C ILE A 1344 7.03 7.06 18.81
N GLU A 1345 8.04 7.50 19.56
CA GLU A 1345 9.37 6.91 19.38
C GLU A 1345 9.42 5.47 19.90
N ALA A 1346 8.86 5.21 21.08
CA ALA A 1346 8.80 3.84 21.56
C ALA A 1346 8.00 2.97 20.60
N THR A 1347 6.99 3.55 19.94
CA THR A 1347 6.27 2.81 18.91
C THR A 1347 7.21 2.41 17.79
N ARG A 1348 8.07 3.34 17.34
CA ARG A 1348 9.05 3.01 16.32
C ARG A 1348 10.01 1.92 16.81
N SER A 1349 10.37 1.98 18.09
CA SER A 1349 11.27 0.97 18.63
C SER A 1349 10.66 -0.42 18.57
N SER A 1350 9.44 -0.57 19.09
CA SER A 1350 8.77 -1.86 19.02
C SER A 1350 8.52 -2.27 17.58
N LEU A 1351 8.20 -1.30 16.73
CA LEU A 1351 8.05 -1.54 15.30
C LEU A 1351 9.27 -2.25 14.74
N TYR A 1352 10.44 -1.62 14.85
CA TYR A 1352 11.64 -2.23 14.31
C TYR A 1352 11.91 -3.56 14.98
N LYS A 1353 11.70 -3.64 16.29
CA LYS A 1353 11.97 -4.88 17.00
C LYS A 1353 11.21 -6.03 16.36
N GLU A 1354 9.89 -5.87 16.20
CA GLU A 1354 9.10 -6.93 15.60
C GLU A 1354 9.50 -7.16 14.16
N ILE A 1355 9.75 -6.08 13.41
CA ILE A 1355 10.16 -6.23 12.02
C ILE A 1355 11.34 -7.18 11.91
N LEU A 1356 12.43 -6.86 12.60
CA LEU A 1356 13.60 -7.72 12.53
C LEU A 1356 13.29 -9.10 13.09
N ASN A 1357 12.50 -9.17 14.17
CA ASN A 1357 12.13 -10.46 14.74
C ASN A 1357 11.58 -11.38 13.65
N VAL A 1358 10.68 -10.86 12.82
CA VAL A 1358 10.16 -11.65 11.71
C VAL A 1358 11.24 -11.86 10.66
N ILE A 1359 11.93 -10.78 10.27
CA ILE A 1359 12.87 -10.87 9.17
C ILE A 1359 14.01 -11.83 9.50
N ALA A 1360 14.62 -11.66 10.66
CA ALA A 1360 15.76 -12.48 11.06
C ALA A 1360 15.34 -13.76 11.75
N PHE A 1361 14.04 -14.02 11.87
CA PHE A 1361 13.58 -15.27 12.48
C PHE A 1361 14.23 -16.46 11.81
N ASP A 1362 14.41 -16.38 10.48
CA ASP A 1362 15.17 -17.38 9.75
C ASP A 1362 16.64 -17.43 10.15
N GLY A 1363 17.14 -16.38 10.80
CA GLY A 1363 18.55 -16.21 11.05
C GLY A 1363 19.25 -15.33 10.04
N SER A 1364 18.63 -15.10 8.88
CA SER A 1364 19.23 -14.24 7.87
C SER A 1364 19.39 -12.82 8.40
N TYR A 1365 20.49 -12.18 8.02
CA TYR A 1365 20.81 -10.83 8.46
C TYR A 1365 20.66 -9.84 7.31
N VAL A 1366 20.24 -8.63 7.64
CA VAL A 1366 20.23 -7.50 6.72
C VAL A 1366 20.84 -6.31 7.43
N ASN A 1367 21.59 -5.50 6.68
CA ASN A 1367 22.22 -4.33 7.25
C ASN A 1367 21.19 -3.44 7.93
N TYR A 1368 21.49 -3.08 9.19
CA TYR A 1368 20.55 -2.36 10.04
C TYR A 1368 20.03 -1.09 9.37
N ARG A 1369 20.94 -0.31 8.79
CA ARG A 1369 20.61 1.05 8.38
C ARG A 1369 19.37 1.07 7.50
N HIS A 1370 19.18 0.06 6.67
CA HIS A 1370 18.05 0.05 5.75
C HIS A 1370 16.73 -0.04 6.51
N MET A 1371 16.64 -0.98 7.45
CA MET A 1371 15.41 -1.11 8.24
C MET A 1371 15.22 0.13 9.11
N ALA A 1372 16.31 0.69 9.62
CA ALA A 1372 16.21 1.94 10.36
C ALA A 1372 15.55 3.02 9.53
N LEU A 1373 16.04 3.21 8.29
CA LEU A 1373 15.43 4.20 7.41
C LEU A 1373 13.97 3.87 7.14
N LEU A 1374 13.68 2.59 6.89
CA LEU A 1374 12.30 2.19 6.62
C LEU A 1374 11.37 2.63 7.76
N VAL A 1375 11.62 2.12 8.97
CA VAL A 1375 10.78 2.52 10.09
C VAL A 1375 10.76 4.02 10.27
N ASP A 1376 11.90 4.68 10.06
CA ASP A 1376 11.94 6.14 10.13
C ASP A 1376 10.97 6.77 9.14
N VAL A 1377 11.01 6.32 7.88
CA VAL A 1377 10.23 6.98 6.83
C VAL A 1377 8.75 6.98 7.20
N MET A 1378 8.27 5.88 7.74
CA MET A 1378 6.86 5.71 8.04
C MET A 1378 6.47 6.32 9.39
N THR A 1379 7.41 6.96 10.09
CA THR A 1379 7.14 7.67 11.33
C THR A 1379 7.41 9.17 11.19
N SER A 1380 7.57 9.65 9.96
CA SER A 1380 8.03 11.02 9.76
C SER A 1380 7.04 12.03 10.32
N ARG A 1381 5.75 11.86 10.04
CA ARG A 1381 4.75 12.84 10.46
C ARG A 1381 4.45 12.77 11.95
N GLY A 1382 4.86 11.70 12.63
CA GLY A 1382 4.58 11.51 14.04
C GLY A 1382 3.47 10.53 14.33
N TYR A 1383 2.80 10.00 13.30
CA TYR A 1383 1.80 8.97 13.47
C TYR A 1383 2.09 7.82 12.50
N LEU A 1384 1.25 6.79 12.57
CA LEU A 1384 1.42 5.62 11.71
C LEU A 1384 0.97 5.92 10.29
N MET A 1385 1.89 5.80 9.33
CA MET A 1385 1.55 5.89 7.92
C MET A 1385 1.55 4.46 7.36
N ALA A 1386 0.42 3.79 7.49
CA ALA A 1386 0.32 2.41 7.05
C ALA A 1386 0.64 2.32 5.55
N ILE A 1387 1.31 1.23 5.18
CA ILE A 1387 1.75 1.04 3.80
C ILE A 1387 0.57 0.47 3.05
N THR A 1388 -0.26 1.38 2.52
CA THR A 1388 -1.37 1.04 1.65
C THR A 1388 -1.57 2.21 0.70
N ARG A 1389 -2.63 2.14 -0.11
CA ARG A 1389 -2.93 3.24 -1.03
C ARG A 1389 -3.20 4.53 -0.27
N HIS A 1390 -3.96 4.45 0.83
CA HIS A 1390 -4.47 5.65 1.47
C HIS A 1390 -3.34 6.50 2.02
N GLY A 1391 -2.49 5.93 2.88
CA GLY A 1391 -1.46 6.72 3.53
C GLY A 1391 -0.45 7.28 2.56
N ILE A 1392 0.05 6.45 1.65
CA ILE A 1392 1.03 6.92 0.68
C ILE A 1392 0.42 8.00 -0.22
N ASN A 1393 -0.77 7.74 -0.76
CA ASN A 1393 -1.46 8.74 -1.57
C ASN A 1393 -1.88 9.95 -0.76
N ARG A 1394 -2.19 9.78 0.53
CA ARG A 1394 -2.47 10.91 1.40
C ARG A 1394 -1.25 11.80 1.58
N ALA A 1395 -0.05 11.29 1.28
CA ALA A 1395 1.13 12.11 1.36
C ALA A 1395 0.96 13.38 0.53
N ASP A 1396 1.63 14.44 0.95
CA ASP A 1396 1.55 15.72 0.29
C ASP A 1396 2.57 15.85 -0.85
N THR A 1397 3.18 14.74 -1.25
CA THR A 1397 4.24 14.77 -2.24
C THR A 1397 3.68 15.11 -3.62
N GLY A 1398 4.58 15.14 -4.61
CA GLY A 1398 4.16 15.46 -5.96
C GLY A 1398 3.06 14.54 -6.44
N ALA A 1399 2.02 15.14 -7.01
CA ALA A 1399 0.90 14.35 -7.52
C ALA A 1399 1.38 13.33 -8.55
N LEU A 1400 2.32 13.71 -9.41
CA LEU A 1400 2.75 12.82 -10.47
C LEU A 1400 3.27 11.50 -9.90
N MET A 1401 3.79 11.51 -8.68
CA MET A 1401 4.19 10.26 -8.05
C MET A 1401 3.00 9.54 -7.42
N ARG A 1402 2.35 10.20 -6.45
CA ARG A 1402 1.30 9.54 -5.68
C ARG A 1402 0.24 8.95 -6.59
N CYS A 1403 -0.12 9.68 -7.66
CA CYS A 1403 -1.03 9.12 -8.64
C CYS A 1403 -0.45 7.88 -9.29
N SER A 1404 0.82 7.93 -9.68
CA SER A 1404 1.47 6.80 -10.33
C SER A 1404 1.41 5.54 -9.47
N PHE A 1405 1.34 5.69 -8.15
CA PHE A 1405 1.27 4.52 -7.26
C PHE A 1405 -0.07 3.82 -7.39
N GLU A 1406 -1.16 4.51 -7.04
CA GLU A 1406 -2.49 3.93 -7.12
C GLU A 1406 -3.51 5.04 -7.28
N GLU A 1407 -4.69 4.67 -7.78
CA GLU A 1407 -5.80 5.60 -7.96
C GLU A 1407 -5.34 6.87 -8.68
N THR A 1408 -4.59 6.67 -9.75
CA THR A 1408 -3.97 7.77 -10.47
C THR A 1408 -4.99 8.81 -10.91
N VAL A 1409 -6.06 8.36 -11.57
CA VAL A 1409 -7.01 9.31 -12.15
C VAL A 1409 -7.66 10.16 -11.06
N GLU A 1410 -7.93 9.57 -9.89
CA GLU A 1410 -8.47 10.36 -8.79
C GLU A 1410 -7.54 11.52 -8.47
N ILE A 1411 -6.24 11.24 -8.39
CA ILE A 1411 -5.27 12.28 -8.05
C ILE A 1411 -5.23 13.33 -9.15
N LEU A 1412 -5.26 12.92 -10.41
CA LEU A 1412 -5.22 13.91 -11.48
C LEU A 1412 -6.46 14.81 -11.45
N PHE A 1413 -7.65 14.24 -11.23
CA PHE A 1413 -8.84 15.08 -11.15
C PHE A 1413 -8.79 16.01 -9.94
N GLU A 1414 -8.28 15.53 -8.81
CA GLU A 1414 -8.17 16.40 -7.65
C GLU A 1414 -7.18 17.52 -7.90
N ALA A 1415 -6.10 17.24 -8.64
CA ALA A 1415 -5.13 18.27 -8.97
C ALA A 1415 -5.73 19.30 -9.91
N GLY A 1416 -6.46 18.85 -10.92
CA GLY A 1416 -7.14 19.77 -11.81
C GLY A 1416 -8.16 20.63 -11.09
N ALA A 1417 -8.91 20.03 -10.16
CA ALA A 1417 -9.87 20.80 -9.37
C ALA A 1417 -9.15 21.84 -8.52
N ALA A 1418 -8.15 21.42 -7.75
CA ALA A 1418 -7.33 22.34 -6.97
C ALA A 1418 -6.31 23.08 -7.84
N ALA A 1419 -6.17 22.71 -9.10
CA ALA A 1419 -5.23 23.36 -10.01
C ALA A 1419 -3.86 23.48 -9.36
N GLU A 1420 -3.37 22.34 -8.88
CA GLU A 1420 -2.15 22.36 -8.07
C GLU A 1420 -0.91 22.51 -8.93
N LEU A 1421 0.17 22.93 -8.30
CA LEU A 1421 1.46 23.10 -8.96
C LEU A 1421 2.44 22.05 -8.46
N ASP A 1422 3.22 21.49 -9.37
CA ASP A 1422 4.28 20.55 -9.03
C ASP A 1422 5.59 21.11 -9.54
N ASP A 1423 6.55 21.30 -8.64
CA ASP A 1423 7.88 21.74 -9.01
C ASP A 1423 8.61 20.73 -9.88
N CYS A 1424 8.13 19.48 -9.92
CA CYS A 1424 8.78 18.41 -10.68
C CYS A 1424 10.19 18.16 -10.14
N ARG A 1425 10.41 18.55 -8.88
CA ARG A 1425 11.66 18.31 -8.19
C ARG A 1425 11.96 16.83 -8.02
N GLY A 1426 10.94 16.00 -7.92
CA GLY A 1426 11.10 14.60 -7.59
C GLY A 1426 11.61 13.78 -8.75
N VAL A 1427 11.97 12.54 -8.42
CA VAL A 1427 12.59 11.62 -9.38
C VAL A 1427 11.67 11.36 -10.57
N SER A 1428 10.46 10.87 -10.31
CA SER A 1428 9.60 10.43 -11.40
C SER A 1428 9.32 11.56 -12.36
N GLU A 1429 9.10 12.77 -11.85
CA GLU A 1429 8.77 13.90 -12.71
C GLU A 1429 9.90 14.19 -13.69
N ASN A 1430 11.14 14.26 -13.20
CA ASN A 1430 12.26 14.50 -14.09
C ASN A 1430 12.34 13.42 -15.17
N VAL A 1431 12.30 12.15 -14.76
CA VAL A 1431 12.50 11.07 -15.72
C VAL A 1431 11.34 11.01 -16.71
N MET A 1432 10.10 11.08 -16.22
CA MET A 1432 8.97 11.02 -17.15
C MET A 1432 9.04 12.12 -18.17
N LEU A 1433 9.72 13.22 -17.86
CA LEU A 1433 9.95 14.30 -18.80
C LEU A 1433 11.24 14.11 -19.57
N GLY A 1434 11.92 12.97 -19.40
CA GLY A 1434 13.21 12.77 -20.02
C GLY A 1434 14.17 13.84 -19.57
N GLN A 1435 14.17 14.13 -18.27
CA GLN A 1435 15.00 15.18 -17.69
C GLN A 1435 15.94 14.57 -16.67
N LEU A 1436 17.11 15.19 -16.53
CA LEU A 1436 18.10 14.76 -15.56
C LEU A 1436 17.55 14.97 -14.16
N ALA A 1437 17.20 13.89 -13.48
CA ALA A 1437 16.70 13.99 -12.13
C ALA A 1437 17.82 14.42 -11.19
N PRO A 1438 17.47 15.04 -10.06
CA PRO A 1438 18.49 15.40 -9.05
C PRO A 1438 19.06 14.17 -8.36
N MET A 1439 19.62 13.27 -9.16
CA MET A 1439 19.98 11.94 -8.70
C MET A 1439 21.46 11.70 -9.00
N GLY A 1440 22.21 11.32 -7.98
CA GLY A 1440 23.58 10.86 -8.16
C GLY A 1440 24.35 11.72 -9.12
N THR A 1441 24.73 11.13 -10.26
CA THR A 1441 25.42 11.87 -11.30
C THR A 1441 24.63 13.10 -11.75
N GLY A 1442 23.31 13.05 -11.68
CA GLY A 1442 22.46 14.19 -11.96
C GLY A 1442 22.11 15.04 -10.76
N ALA A 1443 22.87 14.93 -9.66
CA ALA A 1443 22.62 15.69 -8.45
C ALA A 1443 23.60 16.84 -8.25
N PHE A 1444 24.03 17.48 -9.32
CA PHE A 1444 24.97 18.60 -9.25
C PHE A 1444 25.09 19.20 -10.66
N ASP A 1445 25.90 20.25 -10.78
CA ASP A 1445 26.08 20.91 -12.06
C ASP A 1445 27.57 21.02 -12.38
N VAL A 1446 27.86 21.02 -13.68
CA VAL A 1446 29.23 21.04 -14.19
C VAL A 1446 29.50 22.43 -14.76
N MET A 1447 30.43 23.15 -14.16
CA MET A 1447 30.84 24.45 -14.65
C MET A 1447 32.15 24.31 -15.40
N ILE A 1448 32.15 24.69 -16.68
CA ILE A 1448 33.41 24.98 -17.35
C ILE A 1448 33.97 26.27 -16.81
N ASP A 1449 35.26 26.28 -16.49
CA ASP A 1449 35.89 27.39 -15.80
C ASP A 1449 36.88 28.12 -16.69
N GLU A 1450 37.04 29.41 -16.42
CA GLU A 1450 38.02 30.24 -17.11
C GLU A 1450 39.29 30.46 -16.31
N LYS A 1451 39.23 30.35 -14.97
CA LYS A 1451 40.41 30.64 -14.16
C LYS A 1451 41.58 29.73 -14.54
N LEU A 1452 41.32 28.43 -14.69
CA LEU A 1452 42.41 27.52 -15.04
C LEU A 1452 42.64 27.48 -16.55
N LEU A 1453 41.57 27.51 -17.35
CA LEU A 1453 41.75 27.55 -18.80
C LEU A 1453 42.61 28.73 -19.22
N THR A 1454 42.56 29.85 -18.49
CA THR A 1454 43.55 30.90 -18.70
C THR A 1454 44.96 30.35 -18.63
N SER A 1455 45.21 29.34 -17.79
CA SER A 1455 46.52 28.72 -17.73
C SER A 1455 46.87 27.97 -19.01
N LEU A 1456 45.92 27.76 -19.92
CA LEU A 1456 46.23 27.11 -21.17
C LEU A 1456 47.24 27.95 -21.96
N PRO A 1457 48.01 27.33 -22.85
CA PRO A 1457 48.91 28.11 -23.70
C PRO A 1457 48.12 29.12 -24.54
N ALA A 1458 48.74 30.28 -24.74
CA ALA A 1458 48.05 31.36 -25.47
C ALA A 1458 47.69 30.93 -26.88
N ASP A 1459 48.54 30.15 -27.54
CA ASP A 1459 48.28 29.70 -28.90
C ASP A 1459 47.02 28.84 -29.01
N TYR A 1460 46.54 28.28 -27.90
CA TYR A 1460 45.28 27.55 -27.88
C TYR A 1460 44.11 28.50 -27.60
N ALA A 1461 44.29 29.79 -27.90
CA ALA A 1461 43.21 30.74 -27.75
C ALA A 1461 42.07 30.39 -28.70
N PRO A 1462 40.82 30.43 -28.23
CA PRO A 1462 39.71 30.03 -29.09
C PRO A 1462 39.63 30.87 -30.35
N THR A 1463 39.23 30.23 -31.45
CA THR A 1463 39.10 30.91 -32.73
C THR A 1463 37.75 31.61 -32.82
N ASP B 9 -8.72 -73.19 -9.50
CA ASP B 9 -8.44 -71.74 -9.24
C ASP B 9 -7.21 -71.59 -8.36
N ASP B 10 -6.55 -70.43 -8.45
CA ASP B 10 -5.34 -70.16 -7.69
C ASP B 10 -5.24 -68.66 -7.46
N THR B 11 -4.16 -68.24 -6.83
CA THR B 11 -3.93 -66.83 -6.58
C THR B 11 -3.78 -66.10 -7.91
N ILE B 12 -4.14 -64.81 -7.90
CA ILE B 12 -4.13 -63.99 -9.10
C ILE B 12 -2.80 -63.25 -9.16
N THR B 13 -1.99 -63.58 -10.16
CA THR B 13 -0.69 -62.97 -10.31
C THR B 13 -0.83 -61.52 -10.78
N THR B 14 0.30 -60.84 -10.91
CA THR B 14 0.29 -59.45 -11.36
C THR B 14 0.00 -59.36 -12.85
N GLU B 15 0.64 -60.22 -13.65
CA GLU B 15 0.37 -60.23 -15.08
C GLU B 15 -1.11 -60.51 -15.35
N ASP B 16 -1.77 -61.23 -14.45
CA ASP B 16 -3.22 -61.34 -14.53
C ASP B 16 -3.84 -59.96 -14.58
N CYS B 17 -3.40 -59.07 -13.68
CA CYS B 17 -3.91 -57.71 -13.66
C CYS B 17 -3.51 -56.95 -14.93
N TRP B 18 -2.30 -57.19 -15.43
CA TRP B 18 -1.87 -56.49 -16.63
C TRP B 18 -2.72 -56.87 -17.85
N THR B 19 -3.03 -58.15 -17.99
CA THR B 19 -3.87 -58.56 -19.10
C THR B 19 -5.31 -58.11 -18.90
N VAL B 20 -5.77 -58.11 -17.64
CA VAL B 20 -7.00 -57.43 -17.28
C VAL B 20 -7.01 -56.01 -17.87
N ILE B 21 -5.94 -55.26 -17.62
CA ILE B 21 -5.85 -53.89 -18.11
C ILE B 21 -5.87 -53.86 -19.63
N SER B 22 -5.13 -54.77 -20.26
CA SER B 22 -5.06 -54.79 -21.72
C SER B 22 -6.44 -55.01 -22.33
N ALA B 23 -7.18 -55.99 -21.80
CA ALA B 23 -8.51 -56.26 -22.31
C ALA B 23 -9.43 -55.06 -22.10
N PHE B 24 -9.42 -54.50 -20.89
CA PHE B 24 -10.22 -53.31 -20.64
C PHE B 24 -9.92 -52.24 -21.67
N PHE B 25 -8.62 -51.96 -21.87
CA PHE B 25 -8.21 -50.95 -22.83
C PHE B 25 -8.75 -51.25 -24.22
N GLU B 26 -8.60 -52.50 -24.67
CA GLU B 26 -9.03 -52.83 -26.03
C GLU B 26 -10.53 -52.64 -26.19
N GLU B 27 -11.32 -53.01 -25.19
CA GLU B 27 -12.75 -52.72 -25.28
C GLU B 27 -12.99 -51.21 -25.35
N LYS B 28 -12.63 -50.50 -24.29
CA LYS B 28 -13.00 -49.10 -24.14
C LYS B 28 -12.09 -48.17 -24.95
N GLY B 29 -10.78 -48.30 -24.76
CA GLY B 29 -9.84 -47.40 -25.39
C GLY B 29 -9.66 -46.13 -24.58
N LEU B 30 -8.77 -45.27 -25.09
CA LEU B 30 -8.41 -44.04 -24.37
C LEU B 30 -9.50 -42.99 -24.46
N VAL B 31 -10.22 -42.93 -25.58
CA VAL B 31 -11.22 -41.90 -25.79
C VAL B 31 -12.61 -42.49 -25.58
N SER B 32 -12.69 -43.56 -24.80
CA SER B 32 -13.97 -44.27 -24.65
C SER B 32 -15.07 -43.33 -24.19
N GLN B 33 -14.93 -42.75 -22.98
CA GLN B 33 -15.97 -41.88 -22.45
C GLN B 33 -16.30 -40.76 -23.42
N GLN B 34 -15.30 -40.25 -24.14
CA GLN B 34 -15.55 -39.20 -25.12
C GLN B 34 -16.59 -39.64 -26.14
N LEU B 35 -16.29 -40.73 -26.85
CA LEU B 35 -17.21 -41.21 -27.87
C LEU B 35 -18.54 -41.62 -27.26
N ASP B 36 -18.52 -42.14 -26.03
CA ASP B 36 -19.76 -42.57 -25.39
C ASP B 36 -20.69 -41.39 -25.17
N SER B 37 -20.18 -40.32 -24.57
CA SER B 37 -21.01 -39.15 -24.33
C SER B 37 -21.41 -38.50 -25.65
N PHE B 38 -20.50 -38.46 -26.62
CA PHE B 38 -20.86 -37.87 -27.91
C PHE B 38 -22.02 -38.64 -28.56
N ASP B 39 -21.95 -39.97 -28.53
CA ASP B 39 -23.00 -40.79 -29.11
C ASP B 39 -24.31 -40.61 -28.35
N GLU B 40 -24.26 -40.65 -27.02
CA GLU B 40 -25.47 -40.46 -26.25
C GLU B 40 -26.07 -39.09 -26.51
N PHE B 41 -25.22 -38.08 -26.69
CA PHE B 41 -25.70 -36.75 -27.02
C PHE B 41 -26.47 -36.77 -28.33
N MET B 42 -25.80 -37.17 -29.42
CA MET B 42 -26.46 -37.23 -30.72
C MET B 42 -27.72 -38.08 -30.66
N GLU B 43 -27.74 -39.08 -29.78
CA GLU B 43 -28.84 -40.04 -29.77
C GLU B 43 -30.05 -39.49 -29.03
N THR B 44 -29.89 -39.19 -27.75
CA THR B 44 -30.99 -38.83 -26.87
C THR B 44 -31.12 -37.33 -26.63
N SER B 45 -30.01 -36.58 -26.59
CA SER B 45 -30.10 -35.19 -26.17
C SER B 45 -30.90 -34.37 -27.18
N ILE B 46 -30.64 -34.57 -28.47
CA ILE B 46 -31.25 -33.70 -29.47
C ILE B 46 -32.77 -33.83 -29.44
N GLN B 47 -33.29 -35.07 -29.47
CA GLN B 47 -34.73 -35.25 -29.46
C GLN B 47 -35.34 -34.79 -28.14
N ASP B 48 -34.67 -35.08 -27.02
CA ASP B 48 -35.21 -34.66 -25.74
C ASP B 48 -35.34 -33.14 -25.67
N LEU B 49 -34.33 -32.43 -26.15
CA LEU B 49 -34.39 -30.96 -26.16
C LEU B 49 -35.44 -30.47 -27.15
N VAL B 50 -35.55 -31.11 -28.30
CA VAL B 50 -36.53 -30.68 -29.29
C VAL B 50 -37.94 -30.81 -28.74
N TRP B 51 -38.24 -31.96 -28.13
CA TRP B 51 -39.55 -32.18 -27.54
C TRP B 51 -39.71 -31.52 -26.18
N GLU B 52 -38.64 -30.90 -25.65
CA GLU B 52 -38.77 -30.09 -24.46
C GLU B 52 -39.69 -28.91 -24.70
N GLU B 53 -39.74 -28.40 -25.94
CA GLU B 53 -40.58 -27.27 -26.32
C GLU B 53 -41.37 -27.69 -27.55
N PRO B 54 -42.41 -28.49 -27.39
CA PRO B 54 -43.03 -29.19 -28.53
C PRO B 54 -44.21 -28.49 -29.19
N ARG B 55 -44.70 -27.35 -28.68
CA ARG B 55 -45.87 -26.71 -29.27
C ARG B 55 -45.68 -25.21 -29.31
N LEU B 56 -45.91 -24.62 -30.48
CA LEU B 56 -46.12 -23.19 -30.61
C LEU B 56 -47.57 -22.95 -31.01
N ILE B 57 -48.29 -22.16 -30.22
CA ILE B 57 -49.71 -21.93 -30.41
C ILE B 57 -49.91 -20.46 -30.77
N LEU B 58 -50.56 -20.22 -31.91
CA LEU B 58 -50.93 -18.89 -32.33
C LEU B 58 -52.44 -18.75 -32.30
N ASP B 59 -52.92 -17.55 -32.64
CA ASP B 59 -54.35 -17.27 -32.65
C ASP B 59 -54.61 -16.03 -33.50
N GLN B 60 -55.87 -15.82 -33.86
CA GLN B 60 -56.28 -14.63 -34.60
C GLN B 60 -57.77 -14.42 -34.36
N PRO B 61 -58.14 -13.72 -33.27
CA PRO B 61 -59.56 -13.39 -33.05
C PRO B 61 -59.99 -12.17 -33.86
N ALA B 62 -60.26 -12.39 -35.15
CA ALA B 62 -60.58 -11.30 -36.06
C ALA B 62 -62.07 -11.05 -36.08
N GLN B 63 -62.48 -9.86 -35.66
CA GLN B 63 -63.87 -9.41 -35.73
C GLN B 63 -63.93 -8.29 -36.76
N HIS B 64 -64.14 -8.66 -38.02
CA HIS B 64 -64.10 -7.69 -39.12
C HIS B 64 -65.38 -7.75 -39.94
N ASP B 69 -68.34 -11.21 -35.20
CA ASP B 69 -67.66 -12.26 -35.96
C ASP B 69 -66.37 -12.67 -35.25
N ASN B 70 -66.50 -13.35 -34.12
CA ASN B 70 -65.37 -13.76 -33.30
C ASN B 70 -64.94 -15.15 -33.71
N ILE B 71 -63.83 -15.24 -34.45
CA ILE B 71 -63.30 -16.52 -34.92
C ILE B 71 -61.86 -16.66 -34.42
N ASN B 72 -61.58 -17.78 -33.77
CA ASN B 72 -60.26 -18.05 -33.19
C ASN B 72 -59.49 -18.95 -34.14
N LYS B 73 -58.66 -18.34 -34.99
CA LYS B 73 -57.81 -19.08 -35.91
C LYS B 73 -56.48 -19.37 -35.23
N ARG B 74 -56.34 -20.57 -34.67
CA ARG B 74 -55.15 -20.98 -33.94
C ARG B 74 -54.15 -21.57 -34.94
N TYR B 75 -53.10 -20.82 -35.23
CA TYR B 75 -52.06 -21.25 -36.15
C TYR B 75 -50.98 -21.97 -35.34
N GLU B 76 -51.27 -23.19 -34.93
CA GLU B 76 -50.40 -23.96 -34.05
C GLU B 76 -49.36 -24.70 -34.88
N ILE B 77 -48.14 -24.79 -34.36
CA ILE B 77 -47.03 -25.48 -35.01
C ILE B 77 -46.51 -26.56 -34.08
N ARG B 78 -46.32 -27.76 -34.61
CA ARG B 78 -45.78 -28.89 -33.88
C ARG B 78 -44.51 -29.36 -34.57
N PHE B 79 -43.67 -30.09 -33.84
CA PHE B 79 -42.39 -30.54 -34.38
C PHE B 79 -42.30 -32.06 -34.36
N GLY B 80 -41.79 -32.62 -35.46
CA GLY B 80 -41.65 -34.04 -35.60
C GLY B 80 -40.30 -34.55 -35.16
N LYS B 81 -39.97 -35.74 -35.62
CA LYS B 81 -38.71 -36.37 -35.22
C LYS B 81 -37.52 -35.60 -35.77
N ILE B 82 -36.39 -35.74 -35.09
CA ILE B 82 -35.13 -35.19 -35.55
C ILE B 82 -34.49 -36.16 -36.52
N TYR B 83 -33.93 -35.63 -37.60
CA TYR B 83 -33.33 -36.45 -38.65
C TYR B 83 -31.88 -36.00 -38.84
N LEU B 84 -30.96 -36.94 -38.68
CA LEU B 84 -29.53 -36.67 -38.74
C LEU B 84 -28.92 -37.35 -39.95
N SER B 85 -28.22 -36.56 -40.77
CA SER B 85 -27.58 -37.05 -41.97
C SER B 85 -26.12 -37.32 -41.68
N ARG B 86 -25.46 -37.98 -42.63
CA ARG B 86 -24.02 -38.11 -42.61
C ARG B 86 -23.39 -36.89 -43.31
N PRO B 87 -22.10 -36.65 -43.09
CA PRO B 87 -21.46 -35.51 -43.74
C PRO B 87 -21.74 -35.49 -45.24
N THR B 88 -22.16 -34.33 -45.72
CA THR B 88 -22.40 -34.11 -47.14
C THR B 88 -22.36 -32.61 -47.42
N MET B 89 -21.25 -32.13 -47.95
CA MET B 89 -21.07 -30.72 -48.25
C MET B 89 -21.65 -30.43 -49.62
N THR B 90 -21.80 -29.14 -49.93
CA THR B 90 -22.20 -28.68 -51.24
C THR B 90 -21.06 -27.85 -51.82
N GLU B 91 -20.55 -28.26 -52.97
CA GLU B 91 -19.52 -27.49 -53.65
C GLU B 91 -20.11 -26.21 -54.20
N ALA B 92 -19.25 -25.18 -54.30
CA ALA B 92 -19.67 -23.96 -54.97
C ALA B 92 -20.10 -24.25 -56.40
N ASP B 93 -19.63 -25.36 -56.95
CA ASP B 93 -20.16 -25.92 -58.19
C ASP B 93 -21.55 -26.52 -58.03
N GLY B 94 -22.13 -26.44 -56.83
CA GLY B 94 -23.42 -27.03 -56.56
C GLY B 94 -23.38 -28.52 -56.28
N THR B 95 -22.33 -29.21 -56.70
CA THR B 95 -22.21 -30.65 -56.48
C THR B 95 -22.06 -30.94 -54.99
N THR B 96 -22.74 -31.99 -54.53
CA THR B 96 -22.75 -32.37 -53.13
C THR B 96 -22.12 -33.76 -52.99
N HIS B 97 -21.38 -33.97 -51.91
CA HIS B 97 -20.74 -35.25 -51.65
C HIS B 97 -20.47 -35.36 -50.17
N ALA B 98 -20.50 -36.60 -49.68
CA ALA B 98 -20.06 -36.85 -48.32
C ALA B 98 -18.58 -36.52 -48.18
N MET B 99 -18.21 -36.02 -47.01
CA MET B 99 -16.87 -35.51 -46.81
C MET B 99 -16.00 -36.53 -46.08
N PHE B 100 -14.76 -36.13 -45.84
CA PHE B 100 -13.88 -36.79 -44.89
C PHE B 100 -13.06 -35.74 -44.18
N PRO B 101 -12.66 -36.00 -42.94
CA PRO B 101 -11.96 -34.95 -42.17
C PRO B 101 -10.72 -34.42 -42.88
N GLN B 102 -9.96 -35.28 -43.56
CA GLN B 102 -8.74 -34.82 -44.21
C GLN B 102 -9.06 -33.88 -45.37
N GLU B 103 -10.17 -34.13 -46.06
CA GLU B 103 -10.59 -33.20 -47.11
C GLU B 103 -10.79 -31.81 -46.55
N ALA B 104 -11.50 -31.71 -45.42
CA ALA B 104 -11.70 -30.42 -44.79
C ALA B 104 -10.37 -29.83 -44.34
N ARG B 105 -9.49 -30.67 -43.78
CA ARG B 105 -8.18 -30.17 -43.38
C ARG B 105 -7.46 -29.54 -44.55
N LEU B 106 -7.52 -30.18 -45.72
CA LEU B 106 -6.83 -29.65 -46.89
C LEU B 106 -7.46 -28.36 -47.37
N ARG B 107 -8.78 -28.33 -47.54
CA ARG B 107 -9.46 -27.15 -48.07
C ARG B 107 -10.13 -26.32 -46.99
N ASN B 108 -9.69 -26.45 -45.74
CA ASN B 108 -10.22 -25.64 -44.64
C ASN B 108 -11.74 -25.66 -44.61
N LEU B 109 -12.31 -26.82 -44.37
CA LEU B 109 -13.76 -26.96 -44.23
C LEU B 109 -14.06 -27.48 -42.82
N THR B 110 -15.34 -27.66 -42.51
CA THR B 110 -15.76 -28.13 -41.21
C THR B 110 -16.41 -29.49 -41.37
N TYR B 111 -15.91 -30.49 -40.64
CA TYR B 111 -16.47 -31.82 -40.69
C TYR B 111 -17.80 -31.80 -39.95
N SER B 112 -18.87 -31.48 -40.68
CA SER B 112 -20.20 -31.37 -40.12
C SER B 112 -21.20 -32.09 -41.01
N SER B 113 -22.28 -32.54 -40.39
CA SER B 113 -23.29 -33.35 -41.08
C SER B 113 -24.59 -32.57 -41.18
N PRO B 114 -25.20 -32.46 -42.37
CA PRO B 114 -26.51 -31.80 -42.45
C PRO B 114 -27.53 -32.49 -41.57
N VAL B 115 -28.42 -31.69 -40.98
CA VAL B 115 -29.44 -32.18 -40.05
C VAL B 115 -30.80 -31.75 -40.54
N TYR B 116 -31.78 -32.64 -40.40
CA TYR B 116 -33.17 -32.37 -40.72
C TYR B 116 -34.02 -32.56 -39.49
N LEU B 117 -34.96 -31.66 -39.26
CA LEU B 117 -35.99 -31.84 -38.25
C LEU B 117 -37.34 -31.75 -38.95
N ASP B 118 -38.30 -32.53 -38.47
CA ASP B 118 -39.62 -32.54 -39.07
C ASP B 118 -40.52 -31.48 -38.42
N MET B 119 -41.20 -30.72 -39.26
CA MET B 119 -42.14 -29.70 -38.82
C MET B 119 -43.55 -30.26 -38.81
N GLU B 120 -44.49 -29.48 -38.28
CA GLU B 120 -45.90 -29.82 -38.38
C GLU B 120 -46.70 -28.54 -38.17
N LYS B 121 -47.42 -28.11 -39.21
CA LYS B 121 -48.27 -26.94 -39.15
C LYS B 121 -49.72 -27.41 -39.05
N SER B 122 -50.36 -27.10 -37.93
CA SER B 122 -51.71 -27.57 -37.65
C SER B 122 -52.63 -26.37 -37.39
N MET B 123 -53.83 -26.43 -37.96
CA MET B 123 -54.80 -25.35 -37.86
C MET B 123 -55.92 -25.77 -36.91
N PHE B 124 -56.23 -24.92 -35.95
CA PHE B 124 -57.41 -25.08 -35.09
C PHE B 124 -58.18 -23.76 -35.15
N THR B 125 -59.02 -23.63 -36.16
CA THR B 125 -59.83 -22.44 -36.36
C THR B 125 -61.23 -22.71 -35.84
N SER B 126 -61.52 -22.21 -34.63
CA SER B 126 -62.83 -22.37 -34.00
C SER B 126 -63.48 -21.00 -33.90
N ILE B 127 -64.71 -20.90 -34.36
CA ILE B 127 -65.45 -19.62 -34.33
C ILE B 127 -66.16 -19.58 -32.99
N ASP B 128 -65.44 -19.09 -31.98
CA ASP B 128 -65.98 -19.04 -30.62
C ASP B 128 -65.31 -17.92 -29.83
N GLY B 153 -45.75 -29.38 -42.54
CA GLY B 153 -44.34 -29.52 -42.24
C GLY B 153 -43.58 -30.32 -43.27
N ASN B 154 -42.31 -30.58 -42.99
CA ASN B 154 -41.43 -31.31 -43.91
C ASN B 154 -40.08 -31.53 -43.23
N LYS B 155 -39.22 -32.29 -43.91
CA LYS B 155 -37.82 -32.39 -43.50
C LYS B 155 -37.16 -31.05 -43.81
N VAL B 156 -37.04 -30.20 -42.80
CA VAL B 156 -36.49 -28.86 -42.97
C VAL B 156 -35.02 -28.92 -42.59
N HIS B 157 -34.14 -28.63 -43.54
CA HIS B 157 -32.72 -28.60 -43.26
C HIS B 157 -32.44 -27.53 -42.23
N ILE B 158 -32.11 -27.96 -41.01
CA ILE B 158 -31.85 -27.02 -39.92
C ILE B 158 -30.38 -26.64 -39.81
N GLY B 159 -29.53 -27.17 -40.66
CA GLY B 159 -28.13 -26.82 -40.67
C GLY B 159 -27.27 -28.07 -40.71
N LYS B 160 -25.99 -27.88 -40.42
CA LYS B 160 -25.02 -28.95 -40.35
C LYS B 160 -24.31 -28.92 -39.01
N VAL B 161 -24.22 -30.08 -38.36
CA VAL B 161 -23.66 -30.20 -37.02
C VAL B 161 -22.26 -30.79 -37.14
N PRO B 162 -21.22 -30.12 -36.64
CA PRO B 162 -19.90 -30.73 -36.63
C PRO B 162 -19.94 -32.05 -35.88
N ILE B 163 -19.21 -33.03 -36.40
CA ILE B 163 -19.24 -34.39 -35.89
C ILE B 163 -17.82 -34.79 -35.46
N MET B 164 -17.70 -35.23 -34.21
CA MET B 164 -16.46 -35.75 -33.69
C MET B 164 -16.09 -37.04 -34.42
N LEU B 165 -14.82 -37.13 -34.82
CA LEU B 165 -14.38 -38.18 -35.73
C LEU B 165 -14.52 -39.57 -35.10
N ARG B 166 -14.59 -40.57 -35.98
CA ARG B 166 -14.68 -41.97 -35.60
C ARG B 166 -16.02 -42.32 -34.95
N SER B 167 -16.89 -41.33 -34.80
CA SER B 167 -18.19 -41.52 -34.17
C SER B 167 -19.13 -42.27 -35.11
N LYS B 168 -20.26 -42.72 -34.56
CA LYS B 168 -21.21 -43.49 -35.35
C LYS B 168 -21.66 -42.75 -36.60
N PHE B 169 -21.68 -41.42 -36.58
CA PHE B 169 -21.97 -40.62 -37.76
C PHE B 169 -20.71 -40.30 -38.55
N CYS B 170 -19.54 -40.74 -38.09
CA CYS B 170 -18.28 -40.43 -38.73
C CYS B 170 -18.05 -41.30 -39.95
N SER B 171 -17.56 -40.67 -41.02
CA SER B 171 -17.20 -41.40 -42.22
C SER B 171 -15.95 -42.25 -42.02
N LEU B 172 -15.23 -42.06 -40.92
CA LEU B 172 -14.06 -42.87 -40.60
C LEU B 172 -14.34 -43.89 -39.51
N ARG B 173 -15.53 -43.86 -38.90
CA ARG B 173 -15.88 -44.89 -37.93
C ARG B 173 -15.68 -46.28 -38.51
N THR B 174 -16.13 -46.49 -39.74
CA THR B 174 -15.91 -47.70 -40.49
C THR B 174 -14.63 -47.54 -41.34
N LEU B 175 -14.47 -48.38 -42.36
CA LEU B 175 -13.32 -48.40 -43.26
C LEU B 175 -12.14 -49.18 -42.69
N ASP B 176 -12.30 -49.76 -41.50
CA ASP B 176 -11.29 -50.65 -40.94
C ASP B 176 -9.91 -50.03 -41.09
N GLU B 177 -8.87 -50.86 -41.21
CA GLU B 177 -7.50 -50.38 -41.27
C GLU B 177 -7.07 -49.92 -42.67
N VAL B 178 -7.83 -50.24 -43.71
CA VAL B 178 -7.29 -50.16 -45.07
C VAL B 178 -7.66 -48.84 -45.74
N ASP B 179 -8.95 -48.60 -45.95
CA ASP B 179 -9.35 -47.40 -46.67
C ASP B 179 -8.85 -46.14 -45.99
N LEU B 180 -8.60 -46.20 -44.68
CA LEU B 180 -7.91 -45.10 -44.02
C LEU B 180 -6.58 -44.81 -44.69
N TYR B 181 -5.85 -45.85 -45.10
CA TYR B 181 -4.66 -45.62 -45.91
C TYR B 181 -5.01 -44.97 -47.23
N LYS B 182 -6.06 -45.46 -47.90
CA LYS B 182 -6.42 -44.93 -49.21
C LYS B 182 -6.77 -43.44 -49.12
N MET B 183 -7.52 -43.05 -48.09
CA MET B 183 -7.81 -41.65 -47.84
C MET B 183 -6.68 -40.97 -47.08
N LYS B 184 -5.56 -41.66 -46.89
CA LYS B 184 -4.37 -41.08 -46.27
C LYS B 184 -4.64 -40.66 -44.82
N GLU B 185 -5.11 -41.62 -44.02
CA GLU B 185 -5.41 -41.40 -42.61
C GLU B 185 -4.49 -42.23 -41.74
N CYS B 186 -3.89 -41.60 -40.74
CA CYS B 186 -3.10 -42.33 -39.77
C CYS B 186 -4.00 -43.13 -38.85
N PRO B 187 -3.86 -44.46 -38.79
CA PRO B 187 -4.72 -45.25 -37.91
C PRO B 187 -4.57 -44.89 -36.45
N TYR B 188 -3.38 -44.42 -36.05
CA TYR B 188 -3.11 -44.17 -34.64
C TYR B 188 -3.88 -42.97 -34.10
N ASP B 189 -4.55 -42.21 -34.96
CA ASP B 189 -5.49 -41.19 -34.53
C ASP B 189 -6.76 -41.90 -34.05
N MET B 190 -7.27 -41.49 -32.89
CA MET B 190 -8.53 -42.01 -32.37
C MET B 190 -9.66 -40.99 -32.40
N GLY B 191 -9.58 -40.00 -33.29
CA GLY B 191 -10.64 -39.00 -33.36
C GLY B 191 -10.80 -38.28 -32.03
N GLY B 192 -12.05 -38.15 -31.59
CA GLY B 192 -12.34 -37.47 -30.35
C GLY B 192 -12.36 -35.96 -30.44
N TYR B 193 -12.11 -35.39 -31.62
CA TYR B 193 -12.01 -33.95 -31.80
C TYR B 193 -12.95 -33.51 -32.90
N PHE B 194 -13.03 -32.20 -33.10
CA PHE B 194 -13.88 -31.64 -34.12
C PHE B 194 -13.06 -30.87 -35.15
N VAL B 195 -13.34 -31.12 -36.42
CA VAL B 195 -12.64 -30.48 -37.53
C VAL B 195 -13.51 -29.34 -38.02
N ILE B 196 -13.02 -28.11 -37.88
CA ILE B 196 -13.74 -26.91 -38.27
C ILE B 196 -12.84 -26.11 -39.19
N ASN B 197 -13.34 -25.78 -40.38
CA ASN B 197 -12.58 -25.05 -41.38
C ASN B 197 -11.18 -25.64 -41.54
N GLY B 198 -11.07 -26.96 -41.50
CA GLY B 198 -9.79 -27.64 -41.54
C GLY B 198 -9.03 -27.60 -40.24
N SER B 199 -9.65 -27.16 -39.15
CA SER B 199 -8.99 -27.03 -37.86
C SER B 199 -9.56 -28.07 -36.90
N GLU B 200 -8.71 -28.95 -36.40
CA GLU B 200 -9.12 -29.95 -35.42
C GLU B 200 -9.21 -29.29 -34.06
N LYS B 201 -10.40 -29.35 -33.45
CA LYS B 201 -10.65 -28.68 -32.18
C LYS B 201 -11.08 -29.69 -31.13
N VAL B 202 -10.63 -29.46 -29.89
CA VAL B 202 -10.88 -30.37 -28.78
C VAL B 202 -11.60 -29.62 -27.68
N LEU B 203 -12.70 -30.21 -27.21
CA LEU B 203 -13.47 -29.66 -26.11
C LEU B 203 -12.75 -29.95 -24.80
N ILE B 204 -12.94 -29.09 -23.82
CA ILE B 204 -12.39 -29.31 -22.50
C ILE B 204 -13.54 -29.47 -21.52
N ALA B 205 -13.65 -30.65 -20.91
CA ALA B 205 -14.71 -30.90 -19.96
C ALA B 205 -14.55 -30.02 -18.73
N GLN B 206 -15.68 -29.60 -18.17
CA GLN B 206 -15.72 -28.78 -16.98
C GLN B 206 -16.30 -29.57 -15.82
N GLU B 207 -15.65 -29.46 -14.66
CA GLU B 207 -16.06 -30.14 -13.45
C GLU B 207 -17.08 -29.29 -12.71
N ARG B 208 -17.77 -29.91 -11.76
CA ARG B 208 -18.72 -29.19 -10.93
C ARG B 208 -19.20 -30.11 -9.81
N SER B 209 -19.49 -29.51 -8.67
CA SER B 209 -20.20 -30.22 -7.63
C SER B 209 -21.50 -30.78 -8.19
N ALA B 210 -21.97 -31.87 -7.60
CA ALA B 210 -23.22 -32.44 -8.05
C ALA B 210 -24.39 -31.59 -7.58
N ALA B 211 -25.32 -31.32 -8.49
CA ALA B 211 -26.43 -30.43 -8.21
C ALA B 211 -27.42 -31.10 -7.26
N ASN B 212 -28.37 -30.29 -6.79
CA ASN B 212 -29.46 -30.79 -5.95
C ASN B 212 -28.94 -31.49 -4.70
N ILE B 213 -27.81 -31.05 -4.18
CA ILE B 213 -27.24 -31.59 -2.95
C ILE B 213 -27.40 -30.56 -1.84
N VAL B 214 -27.72 -31.03 -0.64
CA VAL B 214 -27.76 -30.20 0.55
C VAL B 214 -26.32 -29.89 0.94
N GLN B 215 -26.03 -28.61 1.16
CA GLN B 215 -24.67 -28.15 1.42
C GLN B 215 -24.68 -27.12 2.53
N VAL B 216 -24.34 -27.56 3.75
CA VAL B 216 -24.31 -26.68 4.91
C VAL B 216 -22.86 -26.27 5.16
N PHE B 217 -22.64 -24.98 5.36
CA PHE B 217 -21.32 -24.43 5.60
C PHE B 217 -21.38 -23.37 6.70
N LYS B 218 -20.30 -23.30 7.47
CA LYS B 218 -20.16 -22.28 8.49
C LYS B 218 -19.77 -20.96 7.83
N LYS B 219 -20.71 -20.01 7.78
CA LYS B 219 -20.39 -18.71 7.25
C LYS B 219 -19.42 -17.99 8.18
N ALA B 220 -18.75 -16.97 7.64
CA ALA B 220 -17.80 -16.20 8.44
C ALA B 220 -18.49 -15.66 9.68
N ALA B 221 -17.82 -15.80 10.82
CA ALA B 221 -18.41 -15.35 12.09
C ALA B 221 -18.86 -13.90 12.02
N PRO B 222 -18.12 -12.97 11.41
CA PRO B 222 -18.59 -11.58 11.34
C PRO B 222 -19.80 -11.43 10.43
N SER B 223 -20.90 -12.05 10.83
CA SER B 223 -22.15 -12.00 10.08
C SER B 223 -23.24 -12.60 10.93
N PRO B 224 -24.47 -12.09 10.85
CA PRO B 224 -25.57 -12.73 11.58
C PRO B 224 -25.80 -14.15 11.16
N ILE B 225 -25.39 -14.51 9.95
CA ILE B 225 -25.48 -15.87 9.45
C ILE B 225 -24.32 -16.67 10.04
N SER B 226 -24.63 -17.82 10.63
CA SER B 226 -23.62 -18.72 11.18
C SER B 226 -23.38 -19.95 10.32
N HIS B 227 -24.44 -20.57 9.83
CA HIS B 227 -24.33 -21.71 8.92
C HIS B 227 -25.22 -21.46 7.70
N VAL B 228 -24.74 -21.89 6.54
CA VAL B 228 -25.45 -21.68 5.27
C VAL B 228 -25.70 -23.03 4.64
N ALA B 229 -26.97 -23.40 4.52
CA ALA B 229 -27.41 -24.60 3.81
C ALA B 229 -27.77 -24.18 2.40
N GLU B 230 -27.11 -24.79 1.42
CA GLU B 230 -27.24 -24.39 0.03
C GLU B 230 -27.55 -25.59 -0.85
N ILE B 231 -28.30 -25.34 -1.92
CA ILE B 231 -28.60 -26.34 -2.93
C ILE B 231 -29.04 -25.63 -4.20
N ARG B 232 -28.54 -26.09 -5.34
CA ARG B 232 -28.97 -25.60 -6.64
C ARG B 232 -29.86 -26.67 -7.25
N SER B 233 -31.17 -26.47 -7.14
CA SER B 233 -32.11 -27.44 -7.68
C SER B 233 -32.09 -27.38 -9.20
N ALA B 234 -31.96 -28.54 -9.84
CA ALA B 234 -31.94 -28.64 -11.28
C ALA B 234 -32.78 -29.83 -11.71
N LEU B 235 -33.43 -29.70 -12.87
CA LEU B 235 -34.24 -30.79 -13.39
C LEU B 235 -33.34 -31.96 -13.79
N GLU B 236 -33.69 -33.14 -13.30
CA GLU B 236 -32.94 -34.34 -13.68
C GLU B 236 -33.05 -34.59 -15.17
N LYS B 237 -34.26 -34.45 -15.71
CA LYS B 237 -34.44 -34.50 -17.16
C LYS B 237 -34.02 -33.17 -17.77
N GLY B 238 -33.27 -33.23 -18.86
CA GLY B 238 -32.72 -32.06 -19.50
C GLY B 238 -31.35 -31.67 -19.00
N SER B 239 -30.97 -32.14 -17.82
CA SER B 239 -29.63 -31.90 -17.27
C SER B 239 -29.28 -30.41 -17.34
N ARG B 240 -30.21 -29.57 -16.86
CA ARG B 240 -30.08 -28.13 -16.94
C ARG B 240 -30.51 -27.49 -15.63
N LEU B 241 -29.72 -26.51 -15.18
CA LEU B 241 -30.04 -25.81 -13.94
C LEU B 241 -31.36 -25.06 -14.09
N ILE B 242 -32.13 -25.03 -13.00
CA ILE B 242 -33.39 -24.29 -12.94
C ILE B 242 -33.31 -23.14 -11.95
N SER B 243 -32.84 -23.43 -10.73
CA SER B 243 -32.83 -22.42 -9.68
C SER B 243 -31.95 -22.92 -8.54
N THR B 244 -31.98 -22.17 -7.44
CA THR B 244 -31.24 -22.53 -6.24
C THR B 244 -31.93 -21.91 -5.03
N MET B 245 -31.81 -22.59 -3.90
CA MET B 245 -32.35 -22.07 -2.65
C MET B 245 -31.29 -22.23 -1.57
N GLN B 246 -31.23 -21.26 -0.66
CA GLN B 246 -30.23 -21.25 0.40
C GLN B 246 -30.90 -20.83 1.71
N ILE B 247 -30.39 -21.37 2.81
CA ILE B 247 -30.92 -21.11 4.14
C ILE B 247 -29.77 -20.68 5.03
N LYS B 248 -30.09 -19.98 6.12
CA LYS B 248 -29.10 -19.38 6.99
C LYS B 248 -29.61 -19.38 8.41
N LEU B 249 -28.72 -19.67 9.35
CA LEU B 249 -29.06 -19.68 10.77
C LEU B 249 -28.91 -18.26 11.30
N TYR B 250 -30.00 -17.51 11.28
CA TYR B 250 -29.99 -16.17 11.83
C TYR B 250 -29.81 -16.21 13.35
N GLY B 251 -29.36 -15.09 13.89
CA GLY B 251 -29.10 -14.99 15.30
C GLY B 251 -27.78 -15.65 15.64
N ARG B 252 -27.02 -15.02 16.53
CA ARG B 252 -25.74 -15.56 16.97
C ARG B 252 -25.92 -16.22 18.33
N GLU B 253 -24.86 -16.81 18.84
CA GLU B 253 -24.93 -17.50 20.13
C GLU B 253 -25.28 -16.50 21.21
N ASP B 254 -26.53 -16.53 21.67
CA ASP B 254 -27.03 -15.58 22.67
C ASP B 254 -26.88 -14.13 22.19
N LYS B 255 -26.75 -13.94 20.89
CA LYS B 255 -26.67 -12.61 20.30
C LYS B 255 -27.52 -12.59 19.03
N GLY B 256 -28.00 -11.41 18.65
CA GLY B 256 -29.02 -11.33 17.64
C GLY B 256 -30.37 -11.82 18.11
N THR B 257 -30.60 -11.82 19.42
CA THR B 257 -31.82 -12.34 20.04
C THR B 257 -31.82 -13.86 19.83
N GLY B 258 -32.92 -14.47 19.39
CA GLY B 258 -32.96 -15.90 19.25
C GLY B 258 -32.20 -16.41 18.03
N ARG B 259 -32.03 -17.73 17.98
CA ARG B 259 -31.37 -18.38 16.86
C ARG B 259 -32.43 -18.65 15.80
N THR B 260 -32.84 -17.60 15.10
CA THR B 260 -33.85 -17.72 14.07
C THR B 260 -33.21 -18.14 12.74
N ILE B 261 -34.07 -18.52 11.79
CA ILE B 261 -33.65 -18.92 10.46
C ILE B 261 -34.62 -18.29 9.47
N LYS B 262 -34.09 -17.75 8.38
CA LYS B 262 -34.90 -17.24 7.29
C LYS B 262 -34.36 -17.78 5.99
N ALA B 263 -35.25 -17.91 5.00
CA ALA B 263 -34.91 -18.57 3.74
C ALA B 263 -34.68 -17.56 2.62
N THR B 264 -33.97 -18.02 1.60
CA THR B 264 -33.78 -17.27 0.37
C THR B 264 -34.38 -18.07 -0.78
N LEU B 265 -35.09 -17.41 -1.66
CA LEU B 265 -35.88 -18.06 -2.69
C LEU B 265 -35.61 -17.44 -4.05
N PRO B 266 -35.87 -18.18 -5.14
CA PRO B 266 -35.76 -17.57 -6.47
C PRO B 266 -36.88 -16.55 -6.69
N TYR B 267 -36.59 -15.57 -7.55
CA TYR B 267 -37.58 -14.57 -7.95
C TYR B 267 -38.21 -13.87 -6.75
N VAL B 268 -37.43 -13.67 -5.70
CA VAL B 268 -37.88 -12.92 -4.52
C VAL B 268 -36.91 -11.77 -4.28
N LYS B 269 -37.19 -11.01 -3.22
CA LYS B 269 -36.34 -9.90 -2.83
C LYS B 269 -36.03 -9.86 -1.34
N GLN B 270 -36.67 -10.71 -0.53
CA GLN B 270 -36.49 -10.69 0.92
C GLN B 270 -36.46 -12.12 1.43
N ASP B 271 -36.00 -12.26 2.67
CA ASP B 271 -36.04 -13.55 3.33
C ASP B 271 -37.32 -13.69 4.16
N ILE B 272 -37.68 -14.94 4.47
CA ILE B 272 -38.93 -15.21 5.15
C ILE B 272 -38.67 -16.19 6.30
N PRO B 273 -39.35 -16.05 7.44
CA PRO B 273 -39.23 -17.08 8.47
C PRO B 273 -39.63 -18.45 7.94
N ILE B 274 -38.87 -19.46 8.36
CA ILE B 274 -39.03 -20.78 7.77
C ILE B 274 -40.41 -21.35 8.09
N VAL B 275 -40.90 -21.06 9.30
CA VAL B 275 -42.23 -21.52 9.68
C VAL B 275 -43.27 -21.01 8.70
N ILE B 276 -43.12 -19.75 8.26
CA ILE B 276 -44.10 -19.16 7.34
C ILE B 276 -44.16 -19.97 6.05
N VAL B 277 -43.01 -20.33 5.50
CA VAL B 277 -43.01 -21.09 4.25
C VAL B 277 -43.53 -22.50 4.49
N PHE B 278 -43.36 -23.04 5.69
CA PHE B 278 -44.05 -24.28 6.02
C PHE B 278 -45.55 -24.10 5.97
N ARG B 279 -46.06 -23.02 6.56
CA ARG B 279 -47.51 -22.84 6.65
C ARG B 279 -48.12 -22.59 5.27
N ALA B 280 -47.40 -21.90 4.40
CA ALA B 280 -47.90 -21.67 3.04
C ALA B 280 -47.90 -22.93 2.21
N LEU B 281 -47.19 -23.97 2.64
CA LEU B 281 -47.11 -25.22 1.90
C LEU B 281 -48.07 -26.28 2.41
N GLY B 282 -48.85 -25.98 3.46
CA GLY B 282 -49.89 -26.87 3.91
C GLY B 282 -49.86 -27.15 5.40
N VAL B 283 -48.67 -27.32 5.96
CA VAL B 283 -48.55 -27.61 7.39
C VAL B 283 -48.41 -26.29 8.15
N VAL B 284 -49.54 -25.63 8.42
CA VAL B 284 -49.54 -24.43 9.24
C VAL B 284 -49.18 -24.79 10.68
N PRO B 285 -49.70 -25.88 11.25
CA PRO B 285 -49.38 -26.15 12.66
C PRO B 285 -47.91 -26.45 12.84
N ASP B 286 -47.39 -26.07 14.00
CA ASP B 286 -45.98 -26.29 14.27
C ASP B 286 -45.69 -27.74 14.66
N GLY B 287 -46.71 -28.49 15.07
CA GLY B 287 -46.49 -29.89 15.37
C GLY B 287 -46.02 -30.68 14.16
N GLU B 288 -46.71 -30.52 13.03
CA GLU B 288 -46.29 -31.18 11.81
C GLU B 288 -44.93 -30.69 11.35
N ILE B 289 -44.70 -29.38 11.50
CA ILE B 289 -43.42 -28.81 11.08
C ILE B 289 -42.28 -29.44 11.87
N LEU B 290 -42.43 -29.54 13.19
CA LEU B 290 -41.40 -30.19 14.00
C LEU B 290 -41.26 -31.66 13.66
N GLN B 291 -42.37 -32.37 13.48
CA GLN B 291 -42.28 -33.75 13.06
C GLN B 291 -41.42 -33.89 11.82
N HIS B 292 -41.71 -33.09 10.79
CA HIS B 292 -40.95 -33.16 9.55
C HIS B 292 -39.52 -32.69 9.74
N ILE B 293 -39.28 -31.90 10.79
CA ILE B 293 -37.95 -31.36 11.04
C ILE B 293 -37.23 -32.18 12.08
N CYS B 294 -37.76 -32.21 13.30
CA CYS B 294 -37.16 -32.94 14.39
C CYS B 294 -37.76 -34.34 14.47
N TYR B 295 -36.89 -35.33 14.61
CA TYR B 295 -37.33 -36.72 14.69
C TYR B 295 -36.85 -37.42 15.96
N ASP B 296 -35.95 -36.80 16.72
CA ASP B 296 -35.62 -37.27 18.05
C ASP B 296 -36.14 -36.20 19.02
N GLU B 297 -37.37 -36.38 19.48
CA GLU B 297 -37.97 -35.42 20.41
C GLU B 297 -37.11 -35.28 21.66
N ASN B 298 -36.34 -36.31 22.00
CA ASN B 298 -35.42 -36.21 23.12
C ASN B 298 -34.42 -35.09 22.93
N ASP B 299 -34.16 -34.68 21.68
CA ASP B 299 -33.24 -33.60 21.40
C ASP B 299 -33.88 -32.26 21.77
N TRP B 300 -34.07 -32.02 23.06
CA TRP B 300 -34.63 -30.75 23.50
C TRP B 300 -33.77 -29.59 23.01
N GLN B 301 -32.47 -29.81 22.84
CA GLN B 301 -31.60 -28.76 22.33
C GLN B 301 -32.07 -28.27 20.97
N MET B 302 -32.34 -29.20 20.06
CA MET B 302 -32.93 -28.84 18.77
C MET B 302 -34.21 -28.05 18.97
N LEU B 303 -35.05 -28.50 19.91
CA LEU B 303 -36.33 -27.84 20.15
C LEU B 303 -36.14 -26.40 20.58
N GLU B 304 -35.09 -26.11 21.35
CA GLU B 304 -34.94 -24.75 21.86
C GLU B 304 -34.17 -23.86 20.87
N MET B 305 -33.30 -24.42 20.03
CA MET B 305 -32.80 -23.60 18.93
C MET B 305 -33.91 -23.23 17.96
N LEU B 306 -34.82 -24.17 17.66
CA LEU B 306 -35.94 -23.84 16.80
C LEU B 306 -37.03 -23.05 17.51
N LYS B 307 -37.02 -23.04 18.83
CA LYS B 307 -38.09 -22.37 19.58
C LYS B 307 -38.31 -20.93 19.13
N PRO B 308 -37.27 -20.09 19.02
CA PRO B 308 -37.53 -18.73 18.50
C PRO B 308 -38.18 -18.75 17.13
N CYS B 309 -37.79 -19.70 16.27
CA CYS B 309 -38.46 -19.84 14.99
C CYS B 309 -39.93 -20.19 15.19
N ILE B 310 -40.23 -21.02 16.18
CA ILE B 310 -41.62 -21.36 16.48
C ILE B 310 -42.34 -20.16 17.09
N GLU B 311 -41.69 -19.46 18.02
CA GLU B 311 -42.32 -18.28 18.62
C GLU B 311 -42.70 -17.26 17.56
N GLU B 312 -41.77 -16.94 16.66
CA GLU B 312 -42.02 -15.95 15.63
C GLU B 312 -43.01 -16.43 14.57
N GLY B 313 -43.36 -17.72 14.58
CA GLY B 313 -44.27 -18.26 13.59
C GLY B 313 -45.69 -18.38 14.08
N PHE B 314 -46.16 -17.42 14.86
CA PHE B 314 -47.51 -17.50 15.42
C PHE B 314 -48.49 -16.54 14.77
N VAL B 315 -48.03 -15.53 14.04
CA VAL B 315 -48.95 -14.62 13.38
C VAL B 315 -49.65 -15.31 12.22
N ILE B 316 -48.91 -16.05 11.41
CA ILE B 316 -49.47 -16.78 10.27
C ILE B 316 -50.07 -18.08 10.79
N GLN B 317 -51.34 -18.30 10.44
CA GLN B 317 -52.04 -19.50 10.91
C GLN B 317 -52.77 -20.26 9.83
N ASP B 318 -52.63 -19.91 8.56
CA ASP B 318 -53.29 -20.64 7.48
C ASP B 318 -52.50 -20.43 6.19
N LYS B 319 -52.86 -21.22 5.18
CA LYS B 319 -52.10 -21.23 3.94
C LYS B 319 -52.27 -19.93 3.17
N GLU B 320 -53.45 -19.31 3.25
CA GLU B 320 -53.71 -18.13 2.45
C GLU B 320 -52.97 -16.91 2.97
N VAL B 321 -52.97 -16.69 4.28
CA VAL B 321 -52.20 -15.58 4.82
C VAL B 321 -50.72 -15.81 4.58
N ALA B 322 -50.24 -17.04 4.81
CA ALA B 322 -48.86 -17.36 4.53
C ALA B 322 -48.51 -17.09 3.08
N LEU B 323 -49.45 -17.37 2.18
CA LEU B 323 -49.16 -17.24 0.76
C LEU B 323 -49.14 -15.78 0.33
N ASP B 324 -50.18 -15.03 0.69
CA ASP B 324 -50.21 -13.61 0.35
C ASP B 324 -49.03 -12.89 0.98
N PHE B 325 -48.74 -13.16 2.26
CA PHE B 325 -47.48 -12.78 2.86
C PHE B 325 -46.31 -13.07 1.91
N ILE B 326 -46.18 -14.33 1.51
CA ILE B 326 -45.10 -14.72 0.60
C ILE B 326 -45.27 -14.02 -0.74
N GLY B 327 -46.49 -13.99 -1.26
CA GLY B 327 -46.72 -13.33 -2.54
C GLY B 327 -46.47 -11.84 -2.48
N ARG B 328 -46.49 -11.26 -1.27
CA ARG B 328 -46.18 -9.85 -1.13
C ARG B 328 -44.70 -9.59 -1.40
N ARG B 329 -43.85 -10.61 -1.25
CA ARG B 329 -42.42 -10.49 -1.47
C ARG B 329 -41.95 -11.31 -2.66
N GLY B 330 -42.79 -11.46 -3.69
CA GLY B 330 -42.47 -12.30 -4.82
C GLY B 330 -41.66 -11.61 -5.90
N SER B 331 -41.14 -10.42 -5.61
CA SER B 331 -40.33 -9.66 -6.55
C SER B 331 -41.12 -9.30 -7.81
N ALA B 332 -42.44 -9.34 -7.74
CA ALA B 332 -43.28 -9.09 -8.90
C ALA B 332 -43.62 -7.60 -8.98
N ALA B 333 -44.59 -7.25 -9.82
CA ALA B 333 -44.99 -5.87 -10.01
C ALA B 333 -45.80 -5.40 -8.79
N LEU B 334 -46.39 -4.22 -8.91
CA LEU B 334 -47.23 -3.65 -7.86
C LEU B 334 -48.69 -3.67 -8.31
N GLY B 335 -49.57 -4.16 -7.45
CA GLY B 335 -50.99 -4.17 -7.75
C GLY B 335 -51.53 -5.54 -8.10
N ILE B 336 -50.83 -6.60 -7.68
CA ILE B 336 -51.30 -7.95 -7.95
C ILE B 336 -52.48 -8.31 -7.07
N ARG B 337 -52.72 -7.57 -5.98
CA ARG B 337 -53.82 -7.79 -5.04
C ARG B 337 -53.89 -9.24 -4.57
N ARG B 338 -54.46 -9.47 -3.38
CA ARG B 338 -54.49 -10.81 -2.81
C ARG B 338 -55.20 -11.80 -3.73
N GLU B 339 -56.09 -11.33 -4.60
CA GLU B 339 -56.73 -12.20 -5.57
C GLU B 339 -55.71 -13.13 -6.23
N LYS B 340 -54.73 -12.55 -6.93
CA LYS B 340 -53.74 -13.32 -7.65
C LYS B 340 -52.42 -13.47 -6.90
N ARG B 341 -52.21 -12.69 -5.84
CA ARG B 341 -50.96 -12.77 -5.09
C ARG B 341 -50.81 -14.12 -4.41
N ILE B 342 -51.88 -14.60 -3.79
CA ILE B 342 -51.83 -15.90 -3.14
C ILE B 342 -51.53 -17.00 -4.15
N GLN B 343 -52.15 -16.92 -5.33
CA GLN B 343 -51.95 -17.95 -6.33
C GLN B 343 -50.53 -17.91 -6.89
N TYR B 344 -49.99 -16.71 -7.11
CA TYR B 344 -48.61 -16.61 -7.56
C TYR B 344 -47.65 -17.11 -6.50
N ALA B 345 -47.93 -16.81 -5.23
CA ALA B 345 -47.13 -17.34 -4.14
C ALA B 345 -47.16 -18.86 -4.12
N LYS B 346 -48.34 -19.44 -4.29
CA LYS B 346 -48.44 -20.90 -4.32
C LYS B 346 -47.71 -21.47 -5.53
N ASP B 347 -47.76 -20.75 -6.66
CA ASP B 347 -47.01 -21.15 -7.84
C ASP B 347 -45.52 -21.24 -7.53
N ILE B 348 -44.96 -20.18 -6.95
CA ILE B 348 -43.54 -20.18 -6.67
C ILE B 348 -43.18 -21.14 -5.53
N LEU B 349 -44.12 -21.43 -4.63
CA LEU B 349 -43.94 -22.53 -3.70
C LEU B 349 -43.83 -23.85 -4.44
N GLN B 350 -44.67 -24.05 -5.45
CA GLN B 350 -44.60 -25.26 -6.27
C GLN B 350 -43.51 -25.15 -7.32
N LYS B 351 -43.65 -24.20 -8.24
CA LYS B 351 -42.67 -23.94 -9.28
C LYS B 351 -41.50 -23.15 -8.71
N GLU B 352 -40.33 -23.33 -9.34
CA GLU B 352 -39.12 -22.61 -8.97
C GLU B 352 -38.57 -23.11 -7.63
N LEU B 353 -39.30 -23.99 -6.96
CA LEU B 353 -38.94 -24.47 -5.63
C LEU B 353 -38.78 -25.99 -5.71
N LEU B 354 -37.56 -26.46 -5.52
CA LEU B 354 -37.26 -27.88 -5.51
C LEU B 354 -37.91 -28.59 -6.71
N PRO B 355 -37.82 -28.02 -7.92
CA PRO B 355 -38.47 -28.65 -9.07
C PRO B 355 -37.98 -30.07 -9.30
N HIS B 356 -36.74 -30.34 -8.94
CA HIS B 356 -36.22 -31.70 -9.02
C HIS B 356 -37.00 -32.69 -8.16
N ILE B 357 -37.60 -32.23 -7.05
CA ILE B 357 -38.40 -33.10 -6.21
C ILE B 357 -39.75 -33.31 -6.88
N THR B 358 -40.49 -32.23 -7.10
CA THR B 358 -41.78 -32.32 -7.77
C THR B 358 -42.08 -30.98 -8.43
N GLN B 359 -42.84 -31.05 -9.52
CA GLN B 359 -43.26 -29.86 -10.26
C GLN B 359 -44.77 -29.70 -10.35
N GLU B 360 -45.54 -30.65 -9.83
CA GLU B 360 -46.99 -30.64 -9.90
C GLU B 360 -47.57 -30.53 -8.49
N GLU B 361 -48.90 -30.61 -8.41
CA GLU B 361 -49.58 -30.48 -7.13
C GLU B 361 -49.58 -31.80 -6.38
N GLY B 362 -50.05 -31.76 -5.13
CA GLY B 362 -50.29 -32.94 -4.35
C GLY B 362 -49.07 -33.57 -3.71
N PHE B 363 -47.88 -33.04 -3.98
CA PHE B 363 -46.64 -33.55 -3.41
C PHE B 363 -45.89 -32.44 -2.70
N GLU B 364 -46.59 -31.35 -2.38
CA GLU B 364 -46.02 -30.36 -1.48
C GLU B 364 -45.73 -30.97 -0.12
N THR B 365 -46.39 -32.08 0.23
CA THR B 365 -46.02 -32.83 1.43
C THR B 365 -44.61 -33.40 1.29
N ARG B 366 -44.27 -33.91 0.11
CA ARG B 366 -42.91 -34.38 -0.12
C ARG B 366 -41.92 -33.23 0.05
N LYS B 367 -42.26 -32.06 -0.47
CA LYS B 367 -41.40 -30.90 -0.29
C LYS B 367 -41.26 -30.55 1.18
N THR B 368 -42.36 -30.62 1.94
CA THR B 368 -42.29 -30.30 3.36
C THR B 368 -41.38 -31.29 4.09
N PHE B 369 -41.51 -32.58 3.77
CA PHE B 369 -40.64 -33.57 4.40
C PHE B 369 -39.18 -33.33 4.05
N PHE B 370 -38.90 -33.07 2.78
CA PHE B 370 -37.52 -32.83 2.37
C PHE B 370 -36.96 -31.56 3.01
N LEU B 371 -37.78 -30.51 3.09
CA LEU B 371 -37.35 -29.28 3.73
C LEU B 371 -37.08 -29.50 5.21
N GLY B 372 -37.93 -30.28 5.88
CA GLY B 372 -37.69 -30.60 7.26
C GLY B 372 -36.40 -31.36 7.46
N TYR B 373 -36.12 -32.33 6.59
CA TYR B 373 -34.84 -33.03 6.64
C TYR B 373 -33.66 -32.09 6.44
N MET B 374 -33.75 -31.22 5.43
CA MET B 374 -32.65 -30.30 5.15
C MET B 374 -32.41 -29.35 6.32
N VAL B 375 -33.47 -28.80 6.90
CA VAL B 375 -33.30 -27.91 8.04
C VAL B 375 -32.80 -28.70 9.25
N ASN B 376 -33.19 -29.96 9.38
CA ASN B 376 -32.64 -30.79 10.44
C ASN B 376 -31.14 -30.96 10.27
N ARG B 377 -30.69 -31.19 9.04
CA ARG B 377 -29.25 -31.24 8.78
C ARG B 377 -28.59 -29.93 9.14
N LEU B 378 -29.24 -28.81 8.79
CA LEU B 378 -28.69 -27.50 9.12
C LEU B 378 -28.54 -27.34 10.63
N LEU B 379 -29.56 -27.76 11.38
CA LEU B 379 -29.50 -27.64 12.84
C LEU B 379 -28.46 -28.56 13.44
N LEU B 380 -28.31 -29.77 12.89
CA LEU B 380 -27.24 -30.65 13.35
C LEU B 380 -25.88 -30.02 13.12
N CYS B 381 -25.68 -29.41 11.94
CA CYS B 381 -24.45 -28.70 11.66
C CYS B 381 -24.24 -27.52 12.61
N ALA B 382 -25.30 -26.77 12.91
CA ALA B 382 -25.18 -25.67 13.86
C ALA B 382 -24.75 -26.20 15.23
N LEU B 383 -25.39 -27.27 15.69
CA LEU B 383 -24.92 -28.00 16.86
C LEU B 383 -23.54 -28.59 16.63
N GLU B 384 -23.15 -28.80 15.38
CA GLU B 384 -21.82 -29.30 15.04
C GLU B 384 -21.59 -30.70 15.61
N ARG B 385 -22.68 -31.44 15.83
CA ARG B 385 -22.56 -32.85 16.15
C ARG B 385 -22.04 -33.66 14.97
N LYS B 386 -22.02 -33.08 13.78
CA LYS B 386 -21.49 -33.72 12.59
C LYS B 386 -20.53 -32.76 11.91
N ASP B 387 -19.59 -33.32 11.15
CA ASP B 387 -18.65 -32.49 10.40
C ASP B 387 -19.37 -31.67 9.34
N GLN B 388 -18.92 -30.43 9.15
CA GLN B 388 -19.35 -29.66 8.00
C GLN B 388 -18.97 -30.42 6.73
N ASP B 389 -19.92 -30.54 5.81
CA ASP B 389 -19.68 -31.30 4.60
C ASP B 389 -18.48 -30.73 3.87
N ASP B 390 -17.39 -31.50 3.83
CA ASP B 390 -16.18 -31.04 3.17
C ASP B 390 -16.49 -30.71 1.72
N ARG B 391 -16.43 -29.42 1.38
CA ARG B 391 -16.71 -29.01 0.02
C ARG B 391 -15.70 -29.59 -0.95
N ASP B 392 -14.46 -29.80 -0.48
CA ASP B 392 -13.41 -30.43 -1.27
C ASP B 392 -13.65 -31.92 -1.49
N HIS B 393 -14.54 -32.58 -0.73
CA HIS B 393 -14.81 -34.01 -0.91
C HIS B 393 -15.22 -34.19 -2.36
N PHE B 394 -14.35 -34.82 -3.14
CA PHE B 394 -14.53 -34.93 -4.53
C PHE B 394 -15.66 -35.72 -5.00
N GLY B 395 -16.27 -36.68 -4.28
CA GLY B 395 -17.42 -37.46 -4.70
C GLY B 395 -18.61 -36.62 -5.07
N LYS B 396 -18.70 -35.40 -4.55
CA LYS B 396 -19.73 -34.44 -4.94
C LYS B 396 -19.45 -33.80 -6.29
N LYS B 397 -18.20 -33.75 -6.71
CA LYS B 397 -17.82 -33.10 -7.96
C LYS B 397 -18.27 -33.93 -9.15
N ARG B 398 -18.46 -33.25 -10.28
CA ARG B 398 -19.05 -33.85 -11.46
C ARG B 398 -18.47 -33.17 -12.69
N LEU B 399 -17.99 -34.00 -13.61
CA LEU B 399 -17.42 -33.52 -14.86
C LEU B 399 -18.47 -33.59 -15.97
N ASP B 400 -18.82 -32.43 -16.50
CA ASP B 400 -19.73 -32.35 -17.63
C ASP B 400 -18.97 -32.73 -18.89
N LEU B 401 -19.31 -33.88 -19.46
CA LEU B 401 -18.72 -34.29 -20.73
C LEU B 401 -19.29 -33.40 -21.82
N ALA B 402 -18.93 -33.66 -23.08
CA ALA B 402 -19.48 -32.85 -24.16
C ALA B 402 -21.00 -32.94 -24.20
N GLY B 403 -21.57 -34.00 -23.65
CA GLY B 403 -22.99 -34.19 -23.66
C GLY B 403 -23.74 -32.99 -23.12
N PRO B 404 -23.64 -32.74 -21.82
CA PRO B 404 -24.37 -31.59 -21.24
C PRO B 404 -23.98 -30.26 -21.86
N LEU B 405 -22.70 -30.09 -22.20
CA LEU B 405 -22.24 -28.82 -22.74
C LEU B 405 -22.95 -28.51 -24.06
N LEU B 406 -22.75 -29.36 -25.07
CA LEU B 406 -23.42 -29.16 -26.33
C LEU B 406 -24.93 -29.17 -26.16
N ALA B 407 -25.44 -29.94 -25.19
CA ALA B 407 -26.88 -29.94 -24.94
C ALA B 407 -27.36 -28.53 -24.61
N ASN B 408 -26.70 -27.88 -23.67
CA ASN B 408 -27.11 -26.53 -23.28
C ASN B 408 -26.89 -25.54 -24.42
N LEU B 409 -25.76 -25.66 -25.12
CA LEU B 409 -25.50 -24.73 -26.21
C LEU B 409 -26.58 -24.82 -27.28
N PHE B 410 -26.85 -26.03 -27.77
CA PHE B 410 -27.89 -26.20 -28.77
C PHE B 410 -29.25 -25.89 -28.19
N ARG B 411 -29.43 -26.06 -26.87
CA ARG B 411 -30.71 -25.71 -26.26
C ARG B 411 -30.98 -24.22 -26.42
N ILE B 412 -30.02 -23.39 -26.04
CA ILE B 412 -30.20 -21.94 -26.15
C ILE B 412 -30.34 -21.56 -27.62
N LEU B 413 -29.54 -22.18 -28.49
CA LEU B 413 -29.63 -21.84 -29.91
C LEU B 413 -31.00 -22.21 -30.49
N PHE B 414 -31.52 -23.39 -30.15
CA PHE B 414 -32.85 -23.79 -30.60
C PHE B 414 -33.92 -22.91 -30.01
N ARG B 415 -33.72 -22.43 -28.78
CA ARG B 415 -34.70 -21.53 -28.19
C ARG B 415 -34.74 -20.21 -28.95
N LYS B 416 -33.57 -19.70 -29.34
CA LYS B 416 -33.53 -18.50 -30.17
C LYS B 416 -34.19 -18.76 -31.52
N LEU B 417 -33.93 -19.94 -32.10
CA LEU B 417 -34.58 -20.29 -33.36
C LEU B 417 -36.09 -20.33 -33.22
N THR B 418 -36.58 -20.91 -32.12
CA THR B 418 -38.00 -20.92 -31.84
C THR B 418 -38.55 -19.51 -31.74
N ARG B 419 -37.86 -18.64 -31.00
CA ARG B 419 -38.29 -17.26 -30.89
C ARG B 419 -38.43 -16.62 -32.26
N GLU B 420 -37.37 -16.71 -33.08
CA GLU B 420 -37.38 -15.99 -34.35
C GLU B 420 -38.41 -16.57 -35.31
N ILE B 421 -38.56 -17.89 -35.36
CA ILE B 421 -39.53 -18.48 -36.28
C ILE B 421 -40.95 -18.15 -35.82
N TYR B 422 -41.23 -18.29 -34.53
CA TYR B 422 -42.56 -17.97 -34.03
C TYR B 422 -42.89 -16.51 -34.32
N ARG B 423 -41.90 -15.63 -34.18
CA ARG B 423 -42.13 -14.23 -34.54
C ARG B 423 -42.41 -14.08 -36.02
N TYR B 424 -41.62 -14.73 -36.89
CA TYR B 424 -41.83 -14.57 -38.31
C TYR B 424 -43.23 -15.03 -38.69
N MET B 425 -43.74 -16.05 -38.02
CA MET B 425 -45.14 -16.42 -38.16
C MET B 425 -46.02 -15.21 -37.92
N GLN B 426 -45.63 -14.36 -36.96
CA GLN B 426 -46.49 -13.27 -36.55
C GLN B 426 -46.57 -12.18 -37.63
N ARG B 427 -45.44 -11.75 -38.18
CA ARG B 427 -45.48 -10.75 -39.24
C ARG B 427 -45.47 -11.38 -40.64
N CYS B 428 -45.81 -12.66 -40.76
CA CYS B 428 -46.07 -13.27 -42.05
C CYS B 428 -47.47 -13.89 -42.12
N ILE B 429 -48.14 -14.08 -40.99
CA ILE B 429 -49.51 -14.59 -40.96
C ILE B 429 -50.45 -13.41 -41.08
N GLU B 430 -49.98 -12.22 -40.67
CA GLU B 430 -50.77 -11.02 -40.88
C GLU B 430 -51.08 -10.79 -42.35
N THR B 431 -50.10 -10.99 -43.23
CA THR B 431 -50.36 -10.99 -44.67
C THR B 431 -51.22 -12.17 -45.10
N ASP B 432 -51.41 -13.16 -44.22
CA ASP B 432 -52.23 -14.33 -44.51
C ASP B 432 -51.75 -15.03 -45.78
N ARG B 433 -50.43 -15.05 -45.95
CA ARG B 433 -49.78 -15.77 -47.02
C ARG B 433 -49.37 -17.14 -46.51
N ASP B 434 -49.67 -18.18 -47.29
CA ASP B 434 -49.34 -19.54 -46.87
C ASP B 434 -47.82 -19.70 -46.98
N PHE B 435 -47.13 -19.42 -45.87
CA PHE B 435 -45.69 -19.55 -45.85
C PHE B 435 -45.28 -20.99 -46.15
N ASN B 436 -44.19 -21.11 -46.91
CA ASN B 436 -43.67 -22.41 -47.31
C ASN B 436 -42.91 -23.11 -46.19
N LEU B 437 -42.78 -22.47 -45.03
CA LEU B 437 -41.96 -22.99 -43.94
C LEU B 437 -40.50 -23.06 -44.38
N ASN B 438 -40.17 -22.41 -45.50
CA ASN B 438 -38.82 -22.37 -46.03
C ASN B 438 -38.24 -20.97 -46.08
N LEU B 439 -38.97 -20.02 -46.67
CA LEU B 439 -38.55 -18.63 -46.65
C LEU B 439 -38.51 -18.05 -45.25
N ALA B 440 -39.24 -18.66 -44.30
CA ALA B 440 -39.27 -18.17 -42.93
C ALA B 440 -37.98 -18.51 -42.19
N VAL B 441 -37.42 -19.69 -42.45
CA VAL B 441 -36.36 -20.25 -41.61
C VAL B 441 -35.01 -19.96 -42.25
N LYS B 442 -34.07 -19.48 -41.44
CA LYS B 442 -32.68 -19.30 -41.84
C LYS B 442 -31.82 -20.13 -40.90
N SER B 443 -31.38 -21.30 -41.38
CA SER B 443 -30.58 -22.20 -40.55
C SER B 443 -29.24 -21.59 -40.18
N THR B 444 -28.90 -20.42 -40.72
CA THR B 444 -27.64 -19.78 -40.37
C THR B 444 -27.53 -19.52 -38.88
N THR B 445 -28.65 -19.39 -38.17
CA THR B 445 -28.59 -19.10 -36.74
C THR B 445 -27.79 -20.17 -36.01
N ILE B 446 -28.30 -21.41 -36.01
CA ILE B 446 -27.63 -22.49 -35.29
C ILE B 446 -26.22 -22.72 -35.83
N THR B 447 -26.08 -22.75 -37.17
CA THR B 447 -24.79 -23.02 -37.76
C THR B 447 -23.75 -22.02 -37.28
N SER B 448 -23.98 -20.74 -37.53
CA SER B 448 -23.02 -19.71 -37.18
C SER B 448 -22.82 -19.64 -35.67
N GLY B 449 -23.88 -19.85 -34.88
CA GLY B 449 -23.73 -19.77 -33.45
C GLY B 449 -22.80 -20.84 -32.91
N LEU B 450 -23.02 -22.09 -33.31
CA LEU B 450 -22.11 -23.16 -32.91
C LEU B 450 -20.71 -22.89 -33.44
N LYS B 451 -20.62 -22.44 -34.70
CA LYS B 451 -19.32 -22.15 -35.30
C LYS B 451 -18.54 -21.16 -34.47
N TYR B 452 -19.16 -20.06 -34.09
CA TYR B 452 -18.49 -19.07 -33.25
C TYR B 452 -18.13 -19.67 -31.90
N SER B 453 -19.12 -20.25 -31.20
CA SER B 453 -18.89 -20.69 -29.83
C SER B 453 -17.76 -21.71 -29.77
N LEU B 454 -17.57 -22.47 -30.85
CA LEU B 454 -16.49 -23.46 -30.85
C LEU B 454 -15.18 -22.88 -31.38
N ALA B 455 -15.17 -22.35 -32.61
CA ALA B 455 -13.94 -21.83 -33.19
C ALA B 455 -13.27 -20.84 -32.25
N THR B 456 -14.05 -19.93 -31.67
CA THR B 456 -13.49 -19.01 -30.69
C THR B 456 -13.56 -19.56 -29.28
N GLY B 457 -14.24 -20.69 -29.08
CA GLY B 457 -14.26 -21.37 -27.80
C GLY B 457 -15.16 -20.76 -26.75
N ASN B 458 -15.89 -19.70 -27.09
CA ASN B 458 -16.79 -19.06 -26.13
C ASN B 458 -18.08 -19.86 -26.07
N TRP B 459 -18.31 -20.55 -24.96
CA TRP B 459 -19.54 -21.33 -24.80
C TRP B 459 -20.68 -20.33 -24.57
N GLY B 460 -21.04 -19.63 -25.63
CA GLY B 460 -22.08 -18.63 -25.56
C GLY B 460 -22.20 -17.88 -26.86
N GLU B 461 -23.25 -17.06 -26.94
CA GLU B 461 -23.49 -16.27 -28.14
C GLU B 461 -22.39 -15.23 -28.32
N GLN B 462 -22.21 -14.79 -29.57
CA GLN B 462 -21.23 -13.76 -29.85
C GLN B 462 -21.64 -12.43 -29.24
N LYS B 463 -22.89 -12.29 -28.83
CA LYS B 463 -23.35 -11.08 -28.18
C LYS B 463 -23.31 -11.18 -26.66
N LYS B 464 -23.00 -12.34 -26.10
CA LYS B 464 -22.81 -12.50 -24.67
C LYS B 464 -21.40 -13.00 -24.37
N ALA B 465 -20.40 -12.42 -25.05
CA ALA B 465 -19.02 -12.85 -24.84
C ALA B 465 -18.66 -12.80 -23.35
N MET B 466 -18.91 -11.67 -22.70
CA MET B 466 -18.72 -11.58 -21.27
C MET B 466 -19.73 -12.47 -20.55
N SER B 467 -19.34 -12.95 -19.37
CA SER B 467 -20.16 -13.87 -18.59
C SER B 467 -20.37 -15.19 -19.32
N SER B 468 -19.47 -15.52 -20.25
CA SER B 468 -19.52 -16.77 -20.99
C SER B 468 -18.21 -17.51 -20.84
N ARG B 469 -18.29 -18.79 -20.49
CA ARG B 469 -17.09 -19.58 -20.24
C ARG B 469 -16.30 -19.76 -21.53
N ALA B 470 -15.13 -19.12 -21.59
CA ALA B 470 -14.21 -19.30 -22.70
C ALA B 470 -13.24 -20.44 -22.40
N GLY B 471 -12.49 -20.83 -23.42
CA GLY B 471 -11.50 -21.88 -23.26
C GLY B 471 -12.09 -23.27 -23.06
N VAL B 472 -13.40 -23.43 -23.21
CA VAL B 472 -13.99 -24.75 -23.11
C VAL B 472 -13.50 -25.63 -24.26
N SER B 473 -13.43 -25.07 -25.47
CA SER B 473 -12.88 -25.74 -26.63
C SER B 473 -11.53 -25.13 -26.94
N GLN B 474 -10.59 -25.96 -27.39
CA GLN B 474 -9.24 -25.52 -27.67
C GLN B 474 -8.72 -26.20 -28.93
N VAL B 475 -7.70 -25.57 -29.53
CA VAL B 475 -6.96 -26.21 -30.60
C VAL B 475 -6.26 -27.43 -30.04
N LEU B 476 -6.36 -28.56 -30.73
CA LEU B 476 -5.74 -29.78 -30.25
C LEU B 476 -4.23 -29.62 -30.23
N ASN B 477 -3.54 -30.59 -29.61
CA ASN B 477 -2.09 -30.64 -29.60
C ASN B 477 -1.63 -31.84 -30.43
N ARG B 478 -0.82 -31.57 -31.44
CA ARG B 478 -0.22 -32.61 -32.27
C ARG B 478 1.29 -32.45 -32.34
N TYR B 479 1.86 -31.65 -31.45
CA TYR B 479 3.31 -31.52 -31.42
C TYR B 479 3.97 -32.84 -31.12
N THR B 480 3.44 -33.61 -30.17
CA THR B 480 3.87 -34.98 -29.96
C THR B 480 2.66 -35.82 -29.57
N TYR B 481 2.85 -37.14 -29.64
CA TYR B 481 1.73 -38.07 -29.48
C TYR B 481 1.14 -37.97 -28.07
N SER B 482 1.99 -38.08 -27.05
CA SER B 482 1.47 -38.15 -25.68
C SER B 482 0.92 -36.81 -25.23
N SER B 483 1.48 -35.71 -25.74
CA SER B 483 0.88 -34.40 -25.47
C SER B 483 -0.58 -34.39 -25.89
N THR B 484 -0.85 -34.83 -27.12
CA THR B 484 -2.23 -34.98 -27.54
C THR B 484 -2.99 -35.92 -26.61
N LEU B 485 -2.37 -37.05 -26.26
CA LEU B 485 -3.04 -38.00 -25.39
C LEU B 485 -3.57 -37.33 -24.14
N SER B 486 -2.67 -36.73 -23.34
CA SER B 486 -3.10 -35.95 -22.19
C SER B 486 -4.10 -34.89 -22.60
N HIS B 487 -3.87 -34.27 -23.76
CA HIS B 487 -4.78 -33.25 -24.23
C HIS B 487 -6.21 -33.78 -24.32
N LEU B 488 -6.36 -35.07 -24.62
CA LEU B 488 -7.66 -35.71 -24.63
C LEU B 488 -8.10 -36.23 -23.27
N ARG B 489 -7.22 -36.16 -22.27
CA ARG B 489 -7.55 -36.59 -20.90
C ARG B 489 -7.27 -35.46 -19.93
N ARG B 490 -7.76 -34.27 -20.26
CA ARG B 490 -7.59 -33.09 -19.43
C ARG B 490 -8.95 -32.56 -18.99
N THR B 491 -8.96 -31.89 -17.84
CA THR B 491 -10.16 -31.33 -17.24
C THR B 491 -10.04 -29.81 -17.16
N ASN B 492 -11.01 -29.20 -16.49
CA ASN B 492 -11.01 -27.76 -16.29
C ASN B 492 -11.80 -27.44 -15.03
N THR B 493 -11.34 -26.41 -14.32
CA THR B 493 -11.99 -25.93 -13.11
C THR B 493 -12.47 -24.52 -13.36
N PRO B 494 -13.75 -24.30 -13.71
CA PRO B 494 -14.26 -22.95 -13.97
C PRO B 494 -14.61 -22.18 -12.69
N ILE B 495 -13.70 -22.23 -11.71
CA ILE B 495 -13.87 -21.48 -10.48
C ILE B 495 -13.33 -20.06 -10.59
N GLY B 496 -12.44 -19.80 -11.54
CA GLY B 496 -11.85 -18.48 -11.70
C GLY B 496 -10.63 -18.29 -10.80
N ARG B 497 -9.80 -17.34 -11.22
CA ARG B 497 -8.58 -17.01 -10.48
C ARG B 497 -8.80 -15.91 -9.46
N ASP B 498 -10.02 -15.42 -9.31
CA ASP B 498 -10.33 -14.36 -8.36
C ASP B 498 -10.27 -14.90 -6.94
N GLY B 499 -9.25 -14.49 -6.19
CA GLY B 499 -8.99 -15.04 -4.87
C GLY B 499 -8.03 -16.20 -4.97
N LYS B 500 -6.86 -16.07 -4.34
CA LYS B 500 -5.85 -17.13 -4.45
C LYS B 500 -6.36 -18.43 -3.84
N LEU B 501 -6.58 -18.44 -2.52
CA LEU B 501 -7.09 -19.62 -1.83
C LEU B 501 -6.16 -20.82 -2.00
N ALA B 502 -6.38 -21.87 -1.23
CA ALA B 502 -5.55 -23.08 -1.32
C ALA B 502 -6.33 -24.37 -1.46
N LYS B 503 -7.57 -24.45 -0.99
CA LYS B 503 -8.32 -25.70 -1.10
C LYS B 503 -8.38 -26.22 -2.53
N PRO B 504 -8.77 -25.44 -3.54
CA PRO B 504 -8.98 -26.01 -4.87
C PRO B 504 -7.71 -26.56 -5.49
N ARG B 505 -6.66 -25.74 -5.56
CA ARG B 505 -5.42 -26.20 -6.17
C ARG B 505 -4.79 -27.34 -5.37
N GLN B 506 -5.02 -27.37 -4.06
CA GLN B 506 -4.47 -28.43 -3.23
C GLN B 506 -5.05 -29.78 -3.63
N LEU B 507 -4.19 -30.81 -3.59
CA LEU B 507 -4.66 -32.16 -3.82
C LEU B 507 -5.38 -32.68 -2.59
N HIS B 508 -6.46 -33.45 -2.81
CA HIS B 508 -7.31 -33.99 -1.73
C HIS B 508 -7.46 -35.51 -1.91
N ASN B 509 -7.43 -36.25 -0.78
CA ASN B 509 -7.42 -37.72 -0.80
C ASN B 509 -8.52 -38.26 -1.71
N THR B 510 -9.59 -37.47 -1.83
CA THR B 510 -10.75 -37.90 -2.61
C THR B 510 -10.67 -37.84 -4.16
N HIS B 511 -9.44 -37.59 -4.64
CA HIS B 511 -9.06 -37.88 -6.01
C HIS B 511 -8.41 -39.26 -6.16
N TRP B 512 -8.42 -40.06 -5.10
CA TRP B 512 -7.77 -41.35 -5.12
C TRP B 512 -8.15 -42.14 -6.36
N GLY B 513 -7.17 -42.42 -7.21
CA GLY B 513 -7.38 -43.19 -8.41
C GLY B 513 -8.28 -42.54 -9.43
N LEU B 514 -8.44 -41.22 -9.38
CA LEU B 514 -9.37 -40.51 -10.25
C LEU B 514 -8.68 -39.58 -11.24
N VAL B 515 -7.74 -38.75 -10.79
CA VAL B 515 -7.01 -37.88 -11.69
C VAL B 515 -5.51 -38.06 -11.46
N CYS B 516 -4.74 -37.72 -12.48
CA CYS B 516 -3.29 -37.87 -12.41
C CYS B 516 -2.75 -37.04 -11.25
N PRO B 517 -2.28 -37.66 -10.17
CA PRO B 517 -1.81 -36.86 -9.01
C PRO B 517 -0.65 -35.93 -9.33
N ALA B 518 0.26 -36.34 -10.21
CA ALA B 518 1.48 -35.58 -10.46
C ALA B 518 1.31 -34.52 -11.54
N GLU B 519 0.65 -34.84 -12.64
CA GLU B 519 0.54 -33.91 -13.75
C GLU B 519 -0.41 -32.77 -13.40
N THR B 520 0.04 -31.55 -13.62
CA THR B 520 -0.76 -30.36 -13.39
C THR B 520 -0.05 -29.17 -14.02
N PRO B 521 -0.76 -28.12 -14.42
CA PRO B 521 -0.08 -26.97 -15.02
C PRO B 521 0.77 -26.23 -14.01
N GLU B 522 1.38 -25.13 -14.43
CA GLU B 522 2.25 -24.35 -13.58
C GLU B 522 1.68 -22.96 -13.39
N GLY B 523 1.88 -22.38 -12.21
CA GLY B 523 1.41 -21.05 -11.94
C GLY B 523 -0.10 -20.96 -11.84
N GLN B 524 -0.70 -20.10 -12.66
CA GLN B 524 -2.13 -19.83 -12.53
C GLN B 524 -2.96 -21.08 -12.73
N ALA B 525 -2.62 -21.88 -13.75
CA ALA B 525 -3.38 -23.07 -14.07
C ALA B 525 -3.02 -24.26 -13.19
N CYS B 526 -1.95 -24.16 -12.40
CA CYS B 526 -1.51 -25.27 -11.56
C CYS B 526 -2.56 -25.63 -10.52
N GLY B 527 -2.82 -26.93 -10.35
CA GLY B 527 -3.64 -27.43 -9.28
C GLY B 527 -5.12 -27.46 -9.57
N LEU B 528 -5.56 -26.85 -10.66
CA LEU B 528 -6.98 -26.74 -10.94
C LEU B 528 -7.40 -27.60 -12.13
N VAL B 529 -6.75 -27.42 -13.27
CA VAL B 529 -6.96 -28.32 -14.41
C VAL B 529 -6.44 -29.69 -14.02
N LYS B 530 -7.20 -30.73 -14.34
CA LYS B 530 -6.86 -32.09 -13.97
C LYS B 530 -6.89 -32.98 -15.20
N ASN B 531 -6.60 -34.27 -14.98
CA ASN B 531 -6.50 -35.24 -16.06
C ASN B 531 -7.09 -36.55 -15.60
N LEU B 532 -7.80 -37.23 -16.51
CA LEU B 532 -8.34 -38.54 -16.16
C LEU B 532 -7.22 -39.50 -15.81
N SER B 533 -7.36 -40.14 -14.65
CA SER B 533 -6.43 -41.20 -14.29
C SER B 533 -6.58 -42.32 -15.32
N LEU B 534 -5.61 -43.23 -15.37
CA LEU B 534 -5.60 -44.26 -16.39
C LEU B 534 -6.78 -45.21 -16.27
N LEU B 535 -7.47 -45.22 -15.12
CA LEU B 535 -8.61 -46.10 -14.91
C LEU B 535 -9.88 -45.35 -14.52
N SER B 536 -9.91 -44.03 -14.65
CA SER B 536 -11.11 -43.27 -14.36
C SER B 536 -12.08 -43.34 -15.54
N GLY B 537 -13.35 -43.54 -15.24
CA GLY B 537 -14.36 -43.66 -16.26
C GLY B 537 -15.55 -42.79 -15.92
N ILE B 538 -16.15 -42.20 -16.95
CA ILE B 538 -17.14 -41.15 -16.80
C ILE B 538 -18.51 -41.71 -17.11
N SER B 539 -19.47 -41.49 -16.21
CA SER B 539 -20.83 -41.93 -16.41
C SER B 539 -21.52 -41.10 -17.50
N ILE B 540 -22.28 -41.78 -18.35
CA ILE B 540 -23.08 -41.12 -19.36
C ILE B 540 -24.53 -40.90 -18.91
N GLY B 541 -24.95 -41.50 -17.81
CA GLY B 541 -26.29 -41.31 -17.29
C GLY B 541 -27.21 -42.44 -17.71
N SER B 542 -28.13 -42.80 -16.82
CA SER B 542 -29.09 -43.86 -17.06
C SER B 542 -30.46 -43.48 -16.54
N PRO B 543 -31.54 -44.01 -17.13
CA PRO B 543 -32.87 -43.75 -16.59
C PRO B 543 -33.00 -44.29 -15.16
N SER B 544 -33.80 -43.60 -14.35
CA SER B 544 -33.87 -43.90 -12.93
C SER B 544 -35.10 -44.72 -12.54
N GLU B 545 -36.17 -44.66 -13.33
CA GLU B 545 -37.43 -45.29 -12.92
C GLU B 545 -37.27 -46.76 -12.55
N PRO B 546 -36.51 -47.59 -13.28
CA PRO B 546 -36.35 -48.99 -12.84
C PRO B 546 -35.81 -49.11 -11.44
N ILE B 547 -34.94 -48.19 -11.03
CA ILE B 547 -34.50 -48.18 -9.64
C ILE B 547 -35.66 -47.89 -8.71
N ILE B 548 -36.54 -46.97 -9.10
CA ILE B 548 -37.74 -46.72 -8.29
C ILE B 548 -38.52 -48.01 -8.13
N ASN B 549 -38.69 -48.76 -9.22
CA ASN B 549 -39.40 -50.03 -9.13
C ASN B 549 -38.71 -50.99 -8.18
N PHE B 550 -37.38 -51.10 -8.31
CA PHE B 550 -36.64 -51.97 -7.41
C PHE B 550 -36.88 -51.60 -5.95
N LEU B 551 -36.86 -50.30 -5.66
CA LEU B 551 -37.16 -49.85 -4.31
C LEU B 551 -38.60 -50.16 -3.95
N GLU B 552 -39.55 -49.75 -4.79
CA GLU B 552 -40.94 -50.14 -4.61
C GLU B 552 -41.09 -51.65 -4.55
N GLU B 553 -40.31 -52.36 -5.36
CA GLU B 553 -40.32 -53.82 -5.34
C GLU B 553 -39.99 -54.39 -3.97
N TRP B 554 -39.23 -53.65 -3.15
CA TRP B 554 -38.66 -54.19 -1.94
C TRP B 554 -39.23 -53.50 -0.69
N GLY B 555 -40.54 -53.31 -0.66
CA GLY B 555 -41.18 -52.73 0.50
C GLY B 555 -40.73 -51.33 0.84
N MET B 556 -40.50 -50.49 -0.16
CA MET B 556 -40.15 -49.10 0.12
C MET B 556 -41.20 -48.46 1.01
N GLU B 557 -40.75 -47.84 2.10
CA GLU B 557 -41.68 -47.22 3.02
C GLU B 557 -41.85 -45.75 2.67
N PRO B 558 -43.05 -45.32 2.26
CA PRO B 558 -43.20 -43.94 1.77
C PRO B 558 -42.84 -42.91 2.84
N LEU B 559 -42.69 -41.67 2.39
CA LEU B 559 -42.39 -40.58 3.29
C LEU B 559 -43.60 -40.17 4.11
N GLU B 560 -44.80 -40.36 3.58
CA GLU B 560 -46.01 -40.05 4.32
C GLU B 560 -46.29 -41.07 5.41
N ASP B 561 -45.61 -42.21 5.40
CA ASP B 561 -45.72 -43.21 6.46
C ASP B 561 -44.55 -43.07 7.44
N TYR B 562 -44.03 -41.85 7.58
CA TYR B 562 -42.81 -41.60 8.33
C TYR B 562 -43.15 -40.92 9.64
N ASP B 563 -42.84 -41.59 10.75
CA ASP B 563 -43.10 -41.10 12.09
C ASP B 563 -41.79 -40.96 12.84
N PRO B 564 -41.60 -39.86 13.57
CA PRO B 564 -40.30 -39.66 14.25
C PRO B 564 -39.99 -40.76 15.25
N ALA B 565 -41.00 -41.31 15.92
CA ALA B 565 -40.77 -42.37 16.90
C ALA B 565 -40.75 -43.75 16.27
N GLN B 566 -41.69 -44.04 15.37
CA GLN B 566 -41.75 -45.36 14.75
C GLN B 566 -40.47 -45.65 13.99
N HIS B 567 -40.21 -44.86 12.95
CA HIS B 567 -38.98 -44.98 12.16
C HIS B 567 -37.84 -44.16 12.75
N THR B 568 -37.57 -44.39 14.04
CA THR B 568 -36.42 -43.76 14.69
C THR B 568 -35.09 -44.37 14.28
N LYS B 569 -35.07 -45.66 13.94
CA LYS B 569 -33.85 -46.34 13.51
C LYS B 569 -33.89 -46.73 12.03
N SER B 570 -35.00 -46.46 11.35
CA SER B 570 -35.07 -46.80 9.93
C SER B 570 -34.14 -45.93 9.12
N THR B 571 -34.01 -46.27 7.84
CA THR B 571 -33.12 -45.58 6.92
C THR B 571 -33.94 -44.81 5.89
N ARG B 572 -33.71 -43.51 5.83
CA ARG B 572 -34.28 -42.68 4.78
C ARG B 572 -33.67 -43.07 3.43
N ILE B 573 -34.51 -43.05 2.40
CA ILE B 573 -34.14 -43.57 1.09
C ILE B 573 -33.87 -42.41 0.15
N PHE B 574 -32.79 -42.51 -0.60
CA PHE B 574 -32.41 -41.45 -1.53
C PHE B 574 -31.94 -42.07 -2.84
N VAL B 575 -32.50 -41.57 -3.94
CA VAL B 575 -32.14 -42.01 -5.28
C VAL B 575 -31.77 -40.77 -6.08
N ASN B 576 -30.62 -40.84 -6.77
CA ASN B 576 -30.00 -39.65 -7.36
C ASN B 576 -29.95 -38.49 -6.37
N GLY B 577 -29.85 -38.79 -5.08
CA GLY B 577 -29.63 -37.78 -4.07
C GLY B 577 -30.87 -37.15 -3.47
N VAL B 578 -32.06 -37.47 -3.97
CA VAL B 578 -33.31 -36.88 -3.48
C VAL B 578 -34.02 -37.91 -2.63
N TRP B 579 -34.68 -37.45 -1.57
CA TRP B 579 -35.32 -38.36 -0.63
C TRP B 579 -36.38 -39.17 -1.34
N THR B 580 -36.15 -40.48 -1.46
CA THR B 580 -37.05 -41.36 -2.19
C THR B 580 -37.59 -42.47 -1.31
N GLY B 581 -37.99 -42.14 -0.09
CA GLY B 581 -38.74 -43.08 0.73
C GLY B 581 -38.07 -43.33 2.06
N ILE B 582 -38.60 -44.34 2.74
CA ILE B 582 -38.09 -44.79 4.03
C ILE B 582 -37.93 -46.29 3.98
N HIS B 583 -37.02 -46.83 4.77
CA HIS B 583 -36.92 -48.26 4.97
C HIS B 583 -36.25 -48.55 6.31
N ARG B 584 -36.69 -49.62 6.96
CA ARG B 584 -36.19 -49.96 8.28
C ARG B 584 -35.04 -50.95 8.23
N ASP B 585 -35.13 -52.00 7.40
CA ASP B 585 -34.05 -52.97 7.24
C ASP B 585 -33.39 -52.74 5.89
N PRO B 586 -32.41 -51.82 5.81
CA PRO B 586 -31.71 -51.61 4.54
C PRO B 586 -30.70 -52.69 4.20
N SER B 587 -30.27 -53.49 5.17
CA SER B 587 -29.15 -54.41 4.94
C SER B 587 -29.46 -55.41 3.84
N MET B 588 -30.57 -56.12 3.96
CA MET B 588 -30.90 -57.15 3.00
C MET B 588 -31.11 -56.56 1.61
N LEU B 589 -31.84 -55.44 1.53
CA LEU B 589 -32.14 -54.87 0.22
C LEU B 589 -30.90 -54.29 -0.44
N VAL B 590 -29.99 -53.73 0.37
CA VAL B 590 -28.75 -53.20 -0.22
C VAL B 590 -27.89 -54.35 -0.73
N SER B 591 -27.80 -55.44 0.02
CA SER B 591 -27.10 -56.61 -0.50
C SER B 591 -27.75 -57.09 -1.79
N THR B 592 -29.07 -57.13 -1.82
CA THR B 592 -29.79 -57.60 -2.99
C THR B 592 -29.51 -56.73 -4.21
N MET B 593 -29.60 -55.41 -4.04
CA MET B 593 -29.35 -54.51 -5.16
C MET B 593 -27.88 -54.51 -5.56
N ARG B 594 -26.98 -54.66 -4.59
CA ARG B 594 -25.57 -54.82 -4.90
C ARG B 594 -25.37 -56.01 -5.84
N ASP B 595 -25.93 -57.15 -5.47
CA ASP B 595 -25.81 -58.33 -6.32
C ASP B 595 -26.54 -58.13 -7.64
N LEU B 596 -27.64 -57.37 -7.62
CA LEU B 596 -28.38 -57.06 -8.83
C LEU B 596 -27.50 -56.35 -9.84
N ARG B 597 -26.81 -55.29 -9.40
CA ARG B 597 -25.89 -54.60 -10.30
C ARG B 597 -24.69 -55.48 -10.64
N ARG B 598 -24.25 -56.31 -9.68
CA ARG B 598 -23.10 -57.19 -9.91
C ARG B 598 -23.37 -58.13 -11.07
N SER B 599 -24.57 -58.71 -11.11
CA SER B 599 -24.96 -59.50 -12.27
C SER B 599 -24.87 -58.67 -13.55
N GLY B 600 -25.19 -57.38 -13.46
CA GLY B 600 -25.27 -56.53 -14.62
C GLY B 600 -26.69 -56.08 -14.87
N ALA B 601 -27.63 -56.58 -14.07
CA ALA B 601 -29.02 -56.19 -14.23
C ALA B 601 -29.18 -54.69 -14.13
N ILE B 602 -28.53 -54.06 -13.16
CA ILE B 602 -28.49 -52.62 -13.06
C ILE B 602 -27.15 -52.15 -13.63
N SER B 603 -27.19 -50.99 -14.27
CA SER B 603 -25.99 -50.47 -14.93
C SER B 603 -24.88 -50.28 -13.90
N PRO B 604 -23.64 -50.67 -14.23
CA PRO B 604 -22.54 -50.42 -13.28
C PRO B 604 -22.40 -48.95 -12.91
N GLU B 605 -22.63 -48.04 -13.85
CA GLU B 605 -22.56 -46.62 -13.55
C GLU B 605 -23.53 -46.20 -12.47
N VAL B 606 -24.63 -46.93 -12.28
CA VAL B 606 -25.55 -46.62 -11.19
C VAL B 606 -24.80 -46.76 -9.88
N SER B 607 -24.79 -45.71 -9.08
CA SER B 607 -24.12 -45.70 -7.81
C SER B 607 -25.12 -45.97 -6.69
N ILE B 608 -24.77 -46.91 -5.82
CA ILE B 608 -25.63 -47.34 -4.71
C ILE B 608 -24.81 -47.19 -3.44
N ILE B 609 -25.24 -46.28 -2.56
CA ILE B 609 -24.49 -45.96 -1.36
C ILE B 609 -25.45 -45.98 -0.18
N ARG B 610 -25.15 -46.82 0.81
CA ARG B 610 -25.89 -46.85 2.07
C ARG B 610 -25.03 -46.23 3.16
N ASP B 611 -25.61 -45.29 3.90
CA ASP B 611 -24.94 -44.64 5.01
C ASP B 611 -25.41 -45.30 6.29
N ILE B 612 -24.57 -46.17 6.86
CA ILE B 612 -24.95 -46.89 8.07
C ILE B 612 -25.09 -45.92 9.24
N ARG B 613 -24.10 -45.04 9.44
CA ARG B 613 -24.12 -44.16 10.59
C ARG B 613 -25.27 -43.17 10.52
N GLU B 614 -25.48 -42.55 9.37
CA GLU B 614 -26.52 -41.55 9.20
C GLU B 614 -27.90 -42.17 9.03
N ARG B 615 -27.99 -43.50 8.96
CA ARG B 615 -29.25 -44.17 8.67
C ARG B 615 -29.83 -43.64 7.36
N GLU B 616 -28.99 -43.54 6.35
CA GLU B 616 -29.37 -43.00 5.05
C GLU B 616 -28.95 -43.99 3.96
N PHE B 617 -29.66 -43.91 2.83
CA PHE B 617 -29.35 -44.76 1.70
C PHE B 617 -29.55 -43.93 0.43
N LYS B 618 -28.44 -43.57 -0.20
CA LYS B 618 -28.45 -42.76 -1.42
C LYS B 618 -28.05 -43.63 -2.61
N ILE B 619 -28.82 -43.49 -3.69
CA ILE B 619 -28.56 -44.19 -4.94
C ILE B 619 -28.47 -43.14 -6.03
N PHE B 620 -27.45 -43.25 -6.89
CA PHE B 620 -27.27 -42.30 -7.98
C PHE B 620 -27.18 -43.05 -9.29
N THR B 621 -27.80 -42.48 -10.33
CA THR B 621 -27.76 -43.02 -11.68
C THR B 621 -27.49 -41.89 -12.67
N ASP B 622 -26.62 -40.96 -12.28
CA ASP B 622 -26.53 -39.66 -12.93
C ASP B 622 -25.54 -39.71 -14.10
N VAL B 623 -25.58 -38.65 -14.91
CA VAL B 623 -24.60 -38.41 -15.95
C VAL B 623 -23.57 -37.45 -15.39
N GLY B 624 -22.33 -37.58 -15.85
CA GLY B 624 -21.23 -36.78 -15.35
C GLY B 624 -20.51 -37.37 -14.16
N ARG B 625 -21.07 -38.38 -13.51
CA ARG B 625 -20.34 -39.09 -12.47
C ARG B 625 -19.15 -39.84 -13.09
N VAL B 626 -18.17 -40.12 -12.24
CA VAL B 626 -16.94 -40.78 -12.66
C VAL B 626 -16.83 -42.08 -11.89
N TYR B 627 -15.94 -42.97 -12.34
CA TYR B 627 -15.79 -44.27 -11.72
C TYR B 627 -14.50 -44.91 -12.19
N ARG B 628 -14.05 -45.91 -11.43
CA ARG B 628 -12.91 -46.72 -11.83
C ARG B 628 -13.19 -48.15 -11.42
N PRO B 629 -12.62 -49.13 -12.13
CA PRO B 629 -12.90 -50.53 -11.82
C PRO B 629 -12.26 -50.98 -10.51
N LEU B 630 -12.80 -52.08 -9.98
CA LEU B 630 -12.26 -52.71 -8.79
C LEU B 630 -12.54 -54.20 -8.80
N PHE B 631 -11.52 -54.96 -8.42
CA PHE B 631 -11.68 -56.36 -8.10
C PHE B 631 -12.65 -56.49 -6.92
N ILE B 632 -13.41 -57.58 -6.92
CA ILE B 632 -14.41 -57.84 -5.88
C ILE B 632 -13.90 -58.99 -5.01
N VAL B 633 -13.44 -58.66 -3.81
CA VAL B 633 -13.04 -59.65 -2.82
C VAL B 633 -14.30 -60.19 -2.15
N GLU B 634 -14.63 -61.44 -2.46
CA GLU B 634 -15.80 -62.08 -1.86
C GLU B 634 -15.58 -62.15 -0.36
N ASP B 635 -16.47 -61.52 0.41
CA ASP B 635 -16.31 -61.37 1.84
C ASP B 635 -17.38 -62.09 2.65
N ASP B 636 -18.31 -62.78 2.01
CA ASP B 636 -19.33 -63.52 2.74
C ASP B 636 -18.68 -64.56 3.62
N GLU B 637 -19.10 -64.61 4.89
CA GLU B 637 -18.55 -65.56 5.86
C GLU B 637 -19.32 -66.89 5.78
N SER B 638 -19.38 -67.44 4.57
CA SER B 638 -20.10 -68.67 4.34
C SER B 638 -19.47 -69.57 3.28
N LYS B 639 -18.25 -69.28 2.84
CA LYS B 639 -17.65 -70.05 1.76
C LYS B 639 -16.15 -69.81 1.74
N ASP B 640 -15.46 -70.62 0.93
CA ASP B 640 -14.01 -70.50 0.80
C ASP B 640 -13.62 -69.16 0.20
N ASN B 641 -14.36 -68.69 -0.80
CA ASN B 641 -14.06 -67.40 -1.43
C ASN B 641 -14.15 -66.25 -0.44
N LYS B 642 -14.67 -66.48 0.77
CA LYS B 642 -14.63 -65.47 1.82
C LYS B 642 -13.27 -64.79 1.87
N GLY B 643 -13.29 -63.47 1.80
CA GLY B 643 -12.06 -62.71 1.76
C GLY B 643 -11.16 -63.04 0.59
N GLU B 644 -11.73 -63.55 -0.51
CA GLU B 644 -10.95 -63.95 -1.66
C GLU B 644 -11.59 -63.39 -2.93
N LEU B 645 -10.78 -63.28 -3.96
CA LEU B 645 -11.24 -62.70 -5.22
C LEU B 645 -12.32 -63.57 -5.85
N ARG B 646 -13.28 -62.90 -6.49
CA ARG B 646 -14.23 -63.64 -7.33
C ARG B 646 -13.60 -64.05 -8.65
N ILE B 647 -12.71 -63.21 -9.18
CA ILE B 647 -12.01 -63.57 -10.41
C ILE B 647 -11.09 -64.74 -10.15
N THR B 648 -10.81 -65.50 -11.21
CA THR B 648 -10.00 -66.70 -11.13
C THR B 648 -9.25 -66.90 -12.44
N LYS B 649 -8.30 -67.81 -12.42
CA LYS B 649 -7.51 -68.09 -13.61
C LYS B 649 -8.35 -68.64 -14.74
N GLU B 650 -9.54 -69.20 -14.43
CA GLU B 650 -10.44 -69.61 -15.50
C GLU B 650 -10.88 -68.42 -16.33
N HIS B 651 -11.28 -67.34 -15.65
CA HIS B 651 -11.61 -66.10 -16.36
C HIS B 651 -10.41 -65.60 -17.14
N ILE B 652 -9.21 -65.75 -16.57
CA ILE B 652 -8.01 -65.30 -17.26
C ILE B 652 -7.84 -66.06 -18.57
N ARG B 653 -7.97 -67.38 -18.52
CA ARG B 653 -7.88 -68.19 -19.73
C ARG B 653 -8.95 -67.77 -20.72
N LYS B 654 -10.18 -67.61 -20.25
CA LYS B 654 -11.29 -67.27 -21.14
C LYS B 654 -11.04 -65.94 -21.84
N ILE B 655 -10.50 -64.97 -21.11
CA ILE B 655 -10.17 -63.69 -21.73
C ILE B 655 -9.04 -63.85 -22.73
N GLN B 656 -7.98 -64.58 -22.34
CA GLN B 656 -6.89 -64.81 -23.28
C GLN B 656 -7.42 -65.39 -24.58
N GLN B 657 -8.41 -66.26 -24.49
CA GLN B 657 -9.14 -66.65 -25.68
C GLN B 657 -9.84 -65.45 -26.30
N GLY B 658 -10.42 -64.59 -25.48
CA GLY B 658 -11.31 -63.55 -25.94
C GLY B 658 -12.69 -64.04 -26.30
N TYR B 659 -12.93 -65.35 -26.19
CA TYR B 659 -14.19 -65.97 -26.53
C TYR B 659 -14.72 -66.69 -25.29
N ASP B 660 -15.98 -67.10 -25.35
CA ASP B 660 -16.59 -67.83 -24.25
C ASP B 660 -16.66 -69.31 -24.60
N ASP B 661 -16.09 -70.13 -23.73
CA ASP B 661 -16.02 -71.58 -23.97
C ASP B 661 -17.24 -72.30 -23.40
N ASP B 662 -18.42 -71.84 -23.80
CA ASP B 662 -19.67 -72.47 -23.39
C ASP B 662 -19.74 -72.64 -21.87
N VAL B 675 -18.24 -63.41 -28.03
CA VAL B 675 -17.00 -62.82 -27.55
C VAL B 675 -17.03 -62.69 -26.04
N TYR B 676 -15.91 -63.02 -25.38
CA TYR B 676 -15.77 -62.93 -23.93
C TYR B 676 -14.79 -61.79 -23.66
N GLY B 677 -15.34 -60.60 -23.42
CA GLY B 677 -14.56 -59.40 -23.30
C GLY B 677 -14.55 -58.83 -21.90
N TRP B 678 -13.94 -57.64 -21.78
CA TRP B 678 -13.92 -56.94 -20.50
C TRP B 678 -15.32 -56.79 -19.91
N SER B 679 -16.26 -56.30 -20.69
CA SER B 679 -17.62 -56.18 -20.18
C SER B 679 -18.16 -57.52 -19.72
N SER B 680 -17.68 -58.62 -20.31
CA SER B 680 -18.10 -59.93 -19.83
C SER B 680 -17.62 -60.16 -18.40
N LEU B 681 -16.36 -59.82 -18.12
CA LEU B 681 -15.87 -59.91 -16.75
C LEU B 681 -16.71 -59.04 -15.83
N VAL B 682 -16.96 -57.80 -16.24
CA VAL B 682 -17.72 -56.88 -15.39
C VAL B 682 -19.09 -57.49 -15.07
N THR B 683 -19.79 -57.95 -16.10
CA THR B 683 -21.14 -58.48 -15.92
C THR B 683 -21.13 -59.74 -15.06
N SER B 684 -20.14 -60.62 -15.26
CA SER B 684 -20.11 -61.88 -14.54
C SER B 684 -20.16 -61.69 -13.02
N GLY B 685 -19.94 -60.47 -12.54
CA GLY B 685 -19.91 -60.19 -11.13
C GLY B 685 -18.55 -60.33 -10.49
N VAL B 686 -17.49 -60.38 -11.27
CA VAL B 686 -16.13 -60.47 -10.73
C VAL B 686 -15.44 -59.11 -10.68
N ILE B 687 -16.00 -58.07 -11.30
CA ILE B 687 -15.36 -56.78 -11.41
C ILE B 687 -16.43 -55.69 -11.28
N GLU B 688 -16.19 -54.72 -10.40
CA GLU B 688 -17.09 -53.60 -10.23
C GLU B 688 -16.33 -52.29 -10.31
N TYR B 689 -17.04 -51.24 -10.73
CA TYR B 689 -16.52 -49.89 -10.65
C TYR B 689 -16.81 -49.27 -9.29
N VAL B 690 -16.23 -48.10 -9.06
CA VAL B 690 -16.52 -47.28 -7.88
C VAL B 690 -16.29 -45.82 -8.25
N ASP B 691 -17.26 -44.98 -7.92
CA ASP B 691 -17.10 -43.54 -8.08
C ASP B 691 -16.39 -42.98 -6.87
N GLY B 692 -16.20 -41.66 -6.83
CA GLY B 692 -15.51 -41.06 -5.71
C GLY B 692 -16.20 -41.32 -4.39
N GLU B 693 -17.52 -41.11 -4.34
CA GLU B 693 -18.25 -41.31 -3.11
C GLU B 693 -18.34 -42.78 -2.73
N GLU B 694 -18.54 -43.66 -3.70
CA GLU B 694 -18.59 -45.09 -3.40
C GLU B 694 -17.27 -45.60 -2.86
N GLU B 695 -16.16 -44.97 -3.24
CA GLU B 695 -14.85 -45.42 -2.77
C GLU B 695 -14.76 -45.41 -1.25
N GLU B 696 -15.54 -44.56 -0.59
CA GLU B 696 -15.35 -44.34 0.84
C GLU B 696 -15.84 -45.51 1.69
N THR B 697 -16.99 -46.09 1.36
CA THR B 697 -17.66 -47.05 2.22
C THR B 697 -17.19 -48.48 1.98
N ILE B 698 -15.98 -48.64 1.43
CA ILE B 698 -15.45 -49.94 1.07
C ILE B 698 -14.03 -50.09 1.62
N MET B 699 -13.59 -51.34 1.70
CA MET B 699 -12.23 -51.69 2.10
C MET B 699 -11.59 -52.50 0.97
N ILE B 700 -10.55 -51.94 0.36
CA ILE B 700 -9.90 -52.51 -0.81
C ILE B 700 -8.58 -53.13 -0.37
N ALA B 701 -8.13 -54.15 -1.10
CA ALA B 701 -6.81 -54.72 -0.88
C ALA B 701 -5.83 -54.09 -1.85
N MET B 702 -4.97 -53.21 -1.32
CA MET B 702 -4.07 -52.44 -2.16
C MET B 702 -3.19 -53.30 -3.06
N THR B 703 -3.10 -54.60 -2.80
CA THR B 703 -2.43 -55.53 -3.70
C THR B 703 -3.19 -56.85 -3.70
N PRO B 704 -3.09 -57.62 -4.77
CA PRO B 704 -3.62 -58.99 -4.73
C PRO B 704 -3.02 -59.81 -3.60
N GLU B 705 -1.75 -59.54 -3.25
CA GLU B 705 -1.13 -60.26 -2.15
C GLU B 705 -1.79 -59.93 -0.82
N ASP B 706 -2.15 -58.66 -0.63
CA ASP B 706 -2.64 -58.20 0.66
C ASP B 706 -3.95 -58.86 1.08
N LEU B 707 -4.68 -59.47 0.15
CA LEU B 707 -5.94 -60.11 0.54
C LEU B 707 -5.69 -61.20 1.57
N GLN B 708 -4.67 -62.02 1.36
CA GLN B 708 -4.32 -63.08 2.29
C GLN B 708 -3.45 -62.49 3.40
N THR B 709 -3.89 -62.67 4.65
CA THR B 709 -3.08 -62.22 5.78
C THR B 709 -1.73 -62.91 5.75
N ARG B 710 -0.66 -62.11 5.71
CA ARG B 710 0.67 -62.66 5.57
C ARG B 710 1.14 -63.28 6.89
N SER B 711 2.40 -63.71 6.89
CA SER B 711 3.01 -64.29 8.08
C SER B 711 3.50 -63.20 9.02
N LEU B 719 12.46 -61.65 3.28
CA LEU B 719 12.27 -60.87 4.51
C LEU B 719 13.52 -60.05 4.83
N ASN B 720 13.30 -58.82 5.31
CA ASN B 720 14.38 -57.94 5.75
C ASN B 720 15.40 -57.72 4.63
N ASP B 721 14.93 -57.08 3.56
CA ASP B 721 15.77 -56.68 2.45
C ASP B 721 15.94 -55.17 2.46
N THR B 722 17.18 -54.71 2.36
CA THR B 722 17.50 -53.29 2.47
C THR B 722 17.35 -52.54 1.14
N ALA B 723 16.98 -53.23 0.07
CA ALA B 723 16.86 -52.63 -1.26
C ALA B 723 15.42 -52.66 -1.74
N LYS B 724 14.48 -52.36 -0.85
CA LYS B 724 13.06 -52.41 -1.19
C LYS B 724 12.30 -51.44 -0.29
N ARG B 725 11.12 -51.04 -0.76
CA ARG B 725 10.19 -50.32 0.10
C ARG B 725 9.68 -51.25 1.20
N ILE B 726 8.85 -50.70 2.09
CA ILE B 726 8.41 -51.40 3.29
C ILE B 726 6.88 -51.40 3.31
N LYS B 727 6.29 -52.58 3.54
CA LYS B 727 4.85 -52.74 3.56
C LYS B 727 4.31 -52.45 4.96
N PRO B 728 3.00 -52.19 5.08
CA PRO B 728 2.45 -51.81 6.39
C PRO B 728 2.44 -52.97 7.38
N GLU B 729 2.36 -52.62 8.66
CA GLU B 729 2.28 -53.62 9.71
C GLU B 729 0.92 -54.30 9.73
N MET B 730 -0.16 -53.51 9.84
CA MET B 730 -1.52 -54.03 9.83
C MET B 730 -1.73 -55.04 10.96
N SER B 731 -1.64 -54.56 12.20
CA SER B 731 -1.80 -55.39 13.39
C SER B 731 -2.85 -54.85 14.37
N THR B 732 -3.21 -53.57 14.25
CA THR B 732 -4.20 -52.99 15.17
C THR B 732 -5.53 -53.73 15.13
N SER B 733 -5.89 -54.33 13.99
CA SER B 733 -7.12 -55.09 13.84
C SER B 733 -6.76 -56.52 13.46
N SER B 734 -6.97 -57.45 14.39
CA SER B 734 -6.66 -58.86 14.12
C SER B 734 -7.55 -59.45 13.05
N HIS B 735 -8.65 -58.80 12.69
CA HIS B 735 -9.60 -59.32 11.73
C HIS B 735 -9.79 -58.32 10.59
N HIS B 736 -9.78 -58.82 9.36
CA HIS B 736 -10.03 -58.02 8.18
C HIS B 736 -11.16 -58.62 7.37
N THR B 737 -12.02 -57.77 6.83
CA THR B 737 -13.05 -58.16 5.88
C THR B 737 -12.86 -57.26 4.67
N PHE B 738 -11.98 -57.67 3.77
CA PHE B 738 -11.70 -56.89 2.59
C PHE B 738 -12.85 -57.02 1.59
N THR B 739 -12.97 -56.00 0.73
CA THR B 739 -14.09 -55.92 -0.19
C THR B 739 -13.62 -55.94 -1.64
N HIS B 740 -12.49 -55.28 -1.90
CA HIS B 740 -12.00 -55.14 -3.26
C HIS B 740 -10.49 -55.16 -3.24
N CYS B 741 -9.90 -55.16 -4.43
CA CYS B 741 -8.45 -55.24 -4.58
C CYS B 741 -7.98 -54.27 -5.65
N GLU B 742 -6.76 -53.77 -5.47
CA GLU B 742 -6.17 -52.90 -6.48
C GLU B 742 -5.63 -53.74 -7.63
N ILE B 743 -6.23 -53.56 -8.81
CA ILE B 743 -5.75 -54.27 -9.99
C ILE B 743 -4.27 -53.99 -10.21
N HIS B 744 -3.93 -52.72 -10.38
CA HIS B 744 -2.53 -52.30 -10.41
C HIS B 744 -2.44 -50.86 -9.92
N PRO B 745 -1.95 -50.61 -8.71
CA PRO B 745 -2.05 -49.26 -8.14
C PRO B 745 -1.39 -48.19 -8.99
N SER B 746 -0.36 -48.52 -9.76
CA SER B 746 0.31 -47.53 -10.59
C SER B 746 -0.56 -46.96 -11.70
N MET B 747 -1.84 -47.31 -11.80
CA MET B 747 -2.71 -46.81 -12.86
C MET B 747 -3.33 -45.46 -12.53
N ILE B 748 -3.05 -44.91 -11.35
CA ILE B 748 -3.59 -43.60 -10.97
C ILE B 748 -2.90 -42.46 -11.68
N LEU B 749 -1.92 -42.73 -12.53
CA LEU B 749 -1.13 -41.70 -13.18
C LEU B 749 -1.89 -41.07 -14.34
N GLY B 750 -1.24 -40.08 -14.94
CA GLY B 750 -1.63 -39.57 -16.24
C GLY B 750 -0.78 -40.18 -17.34
N VAL B 751 -1.22 -39.96 -18.57
CA VAL B 751 -0.53 -40.56 -19.71
C VAL B 751 0.93 -40.10 -19.74
N ALA B 752 1.16 -38.80 -19.64
CA ALA B 752 2.52 -38.29 -19.56
C ALA B 752 3.25 -38.75 -18.31
N ALA B 753 2.56 -38.77 -17.17
CA ALA B 753 3.18 -39.18 -15.92
C ALA B 753 3.72 -40.61 -15.97
N SER B 754 3.06 -41.51 -16.69
CA SER B 754 3.47 -42.91 -16.67
C SER B 754 4.76 -43.15 -17.43
N ILE B 755 5.21 -42.18 -18.23
CA ILE B 755 6.40 -42.39 -19.05
C ILE B 755 7.64 -42.50 -18.17
N ILE B 756 7.65 -41.84 -17.02
CA ILE B 756 8.84 -41.86 -16.17
C ILE B 756 9.10 -43.28 -15.70
N PRO B 757 10.34 -43.76 -15.74
CA PRO B 757 10.66 -45.02 -15.07
C PRO B 757 10.87 -44.81 -13.58
N PHE B 758 10.47 -45.81 -12.81
CA PHE B 758 10.61 -45.80 -11.36
C PHE B 758 10.27 -44.44 -10.74
N PRO B 759 9.13 -43.85 -11.11
CA PRO B 759 8.74 -42.57 -10.49
C PRO B 759 8.62 -42.64 -8.97
N ASP B 760 8.53 -43.84 -8.39
CA ASP B 760 8.49 -44.01 -6.95
C ASP B 760 9.86 -43.90 -6.30
N HIS B 761 10.87 -43.39 -7.02
CA HIS B 761 12.19 -43.18 -6.46
C HIS B 761 12.70 -41.76 -6.64
N ASN B 762 11.86 -40.85 -7.13
CA ASN B 762 12.21 -39.45 -7.25
C ASN B 762 11.16 -38.57 -6.58
N GLN B 763 11.49 -37.28 -6.47
CA GLN B 763 10.61 -36.34 -5.79
C GLN B 763 9.42 -36.01 -6.67
N SER B 764 8.24 -35.91 -6.05
CA SER B 764 6.99 -35.70 -6.79
C SER B 764 7.07 -34.48 -7.69
N PRO B 765 7.64 -33.35 -7.24
CA PRO B 765 7.72 -32.20 -8.14
C PRO B 765 8.52 -32.50 -9.40
N ARG B 766 9.61 -33.26 -9.27
CA ARG B 766 10.35 -33.68 -10.46
C ARG B 766 9.46 -34.49 -11.40
N ASN B 767 8.66 -35.40 -10.84
CA ASN B 767 7.75 -36.17 -11.66
C ASN B 767 6.78 -35.26 -12.39
N THR B 768 6.23 -34.28 -11.68
CA THR B 768 5.29 -33.35 -12.30
C THR B 768 5.97 -32.57 -13.42
N TYR B 769 7.20 -32.11 -13.18
CA TYR B 769 7.91 -31.36 -14.20
C TYR B 769 8.11 -32.21 -15.45
N GLN B 770 8.64 -33.42 -15.27
CA GLN B 770 8.80 -34.30 -16.42
C GLN B 770 7.48 -34.52 -17.14
N SER B 771 6.40 -34.72 -16.38
CA SER B 771 5.10 -34.90 -17.00
C SER B 771 4.74 -33.71 -17.88
N ALA B 772 4.87 -32.49 -17.34
CA ALA B 772 4.53 -31.31 -18.13
C ALA B 772 5.41 -31.18 -19.36
N MET B 773 6.73 -31.22 -19.17
CA MET B 773 7.67 -31.03 -20.27
C MET B 773 7.57 -32.09 -21.35
N GLY B 774 7.41 -33.36 -21.00
CA GLY B 774 7.42 -34.41 -22.01
C GLY B 774 6.55 -34.07 -23.20
N LYS B 775 5.51 -33.29 -22.98
CA LYS B 775 4.62 -32.82 -24.03
C LYS B 775 5.27 -31.76 -24.93
N GLN B 776 6.49 -31.37 -24.62
CA GLN B 776 7.20 -30.34 -25.38
C GLN B 776 8.45 -30.88 -26.07
N ALA B 777 8.77 -32.16 -25.90
CA ALA B 777 9.86 -32.79 -26.64
C ALA B 777 9.35 -33.26 -27.99
N MET B 778 10.14 -33.05 -29.03
CA MET B 778 9.73 -33.43 -30.38
C MET B 778 9.84 -34.94 -30.58
N GLY B 779 9.05 -35.44 -31.52
CA GLY B 779 9.05 -36.85 -31.82
C GLY B 779 8.01 -37.20 -32.85
N VAL B 780 7.71 -38.48 -32.95
CA VAL B 780 6.77 -38.99 -33.95
C VAL B 780 5.41 -39.06 -33.28
N PHE B 781 4.43 -38.35 -33.85
CA PHE B 781 3.09 -38.36 -33.30
C PHE B 781 2.06 -38.88 -34.30
N LEU B 782 2.38 -38.81 -35.59
CA LEU B 782 1.45 -39.28 -36.62
C LEU B 782 2.22 -39.80 -37.82
N THR B 783 1.53 -40.63 -38.60
CA THR B 783 2.13 -41.24 -39.78
C THR B 783 1.87 -40.41 -41.04
N ASN B 784 0.70 -39.79 -41.14
CA ASN B 784 0.30 -39.03 -42.31
C ASN B 784 0.89 -37.63 -42.32
N TYR B 785 1.97 -37.40 -41.58
CA TYR B 785 2.57 -36.08 -41.49
C TYR B 785 2.77 -35.45 -42.87
N ASN B 786 3.29 -36.21 -43.83
CA ASN B 786 3.74 -35.59 -45.08
C ASN B 786 2.57 -34.97 -45.82
N VAL B 787 1.44 -35.68 -45.90
CA VAL B 787 0.27 -35.12 -46.55
C VAL B 787 -0.31 -33.93 -45.80
N ARG B 788 -0.27 -33.95 -44.47
CA ARG B 788 -0.85 -32.84 -43.71
C ARG B 788 -0.01 -31.58 -43.84
N MET B 789 -0.69 -30.47 -44.13
CA MET B 789 -0.08 -29.13 -44.22
C MET B 789 -0.29 -28.46 -42.88
N ASP B 790 0.71 -28.54 -42.01
CA ASP B 790 0.62 -27.96 -40.67
C ASP B 790 1.67 -26.88 -40.47
N THR B 791 1.29 -25.86 -39.70
CA THR B 791 2.19 -24.74 -39.43
C THR B 791 3.43 -25.19 -38.68
N MET B 792 3.27 -26.08 -37.72
CA MET B 792 4.37 -26.58 -36.90
C MET B 792 4.43 -28.10 -37.01
N ALA B 793 5.61 -28.61 -37.33
CA ALA B 793 5.82 -30.05 -37.39
C ALA B 793 7.32 -30.32 -37.35
N ASN B 794 7.76 -31.04 -36.32
CA ASN B 794 9.14 -31.41 -36.16
C ASN B 794 9.20 -32.87 -35.74
N ILE B 795 10.13 -33.62 -36.34
CA ILE B 795 10.20 -35.07 -36.14
C ILE B 795 11.65 -35.48 -35.95
N LEU B 796 11.88 -36.36 -34.99
CA LEU B 796 13.19 -36.99 -34.81
C LEU B 796 13.49 -37.90 -35.99
N TYR B 797 14.74 -37.85 -36.47
CA TYR B 797 15.14 -38.72 -37.57
C TYR B 797 15.00 -40.19 -37.18
N TYR B 798 15.51 -40.54 -36.00
CA TYR B 798 15.59 -41.91 -35.53
C TYR B 798 15.06 -41.98 -34.09
N PRO B 799 13.75 -41.87 -33.90
CA PRO B 799 13.19 -42.13 -32.57
C PRO B 799 13.50 -43.55 -32.12
N GLN B 800 13.79 -43.70 -30.83
CA GLN B 800 14.15 -44.98 -30.26
C GLN B 800 13.19 -45.30 -29.12
N LYS B 801 12.73 -46.54 -29.08
CA LYS B 801 11.94 -46.96 -27.93
C LYS B 801 12.85 -47.08 -26.71
N PRO B 802 12.52 -46.44 -25.60
CA PRO B 802 13.49 -46.32 -24.50
C PRO B 802 13.91 -47.68 -23.97
N LEU B 803 15.19 -47.78 -23.63
CA LEU B 803 15.70 -49.01 -23.05
C LEU B 803 14.90 -49.38 -21.80
N ALA B 804 14.74 -48.45 -20.88
CA ALA B 804 13.92 -48.65 -19.69
C ALA B 804 12.51 -48.18 -20.04
N LYS B 805 11.60 -49.13 -20.26
CA LYS B 805 10.24 -48.84 -20.64
C LYS B 805 9.28 -49.44 -19.63
N THR B 806 8.25 -48.68 -19.29
CA THR B 806 7.23 -49.18 -18.39
C THR B 806 6.26 -50.08 -19.15
N GLN B 807 5.35 -50.70 -18.40
CA GLN B 807 4.42 -51.65 -19.01
C GLN B 807 3.38 -50.94 -19.87
N ALA B 808 2.62 -50.03 -19.26
CA ALA B 808 1.47 -49.47 -19.97
C ALA B 808 1.87 -48.84 -21.30
N MET B 809 3.11 -48.38 -21.40
CA MET B 809 3.62 -47.84 -22.66
C MET B 809 3.21 -48.68 -23.85
N GLU B 810 3.13 -50.01 -23.68
CA GLU B 810 2.56 -50.85 -24.74
C GLU B 810 1.20 -50.31 -25.16
N TYR B 811 0.31 -50.05 -24.20
CA TYR B 811 -0.97 -49.44 -24.47
C TYR B 811 -0.82 -48.05 -25.07
N LEU B 812 0.26 -47.35 -24.74
CA LEU B 812 0.49 -45.99 -25.21
C LEU B 812 1.28 -45.96 -26.50
N LYS B 813 1.72 -47.11 -26.99
CA LYS B 813 2.47 -47.22 -28.25
C LYS B 813 3.77 -46.42 -28.21
N PHE B 814 4.21 -45.97 -27.04
CA PHE B 814 5.38 -45.11 -26.99
C PHE B 814 6.59 -45.83 -27.57
N ARG B 815 6.80 -47.09 -27.20
CA ARG B 815 7.80 -47.89 -27.89
C ARG B 815 7.55 -47.91 -29.38
N GLU B 816 6.27 -47.90 -29.79
CA GLU B 816 5.92 -47.82 -31.20
C GLU B 816 6.08 -46.41 -31.74
N LEU B 817 5.83 -45.40 -30.90
CA LEU B 817 5.92 -43.99 -31.29
C LEU B 817 6.82 -43.27 -30.30
N PRO B 818 8.11 -43.61 -30.27
CA PRO B 818 9.03 -42.95 -29.36
C PRO B 818 9.38 -41.54 -29.83
N ALA B 819 9.87 -40.73 -28.89
CA ALA B 819 10.18 -39.33 -29.16
C ALA B 819 11.54 -38.95 -28.57
N GLY B 820 12.54 -39.80 -28.72
CA GLY B 820 13.86 -39.51 -28.19
C GLY B 820 14.83 -40.59 -28.59
N GLN B 821 16.00 -40.55 -27.98
CA GLN B 821 17.04 -41.53 -28.22
C GLN B 821 17.73 -41.90 -26.91
N ASN B 822 18.18 -43.15 -26.83
CA ASN B 822 19.00 -43.63 -25.73
C ASN B 822 20.44 -43.28 -26.06
N ALA B 823 21.12 -42.61 -25.12
CA ALA B 823 22.45 -42.09 -25.36
C ALA B 823 23.41 -42.45 -24.23
N ILE B 824 24.61 -42.85 -24.60
CA ILE B 824 25.69 -43.09 -23.64
C ILE B 824 26.01 -41.79 -22.95
N VAL B 825 26.05 -41.82 -21.62
CA VAL B 825 26.16 -40.61 -20.81
C VAL B 825 27.24 -40.84 -19.77
N ALA B 826 27.82 -39.74 -19.29
CA ALA B 826 28.76 -39.75 -18.18
C ALA B 826 28.35 -38.68 -17.19
N ILE B 827 28.23 -39.05 -15.92
CA ILE B 827 27.86 -38.12 -14.87
C ILE B 827 29.13 -37.60 -14.22
N ALA B 828 29.68 -36.51 -14.74
CA ALA B 828 30.99 -36.09 -14.29
C ALA B 828 31.19 -34.61 -14.54
N CYS B 829 32.25 -34.08 -13.94
CA CYS B 829 32.69 -32.71 -14.16
C CYS B 829 33.94 -32.75 -15.03
N TYR B 830 33.77 -32.48 -16.32
CA TYR B 830 34.84 -32.67 -17.30
C TYR B 830 35.65 -31.40 -17.51
N SER B 831 34.99 -30.33 -17.99
CA SER B 831 35.68 -29.10 -18.36
C SER B 831 35.03 -27.88 -17.71
N GLY B 832 34.34 -28.05 -16.59
CA GLY B 832 33.62 -26.95 -15.98
C GLY B 832 32.60 -26.29 -16.89
N TYR B 833 32.34 -26.85 -18.07
CA TYR B 833 31.36 -26.31 -18.99
C TYR B 833 30.03 -27.04 -18.89
N ASN B 834 29.93 -28.05 -18.02
CA ASN B 834 28.75 -28.89 -17.87
C ASN B 834 27.92 -28.47 -16.67
N GLN B 835 28.12 -27.25 -16.19
CA GLN B 835 27.56 -26.80 -14.93
C GLN B 835 26.13 -26.30 -15.12
N GLU B 836 25.41 -26.22 -14.01
CA GLU B 836 24.14 -25.49 -13.94
C GLU B 836 23.22 -25.89 -15.09
N ASP B 837 23.05 -27.19 -15.28
CA ASP B 837 22.22 -27.72 -16.36
C ASP B 837 22.73 -27.23 -17.72
N SER B 838 24.06 -27.23 -17.86
CA SER B 838 24.71 -27.04 -19.15
C SER B 838 25.29 -28.37 -19.60
N MET B 839 25.05 -28.72 -20.86
CA MET B 839 25.26 -30.07 -21.34
C MET B 839 26.44 -30.10 -22.30
N ILE B 840 27.25 -31.15 -22.19
CA ILE B 840 28.43 -31.33 -23.04
C ILE B 840 28.23 -32.62 -23.83
N MET B 841 28.35 -32.51 -25.15
CA MET B 841 27.91 -33.56 -26.07
C MET B 841 29.05 -34.04 -26.95
N ASN B 842 28.90 -35.26 -27.47
CA ASN B 842 29.75 -35.77 -28.53
C ASN B 842 29.48 -35.03 -29.83
N GLN B 843 30.48 -34.32 -30.33
CA GLN B 843 30.35 -33.62 -31.60
C GLN B 843 30.12 -34.61 -32.74
N SER B 844 30.91 -35.68 -32.80
CA SER B 844 30.85 -36.59 -33.94
C SER B 844 29.49 -37.27 -34.03
N SER B 845 28.94 -37.68 -32.89
CA SER B 845 27.62 -38.30 -32.91
C SER B 845 26.62 -37.42 -33.61
N ILE B 846 26.69 -36.11 -33.38
CA ILE B 846 25.84 -35.17 -34.09
C ILE B 846 26.25 -35.10 -35.55
N ASP B 847 27.55 -35.13 -35.82
CA ASP B 847 27.99 -35.33 -37.20
C ASP B 847 27.40 -36.61 -37.77
N ARG B 848 27.13 -37.60 -36.93
CA ARG B 848 26.38 -38.78 -37.31
C ARG B 848 24.88 -38.58 -37.14
N GLY B 849 24.43 -37.34 -36.94
CA GLY B 849 23.02 -37.01 -36.97
C GLY B 849 22.20 -37.40 -35.76
N LEU B 850 22.83 -37.76 -34.64
CA LEU B 850 22.06 -38.10 -33.45
C LEU B 850 21.23 -36.90 -33.00
N PHE B 851 19.99 -37.17 -32.61
CA PHE B 851 19.03 -36.15 -32.17
C PHE B 851 18.81 -35.07 -33.21
N ARG B 852 19.01 -35.38 -34.49
CA ARG B 852 18.74 -34.43 -35.56
C ARG B 852 17.28 -34.55 -35.98
N SER B 853 16.57 -33.43 -36.00
CA SER B 853 15.13 -33.43 -36.18
C SER B 853 14.74 -32.59 -37.39
N LEU B 854 13.49 -32.75 -37.81
CA LEU B 854 12.96 -32.02 -38.96
C LEU B 854 12.19 -30.79 -38.53
N PHE B 855 11.81 -29.99 -39.50
CA PHE B 855 10.81 -28.94 -39.30
C PHE B 855 9.92 -28.86 -40.53
N PHE B 856 8.68 -28.48 -40.31
CA PHE B 856 7.72 -28.22 -41.38
C PHE B 856 6.90 -27.00 -41.02
N ARG B 857 6.76 -26.07 -41.98
CA ARG B 857 5.89 -24.92 -41.78
C ARG B 857 4.95 -24.82 -42.97
N SER B 858 3.66 -24.83 -42.68
CA SER B 858 2.61 -24.69 -43.67
C SER B 858 2.04 -23.28 -43.64
N TYR B 859 1.95 -22.68 -44.83
CA TYR B 859 1.39 -21.35 -45.01
C TYR B 859 0.03 -21.48 -45.67
N MET B 860 -0.68 -20.36 -45.78
CA MET B 860 -1.94 -20.32 -46.51
C MET B 860 -2.08 -18.97 -47.19
N ASP B 861 -2.78 -18.95 -48.31
CA ASP B 861 -3.16 -17.71 -48.97
C ASP B 861 -4.32 -18.03 -49.90
N GLN B 862 -5.03 -16.98 -50.30
CA GLN B 862 -6.19 -17.16 -51.16
C GLN B 862 -6.60 -15.82 -51.71
N GLU B 863 -7.04 -15.82 -52.97
CA GLU B 863 -7.56 -14.61 -53.56
C GLU B 863 -8.83 -14.17 -52.85
N LYS B 864 -8.93 -12.88 -52.59
CA LYS B 864 -10.02 -12.29 -51.84
C LYS B 864 -10.93 -11.49 -52.76
N ARG B 865 -12.21 -11.46 -52.41
CA ARG B 865 -13.22 -10.73 -53.16
C ARG B 865 -13.61 -9.48 -52.40
N PHE B 866 -13.39 -8.32 -53.02
CA PHE B 866 -13.90 -7.06 -52.49
C PHE B 866 -15.29 -6.76 -53.01
N GLY B 867 -15.79 -7.55 -53.94
CA GLY B 867 -17.10 -7.35 -54.54
C GLY B 867 -17.21 -8.22 -55.76
N ILE B 868 -18.37 -8.11 -56.42
CA ILE B 868 -18.61 -8.92 -57.60
C ILE B 868 -17.55 -8.63 -58.66
N SER B 869 -17.18 -7.35 -58.81
CA SER B 869 -16.25 -6.92 -59.85
C SER B 869 -14.85 -6.66 -59.33
N ILE B 870 -14.63 -6.73 -58.02
CA ILE B 870 -13.35 -6.39 -57.41
C ILE B 870 -12.90 -7.58 -56.57
N VAL B 871 -11.75 -8.15 -56.92
CA VAL B 871 -11.15 -9.27 -56.21
C VAL B 871 -9.65 -9.01 -56.10
N GLU B 872 -8.94 -9.98 -55.52
CA GLU B 872 -7.49 -9.99 -55.52
C GLU B 872 -6.99 -11.07 -56.45
N GLU B 873 -5.79 -10.85 -56.99
CA GLU B 873 -5.28 -11.67 -58.09
C GLU B 873 -3.92 -12.24 -57.72
N PHE B 874 -3.78 -13.55 -57.91
CA PHE B 874 -2.50 -14.21 -57.75
C PHE B 874 -1.65 -13.94 -58.99
N GLU B 875 -0.64 -13.10 -58.87
CA GLU B 875 0.23 -12.83 -60.02
C GLU B 875 1.62 -12.49 -59.52
N LYS B 876 2.57 -12.57 -60.42
CA LYS B 876 3.85 -11.91 -60.23
C LYS B 876 3.69 -10.45 -60.62
N PRO B 877 3.65 -9.52 -59.66
CA PRO B 877 3.41 -8.10 -59.99
C PRO B 877 4.63 -7.48 -60.65
N THR B 878 4.37 -6.69 -61.70
CA THR B 878 5.40 -5.81 -62.24
C THR B 878 5.32 -4.46 -61.54
N ARG B 879 6.47 -3.79 -61.43
CA ARG B 879 6.51 -2.52 -60.73
C ARG B 879 5.64 -1.47 -61.42
N ALA B 880 5.58 -1.49 -62.75
CA ALA B 880 4.81 -0.49 -63.47
C ALA B 880 3.34 -0.55 -63.12
N THR B 881 2.81 -1.75 -62.86
CA THR B 881 1.39 -1.89 -62.59
C THR B 881 1.04 -1.70 -61.13
N THR B 882 1.61 -2.51 -60.24
CA THR B 882 1.35 -2.42 -58.82
C THR B 882 2.41 -1.56 -58.14
N LEU B 883 2.13 -1.16 -56.91
CA LEU B 883 3.03 -0.29 -56.17
C LEU B 883 3.16 -0.80 -54.74
N ARG B 884 4.08 -0.17 -54.01
CA ARG B 884 4.38 -0.54 -52.63
C ARG B 884 4.67 -2.04 -52.52
N LEU B 885 5.68 -2.46 -53.28
CA LEU B 885 6.14 -3.84 -53.23
C LEU B 885 6.99 -4.03 -51.97
N LYS B 886 7.49 -5.24 -51.78
CA LYS B 886 8.29 -5.57 -50.61
C LYS B 886 9.78 -5.47 -50.94
N HIS B 887 10.56 -5.13 -49.92
CA HIS B 887 12.01 -5.09 -50.10
C HIS B 887 12.59 -6.44 -50.48
N GLY B 888 11.87 -7.54 -50.23
CA GLY B 888 12.30 -8.85 -50.65
C GLY B 888 12.17 -9.02 -52.15
N THR B 889 12.68 -10.14 -52.63
CA THR B 889 12.73 -10.43 -54.06
C THR B 889 11.51 -11.22 -54.51
N TYR B 890 11.29 -11.23 -55.82
CA TYR B 890 10.12 -11.86 -56.43
C TYR B 890 10.51 -12.85 -57.53
N GLU B 891 11.80 -12.92 -57.87
CA GLU B 891 12.21 -13.75 -58.99
C GLU B 891 11.88 -15.22 -58.77
N LYS B 892 12.10 -15.74 -57.56
CA LYS B 892 11.78 -17.14 -57.30
C LYS B 892 10.31 -17.45 -57.51
N LEU B 893 9.44 -16.44 -57.47
CA LEU B 893 8.05 -16.67 -57.81
C LEU B 893 7.95 -17.26 -59.21
N ASP B 894 6.78 -17.80 -59.52
CA ASP B 894 6.56 -18.47 -60.79
C ASP B 894 5.90 -17.49 -61.76
N GLU B 895 5.66 -17.93 -62.99
CA GLU B 895 4.98 -17.07 -63.96
C GLU B 895 3.54 -16.78 -63.58
N ASP B 896 2.99 -17.52 -62.60
CA ASP B 896 1.63 -17.31 -62.14
C ASP B 896 1.56 -16.51 -60.84
N GLY B 897 2.68 -16.36 -60.13
CA GLY B 897 2.68 -15.70 -58.84
C GLY B 897 2.84 -16.67 -57.69
N LEU B 898 3.39 -17.85 -58.00
CA LEU B 898 3.62 -18.90 -57.00
C LEU B 898 5.08 -19.31 -57.08
N ILE B 899 5.42 -20.37 -56.34
CA ILE B 899 6.79 -20.90 -56.31
C ILE B 899 6.71 -22.41 -56.43
N ALA B 900 7.63 -22.99 -57.21
CA ALA B 900 7.62 -24.43 -57.41
C ALA B 900 7.98 -25.15 -56.11
N PRO B 901 7.36 -26.29 -55.84
CA PRO B 901 7.80 -27.08 -54.68
C PRO B 901 9.24 -27.53 -54.83
N GLY B 902 9.94 -27.59 -53.70
CA GLY B 902 11.33 -27.99 -53.70
C GLY B 902 12.31 -26.90 -54.07
N VAL B 903 11.97 -25.63 -53.86
CA VAL B 903 12.84 -24.51 -54.17
C VAL B 903 13.42 -23.98 -52.87
N ARG B 904 14.73 -23.70 -52.87
CA ARG B 904 15.37 -23.12 -51.71
C ARG B 904 14.70 -21.79 -51.36
N VAL B 905 14.56 -21.52 -50.06
CA VAL B 905 13.87 -20.34 -49.59
C VAL B 905 14.68 -19.69 -48.47
N SER B 906 14.71 -18.37 -48.50
CA SER B 906 15.33 -17.56 -47.47
C SER B 906 14.28 -16.65 -46.87
N GLY B 907 14.58 -16.12 -45.67
CA GLY B 907 13.62 -15.27 -45.01
C GLY B 907 13.39 -13.98 -45.78
N ASP B 908 12.26 -13.34 -45.51
CA ASP B 908 11.90 -12.08 -46.16
C ASP B 908 11.73 -12.24 -47.66
N ASP B 909 11.50 -13.48 -48.12
CA ASP B 909 11.40 -13.79 -49.53
C ASP B 909 9.92 -13.95 -49.89
N ILE B 910 9.49 -13.27 -50.94
CA ILE B 910 8.09 -13.34 -51.36
C ILE B 910 7.79 -14.72 -51.91
N ILE B 911 6.99 -15.48 -51.16
CA ILE B 911 6.63 -16.84 -51.55
C ILE B 911 5.33 -16.91 -52.33
N ILE B 912 4.40 -15.99 -52.09
CA ILE B 912 3.10 -15.99 -52.75
C ILE B 912 2.90 -14.62 -53.41
N GLY B 913 2.67 -14.62 -54.71
CA GLY B 913 2.45 -13.39 -55.45
C GLY B 913 0.99 -13.09 -55.67
N LYS B 914 0.41 -12.22 -54.84
CA LYS B 914 -0.97 -11.78 -54.97
C LYS B 914 -1.02 -10.27 -55.10
N THR B 915 -1.99 -9.80 -55.87
CA THR B 915 -2.19 -8.37 -56.11
C THR B 915 -3.64 -8.01 -55.94
N THR B 916 -3.90 -6.74 -55.59
CA THR B 916 -5.23 -6.22 -55.46
C THR B 916 -5.37 -4.93 -56.25
N PRO B 917 -6.53 -4.69 -56.87
CA PRO B 917 -6.72 -3.45 -57.62
C PRO B 917 -6.84 -2.24 -56.71
N ILE B 918 -6.66 -1.06 -57.29
CA ILE B 918 -6.74 0.20 -56.57
C ILE B 918 -8.06 0.87 -56.94
N PRO B 919 -8.85 1.35 -55.98
CA PRO B 919 -10.10 2.04 -56.32
C PRO B 919 -9.81 3.33 -57.06
N PRO B 920 -10.31 3.48 -58.30
CA PRO B 920 -10.05 4.71 -59.05
C PRO B 920 -10.86 5.89 -58.53
N TYR B 931 -4.03 4.68 -65.02
CA TYR B 931 -3.49 3.32 -64.94
C TYR B 931 -2.78 3.09 -63.62
N HIS B 932 -2.08 1.96 -63.50
CA HIS B 932 -1.28 1.66 -62.32
C HIS B 932 -2.16 1.62 -61.08
N THR B 933 -3.20 0.79 -61.15
CA THR B 933 -4.25 0.73 -60.14
C THR B 933 -4.28 -0.63 -59.45
N LYS B 934 -3.10 -1.16 -59.12
CA LYS B 934 -3.00 -2.37 -58.33
C LYS B 934 -1.99 -2.16 -57.21
N ARG B 935 -2.06 -3.03 -56.21
CA ARG B 935 -1.22 -2.95 -55.02
C ARG B 935 -0.66 -4.32 -54.69
N ASP B 936 0.54 -4.32 -54.12
CA ASP B 936 1.15 -5.56 -53.67
C ASP B 936 0.30 -6.21 -52.58
N ALA B 937 0.06 -7.51 -52.73
CA ALA B 937 -0.59 -8.32 -51.69
C ALA B 937 0.20 -9.61 -51.47
N SER B 938 1.52 -9.53 -51.57
CA SER B 938 2.36 -10.71 -51.59
C SER B 938 2.54 -11.27 -50.18
N THR B 939 3.33 -12.35 -50.09
CA THR B 939 3.59 -13.04 -48.84
C THR B 939 5.10 -13.29 -48.72
N PRO B 940 5.84 -12.36 -48.11
CA PRO B 940 7.25 -12.62 -47.83
C PRO B 940 7.40 -13.71 -46.77
N LEU B 941 8.47 -14.50 -46.92
CA LEU B 941 8.77 -15.52 -45.93
C LEU B 941 9.31 -14.88 -44.66
N ARG B 942 9.05 -15.53 -43.53
CA ARG B 942 9.56 -15.04 -42.26
C ARG B 942 11.07 -14.84 -42.36
N SER B 943 11.51 -13.62 -42.05
CA SER B 943 12.91 -13.28 -42.17
C SER B 943 13.81 -14.23 -41.42
N THR B 944 13.37 -14.73 -40.27
CA THR B 944 14.17 -15.62 -39.43
C THR B 944 14.13 -17.06 -39.91
N GLU B 945 13.32 -17.37 -40.91
CA GLU B 945 13.06 -18.75 -41.30
C GLU B 945 13.53 -18.98 -42.73
N ASN B 946 14.31 -20.04 -42.91
CA ASN B 946 14.83 -20.43 -44.22
C ASN B 946 14.79 -21.94 -44.34
N GLY B 947 14.81 -22.42 -45.58
CA GLY B 947 14.73 -23.84 -45.83
C GLY B 947 14.46 -24.10 -47.31
N ILE B 948 13.58 -25.05 -47.56
CA ILE B 948 13.19 -25.42 -48.91
C ILE B 948 11.69 -25.68 -48.95
N VAL B 949 11.08 -25.39 -50.08
CA VAL B 949 9.65 -25.60 -50.26
C VAL B 949 9.38 -27.09 -50.26
N ASP B 950 8.52 -27.52 -49.35
CA ASP B 950 8.11 -28.92 -49.25
C ASP B 950 6.98 -29.30 -50.18
N GLN B 951 5.89 -28.55 -50.16
CA GLN B 951 4.67 -28.98 -50.83
C GLN B 951 3.81 -27.76 -51.12
N VAL B 952 3.53 -27.50 -52.39
CA VAL B 952 2.78 -26.32 -52.82
C VAL B 952 1.40 -26.80 -53.24
N LEU B 953 0.38 -26.35 -52.52
CA LEU B 953 -1.01 -26.68 -52.81
C LEU B 953 -1.71 -25.52 -53.49
N LEU B 954 -2.55 -25.83 -54.46
CA LEU B 954 -3.41 -24.84 -55.09
C LEU B 954 -4.81 -25.42 -55.19
N THR B 955 -5.72 -24.90 -54.39
CA THR B 955 -7.12 -25.32 -54.42
C THR B 955 -7.99 -24.10 -54.15
N THR B 956 -9.28 -24.26 -54.32
CA THR B 956 -10.24 -23.18 -54.12
C THR B 956 -10.87 -23.29 -52.73
N ASN B 957 -11.00 -22.14 -52.09
CA ASN B 957 -11.66 -22.08 -50.79
C ASN B 957 -13.16 -22.32 -50.93
N GLN B 958 -13.89 -22.27 -49.81
CA GLN B 958 -15.32 -22.58 -49.86
C GLN B 958 -16.05 -21.65 -50.81
N GLU B 959 -15.68 -20.37 -50.86
CA GLU B 959 -16.27 -19.44 -51.80
C GLU B 959 -15.82 -19.71 -53.24
N GLY B 960 -14.99 -20.71 -53.46
CA GLY B 960 -14.52 -21.05 -54.80
C GLY B 960 -13.32 -20.25 -55.27
N LEU B 961 -12.87 -19.28 -54.49
CA LEU B 961 -11.70 -18.50 -54.85
C LEU B 961 -10.43 -19.30 -54.58
N LYS B 962 -9.41 -19.03 -55.39
CA LYS B 962 -8.17 -19.78 -55.30
C LYS B 962 -7.61 -19.69 -53.89
N PHE B 963 -7.11 -20.81 -53.37
CA PHE B 963 -6.84 -20.94 -51.95
C PHE B 963 -5.69 -21.94 -51.79
N VAL B 964 -4.50 -21.42 -51.51
CA VAL B 964 -3.28 -22.21 -51.51
C VAL B 964 -2.87 -22.49 -50.06
N LYS B 965 -2.12 -23.59 -49.89
CA LYS B 965 -1.55 -23.97 -48.61
C LYS B 965 -0.12 -24.41 -48.87
N VAL B 966 0.84 -23.58 -48.47
CA VAL B 966 2.24 -23.76 -48.85
C VAL B 966 3.03 -24.25 -47.64
N ARG B 967 3.67 -25.40 -47.78
CA ARG B 967 4.48 -26.00 -46.73
C ARG B 967 5.95 -25.90 -47.06
N MET B 968 6.70 -25.24 -46.17
CA MET B 968 8.15 -25.19 -46.25
C MET B 968 8.70 -26.12 -45.18
N ARG B 969 9.97 -26.50 -45.33
CA ARG B 969 10.57 -27.49 -44.47
C ARG B 969 12.06 -27.23 -44.31
N THR B 970 12.62 -27.76 -43.23
CA THR B 970 14.05 -27.68 -42.99
C THR B 970 14.39 -28.58 -41.80
N THR B 971 15.64 -29.03 -41.77
CA THR B 971 16.18 -29.80 -40.67
C THR B 971 16.42 -28.87 -39.48
N LYS B 972 16.24 -29.41 -38.28
CA LYS B 972 16.61 -28.71 -37.05
C LYS B 972 17.76 -29.48 -36.42
N VAL B 973 18.95 -28.89 -36.51
CA VAL B 973 20.15 -29.53 -35.96
C VAL B 973 20.34 -29.06 -34.52
N PRO B 974 20.50 -29.97 -33.55
CA PRO B 974 20.84 -29.53 -32.20
C PRO B 974 22.13 -28.72 -32.22
N GLN B 975 22.21 -27.74 -31.33
CA GLN B 975 23.29 -26.76 -31.35
C GLN B 975 23.53 -26.27 -29.93
N ILE B 976 24.66 -25.57 -29.74
CA ILE B 976 24.99 -25.03 -28.42
C ILE B 976 23.77 -24.32 -27.85
N GLY B 977 23.44 -24.66 -26.61
CA GLY B 977 22.35 -24.05 -25.90
C GLY B 977 20.99 -24.64 -26.21
N ASP B 978 20.90 -25.60 -27.13
CA ASP B 978 19.62 -26.23 -27.40
C ASP B 978 19.26 -27.19 -26.28
N LYS B 979 17.98 -27.26 -25.96
CA LYS B 979 17.54 -27.87 -24.71
C LYS B 979 17.30 -29.36 -24.89
N PHE B 980 17.63 -30.11 -23.84
CA PHE B 980 17.44 -31.56 -23.78
C PHE B 980 17.08 -31.94 -22.36
N ALA B 981 16.45 -33.11 -22.21
CA ALA B 981 15.96 -33.49 -20.90
C ALA B 981 15.85 -35.01 -20.79
N SER B 982 15.95 -35.48 -19.56
CA SER B 982 15.79 -36.89 -19.24
C SER B 982 14.30 -37.20 -19.10
N ARG B 983 13.97 -38.39 -18.58
CA ARG B 983 12.63 -38.72 -18.14
C ARG B 983 12.41 -38.40 -16.67
N HIS B 984 13.21 -37.48 -16.11
CA HIS B 984 13.12 -37.14 -14.69
C HIS B 984 13.24 -35.65 -14.43
N GLY B 985 12.60 -34.80 -15.23
CA GLY B 985 12.68 -33.37 -15.04
C GLY B 985 14.05 -32.79 -15.19
N GLN B 986 14.98 -33.51 -15.84
CA GLN B 986 16.36 -33.07 -15.95
C GLN B 986 16.60 -32.33 -17.27
N LYS B 987 15.93 -31.20 -17.40
CA LYS B 987 16.15 -30.33 -18.54
C LYS B 987 17.59 -29.86 -18.58
N GLY B 988 18.12 -29.67 -19.78
CA GLY B 988 19.49 -29.21 -19.93
C GLY B 988 19.73 -28.73 -21.34
N THR B 989 20.52 -27.67 -21.43
CA THR B 989 20.88 -27.07 -22.71
C THR B 989 22.33 -27.39 -23.05
N ILE B 990 22.62 -27.38 -24.34
CA ILE B 990 23.92 -27.85 -24.82
C ILE B 990 24.97 -26.81 -24.49
N GLY B 991 25.85 -27.13 -23.55
CA GLY B 991 26.99 -26.30 -23.27
C GLY B 991 27.94 -26.23 -24.45
N VAL B 992 28.53 -27.36 -24.82
CA VAL B 992 29.47 -27.44 -25.93
C VAL B 992 29.60 -28.88 -26.36
N THR B 993 30.04 -29.08 -27.60
CA THR B 993 30.26 -30.41 -28.16
C THR B 993 31.75 -30.68 -28.26
N TYR B 994 32.13 -31.93 -27.97
CA TYR B 994 33.50 -32.39 -28.08
C TYR B 994 33.59 -33.45 -29.17
N ARG B 995 34.70 -33.45 -29.90
CA ARG B 995 34.91 -34.42 -30.96
C ARG B 995 35.20 -35.79 -30.36
N HIS B 996 35.13 -36.83 -31.20
CA HIS B 996 35.29 -38.20 -30.71
C HIS B 996 36.54 -38.34 -29.86
N GLU B 997 37.68 -37.87 -30.38
CA GLU B 997 38.90 -37.88 -29.60
C GLU B 997 38.77 -37.01 -28.35
N ASP B 998 38.05 -35.89 -28.46
CA ASP B 998 38.04 -34.90 -27.39
C ASP B 998 37.42 -35.44 -26.11
N MET B 999 36.39 -36.29 -26.20
CA MET B 999 35.80 -36.83 -24.99
C MET B 999 36.80 -37.73 -24.28
N PRO B 1000 36.65 -37.94 -22.97
CA PRO B 1000 37.39 -39.02 -22.32
C PRO B 1000 36.78 -40.36 -22.67
N PHE B 1001 37.61 -41.39 -22.63
CA PHE B 1001 37.26 -42.68 -23.18
C PHE B 1001 37.45 -43.78 -22.13
N SER B 1002 36.65 -44.83 -22.26
CA SER B 1002 36.76 -45.98 -21.39
C SER B 1002 37.87 -46.91 -21.87
N ALA B 1003 38.23 -47.87 -21.03
CA ALA B 1003 39.14 -48.92 -21.45
C ALA B 1003 38.62 -49.61 -22.69
N GLU B 1004 37.30 -49.81 -22.78
CA GLU B 1004 36.69 -50.37 -23.98
C GLU B 1004 36.75 -49.42 -25.16
N GLY B 1005 37.14 -48.17 -24.94
CA GLY B 1005 37.14 -47.15 -25.96
C GLY B 1005 35.85 -46.38 -26.04
N ILE B 1006 34.83 -46.74 -25.24
CA ILE B 1006 33.55 -46.06 -25.32
C ILE B 1006 33.66 -44.69 -24.66
N VAL B 1007 33.27 -43.65 -25.40
CA VAL B 1007 33.19 -42.30 -24.85
C VAL B 1007 31.71 -42.00 -24.62
N PRO B 1008 31.37 -41.18 -23.63
CA PRO B 1008 29.96 -40.81 -23.46
C PRO B 1008 29.48 -39.98 -24.62
N ASP B 1009 28.21 -40.19 -24.99
CA ASP B 1009 27.58 -39.29 -25.95
C ASP B 1009 27.43 -37.90 -25.38
N LEU B 1010 27.11 -37.80 -24.09
CA LEU B 1010 26.89 -36.51 -23.43
C LEU B 1010 27.40 -36.61 -22.02
N ILE B 1011 27.80 -35.48 -21.44
CA ILE B 1011 28.25 -35.42 -20.05
C ILE B 1011 27.28 -34.54 -19.29
N ILE B 1012 27.12 -34.82 -17.99
CA ILE B 1012 26.18 -34.09 -17.16
C ILE B 1012 26.85 -33.72 -15.85
N ASN B 1013 26.24 -32.81 -15.10
CA ASN B 1013 26.83 -32.29 -13.87
C ASN B 1013 26.42 -33.15 -12.69
N PRO B 1014 27.35 -33.81 -12.01
CA PRO B 1014 26.99 -34.55 -10.79
C PRO B 1014 26.22 -33.70 -9.79
N HIS B 1015 26.39 -32.38 -9.82
CA HIS B 1015 25.73 -31.50 -8.87
C HIS B 1015 24.24 -31.73 -8.77
N ALA B 1016 23.56 -31.90 -9.92
CA ALA B 1016 22.10 -31.96 -9.91
C ALA B 1016 21.57 -33.12 -9.07
N ILE B 1017 22.16 -34.31 -9.21
CA ILE B 1017 21.63 -35.52 -8.58
C ILE B 1017 21.35 -35.28 -7.11
N PRO B 1018 22.34 -34.95 -6.29
CA PRO B 1018 22.05 -34.73 -4.87
C PRO B 1018 20.99 -33.68 -4.63
N SER B 1019 21.01 -32.61 -5.41
CA SER B 1019 19.96 -31.60 -5.31
C SER B 1019 18.59 -32.15 -5.69
N ARG B 1020 18.51 -32.96 -6.74
CA ARG B 1020 17.24 -33.35 -7.33
C ARG B 1020 16.80 -34.75 -6.95
N MET B 1021 17.67 -35.56 -6.36
CA MET B 1021 17.32 -36.90 -5.89
C MET B 1021 16.72 -37.74 -7.00
N THR B 1022 17.26 -37.64 -8.22
CA THR B 1022 16.75 -38.42 -9.35
C THR B 1022 17.30 -39.85 -9.29
N VAL B 1023 16.92 -40.55 -8.23
CA VAL B 1023 17.33 -41.94 -8.07
C VAL B 1023 16.85 -42.77 -9.24
N ALA B 1024 15.59 -42.60 -9.62
CA ALA B 1024 15.06 -43.34 -10.77
C ALA B 1024 15.90 -43.09 -12.01
N HIS B 1025 16.52 -41.91 -12.11
CA HIS B 1025 17.40 -41.64 -13.25
C HIS B 1025 18.60 -42.57 -13.25
N LEU B 1026 19.23 -42.73 -12.09
CA LEU B 1026 20.38 -43.63 -12.00
C LEU B 1026 19.95 -45.07 -12.25
N ILE B 1027 18.81 -45.48 -11.69
CA ILE B 1027 18.31 -46.83 -11.93
C ILE B 1027 18.05 -47.02 -13.42
N GLU B 1028 17.50 -46.00 -14.07
CA GLU B 1028 17.22 -46.08 -15.50
C GLU B 1028 18.49 -46.27 -16.29
N CYS B 1029 19.51 -45.45 -16.03
CA CYS B 1029 20.77 -45.58 -16.77
C CYS B 1029 21.38 -46.95 -16.53
N LEU B 1030 21.37 -47.41 -15.26
CA LEU B 1030 21.93 -48.72 -14.94
C LEU B 1030 21.23 -49.81 -15.73
N LEU B 1031 19.92 -49.95 -15.55
CA LEU B 1031 19.19 -51.01 -16.21
C LEU B 1031 19.28 -50.88 -17.73
N SER B 1032 19.40 -49.66 -18.24
CA SER B 1032 19.58 -49.47 -19.67
C SER B 1032 20.88 -50.10 -20.12
N LYS B 1033 21.97 -49.86 -19.38
CA LYS B 1033 23.23 -50.52 -19.70
C LYS B 1033 23.10 -52.03 -19.59
N VAL B 1034 22.39 -52.49 -18.55
CA VAL B 1034 22.22 -53.92 -18.34
C VAL B 1034 21.55 -54.56 -19.55
N GLY B 1035 20.44 -53.96 -20.01
CA GLY B 1035 19.76 -54.50 -21.16
C GLY B 1035 20.61 -54.43 -22.42
N SER B 1036 21.24 -53.28 -22.66
CA SER B 1036 22.09 -53.14 -23.84
C SER B 1036 23.15 -54.23 -23.89
N ILE B 1037 23.78 -54.52 -22.75
CA ILE B 1037 24.74 -55.61 -22.69
C ILE B 1037 24.04 -56.94 -22.93
N ARG B 1038 22.85 -57.10 -22.36
CA ARG B 1038 22.16 -58.38 -22.35
C ARG B 1038 21.25 -58.58 -23.55
N GLY B 1039 20.91 -57.52 -24.27
CA GLY B 1039 20.02 -57.66 -25.40
C GLY B 1039 18.60 -57.98 -24.99
N TYR B 1040 17.90 -57.00 -24.40
CA TYR B 1040 16.47 -57.13 -24.13
C TYR B 1040 15.99 -55.76 -23.66
N GLU B 1041 14.68 -55.64 -23.48
CA GLU B 1041 14.04 -54.42 -23.01
C GLU B 1041 13.40 -54.68 -21.66
N GLY B 1042 13.75 -53.87 -20.66
CA GLY B 1042 13.28 -54.10 -19.32
C GLY B 1042 12.07 -53.25 -18.97
N ASP B 1043 11.20 -53.82 -18.15
CA ASP B 1043 10.01 -53.12 -17.67
C ASP B 1043 10.46 -52.05 -16.68
N ALA B 1044 9.86 -50.87 -16.79
CA ALA B 1044 10.12 -49.77 -15.86
C ALA B 1044 8.88 -49.43 -15.03
N THR B 1045 8.05 -50.42 -14.74
CA THR B 1045 6.83 -50.17 -14.00
C THR B 1045 7.15 -49.90 -12.53
N PRO B 1046 6.70 -48.78 -11.96
CA PRO B 1046 6.93 -48.54 -10.53
C PRO B 1046 6.10 -49.48 -9.68
N PHE B 1047 6.29 -49.37 -8.36
CA PHE B 1047 5.69 -50.33 -7.43
C PHE B 1047 5.99 -51.76 -7.85
N THR B 1048 7.12 -51.94 -8.52
CA THR B 1048 7.66 -53.24 -8.87
C THR B 1048 8.93 -53.48 -8.07
N ASP B 1049 9.05 -54.69 -7.53
CA ASP B 1049 10.07 -55.01 -6.56
C ASP B 1049 11.44 -55.28 -7.19
N LEU B 1050 11.66 -54.85 -8.43
CA LEU B 1050 12.95 -55.01 -9.08
C LEU B 1050 13.99 -54.26 -8.26
N THR B 1051 14.90 -55.01 -7.65
CA THR B 1051 15.88 -54.42 -6.74
C THR B 1051 17.11 -53.96 -7.50
N VAL B 1052 17.66 -52.83 -7.07
CA VAL B 1052 18.91 -52.35 -7.63
C VAL B 1052 20.04 -53.33 -7.32
N ASP B 1053 19.97 -53.99 -6.16
CA ASP B 1053 20.98 -54.99 -5.84
C ASP B 1053 20.91 -56.18 -6.78
N ALA B 1054 19.71 -56.58 -7.19
CA ALA B 1054 19.60 -57.62 -8.21
C ALA B 1054 20.23 -57.16 -9.52
N VAL B 1055 19.99 -55.91 -9.90
CA VAL B 1055 20.59 -55.37 -11.12
C VAL B 1055 22.11 -55.38 -10.99
N SER B 1056 22.62 -55.07 -9.80
CA SER B 1056 24.05 -55.13 -9.56
C SER B 1056 24.58 -56.56 -9.70
N ASN B 1057 23.83 -57.54 -9.18
CA ASN B 1057 24.20 -58.93 -9.38
C ASN B 1057 24.31 -59.25 -10.86
N LEU B 1058 23.29 -58.84 -11.63
CA LEU B 1058 23.28 -59.12 -13.06
C LEU B 1058 24.46 -58.46 -13.77
N LEU B 1059 24.74 -57.21 -13.42
CA LEU B 1059 25.84 -56.50 -14.08
C LEU B 1059 27.18 -57.13 -13.73
N ARG B 1060 27.42 -57.39 -12.44
CA ARG B 1060 28.64 -58.08 -12.04
C ARG B 1060 28.76 -59.41 -12.76
N ASP B 1061 27.64 -60.08 -12.99
CA ASP B 1061 27.65 -61.28 -13.82
C ASP B 1061 28.10 -60.94 -15.23
N ASN B 1062 27.67 -59.79 -15.74
CA ASN B 1062 28.09 -59.32 -17.06
C ASN B 1062 29.56 -58.90 -17.09
N GLY B 1063 30.30 -59.10 -16.01
CA GLY B 1063 31.69 -58.69 -15.96
C GLY B 1063 31.84 -57.19 -16.03
N TYR B 1064 31.02 -56.48 -15.25
CA TYR B 1064 31.05 -55.03 -15.19
C TYR B 1064 30.90 -54.59 -13.74
N GLN B 1065 31.39 -53.39 -13.46
CA GLN B 1065 31.30 -52.84 -12.11
C GLN B 1065 29.85 -52.75 -11.69
N SER B 1066 29.49 -53.50 -10.65
CA SER B 1066 28.11 -53.64 -10.20
C SER B 1066 27.37 -52.32 -10.10
N ARG B 1067 28.06 -51.22 -9.79
CA ARG B 1067 27.43 -49.92 -9.63
C ARG B 1067 27.67 -49.00 -10.83
N GLY B 1068 28.09 -49.56 -11.96
CA GLY B 1068 28.25 -48.78 -13.17
C GLY B 1068 29.49 -47.92 -13.22
N PHE B 1069 30.38 -48.02 -12.23
CA PHE B 1069 31.63 -47.27 -12.28
C PHE B 1069 32.55 -47.88 -13.31
N GLU B 1070 33.17 -47.02 -14.11
CA GLU B 1070 34.10 -47.47 -15.13
C GLU B 1070 35.27 -46.51 -15.18
N VAL B 1071 36.48 -47.07 -15.19
CA VAL B 1071 37.66 -46.25 -15.40
C VAL B 1071 37.51 -45.53 -16.73
N MET B 1072 37.90 -44.26 -16.75
CA MET B 1072 37.84 -43.45 -17.96
C MET B 1072 39.14 -42.68 -18.09
N TYR B 1073 39.50 -42.33 -19.32
CA TYR B 1073 40.81 -41.77 -19.62
C TYR B 1073 40.65 -40.38 -20.20
N ASN B 1074 41.56 -39.49 -19.83
CA ASN B 1074 41.69 -38.21 -20.53
C ASN B 1074 41.84 -38.46 -22.02
N GLY B 1075 40.89 -37.94 -22.80
CA GLY B 1075 41.03 -37.99 -24.25
C GLY B 1075 42.10 -37.06 -24.79
N HIS B 1076 42.41 -35.99 -24.06
CA HIS B 1076 43.38 -35.01 -24.54
C HIS B 1076 44.80 -35.50 -24.34
N THR B 1077 45.04 -36.29 -23.31
CA THR B 1077 46.35 -36.87 -23.05
C THR B 1077 46.36 -38.39 -23.01
N GLY B 1078 45.21 -39.03 -23.08
CA GLY B 1078 45.11 -40.47 -22.95
C GLY B 1078 45.23 -40.96 -21.53
N LYS B 1079 45.49 -40.08 -20.57
CA LYS B 1079 45.76 -40.51 -19.21
C LYS B 1079 44.53 -41.14 -18.58
N LYS B 1080 44.78 -42.08 -17.67
CA LYS B 1080 43.76 -42.48 -16.73
C LYS B 1080 43.20 -41.25 -16.02
N LEU B 1081 42.00 -41.40 -15.48
CA LEU B 1081 41.42 -40.37 -14.62
C LEU B 1081 41.39 -40.93 -13.20
N MET B 1082 41.76 -40.10 -12.23
CA MET B 1082 42.10 -40.64 -10.92
C MET B 1082 40.93 -41.35 -10.25
N ALA B 1083 39.71 -41.11 -10.72
CA ALA B 1083 38.53 -41.80 -10.23
C ALA B 1083 37.96 -42.65 -11.36
N GLN B 1084 36.93 -43.42 -11.03
CA GLN B 1084 36.20 -44.19 -12.02
C GLN B 1084 34.80 -43.61 -12.18
N VAL B 1085 34.24 -43.77 -13.37
CA VAL B 1085 33.10 -42.99 -13.80
C VAL B 1085 31.86 -43.86 -13.86
N PHE B 1086 30.79 -43.39 -13.24
CA PHE B 1086 29.46 -43.91 -13.55
C PHE B 1086 29.16 -43.61 -15.01
N PHE B 1087 28.94 -44.67 -15.79
CA PHE B 1087 28.91 -44.56 -17.24
C PHE B 1087 27.82 -45.48 -17.76
N GLY B 1088 27.02 -45.00 -18.71
CA GLY B 1088 26.00 -45.82 -19.30
C GLY B 1088 25.06 -45.05 -20.21
N PRO B 1089 24.09 -45.76 -20.77
CA PRO B 1089 23.10 -45.13 -21.64
C PRO B 1089 21.89 -44.62 -20.87
N THR B 1090 21.10 -43.80 -21.54
CA THR B 1090 19.87 -43.28 -20.98
C THR B 1090 19.06 -42.63 -22.08
N TYR B 1091 17.74 -42.73 -21.96
CA TYR B 1091 16.82 -42.15 -22.93
C TYR B 1091 16.68 -40.65 -22.64
N TYR B 1092 16.82 -39.85 -23.68
CA TYR B 1092 16.75 -38.39 -23.56
C TYR B 1092 15.98 -37.81 -24.72
N GLN B 1093 15.60 -36.55 -24.59
CA GLN B 1093 14.56 -35.94 -25.40
C GLN B 1093 14.95 -34.51 -25.75
N ARG B 1094 14.91 -34.20 -27.04
CA ARG B 1094 15.17 -32.84 -27.50
C ARG B 1094 13.89 -32.01 -27.39
N LEU B 1095 14.04 -30.73 -27.11
CA LEU B 1095 12.90 -29.88 -26.78
C LEU B 1095 12.78 -28.74 -27.79
N ARG B 1096 11.52 -28.34 -28.00
CA ARG B 1096 11.19 -27.36 -29.03
C ARG B 1096 11.94 -26.04 -28.88
N HIS B 1097 12.30 -25.66 -27.65
CA HIS B 1097 12.87 -24.35 -27.39
C HIS B 1097 14.33 -24.32 -27.87
N MET B 1098 14.49 -24.40 -29.18
CA MET B 1098 15.81 -24.34 -29.80
C MET B 1098 16.41 -22.94 -29.67
N VAL B 1099 17.73 -22.87 -29.77
CA VAL B 1099 18.43 -21.64 -29.40
C VAL B 1099 17.97 -20.47 -30.27
N ASP B 1100 17.97 -20.64 -31.59
CA ASP B 1100 17.60 -19.53 -32.45
C ASP B 1100 16.10 -19.22 -32.36
N ASP B 1101 15.32 -20.11 -31.75
CA ASP B 1101 13.91 -19.80 -31.53
C ASP B 1101 13.73 -18.48 -30.80
N LYS B 1102 14.76 -18.00 -30.11
CA LYS B 1102 14.65 -16.90 -29.17
C LYS B 1102 15.56 -15.73 -29.50
N ILE B 1103 16.63 -15.96 -30.27
CA ILE B 1103 17.55 -14.88 -30.57
C ILE B 1103 16.82 -13.72 -31.23
N HIS B 1104 17.09 -12.51 -30.73
CA HIS B 1104 16.51 -11.32 -31.30
C HIS B 1104 17.32 -10.10 -30.89
N ALA B 1105 17.38 -9.12 -31.80
CA ALA B 1105 18.02 -7.85 -31.52
C ALA B 1105 17.16 -6.76 -32.14
N ARG B 1106 17.48 -5.51 -31.80
CA ARG B 1106 16.77 -4.38 -32.37
C ARG B 1106 17.57 -3.11 -32.14
N ALA B 1107 17.82 -2.37 -33.21
CA ALA B 1107 18.48 -1.08 -33.16
C ALA B 1107 17.58 0.04 -33.67
N ARG B 1108 16.85 -0.21 -34.76
CA ARG B 1108 15.93 0.76 -35.33
C ARG B 1108 15.02 0.05 -36.31
N GLY B 1109 13.74 0.42 -36.30
CA GLY B 1109 12.78 -0.19 -37.20
C GLY B 1109 11.35 0.13 -36.85
N PRO B 1110 10.45 -0.84 -37.01
CA PRO B 1110 9.03 -0.56 -36.79
C PRO B 1110 8.75 -0.12 -35.37
N VAL B 1111 7.86 0.86 -35.25
CA VAL B 1111 7.42 1.37 -33.95
C VAL B 1111 5.91 1.47 -33.99
N GLN B 1112 5.31 1.53 -32.81
CA GLN B 1112 3.88 1.79 -32.74
C GLN B 1112 3.60 3.21 -33.20
N VAL B 1113 2.73 3.32 -34.20
CA VAL B 1113 2.35 4.64 -34.70
C VAL B 1113 1.73 5.46 -33.58
N LEU B 1114 0.92 4.83 -32.73
CA LEU B 1114 0.23 5.55 -31.67
C LEU B 1114 1.22 6.21 -30.72
N THR B 1115 2.32 5.54 -30.40
CA THR B 1115 3.31 6.07 -29.48
C THR B 1115 4.70 6.20 -30.09
N ARG B 1116 4.89 5.83 -31.35
CA ARG B 1116 6.18 5.94 -32.00
C ARG B 1116 7.26 5.17 -31.25
N GLN B 1117 6.85 4.15 -30.50
CA GLN B 1117 7.78 3.36 -29.70
C GLN B 1117 8.03 2.01 -30.36
N PRO B 1118 9.19 1.39 -30.09
CA PRO B 1118 9.49 0.10 -30.71
C PRO B 1118 8.36 -0.89 -30.55
N VAL B 1119 8.08 -1.61 -31.64
CA VAL B 1119 6.97 -2.55 -31.68
C VAL B 1119 7.29 -3.74 -30.77
N GLU B 1120 6.27 -4.56 -30.51
CA GLU B 1120 6.39 -5.71 -29.63
C GLU B 1120 6.52 -6.99 -30.45
N GLY B 1121 7.14 -7.99 -29.84
CA GLY B 1121 7.18 -9.32 -30.42
C GLY B 1121 8.44 -9.62 -31.21
N ARG B 1122 9.15 -10.67 -30.80
CA ARG B 1122 10.33 -11.09 -31.54
C ARG B 1122 9.99 -11.38 -32.99
N SER B 1123 8.88 -12.08 -33.21
CA SER B 1123 8.39 -12.26 -34.57
C SER B 1123 8.17 -10.94 -35.28
N ARG B 1124 7.87 -9.88 -34.52
CA ARG B 1124 7.53 -8.58 -35.08
C ARG B 1124 8.55 -7.51 -34.69
N ASP B 1125 9.83 -7.86 -34.70
CA ASP B 1125 10.90 -6.91 -34.40
C ASP B 1125 10.68 -6.28 -33.03
N GLY B 1126 10.25 -7.11 -32.08
CA GLY B 1126 9.98 -6.65 -30.74
C GLY B 1126 11.18 -5.93 -30.12
N GLY B 1127 10.89 -4.81 -29.48
CA GLY B 1127 11.87 -4.05 -28.73
C GLY B 1127 11.78 -4.39 -27.25
N LEU B 1128 12.94 -4.65 -26.64
CA LEU B 1128 12.95 -5.11 -25.26
C LEU B 1128 12.29 -4.06 -24.36
N ARG B 1129 11.22 -4.47 -23.69
CA ARG B 1129 10.53 -3.61 -22.74
C ARG B 1129 11.47 -3.29 -21.58
N PHE B 1130 11.34 -2.09 -21.04
CA PHE B 1130 12.08 -1.69 -19.84
C PHE B 1130 11.15 -1.88 -18.65
N GLY B 1131 11.62 -2.60 -17.65
CA GLY B 1131 10.78 -2.93 -16.52
C GLY B 1131 10.86 -1.89 -15.41
N GLU B 1132 9.83 -1.92 -14.56
CA GLU B 1132 9.81 -1.03 -13.40
C GLU B 1132 10.93 -1.37 -12.44
N MET B 1133 11.04 -2.65 -12.06
CA MET B 1133 12.16 -3.06 -11.22
C MET B 1133 13.51 -2.76 -11.87
N GLU B 1134 13.57 -2.72 -13.19
CA GLU B 1134 14.82 -2.34 -13.85
C GLU B 1134 15.17 -0.89 -13.56
N ARG B 1135 14.20 0.00 -13.74
CA ARG B 1135 14.37 1.38 -13.31
C ARG B 1135 14.82 1.43 -11.86
N ASP B 1136 14.17 0.63 -11.00
CA ASP B 1136 14.46 0.67 -9.58
C ASP B 1136 15.91 0.29 -9.32
N CYS B 1137 16.35 -0.81 -9.94
CA CYS B 1137 17.71 -1.29 -9.73
C CYS B 1137 18.74 -0.28 -10.21
N MET B 1138 18.57 0.23 -11.43
CA MET B 1138 19.62 1.08 -11.97
C MET B 1138 19.56 2.47 -11.34
N ILE B 1139 18.44 2.83 -10.71
CA ILE B 1139 18.41 4.04 -9.90
C ILE B 1139 19.13 3.82 -8.58
N ALA B 1140 18.90 2.66 -7.96
CA ALA B 1140 19.75 2.27 -6.83
C ALA B 1140 21.21 2.44 -7.21
N HIS B 1141 21.56 2.05 -8.43
CA HIS B 1141 22.83 2.44 -9.01
C HIS B 1141 22.90 3.94 -9.32
N GLY B 1142 21.87 4.51 -9.93
CA GLY B 1142 21.85 5.93 -10.19
C GLY B 1142 22.48 6.37 -11.50
N ALA B 1143 22.31 5.59 -12.57
CA ALA B 1143 22.88 5.92 -13.88
C ALA B 1143 21.94 6.89 -14.60
N ALA B 1144 21.86 8.13 -14.10
CA ALA B 1144 20.88 9.08 -14.58
C ALA B 1144 21.01 9.35 -16.08
N GLY B 1145 22.22 9.64 -16.54
CA GLY B 1145 22.39 9.99 -17.95
C GLY B 1145 21.98 8.86 -18.87
N PHE B 1146 22.44 7.65 -18.59
CA PHE B 1146 22.03 6.50 -19.41
C PHE B 1146 20.51 6.34 -19.36
N LEU B 1147 19.93 6.49 -18.18
CA LEU B 1147 18.48 6.36 -18.08
C LEU B 1147 17.79 7.34 -19.02
N LYS B 1148 18.14 8.62 -18.92
CA LYS B 1148 17.43 9.63 -19.70
C LYS B 1148 17.61 9.40 -21.18
N GLU B 1149 18.85 9.18 -21.63
CA GLU B 1149 19.05 8.96 -23.06
C GLU B 1149 18.36 7.69 -23.53
N ARG B 1150 18.46 6.60 -22.77
CA ARG B 1150 17.86 5.34 -23.19
C ARG B 1150 16.35 5.47 -23.33
N LEU B 1151 15.70 6.09 -22.34
CA LEU B 1151 14.28 6.36 -22.44
C LEU B 1151 13.95 7.46 -23.43
N MET B 1152 14.96 8.16 -23.96
CA MET B 1152 14.73 9.20 -24.96
C MET B 1152 15.25 8.77 -26.32
N GLU B 1153 16.54 8.47 -26.44
CA GLU B 1153 17.10 8.13 -27.75
C GLU B 1153 16.56 6.79 -28.24
N ALA B 1154 16.54 5.79 -27.38
CA ALA B 1154 16.11 4.45 -27.75
C ALA B 1154 14.60 4.27 -27.64
N SER B 1155 13.88 5.34 -27.33
CA SER B 1155 12.42 5.30 -27.29
C SER B 1155 11.91 6.51 -28.08
N ASP B 1156 10.61 6.78 -27.96
CA ASP B 1156 9.95 7.80 -28.77
C ASP B 1156 10.30 9.18 -28.22
N ALA B 1157 11.50 9.65 -28.56
CA ALA B 1157 11.85 11.03 -28.27
C ALA B 1157 10.99 11.96 -29.11
N PHE B 1158 10.82 13.19 -28.63
CA PHE B 1158 9.98 14.13 -29.35
C PHE B 1158 10.33 15.55 -28.95
N ARG B 1159 10.16 16.46 -29.90
CA ARG B 1159 10.36 17.89 -29.68
C ARG B 1159 9.05 18.61 -29.98
N VAL B 1160 8.73 19.61 -29.16
CA VAL B 1160 7.51 20.40 -29.32
C VAL B 1160 7.84 21.86 -29.05
N HIS B 1161 6.81 22.70 -29.16
CA HIS B 1161 6.93 24.12 -28.86
C HIS B 1161 5.81 24.53 -27.92
N VAL B 1162 6.16 25.33 -26.91
CA VAL B 1162 5.23 25.71 -25.86
C VAL B 1162 5.25 27.22 -25.68
N CYS B 1163 4.06 27.78 -25.52
CA CYS B 1163 3.90 29.19 -25.16
C CYS B 1163 4.07 29.35 -23.66
N GLY B 1164 5.14 30.02 -23.26
CA GLY B 1164 5.38 30.24 -21.84
C GLY B 1164 4.26 30.97 -21.13
N ILE B 1165 3.64 31.96 -21.77
CA ILE B 1165 2.63 32.78 -21.12
C ILE B 1165 1.54 31.89 -20.55
N CYS B 1166 0.86 31.13 -21.42
CA CYS B 1166 -0.04 30.10 -20.91
C CYS B 1166 0.74 28.91 -20.38
N GLY B 1167 1.98 28.74 -20.81
CA GLY B 1167 2.78 27.60 -20.41
C GLY B 1167 2.40 26.31 -21.08
N LEU B 1168 1.58 26.34 -22.11
CA LEU B 1168 1.05 25.16 -22.75
C LEU B 1168 1.70 24.97 -24.12
N MET B 1169 1.46 23.83 -24.74
CA MET B 1169 1.95 23.49 -26.06
C MET B 1169 0.93 23.92 -27.11
N SER B 1170 0.60 25.21 -27.12
CA SER B 1170 -0.38 25.78 -28.03
C SER B 1170 0.25 26.71 -29.07
N VAL B 1171 1.45 26.37 -29.55
CA VAL B 1171 2.15 27.24 -30.48
C VAL B 1171 1.79 26.85 -31.92
N ILE B 1172 1.67 27.85 -32.78
CA ILE B 1172 1.40 27.66 -34.21
C ILE B 1172 2.68 28.02 -34.94
N ALA B 1173 3.45 27.02 -35.36
CA ALA B 1173 4.82 27.22 -35.81
C ALA B 1173 4.99 26.76 -37.26
N ASN B 1174 5.85 27.47 -37.99
CA ASN B 1174 6.34 27.04 -39.30
C ASN B 1174 7.79 27.49 -39.44
N LEU B 1175 8.64 26.61 -39.97
CA LEU B 1175 10.08 26.82 -39.90
C LEU B 1175 10.62 27.64 -41.06
N LYS B 1176 10.43 27.19 -42.30
CA LYS B 1176 10.96 27.94 -43.44
C LYS B 1176 10.45 29.37 -43.45
N LYS B 1177 9.18 29.57 -43.07
CA LYS B 1177 8.69 30.91 -42.81
C LYS B 1177 9.15 31.43 -41.45
N ASN B 1178 9.46 30.53 -40.52
CA ASN B 1178 9.96 30.90 -39.20
C ASN B 1178 8.97 31.80 -38.47
N GLN B 1179 7.80 31.25 -38.17
CA GLN B 1179 6.75 31.96 -37.47
C GLN B 1179 6.31 31.15 -36.25
N PHE B 1180 5.84 31.86 -35.23
CA PHE B 1180 5.17 31.25 -34.09
C PHE B 1180 4.08 32.19 -33.60
N GLU B 1181 3.02 31.60 -33.03
CA GLU B 1181 1.98 32.40 -32.39
C GLU B 1181 1.17 31.50 -31.48
N CYS B 1182 0.82 32.00 -30.30
CA CYS B 1182 -0.15 31.35 -29.43
C CYS B 1182 -1.44 32.15 -29.49
N ARG B 1183 -2.41 31.65 -30.25
CA ARG B 1183 -3.69 32.35 -30.38
C ARG B 1183 -4.30 32.66 -29.02
N SER B 1184 -4.18 31.73 -28.06
CA SER B 1184 -4.73 31.98 -26.73
C SER B 1184 -4.04 33.16 -26.07
N CYS B 1185 -2.72 33.27 -26.22
CA CYS B 1185 -1.96 34.36 -25.66
C CYS B 1185 -1.51 35.38 -26.71
N LYS B 1186 -1.77 35.12 -27.99
CA LYS B 1186 -1.20 35.92 -29.08
C LYS B 1186 0.32 35.99 -28.94
N ASN B 1187 0.89 35.02 -28.24
CA ASN B 1187 2.30 34.98 -27.94
C ASN B 1187 3.09 34.58 -29.17
N LYS B 1188 4.01 35.45 -29.60
CA LYS B 1188 4.79 35.19 -30.79
C LYS B 1188 6.30 35.13 -30.53
N THR B 1189 6.79 35.77 -29.48
CA THR B 1189 8.22 35.76 -29.15
C THR B 1189 8.52 34.97 -27.90
N ASN B 1190 7.65 35.04 -26.89
CA ASN B 1190 7.82 34.23 -25.68
C ASN B 1190 7.41 32.80 -26.04
N ILE B 1191 8.21 32.20 -26.92
CA ILE B 1191 7.96 30.88 -27.47
C ILE B 1191 9.21 30.04 -27.24
N TYR B 1192 9.00 28.79 -26.84
CA TYR B 1192 10.10 27.89 -26.49
C TYR B 1192 9.87 26.54 -27.14
N GLN B 1193 10.96 25.78 -27.24
CA GLN B 1193 10.91 24.40 -27.68
C GLN B 1193 11.47 23.51 -26.59
N LEU B 1194 10.91 22.31 -26.46
CA LEU B 1194 11.35 21.34 -25.47
C LEU B 1194 11.36 19.95 -26.08
N HIS B 1195 12.27 19.11 -25.59
CA HIS B 1195 12.45 17.75 -26.11
C HIS B 1195 11.90 16.78 -25.08
N ILE B 1196 10.82 16.09 -25.44
CA ILE B 1196 10.09 15.24 -24.52
C ILE B 1196 9.81 13.89 -25.16
N PRO B 1197 9.50 12.85 -24.38
CA PRO B 1197 9.00 11.61 -24.98
C PRO B 1197 7.73 11.87 -25.77
N TYR B 1198 7.62 11.22 -26.92
CA TYR B 1198 6.45 11.40 -27.77
C TYR B 1198 5.17 10.98 -27.05
N ALA B 1199 5.19 9.80 -26.43
CA ALA B 1199 4.03 9.34 -25.68
C ALA B 1199 3.67 10.33 -24.58
N ALA B 1200 4.67 11.03 -24.03
CA ALA B 1200 4.37 12.07 -23.06
C ALA B 1200 3.56 13.18 -23.69
N LYS B 1201 3.96 13.64 -24.87
CA LYS B 1201 3.17 14.62 -25.60
C LYS B 1201 1.76 14.11 -25.83
N LEU B 1202 1.63 12.84 -26.23
CA LEU B 1202 0.31 12.26 -26.42
C LEU B 1202 -0.52 12.35 -25.14
N LEU B 1203 0.09 12.00 -24.01
CA LEU B 1203 -0.62 12.04 -22.74
C LEU B 1203 -1.07 13.45 -22.40
N PHE B 1204 -0.21 14.45 -22.63
CA PHE B 1204 -0.61 15.81 -22.31
C PHE B 1204 -1.73 16.28 -23.22
N GLN B 1205 -1.66 15.94 -24.51
CA GLN B 1205 -2.77 16.23 -25.41
C GLN B 1205 -4.05 15.59 -24.89
N GLU B 1206 -3.96 14.35 -24.41
CA GLU B 1206 -5.13 13.68 -23.86
C GLU B 1206 -5.70 14.46 -22.68
N LEU B 1207 -4.85 14.78 -21.71
CA LEU B 1207 -5.33 15.52 -20.54
C LEU B 1207 -5.99 16.83 -20.96
N MET B 1208 -5.38 17.53 -21.90
CA MET B 1208 -6.03 18.73 -22.44
C MET B 1208 -7.41 18.38 -22.98
N ALA B 1209 -7.52 17.27 -23.71
CA ALA B 1209 -8.82 16.81 -24.15
C ALA B 1209 -9.72 16.46 -22.98
N MET B 1210 -9.13 16.10 -21.83
CA MET B 1210 -9.88 15.86 -20.60
C MET B 1210 -10.13 17.15 -19.82
N ASN B 1211 -10.03 18.30 -20.49
CA ASN B 1211 -10.42 19.58 -19.90
C ASN B 1211 -9.58 19.91 -18.67
N ILE B 1212 -8.37 19.36 -18.62
CA ILE B 1212 -7.46 19.55 -17.50
C ILE B 1212 -6.25 20.31 -18.02
N ALA B 1213 -5.74 21.24 -17.21
CA ALA B 1213 -4.76 22.20 -17.69
C ALA B 1213 -3.48 22.22 -16.85
N PRO B 1214 -2.61 21.22 -17.00
CA PRO B 1214 -1.24 21.34 -16.49
C PRO B 1214 -0.44 22.29 -17.39
N ARG B 1215 -0.01 23.41 -16.82
CA ARG B 1215 0.66 24.45 -17.58
C ARG B 1215 2.16 24.33 -17.39
N LEU B 1216 2.88 24.21 -18.51
CA LEU B 1216 4.29 23.84 -18.51
C LEU B 1216 5.13 25.10 -18.40
N TYR B 1217 6.05 25.11 -17.45
CA TYR B 1217 6.89 26.27 -17.17
C TYR B 1217 8.32 25.85 -16.88
N THR B 1218 9.25 26.41 -17.65
CA THR B 1218 10.67 26.14 -17.51
C THR B 1218 11.33 27.02 -16.47
N GLU B 1219 10.55 27.70 -15.62
CA GLU B 1219 11.10 28.56 -14.59
C GLU B 1219 10.29 28.39 -13.32
N ARG B 1220 10.97 28.48 -12.18
CA ARG B 1220 10.31 28.31 -10.90
C ARG B 1220 9.92 29.66 -10.31
N SER B 1221 8.95 29.62 -9.40
CA SER B 1221 8.43 30.83 -8.76
C SER B 1221 8.76 30.89 -7.28
N GLY B 1222 8.44 29.84 -6.53
CA GLY B 1222 8.70 29.81 -5.09
C GLY B 1222 7.45 29.51 -4.29
N GLU C 4 63.76 -47.22 -30.17
CA GLU C 4 63.12 -47.40 -28.82
C GLU C 4 61.68 -47.90 -28.93
N PRO C 5 60.88 -47.28 -29.79
CA PRO C 5 59.48 -47.72 -29.93
C PRO C 5 59.39 -49.16 -30.41
N LYS C 6 58.36 -49.86 -29.92
CA LYS C 6 58.19 -51.27 -30.20
C LYS C 6 56.74 -51.56 -30.60
N VAL C 7 56.58 -52.59 -31.43
CA VAL C 7 55.28 -53.07 -31.87
C VAL C 7 55.26 -54.59 -31.77
N ASN C 8 54.15 -55.13 -31.27
CA ASN C 8 53.92 -56.58 -31.24
C ASN C 8 52.42 -56.79 -31.44
N ILE C 9 52.03 -57.17 -32.66
CA ILE C 9 50.62 -57.38 -32.97
C ILE C 9 50.12 -58.59 -32.21
N ILE C 10 49.12 -58.38 -31.36
CA ILE C 10 48.47 -59.46 -30.63
C ILE C 10 47.44 -60.10 -31.56
N ASN C 11 46.63 -59.25 -32.21
CA ASN C 11 45.61 -59.70 -33.14
C ASN C 11 45.44 -58.63 -34.20
N ALA C 12 45.57 -59.03 -35.47
CA ALA C 12 45.43 -58.10 -36.58
C ALA C 12 44.36 -58.60 -37.54
N GLN C 13 43.75 -57.66 -38.26
CA GLN C 13 42.69 -57.98 -39.20
C GLN C 13 42.62 -56.85 -40.22
N ASP C 14 41.84 -57.08 -41.29
CA ASP C 14 41.57 -56.01 -42.23
C ASP C 14 41.05 -54.77 -41.49
N ASP C 15 39.91 -54.92 -40.81
CA ASP C 15 39.31 -53.84 -40.05
C ASP C 15 40.11 -53.44 -38.82
N GLU C 16 40.64 -54.42 -38.09
CA GLU C 16 41.27 -54.16 -36.79
C GLU C 16 42.74 -54.55 -36.81
N VAL C 17 43.54 -53.81 -36.05
CA VAL C 17 44.89 -54.21 -35.66
C VAL C 17 45.02 -54.03 -34.16
N GLU C 18 45.20 -55.13 -33.44
CA GLU C 18 45.37 -55.12 -31.99
C GLU C 18 46.81 -55.51 -31.70
N LEU C 19 47.59 -54.57 -31.19
CA LEU C 19 49.03 -54.77 -31.02
C LEU C 19 49.51 -54.34 -29.65
N MET C 20 50.77 -54.68 -29.37
CA MET C 20 51.46 -54.30 -28.14
C MET C 20 52.41 -53.16 -28.47
N LEU C 21 51.99 -51.93 -28.19
CA LEU C 21 52.84 -50.76 -28.29
C LEU C 21 53.39 -50.44 -26.91
N SER C 22 54.71 -50.53 -26.78
CA SER C 22 55.40 -50.27 -25.53
C SER C 22 56.69 -49.53 -25.81
N ASP C 23 57.43 -49.23 -24.74
CA ASP C 23 58.67 -48.46 -24.85
C ASP C 23 58.40 -47.10 -25.51
N VAL C 24 57.25 -46.52 -25.18
CA VAL C 24 56.86 -45.22 -25.72
C VAL C 24 56.08 -44.46 -24.65
N ASN C 25 55.77 -43.20 -24.96
CA ASN C 25 55.14 -42.33 -23.98
C ASN C 25 53.63 -42.43 -24.05
N LEU C 26 52.99 -42.24 -22.90
CA LEU C 26 51.54 -42.12 -22.87
C LEU C 26 51.08 -40.98 -23.77
N SER C 27 51.71 -39.81 -23.64
CA SER C 27 51.32 -38.68 -24.47
C SER C 27 51.48 -39.00 -25.95
N LEU C 28 52.58 -39.66 -26.33
CA LEU C 28 52.78 -40.01 -27.73
C LEU C 28 51.72 -40.98 -28.22
N ALA C 29 51.39 -41.99 -27.41
CA ALA C 29 50.36 -42.94 -27.81
C ALA C 29 49.02 -42.25 -28.00
N ASN C 30 48.65 -41.38 -27.05
CA ASN C 30 47.40 -40.64 -27.20
C ASN C 30 47.42 -39.76 -28.44
N SER C 31 48.53 -39.09 -28.69
CA SER C 31 48.63 -38.22 -29.86
C SER C 31 48.49 -39.01 -31.15
N LEU C 32 49.12 -40.18 -31.23
CA LEU C 32 48.99 -40.99 -32.43
C LEU C 32 47.57 -41.51 -32.59
N ARG C 33 46.94 -41.93 -31.49
CA ARG C 33 45.55 -42.36 -31.55
C ARG C 33 44.68 -41.24 -32.10
N ARG C 34 44.88 -40.03 -31.58
CA ARG C 34 44.16 -38.86 -32.11
C ARG C 34 44.46 -38.65 -33.58
N THR C 35 45.72 -38.81 -33.98
CA THR C 35 46.10 -38.64 -35.37
C THR C 35 45.30 -39.55 -36.28
N MET C 36 45.29 -40.85 -35.97
CA MET C 36 44.50 -41.77 -36.77
C MET C 36 43.01 -41.44 -36.73
N LEU C 37 42.45 -41.24 -35.54
CA LEU C 37 41.00 -41.03 -35.45
C LEU C 37 40.53 -39.80 -36.20
N ALA C 38 41.24 -38.67 -36.08
CA ALA C 38 40.75 -37.40 -36.62
C ALA C 38 41.58 -36.89 -37.78
N GLU C 39 42.88 -37.18 -37.80
CA GLU C 39 43.81 -36.58 -38.74
C GLU C 39 44.12 -37.54 -39.88
N VAL C 40 43.12 -38.31 -40.31
CA VAL C 40 43.24 -39.19 -41.46
C VAL C 40 42.33 -38.66 -42.56
N PRO C 41 42.84 -38.00 -43.59
CA PRO C 41 41.98 -37.60 -44.72
C PRO C 41 41.36 -38.83 -45.36
N THR C 42 40.10 -38.69 -45.75
CA THR C 42 39.35 -39.78 -46.36
C THR C 42 38.35 -39.17 -47.33
N LEU C 43 37.59 -40.04 -48.00
CA LEU C 43 36.64 -39.62 -49.02
C LEU C 43 35.27 -40.15 -48.67
N ALA C 44 34.28 -39.26 -48.64
CA ALA C 44 32.91 -39.63 -48.36
C ALA C 44 31.99 -38.79 -49.22
N ILE C 45 30.76 -39.28 -49.39
CA ILE C 45 29.79 -38.56 -50.22
C ILE C 45 29.57 -37.17 -49.64
N ASP C 46 29.95 -36.15 -50.40
CA ASP C 46 29.82 -34.77 -49.95
C ASP C 46 28.79 -33.97 -50.71
N LEU C 47 28.88 -33.88 -52.03
CA LEU C 47 27.95 -33.10 -52.83
C LEU C 47 26.90 -34.04 -53.39
N VAL C 48 25.74 -34.09 -52.74
CA VAL C 48 24.62 -34.93 -53.15
C VAL C 48 23.66 -34.04 -53.93
N GLU C 49 23.28 -34.48 -55.12
CA GLU C 49 22.54 -33.65 -56.06
C GLU C 49 21.44 -34.51 -56.68
N ILE C 50 20.20 -34.03 -56.59
CA ILE C 50 19.04 -34.81 -57.01
C ILE C 50 18.57 -34.30 -58.38
N LYS C 51 18.64 -35.17 -59.39
CA LYS C 51 17.95 -34.89 -60.65
C LYS C 51 16.45 -35.00 -60.46
N MET C 52 16.01 -35.92 -59.62
CA MET C 52 14.61 -36.06 -59.24
C MET C 52 14.50 -37.12 -58.17
N ASN C 53 13.38 -37.12 -57.46
CA ASN C 53 13.16 -38.08 -56.39
C ASN C 53 11.66 -38.34 -56.25
N THR C 54 11.33 -39.51 -55.70
CA THR C 54 9.95 -39.85 -55.42
C THR C 54 9.78 -40.61 -54.10
N SER C 55 10.86 -40.82 -53.36
CA SER C 55 10.77 -41.59 -52.12
C SER C 55 10.07 -40.77 -51.04
N VAL C 56 9.92 -41.37 -49.85
CA VAL C 56 9.13 -40.79 -48.78
C VAL C 56 9.99 -40.05 -47.75
N LEU C 57 11.27 -39.83 -48.02
CA LEU C 57 12.19 -39.28 -47.04
C LEU C 57 12.75 -37.95 -47.52
N ALA C 58 13.16 -37.12 -46.57
CA ALA C 58 13.65 -35.78 -46.90
C ALA C 58 14.97 -35.88 -47.66
N ASP C 59 15.04 -35.14 -48.77
CA ASP C 59 16.23 -35.19 -49.62
C ASP C 59 17.50 -34.98 -48.82
N GLU C 60 17.48 -34.02 -47.90
CA GLU C 60 18.65 -33.81 -47.05
C GLU C 60 18.90 -35.02 -46.16
N PHE C 61 17.86 -35.69 -45.71
CA PHE C 61 18.04 -36.92 -44.93
C PHE C 61 18.80 -37.96 -45.73
N ILE C 62 18.39 -38.18 -46.98
CA ILE C 62 19.08 -39.14 -47.83
C ILE C 62 20.51 -38.69 -48.07
N SER C 63 20.71 -37.40 -48.33
CA SER C 63 22.06 -36.89 -48.54
C SER C 63 22.93 -37.17 -47.33
N HIS C 64 22.41 -36.90 -46.13
CA HIS C 64 23.17 -37.17 -44.92
C HIS C 64 23.53 -38.65 -44.82
N ARG C 65 22.55 -39.53 -45.00
CA ARG C 65 22.85 -40.95 -44.95
C ARG C 65 23.87 -41.33 -46.01
N LEU C 66 23.88 -40.63 -47.14
CA LEU C 66 24.86 -40.90 -48.19
C LEU C 66 26.26 -40.51 -47.73
N GLY C 67 26.39 -39.35 -47.09
CA GLY C 67 27.67 -38.96 -46.55
C GLY C 67 28.20 -39.95 -45.54
N LEU C 68 27.30 -40.60 -44.81
CA LEU C 68 27.67 -41.60 -43.81
C LEU C 68 28.21 -42.88 -44.43
N ILE C 69 28.38 -42.93 -45.74
CA ILE C 69 28.80 -44.14 -46.43
C ILE C 69 30.32 -44.17 -46.52
N PRO C 70 30.98 -45.16 -45.92
CA PRO C 70 32.43 -45.31 -46.16
C PRO C 70 32.69 -45.77 -47.59
N LEU C 71 33.72 -45.18 -48.20
CA LEU C 71 34.08 -45.45 -49.58
C LEU C 71 35.51 -45.96 -49.61
N VAL C 72 35.79 -46.90 -50.51
CA VAL C 72 37.14 -47.40 -50.64
C VAL C 72 38.06 -46.20 -50.85
N SER C 73 39.01 -46.01 -49.94
CA SER C 73 39.82 -44.80 -49.88
C SER C 73 41.29 -45.15 -49.87
N GLU C 74 41.67 -46.22 -50.56
CA GLU C 74 43.07 -46.64 -50.56
C GLU C 74 43.98 -45.55 -51.11
N ASP C 75 43.57 -44.88 -52.19
CA ASP C 75 44.41 -43.91 -52.87
C ASP C 75 44.03 -42.47 -52.51
N VAL C 76 43.17 -42.29 -51.50
CA VAL C 76 42.92 -40.95 -50.99
C VAL C 76 44.21 -40.19 -50.70
N GLU C 77 45.28 -40.91 -50.38
CA GLU C 77 46.58 -40.28 -50.22
C GLU C 77 46.97 -39.51 -51.48
N GLU C 78 46.53 -40.00 -52.64
CA GLU C 78 47.00 -39.47 -53.91
C GLU C 78 46.16 -38.30 -54.43
N MET C 79 44.84 -38.42 -54.44
CA MET C 79 43.98 -37.39 -55.00
C MET C 79 44.07 -36.13 -54.15
N LYS C 80 44.10 -34.97 -54.82
CA LYS C 80 44.20 -33.70 -54.15
C LYS C 80 42.88 -33.33 -53.47
N TYR C 81 42.97 -32.45 -52.49
CA TYR C 81 41.79 -31.76 -52.00
C TYR C 81 41.18 -30.94 -53.13
N SER C 82 39.85 -30.83 -53.11
CA SER C 82 39.17 -30.03 -54.12
C SER C 82 39.65 -28.59 -54.08
N ARG C 83 39.87 -28.05 -52.86
CA ARG C 83 40.31 -26.67 -52.72
C ARG C 83 41.66 -26.45 -53.38
N ASP C 84 42.58 -27.40 -53.24
CA ASP C 84 43.91 -27.24 -53.82
C ASP C 84 43.85 -27.10 -55.33
N CYS C 85 43.02 -27.91 -55.99
CA CYS C 85 43.00 -27.93 -57.45
C CYS C 85 42.57 -26.58 -58.00
N THR C 86 43.29 -26.10 -59.01
CA THR C 86 43.03 -24.79 -59.60
C THR C 86 42.05 -24.83 -60.76
N CYS C 87 41.62 -26.02 -61.19
CA CYS C 87 40.69 -26.13 -62.30
C CYS C 87 39.39 -25.40 -61.99
N GLU C 88 38.79 -24.81 -63.01
CA GLU C 88 37.44 -24.26 -62.86
C GLU C 88 36.48 -25.39 -62.53
N ASP C 89 35.59 -25.16 -61.58
CA ASP C 89 34.70 -26.21 -61.07
C ASP C 89 35.61 -27.35 -60.61
N TYR C 90 35.09 -28.58 -60.51
CA TYR C 90 35.94 -29.71 -60.18
C TYR C 90 36.58 -30.26 -61.45
N CYS C 91 37.55 -31.14 -61.26
CA CYS C 91 38.00 -32.05 -62.31
C CYS C 91 38.13 -33.44 -61.71
N ASP C 92 38.38 -34.41 -62.58
CA ASP C 92 38.51 -35.79 -62.13
C ASP C 92 39.64 -35.96 -61.13
N GLU C 93 40.63 -35.07 -61.14
CA GLU C 93 41.79 -35.17 -60.27
C GLU C 93 41.56 -34.52 -58.91
N CYS C 94 40.41 -33.90 -58.69
CA CYS C 94 40.11 -33.24 -57.41
C CYS C 94 38.75 -33.64 -56.86
N SER C 95 38.03 -34.50 -57.55
CA SER C 95 36.78 -35.06 -57.03
C SER C 95 36.46 -36.32 -57.81
N VAL C 96 35.41 -37.01 -57.37
CA VAL C 96 34.97 -38.26 -57.98
C VAL C 96 33.49 -38.14 -58.30
N VAL C 97 33.04 -38.86 -59.33
CA VAL C 97 31.64 -38.89 -59.72
C VAL C 97 31.09 -40.29 -59.51
N LEU C 98 30.09 -40.40 -58.64
CA LEU C 98 29.25 -41.59 -58.55
C LEU C 98 27.84 -41.23 -58.96
N GLU C 99 27.00 -42.25 -59.09
CA GLU C 99 25.58 -42.03 -59.31
C GLU C 99 24.80 -43.21 -58.78
N LEU C 100 23.62 -42.92 -58.25
CA LEU C 100 22.60 -43.91 -57.96
C LEU C 100 21.32 -43.44 -58.63
N SER C 101 20.56 -44.39 -59.15
CA SER C 101 19.25 -44.08 -59.72
C SER C 101 18.41 -45.33 -59.61
N ALA C 102 17.53 -45.36 -58.60
CA ALA C 102 16.73 -46.53 -58.33
C ALA C 102 15.26 -46.20 -58.53
N ARG C 103 14.53 -47.17 -59.08
CA ARG C 103 13.09 -47.05 -59.23
C ARG C 103 12.44 -48.34 -58.80
N HIS C 104 11.33 -48.24 -58.08
CA HIS C 104 10.46 -49.38 -57.86
C HIS C 104 9.32 -49.35 -58.87
N GLU C 105 9.20 -50.42 -59.64
CA GLU C 105 8.04 -50.64 -60.50
C GLU C 105 7.19 -51.74 -59.88
N GLY C 106 5.95 -51.83 -60.34
CA GLY C 106 5.00 -52.76 -59.77
C GLY C 106 4.18 -52.11 -58.68
N GLU C 107 2.86 -52.23 -58.80
CA GLU C 107 1.96 -51.56 -57.87
C GLU C 107 2.09 -52.06 -56.44
N GLU C 108 2.56 -53.29 -56.25
CA GLU C 108 2.82 -53.84 -54.92
C GLU C 108 4.31 -54.13 -54.79
N GLY C 109 4.78 -54.15 -53.56
CA GLY C 109 6.17 -54.40 -53.26
C GLY C 109 6.90 -53.14 -52.83
N THR C 110 8.21 -53.30 -52.64
CA THR C 110 9.05 -52.21 -52.16
C THR C 110 10.50 -52.51 -52.56
N THR C 111 11.05 -51.68 -53.44
CA THR C 111 12.42 -51.86 -53.92
C THR C 111 13.38 -51.24 -52.92
N ASP C 112 14.12 -52.08 -52.21
CA ASP C 112 15.08 -51.64 -51.20
C ASP C 112 16.38 -51.24 -51.89
N VAL C 113 16.56 -49.94 -52.10
CA VAL C 113 17.77 -49.42 -52.72
C VAL C 113 18.96 -49.70 -51.81
N TYR C 114 20.06 -50.16 -52.39
CA TYR C 114 21.24 -50.51 -51.61
C TYR C 114 22.46 -49.75 -52.11
N SER C 115 23.46 -49.62 -51.23
CA SER C 115 24.67 -48.90 -51.58
C SER C 115 25.32 -49.46 -52.84
N SER C 116 25.15 -50.76 -53.10
CA SER C 116 25.60 -51.31 -54.36
C SER C 116 25.05 -50.52 -55.53
N SER C 117 23.82 -50.02 -55.41
CA SER C 117 23.25 -49.17 -56.45
C SER C 117 24.10 -47.93 -56.70
N LEU C 118 24.82 -47.45 -55.69
CA LEU C 118 25.81 -46.41 -55.94
C LEU C 118 26.96 -47.01 -56.75
N ILE C 119 27.41 -46.27 -57.75
CA ILE C 119 28.33 -46.79 -58.75
C ILE C 119 29.36 -45.71 -59.05
N LYS C 120 30.62 -46.11 -59.16
CA LYS C 120 31.69 -45.17 -59.45
C LYS C 120 31.62 -44.74 -60.91
N VAL C 121 30.94 -43.63 -61.17
CA VAL C 121 30.80 -43.12 -62.53
C VAL C 121 32.13 -42.61 -63.05
N SER C 122 32.92 -41.95 -62.20
CA SER C 122 34.21 -41.42 -62.57
C SER C 122 35.10 -41.48 -61.34
N GLY C 123 36.19 -40.71 -61.37
CA GLY C 123 37.16 -40.71 -60.30
C GLY C 123 38.55 -40.65 -60.87
N PRO C 124 39.51 -40.14 -60.12
CA PRO C 124 40.85 -39.94 -60.67
C PRO C 124 41.54 -41.27 -60.93
N GLY C 125 41.10 -41.95 -61.98
CA GLY C 125 41.65 -43.25 -62.27
C GLY C 125 43.15 -43.21 -62.47
N ASN C 126 43.81 -44.34 -62.25
CA ASN C 126 43.16 -45.60 -61.92
C ASN C 126 43.00 -45.76 -60.42
N LEU C 127 42.91 -44.65 -59.70
CA LEU C 127 42.85 -44.72 -58.25
C LEU C 127 41.72 -45.63 -57.81
N ASN C 128 42.06 -46.64 -57.01
CA ASN C 128 41.06 -47.54 -56.44
C ASN C 128 40.35 -46.80 -55.33
N VAL C 129 39.54 -45.82 -55.74
CA VAL C 129 38.79 -44.96 -54.83
C VAL C 129 37.36 -44.85 -55.38
N GLY C 130 36.46 -44.35 -54.55
CA GLY C 130 35.10 -44.13 -54.99
C GLY C 130 34.31 -45.42 -55.10
N GLU C 131 34.93 -46.53 -54.75
CA GLU C 131 34.24 -47.81 -54.76
C GLU C 131 33.44 -47.95 -53.47
N PRO C 132 32.13 -48.18 -53.53
CA PRO C 132 31.37 -48.33 -52.29
C PRO C 132 31.89 -49.52 -51.48
N VAL C 133 32.13 -49.25 -50.19
CA VAL C 133 32.62 -50.31 -49.30
C VAL C 133 31.47 -51.24 -48.95
N ARG C 134 31.78 -52.53 -48.88
CA ARG C 134 30.79 -53.55 -48.57
C ARG C 134 31.46 -54.63 -47.74
N ARG C 135 30.71 -55.20 -46.79
CA ARG C 135 31.20 -56.39 -46.11
C ARG C 135 31.60 -57.45 -47.12
N ASP C 136 30.72 -57.72 -48.08
CA ASP C 136 30.91 -58.77 -49.06
C ASP C 136 30.37 -58.29 -50.40
N ASP C 137 30.87 -58.90 -51.48
CA ASP C 137 30.35 -58.57 -52.81
C ASP C 137 28.88 -58.94 -52.93
N TYR C 138 28.48 -60.11 -52.43
CA TYR C 138 27.06 -60.45 -52.35
C TYR C 138 26.32 -59.53 -51.40
N ASP C 139 27.01 -58.95 -50.42
CA ASP C 139 26.41 -57.95 -49.56
C ASP C 139 26.06 -56.72 -50.39
N GLN C 140 24.76 -56.51 -50.59
CA GLN C 140 24.31 -55.30 -51.29
C GLN C 140 24.94 -54.07 -50.66
N GLY C 141 25.31 -54.16 -49.39
CA GLY C 141 25.89 -53.06 -48.65
C GLY C 141 24.90 -52.53 -47.64
N ILE C 142 24.98 -51.25 -47.32
CA ILE C 142 24.04 -50.64 -46.39
C ILE C 142 22.73 -50.39 -47.12
N LEU C 143 21.62 -50.78 -46.49
CA LEU C 143 20.32 -50.44 -47.04
C LEU C 143 20.20 -48.92 -47.16
N LEU C 144 19.89 -48.46 -48.37
CA LEU C 144 19.83 -47.03 -48.64
C LEU C 144 18.40 -46.49 -48.61
N CYS C 145 17.51 -47.05 -49.42
CA CYS C 145 16.16 -46.50 -49.55
C CYS C 145 15.22 -47.63 -49.92
N LYS C 146 13.94 -47.38 -49.66
CA LYS C 146 12.86 -48.29 -50.05
C LYS C 146 11.90 -47.55 -50.97
N LEU C 147 11.82 -48.03 -52.21
CA LEU C 147 10.96 -47.43 -53.23
C LEU C 147 9.73 -48.31 -53.44
N ARG C 148 8.57 -47.67 -53.46
CA ARG C 148 7.28 -48.35 -53.57
C ARG C 148 6.70 -48.08 -54.95
N ASN C 149 5.43 -48.47 -55.13
CA ASN C 149 4.75 -48.26 -56.41
C ASN C 149 4.97 -46.83 -56.90
N HIS C 150 5.37 -46.72 -58.17
CA HIS C 150 5.53 -45.43 -58.82
C HIS C 150 6.47 -44.51 -58.05
N GLN C 151 7.47 -45.08 -57.38
CA GLN C 151 8.48 -44.30 -56.66
C GLN C 151 9.82 -44.50 -57.33
N GLU C 152 10.28 -43.48 -58.04
CA GLU C 152 11.55 -43.48 -58.73
C GLU C 152 12.55 -42.64 -57.96
N LEU C 153 13.84 -42.89 -58.21
CA LEU C 153 14.91 -42.12 -57.58
C LEU C 153 16.06 -42.00 -58.56
N ASN C 154 16.39 -40.76 -58.93
CA ASN C 154 17.57 -40.48 -59.75
C ASN C 154 18.38 -39.41 -59.02
N ILE C 155 19.67 -39.66 -58.85
CA ILE C 155 20.55 -38.75 -58.15
C ILE C 155 21.95 -38.83 -58.75
N ARG C 156 22.73 -37.78 -58.53
CA ARG C 156 24.11 -37.71 -58.99
C ARG C 156 24.90 -36.95 -57.93
N CYS C 157 25.88 -37.61 -57.32
CA CYS C 157 26.62 -37.05 -56.21
C CYS C 157 28.09 -36.84 -56.59
N ILE C 158 28.76 -36.00 -55.80
CA ILE C 158 30.18 -35.75 -55.94
C ILE C 158 30.80 -35.81 -54.54
N ALA C 159 31.81 -36.67 -54.38
CA ALA C 159 32.52 -36.81 -53.12
C ALA C 159 33.86 -36.10 -53.22
N LYS C 160 34.42 -35.75 -52.07
CA LYS C 160 35.67 -35.01 -52.02
C LYS C 160 36.48 -35.45 -50.81
N LYS C 161 37.79 -35.46 -51.00
CA LYS C 161 38.69 -35.91 -49.95
C LYS C 161 38.66 -34.92 -48.78
N GLY C 162 38.52 -35.44 -47.57
CA GLY C 162 38.47 -34.62 -46.39
C GLY C 162 38.84 -35.41 -45.15
N ILE C 163 38.90 -34.72 -44.02
CA ILE C 163 39.38 -35.28 -42.77
C ILE C 163 38.24 -35.28 -41.75
N ALA C 164 38.31 -36.23 -40.81
CA ALA C 164 37.29 -36.34 -39.77
C ALA C 164 37.16 -35.07 -38.96
N LYS C 165 38.26 -34.37 -38.73
CA LYS C 165 38.19 -33.05 -38.10
C LYS C 165 37.17 -32.16 -38.81
N GLU C 166 37.15 -32.23 -40.14
CA GLU C 166 36.17 -31.46 -40.90
C GLU C 166 34.77 -32.00 -40.69
N HIS C 167 34.60 -33.32 -40.74
CA HIS C 167 33.32 -33.94 -40.45
C HIS C 167 33.54 -35.41 -40.14
N ALA C 168 32.82 -35.88 -39.12
CA ALA C 168 33.02 -37.23 -38.59
C ALA C 168 32.81 -38.31 -39.63
N LYS C 169 32.09 -38.01 -40.72
CA LYS C 169 31.94 -38.99 -41.79
C LYS C 169 33.29 -39.47 -42.28
N TRP C 170 34.31 -38.62 -42.21
CA TRP C 170 35.66 -38.97 -42.63
C TRP C 170 36.40 -39.78 -41.58
N SER C 171 35.80 -40.04 -40.43
CA SER C 171 36.43 -40.87 -39.43
C SER C 171 36.67 -42.26 -39.99
N PRO C 172 37.92 -42.65 -40.25
CA PRO C 172 38.16 -43.98 -40.84
C PRO C 172 38.02 -45.09 -39.82
N CYS C 173 38.35 -44.78 -38.57
CA CYS C 173 38.31 -45.78 -37.50
C CYS C 173 36.96 -45.76 -36.82
N SER C 174 36.28 -46.90 -36.84
CA SER C 174 35.00 -47.03 -36.16
C SER C 174 35.15 -46.79 -34.67
N ALA C 175 36.22 -47.31 -34.08
CA ALA C 175 36.51 -47.10 -32.66
C ALA C 175 37.99 -47.40 -32.44
N ILE C 176 38.60 -46.76 -31.46
CA ILE C 176 39.99 -47.00 -31.11
C ILE C 176 40.09 -46.93 -29.59
N ALA C 177 40.26 -48.09 -28.95
CA ALA C 177 40.34 -48.13 -27.50
C ALA C 177 41.72 -47.71 -27.03
N PHE C 178 41.97 -47.89 -25.73
CA PHE C 178 43.29 -47.58 -25.20
C PHE C 178 43.41 -48.08 -23.76
N GLU C 179 44.57 -48.59 -23.38
CA GLU C 179 44.84 -48.74 -21.95
C GLU C 179 46.30 -49.12 -21.73
N TYR C 180 46.63 -49.33 -20.46
CA TYR C 180 47.98 -49.62 -20.01
C TYR C 180 47.91 -49.86 -18.52
N ASP C 181 48.87 -50.61 -17.99
CA ASP C 181 48.93 -50.88 -16.56
C ASP C 181 47.53 -51.24 -16.05
N PRO C 182 46.94 -52.33 -16.51
CA PRO C 182 45.58 -52.67 -16.06
C PRO C 182 45.50 -52.90 -14.56
N HIS C 183 46.61 -53.24 -13.92
CA HIS C 183 46.64 -53.50 -12.48
C HIS C 183 46.70 -52.23 -11.66
N ASN C 184 46.69 -51.06 -12.31
CA ASN C 184 46.85 -49.78 -11.61
C ASN C 184 48.14 -49.78 -10.81
N LYS C 185 49.16 -50.44 -11.36
CA LYS C 185 50.48 -50.42 -10.74
C LYS C 185 50.95 -48.99 -10.49
N LEU C 186 50.79 -48.13 -11.48
CA LEU C 186 51.10 -46.71 -11.35
C LEU C 186 50.11 -45.98 -10.44
N LYS C 187 49.01 -46.64 -10.05
CA LYS C 187 48.04 -46.06 -9.12
C LYS C 187 47.47 -44.76 -9.66
N HIS C 188 47.35 -44.69 -10.99
CA HIS C 188 46.79 -43.50 -11.64
C HIS C 188 45.30 -43.34 -11.43
N THR C 189 44.65 -44.28 -10.75
CA THR C 189 43.24 -44.14 -10.44
C THR C 189 42.98 -44.65 -9.03
N ASP C 190 41.99 -44.03 -8.40
CA ASP C 190 41.49 -44.44 -7.09
C ASP C 190 40.24 -45.26 -7.31
N PHE C 191 40.23 -46.49 -6.82
CA PHE C 191 39.18 -47.44 -7.12
C PHE C 191 38.04 -47.30 -6.12
N TRP C 192 36.90 -46.84 -6.60
CA TRP C 192 35.71 -46.74 -5.76
C TRP C 192 35.21 -48.12 -5.38
N PHE C 193 34.63 -48.22 -4.19
CA PHE C 193 34.09 -49.48 -3.69
C PHE C 193 33.39 -49.23 -2.38
N GLU C 194 32.66 -50.24 -1.93
CA GLU C 194 32.06 -50.27 -0.60
C GLU C 194 32.81 -51.18 0.36
N VAL C 195 33.20 -52.37 -0.11
CA VAL C 195 33.95 -53.32 0.71
C VAL C 195 35.39 -53.32 0.24
N ASP C 196 35.59 -53.48 -1.07
CA ASP C 196 36.94 -53.54 -1.63
C ASP C 196 36.86 -53.44 -3.14
N ALA C 197 37.81 -52.69 -3.72
CA ALA C 197 37.87 -52.58 -5.17
C ALA C 197 38.14 -53.92 -5.82
N LYS C 198 39.07 -54.70 -5.25
CA LYS C 198 39.49 -55.95 -5.89
C LYS C 198 38.30 -56.86 -6.16
N LYS C 199 37.61 -57.29 -5.10
CA LYS C 199 36.51 -58.23 -5.23
C LYS C 199 35.30 -57.61 -5.93
N GLU C 200 35.29 -56.30 -6.11
CA GLU C 200 34.18 -55.61 -6.75
C GLU C 200 34.47 -55.22 -8.20
N TRP C 201 35.73 -55.19 -8.61
CA TRP C 201 36.08 -54.74 -9.95
C TRP C 201 36.44 -55.94 -10.82
N PRO C 202 36.06 -55.97 -12.09
CA PRO C 202 36.51 -57.04 -12.98
C PRO C 202 37.99 -56.90 -13.30
N ASP C 203 38.47 -57.81 -14.15
CA ASP C 203 39.87 -57.82 -14.53
C ASP C 203 40.03 -57.49 -16.01
N SER C 204 41.03 -56.68 -16.30
CA SER C 204 41.28 -56.25 -17.67
C SER C 204 41.62 -57.44 -18.56
N LYS C 205 41.13 -57.41 -19.79
CA LYS C 205 41.46 -58.43 -20.76
C LYS C 205 42.96 -58.52 -21.02
N TYR C 206 43.69 -57.41 -20.90
CA TYR C 206 45.13 -57.38 -21.07
C TYR C 206 45.86 -57.62 -19.76
N ALA C 207 45.13 -57.94 -18.69
CA ALA C 207 45.77 -58.15 -17.39
C ALA C 207 46.87 -59.19 -17.47
N THR C 208 46.71 -60.17 -18.38
CA THR C 208 47.72 -61.22 -18.48
C THR C 208 49.10 -60.66 -18.79
N TRP C 209 49.16 -59.63 -19.65
CA TRP C 209 50.45 -59.08 -20.08
C TRP C 209 51.26 -58.48 -18.93
N GLU C 210 50.63 -58.18 -17.80
CA GLU C 210 51.33 -57.62 -16.64
C GLU C 210 50.98 -58.45 -15.41
N GLU C 211 51.99 -58.80 -14.63
CA GLU C 211 51.76 -59.59 -13.44
C GLU C 211 50.96 -58.80 -12.41
N PRO C 212 50.18 -59.46 -11.57
CA PRO C 212 49.51 -58.74 -10.48
C PRO C 212 50.49 -58.38 -9.39
N PRO C 213 50.53 -57.11 -8.98
CA PRO C 213 51.58 -56.69 -8.04
C PRO C 213 51.54 -57.50 -6.75
N LYS C 214 52.73 -57.72 -6.19
CA LYS C 214 52.85 -58.57 -5.02
C LYS C 214 52.23 -57.88 -3.80
N PRO C 215 51.81 -58.65 -2.79
CA PRO C 215 51.15 -58.02 -1.63
C PRO C 215 52.04 -57.01 -0.92
N GLY C 216 53.24 -57.42 -0.51
CA GLY C 216 54.14 -56.56 0.20
C GLY C 216 54.98 -55.63 -0.65
N GLU C 217 54.85 -55.72 -1.97
CA GLU C 217 55.66 -54.89 -2.85
C GLU C 217 55.47 -53.42 -2.53
N VAL C 218 56.57 -52.71 -2.36
CA VAL C 218 56.52 -51.28 -2.08
C VAL C 218 56.36 -50.52 -3.39
N PHE C 219 55.54 -49.48 -3.34
CA PHE C 219 55.26 -48.70 -4.54
C PHE C 219 56.52 -48.00 -5.03
N ASP C 220 56.73 -48.03 -6.34
CA ASP C 220 57.85 -47.34 -6.99
C ASP C 220 57.30 -46.10 -7.66
N TYR C 221 57.59 -44.93 -7.06
CA TYR C 221 57.19 -43.67 -7.67
C TYR C 221 58.02 -43.31 -8.88
N LYS C 222 58.99 -44.15 -9.26
CA LYS C 222 59.63 -44.04 -10.56
C LYS C 222 58.91 -44.86 -11.63
N ALA C 223 57.84 -45.56 -11.27
CA ALA C 223 57.05 -46.28 -12.25
C ALA C 223 56.37 -45.31 -13.21
N LYS C 224 56.35 -45.67 -14.47
CA LYS C 224 55.87 -44.79 -15.54
C LYS C 224 55.09 -45.62 -16.55
N PRO C 225 54.24 -44.97 -17.35
CA PRO C 225 53.48 -45.71 -18.36
C PRO C 225 54.39 -46.13 -19.51
N ASN C 226 54.59 -47.43 -19.65
CA ASN C 226 55.44 -47.99 -20.70
C ASN C 226 54.69 -48.87 -21.68
N ARG C 227 53.95 -49.86 -21.21
CA ARG C 227 53.25 -50.80 -22.07
C ARG C 227 51.80 -50.35 -22.21
N PHE C 228 51.38 -50.13 -23.46
CA PHE C 228 50.01 -49.74 -23.77
C PHE C 228 49.35 -50.84 -24.59
N TYR C 229 48.03 -50.76 -24.71
CA TYR C 229 47.24 -51.79 -25.38
C TYR C 229 46.28 -51.11 -26.33
N MET C 230 46.07 -51.73 -27.49
CA MET C 230 45.50 -51.05 -28.64
C MET C 230 44.77 -52.03 -29.54
N THR C 231 43.71 -51.54 -30.18
CA THR C 231 43.06 -52.22 -31.30
C THR C 231 42.63 -51.14 -32.29
N VAL C 232 43.11 -51.26 -33.53
CA VAL C 232 42.96 -50.20 -34.52
C VAL C 232 41.82 -50.59 -35.47
N GLU C 233 40.60 -50.22 -35.11
CA GLU C 233 39.44 -50.50 -35.94
C GLU C 233 39.39 -49.54 -37.11
N THR C 234 38.90 -50.04 -38.24
CA THR C 234 38.61 -49.21 -39.40
C THR C 234 37.15 -49.41 -39.79
N THR C 235 36.49 -48.30 -40.14
CA THR C 235 35.12 -48.38 -40.65
C THR C 235 35.02 -49.10 -41.98
N GLY C 236 36.14 -49.53 -42.55
CA GLY C 236 36.16 -50.28 -43.80
C GLY C 236 36.67 -49.50 -44.98
N SER C 237 36.63 -48.17 -44.96
CA SER C 237 37.18 -47.39 -46.05
C SER C 237 38.68 -47.63 -46.23
N LEU C 238 39.35 -48.09 -45.18
CA LEU C 238 40.79 -48.33 -45.25
C LEU C 238 41.16 -49.46 -44.29
N LYS C 239 42.38 -49.95 -44.45
CA LYS C 239 42.85 -51.07 -43.65
C LYS C 239 43.48 -50.58 -42.35
N ALA C 240 43.30 -51.37 -41.30
CA ALA C 240 43.86 -50.99 -40.00
C ALA C 240 45.37 -50.79 -40.10
N ASN C 241 46.05 -51.62 -40.89
CA ASN C 241 47.48 -51.39 -41.11
C ASN C 241 47.71 -50.12 -41.93
N GLN C 242 46.95 -49.95 -43.02
CA GLN C 242 47.07 -48.72 -43.78
C GLN C 242 46.70 -47.51 -42.94
N VAL C 243 45.68 -47.65 -42.09
CA VAL C 243 45.29 -46.55 -41.22
C VAL C 243 46.42 -46.21 -40.26
N PHE C 244 47.01 -47.22 -39.64
CA PHE C 244 48.12 -47.00 -38.72
C PHE C 244 49.26 -46.29 -39.42
N SER C 245 49.69 -46.82 -40.57
CA SER C 245 50.81 -46.26 -41.29
C SER C 245 50.51 -44.84 -41.75
N ARG C 246 49.29 -44.61 -42.24
CA ARG C 246 48.94 -43.30 -42.78
C ARG C 246 48.81 -42.27 -41.68
N GLY C 247 48.28 -42.66 -40.52
CA GLY C 247 48.27 -41.74 -39.39
C GLY C 247 49.66 -41.40 -38.91
N ILE C 248 50.55 -42.40 -38.88
CA ILE C 248 51.93 -42.13 -38.54
C ILE C 248 52.54 -41.16 -39.54
N LYS C 249 52.29 -41.39 -40.83
CA LYS C 249 52.82 -40.52 -41.87
C LYS C 249 52.25 -39.11 -41.76
N THR C 250 50.99 -38.99 -41.36
CA THR C 250 50.38 -37.68 -41.21
C THR C 250 51.00 -36.92 -40.05
N LEU C 251 51.15 -37.59 -38.90
CA LEU C 251 51.89 -36.98 -37.79
C LEU C 251 53.28 -36.56 -38.23
N GLN C 252 53.95 -37.43 -38.98
CA GLN C 252 55.31 -37.13 -39.43
C GLN C 252 55.33 -35.91 -40.34
N GLU C 253 54.37 -35.83 -41.27
CA GLU C 253 54.31 -34.69 -42.18
C GLU C 253 54.00 -33.42 -41.41
N LYS C 254 53.11 -33.49 -40.42
CA LYS C 254 52.82 -32.33 -39.60
C LYS C 254 54.08 -31.85 -38.89
N LEU C 255 54.84 -32.78 -38.31
CA LEU C 255 56.06 -32.40 -37.62
C LEU C 255 57.08 -31.81 -38.58
N ALA C 256 57.21 -32.41 -39.77
CA ALA C 256 58.14 -31.90 -40.77
C ALA C 256 57.75 -30.50 -41.18
N ASN C 257 56.46 -30.26 -41.40
CA ASN C 257 55.98 -28.92 -41.75
C ASN C 257 56.26 -27.95 -40.61
N VAL C 258 56.05 -28.38 -39.37
CA VAL C 258 56.28 -27.51 -38.22
C VAL C 258 57.75 -27.09 -38.17
N LEU C 259 58.66 -28.03 -38.37
CA LEU C 259 60.07 -27.69 -38.33
C LEU C 259 60.47 -26.86 -39.55
N PHE C 260 59.80 -27.11 -40.69
CA PHE C 260 60.03 -26.27 -41.86
C PHE C 260 59.63 -24.83 -41.58
N GLU C 261 58.50 -24.62 -40.90
CA GLU C 261 58.14 -23.29 -40.48
C GLU C 261 59.15 -22.73 -39.47
N LEU C 262 59.63 -23.58 -38.56
CA LEU C 262 60.65 -23.13 -37.62
C LEU C 262 61.85 -22.55 -38.36
N GLU C 263 62.31 -23.22 -39.41
CA GLU C 263 63.47 -22.72 -40.14
C GLU C 263 63.12 -21.54 -41.03
N ASN C 264 61.92 -21.53 -41.63
CA ASN C 264 61.59 -20.49 -42.59
C ASN C 264 61.29 -19.15 -41.90
N SER C 265 60.53 -19.18 -40.80
CA SER C 265 60.21 -17.95 -40.10
C SER C 265 61.47 -17.27 -39.58
N ARG C 266 62.41 -18.05 -39.06
CA ARG C 266 63.70 -17.53 -38.65
C ARG C 266 64.44 -16.89 -39.82
N VAL D 3 14.80 35.55 -27.94
CA VAL D 3 16.26 35.52 -28.25
C VAL D 3 17.01 36.39 -27.26
N SER D 4 16.40 37.51 -26.87
CA SER D 4 16.98 38.47 -25.95
C SER D 4 16.35 38.26 -24.57
N THR D 5 17.18 38.22 -23.54
CA THR D 5 16.72 37.97 -22.18
C THR D 5 16.68 39.28 -21.39
N SER D 6 15.91 39.26 -20.30
CA SER D 6 15.75 40.44 -19.45
C SER D 6 16.05 40.11 -18.00
N THR D 7 15.76 41.04 -17.09
CA THR D 7 16.06 40.86 -15.68
C THR D 7 14.83 40.56 -14.83
N VAL D 8 13.63 40.86 -15.32
CA VAL D 8 12.41 40.64 -14.57
C VAL D 8 11.89 39.24 -14.87
N GLY D 9 11.51 38.51 -13.82
CA GLY D 9 11.06 37.15 -13.95
C GLY D 9 9.55 37.00 -13.77
N ALA D 10 9.12 35.74 -13.71
CA ALA D 10 7.71 35.40 -13.51
C ALA D 10 6.84 35.96 -14.63
N ARG D 11 6.03 36.98 -14.33
CA ARG D 11 5.08 37.53 -15.28
C ARG D 11 4.26 36.42 -15.95
N ARG D 12 3.46 35.75 -15.13
CA ARG D 12 2.52 34.78 -15.67
C ARG D 12 1.21 35.45 -16.03
N ARG D 13 0.49 34.84 -16.96
CA ARG D 13 -0.76 35.41 -17.46
C ARG D 13 -1.70 35.70 -16.29
N ARG D 14 -2.02 36.98 -16.10
CA ARG D 14 -2.93 37.41 -15.04
C ARG D 14 -4.25 37.86 -15.65
N ALA D 15 -5.34 37.26 -15.19
CA ALA D 15 -6.66 37.65 -15.66
C ALA D 15 -7.01 39.08 -15.30
N LYS D 16 -6.36 39.63 -14.27
CA LYS D 16 -6.59 41.02 -13.87
C LYS D 16 -5.89 41.93 -14.87
N GLN D 17 -6.65 42.49 -15.79
CA GLN D 17 -6.08 43.22 -16.93
C GLN D 17 -5.96 44.71 -16.61
N GLN D 18 -5.04 45.36 -17.31
CA GLN D 18 -4.79 46.79 -17.19
C GLN D 18 -4.84 47.44 -18.56
N VAL D 19 -5.43 48.64 -18.62
CA VAL D 19 -5.43 49.39 -19.87
C VAL D 19 -4.03 49.87 -20.22
N ASP D 20 -3.20 50.14 -19.22
CA ASP D 20 -1.85 50.65 -19.45
C ASP D 20 -0.92 49.53 -19.92
N ASP D 21 -1.11 49.13 -21.17
CA ASP D 21 -0.28 48.12 -21.83
C ASP D 21 0.44 48.64 -23.05
N GLU D 22 -0.14 49.61 -23.75
CA GLU D 22 0.51 50.20 -24.92
C GLU D 22 1.41 51.34 -24.50
N GLU D 23 2.55 51.46 -25.17
CA GLU D 23 3.50 52.54 -24.86
C GLU D 23 2.81 53.89 -25.00
N ASN D 24 2.95 54.73 -23.96
CA ASN D 24 2.41 56.09 -24.01
C ASN D 24 3.10 56.90 -22.92
N ALA D 25 3.80 57.96 -23.32
CA ALA D 25 4.42 58.86 -22.36
C ALA D 25 3.46 59.94 -21.86
N THR D 26 2.41 60.24 -22.61
CA THR D 26 1.50 61.31 -22.21
C THR D 26 0.80 60.98 -20.89
N LEU D 27 0.34 59.74 -20.72
CA LEU D 27 -0.29 59.31 -19.49
C LEU D 27 0.69 58.59 -18.56
N LEU D 28 1.99 58.60 -18.88
CA LEU D 28 3.01 57.91 -18.10
C LEU D 28 2.78 56.40 -18.15
N ARG D 29 2.57 55.91 -19.37
CA ARG D 29 2.32 54.49 -19.63
C ARG D 29 3.52 53.92 -20.36
N LEU D 30 4.44 53.31 -19.59
CA LEU D 30 5.58 52.62 -20.15
C LEU D 30 5.39 51.11 -20.17
N GLY D 31 4.44 50.58 -19.41
CA GLY D 31 4.13 49.17 -19.40
C GLY D 31 4.73 48.46 -18.21
N PRO D 32 4.37 47.18 -18.04
CA PRO D 32 4.96 46.41 -16.94
C PRO D 32 6.44 46.12 -17.16
N GLU D 33 6.85 46.05 -18.42
CA GLU D 33 8.25 45.81 -18.74
C GLU D 33 9.15 46.90 -18.18
N PHE D 34 8.61 48.11 -18.00
CA PHE D 34 9.35 49.25 -17.48
C PHE D 34 8.59 49.91 -16.34
N ALA D 35 8.13 49.09 -15.39
CA ALA D 35 7.34 49.60 -14.27
C ALA D 35 8.17 50.55 -13.42
N LEU D 36 7.52 51.12 -12.40
CA LEU D 36 8.17 52.15 -11.60
C LEU D 36 9.46 51.64 -10.96
N LYS D 37 9.41 50.46 -10.34
CA LYS D 37 10.56 49.90 -9.64
C LYS D 37 11.04 48.66 -10.39
N GLN D 38 12.17 48.80 -11.07
CA GLN D 38 12.84 47.69 -11.74
C GLN D 38 14.12 47.35 -10.99
N TYR D 39 14.64 46.15 -11.26
CA TYR D 39 15.85 45.66 -10.62
C TYR D 39 16.79 45.13 -11.69
N ASP D 40 18.08 45.36 -11.50
CA ASP D 40 19.09 44.99 -12.49
C ASP D 40 19.40 43.51 -12.38
N HIS D 41 20.48 43.08 -13.05
CA HIS D 41 20.79 41.65 -13.11
C HIS D 41 20.92 41.04 -11.73
N ASP D 42 21.65 41.70 -10.83
CA ASP D 42 21.88 41.16 -9.50
C ASP D 42 20.75 41.47 -8.53
N GLY D 43 19.66 42.08 -8.99
CA GLY D 43 18.55 42.41 -8.14
C GLY D 43 18.70 43.70 -7.36
N ASN D 44 19.82 44.40 -7.52
CA ASN D 44 20.03 45.64 -6.80
C ASN D 44 19.06 46.71 -7.28
N GLU D 45 18.82 47.68 -6.40
CA GLU D 45 17.91 48.78 -6.74
C GLU D 45 18.39 49.48 -7.99
N HIS D 46 17.48 49.67 -8.95
CA HIS D 46 17.82 50.28 -10.23
C HIS D 46 16.58 51.02 -10.74
N ASP D 47 16.62 52.35 -10.64
CA ASP D 47 15.56 53.16 -11.22
C ASP D 47 15.63 53.09 -12.75
N LEU D 48 14.47 53.23 -13.38
CA LEU D 48 14.43 53.26 -14.84
C LEU D 48 15.32 54.39 -15.35
N ILE D 49 16.15 54.08 -16.35
CA ILE D 49 17.13 55.01 -16.87
C ILE D 49 16.56 55.66 -18.12
N ALA D 50 16.38 56.98 -18.07
CA ALA D 50 15.94 57.77 -19.21
C ALA D 50 17.01 58.81 -19.52
N LEU D 51 17.46 58.82 -20.78
CA LEU D 51 18.57 59.66 -21.20
C LEU D 51 18.09 60.71 -22.19
N SER D 52 18.63 61.92 -22.06
CA SER D 52 18.37 62.96 -23.04
C SER D 52 19.15 62.66 -24.32
N LEU D 53 18.69 63.25 -25.43
CA LEU D 53 19.38 63.04 -26.70
C LEU D 53 20.85 63.43 -26.59
N SER D 54 21.15 64.48 -25.83
CA SER D 54 22.52 64.93 -25.69
C SER D 54 23.33 64.00 -24.79
N GLU D 55 22.76 63.59 -23.67
CA GLU D 55 23.44 62.62 -22.82
C GLU D 55 23.63 61.30 -23.57
N SER D 56 22.62 60.89 -24.35
CA SER D 56 22.75 59.70 -25.18
C SER D 56 23.88 59.87 -26.19
N ARG D 57 23.96 61.04 -26.82
CA ARG D 57 25.03 61.29 -27.79
C ARG D 57 26.40 61.21 -27.12
N LEU D 58 26.54 61.83 -25.96
CA LEU D 58 27.82 61.78 -25.25
C LEU D 58 28.18 60.35 -24.87
N LEU D 59 27.21 59.59 -24.37
CA LEU D 59 27.50 58.22 -23.94
C LEU D 59 27.89 57.35 -25.12
N ILE D 60 27.17 57.48 -26.24
CA ILE D 60 27.50 56.69 -27.42
C ILE D 60 28.87 57.10 -27.95
N ARG D 61 29.17 58.40 -27.98
CA ARG D 61 30.47 58.84 -28.46
C ARG D 61 31.60 58.30 -27.58
N GLU D 62 31.45 58.40 -26.26
CA GLU D 62 32.51 57.93 -25.37
C GLU D 62 32.69 56.42 -25.48
N ALA D 63 31.59 55.67 -25.55
CA ALA D 63 31.71 54.23 -25.72
C ALA D 63 32.38 53.88 -27.04
N LEU D 64 32.00 54.57 -28.12
CA LEU D 64 32.60 54.32 -29.42
C LEU D 64 34.11 54.54 -29.37
N LYS D 65 34.53 55.71 -28.88
CA LYS D 65 35.96 56.01 -28.85
C LYS D 65 36.70 55.07 -27.91
N ALA D 66 36.10 54.75 -26.77
CA ALA D 66 36.76 53.85 -25.81
C ALA D 66 37.00 52.49 -26.44
N ARG D 67 35.97 51.89 -27.05
CA ARG D 67 36.14 50.58 -27.65
C ARG D 67 37.11 50.64 -28.83
N SER D 68 37.03 51.70 -29.65
CA SER D 68 37.93 51.80 -30.79
C SER D 68 39.39 51.89 -30.33
N ARG D 69 39.66 52.72 -29.33
CA ARG D 69 41.04 52.86 -28.84
C ARG D 69 41.50 51.61 -28.10
N ALA D 70 40.58 50.91 -27.42
CA ALA D 70 40.95 49.65 -26.79
C ALA D 70 41.37 48.63 -27.84
N ARG D 71 40.64 48.56 -28.96
CA ARG D 71 41.09 47.72 -30.06
C ARG D 71 42.43 48.19 -30.59
N ASN D 72 42.60 49.52 -30.73
CA ASN D 72 43.85 50.06 -31.27
C ASN D 72 45.05 49.65 -30.41
N GLY D 73 44.91 49.76 -29.10
CA GLY D 73 46.00 49.39 -28.20
C GLY D 73 47.21 50.29 -28.34
N GLY D 74 47.02 51.59 -28.15
CA GLY D 74 48.12 52.53 -28.21
C GLY D 74 47.84 53.76 -29.05
N VAL D 75 46.72 53.76 -29.76
CA VAL D 75 46.35 54.91 -30.59
C VAL D 75 45.11 55.57 -29.99
N ILE D 84 36.97 60.35 -34.45
CA ILE D 84 35.94 61.19 -33.85
C ILE D 84 34.76 61.33 -34.80
N ASP D 85 35.01 61.08 -36.09
CA ASP D 85 33.96 61.24 -37.09
C ASP D 85 32.82 60.26 -36.84
N ASP D 86 31.59 60.72 -37.10
CA ASP D 86 30.43 59.85 -36.92
C ASP D 86 30.51 58.64 -37.85
N ASP D 87 30.84 58.87 -39.13
CA ASP D 87 30.97 57.76 -40.05
C ASP D 87 32.10 56.82 -39.64
N GLU D 88 33.24 57.39 -39.25
CA GLU D 88 34.37 56.55 -38.83
C GLU D 88 34.03 55.76 -37.57
N LEU D 89 33.53 56.45 -36.53
CA LEU D 89 33.18 55.75 -35.31
C LEU D 89 31.94 54.87 -35.50
N ALA D 90 31.15 55.15 -36.54
CA ALA D 90 30.07 54.24 -36.90
C ALA D 90 30.61 52.91 -37.39
N LYS D 91 31.84 52.89 -37.92
CA LYS D 91 32.52 51.68 -38.37
C LYS D 91 33.10 50.89 -37.19
N VAL D 92 32.73 51.22 -35.96
CA VAL D 92 33.24 50.50 -34.80
C VAL D 92 32.93 49.01 -34.93
N THR D 93 31.70 48.68 -35.34
CA THR D 93 31.29 47.31 -35.51
C THR D 93 31.32 46.90 -36.97
N SER D 94 31.28 45.60 -37.21
CA SER D 94 31.18 45.05 -38.55
C SER D 94 29.72 44.74 -38.88
N GLY D 95 29.43 44.65 -40.17
CA GLY D 95 28.07 44.39 -40.63
C GLY D 95 27.47 45.57 -41.37
N ALA D 96 27.02 45.34 -42.60
CA ALA D 96 26.50 46.43 -43.42
C ALA D 96 25.25 47.05 -42.80
N VAL D 97 24.28 46.21 -42.40
CA VAL D 97 23.05 46.73 -41.83
C VAL D 97 23.33 47.44 -40.52
N ALA D 98 24.15 46.83 -39.66
CA ALA D 98 24.48 47.45 -38.37
C ALA D 98 25.21 48.77 -38.59
N ASN D 99 26.18 48.80 -39.50
CA ASN D 99 26.91 50.03 -39.77
C ASN D 99 25.98 51.12 -40.29
N GLY D 100 25.07 50.76 -41.20
CA GLY D 100 24.15 51.75 -41.74
C GLY D 100 23.21 52.30 -40.68
N VAL D 101 22.67 51.42 -39.83
CA VAL D 101 21.73 51.89 -38.82
C VAL D 101 22.43 52.75 -37.78
N VAL D 102 23.67 52.39 -37.41
CA VAL D 102 24.40 53.23 -36.46
C VAL D 102 24.74 54.57 -37.11
N LYS D 103 25.07 54.59 -38.40
CA LYS D 103 25.26 55.87 -39.09
C LYS D 103 24.00 56.71 -39.02
N LYS D 104 22.85 56.10 -39.30
CA LYS D 104 21.59 56.85 -39.30
C LYS D 104 21.26 57.40 -37.91
N THR D 105 21.44 56.58 -36.86
CA THR D 105 21.13 57.06 -35.52
C THR D 105 22.13 58.11 -35.06
N LEU D 106 23.39 58.01 -35.48
CA LEU D 106 24.35 59.08 -35.20
C LEU D 106 23.94 60.37 -35.89
N ASP D 107 23.46 60.28 -37.14
CA ASP D 107 22.96 61.46 -37.82
C ASP D 107 21.78 62.06 -37.07
N TYR D 108 20.85 61.21 -36.62
CA TYR D 108 19.72 61.70 -35.83
C TYR D 108 20.19 62.44 -34.59
N LEU D 109 21.10 61.82 -33.83
CA LEU D 109 21.58 62.43 -32.60
C LEU D 109 22.28 63.76 -32.88
N ASN D 110 23.12 63.81 -33.90
CA ASN D 110 23.80 65.05 -34.24
C ASN D 110 22.81 66.13 -34.63
N THR D 111 21.79 65.77 -35.40
CA THR D 111 20.80 66.74 -35.82
C THR D 111 20.00 67.29 -34.64
N PHE D 112 19.64 66.42 -33.70
CA PHE D 112 18.65 66.76 -32.68
C PHE D 112 19.21 66.77 -31.27
N ALA D 113 20.53 66.89 -31.10
CA ALA D 113 21.14 67.00 -29.78
C ALA D 113 21.32 68.47 -29.44
N ARG D 114 20.47 68.98 -28.54
CA ARG D 114 20.56 70.38 -28.16
C ARG D 114 21.88 70.68 -27.46
N PHE D 115 22.27 69.83 -26.51
CA PHE D 115 23.54 69.97 -25.80
C PHE D 115 24.59 69.16 -26.54
N LYS D 116 25.61 69.82 -27.05
CA LYS D 116 26.59 69.20 -27.94
C LYS D 116 27.86 68.77 -27.22
N ASP D 117 28.55 69.70 -26.58
CA ASP D 117 29.83 69.40 -25.97
C ASP D 117 29.66 69.00 -24.51
N GLU D 118 30.74 68.45 -23.93
CA GLU D 118 30.66 67.88 -22.59
C GLU D 118 30.27 68.92 -21.55
N GLU D 119 30.74 70.15 -21.68
CA GLU D 119 30.51 71.14 -20.64
C GLU D 119 29.03 71.41 -20.44
N THR D 120 28.30 71.67 -21.53
CA THR D 120 26.90 72.04 -21.39
C THR D 120 26.04 70.83 -21.02
N CYS D 121 26.38 69.65 -21.53
CA CYS D 121 25.68 68.43 -21.10
C CYS D 121 25.88 68.19 -19.61
N THR D 122 27.10 68.38 -19.12
CA THR D 122 27.36 68.24 -17.69
C THR D 122 26.55 69.25 -16.89
N ALA D 123 26.50 70.49 -17.37
CA ALA D 123 25.75 71.53 -16.67
C ALA D 123 24.27 71.19 -16.60
N VAL D 124 23.69 70.74 -17.72
CA VAL D 124 22.28 70.37 -17.71
C VAL D 124 22.04 69.14 -16.82
N ASP D 125 22.99 68.20 -16.80
CA ASP D 125 22.82 67.02 -15.96
C ASP D 125 22.72 67.39 -14.49
N GLN D 126 23.67 68.20 -14.00
CA GLN D 126 23.58 68.62 -12.60
C GLN D 126 22.39 69.56 -12.37
N LEU D 127 22.13 70.47 -13.30
CA LEU D 127 21.09 71.47 -13.09
C LEU D 127 19.71 70.83 -13.11
N LEU D 128 19.48 69.85 -14.00
CA LEU D 128 18.23 69.12 -14.01
C LEU D 128 18.11 68.11 -12.88
N HIS D 129 19.16 67.89 -12.10
CA HIS D 129 19.08 67.02 -10.93
C HIS D 129 19.84 67.63 -9.76
N LEU D 137 7.29 63.67 -7.79
CA LEU D 137 8.41 63.77 -8.72
C LEU D 137 8.74 62.41 -9.33
N HIS D 138 9.26 62.43 -10.56
CA HIS D 138 9.61 61.22 -11.29
C HIS D 138 10.93 61.45 -12.01
N PRO D 139 11.71 60.39 -12.22
CA PRO D 139 12.93 60.56 -13.04
C PRO D 139 12.63 60.76 -14.51
N PHE D 140 11.71 59.96 -15.06
CA PHE D 140 11.44 60.03 -16.50
C PHE D 140 10.78 61.35 -16.89
N GLU D 141 9.97 61.92 -16.00
CA GLU D 141 9.34 63.20 -16.32
C GLU D 141 10.40 64.29 -16.47
N ILE D 142 11.39 64.32 -15.58
CA ILE D 142 12.48 65.27 -15.70
C ILE D 142 13.32 64.93 -16.93
N ALA D 143 13.50 63.64 -17.23
CA ALA D 143 14.27 63.24 -18.39
C ALA D 143 13.63 63.76 -19.68
N GLN D 144 12.32 63.63 -19.80
CA GLN D 144 11.63 64.12 -21.00
C GLN D 144 11.50 65.63 -21.00
N LEU D 145 11.45 66.27 -19.81
CA LEU D 145 11.55 67.72 -19.76
C LEU D 145 12.88 68.19 -20.34
N SER D 146 13.97 67.54 -19.97
CA SER D 146 15.28 67.89 -20.53
C SER D 146 15.36 67.54 -22.01
N SER D 147 14.76 66.42 -22.41
CA SER D 147 14.79 65.97 -23.80
C SER D 147 13.91 66.83 -24.69
N LEU D 148 12.64 67.01 -24.30
CA LEU D 148 11.74 67.86 -25.07
C LEU D 148 12.17 69.30 -24.89
N GLY D 149 12.83 69.85 -25.92
CA GLY D 149 13.32 71.21 -25.86
C GLY D 149 12.23 72.20 -26.20
N CYS D 150 11.98 73.14 -25.29
CA CYS D 150 10.99 74.19 -25.48
C CYS D 150 11.65 75.52 -25.14
N GLU D 151 10.87 76.59 -25.27
CA GLU D 151 11.38 77.95 -25.04
C GLU D 151 10.70 78.61 -23.85
N ASP D 152 9.37 78.62 -23.81
CA ASP D 152 8.62 79.22 -22.72
C ASP D 152 7.70 78.18 -22.11
N VAL D 153 7.19 78.50 -20.91
CA VAL D 153 6.31 77.57 -20.20
C VAL D 153 5.07 77.27 -21.02
N ASP D 154 4.59 78.24 -21.79
CA ASP D 154 3.41 77.99 -22.62
C ASP D 154 3.67 76.88 -23.62
N GLU D 155 4.82 76.92 -24.30
CA GLU D 155 5.16 75.86 -25.24
C GLU D 155 5.28 74.52 -24.53
N ALA D 156 5.91 74.50 -23.35
CA ALA D 156 6.07 73.25 -22.62
C ALA D 156 4.73 72.65 -22.26
N ILE D 157 3.80 73.47 -21.74
CA ILE D 157 2.49 72.94 -21.35
C ILE D 157 1.68 72.53 -22.58
N THR D 158 1.77 73.27 -23.68
CA THR D 158 1.02 72.90 -24.87
C THR D 158 1.57 71.63 -25.51
N LEU D 159 2.88 71.40 -25.41
CA LEU D 159 3.50 70.20 -25.97
C LEU D 159 3.67 69.09 -24.93
N ILE D 160 3.46 69.38 -23.65
CA ILE D 160 3.61 68.38 -22.60
C ILE D 160 2.36 68.41 -21.73
N PRO D 161 1.27 67.77 -22.15
CA PRO D 161 0.04 67.76 -21.34
C PRO D 161 0.12 66.88 -20.10
N SER D 162 1.18 66.09 -19.94
CA SER D 162 1.36 65.28 -18.74
C SER D 162 1.65 66.13 -17.51
N LEU D 163 1.98 67.41 -17.68
CA LEU D 163 2.34 68.30 -16.59
C LEU D 163 1.37 69.47 -16.54
N ALA D 164 0.07 69.17 -16.69
CA ALA D 164 -0.94 70.21 -16.64
C ALA D 164 -0.97 70.89 -15.27
N ALA D 165 -0.87 70.10 -14.20
CA ALA D 165 -0.89 70.64 -12.85
C ALA D 165 0.02 69.80 -11.96
N LYS D 166 0.99 70.47 -11.32
CA LYS D 166 1.88 69.82 -10.38
C LYS D 166 2.08 70.63 -9.11
N LYS D 167 1.45 71.79 -8.98
CA LYS D 167 1.55 72.65 -7.80
C LYS D 167 2.96 73.18 -7.61
N GLU D 168 3.82 73.00 -8.62
CA GLU D 168 5.14 73.61 -8.61
C GLU D 168 5.59 73.70 -10.06
N VAL D 169 5.46 74.89 -10.65
CA VAL D 169 5.82 75.07 -12.05
C VAL D 169 7.34 75.09 -12.12
N ASN D 170 7.96 76.13 -11.56
CA ASN D 170 9.42 76.24 -11.52
C ASN D 170 10.04 76.02 -12.89
N LEU D 171 9.22 76.15 -13.95
CA LEU D 171 9.61 75.73 -15.28
C LEU D 171 10.09 76.87 -16.15
N GLN D 172 9.65 78.09 -15.88
CA GLN D 172 10.17 79.24 -16.63
C GLN D 172 11.67 79.40 -16.39
N ARG D 173 12.12 79.22 -15.15
CA ARG D 173 13.55 79.28 -14.86
C ARG D 173 14.30 78.19 -15.61
N ILE D 174 13.76 76.97 -15.62
CA ILE D 174 14.42 75.85 -16.28
C ILE D 174 14.54 76.14 -17.78
N LEU D 175 13.47 76.62 -18.40
CA LEU D 175 13.54 76.90 -19.83
C LEU D 175 14.46 78.08 -20.12
N ASP D 176 14.49 79.08 -19.25
CA ASP D 176 15.41 80.20 -19.46
C ASP D 176 16.84 79.74 -19.43
N GLU D 177 17.20 78.93 -18.43
CA GLU D 177 18.57 78.43 -18.35
C GLU D 177 18.90 77.48 -19.50
N LEU D 178 17.93 76.65 -19.92
CA LEU D 178 18.15 75.80 -21.08
C LEU D 178 18.41 76.62 -22.33
N ASN D 179 17.60 77.66 -22.56
CA ASN D 179 17.78 78.51 -23.72
C ASN D 179 19.13 79.22 -23.65
N ARG D 180 19.53 79.67 -22.46
CA ARG D 180 20.89 80.16 -22.28
C ARG D 180 21.90 79.12 -22.70
N LEU D 181 21.60 77.84 -22.48
CA LEU D 181 22.51 76.76 -22.86
C LEU D 181 22.33 76.29 -24.30
N GLU D 182 21.21 76.63 -24.95
CA GLU D 182 21.06 76.29 -26.36
C GLU D 182 22.23 76.88 -27.16
N ASP D 183 23.03 75.99 -27.75
CA ASP D 183 24.19 76.42 -28.49
C ASP D 183 23.76 77.24 -29.71
N PRO D 184 24.54 78.26 -30.08
CA PRO D 184 24.18 79.07 -31.24
C PRO D 184 24.19 78.26 -32.52
N TYR D 185 23.34 78.65 -33.47
CA TYR D 185 23.24 77.97 -34.76
C TYR D 185 22.48 78.82 -35.76
N GLU E 2 -7.30 -4.34 50.63
CA GLU E 2 -8.60 -4.51 49.93
C GLU E 2 -8.80 -3.40 48.91
N ASP E 3 -10.05 -3.22 48.46
CA ASP E 3 -10.32 -2.18 47.48
C ASP E 3 -9.84 -0.82 47.97
N ASN E 4 -10.10 -0.50 49.24
CA ASN E 4 -9.56 0.74 49.80
C ASN E 4 -8.05 0.82 49.64
N ASN E 5 -7.35 -0.29 49.93
CA ASN E 5 -5.90 -0.27 49.88
C ASN E 5 -5.40 -0.01 48.47
N ARG E 6 -5.94 -0.72 47.49
CA ARG E 6 -5.53 -0.49 46.11
C ARG E 6 -5.88 0.93 45.68
N ILE E 7 -7.04 1.44 46.10
CA ILE E 7 -7.43 2.79 45.72
C ILE E 7 -6.42 3.79 46.27
N ILE E 8 -6.03 3.63 47.53
CA ILE E 8 -5.07 4.55 48.13
C ILE E 8 -3.72 4.43 47.45
N SER E 9 -3.29 3.21 47.15
CA SER E 9 -2.00 3.04 46.49
C SER E 9 -2.02 3.67 45.10
N ARG E 10 -3.10 3.46 44.35
CA ARG E 10 -3.25 4.11 43.06
C ARG E 10 -3.20 5.63 43.19
N LEU E 11 -3.95 6.16 44.15
CA LEU E 11 -4.00 7.61 44.32
C LEU E 11 -2.62 8.15 44.68
N TRP E 12 -1.91 7.46 45.56
CA TRP E 12 -0.55 7.87 45.90
C TRP E 12 0.35 7.82 44.67
N ARG E 13 0.28 6.74 43.91
CA ARG E 13 1.14 6.62 42.73
C ARG E 13 0.83 7.72 41.73
N SER E 14 -0.45 8.03 41.52
CA SER E 14 -0.82 9.09 40.60
C SER E 14 -0.34 10.44 41.12
N PHE E 15 -0.46 10.67 42.43
CA PHE E 15 0.07 11.89 43.02
C PHE E 15 1.57 12.00 42.75
N ARG E 16 2.31 10.92 43.00
CA ARG E 16 3.73 10.91 42.74
C ARG E 16 4.02 11.17 41.27
N THR E 17 3.26 10.53 40.39
CA THR E 17 3.48 10.67 38.96
C THR E 17 3.27 12.11 38.51
N VAL E 18 2.20 12.74 38.99
CA VAL E 18 1.93 14.12 38.60
C VAL E 18 2.99 15.04 39.19
N LYS E 19 3.43 14.76 40.42
CA LYS E 19 4.50 15.57 41.01
C LYS E 19 5.78 15.47 40.20
N GLU E 20 6.15 14.25 39.80
CA GLU E 20 7.31 14.08 38.94
C GLU E 20 7.13 14.81 37.61
N MET E 21 6.00 14.58 36.95
CA MET E 21 5.65 15.34 35.75
C MET E 21 5.93 16.82 35.93
N ALA E 22 5.39 17.42 36.98
CA ALA E 22 5.58 18.85 37.21
C ALA E 22 7.06 19.18 37.37
N ALA E 23 7.76 18.40 38.20
CA ALA E 23 9.19 18.63 38.37
C ALA E 23 9.92 18.59 37.03
N ASP E 24 9.41 17.78 36.11
CA ASP E 24 10.11 17.51 34.87
C ASP E 24 10.05 18.69 33.91
N ARG E 25 8.95 19.43 33.92
CA ARG E 25 8.71 20.46 32.92
C ARG E 25 9.39 21.79 33.24
N GLY E 26 10.28 21.82 34.22
CA GLY E 26 10.93 23.04 34.63
C GLY E 26 10.30 23.70 35.84
N TYR E 27 9.34 23.06 36.49
CA TYR E 27 8.73 23.59 37.69
C TYR E 27 9.38 22.95 38.91
N PHE E 28 9.65 23.76 39.93
CA PHE E 28 10.33 23.25 41.10
C PHE E 28 9.31 22.86 42.17
N ILE E 29 9.69 21.93 43.03
CA ILE E 29 8.86 21.47 44.14
C ILE E 29 9.75 21.10 45.30
N SER E 30 9.20 21.19 46.51
CA SER E 30 9.90 20.68 47.69
C SER E 30 10.26 19.21 47.45
N GLN E 31 11.53 18.88 47.62
CA GLN E 31 11.98 17.54 47.26
C GLN E 31 11.28 16.47 48.09
N GLU E 32 11.17 16.68 49.40
CA GLU E 32 10.48 15.68 50.22
C GLU E 32 9.12 15.35 49.62
N GLU E 33 8.41 16.36 49.12
CA GLU E 33 7.14 16.11 48.47
C GLU E 33 7.29 15.08 47.36
N MET E 34 8.46 15.05 46.71
CA MET E 34 8.76 13.91 45.84
C MET E 34 8.82 12.63 46.67
N ASP E 35 9.49 12.69 47.82
CA ASP E 35 9.71 11.54 48.70
C ASP E 35 8.50 11.24 49.56
N GLN E 36 7.36 11.86 49.28
CA GLN E 36 6.19 11.66 50.13
C GLN E 36 5.71 10.22 49.95
N SER E 37 6.10 9.35 50.86
CA SER E 37 5.85 7.93 50.75
C SER E 37 4.35 7.63 50.74
N LEU E 38 4.03 6.37 50.43
CA LEU E 38 2.63 5.98 50.29
C LEU E 38 1.87 6.12 51.60
N GLU E 39 2.50 5.77 52.72
CA GLU E 39 1.78 5.75 53.99
C GLU E 39 1.54 7.16 54.54
N GLU E 40 2.51 8.06 54.38
CA GLU E 40 2.28 9.43 54.81
C GLU E 40 1.16 10.06 53.98
N PHE E 41 1.16 9.82 52.68
CA PHE E 41 0.06 10.27 51.83
C PHE E 41 -1.26 9.69 52.30
N ARG E 42 -1.30 8.37 52.49
CA ARG E 42 -2.45 7.70 53.07
C ARG E 42 -3.00 8.46 54.26
N SER E 43 -2.17 8.64 55.29
CA SER E 43 -2.63 9.29 56.51
C SER E 43 -3.08 10.72 56.23
N LYS E 44 -2.32 11.45 55.42
CA LYS E 44 -2.58 12.89 55.24
C LYS E 44 -3.90 13.14 54.52
N ILE E 45 -4.12 12.50 53.38
CA ILE E 45 -5.26 12.81 52.53
C ILE E 45 -6.47 11.95 52.87
N CYS E 46 -6.25 10.65 53.05
CA CYS E 46 -7.37 9.75 53.31
C CYS E 46 -8.00 10.07 54.66
N ASP E 47 -9.32 9.94 54.72
CA ASP E 47 -10.06 10.23 55.93
C ASP E 47 -9.93 9.06 56.89
N SER E 48 -10.70 9.08 57.98
CA SER E 48 -10.61 8.01 58.97
C SER E 48 -10.94 6.66 58.35
N MET E 49 -12.09 6.56 57.68
CA MET E 49 -12.40 5.34 56.94
C MET E 49 -11.49 5.17 55.73
N GLY E 50 -10.79 6.23 55.33
CA GLY E 50 -9.92 6.20 54.18
C GLY E 50 -10.46 6.91 52.96
N ASN E 51 -11.55 7.65 53.08
CA ASN E 51 -12.13 8.31 51.93
C ASN E 51 -11.13 9.30 51.33
N PRO E 52 -10.87 9.25 50.03
CA PRO E 52 -9.94 10.20 49.42
C PRO E 52 -10.49 11.61 49.44
N GLN E 53 -9.57 12.57 49.47
CA GLN E 53 -9.91 13.98 49.51
C GLN E 53 -9.21 14.66 48.34
N ARG E 54 -9.89 14.68 47.19
CA ARG E 54 -9.31 15.31 46.01
C ARG E 54 -9.02 16.78 46.27
N LYS E 55 -9.93 17.45 46.98
CA LYS E 55 -9.71 18.84 47.37
C LYS E 55 -8.43 19.02 48.18
N LEU E 56 -8.10 18.07 49.05
CA LEU E 56 -6.92 18.16 49.88
C LEU E 56 -5.62 17.95 49.10
N MET E 57 -5.71 17.57 47.83
CA MET E 57 -4.53 17.22 47.06
C MET E 57 -4.22 18.22 45.96
N SER E 58 -5.12 19.15 45.69
CA SER E 58 -4.83 20.22 44.76
C SER E 58 -3.78 21.14 45.34
N PHE E 59 -2.90 21.65 44.48
CA PHE E 59 -1.79 22.48 44.94
C PHE E 59 -1.17 23.19 43.75
N LEU E 60 -0.10 23.93 44.02
CA LEU E 60 0.56 24.76 43.04
C LEU E 60 2.00 24.28 42.87
N ALA E 61 2.55 24.53 41.68
CA ALA E 61 3.95 24.30 41.41
C ALA E 61 4.56 25.59 40.86
N ASN E 62 5.83 25.80 41.17
CA ASN E 62 6.52 27.02 40.76
C ASN E 62 7.59 26.69 39.73
N PRO E 63 7.82 27.59 38.77
CA PRO E 63 8.89 27.36 37.80
C PRO E 63 10.25 27.39 38.46
N THR E 64 11.15 26.50 38.01
CA THR E 64 12.51 26.58 38.48
C THR E 64 13.20 27.81 37.90
N PRO E 65 14.16 28.40 38.63
CA PRO E 65 14.89 29.53 38.06
C PRO E 65 15.61 29.18 36.77
N GLU E 66 16.11 27.95 36.67
CA GLU E 66 16.84 27.55 35.47
C GLU E 66 15.91 27.46 34.27
N ALA E 67 14.77 26.78 34.44
CA ALA E 67 13.80 26.72 33.36
C ALA E 67 13.27 28.11 33.02
N LEU E 68 13.15 28.97 34.03
CA LEU E 68 12.78 30.36 33.75
C LEU E 68 13.78 31.03 32.83
N GLU E 69 15.05 31.11 33.26
CA GLU E 69 16.06 31.76 32.44
C GLU E 69 16.21 31.10 31.07
N LYS E 70 15.91 29.81 30.96
CA LYS E 70 15.91 29.17 29.65
C LYS E 70 14.55 29.31 28.95
N TYR E 71 13.49 28.81 29.58
CA TYR E 71 12.15 28.91 29.04
C TYR E 71 11.48 30.14 29.67
N SER E 72 11.46 31.24 28.91
CA SER E 72 11.10 32.53 29.48
C SER E 72 9.68 32.57 30.01
N ASP E 73 8.71 32.09 29.23
CA ASP E 73 7.30 32.24 29.55
C ASP E 73 6.82 31.18 30.55
N LEU E 74 7.74 30.51 31.23
CA LEU E 74 7.37 29.50 32.22
C LEU E 74 6.78 30.20 33.43
N GLY E 75 5.46 30.15 33.56
CA GLY E 75 4.76 30.79 34.66
C GLY E 75 4.60 29.87 35.85
N THR E 76 3.51 30.05 36.58
CA THR E 76 3.16 29.21 37.71
C THR E 76 2.25 28.07 37.24
N LEU E 77 2.03 27.12 38.14
CA LEU E 77 1.25 25.93 37.84
C LEU E 77 0.38 25.55 39.01
N TRP E 78 -0.90 25.30 38.72
CA TRP E 78 -1.86 24.80 39.68
C TRP E 78 -2.37 23.44 39.21
N VAL E 79 -2.68 22.58 40.17
CA VAL E 79 -3.24 21.26 39.88
C VAL E 79 -4.46 21.05 40.76
N GLU E 80 -5.52 20.50 40.16
CA GLU E 80 -6.73 20.21 40.90
C GLU E 80 -7.17 18.79 40.57
N PHE E 81 -7.64 18.08 41.60
CA PHE E 81 -8.17 16.73 41.45
C PHE E 81 -9.69 16.82 41.62
N CYS E 82 -10.42 16.26 40.66
CA CYS E 82 -11.87 16.41 40.65
C CYS E 82 -12.51 15.56 41.75
N ASP E 83 -13.29 16.22 42.61
CA ASP E 83 -14.09 15.49 43.59
C ASP E 83 -15.09 14.57 42.90
N GLU E 84 -15.78 15.10 41.90
CA GLU E 84 -16.85 14.36 41.23
C GLU E 84 -16.25 13.31 40.30
N PRO E 85 -16.63 12.04 40.42
CA PRO E 85 -16.18 11.06 39.42
C PRO E 85 -16.65 11.38 38.02
N SER E 86 -17.82 12.02 37.89
CA SER E 86 -18.35 12.43 36.59
C SER E 86 -18.33 13.95 36.50
N VAL E 87 -17.93 14.46 35.34
CA VAL E 87 -17.72 15.90 35.16
C VAL E 87 -19.06 16.56 34.84
N GLY E 88 -19.38 17.62 35.59
CA GLY E 88 -20.50 18.48 35.27
C GLY E 88 -20.02 19.80 34.72
N ILE E 89 -20.79 20.37 33.79
CA ILE E 89 -20.40 21.64 33.18
C ILE E 89 -20.16 22.69 34.25
N LYS E 90 -20.98 22.67 35.31
CA LYS E 90 -20.73 23.54 36.44
C LYS E 90 -19.32 23.35 36.98
N THR E 91 -18.86 22.09 37.03
CA THR E 91 -17.53 21.82 37.54
C THR E 91 -16.47 22.52 36.69
N MET E 92 -16.55 22.38 35.37
CA MET E 92 -15.54 22.99 34.52
C MET E 92 -15.61 24.50 34.61
N ARG E 93 -16.82 25.07 34.62
CA ARG E 93 -16.93 26.51 34.68
C ARG E 93 -16.36 27.05 35.98
N ASN E 94 -16.64 26.37 37.09
CA ASN E 94 -16.04 26.74 38.36
C ASN E 94 -14.53 26.65 38.29
N PHE E 95 -14.00 25.59 37.67
CA PHE E 95 -12.55 25.45 37.55
C PHE E 95 -11.95 26.57 36.72
N CYS E 96 -12.57 26.89 35.59
CA CYS E 96 -12.05 27.95 34.73
C CYS E 96 -12.09 29.30 35.43
N LEU E 97 -13.20 29.60 36.09
CA LEU E 97 -13.32 30.87 36.82
C LEU E 97 -12.31 30.93 37.97
N ARG E 98 -12.10 29.81 38.66
CA ARG E 98 -11.16 29.79 39.77
C ARG E 98 -9.72 29.94 39.27
N ILE E 99 -9.41 29.36 38.11
CA ILE E 99 -8.08 29.54 37.55
C ILE E 99 -7.89 31.00 37.15
N GLN E 100 -8.88 31.59 36.49
CA GLN E 100 -8.76 32.96 36.01
C GLN E 100 -8.66 33.94 37.19
N GLU E 101 -9.44 33.70 38.25
CA GLU E 101 -9.38 34.56 39.42
C GLU E 101 -8.09 34.37 40.20
N LYS E 102 -7.59 33.13 40.29
CA LYS E 102 -6.31 32.87 40.90
C LYS E 102 -5.15 33.19 39.95
N ASN E 103 -5.45 33.46 38.69
CA ASN E 103 -4.44 33.84 37.69
C ASN E 103 -3.29 32.84 37.68
N PHE E 104 -3.66 31.56 37.68
CA PHE E 104 -2.71 30.46 37.59
C PHE E 104 -2.26 30.31 36.15
N SER E 105 -0.98 30.57 35.89
CA SER E 105 -0.47 30.49 34.53
C SER E 105 -0.76 29.12 33.93
N THR E 106 -0.71 28.07 34.73
CA THR E 106 -1.07 26.72 34.31
C THR E 106 -2.00 26.11 35.33
N GLY E 107 -3.14 25.62 34.87
CA GLY E 107 -4.10 24.93 35.72
C GLY E 107 -4.36 23.54 35.16
N ILE E 108 -4.35 22.54 36.04
CA ILE E 108 -4.44 21.15 35.63
C ILE E 108 -5.59 20.50 36.39
N PHE E 109 -6.43 19.77 35.66
CA PHE E 109 -7.61 19.11 36.21
C PHE E 109 -7.47 17.61 36.05
N ILE E 110 -7.77 16.86 37.11
CA ILE E 110 -7.63 15.42 37.12
C ILE E 110 -8.96 14.83 37.54
N TYR E 111 -9.42 13.82 36.80
CA TYR E 111 -10.78 13.31 36.89
C TYR E 111 -10.75 11.79 37.02
N GLN E 112 -11.91 11.19 37.28
CA GLN E 112 -12.01 9.77 37.58
C GLN E 112 -12.65 8.94 36.49
N ASN E 113 -13.73 9.41 35.88
CA ASN E 113 -14.45 8.64 34.87
C ASN E 113 -14.27 9.22 33.47
N ASN E 114 -14.59 10.47 33.26
CA ASN E 114 -14.55 11.07 31.91
C ASN E 114 -14.59 12.58 32.06
N ILE E 115 -14.71 13.26 30.92
CA ILE E 115 -14.89 14.70 30.86
C ILE E 115 -16.03 15.00 29.90
N THR E 116 -17.03 15.72 30.37
CA THR E 116 -18.21 15.95 29.57
C THR E 116 -17.84 16.70 28.29
N PRO E 117 -18.43 16.35 27.14
CA PRO E 117 -17.94 16.90 25.87
C PRO E 117 -18.08 18.41 25.75
N SER E 118 -19.30 18.93 25.94
CA SER E 118 -19.50 20.36 25.77
C SER E 118 -18.60 21.18 26.67
N ALA E 119 -18.20 20.64 27.82
CA ALA E 119 -17.16 21.29 28.61
C ALA E 119 -15.87 21.43 27.82
N ASN E 120 -15.47 20.39 27.09
CA ASN E 120 -14.22 20.39 26.36
C ASN E 120 -14.20 21.43 25.24
N LYS E 121 -15.37 21.90 24.81
CA LYS E 121 -15.41 22.90 23.75
C LYS E 121 -14.75 24.20 24.20
N MET E 122 -15.03 24.65 25.43
CA MET E 122 -14.57 25.95 25.89
C MET E 122 -13.22 25.90 26.60
N ILE E 123 -12.67 24.70 26.84
CA ILE E 123 -11.36 24.62 27.51
C ILE E 123 -10.31 25.47 26.80
N PRO E 124 -10.25 25.50 25.47
CA PRO E 124 -9.28 26.40 24.81
C PRO E 124 -9.71 27.86 24.85
N THR E 125 -10.79 28.16 25.58
CA THR E 125 -11.29 29.52 25.67
C THR E 125 -11.19 30.05 27.09
N VAL E 126 -10.07 29.77 27.75
CA VAL E 126 -9.83 30.25 29.11
C VAL E 126 -8.56 31.08 29.10
N SER E 127 -8.29 31.74 27.98
CA SER E 127 -7.07 32.51 27.85
C SER E 127 -7.08 33.66 28.86
N PRO E 128 -5.90 34.14 29.30
CA PRO E 128 -4.57 33.65 28.88
C PRO E 128 -4.14 32.38 29.60
N ALA E 129 -4.88 32.00 30.64
CA ALA E 129 -4.56 30.79 31.38
C ALA E 129 -4.65 29.58 30.48
N ILE E 130 -3.76 28.60 30.70
CA ILE E 130 -3.69 27.39 29.91
C ILE E 130 -4.15 26.23 30.78
N ILE E 131 -5.07 25.43 30.26
CA ILE E 131 -5.72 24.37 31.03
C ILE E 131 -5.43 23.03 30.36
N GLU E 132 -4.98 22.07 31.17
CA GLU E 132 -4.80 20.68 30.74
C GLU E 132 -5.47 19.78 31.76
N THR E 133 -5.78 18.56 31.36
CA THR E 133 -6.35 17.59 32.28
C THR E 133 -5.94 16.18 31.89
N PHE E 134 -5.71 15.34 32.89
CA PHE E 134 -5.37 13.93 32.70
C PHE E 134 -6.28 13.11 33.58
N GLN E 135 -6.80 12.01 33.04
CA GLN E 135 -7.69 11.15 33.81
C GLN E 135 -6.97 10.56 35.01
N GLU E 136 -7.74 10.21 36.04
CA GLU E 136 -7.19 9.48 37.17
C GLU E 136 -6.29 8.33 36.69
N SER E 137 -6.86 7.44 35.87
CA SER E 137 -6.07 6.31 35.39
C SER E 137 -5.04 6.73 34.36
N ASP E 138 -5.13 7.97 33.85
CA ASP E 138 -4.23 8.43 32.81
C ASP E 138 -2.77 8.39 33.22
N LEU E 139 -2.47 8.43 34.51
CA LEU E 139 -1.09 8.59 34.98
C LEU E 139 -0.76 7.65 36.14
N VAL E 140 -1.42 6.51 36.23
CA VAL E 140 -1.11 5.57 37.30
C VAL E 140 0.34 5.11 37.20
N VAL E 141 0.79 4.79 35.98
CA VAL E 141 2.18 4.47 35.71
C VAL E 141 2.79 5.60 34.90
N ASN E 142 4.09 5.81 35.08
CA ASN E 142 4.79 6.84 34.33
C ASN E 142 5.31 6.23 33.03
N ILE E 143 4.86 6.78 31.90
CA ILE E 143 5.37 6.31 30.62
C ILE E 143 6.86 6.61 30.50
N THR E 144 7.30 7.79 30.94
CA THR E 144 8.70 8.14 30.86
C THR E 144 9.58 7.19 31.68
N HIS E 145 9.01 6.47 32.63
CA HIS E 145 9.76 5.47 33.38
C HIS E 145 9.87 4.14 32.65
N HIS E 146 9.30 4.02 31.46
CA HIS E 146 9.38 2.75 30.74
C HIS E 146 10.68 2.66 29.97
N GLU E 147 11.14 1.41 29.78
CA GLU E 147 12.41 1.20 29.11
C GLU E 147 12.44 1.83 27.72
N LEU E 148 11.44 1.53 26.88
CA LEU E 148 11.49 1.97 25.50
C LEU E 148 11.62 3.47 25.39
N VAL E 149 11.11 4.22 26.37
CA VAL E 149 11.10 5.67 26.30
C VAL E 149 12.52 6.20 26.47
N PRO E 150 13.07 6.92 25.48
CA PRO E 150 14.26 7.73 25.76
C PRO E 150 13.84 9.06 26.37
N LYS E 151 14.79 9.97 26.57
CA LYS E 151 14.46 11.26 27.15
C LYS E 151 14.11 12.25 26.05
N HIS E 152 13.00 12.96 26.24
CA HIS E 152 12.51 13.94 25.28
C HIS E 152 12.53 15.30 25.96
N ILE E 153 13.32 16.22 25.41
CA ILE E 153 13.61 17.49 26.06
C ILE E 153 13.18 18.62 25.14
N ARG E 154 12.39 19.55 25.68
CA ARG E 154 11.97 20.71 24.91
C ARG E 154 13.12 21.69 24.74
N LEU E 155 13.29 22.18 23.52
CA LEU E 155 14.30 23.17 23.21
C LEU E 155 13.79 24.57 23.56
N SER E 156 14.64 25.34 24.21
CA SER E 156 14.42 26.78 24.24
C SER E 156 14.35 27.30 22.80
N ASP E 157 13.63 28.41 22.63
CA ASP E 157 13.45 28.95 21.30
C ASP E 157 14.79 29.28 20.65
N GLY E 158 15.76 29.73 21.43
CA GLY E 158 17.07 30.00 20.87
C GLY E 158 17.69 28.76 20.25
N GLU E 159 17.60 27.63 20.95
CA GLU E 159 18.13 26.39 20.40
C GLU E 159 17.44 26.01 19.12
N LYS E 160 16.11 26.13 19.08
CA LYS E 160 15.36 25.78 17.88
C LYS E 160 15.75 26.66 16.71
N SER E 161 15.84 27.97 16.94
CA SER E 161 16.24 28.88 15.87
C SER E 161 17.64 28.57 15.38
N GLN E 162 18.56 28.32 16.31
CA GLN E 162 19.92 27.96 15.92
C GLN E 162 19.92 26.69 15.10
N LEU E 163 19.13 25.70 15.51
CA LEU E 163 19.06 24.43 14.78
C LEU E 163 18.56 24.66 13.36
N LEU E 164 17.50 25.46 13.21
CA LEU E 164 16.99 25.75 11.88
C LEU E 164 18.03 26.48 11.03
N GLN E 165 18.65 27.51 11.59
CA GLN E 165 19.69 28.22 10.86
C GLN E 165 20.77 27.27 10.38
N ARG E 166 21.26 26.41 11.28
CA ARG E 166 22.26 25.42 10.89
C ARG E 166 21.75 24.58 9.73
N TYR E 167 20.51 24.10 9.83
CA TYR E 167 19.96 23.21 8.83
C TYR E 167 19.30 23.96 7.68
N LYS E 168 19.17 25.28 7.78
CA LYS E 168 18.63 26.09 6.68
C LYS E 168 17.28 25.53 6.24
N LEU E 169 16.49 25.14 7.23
CA LEU E 169 15.27 24.36 7.03
C LEU E 169 14.04 25.27 7.14
N LYS E 170 12.88 24.63 7.11
CA LYS E 170 11.61 25.26 7.42
C LYS E 170 10.93 24.45 8.51
N GLU E 171 10.19 25.14 9.37
CA GLU E 171 9.63 24.49 10.55
C GLU E 171 8.91 23.20 10.19
N SER E 172 8.04 23.27 9.18
CA SER E 172 7.32 22.08 8.72
C SER E 172 8.24 20.96 8.30
N GLN E 173 9.34 21.27 7.61
CA GLN E 173 10.26 20.25 7.13
C GLN E 173 10.80 19.35 8.23
N LEU E 174 10.67 19.76 9.49
CA LEU E 174 11.20 19.01 10.60
C LEU E 174 10.38 17.74 10.85
N PRO E 175 10.97 16.74 11.51
CA PRO E 175 10.16 15.63 12.01
C PRO E 175 9.12 16.16 12.98
N ARG E 176 7.96 15.53 12.98
CA ARG E 176 6.78 16.06 13.66
C ARG E 176 6.29 15.11 14.72
N ILE E 177 5.92 15.65 15.88
CA ILE E 177 5.30 14.90 16.96
C ILE E 177 3.94 15.52 17.26
N GLN E 178 2.99 14.67 17.64
CA GLN E 178 1.63 15.13 17.92
C GLN E 178 1.57 15.85 19.25
N ARG E 179 0.78 16.92 19.31
CA ARG E 179 0.46 17.51 20.60
C ARG E 179 -0.28 16.53 21.50
N GLU E 180 -1.25 15.81 20.93
CA GLU E 180 -1.99 14.78 21.64
C GLU E 180 -1.13 13.55 21.96
N ASP E 181 0.06 13.47 21.38
CA ASP E 181 0.95 12.37 21.72
C ASP E 181 1.18 12.34 23.23
N PRO E 182 1.06 11.17 23.87
CA PRO E 182 1.23 11.15 25.34
C PRO E 182 2.48 11.86 25.82
N VAL E 183 3.55 11.84 25.02
CA VAL E 183 4.76 12.56 25.39
C VAL E 183 4.52 14.07 25.35
N ALA E 184 3.89 14.56 24.28
CA ALA E 184 3.59 15.98 24.20
C ALA E 184 2.64 16.41 25.32
N ARG E 185 1.64 15.58 25.62
CA ARG E 185 0.78 15.85 26.77
C ARG E 185 1.58 15.90 28.06
N TYR E 186 2.50 14.96 28.25
CA TYR E 186 3.31 14.96 29.46
C TYR E 186 4.13 16.24 29.58
N LEU E 187 4.76 16.66 28.49
CA LEU E 187 5.39 17.98 28.43
C LEU E 187 4.37 19.09 28.16
N GLY E 188 3.12 18.74 27.91
CA GLY E 188 2.13 19.75 27.55
C GLY E 188 2.59 20.61 26.41
N LEU E 189 3.23 19.99 25.41
CA LEU E 189 3.82 20.75 24.33
C LEU E 189 2.72 21.43 23.51
N LYS E 190 3.15 22.23 22.54
CA LYS E 190 2.24 23.08 21.79
C LYS E 190 2.77 23.26 20.37
N ARG E 191 2.08 24.11 19.62
CA ARG E 191 2.41 24.29 18.22
C ARG E 191 3.83 24.82 18.05
N GLY E 192 4.52 24.33 17.01
CA GLY E 192 5.82 24.81 16.63
C GLY E 192 6.95 24.43 17.57
N GLN E 193 6.65 23.93 18.77
CA GLN E 193 7.70 23.58 19.71
C GLN E 193 8.53 22.42 19.18
N VAL E 194 9.83 22.47 19.45
CA VAL E 194 10.77 21.45 19.02
C VAL E 194 11.49 20.91 20.25
N VAL E 195 11.49 19.58 20.39
CA VAL E 195 12.15 18.91 21.50
C VAL E 195 13.35 18.13 20.98
N LYS E 196 14.26 17.81 21.88
CA LYS E 196 15.43 17.01 21.55
C LYS E 196 15.21 15.61 22.11
N ILE E 197 15.51 14.60 21.31
CA ILE E 197 15.31 13.22 21.69
C ILE E 197 16.62 12.48 21.44
N ILE E 198 17.32 12.16 22.51
CA ILE E 198 18.56 11.39 22.44
C ILE E 198 18.19 9.92 22.40
N ARG E 199 18.56 9.26 21.31
CA ARG E 199 18.23 7.86 21.10
C ARG E 199 19.53 7.06 21.09
N ARG E 200 19.57 6.00 21.88
CA ARG E 200 20.73 5.12 21.86
C ARG E 200 20.95 4.60 20.46
N SER E 201 22.19 4.66 20.00
CA SER E 201 22.55 4.27 18.65
C SER E 201 23.48 3.08 18.67
N GLU E 202 23.08 2.04 17.95
CA GLU E 202 23.94 0.87 17.73
C GLU E 202 24.81 1.03 16.49
N THR E 203 24.62 2.11 15.73
CA THR E 203 25.54 2.46 14.65
C THR E 203 26.36 3.70 14.96
N SER E 204 26.00 4.47 15.99
CA SER E 204 26.77 5.64 16.37
C SER E 204 26.90 5.82 17.88
N GLY E 205 26.38 4.91 18.70
CA GLY E 205 26.46 5.07 20.14
C GLY E 205 25.38 5.98 20.68
N ARG E 206 25.19 7.15 20.06
CA ARG E 206 24.27 8.17 20.56
C ARG E 206 23.67 8.93 19.38
N TYR E 207 22.46 8.55 18.97
CA TYR E 207 21.71 9.25 17.93
C TYR E 207 20.64 10.10 18.60
N ALA E 208 20.75 11.41 18.45
CA ALA E 208 19.78 12.35 19.00
C ALA E 208 18.97 12.96 17.87
N SER E 209 17.65 13.00 18.05
CA SER E 209 16.75 13.51 17.03
C SER E 209 15.79 14.51 17.64
N TYR E 210 15.17 15.30 16.77
CA TYR E 210 14.23 16.34 17.13
C TYR E 210 12.91 16.06 16.42
N ARG E 211 11.82 16.52 17.02
CA ARG E 211 10.52 16.51 16.36
C ARG E 211 9.87 17.86 16.58
N ILE E 212 9.03 18.27 15.62
CA ILE E 212 8.33 19.54 15.70
C ILE E 212 6.90 19.27 16.09
N CYS E 213 6.49 19.87 17.20
CA CYS E 213 5.16 19.63 17.76
C CYS E 213 4.11 20.40 16.97
N LEU E 214 3.03 19.70 16.65
CA LEU E 214 1.98 20.25 15.80
C LEU E 214 0.65 20.30 16.53
N GLU F 71 24.70 35.48 -2.63
CA GLU F 71 23.41 34.98 -2.06
C GLU F 71 23.09 33.59 -2.60
N LEU F 72 23.41 33.36 -3.87
CA LEU F 72 23.16 32.04 -4.47
C LEU F 72 24.33 31.10 -4.27
N ALA F 73 25.55 31.57 -4.54
CA ALA F 73 26.74 30.80 -4.27
C ALA F 73 27.07 30.83 -2.78
N ILE F 74 28.09 30.07 -2.40
CA ILE F 74 28.67 30.11 -1.07
C ILE F 74 30.14 30.43 -1.19
N LEU F 75 30.64 31.29 -0.30
CA LEU F 75 32.01 31.76 -0.42
C LEU F 75 32.99 30.58 -0.37
N LYS F 76 34.16 30.79 -0.98
CA LYS F 76 35.14 29.72 -1.08
C LYS F 76 35.53 29.19 0.30
N GLU F 77 35.44 30.02 1.33
CA GLU F 77 35.96 29.65 2.64
C GLU F 77 35.04 28.66 3.35
N GLU F 78 33.73 28.81 3.19
CA GLU F 78 32.74 27.98 3.87
C GLU F 78 32.30 26.78 3.03
N ARG F 79 33.17 26.26 2.17
CA ARG F 79 32.84 25.05 1.44
C ARG F 79 32.97 23.85 2.36
N THR F 80 31.95 23.64 3.20
CA THR F 80 31.98 22.62 4.23
C THR F 80 31.96 21.21 3.67
N THR F 81 31.66 21.04 2.40
CA THR F 81 31.61 19.72 1.81
C THR F 81 32.98 19.07 1.83
N THR F 82 32.99 17.75 1.81
CA THR F 82 34.23 17.00 1.91
C THR F 82 35.17 17.40 0.78
N PRO F 83 36.48 17.39 0.99
CA PRO F 83 37.40 17.74 -0.09
C PRO F 83 37.62 16.63 -1.10
N TYR F 84 37.11 15.43 -0.84
CA TYR F 84 37.18 14.34 -1.80
C TYR F 84 36.19 14.55 -2.94
N LEU F 85 36.39 13.77 -4.01
CA LEU F 85 35.51 13.77 -5.16
C LEU F 85 34.58 12.57 -5.07
N THR F 86 33.27 12.82 -5.14
CA THR F 86 32.32 11.72 -5.14
C THR F 86 32.47 10.89 -6.41
N LYS F 87 32.27 9.59 -6.27
CA LYS F 87 32.27 8.74 -7.46
C LYS F 87 31.28 9.27 -8.49
N TYR F 88 30.16 9.83 -8.02
CA TYR F 88 29.21 10.45 -8.93
C TYR F 88 29.88 11.57 -9.74
N GLU F 89 30.36 12.60 -9.05
CA GLU F 89 31.03 13.70 -9.72
C GLU F 89 32.27 13.20 -10.46
N ARG F 90 32.98 12.24 -9.89
CA ARG F 90 34.15 11.69 -10.56
C ARG F 90 33.78 11.17 -11.95
N ALA F 91 32.77 10.31 -12.02
CA ALA F 91 32.36 9.74 -13.30
C ALA F 91 31.78 10.81 -14.22
N ARG F 92 31.01 11.74 -13.66
CA ARG F 92 30.48 12.82 -14.49
C ARG F 92 31.62 13.58 -15.14
N ILE F 93 32.65 13.90 -14.37
CA ILE F 93 33.82 14.60 -14.89
C ILE F 93 34.48 13.78 -15.98
N LEU F 94 34.68 12.49 -15.72
CA LEU F 94 35.37 11.64 -16.68
C LEU F 94 34.61 11.60 -18.00
N GLY F 95 33.30 11.38 -17.94
CA GLY F 95 32.51 11.32 -19.14
C GLY F 95 32.49 12.64 -19.88
N THR F 96 32.33 13.74 -19.14
CA THR F 96 32.32 15.06 -19.76
C THR F 96 33.63 15.34 -20.47
N ARG F 97 34.76 15.05 -19.82
CA ARG F 97 36.06 15.28 -20.44
C ARG F 97 36.25 14.39 -21.67
N ALA F 98 35.87 13.12 -21.57
CA ALA F 98 36.01 12.22 -22.71
C ALA F 98 35.19 12.71 -23.89
N LEU F 99 33.95 13.14 -23.64
CA LEU F 99 33.14 13.67 -24.72
C LEU F 99 33.77 14.94 -25.30
N GLN F 100 34.23 15.84 -24.42
CA GLN F 100 34.86 17.08 -24.90
C GLN F 100 36.00 16.77 -25.84
N ILE F 101 36.92 15.93 -25.42
CA ILE F 101 38.08 15.61 -26.27
C ILE F 101 37.62 14.91 -27.54
N SER F 102 36.65 14.00 -27.42
CA SER F 102 36.10 13.36 -28.60
C SER F 102 35.51 14.38 -29.57
N MET F 103 35.14 15.56 -29.07
CA MET F 103 34.71 16.68 -29.89
C MET F 103 35.88 17.54 -30.34
N ASN F 104 37.09 16.98 -30.37
CA ASN F 104 38.27 17.72 -30.79
C ASN F 104 38.63 18.83 -29.81
N ALA F 105 38.19 18.72 -28.56
CA ALA F 105 38.58 19.69 -27.57
C ALA F 105 40.09 19.61 -27.32
N PRO F 106 40.75 20.75 -27.12
CA PRO F 106 42.18 20.72 -26.78
C PRO F 106 42.41 19.91 -25.50
N VAL F 107 43.52 19.19 -25.49
CA VAL F 107 43.81 18.21 -24.45
C VAL F 107 44.81 18.82 -23.48
N LEU F 108 44.47 18.84 -22.20
CA LEU F 108 45.31 19.47 -21.18
C LEU F 108 46.46 18.57 -20.73
N VAL F 109 46.51 17.33 -21.19
CA VAL F 109 47.63 16.43 -21.02
C VAL F 109 48.03 15.92 -22.39
N ASP F 110 49.02 15.02 -22.42
CA ASP F 110 49.50 14.48 -23.67
C ASP F 110 48.77 13.18 -24.01
N ILE F 111 48.67 12.91 -25.31
CA ILE F 111 48.16 11.64 -25.82
C ILE F 111 49.31 10.93 -26.52
N GLU F 112 49.65 9.74 -26.03
CA GLU F 112 50.75 8.96 -26.60
C GLU F 112 50.24 7.92 -27.59
N GLY F 113 49.38 7.02 -27.13
CA GLY F 113 48.73 6.06 -27.99
C GLY F 113 47.29 5.85 -27.57
N GLU F 114 46.84 6.64 -26.59
CA GLU F 114 45.51 6.49 -25.99
C GLU F 114 44.49 7.10 -26.93
N THR F 115 44.37 6.53 -28.13
CA THR F 115 43.48 7.08 -29.14
C THR F 115 42.07 7.29 -28.63
N ASP F 116 41.61 6.48 -27.68
CA ASP F 116 40.26 6.62 -27.18
C ASP F 116 40.14 7.82 -26.24
N PRO F 117 39.02 8.55 -26.27
CA PRO F 117 38.86 9.68 -25.34
C PRO F 117 39.00 9.32 -23.88
N LEU F 118 38.44 8.20 -23.44
CA LEU F 118 38.22 8.00 -22.01
C LEU F 118 39.52 7.85 -21.25
N GLN F 119 40.50 7.15 -21.81
CA GLN F 119 41.79 7.05 -21.14
C GLN F 119 42.45 8.42 -21.01
N ILE F 120 42.31 9.25 -22.04
CA ILE F 120 42.85 10.61 -21.97
C ILE F 120 42.16 11.38 -20.85
N ALA F 121 40.84 11.24 -20.75
CA ALA F 121 40.11 11.94 -19.70
C ALA F 121 40.56 11.47 -18.32
N MET F 122 40.71 10.16 -18.15
CA MET F 122 41.17 9.63 -16.87
C MET F 122 42.57 10.13 -16.53
N LYS F 123 43.44 10.19 -17.53
CA LYS F 123 44.79 10.71 -17.30
C LYS F 123 44.74 12.16 -16.86
N GLU F 124 43.98 12.98 -17.58
CA GLU F 124 43.86 14.39 -17.21
C GLU F 124 43.26 14.54 -15.81
N LEU F 125 42.38 13.63 -15.42
CA LEU F 125 41.83 13.66 -14.08
C LEU F 125 42.88 13.32 -13.03
N SER F 126 43.62 12.22 -13.24
CA SER F 126 44.66 11.85 -12.29
C SER F 126 45.67 12.97 -12.11
N GLN F 127 46.08 13.60 -13.21
CA GLN F 127 46.89 14.81 -13.15
C GLN F 127 46.11 16.00 -12.62
N ARG F 128 44.79 15.87 -12.46
CA ARG F 128 43.96 16.95 -11.94
C ARG F 128 44.01 18.17 -12.85
N LYS F 129 44.14 17.92 -14.15
CA LYS F 129 44.26 18.98 -15.13
C LYS F 129 42.95 19.15 -15.89
N ILE F 130 41.82 18.96 -15.22
CA ILE F 130 40.51 19.09 -15.83
C ILE F 130 39.95 20.46 -15.47
N PRO F 131 39.65 21.33 -16.43
CA PRO F 131 39.31 22.73 -16.14
C PRO F 131 37.81 22.96 -15.95
N LEU F 132 37.19 22.20 -15.05
CA LEU F 132 35.78 22.34 -14.76
C LEU F 132 35.58 22.61 -13.28
N VAL F 133 34.47 23.23 -12.94
CA VAL F 133 34.13 23.56 -11.56
C VAL F 133 32.79 22.91 -11.22
N ILE F 134 32.76 22.21 -10.10
CA ILE F 134 31.52 21.62 -9.60
C ILE F 134 30.58 22.72 -9.19
N ARG F 135 29.31 22.38 -9.01
CA ARG F 135 28.32 23.27 -8.41
C ARG F 135 27.38 22.39 -7.60
N ARG F 136 27.56 22.39 -6.28
CA ARG F 136 26.86 21.49 -5.37
C ARG F 136 25.67 22.19 -4.78
N TYR F 137 24.48 21.86 -5.29
CA TYR F 137 23.24 22.46 -4.82
C TYR F 137 22.82 21.79 -3.52
N LEU F 138 22.88 22.54 -2.43
CA LEU F 138 22.46 22.01 -1.15
C LEU F 138 20.95 21.85 -1.12
N PRO F 139 20.43 20.99 -0.23
CA PRO F 139 18.98 20.82 -0.14
C PRO F 139 18.25 22.13 0.10
N ASP F 140 18.85 23.05 0.85
CA ASP F 140 18.26 24.39 0.97
C ASP F 140 18.09 25.03 -0.41
N GLY F 141 18.92 24.62 -1.36
CA GLY F 141 18.87 25.19 -2.70
C GLY F 141 20.17 25.88 -3.05
N SER F 142 20.87 26.38 -2.04
CA SER F 142 22.13 27.07 -2.26
C SER F 142 23.14 26.14 -2.92
N TYR F 143 23.97 26.72 -3.77
CA TYR F 143 25.01 25.96 -4.45
C TYR F 143 26.37 26.46 -4.01
N GLU F 144 27.32 25.53 -3.93
CA GLU F 144 28.73 25.87 -3.76
C GLU F 144 29.52 25.25 -4.90
N ASP F 145 30.51 26.00 -5.37
CA ASP F 145 31.26 25.64 -6.57
C ASP F 145 32.65 25.16 -6.20
N TRP F 146 32.98 23.93 -6.60
CA TRP F 146 34.26 23.32 -6.34
C TRP F 146 34.99 23.11 -7.65
N GLY F 147 36.27 23.50 -7.70
CA GLY F 147 37.06 23.37 -8.89
C GLY F 147 37.59 21.96 -9.03
N CYS F 148 37.55 21.42 -10.24
CA CYS F 148 38.03 20.05 -10.47
C CYS F 148 39.41 19.85 -9.84
N ASP F 149 40.30 20.83 -9.95
CA ASP F 149 41.67 20.65 -9.52
C ASP F 149 41.80 20.55 -8.01
N GLU F 150 40.83 21.05 -7.24
CA GLU F 150 40.95 21.07 -5.79
C GLU F 150 40.33 19.85 -5.12
N LEU F 151 39.52 19.08 -5.82
CA LEU F 151 38.93 17.89 -5.22
C LEU F 151 40.01 16.84 -4.97
N ILE F 152 39.92 16.16 -3.83
CA ILE F 152 40.91 15.16 -3.43
C ILE F 152 40.54 13.85 -4.12
N VAL F 153 41.17 13.61 -5.26
CA VAL F 153 41.02 12.33 -5.96
C VAL F 153 41.52 11.22 -5.05
N ASP F 154 40.72 10.16 -4.92
CA ASP F 154 41.08 9.04 -4.06
C ASP F 154 41.36 7.79 -4.91
N MET G 1 11.98 57.51 -27.23
CA MET G 1 12.75 58.00 -26.05
C MET G 1 13.98 57.13 -25.80
N PHE G 2 15.13 57.77 -25.64
CA PHE G 2 16.38 57.04 -25.42
C PHE G 2 16.43 56.53 -23.99
N PHE G 3 16.54 55.22 -23.84
CA PHE G 3 16.62 54.56 -22.54
C PHE G 3 17.86 53.69 -22.48
N LEU G 4 18.34 53.48 -21.26
CA LEU G 4 19.44 52.56 -20.97
C LEU G 4 18.86 51.30 -20.34
N LYS G 5 19.23 50.15 -20.89
CA LYS G 5 18.68 48.87 -20.47
C LYS G 5 19.77 47.98 -19.90
N ASP G 6 19.37 47.11 -18.97
CA ASP G 6 20.24 46.04 -18.49
C ASP G 6 20.06 44.81 -19.39
N LEU G 7 20.53 44.96 -20.62
CA LEU G 7 20.37 43.92 -21.63
C LEU G 7 21.20 42.69 -21.25
N SER G 8 20.57 41.52 -21.35
CA SER G 8 21.20 40.25 -21.00
C SER G 8 21.14 39.31 -22.20
N LEU G 9 22.13 38.42 -22.28
CA LEU G 9 22.23 37.48 -23.38
C LEU G 9 22.82 36.18 -22.86
N ILE G 10 22.48 35.08 -23.54
CA ILE G 10 23.00 33.76 -23.23
C ILE G 10 23.73 33.24 -24.47
N LEU G 11 24.98 32.82 -24.30
CA LEU G 11 25.85 32.49 -25.41
C LEU G 11 26.17 31.00 -25.42
N THR G 12 26.48 30.48 -26.61
CA THR G 12 26.83 29.09 -26.82
C THR G 12 28.22 29.01 -27.44
N LEU G 13 29.00 28.02 -27.01
CA LEU G 13 30.36 27.84 -27.48
C LEU G 13 30.58 26.38 -27.88
N HIS G 14 31.25 26.17 -29.00
CA HIS G 14 31.51 24.83 -29.46
C HIS G 14 32.60 24.17 -28.61
N PRO G 15 32.60 22.84 -28.52
CA PRO G 15 33.76 22.17 -27.89
C PRO G 15 35.05 22.48 -28.60
N SER G 16 35.00 22.74 -29.90
CA SER G 16 36.19 23.11 -30.66
C SER G 16 36.68 24.51 -30.33
N TYR G 17 35.90 25.31 -29.60
CA TYR G 17 36.25 26.69 -29.29
C TYR G 17 36.48 26.92 -27.81
N PHE G 18 37.20 26.01 -27.14
CA PHE G 18 37.48 26.13 -25.72
C PHE G 18 38.94 26.51 -25.54
N GLY G 19 39.21 27.48 -24.68
CA GLY G 19 40.56 27.92 -24.42
C GLY G 19 40.64 28.95 -23.32
N PRO G 20 41.82 29.58 -23.18
CA PRO G 20 42.00 30.57 -22.11
C PRO G 20 41.15 31.81 -22.28
N GLN G 21 41.17 32.43 -23.46
CA GLN G 21 40.55 33.73 -23.69
C GLN G 21 39.19 33.59 -24.36
N MET G 22 38.47 32.51 -24.04
CA MET G 22 37.12 32.39 -24.57
C MET G 22 36.28 33.60 -24.23
N ASN G 23 36.48 34.19 -23.05
CA ASN G 23 35.72 35.36 -22.66
C ASN G 23 35.79 36.44 -23.74
N GLN G 24 36.98 36.67 -24.29
CA GLN G 24 37.16 37.79 -25.21
C GLN G 24 36.52 37.52 -26.56
N TYR G 25 36.62 36.29 -27.07
CA TYR G 25 35.94 35.97 -28.31
C TYR G 25 34.43 36.03 -28.13
N LEU G 26 33.94 35.63 -26.94
CA LEU G 26 32.53 35.81 -26.64
C LEU G 26 32.14 37.28 -26.66
N ARG G 27 32.98 38.15 -26.10
CA ARG G 27 32.69 39.58 -26.10
C ARG G 27 32.60 40.12 -27.52
N GLU G 28 33.58 39.79 -28.37
CA GLU G 28 33.55 40.28 -29.74
C GLU G 28 32.36 39.73 -30.50
N LYS G 29 32.02 38.46 -30.28
CA LYS G 29 30.87 37.87 -30.98
C LYS G 29 29.58 38.53 -30.54
N LEU G 30 29.42 38.78 -29.24
CA LEU G 30 28.24 39.48 -28.75
C LEU G 30 28.16 40.88 -29.33
N LEU G 31 29.29 41.58 -29.39
CA LEU G 31 29.29 42.91 -30.00
C LEU G 31 28.88 42.84 -31.46
N THR G 32 29.40 41.86 -32.19
CA THR G 32 29.09 41.74 -33.62
C THR G 32 27.61 41.45 -33.84
N ASP G 33 27.02 40.55 -33.05
CA ASP G 33 25.69 40.05 -33.36
C ASP G 33 24.60 40.90 -32.73
N VAL G 34 24.88 41.52 -31.58
CA VAL G 34 23.84 42.24 -30.85
C VAL G 34 23.37 43.46 -31.63
N GLU G 35 24.27 44.13 -32.35
CA GLU G 35 23.94 45.38 -33.00
C GLU G 35 23.15 45.12 -34.29
N GLY G 36 22.14 45.96 -34.52
CA GLY G 36 21.42 45.95 -35.78
C GLY G 36 20.18 45.08 -35.80
N THR G 37 19.32 45.18 -34.78
CA THR G 37 18.10 44.38 -34.72
C THR G 37 16.98 45.21 -34.11
N CYS G 38 15.74 44.82 -34.40
CA CYS G 38 14.54 45.46 -33.86
C CYS G 38 13.64 44.41 -33.22
N THR G 39 13.07 44.78 -32.07
CA THR G 39 12.12 43.91 -31.38
C THR G 39 11.16 44.76 -30.57
N GLY G 40 9.98 44.19 -30.29
CA GLY G 40 8.96 44.94 -29.59
C GLY G 40 9.33 45.25 -28.15
N GLN G 41 9.93 44.30 -27.45
CA GLN G 41 10.23 44.49 -26.03
C GLN G 41 11.22 45.62 -25.81
N PHE G 42 12.26 45.71 -26.65
CA PHE G 42 13.33 46.68 -26.45
C PHE G 42 13.39 47.68 -27.61
N GLY G 43 13.46 47.22 -28.84
CA GLY G 43 13.48 48.11 -29.99
C GLY G 43 14.81 48.14 -30.72
N TYR G 44 15.10 49.25 -31.39
CA TYR G 44 16.32 49.37 -32.18
C TYR G 44 17.54 49.39 -31.27
N ILE G 45 18.59 48.69 -31.67
CA ILE G 45 19.82 48.59 -30.92
C ILE G 45 20.84 49.54 -31.54
N VAL G 46 21.64 50.20 -30.70
CA VAL G 46 22.62 51.16 -31.18
C VAL G 46 24.02 50.77 -30.71
N THR G 47 24.18 50.54 -29.41
CA THR G 47 25.50 50.25 -28.86
C THR G 47 25.35 49.41 -27.61
N VAL G 48 26.46 48.75 -27.24
CA VAL G 48 26.57 48.00 -25.99
C VAL G 48 27.54 48.73 -25.09
N LEU G 49 27.08 49.10 -23.90
CA LEU G 49 27.91 49.78 -22.93
C LEU G 49 28.78 48.77 -22.19
N ASP G 50 30.03 49.16 -21.94
CA ASP G 50 30.99 48.28 -21.28
C ASP G 50 31.12 46.95 -22.02
N GLY G 51 31.15 47.01 -23.35
CA GLY G 51 31.23 45.79 -24.13
C GLY G 51 32.53 45.02 -23.91
N MET G 52 33.49 45.66 -23.26
CA MET G 52 34.80 45.07 -23.04
C MET G 52 34.93 44.40 -21.67
N ASN G 53 34.17 44.85 -20.67
CA ASN G 53 34.28 44.29 -19.32
C ASN G 53 32.95 43.68 -18.87
N ILE G 54 32.28 42.94 -19.76
CA ILE G 54 31.05 42.28 -19.39
C ILE G 54 31.35 41.11 -18.46
N ASP G 55 30.65 41.03 -17.34
CA ASP G 55 30.82 39.92 -16.40
C ASP G 55 30.15 38.70 -17.01
N VAL G 56 30.93 37.93 -17.77
CA VAL G 56 30.40 36.73 -18.43
C VAL G 56 30.07 35.62 -17.46
N GLY G 57 30.41 35.78 -16.17
CA GLY G 57 30.02 34.80 -15.18
C GLY G 57 30.86 33.54 -15.23
N LYS G 58 30.22 32.43 -14.89
CA LYS G 58 30.85 31.12 -14.84
C LYS G 58 30.13 30.18 -15.80
N GLY G 59 30.90 29.55 -16.68
CA GLY G 59 30.32 28.74 -17.73
C GLY G 59 29.84 27.39 -17.22
N ARG G 60 28.79 26.89 -17.86
CA ARG G 60 28.23 25.57 -17.60
C ARG G 60 28.45 24.71 -18.84
N ILE G 61 27.99 23.46 -18.78
CA ILE G 61 28.13 22.52 -19.89
C ILE G 61 26.76 21.95 -20.25
N ILE G 62 26.39 22.04 -21.52
CA ILE G 62 25.22 21.34 -22.04
C ILE G 62 25.54 19.85 -22.02
N PRO G 63 24.79 19.03 -21.29
CA PRO G 63 24.99 17.58 -21.41
C PRO G 63 24.31 17.05 -22.66
N GLY G 64 24.78 15.90 -23.14
CA GLY G 64 24.28 15.31 -24.35
C GLY G 64 24.86 15.90 -25.62
N SER G 65 25.27 17.17 -25.59
CA SER G 65 25.93 17.80 -26.73
C SER G 65 27.34 18.26 -26.45
N GLY G 66 27.73 18.42 -25.18
CA GLY G 66 29.08 18.81 -24.82
C GLY G 66 29.36 20.29 -24.91
N SER G 67 28.43 21.08 -25.44
CA SER G 67 28.63 22.52 -25.52
C SER G 67 28.52 23.15 -24.13
N ALA G 68 29.03 24.38 -24.01
CA ALA G 68 29.03 25.12 -22.76
C ALA G 68 28.05 26.27 -22.84
N GLU G 69 27.20 26.39 -21.81
CA GLU G 69 26.31 27.53 -21.68
C GLU G 69 27.11 28.75 -21.25
N PHE G 70 26.63 29.92 -21.65
CA PHE G 70 27.24 31.18 -21.25
C PHE G 70 26.12 32.19 -21.04
N GLU G 71 26.00 32.68 -19.82
CA GLU G 71 24.92 33.58 -19.43
C GLU G 71 25.50 34.98 -19.30
N VAL G 72 25.50 35.71 -20.40
CA VAL G 72 26.15 37.02 -20.47
C VAL G 72 25.17 38.08 -19.98
N LYS G 73 25.53 38.76 -18.90
CA LYS G 73 24.77 39.89 -18.37
C LYS G 73 25.58 41.16 -18.58
N TYR G 74 25.03 42.09 -19.35
CA TYR G 74 25.71 43.35 -19.63
C TYR G 74 24.72 44.49 -19.55
N ARG G 75 25.24 45.70 -19.71
CA ARG G 75 24.44 46.92 -19.74
C ARG G 75 24.62 47.59 -21.09
N ALA G 76 23.51 48.02 -21.69
CA ALA G 76 23.55 48.58 -23.03
C ALA G 76 22.44 49.62 -23.17
N VAL G 77 22.57 50.46 -24.20
CA VAL G 77 21.59 51.49 -24.52
C VAL G 77 20.97 51.13 -25.86
N VAL G 78 19.65 51.07 -25.90
CA VAL G 78 18.90 50.84 -27.12
C VAL G 78 17.80 51.88 -27.22
N TRP G 79 17.33 52.11 -28.44
CA TRP G 79 16.37 53.15 -28.73
C TRP G 79 15.05 52.54 -29.19
N LYS G 80 13.96 53.19 -28.82
CA LYS G 80 12.62 52.76 -29.22
C LYS G 80 11.66 53.93 -29.07
N PRO G 81 10.91 54.29 -30.11
CA PRO G 81 9.92 55.36 -29.97
C PRO G 81 8.73 54.92 -29.14
N PHE G 82 8.09 55.90 -28.51
CA PHE G 82 6.90 55.67 -27.70
C PHE G 82 5.78 56.54 -28.21
N LYS G 83 4.58 55.96 -28.27
CA LYS G 83 3.42 56.67 -28.78
C LYS G 83 3.13 57.90 -27.92
N GLY G 84 2.68 58.97 -28.57
CA GLY G 84 2.45 60.21 -27.87
C GLY G 84 3.69 61.06 -27.66
N GLU G 85 4.77 60.75 -28.36
CA GLU G 85 6.04 61.46 -28.22
C GLU G 85 6.15 62.49 -29.33
N VAL G 86 6.46 63.74 -28.96
CA VAL G 86 6.54 64.83 -29.92
C VAL G 86 7.99 65.30 -30.03
N VAL G 87 8.71 64.78 -31.03
CA VAL G 87 10.08 65.19 -31.31
C VAL G 87 10.20 65.52 -32.78
N ASP G 88 11.16 66.38 -33.10
CA ASP G 88 11.37 66.76 -34.49
C ASP G 88 11.78 65.55 -35.32
N ALA G 89 11.67 65.70 -36.64
CA ALA G 89 11.95 64.64 -37.58
C ALA G 89 12.87 65.13 -38.69
N ILE G 90 13.40 64.19 -39.46
CA ILE G 90 14.23 64.47 -40.61
C ILE G 90 13.52 63.93 -41.84
N VAL G 91 13.11 64.82 -42.73
CA VAL G 91 12.44 64.43 -43.96
C VAL G 91 13.48 64.21 -45.04
N SER G 92 13.50 63.01 -45.61
CA SER G 92 14.47 62.65 -46.63
C SER G 92 13.92 62.60 -48.04
N ASN G 93 12.62 62.37 -48.22
CA ASN G 93 12.01 62.37 -49.54
C ASN G 93 10.52 62.65 -49.37
N VAL G 94 9.88 63.02 -50.48
CA VAL G 94 8.47 63.37 -50.50
C VAL G 94 7.73 62.34 -51.34
N SER G 95 6.65 61.80 -50.79
CA SER G 95 5.77 60.89 -51.51
C SER G 95 4.34 61.38 -51.37
N PRO G 96 3.48 61.10 -52.37
CA PRO G 96 2.10 61.62 -52.29
C PRO G 96 1.35 61.16 -51.05
N ILE G 97 1.63 59.95 -50.56
CA ILE G 97 0.89 59.40 -49.43
C ILE G 97 1.62 59.73 -48.13
N GLY G 98 2.56 60.68 -48.20
CA GLY G 98 3.27 61.11 -47.01
C GLY G 98 4.76 61.27 -47.23
N PHE G 99 5.30 62.44 -46.89
CA PHE G 99 6.72 62.67 -47.05
C PHE G 99 7.49 61.78 -46.07
N PHE G 100 8.48 61.05 -46.59
CA PHE G 100 9.29 60.21 -45.73
C PHE G 100 10.01 61.06 -44.70
N ALA G 101 9.93 60.64 -43.45
CA ALA G 101 10.57 61.33 -42.33
C ALA G 101 11.57 60.37 -41.70
N ASP G 102 12.83 60.50 -42.08
CA ASP G 102 13.89 59.59 -41.63
C ASP G 102 14.25 59.95 -40.19
N VAL G 103 13.44 59.48 -39.25
CA VAL G 103 13.66 59.70 -37.83
C VAL G 103 14.41 58.47 -37.31
N GLY G 104 15.74 58.54 -37.34
CA GLY G 104 16.55 57.46 -36.85
C GLY G 104 16.49 56.22 -37.72
N PRO G 105 16.67 55.04 -37.13
CA PRO G 105 16.67 53.81 -37.92
C PRO G 105 15.38 53.58 -38.70
N LEU G 106 14.25 54.00 -38.12
CA LEU G 106 12.96 53.75 -38.74
C LEU G 106 12.64 54.83 -39.76
N ASN G 107 11.50 54.65 -40.43
CA ASN G 107 10.96 55.63 -41.37
C ASN G 107 9.61 56.09 -40.86
N VAL G 108 9.51 57.36 -40.48
CA VAL G 108 8.27 57.92 -39.97
C VAL G 108 7.35 58.22 -41.15
N PHE G 109 6.14 57.67 -41.10
CA PHE G 109 5.18 57.76 -42.19
C PHE G 109 4.14 58.83 -41.86
N VAL G 110 3.74 59.61 -42.86
CA VAL G 110 2.70 60.62 -42.71
C VAL G 110 1.50 60.16 -43.50
N SER G 111 0.39 59.91 -42.83
CA SER G 111 -0.81 59.43 -43.50
C SER G 111 -1.42 60.56 -44.35
N THR G 112 -2.18 60.17 -45.37
CA THR G 112 -2.80 61.16 -46.25
C THR G 112 -3.76 62.06 -45.47
N ARG G 113 -4.32 61.56 -44.38
CA ARG G 113 -5.26 62.31 -43.56
C ARG G 113 -4.56 63.13 -42.47
N LEU G 114 -3.23 63.10 -42.41
CA LEU G 114 -2.50 63.80 -41.36
C LEU G 114 -1.54 64.82 -41.94
N ILE G 115 -2.01 65.59 -42.91
CA ILE G 115 -1.22 66.69 -43.49
C ILE G 115 -2.05 67.96 -43.40
N PRO G 116 -1.47 69.08 -42.96
CA PRO G 116 -2.27 70.31 -42.85
C PRO G 116 -2.71 70.81 -44.22
N ASP G 117 -3.85 71.51 -44.22
CA ASP G 117 -4.41 71.99 -45.48
C ASP G 117 -3.45 72.89 -46.24
N ASN G 118 -2.59 73.62 -45.54
CA ASN G 118 -1.57 74.44 -46.19
C ASN G 118 -0.46 73.61 -46.81
N LEU G 119 -0.39 72.32 -46.50
CA LEU G 119 0.60 71.42 -47.09
C LEU G 119 0.12 70.98 -48.47
N VAL G 120 0.81 71.45 -49.50
CA VAL G 120 0.48 71.12 -50.89
C VAL G 120 1.77 70.74 -51.61
N TYR G 121 1.71 69.67 -52.39
CA TYR G 121 2.88 69.12 -53.07
C TYR G 121 3.14 69.88 -54.35
N ASN G 122 4.37 70.35 -54.53
CA ASN G 122 4.80 71.06 -55.73
C ASN G 122 6.04 70.35 -56.29
N PRO G 123 5.87 69.27 -57.04
CA PRO G 123 7.04 68.52 -57.53
C PRO G 123 7.96 69.34 -58.41
N SER G 124 7.47 70.39 -59.05
CA SER G 124 8.32 71.21 -59.91
C SER G 124 9.48 71.81 -59.13
N ASN G 125 9.21 72.31 -57.93
CA ASN G 125 10.27 72.89 -57.11
C ASN G 125 11.32 71.84 -56.77
N SER G 126 12.57 72.20 -56.97
CA SER G 126 13.71 71.33 -56.68
C SER G 126 14.42 71.85 -55.44
N PRO G 127 14.54 71.08 -54.35
CA PRO G 127 14.03 69.70 -54.20
C PRO G 127 12.51 69.66 -54.05
N PRO G 128 11.86 68.59 -54.49
CA PRO G 128 10.41 68.47 -54.27
C PRO G 128 10.11 68.54 -52.78
N ALA G 129 9.21 69.46 -52.43
CA ALA G 129 8.89 69.72 -51.02
C ALA G 129 7.57 70.48 -50.97
N TYR G 130 7.02 70.60 -49.76
CA TYR G 130 5.79 71.34 -49.52
C TYR G 130 6.15 72.74 -49.07
N MET G 131 5.71 73.73 -49.84
CA MET G 131 6.03 75.13 -49.58
C MET G 131 4.74 75.89 -49.29
N SER G 132 4.81 76.83 -48.36
CA SER G 132 3.69 77.69 -47.99
C SER G 132 4.27 78.91 -47.27
N ASN G 133 3.39 79.73 -46.70
CA ASN G 133 3.84 80.93 -46.00
C ASN G 133 4.49 80.53 -44.67
N ASP G 134 5.78 80.85 -44.52
CA ASP G 134 6.53 80.56 -43.32
C ASP G 134 6.66 79.05 -43.06
N GLU G 135 6.37 78.25 -44.07
CA GLU G 135 6.50 76.79 -43.96
C GLU G 135 7.31 76.28 -45.13
N LEU G 136 8.32 75.47 -44.83
CA LEU G 136 9.16 74.90 -45.88
C LEU G 136 9.71 73.58 -45.36
N ILE G 137 9.06 72.48 -45.73
CA ILE G 137 9.41 71.14 -45.25
C ILE G 137 10.29 70.53 -46.34
N THR G 138 11.60 70.75 -46.22
CA THR G 138 12.56 70.25 -47.19
C THR G 138 13.53 69.30 -46.50
N LYS G 139 14.44 68.73 -47.29
CA LYS G 139 15.43 67.79 -46.80
C LYS G 139 16.40 68.48 -45.84
N GLY G 140 16.38 68.08 -44.57
CA GLY G 140 17.32 68.56 -43.59
C GLY G 140 16.83 69.66 -42.66
N SER G 141 15.52 69.79 -42.47
CA SER G 141 14.94 70.80 -41.60
C SER G 141 14.27 70.14 -40.40
N LYS G 142 14.37 70.80 -39.24
CA LYS G 142 13.73 70.29 -38.03
C LYS G 142 12.22 70.42 -38.18
N VAL G 143 11.56 69.29 -38.45
CA VAL G 143 10.11 69.25 -38.63
C VAL G 143 9.52 68.46 -37.46
N ARG G 144 8.55 69.06 -36.79
CA ARG G 144 7.98 68.50 -35.57
C ARG G 144 6.79 67.62 -35.93
N LEU G 145 6.84 66.37 -35.49
CA LEU G 145 5.72 65.45 -35.66
C LEU G 145 5.59 64.61 -34.39
N LYS G 146 4.39 64.10 -34.18
CA LYS G 146 4.07 63.30 -33.00
C LYS G 146 3.88 61.85 -33.44
N VAL G 147 4.56 60.93 -32.76
CA VAL G 147 4.38 59.51 -33.03
C VAL G 147 3.01 59.09 -32.49
N VAL G 148 2.08 58.84 -33.40
CA VAL G 148 0.69 58.58 -33.02
C VAL G 148 0.29 57.13 -33.23
N GLY G 149 1.01 56.37 -34.06
CA GLY G 149 0.69 54.97 -34.29
C GLY G 149 1.90 54.08 -34.23
N THR G 150 1.86 53.06 -33.37
CA THR G 150 2.99 52.17 -33.17
C THR G 150 2.48 50.73 -33.27
N ARG G 151 3.00 50.00 -34.26
CA ARG G 151 2.68 48.59 -34.44
C ARG G 151 3.98 47.85 -34.72
N THR G 152 4.17 46.71 -34.05
CA THR G 152 5.39 45.94 -34.17
C THR G 152 5.28 44.90 -35.27
N ASP G 153 6.28 44.85 -36.15
CA ASP G 153 6.32 43.91 -37.26
C ASP G 153 7.61 43.12 -37.23
N VAL G 154 8.13 42.87 -36.03
CA VAL G 154 9.30 42.03 -35.76
C VAL G 154 10.57 42.45 -36.50
N ASN G 155 10.42 43.18 -37.61
CA ASN G 155 11.57 43.65 -38.39
C ASN G 155 11.78 45.15 -38.22
N GLU G 156 10.73 45.95 -38.38
CA GLU G 156 10.81 47.39 -38.20
C GLU G 156 9.42 47.87 -37.80
N ILE G 157 9.28 48.36 -36.56
CA ILE G 157 8.01 48.92 -36.14
C ILE G 157 7.72 50.17 -36.98
N TYR G 158 6.52 50.19 -37.58
CA TYR G 158 6.15 51.27 -38.49
C TYR G 158 5.69 52.47 -37.67
N ALA G 159 6.40 53.59 -37.81
CA ALA G 159 6.06 54.83 -37.12
C ALA G 159 5.33 55.72 -38.11
N ILE G 160 4.10 56.13 -37.76
CA ILE G 160 3.30 57.00 -38.60
C ILE G 160 3.36 58.40 -37.99
N GLY G 161 4.10 59.29 -38.65
CA GLY G 161 4.16 60.66 -38.20
C GLY G 161 2.84 61.38 -38.43
N SER G 162 2.57 62.35 -37.56
CA SER G 162 1.35 63.13 -37.64
C SER G 162 1.69 64.60 -37.44
N ILE G 163 1.22 65.44 -38.35
CA ILE G 163 1.37 66.88 -38.21
C ILE G 163 -0.01 67.53 -38.29
N LYS G 164 -1.01 66.80 -37.82
CA LYS G 164 -2.41 67.24 -37.84
C LYS G 164 -2.86 67.64 -36.43
N GLU G 165 -1.96 68.23 -35.66
CA GLU G 165 -2.25 68.62 -34.28
C GLU G 165 -1.48 69.91 -33.98
N ASP G 166 -1.59 70.37 -32.74
CA ASP G 166 -1.03 71.66 -32.36
C ASP G 166 0.49 71.66 -32.46
N PHE G 167 1.04 72.76 -32.96
CA PHE G 167 2.48 72.98 -33.05
C PHE G 167 3.19 71.76 -33.64
N LEU G 168 2.77 71.39 -34.85
CA LEU G 168 3.37 70.29 -35.58
C LEU G 168 3.60 70.73 -37.02
N GLY G 169 4.54 70.04 -37.68
CA GLY G 169 4.95 70.42 -39.02
C GLY G 169 6.39 70.86 -39.04
N ALA G 170 6.64 72.13 -39.36
CA ALA G 170 7.96 72.73 -39.28
C ALA G 170 7.95 73.79 -38.19
N ILE G 171 8.84 73.64 -37.21
CA ILE G 171 8.91 74.57 -36.10
C ILE G 171 9.32 75.94 -36.60
N SER H 3 75.85 -26.64 8.81
CA SER H 3 74.76 -25.70 8.41
C SER H 3 73.41 -26.13 8.96
N ALA H 4 73.40 -27.28 9.63
CA ALA H 4 72.16 -27.77 10.22
C ALA H 4 71.70 -26.86 11.35
N LEU H 5 70.63 -26.11 11.11
CA LEU H 5 70.05 -25.23 12.12
C LEU H 5 69.50 -26.00 13.30
N PHE H 6 69.26 -27.30 13.15
CA PHE H 6 68.88 -28.17 14.25
C PHE H 6 69.13 -29.60 13.80
N ASP H 7 69.39 -30.47 14.77
CA ASP H 7 69.54 -31.89 14.47
C ASP H 7 69.11 -32.69 15.68
N ASP H 8 68.56 -33.88 15.41
CA ASP H 8 68.19 -34.81 16.46
C ASP H 8 67.65 -36.07 15.80
N ILE H 9 67.68 -37.17 16.55
CA ILE H 9 67.17 -38.46 16.10
C ILE H 9 65.93 -38.78 16.92
N PHE H 10 64.90 -39.30 16.25
CA PHE H 10 63.60 -39.51 16.87
C PHE H 10 63.10 -40.92 16.62
N THR H 11 62.70 -41.57 17.70
CA THR H 11 62.03 -42.86 17.64
C THR H 11 60.53 -42.60 17.59
N VAL H 12 59.86 -43.17 16.59
CA VAL H 12 58.45 -42.90 16.36
C VAL H 12 57.63 -43.59 17.44
N GLN H 13 57.05 -42.79 18.34
CA GLN H 13 56.17 -43.36 19.36
C GLN H 13 54.89 -43.91 18.72
N THR H 14 54.35 -43.21 17.72
CA THR H 14 53.16 -43.66 17.03
C THR H 14 53.14 -43.09 15.62
N VAL H 15 52.47 -43.81 14.73
CA VAL H 15 52.22 -43.37 13.35
C VAL H 15 50.71 -43.37 13.17
N ASP H 16 50.18 -42.32 12.57
CA ASP H 16 48.74 -42.15 12.40
C ASP H 16 48.43 -41.76 10.97
N ASN H 17 47.97 -42.74 10.18
CA ASN H 17 47.36 -42.42 8.90
C ASN H 17 46.05 -41.66 9.09
N GLY H 18 45.26 -42.08 10.08
CA GLY H 18 43.96 -41.48 10.29
C GLY H 18 43.10 -41.62 9.05
N ARG H 19 42.30 -40.59 8.80
CA ARG H 19 41.52 -40.55 7.58
C ARG H 19 42.41 -40.56 6.34
N TYR H 20 43.47 -39.76 6.34
CA TYR H 20 44.40 -39.73 5.23
C TYR H 20 45.13 -41.07 5.12
N ASN H 21 45.51 -41.40 3.90
CA ASN H 21 46.18 -42.67 3.62
C ASN H 21 47.59 -42.50 3.08
N LYS H 22 47.79 -41.63 2.10
CA LYS H 22 49.12 -41.36 1.59
C LYS H 22 50.03 -40.71 2.62
N VAL H 23 49.46 -40.11 3.65
CA VAL H 23 50.22 -39.36 4.65
C VAL H 23 49.83 -39.85 6.03
N SER H 24 50.81 -39.96 6.92
CA SER H 24 50.58 -40.37 8.30
C SER H 24 51.11 -39.32 9.25
N ARG H 25 50.26 -38.93 10.20
CA ARG H 25 50.69 -38.10 11.32
C ARG H 25 51.41 -38.99 12.32
N ILE H 26 52.54 -38.51 12.81
CA ILE H 26 53.43 -39.33 13.62
C ILE H 26 53.76 -38.59 14.91
N ILE H 27 54.02 -39.37 15.95
CA ILE H 27 54.45 -38.85 17.25
C ILE H 27 55.76 -39.52 17.61
N GLY H 28 56.79 -38.71 17.84
CA GLY H 28 58.09 -39.23 18.22
C GLY H 28 58.74 -38.33 19.24
N ILE H 29 59.55 -38.95 20.11
CA ILE H 29 60.29 -38.24 21.14
C ILE H 29 61.77 -38.43 20.86
N SER H 30 62.52 -37.33 20.87
CA SER H 30 63.95 -37.41 20.65
C SER H 30 64.58 -38.40 21.62
N THR H 31 65.08 -39.50 21.08
CA THR H 31 65.83 -40.44 21.89
C THR H 31 67.04 -39.78 22.54
N THR H 32 67.65 -38.82 21.86
CA THR H 32 68.75 -38.07 22.43
C THR H 32 68.33 -37.29 23.67
N ASN H 33 67.12 -36.73 23.66
CA ASN H 33 66.66 -35.92 24.78
C ASN H 33 65.14 -36.02 24.85
N SER H 34 64.62 -36.41 26.01
CA SER H 34 63.18 -36.44 26.21
C SER H 34 62.64 -35.00 26.28
N ALA H 35 61.31 -34.89 26.26
CA ALA H 35 60.59 -33.62 26.34
C ALA H 35 60.66 -32.82 25.05
N ILE H 36 61.42 -33.28 24.06
CA ILE H 36 61.43 -32.67 22.73
C ILE H 36 60.37 -33.42 21.94
N LYS H 37 59.12 -32.97 22.05
CA LYS H 37 58.00 -33.61 21.38
C LYS H 37 57.87 -33.05 19.97
N LEU H 38 58.10 -33.90 18.97
CA LEU H 38 58.01 -33.52 17.57
C LEU H 38 56.80 -34.21 16.96
N THR H 39 55.95 -33.43 16.30
CA THR H 39 54.90 -33.96 15.44
C THR H 39 55.23 -33.54 14.01
N LEU H 40 54.97 -34.42 13.06
CA LEU H 40 55.30 -34.17 11.67
C LEU H 40 54.30 -34.87 10.77
N ASP H 41 54.16 -34.36 9.55
CA ASP H 41 53.31 -34.95 8.52
C ASP H 41 54.20 -35.35 7.36
N ILE H 42 54.08 -36.59 6.90
CA ILE H 42 54.92 -37.13 5.84
C ILE H 42 54.11 -38.11 4.99
N ASN H 43 54.47 -38.17 3.71
CA ASN H 43 53.80 -39.05 2.77
C ASN H 43 54.17 -40.50 3.06
N ASN H 44 53.16 -41.29 3.45
CA ASN H 44 53.36 -42.71 3.66
C ASN H 44 54.08 -43.35 2.48
N GLU H 45 53.47 -43.29 1.30
CA GLU H 45 53.99 -44.04 0.16
C GLU H 45 55.37 -43.53 -0.25
N MET H 46 55.54 -42.22 -0.36
CA MET H 46 56.81 -41.66 -0.80
C MET H 46 57.93 -41.93 0.20
N PHE H 47 57.60 -42.19 1.46
CA PHE H 47 58.58 -42.58 2.46
C PHE H 47 57.87 -43.36 3.57
N PRO H 48 57.59 -44.64 3.37
CA PRO H 48 56.87 -45.40 4.40
C PRO H 48 57.70 -45.56 5.66
N VAL H 49 57.01 -45.60 6.80
CA VAL H 49 57.64 -45.82 8.09
C VAL H 49 56.68 -46.61 8.97
N SER H 50 57.13 -46.90 10.18
CA SER H 50 56.31 -47.63 11.14
C SER H 50 56.69 -47.14 12.54
N GLN H 51 55.97 -47.65 13.53
CA GLN H 51 56.17 -47.19 14.90
C GLN H 51 57.57 -47.57 15.39
N ASP H 52 58.07 -46.78 16.34
CA ASP H 52 59.35 -47.01 16.99
C ASP H 52 60.53 -46.82 16.04
N ASP H 53 60.28 -46.30 14.84
CA ASP H 53 61.36 -46.02 13.91
C ASP H 53 62.19 -44.85 14.41
N SER H 54 63.48 -45.11 14.64
CA SER H 54 64.43 -44.06 15.01
C SER H 54 64.83 -43.29 13.75
N LEU H 55 64.48 -42.01 13.70
CA LEU H 55 64.72 -41.19 12.53
C LEU H 55 65.60 -40.01 12.89
N THR H 56 66.71 -39.88 12.17
CA THR H 56 67.50 -38.67 12.19
C THR H 56 66.63 -37.53 11.70
N VAL H 57 66.71 -36.40 12.40
CA VAL H 57 65.97 -35.20 12.03
C VAL H 57 66.92 -34.03 12.06
N THR H 58 66.94 -33.26 10.98
CA THR H 58 67.88 -32.16 10.83
C THR H 58 67.21 -31.04 10.06
N LEU H 59 67.55 -29.80 10.43
CA LEU H 59 66.96 -28.61 9.82
C LEU H 59 68.06 -27.65 9.42
N ALA H 60 68.03 -27.21 8.16
CA ALA H 60 68.96 -26.22 7.66
C ALA H 60 68.21 -25.24 6.78
N ASN H 61 68.54 -23.95 6.91
CA ASN H 61 67.86 -22.92 6.13
C ASN H 61 68.26 -22.91 4.66
N SER H 62 69.44 -23.41 4.33
CA SER H 62 69.90 -23.46 2.95
C SER H 62 70.57 -24.80 2.70
N LEU H 63 70.31 -25.36 1.52
CA LEU H 63 70.94 -26.60 1.10
C LEU H 63 71.97 -26.40 0.01
N SER H 64 72.06 -25.21 -0.58
CA SER H 64 73.16 -24.90 -1.46
C SER H 64 74.48 -24.99 -0.70
N LEU H 65 75.32 -25.94 -1.08
CA LEU H 65 76.56 -26.20 -0.36
C LEU H 65 77.56 -25.07 -0.59
N LYS H 76 65.44 -17.14 -8.46
CA LYS H 76 64.91 -18.00 -7.42
C LYS H 76 63.89 -18.99 -7.98
N SER H 77 63.40 -18.71 -9.19
CA SER H 77 62.43 -19.59 -9.82
C SER H 77 62.95 -21.03 -9.82
N TRP H 78 62.23 -21.91 -9.14
CA TRP H 78 62.67 -23.28 -8.98
C TRP H 78 62.97 -23.90 -10.34
N ARG H 79 63.87 -24.87 -10.34
CA ARG H 79 64.27 -25.56 -11.56
C ARG H 79 64.57 -27.00 -11.19
N PRO H 80 64.45 -27.93 -12.13
CA PRO H 80 64.78 -29.32 -11.80
C PRO H 80 66.18 -29.43 -11.24
N PRO H 81 66.38 -30.24 -10.20
CA PRO H 81 67.70 -30.31 -9.58
C PRO H 81 68.72 -30.99 -10.48
N LYS H 82 69.68 -30.21 -10.97
CA LYS H 82 70.74 -30.79 -11.78
C LYS H 82 71.47 -31.86 -10.98
N PRO H 83 71.64 -33.07 -11.52
CA PRO H 83 72.45 -34.06 -10.80
C PRO H 83 73.88 -33.61 -10.58
N THR H 84 74.36 -32.66 -11.38
CA THR H 84 75.70 -32.13 -11.18
C THR H 84 75.85 -31.49 -9.81
N ASP H 85 74.88 -30.69 -9.41
CA ASP H 85 74.97 -29.97 -8.15
C ASP H 85 74.80 -30.94 -6.97
N LYS H 86 75.43 -30.58 -5.85
CA LYS H 86 75.31 -31.30 -4.61
C LYS H 86 74.52 -30.48 -3.60
N SER H 87 74.30 -31.07 -2.43
CA SER H 87 73.42 -30.48 -1.43
C SER H 87 73.57 -31.27 -0.14
N LEU H 88 73.24 -30.62 0.97
CA LEU H 88 73.18 -31.34 2.23
C LEU H 88 72.15 -32.45 2.18
N ALA H 89 71.12 -32.30 1.34
CA ALA H 89 70.13 -33.34 1.16
C ALA H 89 70.70 -34.59 0.51
N ASP H 90 71.77 -34.45 -0.28
CA ASP H 90 72.38 -35.62 -0.90
C ASP H 90 72.66 -36.71 0.11
N ASP H 91 72.89 -36.34 1.37
CA ASP H 91 73.10 -37.29 2.45
C ASP H 91 71.80 -37.83 3.02
N TYR H 92 70.68 -37.19 2.72
CA TYR H 92 69.42 -37.50 3.35
C TYR H 92 68.49 -38.17 2.34
N ASP H 93 67.37 -38.67 2.85
CA ASP H 93 66.52 -39.58 2.08
C ASP H 93 65.06 -39.15 2.05
N TYR H 94 64.71 -38.05 2.71
CA TYR H 94 63.36 -37.49 2.59
C TYR H 94 63.45 -36.04 3.04
N VAL H 95 63.18 -35.12 2.11
CA VAL H 95 63.44 -33.71 2.32
C VAL H 95 62.22 -32.91 1.89
N MET H 96 61.89 -31.87 2.66
CA MET H 96 60.77 -30.99 2.35
C MET H 96 61.24 -29.55 2.40
N PHE H 97 60.59 -28.71 1.61
CA PHE H 97 60.69 -27.26 1.75
C PHE H 97 59.47 -26.77 2.50
N GLY H 98 59.70 -25.94 3.52
CA GLY H 98 58.62 -25.52 4.38
C GLY H 98 58.72 -24.05 4.73
N THR H 99 57.73 -23.61 5.50
CA THR H 99 57.64 -22.22 5.93
C THR H 99 57.38 -22.19 7.43
N VAL H 100 57.99 -21.21 8.09
CA VAL H 100 57.85 -21.05 9.53
C VAL H 100 56.64 -20.17 9.78
N TYR H 101 55.56 -20.77 10.28
CA TYR H 101 54.32 -20.06 10.51
C TYR H 101 54.00 -19.81 11.98
N LYS H 102 54.64 -20.51 12.91
CA LYS H 102 54.49 -20.21 14.32
C LYS H 102 55.71 -20.70 15.08
N PHE H 103 56.53 -19.75 15.53
CA PHE H 103 57.67 -20.02 16.41
C PHE H 103 57.25 -19.58 17.81
N GLU H 104 56.56 -20.47 18.52
CA GLU H 104 55.93 -20.13 19.79
C GLU H 104 56.99 -19.77 20.83
N GLU H 105 56.77 -18.67 21.54
CA GLU H 105 57.53 -18.33 22.74
C GLU H 105 56.67 -18.74 23.94
N GLY H 106 56.69 -20.04 24.24
CA GLY H 106 55.79 -20.59 25.23
C GLY H 106 56.31 -20.53 26.66
N ASP H 107 56.35 -21.68 27.32
CA ASP H 107 56.69 -21.72 28.74
C ASP H 107 58.17 -21.51 28.94
N GLU H 108 58.64 -21.71 30.18
CA GLU H 108 60.05 -21.45 30.49
C GLU H 108 60.98 -22.14 29.50
N ASP H 109 60.67 -23.39 29.15
CA ASP H 109 61.49 -24.12 28.18
C ASP H 109 60.65 -24.84 27.14
N LYS H 110 59.34 -24.56 27.08
CA LYS H 110 58.47 -25.15 26.06
C LYS H 110 58.34 -24.15 24.91
N ILE H 111 59.15 -24.34 23.88
CA ILE H 111 59.10 -23.54 22.67
C ILE H 111 58.52 -24.42 21.57
N LYS H 112 57.36 -24.04 21.06
CA LYS H 112 56.65 -24.80 20.04
C LYS H 112 56.86 -24.16 18.69
N VAL H 113 57.74 -24.75 17.88
CA VAL H 113 58.04 -24.26 16.55
C VAL H 113 57.19 -25.04 15.56
N TYR H 114 56.29 -24.35 14.89
CA TYR H 114 55.39 -24.96 13.92
C TYR H 114 55.80 -24.51 12.53
N VAL H 115 55.96 -25.47 11.62
CA VAL H 115 56.36 -25.21 10.25
C VAL H 115 55.38 -25.88 9.32
N SER H 116 54.90 -25.15 8.32
CA SER H 116 53.99 -25.68 7.32
C SER H 116 54.76 -25.91 6.02
N PHE H 117 54.74 -27.14 5.53
CA PHE H 117 55.35 -27.48 4.24
C PHE H 117 54.31 -27.49 3.14
N GLY H 118 53.71 -26.33 2.87
CA GLY H 118 52.67 -26.23 1.88
C GLY H 118 51.47 -27.09 2.25
N GLY H 119 51.15 -27.13 3.54
CA GLY H 119 50.07 -27.95 4.07
C GLY H 119 50.50 -28.93 5.13
N LEU H 120 51.70 -29.48 5.03
CA LEU H 120 52.22 -30.43 6.00
C LEU H 120 52.67 -29.65 7.24
N LEU H 121 52.09 -29.99 8.38
CA LEU H 121 52.34 -29.28 9.63
C LEU H 121 53.27 -30.10 10.51
N MET H 122 53.69 -29.48 11.62
CA MET H 122 54.62 -30.12 12.53
C MET H 122 54.63 -29.34 13.84
N CYS H 123 54.56 -30.08 14.95
CA CYS H 123 54.60 -29.51 16.29
C CYS H 123 55.91 -29.90 16.94
N LEU H 124 56.71 -28.90 17.32
CA LEU H 124 58.04 -29.10 17.85
C LEU H 124 58.10 -28.52 19.26
N GLU H 125 57.74 -29.32 20.25
CA GLU H 125 57.84 -28.93 21.65
C GLU H 125 59.23 -29.27 22.14
N GLY H 126 59.89 -28.31 22.77
CA GLY H 126 61.24 -28.57 23.26
C GLY H 126 61.86 -27.30 23.82
N GLY H 127 63.13 -27.44 24.18
CA GLY H 127 63.84 -26.34 24.80
C GLY H 127 64.04 -25.17 23.85
N TYR H 128 64.05 -23.98 24.42
CA TYR H 128 64.23 -22.78 23.61
C TYR H 128 65.57 -22.79 22.89
N LYS H 129 66.65 -23.07 23.61
CA LYS H 129 67.95 -23.18 22.96
C LYS H 129 67.93 -24.22 21.86
N SER H 130 67.30 -25.36 22.11
CA SER H 130 67.14 -26.37 21.06
C SER H 130 66.48 -25.77 19.83
N LEU H 131 65.63 -24.76 20.04
CA LEU H 131 64.87 -24.13 18.97
C LEU H 131 65.16 -22.64 18.85
N ALA H 132 66.10 -22.12 19.64
CA ALA H 132 66.44 -20.70 19.56
C ALA H 132 66.95 -20.33 18.17
N SER H 133 67.78 -21.19 17.58
CA SER H 133 68.32 -20.95 16.25
C SER H 133 67.25 -21.02 15.16
N LEU H 134 66.04 -21.48 15.49
CA LEU H 134 65.03 -21.80 14.50
C LEU H 134 63.99 -20.70 14.33
N LYS H 135 64.32 -19.45 14.67
CA LYS H 135 63.43 -18.32 14.40
C LYS H 135 63.67 -17.84 12.98
N GLN H 136 63.15 -18.62 12.03
CA GLN H 136 63.39 -18.41 10.60
C GLN H 136 62.05 -18.27 9.88
N ASP H 137 62.11 -18.26 8.55
CA ASP H 137 60.93 -18.16 7.70
C ASP H 137 60.69 -19.42 6.87
N ASN H 138 61.69 -19.86 6.12
CA ASN H 138 61.60 -21.06 5.30
C ASN H 138 62.69 -22.03 5.73
N LEU H 139 62.29 -23.16 6.31
CA LEU H 139 63.22 -24.14 6.83
C LEU H 139 63.06 -25.46 6.10
N TYR H 140 64.18 -26.03 5.67
CA TYR H 140 64.19 -27.37 5.12
C TYR H 140 64.30 -28.39 6.26
N ILE H 141 63.44 -29.40 6.22
CA ILE H 141 63.45 -30.47 7.22
C ILE H 141 64.09 -31.69 6.57
N LEU H 142 65.13 -32.21 7.22
CA LEU H 142 65.96 -33.26 6.65
C LEU H 142 65.94 -34.49 7.54
N ILE H 143 65.63 -35.64 6.94
CA ILE H 143 65.51 -36.90 7.67
C ILE H 143 66.41 -37.93 7.00
N ARG H 144 67.21 -38.62 7.81
CA ARG H 144 68.04 -39.71 7.33
C ARG H 144 67.22 -40.99 7.27
N ARG H 145 67.64 -41.90 6.40
CA ARG H 145 66.93 -43.14 6.09
C ARG H 145 65.42 -42.98 6.23
N SER I 3 -37.07 -30.12 27.00
CA SER I 3 -37.93 -30.44 25.82
C SER I 3 -39.28 -29.74 25.96
N PHE I 4 -39.71 -29.08 24.89
CA PHE I 4 -40.93 -28.29 24.91
C PHE I 4 -41.95 -28.88 23.95
N ARG I 5 -43.20 -28.94 24.40
CA ARG I 5 -44.26 -29.63 23.68
C ARG I 5 -45.41 -28.67 23.36
N PHE I 6 -46.32 -29.15 22.52
CA PHE I 6 -47.42 -28.36 21.97
C PHE I 6 -48.74 -28.83 22.59
N CYS I 7 -49.83 -28.23 22.12
CA CYS I 7 -51.16 -28.60 22.56
C CYS I 7 -51.71 -29.74 21.72
N LEU I 8 -52.32 -30.72 22.39
CA LEU I 8 -52.81 -31.92 21.71
C LEU I 8 -53.84 -31.62 20.63
N GLU I 9 -54.84 -30.79 20.93
CA GLU I 9 -55.89 -30.47 19.97
C GLU I 9 -55.60 -29.22 19.15
N CYS I 10 -55.08 -28.17 19.78
CA CYS I 10 -54.74 -26.95 19.06
C CYS I 10 -53.47 -27.08 18.25
N ASN I 11 -52.56 -27.98 18.64
CA ASN I 11 -51.30 -28.24 17.94
C ASN I 11 -50.32 -27.07 18.04
N ASN I 12 -50.66 -26.04 18.80
CA ASN I 12 -49.77 -24.91 19.03
C ASN I 12 -48.99 -25.10 20.33
N MET I 13 -47.89 -24.36 20.45
CA MET I 13 -46.96 -24.59 21.54
C MET I 13 -47.58 -24.22 22.88
N LEU I 14 -47.35 -25.06 23.88
CA LEU I 14 -47.76 -24.79 25.25
C LEU I 14 -46.79 -23.78 25.86
N TYR I 15 -47.32 -22.62 26.24
CA TYR I 15 -46.50 -21.55 26.78
C TYR I 15 -46.78 -21.42 28.27
N PRO I 16 -45.89 -21.86 29.16
CA PRO I 16 -46.22 -21.88 30.59
C PRO I 16 -46.40 -20.49 31.17
N LYS I 17 -47.63 -20.16 31.57
CA LYS I 17 -47.94 -18.87 32.18
C LYS I 17 -48.27 -19.06 33.65
N GLU I 18 -47.70 -18.19 34.49
CA GLU I 18 -47.93 -18.26 35.92
C GLU I 18 -49.39 -17.97 36.25
N ASP I 19 -49.87 -18.58 37.33
CA ASP I 19 -51.17 -18.26 37.92
C ASP I 19 -50.88 -17.71 39.31
N LYS I 20 -50.91 -16.38 39.43
CA LYS I 20 -50.55 -15.74 40.70
C LYS I 20 -51.53 -16.11 41.80
N GLU I 21 -52.82 -16.26 41.48
CA GLU I 21 -53.81 -16.57 42.51
C GLU I 21 -53.44 -17.86 43.24
N ASN I 22 -53.20 -18.93 42.49
CA ASN I 22 -52.67 -20.17 43.07
C ASN I 22 -51.16 -20.14 43.17
N GLN I 23 -50.49 -19.20 42.50
CA GLN I 23 -49.05 -19.05 42.60
C GLN I 23 -48.35 -20.36 42.18
N ARG I 24 -48.72 -20.84 41.00
CA ARG I 24 -48.22 -22.12 40.50
C ARG I 24 -47.84 -21.97 39.03
N LEU I 25 -47.18 -23.00 38.51
CA LEU I 25 -46.79 -23.04 37.10
C LEU I 25 -47.82 -23.80 36.29
N LEU I 26 -48.04 -23.33 35.07
CA LEU I 26 -49.03 -23.92 34.16
C LEU I 26 -48.36 -24.20 32.82
N TYR I 27 -49.16 -24.70 31.88
CA TYR I 27 -48.73 -24.93 30.50
C TYR I 27 -49.86 -24.42 29.60
N SER I 28 -49.77 -23.16 29.20
CA SER I 28 -50.85 -22.48 28.51
C SER I 28 -50.49 -22.24 27.05
N CYS I 29 -51.32 -22.76 26.15
CA CYS I 29 -51.28 -22.41 24.75
C CYS I 29 -51.84 -21.01 24.56
N ARG I 30 -51.82 -20.54 23.31
CA ARG I 30 -52.27 -19.19 23.03
C ARG I 30 -53.36 -19.12 21.96
N ASN I 31 -53.27 -19.93 20.91
CA ASN I 31 -54.35 -19.98 19.93
C ASN I 31 -55.58 -20.70 20.47
N CYS I 32 -55.46 -21.39 21.60
CA CYS I 32 -56.60 -21.98 22.28
C CYS I 32 -56.50 -21.57 23.74
N ASP I 33 -57.34 -22.17 24.59
CA ASP I 33 -57.35 -21.89 26.02
C ASP I 33 -57.10 -23.13 26.87
N TYR I 34 -56.71 -24.24 26.24
CA TYR I 34 -56.39 -25.46 26.99
C TYR I 34 -55.20 -25.18 27.90
N THR I 35 -55.43 -25.18 29.21
CA THR I 35 -54.41 -24.91 30.20
C THR I 35 -54.23 -26.16 31.06
N GLU I 36 -52.98 -26.60 31.22
CA GLU I 36 -52.66 -27.77 32.00
C GLU I 36 -51.58 -27.44 33.02
N LEU I 37 -51.65 -28.09 34.16
CA LEU I 37 -50.69 -27.88 35.23
C LEU I 37 -49.30 -28.34 34.79
N ALA I 38 -48.27 -27.70 35.34
CA ALA I 38 -46.90 -28.03 35.07
C ALA I 38 -46.34 -28.91 36.19
N GLU I 39 -45.88 -30.11 35.83
CA GLU I 39 -45.42 -31.07 36.82
C GLU I 39 -44.21 -30.56 37.59
N ASP I 40 -43.28 -29.89 36.92
CA ASP I 40 -42.06 -29.39 37.52
C ASP I 40 -42.00 -27.87 37.39
N PRO I 41 -41.69 -27.14 38.47
CA PRO I 41 -41.60 -25.68 38.35
C PRO I 41 -40.53 -25.21 37.38
N LYS I 42 -39.68 -26.09 36.85
CA LYS I 42 -38.69 -25.66 35.87
C LYS I 42 -39.42 -25.11 34.65
N VAL I 43 -38.85 -24.05 34.08
CA VAL I 43 -39.45 -23.39 32.92
C VAL I 43 -38.59 -23.71 31.71
N TYR I 44 -37.34 -23.26 31.73
CA TYR I 44 -36.37 -23.56 30.69
C TYR I 44 -35.06 -23.92 31.38
N ARG I 45 -34.28 -24.81 30.77
CA ARG I 45 -32.96 -25.17 31.29
C ARG I 45 -31.97 -25.22 30.13
N HIS I 46 -30.80 -24.62 30.34
CA HIS I 46 -29.73 -24.62 29.36
C HIS I 46 -28.42 -24.96 30.07
N GLU I 47 -27.51 -25.61 29.35
CA GLU I 47 -26.23 -26.02 29.90
C GLU I 47 -25.08 -25.22 29.27
N LEU I 48 -23.91 -25.35 29.88
CA LEU I 48 -22.68 -24.74 29.38
C LEU I 48 -21.69 -25.74 28.83
N ILE I 49 -21.37 -26.77 29.60
CA ILE I 49 -20.45 -27.84 29.18
C ILE I 49 -21.29 -29.01 28.73
N THR I 50 -21.09 -29.44 27.48
CA THR I 50 -21.91 -30.45 26.86
C THR I 50 -21.13 -31.76 26.76
N ASN I 51 -21.68 -32.83 27.33
CA ASN I 51 -21.18 -34.18 27.13
C ASN I 51 -22.29 -35.12 26.67
N ILE I 52 -23.37 -34.58 26.09
CA ILE I 52 -24.51 -35.36 25.63
C ILE I 52 -24.37 -35.57 24.13
N GLY I 53 -24.86 -36.70 23.65
CA GLY I 53 -24.71 -37.10 22.27
C GLY I 53 -23.51 -37.97 22.01
N GLU I 54 -22.56 -38.03 22.95
CA GLU I 54 -21.41 -38.91 22.79
C GLU I 54 -21.82 -40.37 22.83
N THR I 55 -22.74 -40.72 23.73
CA THR I 55 -23.21 -42.09 23.87
C THR I 55 -24.62 -42.29 23.33
N ALA I 56 -25.23 -41.26 22.74
CA ALA I 56 -26.57 -41.37 22.17
C ALA I 56 -26.56 -41.53 20.65
N GLY I 57 -25.40 -41.41 20.01
CA GLY I 57 -25.30 -41.59 18.57
C GLY I 57 -24.99 -43.02 18.19
N ILE I 58 -25.95 -43.92 18.38
CA ILE I 58 -25.75 -45.36 18.21
C ILE I 58 -26.70 -45.87 17.14
N VAL I 59 -26.20 -46.75 16.29
CA VAL I 59 -27.00 -47.40 15.25
C VAL I 59 -26.79 -48.91 15.36
N ASP I 60 -27.85 -49.67 15.12
CA ASP I 60 -27.80 -51.11 15.35
C ASP I 60 -26.91 -51.83 14.35
N ASP I 61 -27.04 -51.48 13.07
CA ASP I 61 -26.36 -52.19 11.99
C ASP I 61 -24.86 -51.88 11.90
N ILE I 62 -24.31 -51.18 12.89
CA ILE I 62 -22.89 -50.82 12.87
C ILE I 62 -22.02 -52.07 12.92
N GLY I 63 -22.57 -53.18 13.41
CA GLY I 63 -21.82 -54.42 13.47
C GLY I 63 -21.55 -55.03 12.11
N GLN I 64 -22.17 -54.51 11.07
CA GLN I 64 -22.08 -55.07 9.72
C GLN I 64 -21.12 -54.30 8.83
N ASP I 65 -20.42 -53.30 9.36
CA ASP I 65 -19.57 -52.44 8.54
C ASP I 65 -18.15 -52.99 8.53
N PRO I 66 -17.58 -53.33 7.36
CA PRO I 66 -16.19 -53.81 7.34
C PRO I 66 -15.17 -52.69 7.32
N THR I 67 -15.59 -51.50 6.90
CA THR I 67 -14.65 -50.38 6.81
C THR I 67 -14.04 -50.07 8.16
N LEU I 68 -14.84 -50.13 9.22
CA LEU I 68 -14.31 -49.97 10.56
C LEU I 68 -13.31 -51.10 10.85
N PRO I 69 -12.24 -50.80 11.57
CA PRO I 69 -11.31 -51.86 11.98
C PRO I 69 -12.00 -52.81 12.97
N ARG I 70 -11.54 -54.04 12.96
CA ARG I 70 -11.92 -55.01 13.97
C ARG I 70 -10.89 -54.99 15.09
N SER I 71 -11.23 -55.62 16.21
CA SER I 71 -10.34 -55.61 17.36
C SER I 71 -10.63 -56.82 18.22
N ASP I 72 -9.60 -57.26 18.94
CA ASP I 72 -9.72 -58.34 19.90
C ASP I 72 -10.09 -57.85 21.29
N LYS I 73 -10.37 -56.56 21.43
CA LYS I 73 -10.83 -56.03 22.70
C LYS I 73 -11.96 -56.89 23.25
N GLU I 74 -11.72 -57.52 24.40
CA GLU I 74 -12.70 -58.41 24.99
C GLU I 74 -14.02 -57.67 25.18
N CYS I 75 -15.09 -58.29 24.70
CA CYS I 75 -16.41 -57.68 24.81
C CYS I 75 -16.95 -57.89 26.21
N PRO I 76 -17.33 -56.82 26.92
CA PRO I 76 -17.83 -57.01 28.29
C PRO I 76 -19.01 -57.96 28.39
N GLU I 77 -19.89 -57.98 27.40
CA GLU I 77 -21.11 -58.79 27.46
C GLU I 77 -20.99 -60.08 26.65
N CYS I 78 -20.73 -59.98 25.34
CA CYS I 78 -20.69 -61.16 24.49
C CYS I 78 -19.35 -61.88 24.54
N HIS I 79 -18.32 -61.26 25.14
CA HIS I 79 -17.03 -61.91 25.33
C HIS I 79 -16.43 -62.40 24.01
N SER I 80 -16.66 -61.63 22.95
CA SER I 80 -16.06 -61.89 21.65
C SER I 80 -14.68 -61.27 21.59
N ARG I 81 -13.89 -61.72 20.62
CA ARG I 81 -12.56 -61.18 20.36
C ARG I 81 -12.45 -60.73 18.91
N ASP I 82 -13.53 -60.18 18.38
CA ASP I 82 -13.55 -59.56 17.06
C ASP I 82 -14.57 -58.42 17.12
N CYS I 83 -14.10 -57.22 17.41
CA CYS I 83 -14.97 -56.08 17.61
C CYS I 83 -14.37 -54.84 16.97
N VAL I 84 -15.25 -53.89 16.62
CA VAL I 84 -14.85 -52.64 16.00
C VAL I 84 -14.85 -51.55 17.06
N PHE I 85 -14.07 -50.50 16.80
CA PHE I 85 -14.00 -49.37 17.71
C PHE I 85 -13.92 -48.09 16.90
N PHE I 86 -14.36 -46.99 17.51
CA PHE I 86 -14.38 -45.69 16.85
C PHE I 86 -14.36 -44.61 17.92
N GLN I 87 -14.51 -43.36 17.47
CA GLN I 87 -14.51 -42.19 18.34
C GLN I 87 -15.79 -41.39 18.13
N SER I 88 -16.13 -40.60 19.14
CA SER I 88 -17.33 -39.78 19.10
C SER I 88 -17.36 -38.93 17.82
N GLN I 89 -18.58 -38.64 17.37
CA GLN I 89 -18.81 -37.79 16.20
C GLN I 89 -18.76 -36.31 16.52
N GLN I 90 -18.61 -35.95 17.79
CA GLN I 90 -18.61 -34.54 18.19
C GLN I 90 -17.46 -33.80 17.52
N ARG I 91 -17.74 -32.62 17.00
CA ARG I 91 -16.76 -31.82 16.28
C ARG I 91 -16.07 -30.78 17.17
N ARG I 92 -16.36 -30.78 18.47
CA ARG I 92 -15.73 -29.82 19.35
C ARG I 92 -14.22 -30.00 19.36
N LYS I 93 -13.50 -28.87 19.38
CA LYS I 93 -12.05 -28.93 19.35
C LYS I 93 -11.46 -29.70 20.52
N ASP I 94 -12.16 -29.71 21.66
CA ASP I 94 -11.65 -30.30 22.90
C ASP I 94 -12.13 -31.73 23.09
N THR I 95 -12.58 -32.39 22.03
CA THR I 95 -13.05 -33.76 22.17
C THR I 95 -11.96 -34.64 22.76
N ASN I 96 -12.29 -35.34 23.84
CA ASN I 96 -11.35 -36.27 24.47
C ASN I 96 -11.52 -37.66 23.88
N MET I 97 -10.45 -38.15 23.26
CA MET I 97 -10.50 -39.40 22.49
C MET I 97 -10.38 -40.63 23.36
N THR I 98 -11.21 -40.74 24.40
CA THR I 98 -11.42 -42.01 25.09
C THR I 98 -12.39 -42.83 24.25
N LEU I 99 -11.85 -43.71 23.41
CA LEU I 99 -12.63 -44.31 22.35
C LEU I 99 -13.80 -45.11 22.91
N PHE I 100 -14.89 -45.12 22.14
CA PHE I 100 -16.10 -45.86 22.49
C PHE I 100 -16.03 -47.23 21.82
N TYR I 101 -15.30 -48.14 22.47
CA TYR I 101 -15.21 -49.50 21.96
C TYR I 101 -16.60 -50.11 21.87
N VAL I 102 -16.90 -50.72 20.73
CA VAL I 102 -18.21 -51.29 20.48
C VAL I 102 -18.03 -52.72 20.01
N CYS I 103 -18.89 -53.61 20.52
CA CYS I 103 -18.78 -55.04 20.23
C CYS I 103 -19.67 -55.40 19.05
N LEU I 104 -19.56 -56.64 18.59
CA LEU I 104 -20.42 -57.16 17.54
C LEU I 104 -21.89 -57.19 17.97
N ASN I 105 -22.14 -57.43 19.25
CA ASN I 105 -23.49 -57.71 19.74
C ASN I 105 -23.97 -56.71 20.78
N CYS I 106 -23.17 -56.39 21.80
CA CYS I 106 -23.65 -55.59 22.91
C CYS I 106 -23.97 -54.16 22.51
N LYS I 107 -23.25 -53.58 21.55
CA LYS I 107 -23.50 -52.21 21.11
C LYS I 107 -23.30 -51.23 22.26
N LYS I 108 -22.42 -51.57 23.20
CA LYS I 108 -22.23 -50.78 24.41
C LYS I 108 -21.00 -49.89 24.30
N THR I 109 -21.17 -48.62 24.65
CA THR I 109 -20.07 -47.66 24.68
C THR I 109 -19.34 -47.80 26.01
N PHE I 110 -18.46 -48.80 26.09
CA PHE I 110 -17.75 -49.12 27.32
C PHE I 110 -16.35 -48.54 27.29
N ARG I 111 -15.91 -48.07 28.46
CA ARG I 111 -14.56 -47.55 28.66
C ARG I 111 -13.86 -48.46 29.65
N ASP I 112 -12.81 -49.14 29.19
CA ASP I 112 -12.08 -50.10 30.02
C ASP I 112 -10.97 -49.46 30.84
N GLU I 113 -10.84 -48.14 30.79
CA GLU I 113 -9.82 -47.44 31.57
C GLU I 113 -9.92 -47.80 33.04
N MET J 1 13.51 -44.15 -37.77
CA MET J 1 12.47 -44.69 -38.70
C MET J 1 13.08 -45.70 -39.68
N ILE J 2 14.33 -45.47 -40.07
CA ILE J 2 15.13 -46.46 -40.78
C ILE J 2 16.28 -46.82 -39.86
N ILE J 3 17.08 -47.78 -40.28
CA ILE J 3 18.28 -48.11 -39.49
C ILE J 3 19.31 -47.02 -39.65
N PRO J 4 20.00 -46.60 -38.59
CA PRO J 4 21.09 -45.63 -38.77
C PRO J 4 22.21 -46.21 -39.61
N VAL J 5 22.88 -45.32 -40.36
CA VAL J 5 24.01 -45.76 -41.17
C VAL J 5 25.15 -46.24 -40.29
N ARG J 6 25.45 -45.49 -39.23
CA ARG J 6 26.58 -45.78 -38.36
C ARG J 6 26.11 -45.78 -36.91
N CYS J 7 27.02 -46.20 -36.02
CA CYS J 7 26.77 -46.08 -34.59
C CYS J 7 27.14 -44.69 -34.10
N PHE J 8 26.14 -43.92 -33.67
CA PHE J 8 26.38 -42.56 -33.21
C PHE J 8 27.63 -42.48 -32.35
N SER J 9 27.73 -43.36 -31.35
CA SER J 9 28.82 -43.27 -30.39
C SER J 9 30.18 -43.40 -31.08
N CYS J 10 30.42 -44.55 -31.72
CA CYS J 10 31.73 -44.85 -32.28
C CYS J 10 31.75 -44.61 -33.78
N GLY J 11 30.60 -44.81 -34.43
CA GLY J 11 30.51 -44.60 -35.87
C GLY J 11 30.55 -45.89 -36.67
N LYS J 12 30.41 -47.01 -35.99
CA LYS J 12 30.39 -48.29 -36.69
C LYS J 12 29.19 -48.34 -37.64
N VAL J 13 29.47 -48.65 -38.90
CA VAL J 13 28.40 -48.81 -39.87
C VAL J 13 27.49 -49.94 -39.41
N VAL J 14 26.18 -49.66 -39.37
CA VAL J 14 25.21 -50.61 -38.83
C VAL J 14 24.05 -50.90 -39.78
N GLY J 15 23.80 -50.07 -40.79
CA GLY J 15 22.58 -50.22 -41.57
C GLY J 15 22.50 -51.55 -42.29
N ASP J 16 23.62 -52.01 -42.85
CA ASP J 16 23.60 -53.24 -43.61
C ASP J 16 23.12 -54.42 -42.77
N LYS J 17 23.61 -54.54 -41.55
CA LYS J 17 23.29 -55.67 -40.68
C LYS J 17 21.81 -55.74 -40.31
N TRP J 18 21.07 -54.64 -40.45
CA TRP J 18 19.68 -54.62 -40.04
C TRP J 18 18.89 -55.75 -40.67
N ASP J 19 18.86 -55.82 -42.00
CA ASP J 19 18.17 -56.91 -42.67
C ASP J 19 18.64 -58.26 -42.16
N ALA J 20 19.95 -58.44 -42.03
CA ALA J 20 20.46 -59.67 -41.43
C ALA J 20 19.99 -59.82 -39.99
N TYR J 21 20.02 -58.72 -39.22
CA TYR J 21 19.54 -58.77 -37.86
C TYR J 21 18.07 -59.13 -37.81
N LEU J 22 17.27 -58.54 -38.71
CA LEU J 22 15.86 -58.90 -38.77
C LEU J 22 15.69 -60.38 -39.09
N ARG J 23 16.49 -60.90 -40.03
CA ARG J 23 16.42 -62.33 -40.33
C ARG J 23 16.70 -63.15 -39.08
N LEU J 24 17.75 -62.79 -38.34
CA LEU J 24 18.02 -63.46 -37.08
C LEU J 24 16.80 -63.41 -36.16
N LEU J 25 16.13 -62.27 -36.10
CA LEU J 25 14.93 -62.16 -35.30
C LEU J 25 13.86 -63.13 -35.76
N GLU J 26 13.69 -63.28 -37.08
CA GLU J 26 12.59 -64.06 -37.63
C GLU J 26 12.42 -65.37 -36.87
N GLU J 27 13.53 -66.06 -36.59
CA GLU J 27 13.50 -67.35 -35.92
C GLU J 27 13.47 -67.20 -34.40
N GLY J 28 13.14 -66.02 -33.90
CA GLY J 28 13.03 -65.81 -32.47
C GLY J 28 14.32 -65.94 -31.71
N LYS J 29 15.47 -65.91 -32.38
CA LYS J 29 16.75 -65.97 -31.68
C LYS J 29 16.85 -64.82 -30.69
N GLN J 30 17.33 -65.13 -29.50
CA GLN J 30 17.34 -64.18 -28.41
C GLN J 30 18.09 -62.90 -28.81
N GLU J 31 17.51 -61.76 -28.42
CA GLU J 31 18.10 -60.47 -28.74
C GLU J 31 19.60 -60.47 -28.51
N GLY J 32 20.03 -60.78 -27.27
CA GLY J 32 21.45 -60.82 -26.99
C GLY J 32 22.19 -61.79 -27.88
N ASP J 33 21.62 -62.98 -28.12
CA ASP J 33 22.27 -63.96 -28.96
C ASP J 33 22.46 -63.43 -30.37
N ALA J 34 21.41 -62.87 -30.96
CA ALA J 34 21.52 -62.33 -32.31
C ALA J 34 22.55 -61.20 -32.36
N LEU J 35 22.46 -60.28 -31.40
CA LEU J 35 23.46 -59.22 -31.31
C LEU J 35 24.86 -59.80 -31.31
N ASP J 36 25.08 -60.86 -30.55
CA ASP J 36 26.38 -61.51 -30.52
C ASP J 36 26.74 -62.03 -31.90
N GLU J 37 25.78 -62.65 -32.59
CA GLU J 37 26.05 -63.15 -33.93
C GLU J 37 26.57 -62.04 -34.83
N LEU J 38 25.93 -60.88 -34.80
CA LEU J 38 26.32 -59.77 -35.66
C LEU J 38 27.69 -59.20 -35.31
N LYS J 39 28.38 -59.76 -34.32
CA LYS J 39 29.69 -59.26 -33.90
C LYS J 39 29.59 -57.80 -33.49
N LEU J 40 28.52 -57.49 -32.77
CA LEU J 40 28.23 -56.16 -32.27
C LEU J 40 28.38 -56.21 -30.76
N LYS J 41 29.61 -56.02 -30.29
CA LYS J 41 29.93 -56.19 -28.88
C LYS J 41 29.58 -54.94 -28.09
N ARG J 42 30.15 -53.81 -28.49
CA ARG J 42 29.93 -52.56 -27.79
C ARG J 42 28.44 -52.25 -27.70
N TYR J 43 27.94 -52.19 -26.47
CA TYR J 43 26.57 -51.77 -26.26
C TYR J 43 26.31 -50.36 -26.79
N CYS J 44 27.35 -49.56 -26.98
CA CYS J 44 27.18 -48.33 -27.75
C CYS J 44 26.57 -48.64 -29.10
N CYS J 45 27.02 -49.74 -29.71
CA CYS J 45 26.37 -50.24 -30.91
C CYS J 45 25.07 -50.96 -30.61
N ARG J 46 25.09 -51.89 -29.64
CA ARG J 46 23.95 -52.77 -29.44
C ARG J 46 22.67 -51.97 -29.18
N ARG J 47 22.80 -50.82 -28.52
CA ARG J 47 21.66 -50.07 -28.03
C ARG J 47 20.67 -49.72 -29.14
N MET J 48 21.13 -49.11 -30.23
CA MET J 48 20.20 -48.63 -31.26
C MET J 48 19.37 -49.80 -31.77
N VAL J 49 20.03 -50.78 -32.40
CA VAL J 49 19.33 -51.90 -32.97
C VAL J 49 18.51 -52.64 -31.92
N LEU J 50 18.95 -52.64 -30.66
CA LEU J 50 18.18 -53.28 -29.61
C LEU J 50 16.89 -52.54 -29.35
N THR J 51 16.89 -51.23 -29.60
CA THR J 51 15.71 -50.39 -29.39
C THR J 51 15.48 -49.48 -30.58
N HIS J 52 16.05 -49.84 -31.73
CA HIS J 52 15.78 -49.11 -32.96
C HIS J 52 14.37 -49.40 -33.43
N VAL J 53 13.65 -48.33 -33.77
CA VAL J 53 12.28 -48.42 -34.26
C VAL J 53 12.29 -48.05 -35.73
N ASP J 54 11.72 -48.91 -36.56
CA ASP J 54 11.68 -48.72 -38.01
C ASP J 54 10.22 -48.52 -38.42
N LEU J 55 9.94 -47.40 -39.08
CA LEU J 55 8.57 -47.04 -39.45
C LEU J 55 8.46 -46.46 -40.85
N ILE J 56 9.49 -46.63 -41.68
CA ILE J 56 9.37 -46.19 -43.07
C ILE J 56 8.21 -46.90 -43.76
N GLU J 57 7.99 -48.17 -43.44
CA GLU J 57 6.89 -48.91 -44.05
C GLU J 57 5.57 -48.19 -43.90
N LYS J 58 5.32 -47.59 -42.74
CA LYS J 58 4.08 -46.86 -42.53
C LYS J 58 3.94 -45.75 -43.56
N PHE J 59 5.07 -45.17 -44.00
CA PHE J 59 5.02 -44.21 -45.09
C PHE J 59 4.73 -44.91 -46.41
N LEU J 60 5.34 -46.06 -46.65
CA LEU J 60 5.02 -46.83 -47.84
C LEU J 60 3.56 -47.26 -47.81
N ARG J 61 3.03 -47.64 -46.65
CA ARG J 61 1.62 -47.96 -46.54
C ARG J 61 0.75 -46.87 -47.15
N TYR J 62 1.06 -45.61 -46.90
CA TYR J 62 0.32 -44.51 -47.52
C TYR J 62 0.43 -44.60 -49.03
N ASN J 63 -0.71 -44.49 -49.69
CA ASN J 63 -0.72 -44.48 -51.14
C ASN J 63 0.06 -43.28 -51.66
N PRO J 64 1.23 -43.46 -52.29
CA PRO J 64 1.94 -42.29 -52.82
C PRO J 64 1.09 -41.59 -53.87
N LEU J 65 1.19 -40.26 -53.88
CA LEU J 65 0.37 -39.47 -54.80
C LEU J 65 0.59 -39.88 -56.25
N GLU J 66 1.77 -40.41 -56.58
CA GLU J 66 2.04 -40.92 -57.91
C GLU J 66 2.51 -42.37 -57.84
N MET K 1 23.69 -20.39 -36.47
CA MET K 1 23.72 -19.27 -37.45
C MET K 1 24.94 -18.37 -37.19
N ASN K 2 25.48 -18.44 -35.97
CA ASN K 2 26.77 -17.84 -35.65
C ASN K 2 27.88 -18.87 -35.52
N ALA K 3 27.58 -20.14 -35.78
CA ALA K 3 28.57 -21.19 -35.59
C ALA K 3 29.70 -21.01 -36.59
N PRO K 4 30.96 -21.24 -36.19
CA PRO K 4 32.08 -21.06 -37.13
C PRO K 4 32.21 -22.22 -38.09
N ASP K 5 33.02 -22.00 -39.13
CA ASP K 5 33.19 -23.00 -40.18
C ASP K 5 33.96 -24.21 -39.66
N ARG K 6 33.60 -25.40 -40.15
CA ARG K 6 34.29 -26.62 -39.75
C ARG K 6 35.61 -26.81 -40.50
N PHE K 7 35.62 -26.46 -41.79
CA PHE K 7 36.82 -26.70 -42.60
C PHE K 7 38.00 -25.85 -42.15
N GLU K 8 37.75 -24.77 -41.41
CA GLU K 8 38.84 -23.92 -40.93
C GLU K 8 39.58 -24.54 -39.76
N LEU K 9 39.09 -25.66 -39.23
CA LEU K 9 39.74 -26.28 -38.08
C LEU K 9 41.21 -26.61 -38.39
N PHE K 10 41.55 -26.76 -39.66
CA PHE K 10 42.89 -27.15 -40.06
C PHE K 10 43.50 -26.20 -41.08
N ILE K 11 42.67 -25.44 -41.80
CA ILE K 11 43.19 -24.48 -42.77
C ILE K 11 43.83 -23.31 -42.04
N LEU K 12 45.12 -23.09 -42.30
CA LEU K 12 45.79 -21.89 -41.80
C LEU K 12 45.54 -20.72 -42.74
N PRO K 13 45.05 -19.59 -42.25
CA PRO K 13 44.97 -18.40 -43.12
C PRO K 13 46.35 -17.95 -43.56
N ASP K 14 46.39 -17.39 -44.78
CA ASP K 14 47.66 -16.99 -45.37
C ASP K 14 48.36 -15.92 -44.55
N ASP K 15 47.63 -14.87 -44.14
CA ASP K 15 48.29 -13.73 -43.50
C ASP K 15 48.95 -14.13 -42.19
N VAL K 16 48.42 -15.12 -41.49
CA VAL K 16 48.97 -15.53 -40.21
C VAL K 16 49.88 -16.74 -40.42
N PRO K 17 51.02 -16.82 -39.72
CA PRO K 17 51.84 -18.02 -39.79
C PRO K 17 51.25 -19.15 -38.96
N LYS K 18 51.68 -20.37 -39.30
CA LYS K 18 51.25 -21.52 -38.52
C LYS K 18 51.70 -21.39 -37.07
N LEU K 19 52.87 -20.79 -36.86
CA LEU K 19 53.43 -20.59 -35.53
C LEU K 19 53.80 -19.13 -35.35
N LYS K 20 53.83 -18.70 -34.09
CA LYS K 20 54.24 -17.34 -33.75
C LYS K 20 55.08 -17.38 -32.48
N ILE K 21 56.23 -16.72 -32.55
CA ILE K 21 57.18 -16.67 -31.46
C ILE K 21 56.98 -15.38 -30.67
N THR K 22 57.36 -15.41 -29.40
CA THR K 22 57.43 -14.21 -28.60
C THR K 22 58.32 -14.47 -27.42
N PRO K 23 59.43 -13.74 -27.27
CA PRO K 23 60.27 -13.92 -26.08
C PRO K 23 59.52 -13.51 -24.82
N ASP K 24 59.80 -14.24 -23.75
CA ASP K 24 59.23 -13.95 -22.43
C ASP K 24 60.26 -13.15 -21.64
N SER K 25 60.06 -11.84 -21.60
CA SER K 25 60.99 -10.97 -20.88
C SER K 25 61.00 -11.25 -19.39
N ARG K 26 59.90 -11.74 -18.82
CA ARG K 26 59.80 -11.87 -17.37
C ARG K 26 60.83 -12.82 -16.79
N VAL K 27 61.36 -13.74 -17.58
CA VAL K 27 62.40 -14.65 -17.09
C VAL K 27 63.38 -14.91 -18.22
N PRO K 28 64.64 -15.24 -17.88
CA PRO K 28 65.67 -15.35 -18.92
C PRO K 28 65.42 -16.50 -19.88
N ASN K 29 65.83 -16.30 -21.13
CA ASN K 29 65.84 -17.34 -22.16
C ASN K 29 64.51 -18.09 -22.22
N CYS K 30 63.42 -17.37 -21.94
CA CYS K 30 62.08 -17.94 -22.02
C CYS K 30 61.34 -17.27 -23.18
N ILE K 31 60.70 -18.10 -24.00
CA ILE K 31 59.94 -17.62 -25.13
C ILE K 31 58.47 -17.94 -24.91
N ILE K 32 57.65 -17.44 -25.81
CA ILE K 32 56.23 -17.75 -25.86
C ILE K 32 55.89 -18.10 -27.29
N ILE K 33 55.26 -19.26 -27.49
CA ILE K 33 54.87 -19.73 -28.81
C ILE K 33 53.35 -19.66 -28.89
N LYS K 34 52.86 -18.85 -29.80
CA LYS K 34 51.43 -18.77 -30.10
C LYS K 34 51.18 -19.76 -31.23
N PHE K 35 50.16 -20.59 -31.05
CA PHE K 35 49.87 -21.68 -31.96
C PHE K 35 48.60 -21.42 -32.74
N GLU K 36 48.54 -21.96 -33.94
CA GLU K 36 47.36 -21.88 -34.78
C GLU K 36 47.07 -23.25 -35.39
N ARG K 37 45.79 -23.60 -35.41
CA ARG K 37 45.33 -24.80 -36.11
C ARG K 37 45.97 -26.05 -35.53
N GLU K 38 46.11 -26.08 -34.21
CA GLU K 38 46.71 -27.23 -33.53
C GLU K 38 46.03 -27.42 -32.19
N ASP K 39 46.15 -28.63 -31.66
CA ASP K 39 45.43 -29.03 -30.47
C ASP K 39 46.34 -29.90 -29.62
N HIS K 40 45.74 -30.62 -28.66
CA HIS K 40 46.53 -31.48 -27.77
C HIS K 40 47.36 -32.49 -28.55
N THR K 41 46.91 -32.90 -29.72
CA THR K 41 47.63 -33.95 -30.46
C THR K 41 49.09 -33.58 -30.64
N LEU K 42 49.36 -32.39 -31.18
CA LEU K 42 50.74 -31.93 -31.33
C LEU K 42 51.26 -31.29 -30.05
N ALA K 43 50.40 -30.55 -29.36
CA ALA K 43 50.84 -29.80 -28.19
C ALA K 43 51.45 -30.73 -27.14
N ASN K 44 50.66 -31.70 -26.67
CA ASN K 44 51.15 -32.62 -25.64
C ASN K 44 52.33 -33.43 -26.14
N LEU K 45 52.29 -33.86 -27.40
CA LEU K 45 53.38 -34.65 -27.94
C LEU K 45 54.69 -33.90 -27.89
N LEU K 46 54.72 -32.67 -28.42
CA LEU K 46 55.93 -31.87 -28.35
C LEU K 46 56.30 -31.55 -26.92
N ARG K 47 55.31 -31.25 -26.08
CA ARG K 47 55.57 -30.84 -24.71
C ARG K 47 56.25 -31.95 -23.92
N GLU K 48 55.78 -33.18 -24.07
CA GLU K 48 56.38 -34.28 -23.31
C GLU K 48 57.81 -34.52 -23.76
N GLU K 49 58.03 -34.63 -25.07
CA GLU K 49 59.38 -34.83 -25.59
C GLU K 49 60.32 -33.76 -25.08
N LEU K 50 59.90 -32.49 -25.16
CA LEU K 50 60.75 -31.42 -24.67
C LEU K 50 60.98 -31.53 -23.17
N ALA K 51 59.93 -31.84 -22.41
CA ALA K 51 60.08 -31.95 -20.96
C ALA K 51 61.07 -33.03 -20.59
N LEU K 52 61.24 -34.05 -21.45
CA LEU K 52 62.27 -35.04 -21.20
C LEU K 52 63.67 -34.48 -21.39
N TYR K 53 63.80 -33.34 -22.07
CA TYR K 53 65.11 -32.75 -22.28
C TYR K 53 65.66 -32.20 -20.97
N PRO K 54 66.97 -32.34 -20.72
CA PRO K 54 67.56 -31.81 -19.49
C PRO K 54 67.84 -30.32 -19.56
N ASP K 55 68.13 -29.82 -20.77
CA ASP K 55 68.54 -28.44 -20.97
C ASP K 55 67.37 -27.46 -20.98
N VAL K 56 66.20 -27.87 -20.51
CA VAL K 56 65.03 -27.01 -20.47
C VAL K 56 64.76 -26.65 -19.02
N THR K 57 64.62 -25.35 -18.76
CA THR K 57 64.20 -24.90 -17.43
C THR K 57 62.69 -25.02 -17.26
N PHE K 58 61.93 -24.36 -18.14
CA PHE K 58 60.48 -24.37 -18.06
C PHE K 58 59.90 -24.64 -19.43
N VAL K 59 58.69 -25.20 -19.45
CA VAL K 59 57.92 -25.44 -20.66
C VAL K 59 56.50 -25.75 -20.24
N ALA K 60 55.53 -25.11 -20.87
CA ALA K 60 54.13 -25.39 -20.56
C ALA K 60 53.27 -24.72 -21.60
N TYR K 61 52.20 -25.41 -21.97
CA TYR K 61 51.26 -24.93 -22.96
C TYR K 61 49.85 -25.04 -22.40
N LYS K 62 48.95 -24.27 -23.00
CA LYS K 62 47.54 -24.34 -22.64
C LYS K 62 46.75 -23.78 -23.81
N VAL K 63 45.51 -24.23 -23.94
CA VAL K 63 44.59 -23.74 -24.95
C VAL K 63 43.75 -22.66 -24.28
N GLU K 64 43.78 -21.46 -24.84
CA GLU K 64 43.06 -20.35 -24.23
C GLU K 64 41.56 -20.62 -24.17
N HIS K 65 41.01 -21.21 -25.23
CA HIS K 65 39.57 -21.41 -25.32
C HIS K 65 39.27 -22.42 -26.41
N PRO K 66 38.46 -23.44 -26.12
CA PRO K 66 38.29 -24.54 -27.10
C PRO K 66 37.77 -24.09 -28.45
N LEU K 67 37.02 -23.00 -28.51
CA LEU K 67 36.37 -22.62 -29.76
C LEU K 67 37.35 -22.14 -30.83
N PHE K 68 38.61 -21.94 -30.49
CA PHE K 68 39.57 -21.31 -31.39
C PHE K 68 40.73 -22.25 -31.63
N ALA K 69 41.06 -22.45 -32.90
CA ALA K 69 42.14 -23.36 -33.29
C ALA K 69 43.48 -22.63 -33.12
N ASN K 70 43.80 -22.34 -31.87
CA ASN K 70 45.04 -21.65 -31.53
C ASN K 70 45.27 -21.74 -30.04
N PHE K 71 46.49 -22.10 -29.66
CA PHE K 71 46.87 -22.16 -28.26
C PHE K 71 48.27 -21.58 -28.12
N VAL K 72 48.81 -21.63 -26.91
CA VAL K 72 50.07 -20.98 -26.58
C VAL K 72 50.92 -21.92 -25.73
N MET K 73 52.23 -21.68 -25.76
CA MET K 73 53.18 -22.41 -24.93
C MET K 73 54.28 -21.46 -24.49
N ARG K 74 54.74 -21.62 -23.25
CA ARG K 74 55.80 -20.81 -22.67
C ARG K 74 56.99 -21.71 -22.36
N LEU K 75 58.02 -21.64 -23.20
CA LEU K 75 59.22 -22.45 -23.05
C LEU K 75 60.33 -21.60 -22.46
N GLN K 76 61.16 -22.22 -21.64
CA GLN K 76 62.40 -21.59 -21.19
C GLN K 76 63.48 -22.65 -21.13
N THR K 77 64.37 -22.63 -22.11
CA THR K 77 65.57 -23.45 -22.10
C THR K 77 66.67 -22.71 -21.34
N GLU K 78 67.45 -23.48 -20.59
CA GLU K 78 68.49 -22.88 -19.78
C GLU K 78 69.48 -22.12 -20.66
N GLU K 79 70.39 -21.41 -19.99
CA GLU K 79 71.15 -20.35 -20.64
C GLU K 79 71.78 -20.80 -21.95
N GLY K 80 72.46 -21.95 -21.97
CA GLY K 80 73.15 -22.36 -23.18
C GLY K 80 72.22 -22.51 -24.36
N THR K 81 71.09 -23.18 -24.15
CA THR K 81 70.16 -23.51 -25.23
C THR K 81 69.07 -22.45 -25.32
N ARG K 82 69.01 -21.75 -26.43
CA ARG K 82 67.84 -20.95 -26.70
C ARG K 82 66.65 -21.87 -26.97
N PRO K 83 65.45 -21.45 -26.60
CA PRO K 83 64.29 -22.37 -26.70
C PRO K 83 64.07 -22.95 -28.08
N LYS K 84 64.29 -22.17 -29.13
CA LYS K 84 63.94 -22.61 -30.48
C LYS K 84 64.73 -23.85 -30.88
N GLN K 85 65.98 -23.92 -30.45
CA GLN K 85 66.83 -25.05 -30.83
C GLN K 85 66.38 -26.32 -30.13
N ALA K 86 66.04 -26.24 -28.84
CA ALA K 86 65.49 -27.39 -28.15
C ALA K 86 64.17 -27.82 -28.78
N LEU K 87 63.38 -26.84 -29.23
CA LEU K 87 62.12 -27.18 -29.89
C LEU K 87 62.36 -27.99 -31.16
N GLU K 88 63.22 -27.50 -32.05
CA GLU K 88 63.51 -28.26 -33.25
C GLU K 88 64.17 -29.60 -32.92
N ARG K 89 64.93 -29.65 -31.81
CA ARG K 89 65.50 -30.91 -31.36
C ARG K 89 64.40 -31.91 -31.03
N ALA K 90 63.39 -31.47 -30.28
CA ALA K 90 62.26 -32.34 -29.97
C ALA K 90 61.53 -32.75 -31.24
N CYS K 91 61.40 -31.82 -32.19
CA CYS K 91 60.77 -32.14 -33.46
C CYS K 91 61.51 -33.30 -34.14
N ALA K 92 62.82 -33.18 -34.27
CA ALA K 92 63.60 -34.23 -34.92
C ALA K 92 63.55 -35.53 -34.12
N SER K 93 63.59 -35.43 -32.79
CA SER K 93 63.54 -36.63 -31.97
C SER K 93 62.25 -37.40 -32.16
N ILE K 94 61.12 -36.69 -32.13
CA ILE K 94 59.84 -37.34 -32.36
C ILE K 94 59.79 -37.88 -33.79
N ILE K 95 60.36 -37.14 -34.74
CA ILE K 95 60.39 -37.61 -36.11
C ILE K 95 61.07 -38.97 -36.18
N ASN K 96 62.25 -39.09 -35.58
CA ASN K 96 63.00 -40.34 -35.66
C ASN K 96 62.30 -41.45 -34.88
N LYS K 97 61.74 -41.14 -33.71
CA LYS K 97 61.03 -42.16 -32.95
C LYS K 97 59.82 -42.67 -33.72
N LEU K 98 59.06 -41.76 -34.33
CA LEU K 98 57.91 -42.16 -35.13
C LEU K 98 58.33 -42.99 -36.32
N LYS K 99 59.42 -42.61 -36.98
CA LYS K 99 59.91 -43.41 -38.11
C LYS K 99 60.35 -44.79 -37.65
N THR K 100 61.00 -44.86 -36.49
CA THR K 100 61.40 -46.15 -35.94
C THR K 100 60.18 -47.03 -35.69
N LEU K 101 59.17 -46.49 -35.01
CA LEU K 101 57.96 -47.26 -34.77
C LEU K 101 57.26 -47.61 -36.07
N ASP K 102 57.36 -46.73 -37.07
CA ASP K 102 56.73 -46.99 -38.35
C ASP K 102 57.36 -48.20 -39.03
N HIS K 103 58.69 -48.23 -39.11
CA HIS K 103 59.36 -49.37 -39.73
C HIS K 103 59.13 -50.62 -38.90
N LYS K 104 59.11 -50.48 -37.57
CA LYS K 104 58.82 -51.63 -36.71
C LYS K 104 57.43 -52.19 -36.99
N PHE K 105 56.43 -51.32 -37.13
CA PHE K 105 55.08 -51.77 -37.39
C PHE K 105 54.97 -52.38 -38.78
N ASN K 106 55.67 -51.80 -39.75
CA ASN K 106 55.76 -52.42 -41.07
C ASN K 106 56.27 -53.85 -40.95
N GLU K 107 57.36 -54.04 -40.22
CA GLU K 107 57.94 -55.36 -40.04
C GLU K 107 56.97 -56.30 -39.36
N GLU K 108 56.29 -55.82 -38.31
CA GLU K 108 55.44 -56.70 -37.52
C GLU K 108 54.19 -57.09 -38.28
N TRP K 109 53.60 -56.14 -39.02
CA TRP K 109 52.47 -56.46 -39.88
C TRP K 109 52.88 -57.44 -40.97
N ASN K 110 54.07 -57.25 -41.54
CA ASN K 110 54.55 -58.16 -42.58
C ASN K 110 54.71 -59.57 -42.03
N ILE K 111 55.36 -59.70 -40.87
CA ILE K 111 55.64 -61.03 -40.32
C ILE K 111 54.36 -61.69 -39.82
N LYS K 112 53.49 -60.93 -39.16
CA LYS K 112 52.28 -61.51 -38.60
C LYS K 112 51.44 -62.19 -39.68
N ASN K 113 51.43 -61.62 -40.87
CA ASN K 113 50.64 -62.18 -41.97
C ASN K 113 51.38 -63.32 -42.65
N GLY L 28 1.44 -24.69 -70.09
CA GLY L 28 2.58 -23.89 -69.54
C GLY L 28 3.21 -24.55 -68.33
N VAL L 29 2.72 -24.21 -67.15
CA VAL L 29 3.17 -24.80 -65.90
C VAL L 29 2.62 -26.21 -65.81
N LYS L 30 3.41 -27.12 -65.23
CA LYS L 30 3.00 -28.50 -65.08
C LYS L 30 2.48 -28.75 -63.67
N TYR L 31 1.29 -29.32 -63.58
CA TYR L 31 0.63 -29.66 -62.32
C TYR L 31 0.38 -31.18 -62.29
N THR L 32 -0.30 -31.63 -61.26
CA THR L 32 -0.62 -33.06 -61.14
C THR L 32 -1.73 -33.24 -60.11
N CYS L 33 -2.54 -34.28 -60.30
CA CYS L 33 -3.61 -34.58 -59.37
C CYS L 33 -3.11 -35.33 -58.15
N GLY L 34 -3.93 -35.36 -57.11
CA GLY L 34 -3.60 -36.09 -55.90
C GLY L 34 -4.20 -37.48 -55.83
N ALA L 35 -5.25 -37.75 -56.59
CA ALA L 35 -5.96 -39.03 -56.53
C ALA L 35 -5.60 -39.95 -57.68
N CYS L 36 -5.81 -39.52 -58.92
CA CYS L 36 -5.52 -40.35 -60.08
C CYS L 36 -4.05 -40.36 -60.47
N ALA L 37 -3.26 -39.40 -59.99
CA ALA L 37 -1.83 -39.34 -60.29
C ALA L 37 -1.59 -39.09 -61.78
N HIS L 38 -2.08 -37.96 -62.28
CA HIS L 38 -1.87 -37.55 -63.65
C HIS L 38 -1.45 -36.08 -63.71
N ASN L 39 -0.47 -35.78 -64.55
CA ASN L 39 0.01 -34.43 -64.76
C ASN L 39 -0.79 -33.75 -65.85
N PHE L 40 -1.19 -32.51 -65.60
CA PHE L 40 -1.88 -31.70 -66.59
C PHE L 40 -1.51 -30.23 -66.35
N SER L 41 -1.64 -29.42 -67.40
CA SER L 41 -1.25 -28.01 -67.34
C SER L 41 -2.46 -27.13 -67.59
N LEU L 42 -2.67 -26.18 -66.68
CA LEU L 42 -3.66 -25.13 -66.85
C LEU L 42 -2.93 -23.83 -67.13
N ASN L 43 -3.65 -22.84 -67.65
CA ASN L 43 -3.03 -21.58 -68.02
C ASN L 43 -3.73 -20.41 -67.33
N LYS L 44 -4.04 -20.58 -66.04
CA LYS L 44 -4.71 -19.56 -65.24
C LYS L 44 -6.00 -19.07 -65.88
N SER L 45 -6.63 -19.91 -66.69
CA SER L 45 -7.90 -19.58 -67.31
C SER L 45 -8.97 -20.63 -67.00
N ASP L 46 -8.62 -21.90 -67.03
CA ASP L 46 -9.57 -22.96 -66.68
C ASP L 46 -9.80 -22.97 -65.18
N PRO L 47 -11.05 -23.07 -64.71
CA PRO L 47 -11.25 -23.30 -63.28
C PRO L 47 -10.51 -24.54 -62.83
N VAL L 48 -9.87 -24.43 -61.65
CA VAL L 48 -8.94 -25.46 -61.21
C VAL L 48 -9.70 -26.70 -60.79
N ARG L 49 -9.78 -27.68 -61.68
CA ARG L 49 -10.31 -29.00 -61.38
C ARG L 49 -9.47 -30.04 -62.10
N CYS L 50 -9.39 -31.23 -61.51
CA CYS L 50 -8.63 -32.31 -62.12
C CYS L 50 -9.09 -32.52 -63.55
N LYS L 51 -8.15 -32.49 -64.48
CA LYS L 51 -8.49 -32.66 -65.89
C LYS L 51 -8.91 -34.08 -66.21
N GLU L 52 -8.70 -35.03 -65.31
CA GLU L 52 -8.84 -36.45 -65.67
C GLU L 52 -9.72 -37.25 -64.72
N CYS L 53 -9.77 -36.91 -63.43
CA CYS L 53 -10.66 -37.63 -62.50
C CYS L 53 -11.48 -36.71 -61.62
N GLY L 54 -11.56 -35.42 -61.93
CA GLY L 54 -12.42 -34.52 -61.19
C GLY L 54 -12.05 -34.28 -59.75
N HIS L 55 -10.95 -34.85 -59.27
CA HIS L 55 -10.51 -34.58 -57.91
C HIS L 55 -10.24 -33.09 -57.76
N ARG L 56 -10.73 -32.53 -56.65
CA ARG L 56 -10.73 -31.07 -56.47
C ARG L 56 -9.52 -30.57 -55.71
N VAL L 57 -8.38 -31.24 -55.82
CA VAL L 57 -7.15 -30.80 -55.17
C VAL L 57 -5.97 -31.12 -56.10
N ILE L 58 -5.29 -30.08 -56.57
CA ILE L 58 -4.15 -30.22 -57.48
C ILE L 58 -2.91 -29.73 -56.77
N TYR L 59 -1.76 -29.89 -57.45
CA TYR L 59 -0.47 -29.54 -56.89
C TYR L 59 0.49 -29.16 -58.01
N LYS L 60 1.56 -28.48 -57.64
CA LYS L 60 2.62 -28.14 -58.58
C LYS L 60 3.75 -29.17 -58.51
N ALA L 61 4.60 -29.16 -59.53
CA ALA L 61 5.66 -30.14 -59.67
C ALA L 61 7.01 -29.54 -59.32
N ARG L 62 8.03 -30.41 -59.26
CA ARG L 62 9.38 -29.98 -58.96
C ARG L 62 9.83 -28.92 -59.98
N THR L 63 10.85 -28.15 -59.58
CA THR L 63 11.42 -27.15 -60.46
C THR L 63 12.37 -27.82 -61.45
N LYS L 64 12.84 -27.04 -62.42
CA LYS L 64 13.74 -27.54 -63.45
C LYS L 64 15.21 -27.22 -63.16
N ARG L 65 15.51 -26.61 -62.03
CA ARG L 65 16.90 -26.35 -61.68
C ARG L 65 17.48 -27.52 -60.89
N MET L 66 18.80 -27.60 -60.87
CA MET L 66 19.47 -28.72 -60.22
C MET L 66 19.62 -28.45 -58.72
N ILE L 67 19.63 -29.52 -57.93
CA ILE L 67 19.65 -29.45 -56.48
C ILE L 67 20.96 -30.04 -55.99
N GLN L 68 21.49 -29.48 -54.90
CA GLN L 68 22.70 -29.98 -54.27
C GLN L 68 22.42 -30.33 -52.81
N PHE L 69 23.34 -31.09 -52.22
CA PHE L 69 23.25 -31.43 -50.80
C PHE L 69 24.64 -31.71 -50.27
N ASP L 70 25.01 -31.02 -49.20
CA ASP L 70 26.31 -31.22 -48.57
C ASP L 70 26.45 -32.56 -47.89
N ALA L 71 25.35 -33.27 -47.65
CA ALA L 71 25.38 -34.62 -47.10
C ALA L 71 26.20 -34.68 -45.81
N ARG L 72 26.09 -33.64 -44.98
CA ARG L 72 26.80 -33.60 -43.70
C ARG L 72 25.83 -33.66 -42.53
N ILE M 18 -39.43 4.82 16.98
CA ILE M 18 -38.95 5.79 15.98
C ILE M 18 -39.85 5.76 14.75
N LYS M 19 -40.46 6.90 14.43
CA LYS M 19 -41.28 6.99 13.23
C LYS M 19 -40.40 6.95 11.98
N GLN M 20 -40.95 6.40 10.90
CA GLN M 20 -40.23 6.25 9.64
C GLN M 20 -41.17 6.63 8.49
N LYS M 21 -41.14 7.90 8.11
CA LYS M 21 -41.90 8.35 6.95
C LYS M 21 -41.31 7.76 5.69
N LEU M 22 -42.17 7.18 4.84
CA LEU M 22 -41.75 6.49 3.63
C LEU M 22 -42.50 7.08 2.45
N GLU M 23 -41.86 8.02 1.75
CA GLU M 23 -42.41 8.53 0.50
C GLU M 23 -42.13 7.52 -0.61
N THR M 24 -42.99 6.53 -0.73
CA THR M 24 -42.76 5.36 -1.56
C THR M 24 -43.16 5.65 -3.00
N GLN M 25 -42.95 4.64 -3.85
CA GLN M 25 -43.32 4.70 -5.26
C GLN M 25 -44.72 4.15 -5.53
N PHE M 26 -45.41 3.67 -4.50
CA PHE M 26 -46.72 3.06 -4.70
C PHE M 26 -47.69 4.09 -5.30
N THR M 27 -48.54 3.60 -6.20
CA THR M 27 -49.54 4.42 -6.88
C THR M 27 -50.87 4.27 -6.17
N CYS M 28 -51.53 5.39 -5.88
CA CYS M 28 -52.80 5.37 -5.18
C CYS M 28 -53.96 5.40 -6.19
N LEU M 29 -55.05 4.75 -5.81
CA LEU M 29 -56.15 4.53 -6.76
C LEU M 29 -56.99 5.77 -6.97
N PHE M 30 -57.05 6.68 -5.99
CA PHE M 30 -58.02 7.78 -6.07
C PHE M 30 -57.58 8.83 -7.09
N CYS M 31 -56.46 9.50 -6.83
CA CYS M 31 -55.95 10.49 -7.77
C CYS M 31 -55.02 9.89 -8.81
N ASN M 32 -54.74 8.59 -8.74
CA ASN M 32 -54.02 7.87 -9.79
C ASN M 32 -52.65 8.48 -10.07
N HIS M 33 -51.99 8.98 -9.03
CA HIS M 33 -50.64 9.52 -9.13
C HIS M 33 -49.67 8.56 -8.46
N ASP M 34 -48.67 8.11 -9.21
CA ASP M 34 -47.68 7.20 -8.68
C ASP M 34 -46.67 7.95 -7.81
N ASN M 35 -46.03 7.21 -6.90
CA ASN M 35 -45.16 7.80 -5.89
C ASN M 35 -45.91 8.82 -5.03
N SER M 36 -47.24 8.73 -5.06
CA SER M 36 -48.07 9.59 -4.24
C SER M 36 -48.45 8.97 -2.90
N VAL M 37 -48.11 7.71 -2.66
CA VAL M 37 -48.46 7.02 -1.42
C VAL M 37 -47.28 7.10 -0.47
N VAL M 38 -47.55 7.54 0.75
CA VAL M 38 -46.54 7.66 1.80
C VAL M 38 -46.90 6.64 2.87
N CYS M 39 -46.09 5.60 2.99
CA CYS M 39 -46.36 4.48 3.90
C CYS M 39 -45.54 4.66 5.17
N THR M 40 -46.03 5.51 6.08
CA THR M 40 -45.36 5.75 7.35
C THR M 40 -45.74 4.64 8.32
N LEU M 41 -44.81 3.75 8.62
CA LEU M 41 -45.05 2.62 9.50
C LEU M 41 -44.86 3.05 10.95
N ASP M 42 -45.78 2.64 11.82
CA ASP M 42 -45.76 3.00 13.24
C ASP M 42 -46.05 1.73 14.04
N LYS M 43 -44.99 1.02 14.42
CA LYS M 43 -45.12 -0.26 15.12
C LYS M 43 -45.40 -0.10 16.61
N LYS M 44 -45.44 1.13 17.11
CA LYS M 44 -45.59 1.33 18.56
C LYS M 44 -46.89 0.72 19.06
N ASN M 45 -48.00 0.96 18.36
CA ASN M 45 -49.30 0.40 18.73
C ASN M 45 -49.68 -0.77 17.83
N SER M 46 -48.76 -1.27 17.01
CA SER M 46 -49.08 -2.31 16.04
C SER M 46 -50.12 -1.84 15.04
N ILE M 47 -50.11 -0.53 14.77
CA ILE M 47 -51.10 0.11 13.92
C ILE M 47 -50.37 0.97 12.89
N GLY M 48 -50.67 0.75 11.60
CA GLY M 48 -49.95 1.43 10.54
C GLY M 48 -50.53 2.79 10.21
N LEU M 49 -49.86 3.48 9.28
CA LEU M 49 -50.28 4.80 8.82
C LEU M 49 -49.84 5.00 7.37
N LEU M 50 -50.75 5.54 6.57
CA LEU M 50 -50.47 5.83 5.16
C LEU M 50 -50.97 7.24 4.86
N GLU M 51 -50.23 7.94 3.99
CA GLU M 51 -50.59 9.29 3.60
C GLU M 51 -50.33 9.49 2.12
N CYS M 52 -51.15 10.34 1.51
CA CYS M 52 -50.97 10.79 0.12
C CYS M 52 -50.74 12.28 0.12
N LYS M 53 -49.82 12.74 -0.73
CA LYS M 53 -49.54 14.16 -0.85
C LYS M 53 -50.40 14.84 -1.90
N LYS M 54 -51.24 14.08 -2.63
CA LYS M 54 -52.06 14.64 -3.69
C LYS M 54 -53.54 14.66 -3.33
N CYS M 55 -54.11 13.52 -2.97
CA CYS M 55 -55.50 13.45 -2.51
C CYS M 55 -55.62 13.22 -1.01
N ASN M 56 -54.50 13.00 -0.32
CA ASN M 56 -54.46 12.88 1.13
C ASN M 56 -55.22 11.66 1.65
N LEU M 57 -55.44 10.64 0.83
CA LEU M 57 -56.06 9.42 1.32
C LEU M 57 -55.12 8.71 2.28
N SER M 58 -55.70 8.12 3.32
CA SER M 58 -54.95 7.37 4.32
C SER M 58 -55.55 5.99 4.47
N PHE M 59 -54.72 5.02 4.84
CA PHE M 59 -55.12 3.64 5.03
C PHE M 59 -54.69 3.17 6.41
N GLN M 60 -55.47 2.26 6.98
CA GLN M 60 -55.17 1.70 8.29
C GLN M 60 -55.15 0.18 8.20
N ALA M 61 -54.25 -0.44 8.95
CA ALA M 61 -54.16 -1.89 9.01
C ALA M 61 -53.25 -2.26 10.18
N PRO M 62 -53.60 -3.30 10.94
CA PRO M 62 -52.68 -3.79 11.97
C PRO M 62 -51.39 -4.28 11.34
N ILE M 63 -50.29 -4.04 12.03
CA ILE M 63 -48.96 -4.37 11.51
C ILE M 63 -48.23 -5.20 12.57
N ASN M 64 -48.01 -6.46 12.26
CA ASN M 64 -47.26 -7.39 13.10
C ASN M 64 -45.77 -7.11 12.93
N SER M 65 -44.96 -7.95 13.58
CA SER M 65 -43.52 -7.89 13.40
C SER M 65 -43.07 -8.36 12.02
N LEU M 66 -44.00 -8.75 11.16
CA LEU M 66 -43.68 -9.30 9.85
C LEU M 66 -44.38 -8.56 8.71
N SER M 67 -44.68 -7.28 8.89
CA SER M 67 -45.36 -6.49 7.88
C SER M 67 -44.41 -5.44 7.31
N GLN M 68 -44.55 -5.17 6.02
CA GLN M 68 -43.69 -4.26 5.29
C GLN M 68 -44.55 -3.30 4.47
N PRO M 69 -43.94 -2.23 3.94
CA PRO M 69 -44.72 -1.32 3.09
C PRO M 69 -45.36 -2.03 1.91
N ILE M 70 -44.73 -3.07 1.37
CA ILE M 70 -45.36 -3.86 0.33
C ILE M 70 -46.56 -4.62 0.89
N ASP M 71 -46.41 -5.19 2.08
CA ASP M 71 -47.56 -5.86 2.70
C ASP M 71 -48.65 -4.86 3.04
N ILE M 72 -48.26 -3.65 3.45
CA ILE M 72 -49.25 -2.62 3.75
C ILE M 72 -50.02 -2.23 2.50
N TYR M 73 -49.31 -2.06 1.39
CA TYR M 73 -49.97 -1.74 0.13
C TYR M 73 -50.88 -2.89 -0.31
N SER M 74 -50.45 -4.12 -0.08
CA SER M 74 -51.31 -5.27 -0.39
C SER M 74 -52.58 -5.24 0.45
N ASP M 75 -52.45 -4.92 1.73
CA ASP M 75 -53.63 -4.80 2.59
C ASP M 75 -54.55 -3.69 2.11
N TRP M 76 -53.96 -2.56 1.70
CA TRP M 76 -54.77 -1.46 1.19
C TRP M 76 -55.55 -1.87 -0.04
N ILE M 77 -54.91 -2.57 -0.97
CA ILE M 77 -55.61 -3.02 -2.17
C ILE M 77 -56.70 -4.02 -1.78
N ASP M 78 -56.40 -4.94 -0.86
CA ASP M 78 -57.39 -5.90 -0.42
C ASP M 78 -58.58 -5.23 0.28
N ALA M 79 -58.37 -4.08 0.90
CA ALA M 79 -59.42 -3.42 1.67
C ALA M 79 -60.26 -2.47 0.82
N CYS M 80 -59.62 -1.49 0.18
CA CYS M 80 -60.38 -0.50 -0.59
C CYS M 80 -61.17 -1.15 -1.72
N GLU M 81 -60.49 -1.77 -2.68
CA GLU M 81 -61.15 -2.46 -3.77
C GLU M 81 -61.77 -3.77 -3.28
N GLU Q 3 -51.10 0.15 -47.71
CA GLU Q 3 -51.64 1.19 -46.79
C GLU Q 3 -51.36 2.59 -47.34
N ARG Q 4 -52.28 3.08 -48.17
CA ARG Q 4 -52.17 4.39 -48.79
C ARG Q 4 -53.12 5.36 -48.09
N ALA Q 5 -52.59 6.49 -47.63
CA ALA Q 5 -53.37 7.44 -46.86
C ALA Q 5 -54.32 8.22 -47.75
N CYS Q 6 -55.61 8.16 -47.44
CA CYS Q 6 -56.61 8.88 -48.21
C CYS Q 6 -56.44 10.39 -48.05
N MET Q 7 -56.61 11.13 -49.15
CA MET Q 7 -56.51 12.58 -49.09
C MET Q 7 -57.54 13.18 -48.15
N LEU Q 8 -58.82 12.85 -48.38
CA LEU Q 8 -59.92 13.62 -47.80
C LEU Q 8 -60.19 13.27 -46.35
N CYS Q 9 -60.56 12.03 -46.08
CA CYS Q 9 -60.85 11.60 -44.71
C CYS Q 9 -59.60 11.20 -43.94
N GLY Q 10 -58.60 10.64 -44.60
CA GLY Q 10 -57.38 10.21 -43.96
C GLY Q 10 -57.36 8.76 -43.52
N ILE Q 11 -58.48 8.03 -43.62
CA ILE Q 11 -58.46 6.63 -43.25
C ILE Q 11 -57.50 5.88 -44.16
N VAL Q 12 -56.74 4.96 -43.59
CA VAL Q 12 -55.73 4.20 -44.32
C VAL Q 12 -56.03 2.72 -44.15
N LEU Q 13 -56.01 1.99 -45.25
CA LEU Q 13 -56.23 0.55 -45.30
C LEU Q 13 -55.25 -0.03 -46.30
N PRO Q 14 -54.88 -1.31 -46.16
CA PRO Q 14 -53.95 -1.90 -47.11
C PRO Q 14 -54.44 -1.69 -48.53
N GLY Q 15 -53.48 -1.48 -49.44
CA GLY Q 15 -53.84 -1.15 -50.81
C GLY Q 15 -54.82 -2.12 -51.42
N ARG Q 16 -54.69 -3.41 -51.13
CA ARG Q 16 -55.68 -4.39 -51.57
C ARG Q 16 -57.08 -4.00 -51.12
N VAL Q 17 -57.20 -3.46 -49.89
CA VAL Q 17 -58.51 -3.07 -49.38
C VAL Q 17 -59.14 -2.03 -50.30
N PHE Q 18 -58.35 -1.07 -50.76
CA PHE Q 18 -58.90 -0.04 -51.64
C PHE Q 18 -59.13 -0.57 -53.05
N MET Q 19 -58.28 -1.50 -53.52
CA MET Q 19 -58.59 -2.13 -54.80
C MET Q 19 -59.90 -2.90 -54.75
N GLN Q 20 -60.29 -3.41 -53.58
CA GLN Q 20 -61.40 -4.34 -53.49
C GLN Q 20 -62.50 -3.90 -52.53
N ASN Q 21 -62.15 -3.31 -51.39
CA ASN Q 21 -63.16 -2.94 -50.40
C ASN Q 21 -63.35 -1.43 -50.31
N GLY Q 22 -62.30 -0.66 -50.60
CA GLY Q 22 -62.45 0.77 -50.82
C GLY Q 22 -62.44 1.60 -49.55
N CYS Q 23 -62.59 2.91 -49.75
CA CYS Q 23 -62.63 3.86 -48.64
C CYS Q 23 -64.02 3.82 -48.01
N PRO Q 24 -64.12 3.59 -46.69
CA PRO Q 24 -65.45 3.51 -46.07
C PRO Q 24 -66.29 4.78 -46.26
N ASN Q 25 -65.67 5.95 -46.31
CA ASN Q 25 -66.41 7.21 -46.29
C ASN Q 25 -66.28 8.05 -47.56
N CYS Q 26 -65.13 8.05 -48.23
CA CYS Q 26 -64.90 8.95 -49.36
C CYS Q 26 -65.26 8.34 -50.70
N ASP Q 27 -65.37 7.02 -50.80
CA ASP Q 27 -65.65 6.39 -52.09
C ASP Q 27 -66.95 6.92 -52.69
N SER Q 28 -67.91 7.33 -51.86
CA SER Q 28 -69.14 7.92 -52.38
C SER Q 28 -68.85 9.16 -53.21
N VAL Q 29 -67.87 9.97 -52.79
CA VAL Q 29 -67.51 11.17 -53.51
C VAL Q 29 -66.20 11.02 -54.28
N LEU Q 30 -65.31 10.13 -53.85
CA LEU Q 30 -64.04 9.93 -54.53
C LEU Q 30 -64.04 8.73 -55.47
N ASN Q 31 -64.96 7.78 -55.28
CA ASN Q 31 -65.15 6.67 -56.20
C ASN Q 31 -63.83 5.96 -56.50
N LEU Q 32 -63.09 5.63 -55.44
CA LEU Q 32 -61.81 4.95 -55.61
C LEU Q 32 -62.00 3.52 -56.09
N ARG Q 33 -63.01 2.83 -55.55
CA ARG Q 33 -63.27 1.46 -55.97
C ARG Q 33 -63.55 1.37 -57.46
N ASP Q 34 -64.27 2.36 -58.01
CA ASP Q 34 -64.75 2.33 -59.38
C ASP Q 34 -64.02 3.32 -60.28
N SER Q 35 -62.71 3.48 -60.11
CA SER Q 35 -61.91 4.36 -60.95
C SER Q 35 -60.57 3.69 -61.21
N ASP Q 36 -59.82 4.22 -62.17
CA ASP Q 36 -58.52 3.68 -62.47
C ASP Q 36 -57.60 3.82 -61.26
N GLN Q 37 -56.63 2.91 -61.16
CA GLN Q 37 -55.73 2.91 -60.01
C GLN Q 37 -54.99 4.24 -59.89
N ALA Q 38 -54.87 4.99 -60.98
CA ALA Q 38 -54.30 6.32 -60.90
C ALA Q 38 -55.10 7.18 -59.93
N THR Q 39 -56.44 7.17 -60.06
CA THR Q 39 -57.28 7.94 -59.16
C THR Q 39 -57.17 7.43 -57.73
N VAL Q 40 -57.11 6.10 -57.56
CA VAL Q 40 -57.01 5.53 -56.22
C VAL Q 40 -55.74 6.00 -55.54
N ASN Q 41 -54.62 5.93 -56.25
CA ASN Q 41 -53.34 6.35 -55.69
C ASN Q 41 -53.28 7.85 -55.44
N GLU Q 42 -53.82 8.65 -56.37
CA GLU Q 42 -53.83 10.10 -56.19
C GLU Q 42 -54.68 10.49 -54.98
N CYS Q 43 -55.83 9.84 -54.80
CA CYS Q 43 -56.68 10.04 -53.63
C CYS Q 43 -56.15 9.34 -52.39
N THR Q 44 -55.30 8.33 -52.56
CA THR Q 44 -54.73 7.58 -51.43
C THR Q 44 -53.25 7.39 -51.74
N SER Q 45 -52.41 8.19 -51.11
CA SER Q 45 -50.97 8.17 -51.39
C SER Q 45 -50.27 7.15 -50.50
N SER Q 46 -49.24 6.53 -51.07
CA SER Q 46 -48.44 5.55 -50.35
C SER Q 46 -47.52 6.18 -49.31
N SER Q 47 -47.37 7.51 -49.32
CA SER Q 47 -46.57 8.22 -48.34
C SER Q 47 -47.51 8.91 -47.36
N PHE Q 48 -47.29 8.69 -46.07
CA PHE Q 48 -48.14 9.29 -45.04
C PHE Q 48 -47.34 9.41 -43.75
N GLU Q 49 -47.85 10.23 -42.84
CA GLU Q 49 -47.19 10.45 -41.56
C GLU Q 49 -48.25 10.81 -40.53
N GLY Q 50 -47.90 10.61 -39.26
CA GLY Q 50 -48.84 10.84 -38.18
C GLY Q 50 -49.81 9.70 -38.02
N LEU Q 51 -49.29 8.51 -37.68
CA LEU Q 51 -50.14 7.34 -37.50
C LEU Q 51 -51.05 7.54 -36.30
N VAL Q 52 -52.36 7.64 -36.54
CA VAL Q 52 -53.35 7.79 -35.49
C VAL Q 52 -54.34 6.65 -35.61
N ALA Q 53 -54.37 5.79 -34.60
CA ALA Q 53 -55.36 4.72 -34.49
C ALA Q 53 -56.57 5.25 -33.75
N VAL Q 54 -57.75 5.13 -34.39
CA VAL Q 54 -59.00 5.62 -33.82
C VAL Q 54 -59.96 4.44 -33.70
N GLY Q 55 -60.39 4.16 -32.48
CA GLY Q 55 -61.35 3.10 -32.23
C GLY Q 55 -62.71 3.65 -31.84
N ASP Q 56 -62.69 4.74 -31.09
CA ASP Q 56 -63.90 5.48 -30.73
C ASP Q 56 -63.74 6.91 -31.16
N ASN Q 57 -64.66 7.41 -31.99
CA ASN Q 57 -64.50 8.71 -32.62
C ASN Q 57 -65.65 9.65 -32.27
N GLU Q 58 -66.76 9.11 -31.77
CA GLU Q 58 -67.92 9.94 -31.46
C GLU Q 58 -67.64 10.97 -30.38
N HIS Q 59 -66.77 10.67 -29.41
CA HIS Q 59 -66.43 11.61 -28.37
C HIS Q 59 -64.95 11.90 -28.27
N SER Q 60 -64.11 11.25 -29.06
CA SER Q 60 -62.67 11.47 -29.01
C SER Q 60 -62.34 12.87 -29.49
N TRP Q 61 -61.54 13.59 -28.69
CA TRP Q 61 -61.04 14.88 -29.16
C TRP Q 61 -60.15 14.71 -30.39
N VAL Q 62 -59.41 13.61 -30.46
CA VAL Q 62 -58.60 13.34 -31.64
C VAL Q 62 -59.49 13.26 -32.87
N ALA Q 63 -60.66 12.64 -32.74
CA ALA Q 63 -61.58 12.55 -33.87
C ALA Q 63 -62.07 13.93 -34.28
N LYS Q 64 -62.42 14.78 -33.31
CA LYS Q 64 -62.91 16.12 -33.64
C LYS Q 64 -61.83 16.93 -34.33
N TRP Q 65 -60.58 16.86 -33.84
CA TRP Q 65 -59.48 17.54 -34.51
C TRP Q 65 -59.26 17.00 -35.92
N LEU Q 66 -59.29 15.68 -36.07
CA LEU Q 66 -58.99 15.04 -37.33
C LEU Q 66 -60.19 14.95 -38.27
N ARG Q 67 -61.36 15.41 -37.83
CA ARG Q 67 -62.57 15.40 -38.64
C ARG Q 67 -63.04 13.99 -38.95
N VAL Q 68 -62.64 13.01 -38.15
CA VAL Q 68 -63.03 11.62 -38.34
C VAL Q 68 -64.04 11.17 -37.29
N ASP Q 69 -64.63 12.10 -36.54
CA ASP Q 69 -65.71 11.73 -35.64
C ASP Q 69 -66.85 11.06 -36.40
N ARG Q 70 -67.21 11.60 -37.56
CA ARG Q 70 -68.19 10.95 -38.42
C ARG Q 70 -67.59 9.77 -39.16
N PHE Q 71 -66.33 9.86 -39.57
CA PHE Q 71 -65.69 8.81 -40.35
C PHE Q 71 -65.51 7.56 -39.50
N GLN Q 72 -65.46 6.41 -40.18
CA GLN Q 72 -65.37 5.14 -39.49
C GLN Q 72 -64.07 5.08 -38.68
N PRO Q 73 -64.12 4.61 -37.43
CA PRO Q 73 -62.88 4.47 -36.65
C PRO Q 73 -61.90 3.54 -37.35
N GLY Q 74 -60.63 3.90 -37.27
CA GLY Q 74 -59.58 3.11 -37.89
C GLY Q 74 -58.29 3.90 -37.95
N LEU Q 75 -57.32 3.34 -38.67
CA LEU Q 75 -56.05 4.02 -38.82
C LEU Q 75 -56.24 5.30 -39.64
N TYR Q 76 -55.61 6.38 -39.18
CA TYR Q 76 -55.66 7.65 -39.89
C TYR Q 76 -54.27 8.27 -39.92
N ALA Q 77 -53.98 9.01 -40.98
CA ALA Q 77 -52.68 9.65 -41.19
C ALA Q 77 -52.86 11.16 -41.12
N VAL Q 78 -52.08 11.80 -40.25
CA VAL Q 78 -52.19 13.25 -40.07
C VAL Q 78 -51.72 13.97 -41.33
N ARG Q 79 -50.56 13.59 -41.85
CA ARG Q 79 -49.92 14.30 -42.95
C ARG Q 79 -49.92 13.43 -44.21
N VAL Q 80 -50.27 14.04 -45.33
CA VAL Q 80 -50.19 13.41 -46.64
C VAL Q 80 -49.53 14.40 -47.60
N ASP Q 81 -48.41 14.00 -48.19
CA ASP Q 81 -47.64 14.89 -49.04
C ASP Q 81 -48.26 14.96 -50.44
N GLY Q 82 -47.66 15.80 -51.29
CA GLY Q 82 -48.15 16.01 -52.63
C GLY Q 82 -49.41 16.88 -52.64
N ARG Q 83 -50.02 16.96 -53.81
CA ARG Q 83 -51.25 17.71 -53.99
C ARG Q 83 -52.17 16.97 -54.96
N LEU Q 84 -53.46 17.11 -54.73
CA LEU Q 84 -54.45 16.46 -55.58
C LEU Q 84 -54.37 17.03 -57.01
N PRO Q 85 -54.53 16.20 -58.03
CA PRO Q 85 -54.64 16.74 -59.40
C PRO Q 85 -55.88 17.60 -59.54
N SER Q 86 -56.02 18.18 -60.74
CA SER Q 86 -57.11 19.11 -60.97
C SER Q 86 -58.48 18.42 -60.89
N ASP Q 87 -58.61 17.24 -61.50
CA ASP Q 87 -59.93 16.63 -61.65
C ASP Q 87 -60.53 16.25 -60.29
N ILE Q 88 -59.73 15.66 -59.40
CA ILE Q 88 -60.28 15.16 -58.14
C ILE Q 88 -60.78 16.32 -57.28
N VAL Q 89 -59.95 17.34 -57.09
CA VAL Q 89 -60.34 18.47 -56.26
C VAL Q 89 -61.48 19.24 -56.93
N ALA Q 90 -61.47 19.32 -58.26
CA ALA Q 90 -62.56 19.99 -58.97
C ALA Q 90 -63.89 19.29 -58.70
N ALA Q 91 -63.91 17.96 -58.79
CA ALA Q 91 -65.13 17.22 -58.49
C ALA Q 91 -65.52 17.39 -57.02
N LEU Q 92 -64.54 17.38 -56.13
CA LEU Q 92 -64.82 17.53 -54.70
C LEU Q 92 -65.49 18.87 -54.43
N GLU Q 93 -64.98 19.94 -55.04
CA GLU Q 93 -65.58 21.26 -54.86
C GLU Q 93 -66.91 21.41 -55.58
N GLN Q 94 -67.09 20.70 -56.71
CA GLN Q 94 -68.38 20.70 -57.38
C GLN Q 94 -69.45 20.06 -56.50
N TYR Q 95 -69.11 18.97 -55.82
CA TYR Q 95 -70.06 18.29 -54.96
C TYR Q 95 -70.25 19.00 -53.62
N GLY Q 96 -69.45 20.02 -53.32
CA GLY Q 96 -69.52 20.72 -52.07
C GLY Q 96 -68.56 20.25 -51.00
N VAL Q 97 -67.59 19.40 -51.35
CA VAL Q 97 -66.60 18.90 -50.41
C VAL Q 97 -65.34 19.76 -50.59
N TYR Q 98 -65.19 20.78 -49.74
CA TYR Q 98 -63.97 21.58 -49.74
C TYR Q 98 -62.88 20.74 -49.09
N TYR Q 99 -62.07 20.09 -49.91
CA TYR Q 99 -60.98 19.28 -49.39
C TYR Q 99 -59.98 20.16 -48.65
N ARG Q 100 -59.63 19.75 -47.45
CA ARG Q 100 -58.61 20.43 -46.64
C ARG Q 100 -57.38 19.54 -46.55
N PRO Q 101 -56.29 19.87 -47.24
CA PRO Q 101 -55.07 19.07 -47.08
C PRO Q 101 -54.65 19.04 -45.61
N ARG Q 102 -54.32 17.85 -45.14
CA ARG Q 102 -53.99 17.64 -43.73
C ARG Q 102 -52.49 17.64 -43.48
N ASP Q 103 -51.67 17.97 -44.48
CA ASP Q 103 -50.23 18.00 -44.27
C ASP Q 103 -49.79 19.34 -43.69
N GLY Q 104 -50.50 20.42 -44.01
CA GLY Q 104 -50.17 21.73 -43.49
C GLY Q 104 -48.76 22.17 -43.82
N PRO R 216 -61.24 26.58 -39.23
CA PRO R 216 -60.38 26.90 -38.09
C PRO R 216 -60.42 25.84 -36.99
N GLN R 217 -59.29 25.17 -36.76
CA GLN R 217 -59.23 24.11 -35.76
C GLN R 217 -59.03 24.65 -34.35
N ARG R 218 -58.64 25.92 -34.20
CA ARG R 218 -58.28 26.45 -32.89
C ARG R 218 -59.43 26.37 -31.89
N LEU R 219 -60.68 26.42 -32.35
CA LEU R 219 -61.82 26.24 -31.46
C LEU R 219 -62.01 24.78 -31.07
N LEU R 220 -61.25 23.88 -31.67
CA LEU R 220 -61.27 22.46 -31.31
C LEU R 220 -60.08 22.11 -30.41
N ILE R 221 -59.52 23.08 -29.71
CA ILE R 221 -58.39 22.87 -28.83
C ILE R 221 -58.80 21.94 -27.69
N PRO R 222 -57.87 21.17 -27.12
CA PRO R 222 -58.25 20.23 -26.06
C PRO R 222 -58.47 20.94 -24.74
N THR R 223 -59.20 20.27 -23.85
CA THR R 223 -59.54 20.81 -22.54
C THR R 223 -59.51 19.68 -21.51
N VAL R 224 -59.89 20.03 -20.28
CA VAL R 224 -59.89 19.04 -19.20
C VAL R 224 -60.93 17.95 -19.48
N ASP R 225 -62.12 18.33 -19.93
CA ASP R 225 -63.16 17.35 -20.17
C ASP R 225 -62.73 16.29 -21.17
N ASP R 226 -61.84 16.63 -22.09
CA ASP R 226 -61.37 15.66 -23.05
C ASP R 226 -60.60 14.55 -22.34
N PRO R 227 -60.64 13.33 -22.89
CA PRO R 227 -59.93 12.22 -22.24
C PRO R 227 -58.44 12.47 -22.20
N GLY R 228 -57.82 12.01 -21.11
CA GLY R 228 -56.39 12.19 -20.93
C GLY R 228 -55.59 11.27 -21.83
N ILE R 229 -54.29 11.55 -21.91
CA ILE R 229 -53.36 10.77 -22.72
C ILE R 229 -52.28 10.22 -21.82
N TRP R 230 -52.05 8.92 -21.91
CA TRP R 230 -50.97 8.25 -21.20
C TRP R 230 -49.96 7.75 -22.24
N GLY R 231 -48.72 8.22 -22.14
CA GLY R 231 -47.72 7.87 -23.13
C GLY R 231 -46.76 6.79 -22.69
N VAL R 232 -46.98 5.56 -23.15
CA VAL R 232 -46.16 4.42 -22.76
C VAL R 232 -45.19 4.13 -23.91
N LYS R 233 -43.90 4.15 -23.61
CA LYS R 233 -42.89 3.88 -24.62
C LYS R 233 -42.79 2.38 -24.88
N VAL R 234 -42.46 2.04 -26.12
CA VAL R 234 -42.43 0.65 -26.57
C VAL R 234 -41.11 0.39 -27.29
N ARG R 235 -40.90 -0.87 -27.68
CA ARG R 235 -39.64 -1.27 -28.28
C ARG R 235 -39.42 -0.55 -29.61
N LEU R 236 -38.17 -0.21 -29.90
CA LEU R 236 -37.86 0.60 -31.07
C LEU R 236 -38.24 -0.11 -32.35
N GLY R 237 -38.88 0.63 -33.26
CA GLY R 237 -39.34 0.08 -34.50
C GLY R 237 -40.63 -0.71 -34.41
N LYS R 238 -41.13 -0.95 -33.19
CA LYS R 238 -42.36 -1.69 -32.99
C LYS R 238 -43.50 -0.79 -32.55
N GLU R 239 -43.33 0.53 -32.67
CA GLU R 239 -44.34 1.46 -32.18
C GLU R 239 -45.58 1.43 -33.05
N LYS R 240 -45.40 1.39 -34.38
CA LYS R 240 -46.55 1.25 -35.26
C LYS R 240 -47.25 -0.07 -35.01
N ASP R 241 -46.48 -1.12 -34.71
CA ASP R 241 -47.06 -2.41 -34.36
C ASP R 241 -47.97 -2.27 -33.15
N VAL R 242 -47.51 -1.56 -32.12
CA VAL R 242 -48.33 -1.38 -30.92
C VAL R 242 -49.55 -0.52 -31.24
N VAL R 243 -49.39 0.49 -32.09
CA VAL R 243 -50.52 1.34 -32.46
C VAL R 243 -51.62 0.50 -33.10
N ARG R 244 -51.26 -0.31 -34.08
CA ARG R 244 -52.26 -1.13 -34.76
C ARG R 244 -52.80 -2.23 -33.86
N GLN R 245 -51.95 -2.80 -33.00
CA GLN R 245 -52.44 -3.76 -32.02
C GLN R 245 -53.52 -3.14 -31.14
N ILE R 246 -53.27 -1.94 -30.63
CA ILE R 246 -54.25 -1.26 -29.80
C ILE R 246 -55.50 -0.97 -30.60
N LEU R 247 -55.35 -0.52 -31.84
CA LEU R 247 -56.52 -0.23 -32.67
C LEU R 247 -57.42 -1.45 -32.80
N LYS R 248 -56.85 -2.58 -33.23
CA LYS R 248 -57.69 -3.74 -33.49
C LYS R 248 -58.18 -4.37 -32.19
N LYS R 249 -57.39 -4.32 -31.12
CA LYS R 249 -57.84 -4.82 -29.83
C LYS R 249 -59.03 -4.01 -29.34
N LYS R 250 -58.96 -2.68 -29.47
CA LYS R 250 -60.06 -1.82 -29.09
C LYS R 250 -61.29 -2.09 -29.94
N LEU R 251 -61.11 -2.25 -31.26
CA LEU R 251 -62.24 -2.49 -32.14
C LEU R 251 -62.93 -3.81 -31.81
N ALA R 252 -62.14 -4.87 -31.57
CA ALA R 252 -62.73 -6.17 -31.26
C ALA R 252 -63.34 -6.22 -29.87
N ARG R 253 -62.74 -5.52 -28.89
CA ARG R 253 -63.25 -5.48 -27.53
C ARG R 253 -64.22 -4.32 -27.31
N GLU R 254 -64.46 -3.49 -28.31
CA GLU R 254 -65.49 -2.47 -28.22
C GLU R 254 -66.86 -3.14 -28.14
N GLY R 255 -67.68 -2.69 -27.20
CA GLY R 255 -68.99 -3.26 -26.98
C GLY R 255 -68.99 -4.53 -26.16
N THR R 256 -67.82 -5.09 -25.86
CA THR R 256 -67.74 -6.29 -25.06
C THR R 256 -67.97 -5.98 -23.58
N LYS R 257 -68.13 -7.03 -22.78
CA LYS R 257 -68.36 -6.87 -21.36
C LYS R 257 -67.16 -6.26 -20.63
N ASN R 258 -66.00 -6.20 -21.28
CA ASN R 258 -64.79 -5.60 -20.70
C ASN R 258 -64.28 -4.58 -21.70
N PRO R 259 -64.99 -3.47 -21.88
CA PRO R 259 -64.59 -2.47 -22.86
C PRO R 259 -63.35 -1.70 -22.43
N LEU R 260 -62.65 -1.17 -23.44
CA LEU R 260 -61.42 -0.42 -23.23
C LEU R 260 -61.74 1.07 -23.34
N GLU R 261 -61.46 1.81 -22.28
CA GLU R 261 -61.69 3.25 -22.28
C GLU R 261 -60.48 4.00 -22.86
N ILE R 262 -60.26 3.75 -24.15
CA ILE R 262 -59.27 4.49 -24.93
C ILE R 262 -59.97 5.07 -26.14
N TYR R 263 -59.71 6.34 -26.41
CA TYR R 263 -60.36 7.06 -27.49
C TYR R 263 -59.57 7.03 -28.79
N SER R 264 -58.26 7.23 -28.71
CA SER R 264 -57.41 7.15 -29.89
C SER R 264 -56.00 6.76 -29.46
N ALA R 265 -55.28 6.16 -30.40
CA ALA R 265 -53.87 5.82 -30.21
C ALA R 265 -53.09 6.37 -31.40
N PHE R 266 -51.94 6.95 -31.13
CA PHE R 266 -51.18 7.61 -32.17
C PHE R 266 -49.69 7.57 -31.84
N GLN R 267 -48.88 7.58 -32.90
CA GLN R 267 -47.43 7.66 -32.78
C GLN R 267 -46.92 8.64 -33.82
N ARG R 268 -45.83 9.34 -33.50
CA ARG R 268 -45.26 10.35 -34.36
C ARG R 268 -43.81 10.02 -34.67
N ASP R 269 -43.38 10.41 -35.87
CA ASP R 269 -42.01 10.10 -36.30
C ASP R 269 -40.99 10.74 -35.38
N SER R 270 -41.20 12.00 -35.01
CA SER R 270 -40.25 12.69 -34.14
C SER R 270 -40.12 11.97 -32.80
N PHE R 271 -41.23 11.55 -32.23
CA PHE R 271 -41.24 10.88 -30.93
C PHE R 271 -41.16 9.36 -31.13
N LYS R 272 -40.11 8.94 -31.81
CA LYS R 272 -39.89 7.52 -32.03
C LYS R 272 -39.75 6.80 -30.70
N GLY R 273 -40.37 5.62 -30.60
CA GLY R 273 -40.38 4.87 -29.37
C GLY R 273 -41.39 5.36 -28.35
N HIS R 274 -42.14 6.41 -28.67
CA HIS R 274 -43.11 7.00 -27.75
C HIS R 274 -44.50 6.77 -28.31
N VAL R 275 -45.35 6.09 -27.53
CA VAL R 275 -46.71 5.78 -27.93
C VAL R 275 -47.66 6.43 -26.94
N TYR R 276 -48.65 7.15 -27.45
CA TYR R 276 -49.59 7.92 -26.66
C TYR R 276 -51.01 7.53 -27.00
N ILE R 277 -51.79 7.21 -25.98
CA ILE R 277 -53.18 6.75 -26.14
C ILE R 277 -54.09 7.69 -25.38
N GLU R 278 -55.15 8.16 -26.04
CA GLU R 278 -56.14 9.02 -25.42
C GLU R 278 -57.10 8.16 -24.60
N ALA R 279 -57.10 8.35 -23.28
CA ALA R 279 -57.93 7.56 -22.37
C ALA R 279 -58.33 8.44 -21.20
N ARG R 280 -58.87 7.81 -20.15
CA ARG R 280 -59.29 8.51 -18.95
C ARG R 280 -58.80 7.87 -17.65
N LYS R 281 -58.55 6.57 -17.63
CA LYS R 281 -58.10 5.89 -16.43
C LYS R 281 -56.89 5.02 -16.75
N ALA R 282 -56.01 4.88 -15.75
CA ALA R 282 -54.84 4.04 -15.91
C ALA R 282 -55.20 2.56 -16.02
N GLU R 283 -56.36 2.15 -15.52
CA GLU R 283 -56.78 0.76 -15.68
C GLU R 283 -57.02 0.42 -17.14
N ALA R 284 -57.63 1.34 -17.90
CA ALA R 284 -57.85 1.10 -19.31
C ALA R 284 -56.53 0.93 -20.06
N ILE R 285 -55.55 1.79 -19.75
CA ILE R 285 -54.24 1.68 -20.37
C ILE R 285 -53.57 0.36 -19.98
N ASN R 286 -53.67 0.00 -18.70
CA ASN R 286 -53.04 -1.23 -18.22
C ASN R 286 -53.61 -2.44 -18.95
N ASP R 287 -54.94 -2.47 -19.13
CA ASP R 287 -55.56 -3.58 -19.84
C ASP R 287 -55.24 -3.55 -21.33
N ALA R 288 -55.15 -2.36 -21.92
CA ALA R 288 -54.81 -2.25 -23.34
C ALA R 288 -53.41 -2.80 -23.61
N LEU R 289 -52.42 -2.32 -22.86
CA LEU R 289 -51.05 -2.78 -23.05
C LEU R 289 -50.82 -4.19 -22.53
N LYS R 290 -51.73 -4.73 -21.72
CA LYS R 290 -51.60 -6.10 -21.27
C LYS R 290 -51.81 -7.06 -22.44
N GLY R 291 -50.91 -8.04 -22.54
CA GLY R 291 -50.91 -8.94 -23.68
C GLY R 291 -50.18 -8.40 -24.89
N ASN R 292 -49.32 -7.41 -24.71
CA ASN R 292 -48.51 -6.86 -25.79
C ASN R 292 -47.04 -6.92 -25.37
N VAL R 293 -46.23 -7.59 -26.18
CA VAL R 293 -44.82 -7.82 -25.81
C VAL R 293 -43.89 -6.74 -26.36
N ASN R 294 -44.31 -6.00 -27.39
CA ASN R 294 -43.48 -4.98 -28.00
C ASN R 294 -43.32 -3.75 -27.12
N VAL R 295 -43.94 -3.74 -25.93
CA VAL R 295 -43.88 -2.62 -25.01
C VAL R 295 -42.81 -2.90 -23.96
N PHE R 296 -41.96 -1.92 -23.71
CA PHE R 296 -40.99 -2.02 -22.63
C PHE R 296 -41.69 -2.49 -21.35
N SER R 297 -41.01 -3.36 -20.61
CA SER R 297 -41.57 -3.85 -19.36
C SER R 297 -41.89 -2.70 -18.40
N ASN R 298 -41.17 -1.58 -18.55
CA ASN R 298 -41.41 -0.44 -17.69
C ASN R 298 -42.73 0.24 -18.05
N ASN R 299 -43.37 0.81 -17.04
CA ASN R 299 -44.53 1.67 -17.24
C ASN R 299 -44.07 3.12 -17.40
N SER R 300 -43.17 3.31 -18.37
CA SER R 300 -42.55 4.60 -18.61
C SER R 300 -43.58 5.53 -19.25
N LYS R 301 -44.56 5.91 -18.44
CA LYS R 301 -45.67 6.75 -18.87
C LYS R 301 -45.75 8.01 -18.03
N PHE R 302 -45.92 9.13 -18.70
CA PHE R 302 -46.02 10.44 -18.08
C PHE R 302 -47.29 11.13 -18.57
N LEU R 303 -48.08 11.64 -17.64
CA LEU R 303 -49.33 12.28 -18.00
C LEU R 303 -49.08 13.45 -18.94
N VAL R 304 -49.93 13.59 -19.94
CA VAL R 304 -49.78 14.63 -20.95
C VAL R 304 -50.52 15.88 -20.47
N GLY R 305 -49.80 17.00 -20.44
CA GLY R 305 -50.41 18.25 -20.02
C GLY R 305 -51.40 18.77 -21.03
N ILE R 306 -52.15 19.79 -20.60
CA ILE R 306 -53.23 20.32 -21.44
C ILE R 306 -52.67 20.90 -22.73
N VAL R 307 -51.57 21.66 -22.67
CA VAL R 307 -51.11 22.40 -23.83
C VAL R 307 -50.58 21.45 -24.91
N GLU R 308 -49.85 20.41 -24.51
CA GLU R 308 -49.12 19.58 -25.45
C GLU R 308 -49.99 18.49 -26.08
N TYR R 309 -51.27 18.41 -25.68
CA TYR R 309 -52.16 17.46 -26.34
C TYR R 309 -52.20 17.71 -27.84
N LYS R 310 -52.32 18.97 -28.25
CA LYS R 310 -52.29 19.30 -29.67
C LYS R 310 -50.87 19.23 -30.22
N ASP R 311 -49.88 19.62 -29.42
CA ASP R 311 -48.49 19.50 -29.85
C ASP R 311 -48.09 18.07 -30.13
N LEU R 312 -48.79 17.09 -29.55
CA LEU R 312 -48.57 15.68 -29.85
C LEU R 312 -48.94 15.32 -31.27
N LEU R 313 -49.94 15.99 -31.85
CA LEU R 313 -50.45 15.64 -33.17
C LEU R 313 -50.13 16.71 -34.21
N ARG R 314 -49.30 17.69 -33.87
CA ARG R 314 -48.98 18.76 -34.81
C ARG R 314 -48.23 18.19 -36.01
N PRO R 315 -48.69 18.43 -37.25
CA PRO R 315 -47.99 17.86 -38.40
C PRO R 315 -46.59 18.42 -38.59
N VAL R 316 -46.47 19.74 -38.60
CA VAL R 316 -45.18 20.40 -38.82
C VAL R 316 -45.00 21.53 -37.82
N LYS R 322 -41.63 23.76 -49.82
CA LYS R 322 -40.27 24.31 -49.82
C LYS R 322 -39.56 24.05 -51.13
N LEU R 323 -40.05 23.07 -51.89
CA LEU R 323 -39.39 22.59 -53.10
C LEU R 323 -39.88 23.42 -54.29
N THR R 324 -38.95 23.93 -55.08
CA THR R 324 -39.25 24.72 -56.26
C THR R 324 -38.26 24.38 -57.37
N ARG R 325 -38.63 24.71 -58.60
CA ARG R 325 -37.75 24.48 -59.74
C ARG R 325 -36.53 25.39 -59.65
N GLY R 326 -35.46 24.98 -60.31
CA GLY R 326 -34.24 25.76 -60.29
C GLY R 326 -33.50 25.75 -58.98
N SER R 327 -33.88 24.88 -58.05
CA SER R 327 -33.27 24.80 -56.74
C SER R 327 -32.22 23.70 -56.71
N TYR R 328 -31.14 23.95 -55.98
CA TYR R 328 -30.05 22.98 -55.89
C TYR R 328 -30.43 21.86 -54.93
N VAL R 329 -30.29 20.62 -55.37
CA VAL R 329 -30.62 19.44 -54.58
C VAL R 329 -29.54 18.38 -54.77
N ARG R 330 -29.57 17.38 -53.91
CA ARG R 330 -28.58 16.31 -53.89
C ARG R 330 -29.25 14.96 -54.07
N VAL R 331 -28.50 14.01 -54.63
CA VAL R 331 -28.98 12.66 -54.87
C VAL R 331 -28.50 11.75 -53.75
N LYS R 332 -29.35 10.81 -53.35
CA LYS R 332 -29.04 9.93 -52.23
C LYS R 332 -29.00 8.46 -52.65
N ASN R 333 -30.03 8.01 -53.37
CA ASN R 333 -30.26 6.60 -53.61
C ASN R 333 -29.77 6.20 -55.00
N GLY R 334 -29.35 4.95 -55.12
CA GLY R 334 -28.83 4.47 -56.39
C GLY R 334 -27.32 4.60 -56.46
N LYS R 335 -26.84 5.03 -57.63
CA LYS R 335 -25.41 5.12 -57.87
C LYS R 335 -24.95 6.57 -58.05
N PHE R 336 -25.85 7.44 -58.51
CA PHE R 336 -25.53 8.85 -58.76
C PHE R 336 -25.67 9.69 -57.49
N LYS R 337 -25.62 9.08 -56.32
CA LYS R 337 -25.76 9.81 -55.08
C LYS R 337 -24.59 10.76 -54.86
N GLY R 338 -24.84 11.82 -54.11
CA GLY R 338 -23.82 12.80 -53.82
C GLY R 338 -23.53 13.77 -54.94
N ASP R 339 -24.38 13.83 -55.97
CA ASP R 339 -24.21 14.73 -57.09
C ASP R 339 -25.29 15.80 -57.05
N LEU R 340 -24.87 17.06 -57.04
CA LEU R 340 -25.83 18.16 -56.98
C LEU R 340 -26.67 18.21 -58.25
N ALA R 341 -27.93 18.61 -58.09
CA ALA R 341 -28.87 18.69 -59.19
C ALA R 341 -29.64 20.00 -59.09
N GLN R 342 -30.20 20.42 -60.23
CA GLN R 342 -31.09 21.57 -60.29
C GLN R 342 -32.41 21.14 -60.88
N VAL R 343 -33.48 21.29 -60.10
CA VAL R 343 -34.81 20.86 -60.54
C VAL R 343 -35.23 21.73 -61.72
N ASP R 344 -35.81 21.10 -62.74
CA ASP R 344 -36.33 21.80 -63.90
C ASP R 344 -37.74 21.39 -64.28
N GLU R 345 -38.26 20.29 -63.75
CA GLU R 345 -39.64 19.88 -63.95
C GLU R 345 -40.11 19.08 -62.75
N VAL R 346 -41.41 19.13 -62.50
CA VAL R 346 -42.05 18.39 -61.41
C VAL R 346 -43.30 17.74 -61.95
N LEU R 347 -43.51 16.47 -61.61
CA LEU R 347 -44.68 15.75 -62.06
C LEU R 347 -45.93 16.28 -61.37
N GLU R 348 -47.07 16.15 -62.07
CA GLU R 348 -48.31 16.72 -61.55
C GLU R 348 -48.70 16.13 -60.20
N ASN R 349 -48.58 14.81 -60.06
CA ASN R 349 -49.02 14.17 -58.82
C ASN R 349 -48.21 14.67 -57.63
N GLY R 350 -46.96 15.08 -57.86
CA GLY R 350 -46.10 15.52 -56.79
C GLY R 350 -45.22 14.39 -56.27
N LEU R 351 -44.89 13.47 -57.15
CA LEU R 351 -44.09 12.30 -56.79
C LEU R 351 -42.72 12.25 -57.46
N GLU R 352 -42.61 12.65 -58.73
CA GLU R 352 -41.35 12.58 -59.46
C GLU R 352 -41.06 13.94 -60.08
N ALA R 353 -39.77 14.27 -60.15
CA ALA R 353 -39.32 15.55 -60.70
C ALA R 353 -38.06 15.32 -61.51
N ARG R 354 -37.90 16.10 -62.58
CA ARG R 354 -36.72 16.03 -63.41
C ARG R 354 -35.71 17.10 -62.98
N LEU R 355 -34.47 16.92 -63.41
CA LEU R 355 -33.35 17.62 -62.80
C LEU R 355 -32.36 18.19 -63.81
N LYS R 356 -31.23 18.67 -63.31
CA LYS R 356 -30.14 19.14 -64.16
C LYS R 356 -28.84 18.83 -63.40
N LEU R 357 -28.20 17.72 -63.77
CA LEU R 357 -27.02 17.22 -63.10
C LEU R 357 -25.83 17.26 -64.05
N VAL R 358 -24.70 16.75 -63.58
CA VAL R 358 -23.50 16.54 -64.40
C VAL R 358 -23.45 15.04 -64.74
N PRO R 359 -23.61 14.67 -66.01
CA PRO R 359 -23.60 13.24 -66.35
C PRO R 359 -22.30 12.59 -65.93
N ARG R 360 -22.42 11.33 -65.47
CA ARG R 360 -21.28 10.56 -64.96
C ARG R 360 -21.27 9.23 -65.72
N LEU R 361 -20.52 9.18 -66.82
CA LEU R 361 -20.45 8.02 -67.69
C LEU R 361 -19.00 7.59 -67.86
N ASP R 362 -18.80 6.28 -67.99
CA ASP R 362 -17.48 5.71 -68.21
C ASP R 362 -17.10 5.66 -69.69
N TYR R 363 -18.01 6.04 -70.59
CA TYR R 363 -17.73 6.06 -72.02
C TYR R 363 -17.26 4.70 -72.51
N GLY R 364 -17.85 3.64 -71.97
CA GLY R 364 -17.51 2.29 -72.40
C GLY R 364 -16.20 1.76 -71.89
N LYS R 365 -15.52 2.49 -71.00
CA LYS R 365 -14.26 2.00 -70.46
C LYS R 365 -14.45 0.78 -69.57
N ASP R 366 -15.65 0.58 -69.03
CA ASP R 366 -15.92 -0.53 -68.13
C ASP R 366 -17.26 -1.20 -68.41
N LEU R 367 -17.85 -0.98 -69.58
CA LEU R 367 -19.13 -1.60 -69.93
C LEU R 367 -18.88 -2.72 -70.94
N SER R 368 -19.48 -3.87 -70.70
CA SER R 368 -19.34 -5.01 -71.59
C SER R 368 -20.40 -6.07 -71.28
N TYR R 386 -23.78 -0.41 -62.39
CA TYR R 386 -22.93 0.50 -61.62
C TYR R 386 -23.06 0.27 -60.13
N THR R 387 -22.17 0.89 -59.37
CA THR R 387 -22.29 0.98 -57.92
C THR R 387 -21.96 2.41 -57.51
N SER R 388 -22.08 2.68 -56.23
CA SER R 388 -21.98 4.05 -55.72
C SER R 388 -20.61 4.38 -55.13
N LYS R 389 -19.61 3.50 -55.25
CA LYS R 389 -18.35 3.68 -54.56
C LYS R 389 -17.11 3.56 -55.43
N PHE R 390 -17.24 3.16 -56.70
CA PHE R 390 -16.10 2.99 -57.59
C PHE R 390 -16.06 4.05 -58.69
N ARG R 391 -16.76 5.19 -58.50
CA ARG R 391 -16.89 6.11 -59.62
C ARG R 391 -15.73 7.11 -59.66
N PRO R 392 -15.35 7.56 -60.87
CA PRO R 392 -14.39 8.67 -60.97
C PRO R 392 -15.07 10.03 -60.86
N ALA R 393 -14.31 11.10 -61.08
CA ALA R 393 -14.84 12.46 -60.93
C ALA R 393 -15.87 12.75 -62.02
N GLN R 394 -16.48 13.92 -61.95
CA GLN R 394 -17.54 14.33 -62.86
C GLN R 394 -17.01 15.30 -63.90
N ARG R 395 -17.53 15.19 -65.13
CA ARG R 395 -17.18 16.09 -66.22
C ARG R 395 -18.43 16.44 -66.99
N LEU R 396 -18.47 17.65 -67.54
CA LEU R 396 -19.62 18.09 -68.33
C LEU R 396 -19.68 17.35 -69.65
N PHE R 397 -20.89 16.96 -70.05
CA PHE R 397 -21.07 16.15 -71.24
C PHE R 397 -20.71 16.93 -72.49
N SER R 398 -20.03 16.26 -73.42
CA SER R 398 -19.70 16.82 -74.72
C SER R 398 -20.04 15.80 -75.80
N GLU R 399 -20.39 16.31 -76.98
CA GLU R 399 -20.84 15.43 -78.05
C GLU R 399 -19.68 14.66 -78.67
N ALA R 400 -18.52 15.30 -78.82
CA ALA R 400 -17.39 14.65 -79.49
C ALA R 400 -16.92 13.44 -78.70
N GLU R 401 -16.84 13.56 -77.37
CA GLU R 401 -16.38 12.44 -76.56
C GLU R 401 -17.34 11.25 -76.67
N ALA R 402 -18.64 11.50 -76.62
CA ALA R 402 -19.61 10.42 -76.79
C ALA R 402 -19.51 9.81 -78.19
N ARG R 403 -19.30 10.66 -79.20
CA ARG R 403 -19.17 10.16 -80.56
C ARG R 403 -17.97 9.26 -80.73
N VAL R 404 -16.84 9.60 -80.10
CA VAL R 404 -15.59 8.90 -80.36
C VAL R 404 -15.44 7.68 -79.45
N HIS R 405 -15.72 7.80 -78.15
CA HIS R 405 -15.46 6.69 -77.24
C HIS R 405 -16.33 5.48 -77.53
N GLU R 406 -17.64 5.67 -77.67
CA GLU R 406 -18.55 4.57 -77.94
C GLU R 406 -19.07 4.63 -79.37
N ILE R 409 -27.29 7.44 -78.62
CA ILE R 409 -26.84 8.66 -79.27
C ILE R 409 -27.85 9.06 -80.33
N ARG R 410 -28.95 9.69 -79.90
CA ARG R 410 -30.03 10.10 -80.79
C ARG R 410 -30.23 11.60 -80.61
N ARG R 411 -29.87 12.38 -81.63
CA ARG R 411 -29.93 13.83 -81.57
C ARG R 411 -31.34 14.29 -81.91
N ASP R 412 -32.10 14.69 -80.90
CA ASP R 412 -33.45 15.22 -81.10
C ASP R 412 -33.44 16.73 -81.26
N ARG R 413 -32.92 17.45 -80.27
CA ARG R 413 -32.79 18.90 -80.33
C ARG R 413 -31.34 19.27 -80.06
N ASP R 414 -30.97 20.47 -80.50
CA ASP R 414 -29.60 20.95 -80.34
C ASP R 414 -29.18 20.87 -78.88
N GLY R 415 -28.18 20.02 -78.60
CA GLY R 415 -27.70 19.82 -77.25
C GLY R 415 -28.52 18.83 -76.44
N PHE R 416 -29.61 18.30 -76.99
CA PHE R 416 -30.49 17.38 -76.28
C PHE R 416 -30.35 16.00 -76.91
N VAL R 417 -29.67 15.10 -76.20
CA VAL R 417 -29.47 13.73 -76.64
C VAL R 417 -29.96 12.80 -75.54
N THR R 418 -30.86 11.89 -75.88
CA THR R 418 -31.35 10.87 -74.95
C THR R 418 -30.48 9.62 -75.15
N TYR R 419 -29.40 9.53 -74.38
CA TYR R 419 -28.40 8.48 -74.55
C TYR R 419 -28.46 7.55 -73.33
N GLY R 420 -28.57 6.25 -73.60
CA GLY R 420 -28.61 5.27 -72.53
C GLY R 420 -29.78 5.42 -71.59
N GLY R 421 -30.94 5.79 -72.13
CA GLY R 421 -32.09 6.03 -71.28
C GLY R 421 -31.98 7.26 -70.40
N GLU R 422 -31.10 8.19 -70.74
CA GLU R 422 -30.88 9.39 -69.94
C GLU R 422 -30.89 10.60 -70.85
N GLU R 423 -31.55 11.66 -70.41
CA GLU R 423 -31.64 12.90 -71.19
C GLU R 423 -30.48 13.81 -70.84
N TYR R 424 -29.88 14.42 -71.86
CA TYR R 424 -28.70 15.27 -71.72
C TYR R 424 -28.92 16.57 -72.47
N TYR R 425 -29.20 17.65 -71.73
CA TYR R 425 -29.42 18.97 -72.32
C TYR R 425 -28.32 19.91 -71.85
N GLU R 426 -27.76 20.68 -72.80
CA GLU R 426 -26.70 21.64 -72.52
C GLU R 426 -25.47 21.00 -71.88
N GLY R 427 -25.18 19.75 -72.24
CA GLY R 427 -24.06 19.06 -71.63
C GLY R 427 -24.28 18.66 -70.19
N PHE R 428 -25.53 18.52 -69.76
CA PHE R 428 -25.87 18.18 -68.38
C PHE R 428 -26.68 16.89 -68.36
N LEU R 429 -27.10 16.51 -67.16
CA LEU R 429 -27.77 15.23 -66.92
C LEU R 429 -29.22 15.45 -66.54
N TYR R 430 -30.13 14.79 -67.25
CA TYR R 430 -31.56 14.79 -66.94
C TYR R 430 -32.03 13.35 -66.81
N LYS R 431 -32.75 13.05 -65.73
CA LYS R 431 -33.27 11.72 -65.49
C LYS R 431 -34.52 11.82 -64.62
N THR R 432 -35.37 10.80 -64.74
CA THR R 432 -36.56 10.69 -63.90
C THR R 432 -36.15 10.30 -62.49
N PHE R 433 -35.98 11.30 -61.63
CA PHE R 433 -35.55 11.08 -60.25
C PHE R 433 -36.75 11.23 -59.32
N ARG R 434 -36.94 10.25 -58.46
CA ARG R 434 -38.07 10.27 -57.53
C ARG R 434 -37.92 11.40 -56.53
N LEU R 435 -39.07 11.91 -56.06
CA LEU R 435 -39.03 12.91 -55.00
C LEU R 435 -38.37 12.36 -53.74
N GLN R 436 -38.46 11.04 -53.52
CA GLN R 436 -37.78 10.41 -52.40
C GLN R 436 -36.27 10.49 -52.54
N ASN R 437 -35.75 10.35 -53.77
CA ASN R 437 -34.32 10.27 -53.97
C ASN R 437 -33.61 11.61 -53.77
N LEU R 438 -34.37 12.69 -53.56
CA LEU R 438 -33.81 14.04 -53.57
C LEU R 438 -34.20 14.80 -52.31
N ILE R 439 -33.37 15.78 -51.96
CA ILE R 439 -33.62 16.70 -50.86
C ILE R 439 -33.05 18.07 -51.25
N VAL R 440 -33.73 19.13 -50.83
CA VAL R 440 -33.32 20.49 -51.15
C VAL R 440 -32.94 21.30 -49.92
N ASN R 441 -33.54 21.00 -48.76
CA ASN R 441 -33.32 21.82 -47.57
C ASN R 441 -31.92 21.60 -47.01
N SER R 442 -31.31 22.70 -46.55
CA SER R 442 -30.05 22.65 -45.80
C SER R 442 -28.96 21.94 -46.60
N ILE R 443 -28.59 22.54 -47.74
CA ILE R 443 -27.48 22.06 -48.56
C ILE R 443 -26.54 23.24 -48.79
N ASN R 444 -25.26 23.02 -48.51
CA ASN R 444 -24.24 24.04 -48.69
C ASN R 444 -23.33 23.65 -49.84
N PRO R 445 -23.25 24.44 -50.91
CA PRO R 445 -22.37 24.05 -52.04
C PRO R 445 -20.92 23.91 -51.60
N THR R 446 -20.23 22.98 -52.26
CA THR R 446 -18.86 22.62 -51.91
C THR R 446 -17.88 23.30 -52.87
N LEU R 447 -16.59 22.99 -52.69
CA LEU R 447 -15.56 23.61 -53.53
C LEU R 447 -15.73 23.24 -54.99
N ASN R 448 -15.99 21.96 -55.27
CA ASN R 448 -16.23 21.56 -56.65
C ASN R 448 -17.47 22.25 -57.21
N GLU R 449 -18.52 22.37 -56.39
CA GLU R 449 -19.75 23.00 -56.86
C GLU R 449 -19.53 24.49 -57.16
N LEU R 450 -18.82 25.21 -56.28
CA LEU R 450 -18.57 26.62 -56.55
C LEU R 450 -17.61 26.78 -57.72
N SER R 451 -16.75 25.79 -57.97
CA SER R 451 -15.93 25.83 -59.17
C SER R 451 -16.77 25.62 -60.42
N LEU R 452 -17.79 24.77 -60.33
CA LEU R 452 -18.67 24.50 -61.47
C LEU R 452 -19.90 25.41 -61.46
N PHE R 453 -20.69 25.36 -60.39
CA PHE R 453 -21.91 26.14 -60.31
C PHE R 453 -21.59 27.62 -60.06
N ASP R 752 21.82 -3.33 -62.13
CA ASP R 752 22.67 -4.41 -62.62
C ASP R 752 21.83 -5.63 -63.01
N PRO R 753 21.84 -5.98 -64.30
CA PRO R 753 21.01 -7.11 -64.75
C PRO R 753 21.73 -8.45 -64.71
N THR R 754 22.98 -8.46 -64.29
CA THR R 754 23.77 -9.69 -64.18
C THR R 754 23.50 -10.43 -62.87
N LEU R 755 22.39 -10.10 -62.20
CA LEU R 755 22.02 -10.70 -60.94
C LEU R 755 20.82 -11.61 -61.13
N ASN R 756 20.35 -12.18 -60.02
CA ASN R 756 19.19 -13.08 -60.03
C ASN R 756 19.41 -14.23 -61.02
N LYS R 757 20.62 -14.77 -61.02
CA LYS R 757 20.99 -15.82 -61.95
C LYS R 757 21.80 -16.88 -61.21
N THR R 758 21.72 -18.11 -61.70
CA THR R 758 22.48 -19.21 -61.10
C THR R 758 23.97 -18.94 -61.26
N VAL R 759 24.71 -19.06 -60.17
CA VAL R 759 26.15 -18.83 -60.14
C VAL R 759 26.80 -19.89 -59.28
N LYS R 760 27.94 -20.40 -59.74
CA LYS R 760 28.69 -21.42 -59.02
C LYS R 760 30.16 -21.03 -58.96
N ILE R 761 30.87 -21.57 -57.98
CA ILE R 761 32.23 -21.16 -57.64
C ILE R 761 33.22 -22.06 -58.35
N ARG R 762 34.30 -21.46 -58.86
CA ARG R 762 35.37 -22.21 -59.50
C ARG R 762 36.56 -22.45 -58.60
N GLN R 763 36.88 -21.54 -57.69
CA GLN R 763 38.02 -21.65 -56.82
C GLN R 763 37.71 -21.00 -55.48
N GLY R 764 38.43 -21.42 -54.45
CA GLY R 764 38.26 -20.89 -53.11
C GLY R 764 37.97 -21.97 -52.09
N GLY R 765 37.53 -21.53 -50.92
CA GLY R 765 37.22 -22.45 -49.83
C GLY R 765 35.90 -23.19 -50.00
N TYR R 766 35.00 -22.68 -50.83
CA TYR R 766 33.73 -23.33 -51.14
C TYR R 766 33.65 -23.63 -52.63
N LYS R 767 34.72 -24.19 -53.19
CA LYS R 767 34.79 -24.51 -54.60
C LYS R 767 33.80 -25.61 -54.93
N GLY R 768 32.88 -25.33 -55.86
CA GLY R 768 31.91 -26.32 -56.29
C GLY R 768 30.60 -26.24 -55.55
N LYS R 769 30.05 -25.03 -55.41
CA LYS R 769 28.79 -24.81 -54.72
C LYS R 769 27.93 -23.86 -55.54
N ILE R 770 26.66 -24.21 -55.74
CA ILE R 770 25.75 -23.36 -56.50
C ILE R 770 25.33 -22.18 -55.64
N GLY R 771 24.92 -21.09 -56.30
CA GLY R 771 24.51 -19.90 -55.59
C GLY R 771 23.89 -18.88 -56.51
N ILE R 772 23.31 -17.84 -55.89
CA ILE R 772 22.65 -16.76 -56.60
C ILE R 772 23.22 -15.44 -56.11
N VAL R 773 23.16 -14.41 -56.96
CA VAL R 773 23.68 -13.10 -56.62
C VAL R 773 22.53 -12.20 -56.19
N LYS R 774 22.73 -11.47 -55.08
CA LYS R 774 21.72 -10.56 -54.55
C LYS R 774 22.13 -9.10 -54.62
N GLU R 775 23.28 -8.75 -54.07
CA GLU R 775 23.73 -7.36 -54.00
C GLU R 775 25.11 -7.24 -54.62
N ALA R 776 25.28 -6.23 -55.49
CA ALA R 776 26.53 -6.02 -56.22
C ALA R 776 26.91 -4.54 -56.19
N ASN R 777 26.91 -3.95 -54.99
CA ASN R 777 27.19 -2.52 -54.83
C ASN R 777 28.26 -2.05 -55.81
N GLY R 778 29.40 -2.72 -55.83
CA GLY R 778 30.43 -2.41 -56.81
C GLY R 778 31.69 -3.24 -56.66
N ASP R 779 32.15 -3.79 -57.78
CA ASP R 779 33.40 -4.55 -57.86
C ASP R 779 33.50 -5.65 -56.82
N ARG R 780 32.38 -6.07 -56.24
CA ARG R 780 32.40 -7.12 -55.21
C ARG R 780 31.01 -7.74 -55.17
N PHE R 781 30.95 -9.07 -55.22
CA PHE R 781 29.68 -9.76 -55.37
C PHE R 781 29.37 -10.58 -54.12
N ARG R 782 28.14 -10.45 -53.62
CA ARG R 782 27.64 -11.21 -52.49
C ARG R 782 26.68 -12.27 -53.01
N VAL R 783 26.85 -13.52 -52.54
CA VAL R 783 26.18 -14.68 -53.12
C VAL R 783 25.53 -15.49 -52.02
N GLU R 784 24.31 -15.98 -52.28
CA GLU R 784 23.65 -16.94 -51.41
C GLU R 784 23.96 -18.36 -51.85
N LEU R 785 23.93 -19.27 -50.89
CA LEU R 785 24.24 -20.68 -51.14
C LEU R 785 23.02 -21.54 -50.79
N HIS R 786 22.95 -22.71 -51.43
CA HIS R 786 21.80 -23.59 -51.30
C HIS R 786 21.88 -24.54 -50.12
N ASN R 787 22.92 -25.39 -50.06
CA ASN R 787 23.04 -26.32 -48.93
C ASN R 787 23.14 -25.56 -47.61
N PRO R 788 23.95 -24.52 -47.47
CA PRO R 788 23.91 -23.70 -46.26
C PRO R 788 22.92 -22.55 -46.42
N ASN R 789 22.26 -22.23 -45.32
CA ASN R 789 21.31 -21.12 -45.27
C ASN R 789 22.05 -19.83 -44.94
N LYS R 790 23.06 -19.53 -45.75
CA LYS R 790 23.94 -18.38 -45.52
C LYS R 790 24.24 -17.70 -46.85
N THR R 791 24.64 -16.43 -46.76
CA THR R 791 25.04 -15.63 -47.90
C THR R 791 26.43 -15.05 -47.63
N ILE R 792 27.33 -15.20 -48.58
CA ILE R 792 28.74 -14.85 -48.37
C ILE R 792 29.20 -13.86 -49.43
N PRO R 793 30.18 -13.01 -49.14
CA PRO R 793 30.81 -12.22 -50.19
C PRO R 793 31.88 -13.01 -50.94
N ILE R 794 32.23 -12.49 -52.11
CA ILE R 794 33.30 -13.07 -52.93
C ILE R 794 33.62 -12.11 -54.06
N PRO R 795 34.89 -11.97 -54.47
CA PRO R 795 35.19 -11.13 -55.63
C PRO R 795 34.50 -11.63 -56.87
N CYS R 796 34.32 -10.71 -57.82
CA CYS R 796 33.57 -11.03 -59.03
C CYS R 796 34.22 -12.15 -59.83
N SER R 797 35.55 -12.28 -59.74
CA SER R 797 36.28 -13.11 -60.68
C SER R 797 36.26 -14.60 -60.34
N PHE R 798 35.74 -14.99 -59.17
CA PHE R 798 35.75 -16.38 -58.75
C PHE R 798 34.40 -17.05 -58.94
N LEU R 799 33.69 -16.72 -60.02
CA LEU R 799 32.34 -17.20 -60.25
C LEU R 799 32.29 -18.05 -61.51
N LEU R 800 31.31 -18.94 -61.56
CA LEU R 800 30.94 -19.67 -62.77
C LEU R 800 29.47 -19.38 -63.03
N ILE R 801 29.20 -18.28 -63.71
CA ILE R 801 27.84 -17.81 -63.95
C ILE R 801 27.16 -18.74 -64.95
N GLU R 802 25.98 -19.23 -64.59
CA GLU R 802 25.17 -19.95 -65.55
C GLU R 802 24.75 -19.00 -66.68
N SER R 803 24.79 -19.51 -67.90
CA SER R 803 24.48 -18.70 -69.08
C SER R 803 23.62 -19.56 -70.00
N THR R 804 23.46 -19.11 -71.24
CA THR R 804 22.69 -19.88 -72.20
C THR R 804 23.19 -21.32 -72.27
N HIS R 805 24.50 -21.51 -72.18
CA HIS R 805 25.10 -22.84 -72.20
C HIS R 805 26.18 -22.91 -71.13
N GLY R 806 26.09 -23.92 -70.27
CA GLY R 806 27.15 -24.19 -69.32
C GLY R 806 27.21 -23.18 -68.18
N TRP R 807 28.33 -23.26 -67.46
CA TRP R 807 28.59 -22.43 -66.28
C TRP R 807 29.65 -21.40 -66.67
N VAL R 808 29.20 -20.28 -67.23
CA VAL R 808 30.10 -19.25 -67.75
C VAL R 808 30.81 -18.56 -66.59
N PRO R 809 32.12 -18.31 -66.69
CA PRO R 809 32.80 -17.56 -65.63
C PRO R 809 32.33 -16.12 -65.57
N TYR R 810 32.96 -15.28 -64.76
CA TYR R 810 32.52 -13.90 -64.65
C TYR R 810 32.84 -13.16 -65.93
N GLU R 811 32.09 -13.48 -66.98
CA GLU R 811 32.22 -12.80 -68.26
C GLU R 811 30.85 -12.56 -68.89
N ASP R 812 29.77 -12.86 -68.19
CA ASP R 812 28.42 -12.70 -68.71
C ASP R 812 27.71 -11.50 -68.08
N PRO S 42 17.13 82.68 80.61
CA PRO S 42 17.54 82.71 82.02
C PRO S 42 16.84 83.81 82.81
N HIS S 43 15.62 83.54 83.27
CA HIS S 43 14.84 84.52 84.01
C HIS S 43 13.61 83.84 84.60
N ARG S 44 12.93 84.55 85.49
CA ARG S 44 11.75 84.06 86.18
C ARG S 44 10.61 85.04 85.95
N TYR S 45 9.46 84.52 85.49
CA TYR S 45 8.28 85.32 85.26
C TYR S 45 7.18 84.94 86.25
N ARG S 46 6.08 85.68 86.20
CA ARG S 46 5.01 85.52 87.17
C ARG S 46 4.33 84.16 87.00
N PRO S 47 3.79 83.59 88.09
CA PRO S 47 3.10 82.29 87.98
C PRO S 47 1.91 82.39 87.04
N GLY S 48 1.66 81.31 86.30
CA GLY S 48 0.57 81.27 85.35
C GLY S 48 1.06 81.10 83.92
N THR S 49 2.17 81.77 83.60
CA THR S 49 2.75 81.65 82.27
C THR S 49 3.16 80.21 81.98
N VAL S 50 3.82 79.56 82.94
CA VAL S 50 4.19 78.16 82.75
C VAL S 50 2.95 77.30 82.65
N ALA S 51 1.88 77.67 83.34
CA ALA S 51 0.62 76.93 83.20
C ALA S 51 0.14 76.95 81.76
N LEU S 52 0.13 78.14 81.14
CA LEU S 52 -0.30 78.24 79.74
C LEU S 52 0.68 77.50 78.82
N ARG S 53 1.98 77.59 79.10
CA ARG S 53 2.95 76.86 78.26
C ARG S 53 2.69 75.37 78.32
N GLU S 54 2.46 74.83 79.53
CA GLU S 54 2.13 73.41 79.66
C GLU S 54 0.84 73.08 78.94
N ILE S 55 -0.18 73.93 79.07
CA ILE S 55 -1.45 73.68 78.39
C ILE S 55 -1.24 73.55 76.89
N ARG S 56 -0.54 74.53 76.30
CA ARG S 56 -0.30 74.48 74.86
C ARG S 56 0.53 73.27 74.46
N ARG S 57 1.61 73.00 75.21
CA ARG S 57 2.52 71.92 74.84
C ARG S 57 1.84 70.56 74.96
N TYR S 58 0.93 70.41 75.91
CA TYR S 58 0.22 69.14 76.09
C TYR S 58 -0.97 69.02 75.16
N GLN S 59 -1.54 70.15 74.72
CA GLN S 59 -2.56 70.12 73.68
C GLN S 59 -1.96 69.76 72.33
N LYS S 60 -0.73 70.20 72.05
CA LYS S 60 -0.04 69.77 70.85
C LYS S 60 0.42 68.32 70.96
N SER S 61 0.53 67.81 72.18
CA SER S 61 0.97 66.45 72.40
C SER S 61 -0.19 65.47 72.27
N THR S 62 0.16 64.20 72.04
CA THR S 62 -0.82 63.13 71.89
C THR S 62 -0.49 61.94 72.78
N GLU S 63 0.79 61.73 73.10
CA GLU S 63 1.21 60.53 73.80
C GLU S 63 0.75 60.53 75.26
N LEU S 64 1.05 59.45 75.98
CA LEU S 64 0.54 59.29 77.34
C LEU S 64 1.17 60.29 78.29
N LEU S 65 0.45 60.59 79.38
CA LEU S 65 0.96 61.44 80.45
C LEU S 65 1.35 60.62 81.69
N ILE S 66 0.49 59.71 82.13
CA ILE S 66 0.87 58.77 83.18
C ILE S 66 1.82 57.74 82.59
N ARG S 67 2.96 57.55 83.25
CA ARG S 67 4.01 56.71 82.69
C ARG S 67 3.60 55.24 82.76
N LYS S 68 4.39 54.40 82.08
CA LYS S 68 3.99 53.02 81.83
C LYS S 68 4.06 52.17 83.09
N LEU S 69 5.24 52.01 83.64
CA LEU S 69 5.48 51.02 84.70
C LEU S 69 4.60 51.29 85.92
N PRO S 70 4.47 52.53 86.38
CA PRO S 70 3.59 52.78 87.54
C PRO S 70 2.15 52.39 87.30
N PHE S 71 1.59 52.73 86.13
CA PHE S 71 0.22 52.35 85.83
C PHE S 71 0.10 50.84 85.70
N GLN S 72 1.09 50.18 85.10
CA GLN S 72 1.05 48.73 85.00
C GLN S 72 1.04 48.09 86.39
N ARG S 73 1.87 48.60 87.30
CA ARG S 73 1.91 48.04 88.64
C ARG S 73 0.62 48.31 89.40
N LEU S 74 0.03 49.50 89.23
CA LEU S 74 -1.27 49.76 89.86
C LEU S 74 -2.35 48.84 89.32
N VAL S 75 -2.33 48.59 88.00
CA VAL S 75 -3.29 47.67 87.40
C VAL S 75 -3.11 46.27 87.99
N ARG S 76 -1.87 45.83 88.12
CA ARG S 76 -1.61 44.54 88.76
C ARG S 76 -2.11 44.51 90.19
N GLU S 77 -1.90 45.60 90.94
CA GLU S 77 -2.39 45.66 92.31
C GLU S 77 -3.89 45.48 92.36
N ILE S 78 -4.62 46.23 91.53
CA ILE S 78 -6.08 46.20 91.60
C ILE S 78 -6.63 44.91 91.00
N ALA S 79 -5.84 44.21 90.19
CA ALA S 79 -6.31 42.98 89.57
C ALA S 79 -6.04 41.76 90.44
N GLN S 80 -4.89 41.72 91.11
CA GLN S 80 -4.51 40.54 91.86
C GLN S 80 -5.45 40.30 93.04
N ASP S 81 -6.23 41.29 93.44
CA ASP S 81 -7.10 41.15 94.61
C ASP S 81 -8.33 40.31 94.34
N PHE S 82 -8.70 40.10 93.08
CA PHE S 82 -9.87 39.29 92.74
C PHE S 82 -9.52 37.95 92.12
N LYS S 83 -8.40 37.86 91.39
CA LYS S 83 -7.95 36.60 90.83
C LYS S 83 -6.43 36.57 90.85
N THR S 84 -5.87 35.40 91.13
CA THR S 84 -4.43 35.25 91.29
C THR S 84 -3.79 34.73 90.01
N ASP S 85 -2.48 34.94 89.90
CA ASP S 85 -1.68 34.44 88.79
C ASP S 85 -2.24 34.93 87.45
N LEU S 86 -2.21 36.24 87.30
CA LEU S 86 -2.72 36.90 86.11
C LEU S 86 -1.58 37.37 85.22
N ARG S 87 -1.73 37.13 83.91
CA ARG S 87 -0.77 37.55 82.91
C ARG S 87 -1.44 38.54 81.98
N PHE S 88 -0.74 39.64 81.68
CA PHE S 88 -1.31 40.77 80.95
C PHE S 88 -0.59 40.94 79.63
N GLN S 89 -1.34 41.36 78.60
CA GLN S 89 -0.72 41.87 77.39
C GLN S 89 -0.47 43.36 77.54
N SER S 90 0.62 43.84 76.93
CA SER S 90 0.92 45.26 76.99
C SER S 90 -0.21 46.09 76.39
N ALA S 91 -0.87 45.55 75.35
CA ALA S 91 -1.99 46.27 74.75
C ALA S 91 -3.15 46.43 75.71
N ALA S 92 -3.41 45.42 76.55
CA ALA S 92 -4.49 45.54 77.52
C ALA S 92 -4.24 46.67 78.51
N ILE S 93 -3.01 46.76 79.03
CA ILE S 93 -2.69 47.83 79.97
C ILE S 93 -2.69 49.18 79.26
N GLY S 94 -2.26 49.21 78.00
CA GLY S 94 -2.36 50.44 77.22
C GLY S 94 -3.80 50.90 77.06
N ALA S 95 -4.70 49.96 76.79
CA ALA S 95 -6.12 50.30 76.69
C ALA S 95 -6.67 50.79 78.02
N LEU S 96 -6.27 50.13 79.13
CA LEU S 96 -6.70 50.58 80.43
C LEU S 96 -6.24 52.01 80.70
N GLN S 97 -4.97 52.30 80.38
CA GLN S 97 -4.45 53.65 80.57
C GLN S 97 -5.17 54.67 79.70
N GLU S 98 -5.46 54.29 78.45
CA GLU S 98 -6.18 55.21 77.56
C GLU S 98 -7.57 55.53 78.12
N ALA S 99 -8.31 54.52 78.53
CA ALA S 99 -9.64 54.76 79.08
C ALA S 99 -9.57 55.59 80.34
N SER S 100 -8.61 55.27 81.23
CA SER S 100 -8.48 56.02 82.47
C SER S 100 -8.10 57.48 82.19
N GLU S 101 -7.21 57.71 81.23
CA GLU S 101 -6.81 59.06 80.90
C GLU S 101 -7.98 59.85 80.33
N ALA S 102 -8.77 59.23 79.45
CA ALA S 102 -9.94 59.92 78.93
C ALA S 102 -10.93 60.26 80.05
N TYR S 103 -11.16 59.31 80.95
CA TYR S 103 -12.07 59.54 82.07
C TYR S 103 -11.56 60.68 82.95
N LEU S 104 -10.27 60.69 83.26
CA LEU S 104 -9.70 61.73 84.10
C LEU S 104 -9.76 63.09 83.41
N VAL S 105 -9.50 63.13 82.10
CA VAL S 105 -9.58 64.39 81.37
C VAL S 105 -11.00 64.93 81.39
N GLY S 106 -11.99 64.06 81.17
CA GLY S 106 -13.37 64.50 81.23
C GLY S 106 -13.76 65.02 82.60
N LEU S 107 -13.35 64.30 83.65
CA LEU S 107 -13.65 64.75 85.00
C LEU S 107 -12.98 66.08 85.30
N PHE S 108 -11.73 66.25 84.87
CA PHE S 108 -11.03 67.51 85.08
C PHE S 108 -11.70 68.66 84.34
N GLU S 109 -12.16 68.42 83.11
CA GLU S 109 -12.87 69.47 82.39
C GLU S 109 -14.17 69.84 83.10
N ASP S 110 -14.91 68.85 83.59
CA ASP S 110 -16.11 69.16 84.36
C ASP S 110 -15.77 69.97 85.60
N THR S 111 -14.71 69.58 86.31
CA THR S 111 -14.30 70.31 87.50
C THR S 111 -13.94 71.75 87.18
N ASN S 112 -13.20 71.97 86.09
CA ASN S 112 -12.82 73.33 85.70
C ASN S 112 -14.03 74.14 85.28
N LEU S 113 -14.98 73.52 84.56
CA LEU S 113 -16.19 74.25 84.20
C LEU S 113 -16.96 74.66 85.44
N CYS S 114 -17.09 73.76 86.42
CA CYS S 114 -17.76 74.11 87.66
C CYS S 114 -17.05 75.25 88.38
N ALA S 115 -15.72 75.17 88.47
CA ALA S 115 -14.97 76.20 89.17
C ALA S 115 -15.10 77.55 88.47
N ILE S 116 -14.97 77.57 87.15
CA ILE S 116 -15.06 78.82 86.40
C ILE S 116 -16.46 79.41 86.53
N HIS S 117 -17.49 78.59 86.37
CA HIS S 117 -18.85 79.07 86.57
C HIS S 117 -19.02 79.65 87.97
N ALA S 118 -18.31 79.11 88.94
CA ALA S 118 -18.28 79.65 90.30
C ALA S 118 -17.38 80.87 90.42
N LYS S 119 -16.93 81.44 89.30
CA LYS S 119 -16.05 82.60 89.30
C LYS S 119 -14.75 82.31 90.07
N ARG S 120 -14.24 81.08 89.94
CA ARG S 120 -13.05 80.65 90.65
C ARG S 120 -12.11 79.93 89.70
N VAL S 121 -10.81 80.11 89.93
CA VAL S 121 -9.78 79.39 89.19
C VAL S 121 -9.14 78.28 90.03
N THR S 122 -8.93 78.52 91.32
CA THR S 122 -8.41 77.48 92.20
C THR S 122 -9.46 76.40 92.39
N ILE S 123 -9.24 75.25 91.76
CA ILE S 123 -10.19 74.14 91.92
C ILE S 123 -10.02 73.51 93.29
N MET S 124 -11.13 73.28 93.96
CA MET S 124 -11.18 72.51 95.20
C MET S 124 -11.93 71.21 94.95
N PRO S 125 -11.70 70.20 95.78
CA PRO S 125 -12.34 68.89 95.53
C PRO S 125 -13.86 68.94 95.48
N LYS S 126 -14.50 69.94 96.09
CA LYS S 126 -15.94 70.05 95.99
C LYS S 126 -16.39 70.27 94.55
N ASP S 127 -15.58 70.91 93.72
CA ASP S 127 -15.90 71.01 92.30
C ASP S 127 -15.97 69.62 91.67
N ILE S 128 -15.00 68.75 92.00
CA ILE S 128 -15.04 67.37 91.54
C ILE S 128 -16.27 66.65 92.08
N GLN S 129 -16.62 66.92 93.35
CA GLN S 129 -17.81 66.30 93.93
C GLN S 129 -19.06 66.67 93.14
N LEU S 130 -19.21 67.95 92.81
CA LEU S 130 -20.36 68.37 92.00
C LEU S 130 -20.31 67.73 90.62
N ALA S 131 -19.13 67.70 89.99
CA ALA S 131 -19.02 67.15 88.64
C ALA S 131 -19.43 65.69 88.62
N ARG S 132 -18.97 64.90 89.59
CA ARG S 132 -19.32 63.48 89.66
C ARG S 132 -20.73 63.25 90.18
N ARG S 133 -21.30 64.21 90.92
CA ARG S 133 -22.68 64.09 91.36
C ARG S 133 -23.64 64.29 90.20
N ILE S 134 -23.39 65.30 89.37
CA ILE S 134 -24.27 65.55 88.24
C ILE S 134 -24.15 64.46 87.18
N ARG S 135 -22.92 63.98 86.92
CA ARG S 135 -22.73 62.92 85.94
C ARG S 135 -23.47 61.64 86.31
N GLY S 136 -23.69 61.40 87.60
CA GLY S 136 -24.40 60.21 88.03
C GLY S 136 -23.57 58.95 88.12
N GLU S 137 -22.27 59.03 87.89
CA GLU S 137 -21.37 57.88 88.00
C GLU S 137 -20.61 57.97 89.31
N ARG S 138 -20.84 57.00 90.20
CA ARG S 138 -20.19 56.99 91.51
C ARG S 138 -19.30 55.77 91.66
N ARG T 27 2.40 47.67 96.06
CA ARG T 27 2.16 48.58 97.22
C ARG T 27 2.52 50.01 96.83
N ASP T 28 1.68 50.96 97.25
CA ASP T 28 1.90 52.38 96.98
C ASP T 28 1.92 52.66 95.48
N ASN T 29 1.28 51.80 94.69
CA ASN T 29 1.17 52.03 93.26
C ASN T 29 0.18 53.12 92.91
N ILE T 30 -0.77 53.42 93.81
CA ILE T 30 -1.66 54.55 93.59
C ILE T 30 -0.87 55.85 93.61
N GLN T 31 0.07 55.99 94.52
CA GLN T 31 1.01 57.10 94.52
C GLN T 31 1.98 57.03 93.36
N GLY T 32 2.06 55.88 92.67
CA GLY T 32 2.80 55.83 91.42
C GLY T 32 2.30 56.85 90.43
N ILE T 33 1.04 57.25 90.55
CA ILE T 33 0.52 58.40 89.81
C ILE T 33 1.10 59.64 90.50
N THR T 34 2.19 60.16 89.94
CA THR T 34 2.98 61.19 90.59
C THR T 34 2.22 62.52 90.63
N LYS T 35 2.57 63.33 91.63
CA LYS T 35 2.04 64.69 91.67
C LYS T 35 2.27 65.42 90.36
N PRO T 36 3.47 65.42 89.77
CA PRO T 36 3.62 65.98 88.41
C PRO T 36 2.78 65.25 87.36
N ALA T 37 2.52 63.96 87.52
CA ALA T 37 1.65 63.27 86.55
C ALA T 37 0.23 63.80 86.62
N ILE T 38 -0.32 63.95 87.83
CA ILE T 38 -1.65 64.54 87.97
C ILE T 38 -1.63 65.98 87.49
N ARG T 39 -0.53 66.70 87.72
CA ARG T 39 -0.42 68.06 87.21
C ARG T 39 -0.50 68.07 85.69
N ARG T 40 0.22 67.18 85.02
CA ARG T 40 0.20 67.13 83.57
C ARG T 40 -1.19 66.79 83.05
N LEU T 41 -1.84 65.79 83.66
CA LEU T 41 -3.19 65.43 83.23
C LEU T 41 -4.18 66.56 83.49
N ALA T 42 -4.01 67.30 84.58
CA ALA T 42 -4.89 68.44 84.86
C ALA T 42 -4.68 69.54 83.83
N ARG T 43 -3.43 69.80 83.45
CA ARG T 43 -3.18 70.77 82.38
C ARG T 43 -3.83 70.30 81.08
N ARG T 44 -3.71 69.01 80.77
CA ARG T 44 -4.30 68.48 79.54
C ARG T 44 -5.82 68.64 79.57
N GLY T 45 -6.43 68.39 80.72
CA GLY T 45 -7.85 68.63 80.88
C GLY T 45 -8.22 70.10 80.79
N GLY T 46 -7.37 70.99 81.29
CA GLY T 46 -7.65 72.41 81.26
C GLY T 46 -7.61 73.06 82.64
N VAL T 47 -6.87 72.45 83.56
CA VAL T 47 -6.70 73.01 84.90
C VAL T 47 -5.49 73.92 84.91
N LYS T 48 -5.67 75.16 85.34
CA LYS T 48 -4.57 76.09 85.53
C LYS T 48 -4.10 76.14 86.97
N ARG T 49 -5.00 76.47 87.90
CA ARG T 49 -4.67 76.60 89.31
C ARG T 49 -5.05 75.30 90.00
N ILE T 50 -4.04 74.56 90.47
CA ILE T 50 -4.23 73.23 91.04
C ILE T 50 -4.03 73.31 92.54
N SER T 51 -5.04 72.90 93.29
CA SER T 51 -4.94 72.85 94.74
C SER T 51 -4.23 71.55 95.14
N GLY T 52 -3.88 71.43 96.42
CA GLY T 52 -3.13 70.29 96.89
C GLY T 52 -3.99 69.09 97.23
N LEU T 53 -5.29 69.30 97.37
CA LEU T 53 -6.22 68.23 97.71
C LEU T 53 -6.86 67.59 96.48
N ILE T 54 -6.51 68.04 95.28
CA ILE T 54 -7.07 67.45 94.07
C ILE T 54 -6.36 66.16 93.70
N TYR T 55 -5.08 66.05 94.07
CA TYR T 55 -4.31 64.87 93.66
C TYR T 55 -4.92 63.59 94.20
N GLU T 56 -5.29 63.58 95.48
CA GLU T 56 -5.79 62.37 96.10
C GLU T 56 -7.21 62.02 95.64
N GLU T 57 -8.06 63.03 95.42
CA GLU T 57 -9.37 62.76 94.83
C GLU T 57 -9.22 62.17 93.44
N THR T 58 -8.30 62.72 92.65
CA THR T 58 -8.01 62.14 91.33
C THR T 58 -7.57 60.70 91.45
N ARG T 59 -6.65 60.42 92.38
CA ARG T 59 -6.15 59.06 92.53
C ARG T 59 -7.27 58.11 92.94
N GLY T 60 -8.14 58.53 93.86
CA GLY T 60 -9.23 57.68 94.30
C GLY T 60 -10.23 57.40 93.19
N VAL T 61 -10.59 58.43 92.43
CA VAL T 61 -11.53 58.23 91.33
C VAL T 61 -10.91 57.29 90.29
N LEU T 62 -9.63 57.48 89.98
CA LEU T 62 -8.94 56.57 89.06
C LEU T 62 -8.95 55.15 89.60
N LYS T 63 -8.73 55.00 90.91
CA LYS T 63 -8.72 53.67 91.51
C LYS T 63 -10.08 52.99 91.36
N VAL T 64 -11.16 53.73 91.60
CA VAL T 64 -12.50 53.15 91.46
C VAL T 64 -12.77 52.78 90.01
N PHE T 65 -12.42 53.67 89.07
CA PHE T 65 -12.62 53.38 87.66
C PHE T 65 -11.88 52.10 87.25
N LEU T 66 -10.59 52.02 87.61
CA LEU T 66 -9.81 50.83 87.29
C LEU T 66 -10.35 49.59 87.99
N GLU T 67 -10.86 49.74 89.22
CA GLU T 67 -11.43 48.61 89.92
C GLU T 67 -12.63 48.04 89.17
N ASN T 68 -13.54 48.91 88.72
CA ASN T 68 -14.69 48.42 87.97
C ASN T 68 -14.25 47.78 86.64
N VAL T 69 -13.36 48.44 85.92
CA VAL T 69 -12.92 47.92 84.63
C VAL T 69 -12.26 46.56 84.82
N ILE T 70 -11.39 46.43 85.81
CA ILE T 70 -10.70 45.18 86.07
C ILE T 70 -11.65 44.10 86.57
N ARG T 71 -12.67 44.45 87.36
CA ARG T 71 -13.65 43.45 87.75
C ARG T 71 -14.33 42.86 86.52
N ASP T 72 -14.79 43.73 85.61
CA ASP T 72 -15.45 43.22 84.42
C ASP T 72 -14.49 42.41 83.54
N ALA T 73 -13.24 42.88 83.40
CA ALA T 73 -12.27 42.16 82.60
C ALA T 73 -11.96 40.79 83.19
N VAL T 74 -11.84 40.71 84.52
CA VAL T 74 -11.59 39.43 85.16
C VAL T 74 -12.80 38.51 85.01
N THR T 75 -14.01 39.06 85.05
CA THR T 75 -15.19 38.24 84.79
C THR T 75 -15.12 37.62 83.39
N TYR T 76 -14.85 38.45 82.39
CA TYR T 76 -14.72 37.93 81.03
C TYR T 76 -13.60 36.89 80.93
N THR T 77 -12.45 37.15 81.54
CA THR T 77 -11.34 36.21 81.46
C THR T 77 -11.69 34.89 82.13
N GLU T 78 -12.32 34.93 83.30
CA GLU T 78 -12.70 33.71 83.99
C GLU T 78 -13.69 32.90 83.18
N HIS T 79 -14.71 33.55 82.61
CA HIS T 79 -15.64 32.79 81.78
C HIS T 79 -14.99 32.25 80.52
N ALA T 80 -13.90 32.87 80.05
CA ALA T 80 -13.16 32.34 78.92
C ALA T 80 -12.44 31.04 79.25
N LYS T 81 -12.39 30.65 80.53
CA LYS T 81 -11.65 29.47 80.95
C LYS T 81 -10.17 29.60 80.60
N ARG T 82 -9.66 30.83 80.64
CA ARG T 82 -8.28 31.12 80.29
C ARG T 82 -7.65 31.99 81.36
N LYS T 83 -6.33 31.86 81.53
CA LYS T 83 -5.60 32.48 82.62
C LYS T 83 -4.84 33.73 82.20
N THR T 84 -5.12 34.27 81.03
CA THR T 84 -4.45 35.47 80.54
C THR T 84 -5.49 36.51 80.14
N VAL T 85 -5.29 37.74 80.61
CA VAL T 85 -6.20 38.83 80.29
C VAL T 85 -5.92 39.32 78.88
N THR T 86 -6.96 39.44 78.08
CA THR T 86 -6.86 39.82 76.68
C THR T 86 -7.45 41.20 76.44
N ALA T 87 -6.79 41.97 75.58
CA ALA T 87 -7.28 43.29 75.23
C ALA T 87 -8.69 43.23 74.67
N MET T 88 -9.05 42.12 74.03
CA MET T 88 -10.42 41.93 73.57
C MET T 88 -11.40 41.94 74.75
N ASP T 89 -11.03 41.31 75.85
CA ASP T 89 -11.86 41.36 77.04
C ASP T 89 -12.01 42.80 77.55
N VAL T 90 -10.92 43.56 77.55
CA VAL T 90 -10.98 44.94 78.06
C VAL T 90 -11.84 45.80 77.14
N VAL T 91 -11.73 45.61 75.83
CA VAL T 91 -12.55 46.37 74.89
C VAL T 91 -14.02 46.03 75.07
N TYR T 92 -14.32 44.74 75.25
CA TYR T 92 -15.71 44.36 75.52
C TYR T 92 -16.21 44.99 76.81
N ALA T 93 -15.37 45.01 77.85
CA ALA T 93 -15.76 45.63 79.11
C ALA T 93 -16.05 47.11 78.93
N LEU T 94 -15.19 47.82 78.19
CA LEU T 94 -15.42 49.24 77.96
C LEU T 94 -16.67 49.47 77.13
N LYS T 95 -16.92 48.63 76.12
CA LYS T 95 -18.13 48.76 75.33
C LYS T 95 -19.37 48.55 76.20
N ARG T 96 -19.36 47.54 77.06
CA ARG T 96 -20.43 47.34 78.01
C ARG T 96 -20.58 48.52 78.97
N GLN T 97 -19.48 49.17 79.32
CA GLN T 97 -19.52 50.34 80.19
C GLN T 97 -20.26 51.49 79.53
N GLY T 98 -20.12 51.63 78.21
CA GLY T 98 -20.56 52.83 77.52
C GLY T 98 -19.39 53.77 77.31
N ARG T 99 -18.18 53.28 77.54
CA ARG T 99 -16.93 54.02 77.36
C ARG T 99 -16.07 53.31 76.31
N THR T 100 -16.70 52.95 75.20
CA THR T 100 -16.07 52.07 74.22
C THR T 100 -14.73 52.65 73.75
N LEU T 101 -13.76 51.77 73.55
CA LEU T 101 -12.42 52.13 73.08
C LEU T 101 -12.17 51.44 71.75
N TYR T 102 -11.86 52.24 70.73
CA TYR T 102 -11.58 51.72 69.39
C TYR T 102 -10.07 51.49 69.24
N GLY T 103 -9.63 51.25 68.02
CA GLY T 103 -8.22 51.14 67.67
C GLY T 103 -7.57 49.81 67.99
N PHE T 104 -7.82 49.27 69.18
CA PHE T 104 -7.24 48.02 69.62
C PHE T 104 -8.10 46.81 69.25
N GLY T 105 -9.17 47.02 68.49
CA GLY T 105 -10.00 45.94 68.02
C GLY T 105 -11.31 45.83 68.77
N GLY T 106 -12.33 45.25 68.13
CA GLY T 106 -13.63 45.09 68.75
C GLY T 106 -14.35 46.40 68.98
N THR U 20 -45.63 21.26 85.97
CA THR U 20 -44.75 21.97 85.00
C THR U 20 -43.32 22.08 85.53
N ARG U 21 -42.36 22.32 84.63
CA ARG U 21 -40.99 22.55 85.07
C ARG U 21 -40.86 23.80 85.93
N SER U 22 -41.93 24.59 86.08
CA SER U 22 -41.93 25.67 87.05
C SER U 22 -41.64 25.14 88.44
N SER U 23 -42.25 24.00 88.80
CA SER U 23 -42.05 23.38 90.09
C SER U 23 -40.79 22.54 90.17
N ARG U 24 -40.31 22.02 89.04
CA ARG U 24 -39.12 21.17 89.06
C ARG U 24 -37.85 21.92 89.42
N ALA U 25 -37.89 23.26 89.43
CA ALA U 25 -36.76 24.08 89.81
C ALA U 25 -36.92 24.74 91.16
N GLY U 26 -38.02 24.48 91.88
CA GLY U 26 -38.26 25.13 93.15
C GLY U 26 -38.47 26.61 92.96
N LEU U 27 -39.27 26.98 91.96
CA LEU U 27 -39.45 28.39 91.62
C LEU U 27 -40.90 28.66 91.25
N GLN U 28 -41.34 29.91 91.45
CA GLN U 28 -42.63 30.36 90.97
C GLN U 28 -42.61 30.78 89.51
N PHE U 29 -41.43 30.99 88.93
CA PHE U 29 -41.34 31.36 87.52
C PHE U 29 -41.23 30.12 86.64
N PRO U 30 -41.71 30.20 85.41
CA PRO U 30 -41.68 29.03 84.53
C PRO U 30 -40.35 28.89 83.79
N VAL U 31 -40.09 27.67 83.34
CA VAL U 31 -38.89 27.34 82.58
C VAL U 31 -39.22 27.36 81.09
N GLY U 32 -40.38 26.80 80.74
CA GLY U 32 -40.73 26.69 79.33
C GLY U 32 -41.02 28.02 78.68
N ARG U 33 -41.70 28.93 79.40
CA ARG U 33 -41.91 30.27 78.85
C ARG U 33 -40.60 31.00 78.64
N VAL U 34 -39.70 30.93 79.62
CA VAL U 34 -38.38 31.54 79.46
C VAL U 34 -37.61 30.84 78.35
N HIS U 35 -37.77 29.51 78.23
CA HIS U 35 -37.09 28.77 77.17
C HIS U 35 -37.57 29.22 75.79
N ARG U 36 -38.88 29.41 75.63
CA ARG U 36 -39.42 29.89 74.35
C ARG U 36 -38.99 31.33 74.08
N LEU U 37 -38.91 32.15 75.14
CA LEU U 37 -38.40 33.51 74.96
C LEU U 37 -36.95 33.48 74.49
N LEU U 38 -36.14 32.57 75.03
CA LEU U 38 -34.76 32.44 74.60
C LEU U 38 -34.63 31.91 73.19
N ARG U 39 -35.64 31.21 72.68
CA ARG U 39 -35.61 30.66 71.33
C ARG U 39 -36.13 31.64 70.28
N LYS U 40 -37.34 32.15 70.46
CA LYS U 40 -37.92 33.11 69.54
C LYS U 40 -37.23 34.46 69.60
N GLY U 41 -36.41 34.70 70.62
CA GLY U 41 -35.60 35.91 70.66
C GLY U 41 -34.31 35.75 69.91
N ASN U 42 -33.97 34.50 69.54
CA ASN U 42 -32.79 34.21 68.74
C ASN U 42 -31.53 34.79 69.37
N TYR U 43 -31.46 34.72 70.70
CA TYR U 43 -30.30 35.22 71.43
C TYR U 43 -29.04 34.40 71.14
N SER U 44 -29.20 33.18 70.63
CA SER U 44 -28.08 32.35 70.21
C SER U 44 -28.65 31.21 69.36
N GLU U 45 -27.79 30.25 69.02
CA GLU U 45 -28.23 29.13 68.20
C GLU U 45 -29.09 28.16 69.00
N ARG U 46 -28.58 27.69 70.13
CA ARG U 46 -29.24 26.69 70.95
C ARG U 46 -29.25 27.12 72.41
N VAL U 47 -30.19 26.54 73.16
CA VAL U 47 -30.44 26.90 74.56
C VAL U 47 -30.05 25.72 75.44
N GLY U 48 -29.38 26.02 76.55
CA GLY U 48 -28.99 24.99 77.48
C GLY U 48 -30.16 24.49 78.31
N ALA U 49 -29.89 23.43 79.09
CA ALA U 49 -30.92 22.82 79.91
C ALA U 49 -31.16 23.63 81.18
N GLY U 50 -30.12 23.79 81.99
CA GLY U 50 -30.22 24.52 83.24
C GLY U 50 -30.12 26.03 83.10
N ALA U 51 -29.84 26.54 81.91
CA ALA U 51 -29.77 27.98 81.73
C ALA U 51 -31.10 28.67 82.01
N PRO U 52 -32.22 28.27 81.41
CA PRO U 52 -33.50 28.92 81.76
C PRO U 52 -33.88 28.76 83.22
N VAL U 53 -33.59 27.60 83.83
CA VAL U 53 -33.86 27.43 85.25
C VAL U 53 -33.02 28.39 86.08
N TYR U 54 -31.73 28.49 85.75
CA TYR U 54 -30.86 29.45 86.41
C TYR U 54 -31.43 30.86 86.31
N LEU U 55 -31.85 31.24 85.10
CA LEU U 55 -32.39 32.58 84.90
C LEU U 55 -33.67 32.78 85.70
N ALA U 56 -34.54 31.77 85.74
CA ALA U 56 -35.77 31.89 86.51
C ALA U 56 -35.48 32.07 87.99
N ALA U 57 -34.50 31.33 88.52
CA ALA U 57 -34.15 31.47 89.92
C ALA U 57 -33.59 32.85 90.21
N VAL U 58 -32.72 33.36 89.32
CA VAL U 58 -32.17 34.70 89.52
C VAL U 58 -33.27 35.73 89.49
N LEU U 59 -34.21 35.60 88.54
CA LEU U 59 -35.33 36.53 88.46
C LEU U 59 -36.19 36.46 89.71
N GLU U 60 -36.44 35.25 90.22
CA GLU U 60 -37.24 35.11 91.42
C GLU U 60 -36.56 35.78 92.62
N TYR U 61 -35.25 35.61 92.77
CA TYR U 61 -34.57 36.29 93.87
C TYR U 61 -34.62 37.81 93.69
N LEU U 62 -34.39 38.30 92.48
CA LEU U 62 -34.42 39.74 92.25
C LEU U 62 -35.79 40.32 92.61
N THR U 63 -36.86 39.69 92.11
CA THR U 63 -38.19 40.18 92.43
C THR U 63 -38.52 39.99 93.91
N ALA U 64 -38.01 38.95 94.56
CA ALA U 64 -38.23 38.77 95.98
C ALA U 64 -37.61 39.92 96.76
N GLU U 65 -36.39 40.33 96.40
CA GLU U 65 -35.74 41.44 97.08
C GLU U 65 -36.46 42.75 96.80
N ILE U 66 -36.83 42.98 95.53
CA ILE U 66 -37.53 44.22 95.18
C ILE U 66 -38.85 44.30 95.95
N LEU U 67 -39.58 43.19 96.03
CA LEU U 67 -40.82 43.13 96.77
C LEU U 67 -40.59 43.23 98.28
N GLU U 68 -39.45 42.74 98.77
CA GLU U 68 -39.13 42.92 100.18
C GLU U 68 -39.03 44.40 100.53
N LEU U 69 -38.29 45.16 99.72
CA LEU U 69 -38.18 46.59 100.00
C LEU U 69 -39.48 47.32 99.66
N ALA U 70 -40.26 46.82 98.70
CA ALA U 70 -41.57 47.38 98.45
C ALA U 70 -42.48 47.22 99.65
N GLY U 71 -42.43 46.05 100.30
CA GLY U 71 -43.20 45.87 101.52
C GLY U 71 -42.70 46.73 102.65
N ASN U 72 -41.37 46.92 102.73
CA ASN U 72 -40.84 47.87 103.70
C ASN U 72 -41.42 49.27 103.47
N ALA U 73 -41.45 49.73 102.23
CA ALA U 73 -42.03 51.02 101.91
C ALA U 73 -43.52 51.06 102.25
N ALA U 74 -44.25 49.99 101.93
CA ALA U 74 -45.67 49.95 102.24
C ALA U 74 -45.91 50.05 103.74
N ARG U 75 -45.12 49.33 104.54
CA ARG U 75 -45.21 49.45 105.99
C ARG U 75 -44.85 50.84 106.45
N ASP U 76 -43.94 51.52 105.74
CA ASP U 76 -43.56 52.87 106.13
C ASP U 76 -44.77 53.80 106.09
N ASN U 77 -45.62 53.67 105.08
CA ASN U 77 -46.85 54.44 104.96
C ASN U 77 -48.07 53.69 105.49
N LYS U 78 -47.88 52.50 106.04
CA LYS U 78 -48.97 51.74 106.66
C LYS U 78 -50.10 51.46 105.67
N LYS U 79 -49.72 50.93 104.51
CA LYS U 79 -50.68 50.56 103.48
C LYS U 79 -50.52 49.09 103.14
N THR U 80 -51.65 48.39 103.05
CA THR U 80 -51.66 46.96 102.76
C THR U 80 -51.42 46.66 101.28
N ARG U 81 -51.92 47.50 100.38
CA ARG U 81 -51.74 47.31 98.95
C ARG U 81 -50.65 48.24 98.46
N ILE U 82 -49.66 47.67 97.78
CA ILE U 82 -48.47 48.42 97.35
C ILE U 82 -48.86 49.41 96.27
N ILE U 83 -48.35 50.63 96.38
CA ILE U 83 -48.59 51.69 95.39
C ILE U 83 -47.26 52.05 94.74
N PRO U 84 -47.27 52.64 93.54
CA PRO U 84 -46.01 52.89 92.83
C PRO U 84 -45.01 53.75 93.58
N ARG U 85 -45.46 54.72 94.39
CA ARG U 85 -44.52 55.55 95.14
C ARG U 85 -43.73 54.70 96.12
N HIS U 86 -44.37 53.70 96.73
CA HIS U 86 -43.66 52.79 97.61
C HIS U 86 -42.57 52.05 96.86
N LEU U 87 -42.87 51.59 95.64
CA LEU U 87 -41.85 50.93 94.83
C LEU U 87 -40.70 51.87 94.51
N GLN U 88 -41.02 53.13 94.17
CA GLN U 88 -39.98 54.11 93.87
C GLN U 88 -39.07 54.32 95.08
N LEU U 89 -39.66 54.53 96.25
CA LEU U 89 -38.86 54.75 97.45
C LEU U 89 -38.03 53.52 97.79
N ALA U 90 -38.60 52.33 97.64
CA ALA U 90 -37.86 51.10 97.91
C ALA U 90 -36.67 50.95 96.97
N ILE U 91 -36.87 51.23 95.69
CA ILE U 91 -35.77 51.11 94.72
C ILE U 91 -34.70 52.15 95.01
N ARG U 92 -35.10 53.39 95.30
CA ARG U 92 -34.13 54.46 95.48
C ARG U 92 -33.36 54.35 96.79
N ASN U 93 -34.00 53.92 97.88
CA ASN U 93 -33.33 53.89 99.17
C ASN U 93 -32.13 52.95 99.16
N ASP U 94 -32.28 51.75 98.60
CA ASP U 94 -31.17 50.81 98.54
C ASP U 94 -30.14 51.26 97.51
N GLU U 95 -28.87 51.27 97.92
CA GLU U 95 -27.80 51.71 97.03
C GLU U 95 -27.70 50.79 95.82
N GLU U 96 -27.64 49.47 96.05
CA GLU U 96 -27.48 48.54 94.94
C GLU U 96 -28.64 48.58 93.98
N LEU U 97 -29.88 48.62 94.49
CA LEU U 97 -31.05 48.63 93.63
C LEU U 97 -31.28 49.99 92.95
N ASN U 98 -30.81 51.07 93.57
CA ASN U 98 -30.81 52.37 92.91
C ASN U 98 -29.74 52.48 91.83
N LYS U 99 -28.61 51.80 92.00
CA LYS U 99 -27.56 51.83 90.98
C LYS U 99 -28.05 51.23 89.67
N LEU U 100 -28.78 50.12 89.75
CA LEU U 100 -29.28 49.48 88.53
C LEU U 100 -30.46 50.26 87.95
N LEU U 101 -31.52 50.42 88.74
CA LEU U 101 -32.69 51.19 88.31
C LEU U 101 -32.57 52.65 88.70
N GLY U 102 -31.44 53.26 88.35
CA GLY U 102 -31.23 54.67 88.56
C GLY U 102 -31.42 55.46 87.28
N ARG U 103 -31.05 54.83 86.16
CA ARG U 103 -31.27 55.41 84.84
C ARG U 103 -32.68 55.15 84.32
N VAL U 104 -33.49 54.38 85.04
CA VAL U 104 -34.83 54.01 84.61
C VAL U 104 -35.82 54.68 85.56
N THR U 105 -36.42 55.78 85.10
CA THR U 105 -37.48 56.42 85.85
C THR U 105 -38.74 55.57 85.81
N ILE U 106 -39.56 55.70 86.85
CA ILE U 106 -40.77 54.89 87.01
C ILE U 106 -41.97 55.82 87.07
N ALA U 107 -43.00 55.51 86.27
CA ALA U 107 -44.21 56.31 86.28
C ALA U 107 -44.90 56.21 87.63
N GLN U 108 -45.47 57.33 88.08
CA GLN U 108 -46.14 57.41 89.37
C GLN U 108 -45.18 57.09 90.52
N GLY U 109 -43.88 57.21 90.26
CA GLY U 109 -42.87 56.90 91.27
C GLY U 109 -42.44 58.12 92.05
N GLY U 110 -42.16 59.21 91.36
CA GLY U 110 -41.70 60.41 92.01
C GLY U 110 -40.23 60.33 92.39
N VAL U 111 -39.89 61.10 93.42
CA VAL U 111 -38.54 61.17 93.94
C VAL U 111 -38.58 60.94 95.45
N LEU U 112 -37.41 60.74 96.03
CA LEU U 112 -37.30 60.61 97.47
C LEU U 112 -37.62 61.95 98.13
N PRO U 113 -38.02 61.94 99.40
CA PRO U 113 -38.15 63.22 100.12
C PRO U 113 -36.78 63.84 100.36
N ASN U 114 -36.45 64.88 99.60
CA ASN U 114 -35.12 65.46 99.59
C ASN U 114 -35.23 66.95 99.85
N ILE U 115 -34.52 67.44 100.87
CA ILE U 115 -34.44 68.85 101.19
C ILE U 115 -32.98 69.22 101.35
N GLN U 116 -32.55 70.28 100.67
CA GLN U 116 -31.17 70.74 100.76
C GLN U 116 -30.99 71.49 102.07
N ALA U 117 -30.09 71.00 102.92
CA ALA U 117 -29.91 71.59 104.25
C ALA U 117 -29.44 73.04 104.17
N VAL U 118 -28.54 73.35 103.25
CA VAL U 118 -27.99 74.70 103.14
C VAL U 118 -29.03 75.74 102.73
N LEU U 119 -30.19 75.31 102.24
CA LEU U 119 -31.25 76.23 101.84
C LEU U 119 -32.21 76.55 102.97
N LEU U 120 -32.07 75.89 104.12
CA LEU U 120 -32.99 76.11 105.22
C LEU U 120 -32.80 77.50 105.83
N PRO U 121 -33.84 78.09 106.42
CA PRO U 121 -33.69 79.39 107.07
C PRO U 121 -33.09 79.27 108.45
N LYS U 122 -32.90 80.42 109.09
CA LYS U 122 -32.38 80.47 110.45
C LYS U 122 -33.51 80.73 111.44
N ARG V 35 -58.71 40.47 68.87
CA ARG V 35 -58.53 39.83 70.20
C ARG V 35 -57.19 39.12 70.28
N SER V 36 -56.19 39.80 70.85
CA SER V 36 -54.87 39.22 71.01
C SER V 36 -54.66 38.78 72.45
N ARG V 37 -54.32 37.52 72.64
CA ARG V 37 -54.12 36.94 73.97
C ARG V 37 -52.74 37.35 74.45
N LYS V 38 -52.61 38.59 74.94
CA LYS V 38 -51.34 39.05 75.47
C LYS V 38 -51.05 38.37 76.81
N GLU V 39 -49.76 38.26 77.12
CA GLU V 39 -49.28 37.50 78.26
C GLU V 39 -48.66 38.44 79.28
N SER V 40 -48.55 37.97 80.52
CA SER V 40 -48.04 38.76 81.62
C SER V 40 -47.43 37.84 82.66
N TYR V 41 -46.92 38.43 83.75
CA TYR V 41 -46.38 37.69 84.88
C TYR V 41 -47.21 37.95 86.13
N SER V 42 -48.53 37.95 85.98
CA SER V 42 -49.39 38.33 87.11
C SER V 42 -49.37 37.29 88.21
N ILE V 43 -49.77 36.06 87.92
CA ILE V 43 -49.87 35.05 88.96
C ILE V 43 -48.52 34.72 89.56
N TYR V 44 -47.47 34.64 88.74
CA TYR V 44 -46.14 34.30 89.25
C TYR V 44 -45.65 35.32 90.27
N VAL V 45 -45.66 36.61 89.90
CA VAL V 45 -45.16 37.63 90.80
C VAL V 45 -46.10 37.83 91.97
N TYR V 46 -47.40 37.62 91.79
CA TYR V 46 -48.33 37.66 92.91
C TYR V 46 -47.99 36.57 93.92
N LYS V 47 -47.70 35.36 93.43
CA LYS V 47 -47.29 34.27 94.31
C LYS V 47 -45.98 34.61 95.01
N VAL V 48 -45.03 35.21 94.29
CA VAL V 48 -43.75 35.55 94.91
C VAL V 48 -43.93 36.64 95.97
N LEU V 49 -44.83 37.59 95.71
CA LEU V 49 -45.12 38.61 96.71
C LEU V 49 -45.74 38.01 97.95
N LYS V 50 -46.78 37.18 97.78
CA LYS V 50 -47.37 36.52 98.93
C LYS V 50 -46.36 35.61 99.62
N GLN V 51 -45.36 35.11 98.89
CA GLN V 51 -44.27 34.38 99.51
C GLN V 51 -43.45 35.28 100.41
N VAL V 52 -43.03 36.43 99.89
CA VAL V 52 -42.26 37.39 100.68
C VAL V 52 -43.14 38.33 101.48
N HIS V 53 -44.45 38.38 101.17
CA HIS V 53 -45.38 39.27 101.87
C HIS V 53 -46.79 38.76 101.67
N PRO V 54 -47.21 37.76 102.46
CA PRO V 54 -48.60 37.29 102.34
C PRO V 54 -49.61 38.37 102.63
N ASP V 55 -49.50 39.05 103.76
CA ASP V 55 -50.45 40.09 104.14
C ASP V 55 -50.10 41.40 103.45
N THR V 56 -50.07 41.35 102.12
CA THR V 56 -49.76 42.52 101.31
C THR V 56 -50.42 42.36 99.95
N GLY V 57 -51.54 43.05 99.75
CA GLY V 57 -52.13 43.19 98.45
C GLY V 57 -51.22 43.98 97.53
N ILE V 58 -51.75 44.33 96.37
CA ILE V 58 -50.96 45.08 95.38
C ILE V 58 -51.91 45.68 94.38
N SER V 59 -51.51 46.80 93.79
CA SER V 59 -52.23 47.42 92.70
C SER V 59 -51.72 46.86 91.37
N SER V 60 -52.66 46.63 90.44
CA SER V 60 -52.28 46.08 89.15
C SER V 60 -51.23 46.95 88.45
N LYS V 61 -51.20 48.25 88.76
CA LYS V 61 -50.16 49.11 88.21
C LYS V 61 -48.79 48.72 88.76
N ALA V 62 -48.72 48.37 90.04
CA ALA V 62 -47.46 47.85 90.59
C ALA V 62 -47.07 46.55 89.91
N MET V 63 -48.04 45.69 89.60
CA MET V 63 -47.74 44.48 88.84
C MET V 63 -47.20 44.82 87.46
N GLY V 64 -47.76 45.83 86.80
CA GLY V 64 -47.23 46.23 85.51
C GLY V 64 -45.81 46.76 85.61
N ILE V 65 -45.54 47.56 86.63
CA ILE V 65 -44.19 48.10 86.82
C ILE V 65 -43.19 46.97 87.06
N MET V 66 -43.55 45.99 87.90
CA MET V 66 -42.62 44.91 88.17
C MET V 66 -42.50 43.95 86.99
N ASN V 67 -43.56 43.79 86.19
CA ASN V 67 -43.43 43.02 84.96
C ASN V 67 -42.49 43.71 84.00
N SER V 68 -42.55 45.04 83.91
CA SER V 68 -41.59 45.77 83.11
C SER V 68 -40.17 45.58 83.64
N PHE V 69 -40.01 45.61 84.97
CA PHE V 69 -38.70 45.38 85.57
C PHE V 69 -38.16 44.00 85.22
N VAL V 70 -39.01 42.97 85.36
CA VAL V 70 -38.59 41.61 85.06
C VAL V 70 -38.24 41.48 83.58
N ASN V 71 -39.04 42.08 82.71
CA ASN V 71 -38.74 42.02 81.28
C ASN V 71 -37.42 42.71 80.96
N ASP V 72 -37.15 43.85 81.57
CA ASP V 72 -35.90 44.56 81.33
C ASP V 72 -34.71 43.75 81.83
N ILE V 73 -34.84 43.14 83.02
CA ILE V 73 -33.77 42.30 83.54
C ILE V 73 -33.53 41.12 82.60
N PHE V 74 -34.61 40.48 82.14
CA PHE V 74 -34.49 39.36 81.23
C PHE V 74 -33.80 39.78 79.94
N GLU V 75 -34.19 40.92 79.37
CA GLU V 75 -33.59 41.39 78.13
C GLU V 75 -32.12 41.73 78.31
N ARG V 76 -31.76 42.38 79.42
CA ARG V 76 -30.36 42.73 79.66
C ARG V 76 -29.52 41.48 79.85
N ILE V 77 -30.02 40.49 80.60
CA ILE V 77 -29.28 39.25 80.77
C ILE V 77 -29.16 38.52 79.44
N ALA V 78 -30.21 38.54 78.62
CA ALA V 78 -30.15 37.90 77.31
C ALA V 78 -29.11 38.59 76.43
N GLY V 79 -29.04 39.91 76.46
CA GLY V 79 -28.01 40.61 75.72
C GLY V 79 -26.62 40.29 76.20
N GLU V 80 -26.44 40.21 77.53
CA GLU V 80 -25.15 39.79 78.07
C GLU V 80 -24.78 38.40 77.57
N ALA V 81 -25.74 37.47 77.58
CA ALA V 81 -25.47 36.12 77.10
C ALA V 81 -25.14 36.11 75.61
N SER V 82 -25.84 36.93 74.83
CA SER V 82 -25.58 37.01 73.40
C SER V 82 -24.17 37.52 73.14
N ARG V 83 -23.76 38.57 73.85
CA ARG V 83 -22.39 39.07 73.69
C ARG V 83 -21.36 38.05 74.15
N LEU V 84 -21.63 37.34 75.25
CA LEU V 84 -20.72 36.30 75.69
C LEU V 84 -20.57 35.22 74.63
N ALA V 85 -21.68 34.78 74.05
CA ALA V 85 -21.63 33.78 72.99
C ALA V 85 -20.86 34.30 71.78
N HIS V 86 -21.04 35.58 71.45
CA HIS V 86 -20.29 36.18 70.34
C HIS V 86 -18.80 36.14 70.63
N TYR V 87 -18.40 36.47 71.86
CA TYR V 87 -16.99 36.47 72.24
C TYR V 87 -16.47 35.08 72.58
N ASN V 88 -17.36 34.12 72.84
CA ASN V 88 -16.96 32.75 73.15
C ASN V 88 -16.78 31.91 71.90
N LYS V 89 -17.17 32.40 70.73
CA LYS V 89 -17.20 31.60 69.51
C LYS V 89 -17.98 30.31 69.75
N ARG V 90 -19.00 30.40 70.59
CA ARG V 90 -19.86 29.28 70.94
C ARG V 90 -21.30 29.78 71.00
N SER V 91 -22.23 28.86 70.71
CA SER V 91 -23.64 29.20 70.76
C SER V 91 -24.41 28.31 71.73
N THR V 92 -23.75 27.39 72.42
CA THR V 92 -24.39 26.52 73.41
C THR V 92 -24.40 27.27 74.75
N ILE V 93 -25.56 27.82 75.09
CA ILE V 93 -25.71 28.62 76.31
C ILE V 93 -26.04 27.68 77.45
N THR V 94 -25.02 27.30 78.23
CA THR V 94 -25.23 26.53 79.44
C THR V 94 -25.61 27.48 80.58
N SER V 95 -25.63 26.95 81.80
CA SER V 95 -25.89 27.79 82.96
C SER V 95 -24.68 28.63 83.35
N ARG V 96 -23.49 28.31 82.82
CA ARG V 96 -22.30 29.10 83.14
C ARG V 96 -22.34 30.46 82.47
N GLU V 97 -22.82 30.52 81.22
CA GLU V 97 -22.99 31.80 80.57
C GLU V 97 -23.99 32.67 81.32
N ILE V 98 -25.09 32.08 81.79
CA ILE V 98 -26.05 32.84 82.57
C ILE V 98 -25.41 33.29 83.88
N GLN V 99 -24.60 32.43 84.50
CA GLN V 99 -23.90 32.82 85.73
C GLN V 99 -23.05 34.05 85.50
N THR V 100 -22.20 34.04 84.47
CA THR V 100 -21.33 35.18 84.23
C THR V 100 -22.13 36.42 83.84
N ALA V 101 -23.20 36.26 83.08
CA ALA V 101 -24.03 37.41 82.73
C ALA V 101 -24.65 38.04 83.97
N VAL V 102 -25.16 37.22 84.88
CA VAL V 102 -25.73 37.73 86.12
C VAL V 102 -24.65 38.41 86.95
N ARG V 103 -23.46 37.81 87.03
CA ARG V 103 -22.38 38.40 87.80
C ARG V 103 -21.96 39.75 87.24
N LEU V 104 -21.97 39.90 85.92
CA LEU V 104 -21.63 41.17 85.31
C LEU V 104 -22.74 42.20 85.51
N LEU V 105 -23.99 41.78 85.36
CA LEU V 105 -25.10 42.73 85.31
C LEU V 105 -25.44 43.27 86.69
N LEU V 106 -25.48 42.40 87.72
CA LEU V 106 -26.03 42.84 89.00
C LEU V 106 -24.94 43.34 89.93
N PRO V 107 -25.31 44.18 90.91
CA PRO V 107 -24.32 44.68 91.86
C PRO V 107 -23.61 43.55 92.61
N GLY V 108 -22.50 43.90 93.25
CA GLY V 108 -21.63 42.92 93.87
C GLY V 108 -22.34 41.89 94.72
N GLU V 109 -22.89 42.31 95.87
CA GLU V 109 -23.50 41.36 96.78
C GLU V 109 -24.83 40.85 96.24
N LEU V 110 -25.61 41.71 95.58
CA LEU V 110 -26.83 41.23 94.94
C LEU V 110 -26.49 40.23 93.85
N ALA V 111 -25.41 40.46 93.11
CA ALA V 111 -24.96 39.48 92.13
C ALA V 111 -24.53 38.18 92.79
N LYS V 112 -23.87 38.26 93.94
CA LYS V 112 -23.50 37.03 94.64
C LYS V 112 -24.73 36.24 95.06
N HIS V 113 -25.73 36.92 95.61
CA HIS V 113 -26.96 36.24 95.99
C HIS V 113 -27.67 35.66 94.77
N ALA V 114 -27.70 36.40 93.66
CA ALA V 114 -28.33 35.88 92.45
C ALA V 114 -27.59 34.66 91.93
N VAL V 115 -26.25 34.68 91.99
CA VAL V 115 -25.48 33.52 91.57
C VAL V 115 -25.77 32.33 92.46
N SER V 116 -25.83 32.55 93.78
CA SER V 116 -26.15 31.46 94.69
C SER V 116 -27.52 30.89 94.38
N GLU V 117 -28.51 31.76 94.15
CA GLU V 117 -29.86 31.30 93.84
C GLU V 117 -29.89 30.52 92.54
N GLY V 118 -29.24 31.03 91.51
CA GLY V 118 -29.24 30.35 90.22
C GLY V 118 -28.54 29.00 90.29
N THR V 119 -27.39 28.94 90.96
CA THR V 119 -26.67 27.68 91.10
C THR V 119 -27.48 26.68 91.92
N LYS V 120 -28.11 27.14 92.99
CA LYS V 120 -28.94 26.26 93.82
C LYS V 120 -30.11 25.71 93.00
N ALA V 121 -30.76 26.56 92.21
CA ALA V 121 -31.87 26.10 91.39
C ALA V 121 -31.38 25.13 90.31
N VAL V 122 -30.23 25.41 89.72
CA VAL V 122 -29.67 24.50 88.71
C VAL V 122 -29.41 23.14 89.32
N THR V 123 -28.82 23.11 90.52
CA THR V 123 -28.58 21.85 91.19
C THR V 123 -29.88 21.14 91.53
N LYS V 124 -30.87 21.89 92.02
CA LYS V 124 -32.13 21.29 92.43
C LYS V 124 -32.91 20.75 91.24
N TYR V 125 -32.74 21.35 90.06
CA TYR V 125 -33.46 20.92 88.87
C TYR V 125 -32.73 19.80 88.12
N THR V 126 -31.41 19.84 88.07
CA THR V 126 -30.64 18.83 87.37
C THR V 126 -30.42 17.57 88.19
N SER V 127 -30.21 17.70 89.51
CA SER V 127 -30.15 16.53 90.36
C SER V 127 -31.47 15.77 90.33
N ALA V 128 -32.58 16.51 90.36
CA ALA V 128 -33.90 15.93 90.16
C ALA V 128 -34.22 15.95 88.66
N LYS V 129 -35.43 15.58 88.29
CA LYS V 129 -35.82 15.54 86.89
C LYS V 129 -36.92 16.56 86.62
N HIS W 43 -51.43 86.63 108.47
CA HIS W 43 -50.36 87.65 108.34
C HIS W 43 -49.29 87.19 107.36
N ARG W 44 -48.34 88.09 107.07
CA ARG W 44 -47.27 87.81 106.12
C ARG W 44 -46.20 86.96 106.77
N TYR W 45 -45.71 85.96 106.03
CA TYR W 45 -44.63 85.10 106.48
C TYR W 45 -43.31 85.61 105.91
N ARG W 46 -42.21 84.92 106.20
CA ARG W 46 -40.91 85.35 105.72
C ARG W 46 -40.53 84.58 104.46
N PRO W 47 -39.65 85.15 103.63
CA PRO W 47 -39.28 84.47 102.38
C PRO W 47 -38.67 83.10 102.65
N GLY W 48 -39.03 82.13 101.81
CA GLY W 48 -38.53 80.79 101.89
C GLY W 48 -39.42 79.83 102.67
N THR W 49 -40.25 80.36 103.58
CA THR W 49 -41.14 79.51 104.35
C THR W 49 -42.13 78.79 103.45
N VAL W 50 -42.84 79.55 102.61
CA VAL W 50 -43.83 78.95 101.71
C VAL W 50 -43.12 78.10 100.66
N ALA W 51 -41.96 78.55 100.17
CA ALA W 51 -41.24 77.78 99.17
C ALA W 51 -40.85 76.41 99.71
N LEU W 52 -40.26 76.36 100.90
CA LEU W 52 -39.86 75.09 101.48
C LEU W 52 -41.07 74.25 101.88
N ARG W 53 -42.15 74.89 102.35
CA ARG W 53 -43.35 74.14 102.70
C ARG W 53 -43.94 73.48 101.45
N GLU W 54 -43.96 74.20 100.32
CA GLU W 54 -44.37 73.61 99.06
C GLU W 54 -43.43 72.50 98.60
N ILE W 55 -42.12 72.67 98.81
CA ILE W 55 -41.19 71.60 98.46
C ILE W 55 -41.53 70.34 99.24
N ARG W 56 -41.78 70.48 100.55
CA ARG W 56 -42.14 69.33 101.37
C ARG W 56 -43.45 68.70 100.91
N ARG W 57 -44.45 69.54 100.64
CA ARG W 57 -45.80 69.03 100.37
C ARG W 57 -45.93 68.42 98.97
N TYR W 58 -45.19 68.93 97.99
CA TYR W 58 -45.26 68.43 96.61
C TYR W 58 -44.27 67.32 96.33
N GLN W 59 -43.32 67.08 97.24
CA GLN W 59 -42.42 65.94 97.15
C GLN W 59 -43.10 64.65 97.59
N LYS W 60 -44.34 64.74 98.05
CA LYS W 60 -45.13 63.59 98.46
C LYS W 60 -46.14 63.15 97.42
N SER W 61 -46.73 64.10 96.69
CA SER W 61 -47.72 63.80 95.66
C SER W 61 -47.02 63.58 94.33
N THR W 62 -47.20 62.40 93.75
CA THR W 62 -46.63 62.06 92.46
C THR W 62 -47.56 62.40 91.30
N GLU W 63 -48.75 62.93 91.58
CA GLU W 63 -49.65 63.33 90.51
C GLU W 63 -48.99 64.39 89.64
N LEU W 64 -49.18 64.25 88.33
CA LEU W 64 -48.53 65.15 87.38
C LEU W 64 -48.94 66.60 87.64
N LEU W 65 -47.95 67.49 87.60
CA LEU W 65 -48.16 68.90 87.83
C LEU W 65 -48.48 69.69 86.57
N ILE W 66 -47.81 69.39 85.46
CA ILE W 66 -48.21 69.93 84.17
C ILE W 66 -49.50 69.20 83.79
N ARG W 67 -50.62 69.91 83.89
CA ARG W 67 -51.92 69.29 83.71
C ARG W 67 -52.09 68.87 82.24
N LYS W 68 -53.23 68.21 81.95
CA LYS W 68 -53.33 67.42 80.74
C LYS W 68 -53.38 68.29 79.48
N LEU W 69 -54.43 69.10 79.34
CA LEU W 69 -54.78 69.67 78.04
C LEU W 69 -53.67 70.54 77.46
N PRO W 70 -53.09 71.46 78.23
CA PRO W 70 -52.01 72.29 77.65
C PRO W 70 -50.83 71.47 77.18
N PHE W 71 -50.44 70.45 77.94
CA PHE W 71 -49.30 69.63 77.52
C PHE W 71 -49.66 68.77 76.32
N GLN W 72 -50.89 68.28 76.25
CA GLN W 72 -51.33 67.55 75.06
C GLN W 72 -51.28 68.45 73.83
N ARG W 73 -51.74 69.70 73.97
CA ARG W 73 -51.70 70.63 72.84
C ARG W 73 -50.26 70.90 72.42
N LEU W 74 -49.37 71.09 73.39
CA LEU W 74 -47.96 71.33 73.07
C LEU W 74 -47.34 70.11 72.38
N VAL W 75 -47.67 68.91 72.86
CA VAL W 75 -47.13 67.69 72.26
C VAL W 75 -47.60 67.56 70.82
N ARG W 76 -48.89 67.82 70.57
CA ARG W 76 -49.39 67.79 69.21
C ARG W 76 -48.72 68.85 68.35
N GLU W 77 -48.51 70.05 68.91
CA GLU W 77 -47.81 71.11 68.18
C GLU W 77 -46.42 70.65 67.74
N ILE W 78 -45.66 70.06 68.66
CA ILE W 78 -44.30 69.64 68.33
C ILE W 78 -44.34 68.56 67.26
N ALA W 79 -45.24 67.58 67.41
CA ALA W 79 -45.29 66.45 66.48
C ALA W 79 -45.83 66.84 65.11
N GLN W 80 -46.54 67.98 65.01
CA GLN W 80 -47.13 68.35 63.73
C GLN W 80 -46.08 68.58 62.66
N ASP W 81 -44.83 68.83 63.06
CA ASP W 81 -43.76 69.19 62.13
C ASP W 81 -43.13 67.97 61.47
N PHE W 82 -43.75 66.80 61.57
CA PHE W 82 -43.18 65.58 61.01
C PHE W 82 -44.14 64.85 60.09
N LYS W 83 -45.44 64.86 60.38
CA LYS W 83 -46.45 64.29 59.50
C LYS W 83 -47.81 64.82 59.92
N THR W 84 -48.73 64.85 58.97
CA THR W 84 -50.02 65.48 59.20
C THR W 84 -51.04 64.48 59.74
N ASP W 85 -51.87 64.94 60.68
CA ASP W 85 -52.97 64.17 61.23
C ASP W 85 -52.50 62.80 61.72
N LEU W 86 -51.59 62.83 62.69
CA LEU W 86 -51.22 61.64 63.43
C LEU W 86 -51.97 61.61 64.76
N ARG W 87 -52.95 60.72 64.86
CA ARG W 87 -53.69 60.57 66.10
C ARG W 87 -52.77 60.06 67.18
N PHE W 88 -53.12 60.38 68.44
CA PHE W 88 -52.28 60.08 69.59
C PHE W 88 -53.04 59.21 70.56
N GLN W 89 -52.35 58.23 71.14
CA GLN W 89 -52.90 57.47 72.23
C GLN W 89 -52.66 58.18 73.55
N SER W 90 -53.63 58.04 74.47
CA SER W 90 -53.49 58.62 75.80
C SER W 90 -52.31 58.05 76.55
N ALA W 91 -52.01 56.76 76.36
CA ALA W 91 -50.85 56.16 77.03
C ALA W 91 -49.55 56.83 76.58
N ALA W 92 -49.40 57.08 75.28
CA ALA W 92 -48.19 57.73 74.78
C ALA W 92 -48.03 59.13 75.35
N ILE W 93 -49.12 59.91 75.38
CA ILE W 93 -49.05 61.27 75.90
C ILE W 93 -48.73 61.24 77.38
N GLY W 94 -49.34 60.32 78.13
CA GLY W 94 -49.02 60.20 79.54
C GLY W 94 -47.57 59.82 79.77
N ALA W 95 -47.05 58.90 78.96
CA ALA W 95 -45.65 58.52 79.07
C ALA W 95 -44.75 59.72 78.82
N LEU W 96 -45.04 60.49 77.77
CA LEU W 96 -44.23 61.66 77.47
C LEU W 96 -44.29 62.69 78.59
N GLN W 97 -45.48 62.93 79.14
CA GLN W 97 -45.60 63.89 80.23
C GLN W 97 -44.82 63.43 81.46
N GLU W 98 -44.95 62.15 81.82
CA GLU W 98 -44.22 61.64 82.97
C GLU W 98 -42.71 61.76 82.77
N ALA W 99 -42.24 61.36 81.59
CA ALA W 99 -40.81 61.45 81.31
C ALA W 99 -40.33 62.89 81.34
N SER W 100 -41.10 63.81 80.75
CA SER W 100 -40.71 65.20 80.73
C SER W 100 -40.63 65.77 82.14
N GLU W 101 -41.65 65.52 82.97
CA GLU W 101 -41.63 66.05 84.32
C GLU W 101 -40.48 65.45 85.14
N ALA W 102 -40.24 64.14 85.02
CA ALA W 102 -39.13 63.53 85.74
C ALA W 102 -37.79 64.10 85.28
N TYR W 103 -37.61 64.26 83.98
CA TYR W 103 -36.34 64.78 83.47
C TYR W 103 -36.14 66.23 83.90
N LEU W 104 -37.19 67.04 83.88
CA LEU W 104 -37.08 68.40 84.37
C LEU W 104 -36.80 68.44 85.86
N VAL W 105 -37.36 67.52 86.64
CA VAL W 105 -37.05 67.45 88.07
C VAL W 105 -35.57 67.15 88.27
N GLY W 106 -35.04 66.19 87.52
CA GLY W 106 -33.61 65.87 87.63
C GLY W 106 -32.73 67.02 87.16
N LEU W 107 -33.12 67.65 86.05
CA LEU W 107 -32.38 68.80 85.55
C LEU W 107 -32.35 69.91 86.59
N PHE W 108 -33.47 70.16 87.25
CA PHE W 108 -33.54 71.19 88.28
C PHE W 108 -32.76 70.79 89.52
N GLU W 109 -32.72 69.50 89.85
CA GLU W 109 -31.86 69.05 90.94
C GLU W 109 -30.40 69.37 90.64
N ASP W 110 -29.94 69.03 89.43
CA ASP W 110 -28.56 69.35 89.05
C ASP W 110 -28.34 70.86 89.00
N THR W 111 -29.33 71.61 88.52
CA THR W 111 -29.21 73.06 88.42
C THR W 111 -29.07 73.68 89.80
N ASN W 112 -29.89 73.23 90.76
CA ASN W 112 -29.78 73.72 92.13
C ASN W 112 -28.46 73.31 92.75
N LEU W 113 -27.98 72.10 92.47
CA LEU W 113 -26.67 71.69 92.95
C LEU W 113 -25.59 72.64 92.44
N CYS W 114 -25.64 72.98 91.15
CA CYS W 114 -24.66 73.90 90.59
C CYS W 114 -24.78 75.27 91.25
N ALA W 115 -26.00 75.80 91.37
CA ALA W 115 -26.19 77.12 91.93
C ALA W 115 -25.69 77.20 93.37
N ILE W 116 -26.02 76.20 94.18
CA ILE W 116 -25.58 76.19 95.58
C ILE W 116 -24.06 76.01 95.66
N HIS W 117 -23.50 75.18 94.79
CA HIS W 117 -22.07 74.92 94.84
C HIS W 117 -21.24 76.17 94.61
N ALA W 118 -21.82 77.19 93.98
CA ALA W 118 -21.12 78.41 93.65
C ALA W 118 -21.32 79.51 94.69
N LYS W 119 -21.63 79.14 95.93
CA LYS W 119 -21.85 80.12 97.00
C LYS W 119 -23.04 81.01 96.68
N ARG W 120 -24.18 80.38 96.39
CA ARG W 120 -25.39 81.10 95.99
C ARG W 120 -26.61 80.33 96.46
N VAL W 121 -27.76 81.01 96.40
CA VAL W 121 -29.02 80.42 96.81
C VAL W 121 -30.05 80.43 95.68
N THR W 122 -29.90 81.29 94.68
CA THR W 122 -30.86 81.42 93.59
C THR W 122 -30.27 80.86 92.31
N ILE W 123 -31.04 80.02 91.61
CA ILE W 123 -30.59 79.44 90.36
C ILE W 123 -30.71 80.47 89.24
N MET W 124 -29.84 80.35 88.25
CA MET W 124 -29.93 81.13 87.02
C MET W 124 -29.73 80.19 85.84
N PRO W 125 -30.15 80.59 84.64
CA PRO W 125 -30.04 79.68 83.49
C PRO W 125 -28.63 79.22 83.21
N LYS W 126 -27.60 80.00 83.56
CA LYS W 126 -26.23 79.53 83.37
C LYS W 126 -25.95 78.27 84.19
N ASP W 127 -26.59 78.13 85.34
CA ASP W 127 -26.49 76.87 86.08
C ASP W 127 -27.02 75.72 85.24
N ILE W 128 -28.17 75.92 84.59
CA ILE W 128 -28.74 74.88 83.73
C ILE W 128 -27.80 74.58 82.58
N GLN W 129 -27.18 75.61 82.02
CA GLN W 129 -26.26 75.42 80.89
C GLN W 129 -25.06 74.59 81.32
N LEU W 130 -24.48 74.91 82.49
CA LEU W 130 -23.35 74.14 82.99
C LEU W 130 -23.75 72.69 83.24
N ALA W 131 -24.94 72.48 83.84
CA ALA W 131 -25.40 71.12 84.08
C ALA W 131 -25.58 70.36 82.77
N ARG W 132 -26.15 71.02 81.76
CA ARG W 132 -26.35 70.37 80.47
C ARG W 132 -25.02 70.02 79.82
N ARG W 133 -24.02 70.91 79.92
CA ARG W 133 -22.70 70.59 79.39
C ARG W 133 -22.08 69.41 80.13
N ILE W 134 -22.23 69.37 81.46
CA ILE W 134 -21.62 68.28 82.23
C ILE W 134 -22.29 66.95 81.89
N ARG W 135 -23.62 66.95 81.80
CA ARG W 135 -24.34 65.71 81.49
C ARG W 135 -24.00 65.16 80.11
N GLY W 136 -23.55 65.99 79.19
CA GLY W 136 -23.16 65.52 77.88
C GLY W 136 -24.22 65.58 76.81
N GLU W 137 -25.35 66.24 77.08
CA GLU W 137 -26.35 66.44 76.04
C GLU W 137 -25.92 67.54 75.07
N ARG W 138 -25.23 68.55 75.58
CA ARG W 138 -24.67 69.60 74.74
C ARG W 138 -23.26 69.21 74.32
N ALA W 139 -23.05 69.05 73.01
CA ALA W 139 -21.76 68.63 72.49
C ALA W 139 -20.65 69.60 72.92
N ASN X 29 -49.36 77.79 72.68
CA ASN X 29 -48.20 77.04 72.13
C ASN X 29 -47.28 76.57 73.26
N ILE X 30 -46.14 77.25 73.43
CA ILE X 30 -45.21 76.86 74.48
C ILE X 30 -45.62 77.44 75.83
N GLN X 31 -46.58 78.36 75.85
CA GLN X 31 -47.02 79.02 77.07
C GLN X 31 -48.03 78.19 77.85
N GLY X 32 -48.40 77.01 77.34
CA GLY X 32 -49.17 76.08 78.14
C GLY X 32 -48.43 75.62 79.38
N ILE X 33 -47.11 75.79 79.41
CA ILE X 33 -46.31 75.54 80.60
C ILE X 33 -46.31 76.82 81.42
N THR X 34 -47.32 76.98 82.27
CA THR X 34 -47.53 78.22 83.00
C THR X 34 -46.44 78.43 84.05
N LYS X 35 -46.25 79.70 84.41
CA LYS X 35 -45.23 80.06 85.40
C LYS X 35 -45.34 79.27 86.70
N PRO X 36 -46.52 79.15 87.33
CA PRO X 36 -46.60 78.32 88.53
C PRO X 36 -46.22 76.86 88.31
N ALA X 37 -46.52 76.30 87.13
CA ALA X 37 -46.09 74.93 86.86
C ALA X 37 -44.58 74.82 86.85
N ILE X 38 -43.90 75.79 86.23
CA ILE X 38 -42.44 75.80 86.25
C ILE X 38 -41.92 75.99 87.65
N ARG X 39 -42.58 76.83 88.45
CA ARG X 39 -42.16 76.99 89.84
C ARG X 39 -42.28 75.69 90.61
N ARG X 40 -43.39 74.97 90.42
CA ARG X 40 -43.58 73.68 91.09
C ARG X 40 -42.53 72.68 90.65
N LEU X 41 -42.21 72.64 89.35
CA LEU X 41 -41.18 71.71 88.89
C LEU X 41 -39.81 72.07 89.47
N ALA X 42 -39.49 73.37 89.54
CA ALA X 42 -38.25 73.78 90.18
C ALA X 42 -38.23 73.41 91.65
N ARG X 43 -39.36 73.55 92.34
CA ARG X 43 -39.45 73.16 93.74
C ARG X 43 -39.16 71.68 93.91
N ARG X 44 -39.84 70.84 93.13
CA ARG X 44 -39.59 69.40 93.21
C ARG X 44 -38.18 69.06 92.78
N GLY X 45 -37.56 69.92 91.98
CA GLY X 45 -36.16 69.76 91.65
C GLY X 45 -35.22 70.32 92.69
N GLY X 46 -35.74 70.69 93.86
CA GLY X 46 -34.95 71.20 94.94
C GLY X 46 -34.65 72.69 94.88
N VAL X 47 -35.25 73.41 93.95
CA VAL X 47 -34.97 74.84 93.76
C VAL X 47 -35.86 75.64 94.69
N LYS X 48 -35.24 76.38 95.61
CA LYS X 48 -35.98 77.22 96.53
C LYS X 48 -36.36 78.55 95.91
N ARG X 49 -35.37 79.34 95.49
CA ARG X 49 -35.60 80.64 94.87
C ARG X 49 -35.28 80.52 93.39
N ILE X 50 -36.20 80.97 92.55
CA ILE X 50 -36.16 80.74 91.11
C ILE X 50 -35.94 82.08 90.41
N SER X 51 -34.95 82.14 89.52
CA SER X 51 -34.75 83.32 88.71
C SER X 51 -35.81 83.40 87.63
N GLY X 52 -36.00 84.58 87.05
CA GLY X 52 -37.05 84.78 86.07
C GLY X 52 -36.77 84.09 84.75
N LEU X 53 -35.49 83.96 84.41
CA LEU X 53 -35.10 83.36 83.14
C LEU X 53 -35.02 81.84 83.19
N ILE X 54 -35.23 81.22 84.35
CA ILE X 54 -35.27 79.76 84.43
C ILE X 54 -36.41 79.21 83.58
N TYR X 55 -37.47 80.00 83.41
CA TYR X 55 -38.64 79.52 82.69
C TYR X 55 -38.32 79.25 81.23
N GLU X 56 -37.62 80.19 80.58
CA GLU X 56 -37.29 80.01 79.17
C GLU X 56 -36.32 78.84 78.97
N GLU X 57 -35.33 78.71 79.86
CA GLU X 57 -34.40 77.59 79.75
C GLU X 57 -35.14 76.26 79.92
N THR X 58 -36.04 76.18 80.90
CA THR X 58 -36.83 74.97 81.09
C THR X 58 -37.67 74.67 79.85
N ARG X 59 -38.32 75.69 79.29
CA ARG X 59 -39.15 75.47 78.11
C ARG X 59 -38.30 74.98 76.94
N GLY X 60 -37.12 75.56 76.74
CA GLY X 60 -36.27 75.15 75.63
C GLY X 60 -35.78 73.72 75.79
N VAL X 61 -35.32 73.36 77.00
CA VAL X 61 -34.84 72.00 77.21
C VAL X 61 -35.99 71.01 77.06
N LEU X 62 -37.15 71.34 77.59
CA LEU X 62 -38.32 70.48 77.43
C LEU X 62 -38.67 70.30 75.96
N LYS X 63 -38.64 71.39 75.18
CA LYS X 63 -38.96 71.28 73.76
C LYS X 63 -37.94 70.40 73.05
N VAL X 64 -36.65 70.55 73.37
CA VAL X 64 -35.63 69.74 72.70
C VAL X 64 -35.83 68.27 73.02
N PHE X 65 -36.03 67.95 74.31
CA PHE X 65 -36.21 66.55 74.69
C PHE X 65 -37.47 65.97 74.07
N LEU X 66 -38.56 66.73 74.07
CA LEU X 66 -39.79 66.26 73.44
C LEU X 66 -39.60 66.06 71.94
N GLU X 67 -38.87 66.96 71.29
CA GLU X 67 -38.60 66.78 69.86
C GLU X 67 -37.86 65.49 69.61
N ASN X 68 -36.81 65.22 70.38
CA ASN X 68 -36.05 63.99 70.18
C ASN X 68 -36.93 62.76 70.41
N VAL X 69 -37.64 62.73 71.53
CA VAL X 69 -38.44 61.56 71.89
C VAL X 69 -39.55 61.34 70.85
N ILE X 70 -40.24 62.40 70.46
CA ILE X 70 -41.34 62.28 69.52
C ILE X 70 -40.82 61.93 68.13
N ARG X 71 -39.63 62.42 67.75
CA ARG X 71 -39.05 62.02 66.47
C ARG X 71 -38.76 60.53 66.45
N ASP X 72 -38.17 60.01 67.53
CA ASP X 72 -37.96 58.57 67.59
C ASP X 72 -39.28 57.80 67.54
N ALA X 73 -40.28 58.26 68.29
CA ALA X 73 -41.58 57.58 68.31
C ALA X 73 -42.24 57.61 66.94
N VAL X 74 -42.16 58.75 66.24
CA VAL X 74 -42.75 58.87 64.92
C VAL X 74 -42.02 58.01 63.89
N THR X 75 -40.70 57.92 63.98
CA THR X 75 -39.97 57.03 63.09
C THR X 75 -40.39 55.58 63.33
N TYR X 76 -40.52 55.19 64.60
CA TYR X 76 -41.04 53.86 64.90
C TYR X 76 -42.43 53.65 64.32
N THR X 77 -43.31 54.62 64.49
CA THR X 77 -44.68 54.49 64.00
C THR X 77 -44.69 54.37 62.48
N GLU X 78 -43.89 55.19 61.79
CA GLU X 78 -43.83 55.11 60.33
C GLU X 78 -43.29 53.78 59.87
N HIS X 79 -42.27 53.25 60.54
CA HIS X 79 -41.82 51.90 60.23
C HIS X 79 -42.91 50.87 60.48
N ALA X 80 -43.78 51.11 61.46
CA ALA X 80 -44.94 50.25 61.68
C ALA X 80 -45.99 50.41 60.58
N LYS X 81 -45.83 51.40 59.71
CA LYS X 81 -46.80 51.66 58.63
C LYS X 81 -48.18 51.92 59.21
N ARG X 82 -48.27 52.91 60.09
CA ARG X 82 -49.50 53.22 60.81
C ARG X 82 -49.56 54.70 61.14
N LYS X 83 -50.77 55.17 61.49
CA LYS X 83 -51.05 56.59 61.59
C LYS X 83 -51.11 57.11 63.03
N THR X 84 -51.22 56.24 64.03
CA THR X 84 -51.34 56.66 65.42
C THR X 84 -50.08 56.29 66.17
N VAL X 85 -49.55 57.25 66.94
CA VAL X 85 -48.35 57.01 67.74
C VAL X 85 -48.74 56.11 68.91
N THR X 86 -47.99 55.03 69.09
CA THR X 86 -48.29 54.03 70.10
C THR X 86 -47.44 54.24 71.35
N ALA X 87 -47.94 53.72 72.48
CA ALA X 87 -47.18 53.79 73.71
C ALA X 87 -45.91 52.96 73.63
N MET X 88 -45.95 51.80 72.96
CA MET X 88 -44.75 51.02 72.72
C MET X 88 -43.73 51.81 71.91
N ASP X 89 -44.18 52.59 70.94
CA ASP X 89 -43.25 53.44 70.19
C ASP X 89 -42.52 54.40 71.11
N VAL X 90 -43.25 55.06 72.00
CA VAL X 90 -42.62 56.01 72.93
C VAL X 90 -41.67 55.29 73.88
N VAL X 91 -42.09 54.13 74.38
CA VAL X 91 -41.25 53.38 75.32
C VAL X 91 -39.94 53.00 74.65
N TYR X 92 -40.00 52.47 73.43
CA TYR X 92 -38.78 52.09 72.73
C TYR X 92 -37.97 53.30 72.29
N ALA X 93 -38.62 54.44 72.03
CA ALA X 93 -37.87 55.66 71.72
C ALA X 93 -37.06 56.11 72.92
N LEU X 94 -37.67 56.12 74.11
CA LEU X 94 -36.91 56.41 75.32
C LEU X 94 -35.84 55.37 75.58
N LYS X 95 -36.11 54.11 75.23
CA LYS X 95 -35.10 53.06 75.36
C LYS X 95 -33.88 53.38 74.51
N ARG X 96 -34.08 53.66 73.23
CA ARG X 96 -32.97 54.02 72.36
C ARG X 96 -32.26 55.26 72.87
N GLN X 97 -33.01 56.17 73.51
CA GLN X 97 -32.42 57.34 74.16
C GLN X 97 -31.64 56.99 75.42
N GLY X 98 -31.72 55.74 75.88
CA GLY X 98 -31.14 55.40 77.16
C GLY X 98 -31.91 55.92 78.35
N ARG X 99 -33.22 56.14 78.19
CA ARG X 99 -34.08 56.71 79.21
C ARG X 99 -35.30 55.82 79.44
N THR X 100 -35.04 54.52 79.62
CA THR X 100 -36.11 53.54 79.71
C THR X 100 -37.12 53.94 80.78
N LEU X 101 -38.41 53.76 80.46
CA LEU X 101 -39.51 54.10 81.35
C LEU X 101 -40.34 52.85 81.61
N TYR X 102 -40.46 52.46 82.88
CA TYR X 102 -41.24 51.30 83.27
C TYR X 102 -42.72 51.68 83.39
N GLY X 103 -43.54 50.73 83.82
CA GLY X 103 -44.93 50.99 84.12
C GLY X 103 -45.90 50.77 82.97
N PHE X 104 -45.39 50.60 81.74
CA PHE X 104 -46.24 50.46 80.57
C PHE X 104 -46.01 49.14 79.85
N GLY X 105 -45.50 48.13 80.55
CA GLY X 105 -45.32 46.81 79.98
C GLY X 105 -44.39 46.81 78.77
N GLY X 106 -43.26 47.49 78.89
CA GLY X 106 -42.28 47.54 77.82
C GLY X 106 -41.53 46.24 77.66
N ALA Y 18 -22.33 41.55 35.22
CA ALA Y 18 -21.55 41.59 36.48
C ALA Y 18 -21.83 40.35 37.34
N LYS Y 19 -20.77 39.61 37.65
CA LYS Y 19 -20.93 38.40 38.46
C LYS Y 19 -21.13 38.75 39.92
N THR Y 20 -20.14 39.41 40.53
CA THR Y 20 -20.23 39.77 41.93
C THR Y 20 -21.31 40.82 42.16
N ARG Y 21 -22.02 40.71 43.29
CA ARG Y 21 -23.00 41.72 43.64
C ARG Y 21 -22.35 43.06 43.96
N SER Y 22 -21.08 43.06 44.34
CA SER Y 22 -20.39 44.32 44.61
C SER Y 22 -20.37 45.20 43.37
N SER Y 23 -20.08 44.61 42.21
CA SER Y 23 -20.16 45.37 40.97
C SER Y 23 -21.60 45.73 40.63
N ARG Y 24 -22.55 44.85 40.94
CA ARG Y 24 -23.95 45.11 40.63
C ARG Y 24 -24.51 46.25 41.48
N ALA Y 25 -23.88 46.56 42.61
CA ALA Y 25 -24.34 47.64 43.48
C ALA Y 25 -23.62 48.96 43.25
N GLY Y 26 -22.53 48.96 42.47
CA GLY Y 26 -21.79 50.17 42.23
C GLY Y 26 -21.13 50.75 43.47
N LEU Y 27 -20.74 49.90 44.42
CA LEU Y 27 -20.13 50.32 45.67
C LEU Y 27 -18.78 49.61 45.83
N GLN Y 28 -18.04 50.00 46.87
CA GLN Y 28 -16.71 49.46 47.14
C GLN Y 28 -16.68 48.45 48.29
N PHE Y 29 -17.57 48.57 49.25
CA PHE Y 29 -17.63 47.59 50.34
C PHE Y 29 -18.32 46.32 49.85
N PRO Y 30 -17.71 45.14 50.00
CA PRO Y 30 -18.32 43.92 49.44
C PRO Y 30 -19.63 43.59 50.15
N VAL Y 31 -20.72 43.57 49.38
CA VAL Y 31 -22.01 43.20 49.96
C VAL Y 31 -21.99 41.75 50.41
N GLY Y 32 -21.15 40.91 49.79
CA GLY Y 32 -21.12 39.50 50.16
C GLY Y 32 -20.66 39.27 51.59
N ARG Y 33 -19.59 39.95 52.00
CA ARG Y 33 -19.11 39.77 53.37
C ARG Y 33 -20.08 40.37 54.38
N VAL Y 34 -20.73 41.48 54.04
CA VAL Y 34 -21.76 42.02 54.91
C VAL Y 34 -22.90 41.02 55.07
N HIS Y 35 -23.30 40.38 53.97
CA HIS Y 35 -24.33 39.35 54.04
C HIS Y 35 -23.88 38.18 54.93
N ARG Y 36 -22.64 37.74 54.77
CA ARG Y 36 -22.15 36.62 55.57
C ARG Y 36 -22.14 36.99 57.06
N LEU Y 37 -21.66 38.19 57.39
CA LEU Y 37 -21.65 38.62 58.78
C LEU Y 37 -23.07 38.73 59.33
N LEU Y 38 -24.00 39.26 58.54
CA LEU Y 38 -25.40 39.34 58.97
C LEU Y 38 -25.99 37.96 59.18
N ARG Y 39 -25.70 37.02 58.30
CA ARG Y 39 -26.18 35.64 58.49
C ARG Y 39 -25.73 35.10 59.85
N LYS Y 40 -24.45 35.26 60.17
CA LYS Y 40 -23.94 34.94 61.49
C LYS Y 40 -23.98 36.18 62.39
N GLY Y 41 -25.17 36.79 62.43
CA GLY Y 41 -25.35 38.06 63.11
C GLY Y 41 -26.42 38.03 64.18
N ASN Y 42 -27.31 37.04 64.13
CA ASN Y 42 -28.38 36.90 65.11
C ASN Y 42 -29.25 38.16 65.16
N TYR Y 43 -29.90 38.46 64.03
CA TYR Y 43 -30.71 39.66 63.88
C TYR Y 43 -32.13 39.37 63.39
N SER Y 44 -32.31 38.33 62.60
CA SER Y 44 -33.64 37.92 62.14
C SER Y 44 -33.55 36.49 61.63
N GLU Y 45 -34.70 35.83 61.47
CA GLU Y 45 -34.75 34.45 60.99
C GLU Y 45 -34.22 34.34 59.56
N ARG Y 46 -34.52 35.32 58.71
CA ARG Y 46 -34.05 35.35 57.34
C ARG Y 46 -33.61 36.77 56.98
N VAL Y 47 -32.82 36.87 55.91
CA VAL Y 47 -32.30 38.14 55.42
C VAL Y 47 -32.73 38.32 53.98
N GLY Y 48 -33.22 39.50 53.65
CA GLY Y 48 -33.63 39.80 52.29
C GLY Y 48 -32.45 40.00 51.37
N ALA Y 49 -32.75 40.06 50.07
CA ALA Y 49 -31.73 40.18 49.04
C ALA Y 49 -31.21 41.61 48.87
N GLY Y 50 -31.79 42.58 49.57
CA GLY Y 50 -31.42 43.97 49.36
C GLY Y 50 -30.86 44.67 50.59
N ALA Y 51 -31.22 44.20 51.78
CA ALA Y 51 -30.78 44.87 53.00
C ALA Y 51 -29.26 44.98 53.10
N PRO Y 52 -28.47 43.95 52.80
CA PRO Y 52 -27.01 44.10 52.86
C PRO Y 52 -26.48 45.20 51.96
N VAL Y 53 -27.06 45.39 50.77
CA VAL Y 53 -26.61 46.47 49.89
C VAL Y 53 -26.88 47.83 50.55
N TYR Y 54 -28.06 47.97 51.15
CA TYR Y 54 -28.39 49.23 51.82
C TYR Y 54 -27.41 49.50 52.96
N LEU Y 55 -27.13 48.49 53.78
CA LEU Y 55 -26.19 48.68 54.88
C LEU Y 55 -24.80 49.02 54.37
N ALA Y 56 -24.35 48.35 53.31
CA ALA Y 56 -23.04 48.66 52.73
C ALA Y 56 -22.98 50.09 52.22
N ALA Y 57 -24.04 50.54 51.54
CA ALA Y 57 -24.05 51.92 51.03
C ALA Y 57 -24.01 52.92 52.18
N VAL Y 58 -24.79 52.67 53.24
CA VAL Y 58 -24.79 53.58 54.38
C VAL Y 58 -23.40 53.64 55.01
N LEU Y 59 -22.79 52.47 55.20
CA LEU Y 59 -21.46 52.43 55.81
C LEU Y 59 -20.42 53.13 54.94
N GLU Y 60 -20.49 52.93 53.62
CA GLU Y 60 -19.55 53.59 52.73
C GLU Y 60 -19.71 55.10 52.79
N TYR Y 61 -20.96 55.59 52.79
CA TYR Y 61 -21.16 57.03 52.88
C TYR Y 61 -20.64 57.58 54.20
N LEU Y 62 -20.88 56.87 55.31
CA LEU Y 62 -20.39 57.35 56.60
C LEU Y 62 -18.87 57.38 56.63
N THR Y 63 -18.23 56.34 56.08
CA THR Y 63 -16.77 56.31 56.04
C THR Y 63 -16.23 57.45 55.18
N ALA Y 64 -16.88 57.74 54.06
CA ALA Y 64 -16.47 58.86 53.23
C ALA Y 64 -16.63 60.18 53.99
N GLU Y 65 -17.73 60.33 54.74
CA GLU Y 65 -17.93 61.51 55.54
C GLU Y 65 -16.80 61.70 56.55
N ILE Y 66 -16.39 60.63 57.21
CA ILE Y 66 -15.28 60.73 58.15
C ILE Y 66 -13.98 61.06 57.43
N LEU Y 67 -13.70 60.37 56.33
CA LEU Y 67 -12.41 60.50 55.66
C LEU Y 67 -12.25 61.86 54.98
N GLU Y 68 -13.33 62.49 54.53
CA GLU Y 68 -13.20 63.81 53.93
C GLU Y 68 -12.67 64.83 54.95
N LEU Y 69 -13.24 64.82 56.16
CA LEU Y 69 -12.76 65.72 57.19
C LEU Y 69 -11.39 65.28 57.71
N ALA Y 70 -11.10 63.99 57.69
CA ALA Y 70 -9.74 63.54 58.01
C ALA Y 70 -8.73 64.13 57.03
N GLY Y 71 -9.03 64.09 55.74
CA GLY Y 71 -8.16 64.70 54.76
C GLY Y 71 -8.10 66.21 54.91
N ASN Y 72 -9.21 66.82 55.31
CA ASN Y 72 -9.19 68.26 55.60
C ASN Y 72 -8.18 68.57 56.71
N ALA Y 73 -8.24 67.81 57.80
CA ALA Y 73 -7.30 68.02 58.89
C ALA Y 73 -5.87 67.76 58.44
N ALA Y 74 -5.65 66.72 57.64
CA ALA Y 74 -4.30 66.43 57.15
C ALA Y 74 -3.77 67.56 56.28
N ARG Y 75 -4.60 68.09 55.38
CA ARG Y 75 -4.18 69.21 54.54
C ARG Y 75 -3.96 70.47 55.36
N ASP Y 76 -4.66 70.61 56.49
CA ASP Y 76 -4.42 71.75 57.36
C ASP Y 76 -2.99 71.76 57.87
N ASN Y 77 -2.46 70.60 58.23
CA ASN Y 77 -1.10 70.47 58.72
C ASN Y 77 -0.10 70.13 57.61
N LYS Y 78 -0.56 70.00 56.37
CA LYS Y 78 0.28 69.61 55.26
C LYS Y 78 1.03 68.30 55.56
N LYS Y 79 0.33 67.40 56.23
CA LYS Y 79 0.87 66.09 56.60
C LYS Y 79 0.23 65.02 55.73
N THR Y 80 1.07 64.19 55.12
CA THR Y 80 0.59 63.19 54.16
C THR Y 80 -0.19 62.09 54.86
N ARG Y 81 0.46 61.35 55.75
CA ARG Y 81 -0.17 60.21 56.40
C ARG Y 81 -1.16 60.69 57.46
N ILE Y 82 -2.35 60.11 57.45
CA ILE Y 82 -3.39 60.46 58.41
C ILE Y 82 -3.14 59.70 59.71
N ILE Y 83 -2.95 60.43 60.80
CA ILE Y 83 -2.64 59.84 62.10
C ILE Y 83 -3.90 59.88 62.96
N PRO Y 84 -3.94 59.13 64.07
CA PRO Y 84 -5.13 59.19 64.94
C PRO Y 84 -5.44 60.58 65.46
N ARG Y 85 -4.42 61.44 65.63
CA ARG Y 85 -4.69 62.79 66.08
C ARG Y 85 -5.59 63.53 65.09
N HIS Y 86 -5.29 63.40 63.80
CA HIS Y 86 -6.13 64.04 62.79
C HIS Y 86 -7.54 63.47 62.82
N LEU Y 87 -7.67 62.16 63.01
CA LEU Y 87 -9.00 61.56 63.08
C LEU Y 87 -9.79 62.11 64.26
N GLN Y 88 -9.16 62.22 65.43
CA GLN Y 88 -9.85 62.77 66.58
C GLN Y 88 -10.22 64.23 66.36
N LEU Y 89 -9.32 65.01 65.78
CA LEU Y 89 -9.61 66.41 65.50
C LEU Y 89 -10.80 66.54 64.56
N ALA Y 90 -10.85 65.72 63.50
CA ALA Y 90 -11.97 65.74 62.59
C ALA Y 90 -13.26 65.33 63.27
N ILE Y 91 -13.21 64.30 64.12
CA ILE Y 91 -14.43 63.82 64.78
C ILE Y 91 -14.96 64.87 65.75
N ARG Y 92 -14.05 65.60 66.41
CA ARG Y 92 -14.48 66.57 67.42
C ARG Y 92 -14.82 67.94 66.84
N ASN Y 93 -14.31 68.26 65.64
CA ASN Y 93 -14.63 69.55 65.04
C ASN Y 93 -16.06 69.58 64.52
N ASP Y 94 -16.50 68.51 63.85
CA ASP Y 94 -17.85 68.46 63.31
C ASP Y 94 -18.87 68.32 64.43
N GLU Y 95 -20.02 68.97 64.24
CA GLU Y 95 -21.09 68.95 65.23
C GLU Y 95 -21.82 67.60 65.29
N GLU Y 96 -22.16 67.04 64.12
CA GLU Y 96 -22.97 65.83 64.10
C GLU Y 96 -22.18 64.60 64.53
N LEU Y 97 -20.93 64.48 64.07
CA LEU Y 97 -20.12 63.33 64.45
C LEU Y 97 -19.79 63.33 65.94
N ASN Y 98 -19.56 64.50 66.52
CA ASN Y 98 -19.36 64.58 67.97
C ASN Y 98 -20.63 64.20 68.71
N LYS Y 99 -21.79 64.64 68.22
CA LYS Y 99 -23.05 64.26 68.86
C LYS Y 99 -23.27 62.76 68.79
N LEU Y 100 -22.96 62.13 67.66
CA LEU Y 100 -23.06 60.68 67.55
C LEU Y 100 -21.92 60.00 68.31
N LEU Y 101 -20.70 60.53 68.16
CA LEU Y 101 -19.51 59.95 68.77
C LEU Y 101 -19.01 60.75 69.97
N GLY Y 102 -19.91 61.42 70.68
CA GLY Y 102 -19.52 62.10 71.90
C GLY Y 102 -19.08 61.14 72.99
N ARG Y 103 -19.77 59.99 73.10
CA ARG Y 103 -19.42 58.96 74.07
C ARG Y 103 -18.40 57.96 73.51
N VAL Y 104 -17.70 58.32 72.44
CA VAL Y 104 -16.71 57.46 71.82
C VAL Y 104 -15.36 58.17 71.89
N THR Y 105 -14.35 57.46 72.39
CA THR Y 105 -13.00 58.00 72.54
C THR Y 105 -12.07 57.27 71.57
N ILE Y 106 -11.30 58.04 70.81
CA ILE Y 106 -10.37 57.50 69.82
C ILE Y 106 -8.97 57.49 70.41
N ALA Y 107 -8.34 56.32 70.40
CA ALA Y 107 -7.00 56.18 70.93
C ALA Y 107 -6.01 56.99 70.11
N GLN Y 108 -4.99 57.51 70.79
CA GLN Y 108 -3.99 58.39 70.18
C GLN Y 108 -4.64 59.62 69.56
N GLY Y 109 -5.83 59.99 70.02
CA GLY Y 109 -6.56 61.09 69.43
C GLY Y 109 -6.41 62.39 70.20
N GLY Y 110 -6.49 62.32 71.52
CA GLY Y 110 -6.42 63.52 72.33
C GLY Y 110 -7.70 64.30 72.31
N VAL Y 111 -7.56 65.62 72.50
CA VAL Y 111 -8.66 66.56 72.52
C VAL Y 111 -8.32 67.73 71.61
N LEU Y 112 -9.33 68.57 71.37
CA LEU Y 112 -9.12 69.75 70.53
C LEU Y 112 -8.23 70.76 71.27
N PRO Y 113 -7.58 71.67 70.54
CA PRO Y 113 -6.88 72.76 71.21
C PRO Y 113 -7.86 73.73 71.85
N ASN Y 114 -7.98 73.68 73.17
CA ASN Y 114 -9.03 74.39 73.89
C ASN Y 114 -8.42 75.19 75.02
N ILE Y 115 -8.76 76.49 75.08
CA ILE Y 115 -8.36 77.37 76.17
C ILE Y 115 -9.58 78.15 76.63
N GLN Y 116 -9.87 78.09 77.92
CA GLN Y 116 -11.04 78.77 78.45
C GLN Y 116 -10.80 80.29 78.45
N ALA Y 117 -11.86 81.03 78.80
CA ALA Y 117 -11.81 82.49 78.69
C ALA Y 117 -10.99 83.12 79.81
N VAL Y 118 -11.29 82.78 81.06
CA VAL Y 118 -10.63 83.42 82.20
C VAL Y 118 -9.23 82.88 82.46
N LEU Y 119 -8.75 81.95 81.62
CA LEU Y 119 -7.42 81.40 81.83
C LEU Y 119 -6.34 82.22 81.13
N LEU Y 120 -6.69 82.90 80.04
CA LEU Y 120 -5.70 83.67 79.30
C LEU Y 120 -5.30 84.92 80.10
N PRO Y 121 -4.10 85.45 79.88
CA PRO Y 121 -3.70 86.67 80.59
C PRO Y 121 -4.32 87.92 79.97
N LYS Y 122 -4.54 88.93 80.79
CA LYS Y 122 -5.10 90.19 80.32
C LYS Y 122 -3.99 91.23 80.13
N SER Z 36 -4.21 34.18 61.80
CA SER Z 36 -5.12 33.32 60.97
C SER Z 36 -5.77 34.16 59.89
N ARG Z 37 -6.88 33.67 59.35
CA ARG Z 37 -7.65 34.40 58.36
C ARG Z 37 -8.55 35.44 59.02
N LYS Z 38 -7.93 36.33 59.79
CA LYS Z 38 -8.66 37.37 60.52
C LYS Z 38 -9.03 38.46 59.53
N GLU Z 39 -10.16 38.28 58.85
CA GLU Z 39 -10.56 39.20 57.79
C GLU Z 39 -10.88 40.56 58.37
N SER Z 40 -10.43 41.61 57.68
CA SER Z 40 -10.68 42.98 58.10
C SER Z 40 -11.17 43.83 56.93
N TYR Z 41 -11.38 45.12 57.17
CA TYR Z 41 -11.91 46.04 56.16
C TYR Z 41 -10.79 46.85 55.52
N SER Z 42 -9.57 46.32 55.56
CA SER Z 42 -8.39 47.11 55.15
C SER Z 42 -8.52 47.59 53.70
N ILE Z 43 -8.53 46.65 52.75
CA ILE Z 43 -8.51 47.05 51.35
C ILE Z 43 -9.76 47.84 50.97
N TYR Z 44 -10.89 47.57 51.60
CA TYR Z 44 -12.12 48.27 51.26
C TYR Z 44 -12.03 49.75 51.63
N VAL Z 45 -11.60 50.03 52.86
CA VAL Z 45 -11.41 51.41 53.27
C VAL Z 45 -10.28 52.07 52.49
N TYR Z 46 -9.23 51.33 52.14
CA TYR Z 46 -8.17 51.90 51.31
C TYR Z 46 -8.73 52.32 49.96
N LYS Z 47 -9.57 51.48 49.33
CA LYS Z 47 -10.19 51.84 48.07
C LYS Z 47 -11.11 53.04 48.22
N VAL Z 48 -11.88 53.10 49.31
CA VAL Z 48 -12.75 54.25 49.55
C VAL Z 48 -11.91 55.52 49.64
N LEU Z 49 -10.79 55.45 50.38
CA LEU Z 49 -9.90 56.60 50.47
C LEU Z 49 -9.34 56.99 49.11
N LYS Z 50 -8.94 56.02 48.30
CA LYS Z 50 -8.36 56.33 47.00
C LYS Z 50 -9.35 57.04 46.09
N GLN Z 51 -10.64 56.97 46.40
CA GLN Z 51 -11.68 57.62 45.61
C GLN Z 51 -12.14 58.96 46.22
N VAL Z 52 -11.45 59.43 47.26
CA VAL Z 52 -11.80 60.70 47.90
C VAL Z 52 -10.60 61.63 47.84
N HIS Z 53 -9.49 61.21 48.46
CA HIS Z 53 -8.22 61.94 48.42
C HIS Z 53 -7.20 61.09 47.69
N PRO Z 54 -6.88 61.37 46.42
CA PRO Z 54 -6.01 60.47 45.65
C PRO Z 54 -4.55 60.51 46.03
N ASP Z 55 -4.13 61.42 46.92
CA ASP Z 55 -2.74 61.58 47.30
C ASP Z 55 -2.59 61.68 48.81
N THR Z 56 -3.26 60.78 49.54
CA THR Z 56 -3.21 60.77 51.00
C THR Z 56 -3.14 59.33 51.48
N GLY Z 57 -2.11 59.02 52.26
CA GLY Z 57 -1.96 57.70 52.86
C GLY Z 57 -2.63 57.62 54.22
N ILE Z 58 -2.37 56.51 54.92
CA ILE Z 58 -2.93 56.27 56.24
C ILE Z 58 -2.02 55.31 56.98
N SER Z 59 -1.96 55.47 58.30
CA SER Z 59 -1.17 54.59 59.15
C SER Z 59 -1.99 53.35 59.50
N SER Z 60 -1.34 52.38 60.16
CA SER Z 60 -1.99 51.12 60.46
C SER Z 60 -3.01 51.26 61.58
N LYS Z 61 -2.64 51.97 62.66
CA LYS Z 61 -3.55 52.11 63.78
C LYS Z 61 -4.76 52.96 63.41
N ALA Z 62 -4.60 53.88 62.47
CA ALA Z 62 -5.76 54.59 61.95
C ALA Z 62 -6.74 53.62 61.30
N MET Z 63 -6.23 52.66 60.53
CA MET Z 63 -7.12 51.68 59.91
C MET Z 63 -7.72 50.76 60.95
N GLY Z 64 -6.98 50.46 62.01
CA GLY Z 64 -7.57 49.71 63.11
C GLY Z 64 -8.72 50.45 63.77
N ILE Z 65 -8.56 51.76 63.98
CA ILE Z 65 -9.66 52.58 64.48
C ILE Z 65 -10.83 52.52 63.50
N MET Z 66 -10.54 52.57 62.20
CA MET Z 66 -11.60 52.51 61.21
C MET Z 66 -12.34 51.18 61.30
N ASN Z 67 -11.61 50.08 61.47
CA ASN Z 67 -12.24 48.77 61.61
C ASN Z 67 -13.14 48.73 62.84
N SER Z 68 -12.64 49.26 63.96
CA SER Z 68 -13.44 49.27 65.19
C SER Z 68 -14.70 50.12 65.01
N PHE Z 69 -14.58 51.29 64.38
CA PHE Z 69 -15.74 52.14 64.17
C PHE Z 69 -16.74 51.48 63.23
N VAL Z 70 -16.27 50.85 62.15
CA VAL Z 70 -17.18 50.20 61.22
C VAL Z 70 -17.89 49.05 61.92
N ASN Z 71 -17.17 48.27 62.73
CA ASN Z 71 -17.81 47.19 63.46
C ASN Z 71 -18.84 47.72 64.45
N ASP Z 72 -18.52 48.81 65.16
CA ASP Z 72 -19.49 49.36 66.11
C ASP Z 72 -20.74 49.85 65.41
N ILE Z 73 -20.58 50.56 64.28
CA ILE Z 73 -21.75 51.06 63.58
C ILE Z 73 -22.55 49.92 62.97
N PHE Z 74 -21.88 48.88 62.46
CA PHE Z 74 -22.59 47.72 61.97
C PHE Z 74 -23.39 47.06 63.08
N GLU Z 75 -22.79 46.92 64.26
CA GLU Z 75 -23.50 46.36 65.39
C GLU Z 75 -24.71 47.22 65.76
N ARG Z 76 -24.52 48.54 65.82
CA ARG Z 76 -25.62 49.44 66.17
C ARG Z 76 -26.76 49.32 65.19
N ILE Z 77 -26.45 49.37 63.88
CA ILE Z 77 -27.50 49.37 62.87
C ILE Z 77 -28.20 48.03 62.83
N ALA Z 78 -27.44 46.93 62.89
CA ALA Z 78 -28.06 45.61 62.86
C ALA Z 78 -28.90 45.37 64.11
N GLY Z 79 -28.43 45.80 65.27
CA GLY Z 79 -29.23 45.68 66.47
C GLY Z 79 -30.49 46.51 66.39
N GLU Z 80 -30.40 47.71 65.80
CA GLU Z 80 -31.60 48.50 65.59
C GLU Z 80 -32.58 47.79 64.69
N ALA Z 81 -32.07 47.18 63.61
CA ALA Z 81 -32.94 46.42 62.72
C ALA Z 81 -33.59 45.25 63.46
N SER Z 82 -32.84 44.57 64.32
CA SER Z 82 -33.39 43.44 65.06
C SER Z 82 -34.48 43.90 66.03
N ARG Z 83 -34.20 44.95 66.81
CA ARG Z 83 -35.21 45.45 67.73
C ARG Z 83 -36.44 45.92 66.98
N LEU Z 84 -36.26 46.62 65.86
CA LEU Z 84 -37.39 47.07 65.07
C LEU Z 84 -38.20 45.91 64.52
N ALA Z 85 -37.52 44.86 64.04
CA ALA Z 85 -38.22 43.69 63.55
C ALA Z 85 -39.04 43.04 64.65
N HIS Z 86 -38.48 42.94 65.85
CA HIS Z 86 -39.25 42.40 66.97
C HIS Z 86 -40.33 43.37 67.45
N TYR Z 87 -40.22 44.65 67.10
CA TYR Z 87 -41.26 45.61 67.41
C TYR Z 87 -42.47 45.47 66.49
N ASN Z 88 -42.32 44.73 65.38
CA ASN Z 88 -43.42 44.44 64.48
C ASN Z 88 -43.58 42.94 64.25
N LYS Z 89 -42.87 42.10 65.01
CA LYS Z 89 -42.97 40.65 64.90
C LYS Z 89 -42.77 40.19 63.46
N ARG Z 90 -41.77 40.78 62.80
CA ARG Z 90 -41.37 40.38 61.46
C ARG Z 90 -40.04 39.66 61.58
N SER Z 91 -39.98 38.43 61.07
CA SER Z 91 -38.81 37.57 61.22
C SER Z 91 -37.85 37.67 60.05
N THR Z 92 -38.11 38.57 59.10
CA THR Z 92 -37.24 38.76 57.95
C THR Z 92 -36.90 40.24 57.82
N ILE Z 93 -35.69 40.51 57.35
CA ILE Z 93 -35.16 41.87 57.25
C ILE Z 93 -35.22 42.31 55.80
N THR Z 94 -35.96 43.37 55.53
CA THR Z 94 -35.95 44.04 54.24
C THR Z 94 -35.16 45.35 54.39
N SER Z 95 -35.00 46.07 53.29
CA SER Z 95 -34.28 47.34 53.34
C SER Z 95 -35.03 48.41 54.11
N ARG Z 96 -36.33 48.22 54.34
CA ARG Z 96 -37.11 49.23 55.07
C ARG Z 96 -36.73 49.25 56.55
N GLU Z 97 -36.44 48.08 57.13
CA GLU Z 97 -35.96 48.05 58.51
C GLU Z 97 -34.65 48.81 58.64
N ILE Z 98 -33.73 48.63 57.68
CA ILE Z 98 -32.47 49.35 57.71
C ILE Z 98 -32.71 50.84 57.53
N GLN Z 99 -33.63 51.20 56.63
CA GLN Z 99 -33.96 52.60 56.42
C GLN Z 99 -34.43 53.27 57.71
N THR Z 100 -35.40 52.65 58.39
CA THR Z 100 -35.90 53.23 59.63
C THR Z 100 -34.86 53.20 60.74
N ALA Z 101 -33.99 52.18 60.77
CA ALA Z 101 -32.92 52.16 61.76
C ALA Z 101 -31.96 53.32 61.56
N VAL Z 102 -31.58 53.58 60.30
CA VAL Z 102 -30.72 54.72 60.02
C VAL Z 102 -31.41 56.03 60.35
N ARG Z 103 -32.71 56.13 60.08
CA ARG Z 103 -33.46 57.31 60.50
C ARG Z 103 -33.38 57.50 62.01
N LEU Z 104 -33.56 56.41 62.77
CA LEU Z 104 -33.60 56.49 64.22
C LEU Z 104 -32.24 56.90 64.78
N LEU Z 105 -31.17 56.20 64.37
CA LEU Z 105 -29.87 56.44 64.98
C LEU Z 105 -29.36 57.84 64.67
N LEU Z 106 -29.18 58.16 63.40
CA LEU Z 106 -28.53 59.41 63.03
C LEU Z 106 -29.53 60.57 63.05
N PRO Z 107 -29.04 61.79 63.25
CA PRO Z 107 -29.94 62.96 63.20
C PRO Z 107 -30.37 63.30 61.78
N GLY Z 108 -31.07 64.43 61.63
CA GLY Z 108 -31.70 64.79 60.37
C GLY Z 108 -30.83 64.76 59.13
N GLU Z 109 -29.83 65.64 59.05
CA GLU Z 109 -29.15 65.88 57.78
C GLU Z 109 -28.37 64.65 57.32
N LEU Z 110 -27.54 64.08 58.20
CA LEU Z 110 -26.74 62.93 57.80
C LEU Z 110 -27.61 61.71 57.54
N ALA Z 111 -28.69 61.55 58.30
CA ALA Z 111 -29.63 60.47 58.04
C ALA Z 111 -30.26 60.62 56.66
N LYS Z 112 -30.64 61.85 56.30
CA LYS Z 112 -31.20 62.09 54.97
C LYS Z 112 -30.18 61.77 53.88
N HIS Z 113 -28.93 62.20 54.08
CA HIS Z 113 -27.90 61.93 53.08
C HIS Z 113 -27.68 60.43 52.90
N ALA Z 114 -27.58 59.70 54.02
CA ALA Z 114 -27.42 58.25 53.93
C ALA Z 114 -28.65 57.60 53.32
N VAL Z 115 -29.84 58.14 53.58
CA VAL Z 115 -31.06 57.61 52.98
C VAL Z 115 -31.01 57.76 51.47
N SER Z 116 -30.60 58.93 50.99
CA SER Z 116 -30.46 59.13 49.55
C SER Z 116 -29.42 58.17 48.97
N GLU Z 117 -28.29 58.03 49.64
CA GLU Z 117 -27.26 57.11 49.18
C GLU Z 117 -27.81 55.69 49.05
N GLY Z 118 -28.47 55.20 50.09
CA GLY Z 118 -28.98 53.84 50.07
C GLY Z 118 -30.07 53.66 49.04
N THR Z 119 -30.97 54.63 48.90
CA THR Z 119 -32.02 54.53 47.90
C THR Z 119 -31.44 54.45 46.50
N LYS Z 120 -30.48 55.33 46.18
CA LYS Z 120 -29.89 55.30 44.84
C LYS Z 120 -29.12 54.01 44.60
N ALA Z 121 -28.38 53.52 45.60
CA ALA Z 121 -27.65 52.28 45.43
C ALA Z 121 -28.58 51.10 45.23
N VAL Z 122 -29.67 51.03 46.01
CA VAL Z 122 -30.63 49.93 45.85
C VAL Z 122 -31.31 50.01 44.50
N THR Z 123 -31.65 51.22 44.06
CA THR Z 123 -32.28 51.37 42.74
C THR Z 123 -31.33 50.92 41.63
N LYS Z 124 -30.05 51.29 41.74
CA LYS Z 124 -29.08 50.85 40.75
C LYS Z 124 -28.93 49.33 40.74
N TYR Z 125 -28.87 48.72 41.93
CA TYR Z 125 -28.73 47.26 42.00
C TYR Z 125 -29.98 46.55 41.50
N THR Z 126 -31.14 47.18 41.63
CA THR Z 126 -32.38 46.55 41.18
C THR Z 126 -32.54 46.68 39.66
N SER Z 127 -32.40 47.90 39.14
CA SER Z 127 -32.55 48.11 37.71
C SER Z 127 -31.47 47.39 36.91
N ALA Z 128 -30.22 47.51 37.35
CA ALA Z 128 -29.11 46.88 36.65
C ALA Z 128 -28.65 45.64 37.39
ZN ZN AA . 0.22 20.33 -37.55
ZN ZN BA . -29.09 32.83 -1.81
ZN ZN CA . -0.04 30.93 -24.69
ZN ZN DA . 40.32 -30.24 -60.26
ZN ZN EA . -18.99 -57.48 22.53
ZN ZN FA . -53.56 -24.67 21.44
ZN ZN GA . 29.27 -48.28 -31.49
ZN ZN HA . -7.16 -36.78 -60.80
ZN ZN IA . -53.66 10.21 -4.10
MG MG JA . 13.96 -22.39 -15.77
ZN ZN KA . -61.32 8.71 -47.48
#